data_8W2I
#
_entry.id   8W2I
#
_cell.length_a   1.00
_cell.length_b   1.00
_cell.length_c   1.00
_cell.angle_alpha   90.00
_cell.angle_beta   90.00
_cell.angle_gamma   90.00
#
_symmetry.space_group_name_H-M   'P 1'
#
loop_
_entity.id
_entity.type
_entity.pdbx_description
1 polymer 'ATP-dependent 6-phosphofructokinase, liver type'
2 non-polymer 6-O-phosphono-beta-D-fructofuranose
3 non-polymer "ADENOSINE-5'-DIPHOSPHATE"
4 non-polymer 1,6-di-O-phosphono-beta-D-fructofuranose
#
_entity_poly.entity_id   1
_entity_poly.type   'polypeptide(L)'
_entity_poly.pdbx_seq_one_letter_code
;MAAVDLEKLRASGAGKAIGVLTSGGDAQGMNAAVRAVTRMGIYVGAKVFLIYEGYEGLVEGGENIKQANWLSVSNIIQLG
GTIIGSARCKAFTTREGRRAAAYNLVQHGITNLCVIGGDGSLTGANIFRSEWGSLLEELVAEGKISETTARTYSHLNIAG
LVGSIDNDFCGTDMTIGTDSALHRIMEVIDAITTTAQSHQRTFVLEVMGRHCGYLALVSALASGADWLFIPEAPPEDGWE
NFMCERLGETRSRGSRLNIIIIAEGAIDRNGKPISSSYVKDLVVQRLGFDTRVTVLGHVQRGGTPSAFDRILSSKMGMEA
VMALLEATPDTPACVVTLSGNQSVRLPLMECVQMTKEVQKAMDDKRFDEATQLRGGSFENNWNIYKLLAHQKPPKEKSNF
SLAILNVGAPAAGMNAAVRSAVRTGISHGHTVYVVHDGFEGLAKGQVQEVGWHDVAGWLGRGGSMLGTKRTLPKGQLESI
VENIRIYGIHALLVVGGFEAYEGVLQLVEARGRYEELCIVMCVIPATISNNVPGTDFSLGSDTAVNAAMESCDRIKQSAS
GTKRRVFIVETMGGYCGYLATVTGIAVGADAAYVFEDPFNIHDLKVNVEHMTEKMKTDIQRGLVLRNEKCHDYYTTEFLY
NLYSSEGKGVFDCRTNVLGHLQQGGAPTPFDRNYGTKLGVKAMLWLSEKLREVYRKGRVFANAPDSACVIGLKKKAVAFS
PVTELKKDTDFEHRMPREQWWLSLRLMLKMLAQYRISMAAYVSGELEHVTRRTLSMDKGF
;
_entity_poly.pdbx_strand_id   A,B,C,D,E,F,G,H
#
# COMPACT_ATOMS: atom_id res chain seq x y z
N GLY A 13 -67.03 -21.55 -31.73
CA GLY A 13 -68.39 -21.24 -32.13
C GLY A 13 -68.48 -20.36 -33.37
N ALA A 14 -67.44 -20.37 -34.20
CA ALA A 14 -67.38 -19.57 -35.41
C ALA A 14 -66.70 -20.37 -36.51
N GLY A 15 -67.05 -20.05 -37.75
CA GLY A 15 -66.49 -20.69 -38.92
C GLY A 15 -66.22 -19.70 -40.04
N LYS A 16 -65.78 -18.51 -39.66
CA LYS A 16 -65.59 -17.40 -40.58
C LYS A 16 -64.41 -16.58 -40.07
N ALA A 17 -64.17 -15.43 -40.71
CA ALA A 17 -63.10 -14.52 -40.35
C ALA A 17 -63.69 -13.21 -39.82
N ILE A 18 -62.81 -12.41 -39.21
CA ILE A 18 -63.17 -11.11 -38.66
C ILE A 18 -62.23 -10.07 -39.25
N GLY A 19 -62.78 -8.93 -39.62
CA GLY A 19 -62.02 -7.78 -40.06
C GLY A 19 -62.13 -6.67 -39.03
N VAL A 20 -61.06 -5.91 -38.86
CA VAL A 20 -61.02 -4.77 -37.96
C VAL A 20 -60.31 -3.63 -38.65
N LEU A 21 -60.67 -2.40 -38.27
CA LEU A 21 -59.99 -1.22 -38.78
C LEU A 21 -60.36 -0.04 -37.89
N THR A 22 -59.63 1.05 -38.09
CA THR A 22 -59.87 2.32 -37.43
C THR A 22 -60.09 3.39 -38.48
N SER A 23 -61.04 4.27 -38.21
CA SER A 23 -61.42 5.32 -39.16
C SER A 23 -61.84 6.56 -38.39
N GLY A 24 -61.81 7.69 -39.08
CA GLY A 24 -62.18 8.94 -38.48
C GLY A 24 -61.08 9.51 -37.61
N GLY A 25 -61.44 10.57 -36.88
CA GLY A 25 -60.51 11.22 -35.97
C GLY A 25 -60.03 10.28 -34.90
N ASP A 26 -58.71 10.18 -34.73
CA ASP A 26 -58.14 9.28 -33.74
C ASP A 26 -58.51 9.77 -32.35
N ALA A 27 -58.80 8.82 -31.48
CA ALA A 27 -59.05 9.07 -30.07
C ALA A 27 -58.42 7.93 -29.28
N GLN A 28 -57.60 8.28 -28.31
CA GLN A 28 -56.91 7.28 -27.49
C GLN A 28 -57.91 6.36 -26.81
N GLY A 29 -57.57 5.06 -26.77
CA GLY A 29 -58.42 4.02 -26.22
C GLY A 29 -58.73 2.92 -27.22
N MET A 30 -58.70 3.22 -28.52
CA MET A 30 -59.07 2.25 -29.54
C MET A 30 -58.09 1.08 -29.60
N ASN A 31 -56.86 1.25 -29.11
CA ASN A 31 -55.91 0.14 -29.09
C ASN A 31 -56.43 -1.00 -28.24
N ALA A 32 -56.96 -0.70 -27.06
CA ALA A 32 -57.57 -1.73 -26.23
C ALA A 32 -58.80 -2.32 -26.88
N ALA A 33 -59.52 -1.54 -27.69
CA ALA A 33 -60.68 -2.06 -28.40
C ALA A 33 -60.26 -3.06 -29.47
N VAL A 34 -59.19 -2.73 -30.20
CA VAL A 34 -58.64 -3.67 -31.18
C VAL A 34 -58.16 -4.94 -30.50
N ARG A 35 -57.53 -4.78 -29.33
CA ARG A 35 -57.01 -5.93 -28.59
C ARG A 35 -58.13 -6.88 -28.18
N ALA A 36 -59.19 -6.32 -27.60
CA ALA A 36 -60.29 -7.15 -27.12
C ALA A 36 -61.05 -7.78 -28.27
N VAL A 37 -61.24 -7.05 -29.38
CA VAL A 37 -61.93 -7.61 -30.54
C VAL A 37 -61.14 -8.78 -31.09
N THR A 38 -59.83 -8.61 -31.28
CA THR A 38 -59.02 -9.68 -31.86
C THR A 38 -58.96 -10.89 -30.93
N ARG A 39 -58.82 -10.66 -29.62
CA ARG A 39 -58.67 -11.76 -28.70
C ARG A 39 -59.98 -12.52 -28.52
N MET A 40 -61.11 -11.82 -28.55
CA MET A 40 -62.40 -12.51 -28.56
C MET A 40 -62.56 -13.33 -29.84
N GLY A 41 -62.22 -12.73 -30.98
CA GLY A 41 -62.40 -13.42 -32.25
C GLY A 41 -61.61 -14.72 -32.35
N ILE A 42 -60.36 -14.69 -31.89
CA ILE A 42 -59.53 -15.90 -31.96
C ILE A 42 -59.95 -16.88 -30.88
N TYR A 43 -60.35 -16.38 -29.72
CA TYR A 43 -60.81 -17.27 -28.64
C TYR A 43 -62.08 -18.00 -29.05
N VAL A 44 -62.96 -17.32 -29.81
CA VAL A 44 -64.19 -17.94 -30.27
C VAL A 44 -63.94 -18.97 -31.38
N GLY A 45 -62.77 -18.91 -32.03
CA GLY A 45 -62.39 -19.86 -33.05
C GLY A 45 -62.33 -19.32 -34.46
N ALA A 46 -62.52 -18.01 -34.66
CA ALA A 46 -62.47 -17.39 -35.96
C ALA A 46 -61.07 -16.84 -36.24
N LYS A 47 -60.85 -16.40 -37.46
CA LYS A 47 -59.62 -15.73 -37.88
C LYS A 47 -59.85 -14.23 -37.90
N VAL A 48 -58.80 -13.47 -37.56
CA VAL A 48 -58.87 -12.03 -37.44
C VAL A 48 -57.79 -11.42 -38.32
N PHE A 49 -58.16 -10.35 -39.04
CA PHE A 49 -57.26 -9.62 -39.94
C PHE A 49 -57.27 -8.15 -39.56
N LEU A 50 -56.09 -7.53 -39.62
CA LEU A 50 -55.92 -6.12 -39.27
C LEU A 50 -55.78 -5.31 -40.56
N ILE A 51 -56.73 -4.41 -40.78
CA ILE A 51 -56.82 -3.63 -42.02
C ILE A 51 -56.22 -2.26 -41.71
N TYR A 52 -54.99 -2.06 -42.12
CA TYR A 52 -54.25 -0.84 -41.79
C TYR A 52 -54.80 0.35 -42.55
N GLU A 53 -54.52 1.54 -42.01
CA GLU A 53 -54.82 2.82 -42.66
C GLU A 53 -56.31 3.04 -42.89
N GLY A 54 -57.18 2.28 -42.22
CA GLY A 54 -58.60 2.44 -42.43
C GLY A 54 -59.01 2.02 -43.82
N TYR A 55 -59.99 2.72 -44.38
CA TYR A 55 -60.53 2.37 -45.69
C TYR A 55 -59.51 2.52 -46.81
N GLU A 56 -58.47 3.35 -46.62
CA GLU A 56 -57.43 3.48 -47.64
C GLU A 56 -56.70 2.16 -47.84
N GLY A 57 -56.27 1.54 -46.74
CA GLY A 57 -55.63 0.23 -46.87
C GLY A 57 -56.59 -0.83 -47.34
N LEU A 58 -57.88 -0.68 -47.01
CA LEU A 58 -58.88 -1.62 -47.50
C LEU A 58 -58.96 -1.58 -49.03
N VAL A 59 -59.13 -0.39 -49.60
CA VAL A 59 -59.23 -0.29 -51.05
C VAL A 59 -57.92 -0.68 -51.71
N GLU A 60 -56.79 -0.29 -51.12
CA GLU A 60 -55.49 -0.69 -51.68
C GLU A 60 -55.30 -2.20 -51.56
N GLY A 61 -55.66 -2.78 -50.43
CA GLY A 61 -55.58 -4.22 -50.27
C GLY A 61 -54.15 -4.73 -50.30
N GLY A 62 -54.05 -6.05 -50.51
CA GLY A 62 -52.76 -6.70 -50.62
C GLY A 62 -51.94 -6.66 -49.36
N GLU A 63 -50.80 -5.96 -49.42
CA GLU A 63 -49.90 -5.90 -48.27
C GLU A 63 -50.54 -5.17 -47.09
N ASN A 64 -51.48 -4.25 -47.35
CA ASN A 64 -52.04 -3.45 -46.26
C ASN A 64 -52.93 -4.25 -45.31
N ILE A 65 -53.25 -5.51 -45.62
CA ILE A 65 -54.09 -6.37 -44.79
C ILE A 65 -53.30 -7.63 -44.48
N LYS A 66 -53.30 -8.01 -43.20
CA LYS A 66 -52.58 -9.20 -42.74
C LYS A 66 -53.44 -9.94 -41.72
N GLN A 67 -53.25 -11.26 -41.67
CA GLN A 67 -53.79 -12.06 -40.58
C GLN A 67 -52.98 -11.80 -39.31
N ALA A 68 -53.63 -11.97 -38.17
CA ALA A 68 -53.05 -11.65 -36.86
C ALA A 68 -53.13 -12.86 -35.93
N ASN A 69 -52.06 -13.07 -35.18
CA ASN A 69 -51.97 -14.10 -34.16
C ASN A 69 -52.20 -13.45 -32.80
N TRP A 70 -52.01 -14.23 -31.73
CA TRP A 70 -52.24 -13.70 -30.38
C TRP A 70 -51.24 -12.61 -30.04
N LEU A 71 -49.98 -12.78 -30.44
CA LEU A 71 -48.94 -11.79 -30.17
C LEU A 71 -49.05 -10.55 -31.05
N SER A 72 -49.97 -10.53 -32.02
CA SER A 72 -50.10 -9.39 -32.90
C SER A 72 -50.55 -8.12 -32.17
N VAL A 73 -51.19 -8.25 -31.02
CA VAL A 73 -51.77 -7.15 -30.28
C VAL A 73 -51.23 -7.04 -28.85
N SER A 74 -50.30 -7.91 -28.45
CA SER A 74 -49.80 -7.86 -27.08
C SER A 74 -48.90 -6.64 -26.88
N ASN A 75 -48.91 -6.12 -25.66
CA ASN A 75 -48.08 -4.96 -25.27
C ASN A 75 -48.49 -3.72 -26.05
N ILE A 76 -49.80 -3.50 -26.19
CA ILE A 76 -50.36 -2.33 -26.87
C ILE A 76 -51.50 -1.69 -26.05
N ILE A 77 -51.92 -2.33 -24.95
CA ILE A 77 -53.05 -1.83 -24.18
C ILE A 77 -52.75 -0.46 -23.59
N GLN A 78 -51.50 -0.21 -23.20
CA GLN A 78 -51.11 1.01 -22.50
C GLN A 78 -50.66 2.13 -23.44
N LEU A 79 -50.75 1.94 -24.75
CA LEU A 79 -50.32 2.95 -25.72
C LEU A 79 -51.53 3.76 -26.19
N GLY A 80 -51.33 5.06 -26.31
CA GLY A 80 -52.34 5.94 -26.87
C GLY A 80 -52.37 5.82 -28.38
N GLY A 81 -53.20 6.67 -28.99
CA GLY A 81 -53.34 6.65 -30.43
C GLY A 81 -53.88 5.32 -30.91
N THR A 82 -53.25 4.78 -31.96
CA THR A 82 -53.58 3.47 -32.47
C THR A 82 -52.36 2.89 -33.17
N ILE A 83 -52.33 1.56 -33.22
CA ILE A 83 -51.22 0.85 -33.87
C ILE A 83 -51.45 0.63 -35.37
N ILE A 84 -52.69 0.72 -35.84
CA ILE A 84 -53.04 0.42 -37.23
C ILE A 84 -53.40 1.70 -38.00
N GLY A 85 -52.80 2.82 -37.59
CA GLY A 85 -52.85 4.02 -38.41
C GLY A 85 -54.11 4.86 -38.29
N SER A 86 -55.20 4.38 -38.90
CA SER A 86 -56.47 5.12 -38.99
C SER A 86 -56.34 6.33 -39.91
N ALA A 87 -55.84 6.09 -41.13
CA ALA A 87 -55.73 7.15 -42.12
C ALA A 87 -57.07 7.39 -42.81
N ARG A 88 -57.32 8.63 -43.18
CA ARG A 88 -58.55 9.00 -43.85
C ARG A 88 -58.48 8.60 -45.33
N CYS A 89 -59.64 8.23 -45.87
CA CYS A 89 -59.76 7.73 -47.24
C CYS A 89 -60.78 8.55 -48.01
N LYS A 90 -60.48 8.83 -49.28
CA LYS A 90 -61.37 9.53 -50.20
C LYS A 90 -62.00 8.61 -51.23
N ALA A 91 -61.26 7.63 -51.74
CA ALA A 91 -61.78 6.75 -52.78
C ALA A 91 -62.93 5.88 -52.28
N PHE A 92 -63.03 5.65 -50.97
CA PHE A 92 -64.14 4.86 -50.44
C PHE A 92 -65.49 5.50 -50.72
N THR A 93 -65.53 6.84 -50.81
CA THR A 93 -66.77 7.52 -51.18
C THR A 93 -67.22 7.15 -52.59
N THR A 94 -66.27 6.82 -53.47
CA THR A 94 -66.60 6.45 -54.84
C THR A 94 -66.98 4.98 -54.90
N ARG A 95 -67.82 4.64 -55.89
CA ARG A 95 -68.23 3.25 -56.04
C ARG A 95 -67.09 2.35 -56.47
N GLU A 96 -66.11 2.90 -57.22
CA GLU A 96 -64.98 2.10 -57.66
C GLU A 96 -64.15 1.61 -56.47
N GLY A 97 -63.90 2.49 -55.50
CA GLY A 97 -63.16 2.07 -54.32
C GLY A 97 -63.91 1.07 -53.47
N ARG A 98 -65.24 1.21 -53.41
CA ARG A 98 -66.03 0.29 -52.60
C ARG A 98 -66.05 -1.11 -53.21
N ARG A 99 -66.17 -1.20 -54.54
CA ARG A 99 -66.14 -2.52 -55.18
C ARG A 99 -64.75 -3.14 -55.06
N ALA A 100 -63.71 -2.31 -55.12
CA ALA A 100 -62.35 -2.82 -54.92
C ALA A 100 -62.16 -3.32 -53.49
N ALA A 101 -62.77 -2.62 -52.53
CA ALA A 101 -62.76 -3.11 -51.15
C ALA A 101 -63.48 -4.44 -51.03
N ALA A 102 -64.62 -4.57 -51.71
CA ALA A 102 -65.34 -5.84 -51.69
C ALA A 102 -64.52 -6.95 -52.32
N TYR A 103 -63.75 -6.63 -53.37
CA TYR A 103 -62.86 -7.60 -53.97
C TYR A 103 -61.82 -8.08 -52.98
N ASN A 104 -61.19 -7.15 -52.26
CA ASN A 104 -60.13 -7.51 -51.33
C ASN A 104 -60.66 -8.37 -50.19
N LEU A 105 -61.85 -8.04 -49.67
CA LEU A 105 -62.42 -8.84 -48.59
C LEU A 105 -62.79 -10.24 -49.07
N VAL A 106 -63.32 -10.34 -50.29
CA VAL A 106 -63.64 -11.66 -50.84
C VAL A 106 -62.36 -12.46 -51.08
N GLN A 107 -61.31 -11.79 -51.56
CA GLN A 107 -60.04 -12.48 -51.79
C GLN A 107 -59.47 -13.03 -50.49
N HIS A 108 -59.60 -12.28 -49.40
CA HIS A 108 -59.14 -12.71 -48.09
C HIS A 108 -60.20 -13.44 -47.27
N GLY A 109 -61.39 -13.67 -47.83
CA GLY A 109 -62.41 -14.45 -47.16
C GLY A 109 -62.90 -13.82 -45.87
N ILE A 110 -63.23 -12.54 -45.92
CA ILE A 110 -63.74 -11.78 -44.79
C ILE A 110 -65.25 -11.63 -44.97
N THR A 111 -66.01 -12.26 -44.08
CA THR A 111 -67.46 -12.12 -44.04
C THR A 111 -67.95 -11.21 -42.93
N ASN A 112 -67.10 -10.90 -41.94
CA ASN A 112 -67.43 -10.02 -40.83
C ASN A 112 -66.34 -8.97 -40.72
N LEU A 113 -66.78 -7.72 -40.54
CA LEU A 113 -65.88 -6.57 -40.51
C LEU A 113 -66.30 -5.66 -39.36
N CYS A 114 -65.32 -5.22 -38.57
CA CYS A 114 -65.53 -4.35 -37.43
C CYS A 114 -64.87 -3.00 -37.72
N VAL A 115 -65.56 -1.92 -37.36
CA VAL A 115 -65.09 -0.56 -37.62
C VAL A 115 -65.15 0.22 -36.31
N ILE A 116 -64.05 0.90 -35.97
CA ILE A 116 -63.97 1.81 -34.84
C ILE A 116 -63.77 3.21 -35.40
N GLY A 117 -64.72 4.09 -35.13
CA GLY A 117 -64.62 5.45 -35.62
C GLY A 117 -65.89 6.24 -35.35
N GLY A 118 -65.89 7.46 -35.87
CA GLY A 118 -66.98 8.39 -35.64
C GLY A 118 -68.15 8.16 -36.58
N ASP A 119 -69.09 9.12 -36.54
CA ASP A 119 -70.36 8.98 -37.25
C ASP A 119 -70.18 8.79 -38.75
N GLY A 120 -69.20 9.49 -39.35
CA GLY A 120 -68.99 9.36 -40.77
C GLY A 120 -68.50 7.97 -41.15
N SER A 121 -67.60 7.39 -40.35
CA SER A 121 -67.12 6.04 -40.62
C SER A 121 -68.25 5.02 -40.52
N LEU A 122 -69.14 5.20 -39.55
CA LEU A 122 -70.25 4.26 -39.40
C LEU A 122 -71.23 4.38 -40.55
N THR A 123 -71.51 5.61 -41.00
CA THR A 123 -72.41 5.80 -42.13
C THR A 123 -71.84 5.16 -43.39
N GLY A 124 -70.54 5.31 -43.61
CA GLY A 124 -69.92 4.66 -44.76
C GLY A 124 -69.93 3.15 -44.65
N ALA A 125 -69.72 2.63 -43.44
CA ALA A 125 -69.79 1.18 -43.23
C ALA A 125 -71.18 0.65 -43.51
N ASN A 126 -72.22 1.39 -43.10
CA ASN A 126 -73.58 0.95 -43.32
C ASN A 126 -73.95 0.98 -44.79
N ILE A 127 -73.51 2.02 -45.52
CA ILE A 127 -73.72 2.05 -46.95
C ILE A 127 -73.03 0.87 -47.61
N PHE A 128 -71.82 0.54 -47.14
CA PHE A 128 -71.07 -0.57 -47.72
C PHE A 128 -71.79 -1.90 -47.49
N ARG A 129 -72.35 -2.09 -46.30
CA ARG A 129 -73.16 -3.28 -46.05
C ARG A 129 -74.41 -3.28 -46.93
N SER A 130 -75.07 -2.11 -47.03
CA SER A 130 -76.36 -2.05 -47.70
C SER A 130 -76.25 -2.37 -49.20
N GLU A 131 -75.09 -2.11 -49.81
CA GLU A 131 -74.86 -2.39 -51.23
C GLU A 131 -73.81 -3.47 -51.46
N TRP A 132 -73.43 -4.22 -50.43
CA TRP A 132 -72.49 -5.35 -50.60
C TRP A 132 -72.94 -6.29 -51.71
N GLY A 133 -74.24 -6.59 -51.76
CA GLY A 133 -74.80 -7.42 -52.81
C GLY A 133 -74.54 -6.88 -54.20
N SER A 134 -74.98 -5.64 -54.48
CA SER A 134 -74.77 -5.04 -55.80
C SER A 134 -73.30 -4.99 -56.17
N LEU A 135 -72.41 -4.82 -55.19
CA LEU A 135 -70.99 -4.90 -55.48
C LEU A 135 -70.58 -6.31 -55.89
N LEU A 136 -71.16 -7.33 -55.25
CA LEU A 136 -70.81 -8.71 -55.61
C LEU A 136 -71.22 -9.00 -57.06
N GLU A 137 -72.42 -8.59 -57.45
CA GLU A 137 -72.82 -8.77 -58.85
C GLU A 137 -71.94 -7.96 -59.79
N GLU A 138 -71.49 -6.78 -59.36
CA GLU A 138 -70.57 -6.00 -60.18
C GLU A 138 -69.25 -6.73 -60.38
N LEU A 139 -68.71 -7.33 -59.30
CA LEU A 139 -67.45 -8.04 -59.42
C LEU A 139 -67.60 -9.30 -60.25
N VAL A 140 -68.73 -9.98 -60.14
CA VAL A 140 -68.97 -11.17 -60.95
C VAL A 140 -69.11 -10.77 -62.42
N ALA A 141 -69.77 -9.64 -62.69
CA ALA A 141 -70.01 -9.23 -64.07
C ALA A 141 -68.72 -8.93 -64.81
N GLU A 142 -67.76 -8.28 -64.14
CA GLU A 142 -66.46 -8.03 -64.76
C GLU A 142 -65.57 -9.29 -64.83
N GLY A 143 -66.02 -10.42 -64.29
CA GLY A 143 -65.27 -11.66 -64.39
C GLY A 143 -64.15 -11.81 -63.39
N LYS A 144 -64.05 -10.92 -62.39
CA LYS A 144 -62.97 -11.01 -61.43
C LYS A 144 -63.09 -12.26 -60.56
N ILE A 145 -64.30 -12.60 -60.16
CA ILE A 145 -64.56 -13.70 -59.23
C ILE A 145 -65.62 -14.62 -59.84
N SER A 146 -65.61 -15.87 -59.38
CA SER A 146 -66.60 -16.85 -59.82
C SER A 146 -67.89 -16.69 -59.02
N GLU A 147 -68.96 -17.30 -59.55
CA GLU A 147 -70.26 -17.20 -58.89
C GLU A 147 -70.25 -17.90 -57.54
N THR A 148 -69.62 -19.08 -57.45
CA THR A 148 -69.61 -19.85 -56.21
C THR A 148 -68.97 -19.07 -55.07
N THR A 149 -67.91 -18.31 -55.37
CA THR A 149 -67.29 -17.47 -54.35
C THR A 149 -68.25 -16.40 -53.88
N ALA A 150 -69.03 -15.83 -54.80
CA ALA A 150 -70.01 -14.80 -54.43
C ALA A 150 -71.10 -15.39 -53.54
N ARG A 151 -71.57 -16.61 -53.84
CA ARG A 151 -72.61 -17.21 -53.03
C ARG A 151 -72.10 -17.56 -51.64
N THR A 152 -70.84 -17.97 -51.54
CA THR A 152 -70.28 -18.31 -50.23
C THR A 152 -70.23 -17.09 -49.32
N TYR A 153 -69.86 -15.94 -49.86
CA TYR A 153 -69.78 -14.67 -49.14
C TYR A 153 -70.86 -13.70 -49.60
N SER A 154 -72.08 -14.21 -49.76
CA SER A 154 -73.19 -13.38 -50.26
C SER A 154 -73.60 -12.28 -49.30
N HIS A 155 -73.18 -12.33 -48.04
CA HIS A 155 -73.60 -11.38 -47.02
C HIS A 155 -72.39 -10.88 -46.24
N LEU A 156 -72.56 -9.71 -45.64
CA LEU A 156 -71.56 -9.06 -44.80
C LEU A 156 -72.24 -8.54 -43.55
N ASN A 157 -71.54 -8.61 -42.42
CA ASN A 157 -72.06 -8.21 -41.12
C ASN A 157 -71.11 -7.20 -40.49
N ILE A 158 -71.67 -6.12 -39.96
CA ILE A 158 -70.91 -4.99 -39.43
C ILE A 158 -71.32 -4.77 -37.98
N ALA A 159 -70.33 -4.51 -37.12
CA ALA A 159 -70.53 -4.10 -35.74
C ALA A 159 -69.77 -2.80 -35.51
N GLY A 160 -70.43 -1.85 -34.85
CA GLY A 160 -69.98 -0.48 -34.78
C GLY A 160 -69.48 -0.12 -33.39
N LEU A 161 -68.28 0.47 -33.34
CA LEU A 161 -67.68 1.02 -32.13
C LEU A 161 -67.42 2.50 -32.36
N VAL A 162 -67.89 3.33 -31.42
CA VAL A 162 -67.81 4.79 -31.54
C VAL A 162 -66.56 5.24 -30.77
N GLY A 163 -65.53 5.64 -31.50
CA GLY A 163 -64.32 6.22 -30.94
C GLY A 163 -64.16 7.69 -31.27
N SER A 164 -64.45 8.57 -30.31
CA SER A 164 -64.37 9.99 -30.53
C SER A 164 -64.36 10.70 -29.17
N ILE A 165 -63.35 11.55 -28.95
CA ILE A 165 -63.26 12.26 -27.68
C ILE A 165 -64.36 13.29 -27.51
N ASP A 166 -65.06 13.66 -28.57
CA ASP A 166 -66.06 14.72 -28.48
C ASP A 166 -67.29 14.26 -27.71
N ASN A 167 -67.64 12.98 -27.81
CA ASN A 167 -68.89 12.45 -27.28
C ASN A 167 -70.09 13.19 -27.87
N ASP A 168 -69.97 13.54 -29.16
CA ASP A 168 -71.10 14.10 -29.90
C ASP A 168 -72.12 13.03 -30.29
N PHE A 169 -71.74 11.76 -30.28
CA PHE A 169 -72.65 10.68 -30.64
C PHE A 169 -73.83 10.65 -29.68
N CYS A 170 -75.04 10.61 -30.22
CA CYS A 170 -76.24 10.76 -29.41
C CYS A 170 -76.60 9.47 -28.67
N GLY A 171 -76.56 8.33 -29.36
CA GLY A 171 -76.98 7.09 -28.77
C GLY A 171 -76.10 6.58 -27.65
N THR A 172 -74.88 7.13 -27.51
CA THR A 172 -73.93 6.73 -26.48
C THR A 172 -73.78 7.84 -25.46
N ASP A 173 -73.73 7.47 -24.18
CA ASP A 173 -73.39 8.42 -23.14
C ASP A 173 -71.91 8.74 -23.18
N MET A 174 -71.06 7.70 -23.11
CA MET A 174 -69.60 7.83 -23.15
C MET A 174 -69.09 7.15 -24.42
N THR A 175 -68.67 7.95 -25.39
CA THR A 175 -67.91 7.43 -26.50
C THR A 175 -66.49 7.13 -26.05
N ILE A 176 -65.87 6.12 -26.66
CA ILE A 176 -64.51 5.71 -26.31
C ILE A 176 -63.56 6.89 -26.47
N GLY A 177 -62.71 7.11 -25.46
CA GLY A 177 -61.66 8.10 -25.53
C GLY A 177 -62.00 9.45 -24.92
N THR A 178 -63.26 9.69 -24.56
CA THR A 178 -63.62 11.00 -24.03
C THR A 178 -63.01 11.25 -22.65
N ASP A 179 -62.91 10.21 -21.82
CA ASP A 179 -62.37 10.39 -20.48
C ASP A 179 -60.88 10.71 -20.54
N SER A 180 -60.16 10.17 -21.51
CA SER A 180 -58.75 10.46 -21.63
C SER A 180 -58.50 11.89 -22.11
N ALA A 181 -59.34 12.39 -23.02
CA ALA A 181 -59.25 13.79 -23.39
C ALA A 181 -59.53 14.68 -22.19
N LEU A 182 -60.48 14.30 -21.35
CA LEU A 182 -60.73 15.02 -20.12
C LEU A 182 -59.50 14.96 -19.20
N HIS A 183 -58.80 13.83 -19.17
CA HIS A 183 -57.57 13.72 -18.40
C HIS A 183 -56.53 14.72 -18.90
N ARG A 184 -56.35 14.79 -20.22
CA ARG A 184 -55.36 15.72 -20.78
C ARG A 184 -55.74 17.17 -20.52
N ILE A 185 -57.03 17.49 -20.65
CA ILE A 185 -57.49 18.86 -20.41
C ILE A 185 -57.24 19.24 -18.95
N MET A 186 -57.59 18.35 -18.02
CA MET A 186 -57.40 18.64 -16.61
C MET A 186 -55.93 18.72 -16.25
N GLU A 187 -55.08 17.92 -16.90
CA GLU A 187 -53.64 18.02 -16.69
C GLU A 187 -53.14 19.41 -17.05
N VAL A 188 -53.54 19.91 -18.22
CA VAL A 188 -53.08 21.23 -18.64
C VAL A 188 -53.67 22.31 -17.74
N ILE A 189 -54.96 22.20 -17.39
CA ILE A 189 -55.60 23.24 -16.59
C ILE A 189 -54.95 23.31 -15.21
N ASP A 190 -54.68 22.16 -14.59
CA ASP A 190 -54.02 22.17 -13.29
C ASP A 190 -52.59 22.68 -13.40
N ALA A 191 -51.95 22.49 -14.55
CA ALA A 191 -50.63 23.09 -14.77
C ALA A 191 -50.74 24.61 -14.88
N ILE A 192 -51.78 25.10 -15.55
CA ILE A 192 -51.93 26.55 -15.74
C ILE A 192 -52.30 27.25 -14.44
N THR A 193 -53.08 26.57 -13.58
CA THR A 193 -53.64 27.23 -12.39
C THR A 193 -52.55 27.78 -11.47
N THR A 194 -51.41 27.07 -11.38
CA THR A 194 -50.34 27.53 -10.51
C THR A 194 -49.74 28.85 -11.00
N THR A 195 -49.39 28.93 -12.29
CA THR A 195 -48.82 30.16 -12.81
C THR A 195 -49.86 31.29 -12.84
N ALA A 196 -51.13 30.96 -13.04
CA ALA A 196 -52.17 31.97 -13.00
C ALA A 196 -52.32 32.54 -11.58
N GLN A 197 -52.33 31.66 -10.58
CA GLN A 197 -52.36 32.11 -9.19
C GLN A 197 -51.13 32.92 -8.84
N SER A 198 -49.99 32.61 -9.45
CA SER A 198 -48.77 33.37 -9.20
C SER A 198 -48.92 34.81 -9.68
N HIS A 199 -49.27 34.98 -10.95
CA HIS A 199 -49.28 36.30 -11.59
C HIS A 199 -50.62 37.01 -11.53
N GLN A 200 -51.65 36.40 -10.93
CA GLN A 200 -52.97 37.02 -10.79
C GLN A 200 -53.57 37.36 -12.15
N ARG A 201 -53.38 36.47 -13.12
CA ARG A 201 -53.82 36.68 -14.49
C ARG A 201 -55.16 35.99 -14.73
N THR A 202 -55.81 36.40 -15.81
CA THR A 202 -57.02 35.77 -16.32
C THR A 202 -56.65 35.01 -17.58
N PHE A 203 -57.05 33.74 -17.65
CA PHE A 203 -56.67 32.85 -18.74
C PHE A 203 -57.88 32.47 -19.57
N VAL A 204 -57.71 32.52 -20.89
CA VAL A 204 -58.74 32.15 -21.86
C VAL A 204 -58.28 30.84 -22.50
N LEU A 205 -59.05 29.77 -22.28
CA LEU A 205 -58.67 28.42 -22.67
C LEU A 205 -59.55 27.96 -23.81
N GLU A 206 -58.94 27.42 -24.85
CA GLU A 206 -59.62 26.91 -26.04
C GLU A 206 -59.44 25.40 -26.08
N VAL A 207 -60.50 24.70 -25.71
CA VAL A 207 -60.50 23.24 -25.67
C VAL A 207 -61.13 22.71 -26.95
N MET A 208 -60.96 21.41 -27.20
CA MET A 208 -61.50 20.78 -28.39
C MET A 208 -62.99 20.52 -28.19
N GLY A 209 -63.61 19.79 -29.13
CA GLY A 209 -65.04 19.65 -29.23
C GLY A 209 -65.48 20.29 -30.53
N ARG A 210 -65.67 19.47 -31.56
CA ARG A 210 -65.80 19.97 -32.94
C ARG A 210 -66.98 20.94 -33.07
N HIS A 211 -68.19 20.48 -32.71
CA HIS A 211 -69.39 21.30 -32.65
C HIS A 211 -70.16 21.08 -31.36
N CYS A 212 -69.52 20.47 -30.35
CA CYS A 212 -70.14 20.16 -29.07
C CYS A 212 -69.29 20.73 -27.94
N GLY A 213 -69.94 21.19 -26.88
CA GLY A 213 -69.28 21.77 -25.74
C GLY A 213 -69.24 20.85 -24.55
N TYR A 214 -69.34 19.54 -24.77
CA TYR A 214 -69.35 18.60 -23.65
C TYR A 214 -68.02 18.61 -22.92
N LEU A 215 -66.92 18.55 -23.66
CA LEU A 215 -65.60 18.61 -23.03
C LEU A 215 -65.39 19.93 -22.29
N ALA A 216 -65.81 21.04 -22.91
CA ALA A 216 -65.67 22.34 -22.26
C ALA A 216 -66.55 22.44 -21.02
N LEU A 217 -67.78 21.91 -21.11
CA LEU A 217 -68.70 21.99 -19.97
C LEU A 217 -68.17 21.19 -18.78
N VAL A 218 -67.74 19.95 -19.02
CA VAL A 218 -67.22 19.12 -17.95
C VAL A 218 -65.98 19.75 -17.33
N SER A 219 -65.07 20.25 -18.17
CA SER A 219 -63.84 20.84 -17.67
C SER A 219 -64.13 22.10 -16.86
N ALA A 220 -65.09 22.91 -17.30
CA ALA A 220 -65.47 24.10 -16.54
C ALA A 220 -66.09 23.72 -15.21
N LEU A 221 -66.90 22.67 -15.18
CA LEU A 221 -67.46 22.21 -13.92
C LEU A 221 -66.38 21.61 -13.02
N ALA A 222 -65.42 20.91 -13.61
CA ALA A 222 -64.35 20.25 -12.88
C ALA A 222 -63.12 21.12 -12.65
N SER A 223 -63.21 22.43 -12.92
CA SER A 223 -62.10 23.35 -12.70
C SER A 223 -62.52 24.65 -12.02
N GLY A 224 -63.78 24.79 -11.62
CA GLY A 224 -64.23 26.04 -11.02
C GLY A 224 -64.10 27.21 -11.95
N ALA A 225 -64.34 26.99 -13.24
CA ALA A 225 -64.21 28.06 -14.23
C ALA A 225 -65.21 29.17 -13.96
N ASP A 226 -64.74 30.42 -14.00
CA ASP A 226 -65.58 31.55 -13.65
C ASP A 226 -66.59 31.89 -14.74
N TRP A 227 -66.36 31.45 -15.97
CA TRP A 227 -67.32 31.71 -17.04
C TRP A 227 -67.05 30.72 -18.16
N LEU A 228 -68.13 30.32 -18.84
CA LEU A 228 -68.09 29.27 -19.85
C LEU A 228 -68.82 29.73 -21.10
N PHE A 229 -68.37 29.20 -22.24
CA PHE A 229 -69.04 29.35 -23.51
C PHE A 229 -69.19 27.98 -24.15
N ILE A 230 -70.40 27.66 -24.59
CA ILE A 230 -70.67 26.40 -25.30
C ILE A 230 -71.67 26.67 -26.42
N PRO A 231 -71.67 25.82 -27.46
CA PRO A 231 -72.68 26.01 -28.53
C PRO A 231 -74.07 25.54 -28.16
N GLU A 232 -74.21 24.64 -27.18
CA GLU A 232 -75.53 24.14 -26.83
C GLU A 232 -76.40 25.20 -26.16
N ALA A 233 -75.77 26.12 -25.42
CA ALA A 233 -76.47 27.20 -24.71
C ALA A 233 -75.72 28.50 -25.00
N PRO A 234 -75.93 29.10 -26.18
CA PRO A 234 -75.17 30.29 -26.53
C PRO A 234 -75.51 31.44 -25.60
N PRO A 235 -74.56 32.34 -25.33
CA PRO A 235 -74.81 33.40 -24.34
C PRO A 235 -75.80 34.43 -24.84
N GLU A 236 -76.58 34.98 -23.90
CA GLU A 236 -77.64 35.93 -24.24
C GLU A 236 -77.05 37.28 -24.65
N ASP A 237 -77.93 38.15 -25.10
CA ASP A 237 -77.53 39.47 -25.58
C ASP A 237 -76.95 40.31 -24.44
N GLY A 238 -76.03 41.21 -24.80
CA GLY A 238 -75.37 42.03 -23.81
C GLY A 238 -74.45 41.28 -22.88
N TRP A 239 -74.02 40.07 -23.27
CA TRP A 239 -73.20 39.22 -22.40
C TRP A 239 -71.85 39.85 -22.04
N GLU A 240 -71.39 40.85 -22.79
CA GLU A 240 -70.13 41.50 -22.45
C GLU A 240 -70.21 42.21 -21.10
N ASN A 241 -71.34 42.87 -20.84
CA ASN A 241 -71.52 43.56 -19.56
C ASN A 241 -71.61 42.55 -18.42
N PHE A 242 -72.36 41.46 -18.61
CA PHE A 242 -72.51 40.46 -17.56
C PHE A 242 -71.17 39.79 -17.27
N MET A 243 -70.40 39.50 -18.31
CA MET A 243 -69.09 38.88 -18.11
C MET A 243 -68.17 39.82 -17.34
N CYS A 244 -68.14 41.10 -17.71
CA CYS A 244 -67.29 42.07 -17.02
C CYS A 244 -67.70 42.21 -15.55
N GLU A 245 -69.00 42.24 -15.27
CA GLU A 245 -69.46 42.36 -13.91
C GLU A 245 -69.08 41.14 -13.08
N ARG A 246 -69.22 39.95 -13.64
CA ARG A 246 -68.88 38.74 -12.92
C ARG A 246 -67.37 38.68 -12.63
N LEU A 247 -66.54 38.88 -13.66
CA LEU A 247 -65.10 38.80 -13.46
C LEU A 247 -64.60 39.88 -12.53
N GLY A 248 -65.23 41.06 -12.56
CA GLY A 248 -64.90 42.07 -11.58
C GLY A 248 -65.25 41.65 -10.17
N GLU A 249 -66.43 41.05 -9.98
CA GLU A 249 -66.85 40.62 -8.66
C GLU A 249 -65.95 39.51 -8.14
N THR A 250 -65.61 38.53 -8.98
CA THR A 250 -64.82 37.39 -8.54
C THR A 250 -63.44 37.82 -8.07
N ARG A 251 -62.69 38.50 -8.95
CA ARG A 251 -61.33 38.91 -8.58
C ARG A 251 -61.36 39.94 -7.45
N SER A 252 -62.36 40.82 -7.43
CA SER A 252 -62.51 41.72 -6.29
C SER A 252 -62.75 40.93 -5.01
N ARG A 253 -63.49 39.83 -5.11
CA ARG A 253 -63.86 39.01 -3.97
C ARG A 253 -62.87 37.86 -3.77
N GLY A 254 -61.59 38.20 -3.66
CA GLY A 254 -60.58 37.27 -3.19
C GLY A 254 -60.15 36.19 -4.16
N SER A 255 -60.73 36.13 -5.36
CA SER A 255 -60.35 35.11 -6.34
C SER A 255 -59.08 35.58 -7.04
N ARG A 256 -57.94 34.98 -6.69
CA ARG A 256 -56.67 35.48 -7.20
C ARG A 256 -56.54 35.30 -8.70
N LEU A 257 -57.14 34.25 -9.25
CA LEU A 257 -57.10 33.94 -10.68
C LEU A 257 -58.51 33.83 -11.22
N ASN A 258 -58.62 33.89 -12.55
CA ASN A 258 -59.86 33.62 -13.26
C ASN A 258 -59.57 32.72 -14.45
N ILE A 259 -60.50 31.81 -14.73
CA ILE A 259 -60.40 30.87 -15.83
C ILE A 259 -61.67 30.97 -16.65
N ILE A 260 -61.53 30.96 -17.97
CA ILE A 260 -62.63 31.12 -18.92
C ILE A 260 -62.47 30.05 -19.98
N ILE A 261 -63.32 29.01 -19.91
CA ILE A 261 -63.28 27.93 -20.88
C ILE A 261 -64.11 28.34 -22.09
N ILE A 262 -63.58 28.05 -23.29
CA ILE A 262 -64.26 28.35 -24.55
C ILE A 262 -64.14 27.13 -25.44
N ALA A 263 -65.26 26.55 -25.81
CA ALA A 263 -65.25 25.52 -26.84
C ALA A 263 -64.80 26.13 -28.16
N GLU A 264 -64.09 25.33 -28.96
CA GLU A 264 -63.57 25.82 -30.23
C GLU A 264 -64.67 26.25 -31.19
N GLY A 265 -65.90 25.75 -31.01
CA GLY A 265 -67.04 26.15 -31.81
C GLY A 265 -68.04 26.98 -31.05
N ALA A 266 -67.57 27.77 -30.09
CA ALA A 266 -68.46 28.66 -29.36
C ALA A 266 -69.06 29.70 -30.30
N ILE A 267 -70.35 29.98 -30.10
CA ILE A 267 -71.13 30.83 -31.00
C ILE A 267 -72.04 31.71 -30.16
N ASP A 268 -72.64 32.72 -30.83
CA ASP A 268 -73.51 33.69 -30.21
C ASP A 268 -74.96 33.38 -30.55
N ARG A 269 -75.87 34.28 -30.16
CA ARG A 269 -77.27 34.13 -30.52
C ARG A 269 -77.48 34.21 -32.03
N ASN A 270 -76.63 34.96 -32.73
CA ASN A 270 -76.68 35.05 -34.18
C ASN A 270 -75.92 33.92 -34.87
N GLY A 271 -75.34 32.98 -34.12
CA GLY A 271 -74.57 31.91 -34.71
C GLY A 271 -73.15 32.28 -35.10
N LYS A 272 -72.75 33.54 -34.95
CA LYS A 272 -71.41 33.93 -35.32
C LYS A 272 -70.41 33.34 -34.32
N PRO A 273 -69.25 32.84 -34.77
CA PRO A 273 -68.29 32.30 -33.81
C PRO A 273 -67.70 33.39 -32.92
N ILE A 274 -67.42 33.00 -31.68
CA ILE A 274 -66.65 33.83 -30.75
C ILE A 274 -65.22 33.30 -30.77
N SER A 275 -64.29 34.19 -31.09
CA SER A 275 -62.88 33.84 -31.15
C SER A 275 -62.23 34.06 -29.79
N SER A 276 -61.25 33.22 -29.47
CA SER A 276 -60.48 33.41 -28.24
C SER A 276 -59.77 34.76 -28.24
N SER A 277 -59.31 35.20 -29.41
CA SER A 277 -58.71 36.52 -29.53
C SER A 277 -59.71 37.61 -29.19
N TYR A 278 -60.97 37.43 -29.61
CA TYR A 278 -62.01 38.40 -29.27
C TYR A 278 -62.18 38.50 -27.76
N VAL A 279 -62.30 37.36 -27.08
CA VAL A 279 -62.53 37.37 -25.63
C VAL A 279 -61.34 38.00 -24.92
N LYS A 280 -60.12 37.73 -25.40
CA LYS A 280 -58.94 38.35 -24.83
C LYS A 280 -58.97 39.86 -25.03
N ASP A 281 -59.33 40.33 -26.21
CA ASP A 281 -59.36 41.77 -26.46
C ASP A 281 -60.42 42.45 -25.61
N LEU A 282 -61.57 41.80 -25.43
CA LEU A 282 -62.65 42.41 -24.67
C LEU A 282 -62.32 42.49 -23.18
N VAL A 283 -61.72 41.44 -22.62
CA VAL A 283 -61.38 41.48 -21.19
C VAL A 283 -60.28 42.51 -20.94
N VAL A 284 -59.30 42.60 -21.83
CA VAL A 284 -58.22 43.57 -21.66
C VAL A 284 -58.76 44.99 -21.76
N GLN A 285 -59.62 45.24 -22.75
CA GLN A 285 -60.12 46.58 -22.97
C GLN A 285 -61.06 47.02 -21.85
N ARG A 286 -62.01 46.17 -21.48
CA ARG A 286 -63.08 46.56 -20.57
C ARG A 286 -62.71 46.41 -19.10
N LEU A 287 -61.64 45.70 -18.76
CA LEU A 287 -61.24 45.50 -17.37
C LEU A 287 -59.74 45.66 -17.12
N GLY A 288 -58.88 45.57 -18.14
CA GLY A 288 -57.48 45.85 -17.95
C GLY A 288 -56.69 44.79 -17.23
N PHE A 289 -57.29 43.65 -16.90
CA PHE A 289 -56.53 42.56 -16.28
C PHE A 289 -55.50 42.03 -17.26
N ASP A 290 -54.29 41.79 -16.76
CA ASP A 290 -53.31 41.07 -17.57
C ASP A 290 -53.83 39.66 -17.84
N THR A 291 -53.64 39.20 -19.08
CA THR A 291 -54.23 37.95 -19.49
C THR A 291 -53.45 37.38 -20.67
N ARG A 292 -53.80 36.16 -21.03
CA ARG A 292 -53.25 35.49 -22.20
C ARG A 292 -54.34 34.60 -22.79
N VAL A 293 -54.00 33.99 -23.93
CA VAL A 293 -54.85 33.01 -24.60
C VAL A 293 -54.00 31.77 -24.81
N THR A 294 -54.59 30.60 -24.51
CA THR A 294 -53.92 29.32 -24.63
C THR A 294 -54.77 28.41 -25.48
N VAL A 295 -54.15 27.83 -26.51
CA VAL A 295 -54.76 26.78 -27.32
C VAL A 295 -54.06 25.49 -26.93
N LEU A 296 -54.80 24.63 -26.23
CA LEU A 296 -54.26 23.35 -25.79
C LEU A 296 -53.79 22.50 -26.97
N GLY A 297 -54.40 22.68 -28.14
CA GLY A 297 -53.93 22.01 -29.33
C GLY A 297 -54.22 20.51 -29.26
N HIS A 298 -53.44 19.78 -30.04
CA HIS A 298 -53.66 18.34 -30.23
C HIS A 298 -53.14 17.48 -29.08
N VAL A 299 -52.74 18.08 -27.95
CA VAL A 299 -52.37 17.31 -26.77
C VAL A 299 -53.55 16.46 -26.29
N GLN A 300 -54.77 16.98 -26.45
CA GLN A 300 -55.96 16.30 -25.94
C GLN A 300 -56.23 14.98 -26.64
N ARG A 301 -55.73 14.80 -27.86
CA ARG A 301 -56.03 13.64 -28.68
C ARG A 301 -55.05 12.48 -28.48
N GLY A 302 -54.05 12.63 -27.59
CA GLY A 302 -53.04 11.62 -27.41
C GLY A 302 -52.76 11.36 -25.94
N GLY A 303 -51.94 10.35 -25.70
CA GLY A 303 -51.52 9.97 -24.36
C GLY A 303 -52.13 8.64 -23.94
N THR A 304 -51.72 8.18 -22.77
CA THR A 304 -52.11 6.86 -22.31
C THR A 304 -53.58 6.87 -21.91
N PRO A 305 -54.39 5.87 -22.32
CA PRO A 305 -55.80 5.89 -21.94
C PRO A 305 -55.99 5.67 -20.44
N SER A 306 -57.07 6.23 -19.92
CA SER A 306 -57.35 6.20 -18.48
C SER A 306 -58.02 4.87 -18.12
N ALA A 307 -58.60 4.80 -16.92
CA ALA A 307 -59.27 3.57 -16.49
C ALA A 307 -60.49 3.29 -17.33
N PHE A 308 -61.43 4.24 -17.34
CA PHE A 308 -62.72 3.98 -17.94
C PHE A 308 -62.60 3.74 -19.44
N ASP A 309 -61.59 4.33 -20.08
CA ASP A 309 -61.42 4.13 -21.51
C ASP A 309 -60.87 2.74 -21.81
N ARG A 310 -59.87 2.27 -21.06
CA ARG A 310 -59.35 0.92 -21.30
C ARG A 310 -60.39 -0.14 -20.98
N ILE A 311 -61.08 0.01 -19.84
CA ILE A 311 -62.12 -0.95 -19.46
C ILE A 311 -63.26 -0.91 -20.47
N LEU A 312 -63.66 0.29 -20.90
CA LEU A 312 -64.75 0.40 -21.86
C LEU A 312 -64.37 -0.19 -23.20
N SER A 313 -63.12 0.02 -23.63
CA SER A 313 -62.66 -0.55 -24.88
C SER A 313 -62.68 -2.06 -24.83
N SER A 314 -62.32 -2.64 -23.69
CA SER A 314 -62.37 -4.09 -23.53
C SER A 314 -63.80 -4.61 -23.61
N LYS A 315 -64.71 -3.98 -22.85
CA LYS A 315 -66.10 -4.42 -22.83
C LYS A 315 -66.78 -4.21 -24.18
N MET A 316 -66.55 -3.06 -24.79
CA MET A 316 -67.22 -2.77 -26.05
C MET A 316 -66.68 -3.65 -27.18
N GLY A 317 -65.38 -3.94 -27.14
CA GLY A 317 -64.82 -4.85 -28.12
C GLY A 317 -65.37 -6.26 -27.99
N MET A 318 -65.56 -6.71 -26.74
CA MET A 318 -66.20 -8.00 -26.53
C MET A 318 -67.62 -7.99 -27.05
N GLU A 319 -68.37 -6.92 -26.78
CA GLU A 319 -69.73 -6.83 -27.27
C GLU A 319 -69.78 -6.77 -28.79
N ALA A 320 -68.78 -6.13 -29.42
CA ALA A 320 -68.77 -6.03 -30.87
C ALA A 320 -68.56 -7.39 -31.53
N VAL A 321 -67.63 -8.19 -30.99
CA VAL A 321 -67.41 -9.53 -31.53
C VAL A 321 -68.65 -10.39 -31.31
N MET A 322 -69.29 -10.23 -30.14
CA MET A 322 -70.52 -10.96 -29.88
C MET A 322 -71.61 -10.56 -30.87
N ALA A 323 -71.70 -9.28 -31.19
CA ALA A 323 -72.70 -8.80 -32.13
C ALA A 323 -72.47 -9.37 -33.53
N LEU A 324 -71.21 -9.39 -33.99
CA LEU A 324 -70.92 -9.92 -35.31
C LEU A 324 -71.26 -11.41 -35.40
N LEU A 325 -70.93 -12.16 -34.36
CA LEU A 325 -71.20 -13.60 -34.38
C LEU A 325 -72.70 -13.89 -34.37
N GLU A 326 -73.45 -13.15 -33.56
CA GLU A 326 -74.88 -13.38 -33.40
C GLU A 326 -75.74 -12.58 -34.37
N ALA A 327 -75.15 -11.95 -35.39
CA ALA A 327 -75.90 -11.19 -36.37
C ALA A 327 -76.36 -12.09 -37.50
N THR A 328 -77.33 -11.60 -38.26
CA THR A 328 -77.87 -12.25 -39.44
C THR A 328 -78.01 -11.19 -40.52
N PRO A 329 -78.04 -11.59 -41.81
CA PRO A 329 -78.12 -10.56 -42.87
C PRO A 329 -79.40 -9.75 -42.84
N ASP A 330 -80.51 -10.33 -42.39
CA ASP A 330 -81.73 -9.54 -42.19
C ASP A 330 -81.60 -8.55 -41.04
N THR A 331 -80.70 -8.80 -40.09
CA THR A 331 -80.56 -7.89 -38.96
C THR A 331 -79.90 -6.59 -39.43
N PRO A 332 -80.41 -5.42 -39.02
CA PRO A 332 -79.78 -4.17 -39.45
C PRO A 332 -78.47 -3.92 -38.73
N ALA A 333 -77.70 -2.99 -39.27
CA ALA A 333 -76.43 -2.61 -38.65
C ALA A 333 -76.67 -2.01 -37.28
N CYS A 334 -75.85 -2.42 -36.32
CA CYS A 334 -76.00 -2.07 -34.91
C CYS A 334 -74.73 -1.40 -34.40
N VAL A 335 -74.87 -0.71 -33.27
CA VAL A 335 -73.77 -0.07 -32.56
C VAL A 335 -73.84 -0.48 -31.09
N VAL A 336 -72.67 -0.47 -30.44
CA VAL A 336 -72.54 -0.82 -29.03
C VAL A 336 -72.22 0.47 -28.27
N THR A 337 -73.03 0.77 -27.25
CA THR A 337 -73.03 2.07 -26.60
C THR A 337 -73.19 1.86 -25.10
N LEU A 338 -73.47 2.95 -24.39
CA LEU A 338 -73.67 2.96 -22.94
C LEU A 338 -75.09 3.41 -22.63
N SER A 339 -75.79 2.62 -21.82
CA SER A 339 -77.05 3.04 -21.22
C SER A 339 -77.01 2.63 -19.76
N GLY A 340 -77.37 3.56 -18.89
CA GLY A 340 -77.15 3.36 -17.47
C GLY A 340 -75.67 3.18 -17.19
N ASN A 341 -75.28 1.95 -16.87
CA ASN A 341 -73.87 1.58 -16.77
C ASN A 341 -73.67 0.15 -17.25
N GLN A 342 -74.31 -0.20 -18.37
CA GLN A 342 -74.25 -1.53 -18.94
C GLN A 342 -74.14 -1.42 -20.46
N SER A 343 -73.73 -2.52 -21.07
CA SER A 343 -73.46 -2.57 -22.50
C SER A 343 -74.74 -2.93 -23.24
N VAL A 344 -75.42 -1.92 -23.77
CA VAL A 344 -76.64 -2.11 -24.55
C VAL A 344 -76.27 -2.13 -26.03
N ARG A 345 -77.24 -2.49 -26.87
CA ARG A 345 -77.07 -2.62 -28.30
C ARG A 345 -78.19 -1.88 -28.99
N LEU A 346 -77.84 -0.95 -29.89
CA LEU A 346 -78.76 -0.05 -30.55
C LEU A 346 -78.57 -0.12 -32.06
N PRO A 347 -79.58 0.28 -32.84
CA PRO A 347 -79.41 0.28 -34.30
C PRO A 347 -78.69 1.53 -34.76
N LEU A 348 -77.87 1.35 -35.81
CA LEU A 348 -76.97 2.42 -36.22
C LEU A 348 -77.72 3.61 -36.80
N MET A 349 -78.62 3.37 -37.77
CA MET A 349 -79.27 4.46 -38.48
C MET A 349 -80.09 5.34 -37.56
N GLU A 350 -80.64 4.76 -36.49
CA GLU A 350 -81.42 5.55 -35.54
C GLU A 350 -80.54 6.59 -34.87
N CYS A 351 -79.40 6.17 -34.33
CA CYS A 351 -78.52 7.11 -33.65
C CYS A 351 -77.90 8.11 -34.63
N VAL A 352 -77.60 7.66 -35.86
CA VAL A 352 -77.08 8.57 -36.87
C VAL A 352 -78.10 9.66 -37.19
N GLN A 353 -79.36 9.26 -37.36
CA GLN A 353 -80.40 10.23 -37.68
C GLN A 353 -80.64 11.18 -36.52
N MET A 354 -80.60 10.68 -35.28
CA MET A 354 -80.79 11.56 -34.12
C MET A 354 -79.68 12.59 -34.02
N THR A 355 -78.43 12.18 -34.27
CA THR A 355 -77.32 13.12 -34.22
C THR A 355 -77.44 14.15 -35.34
N LYS A 356 -77.81 13.72 -36.54
CA LYS A 356 -77.96 14.66 -37.65
C LYS A 356 -79.11 15.62 -37.40
N GLU A 357 -80.19 15.14 -36.77
CA GLU A 357 -81.30 16.02 -36.43
C GLU A 357 -80.88 17.06 -35.40
N VAL A 358 -80.07 16.65 -34.41
CA VAL A 358 -79.58 17.59 -33.41
C VAL A 358 -78.69 18.64 -34.07
N GLN A 359 -77.81 18.21 -35.00
CA GLN A 359 -76.95 19.15 -35.69
C GLN A 359 -77.76 20.14 -36.51
N LYS A 360 -78.81 19.65 -37.20
CA LYS A 360 -79.63 20.53 -37.99
C LYS A 360 -80.38 21.54 -37.11
N ALA A 361 -80.95 21.07 -36.00
CA ALA A 361 -81.68 21.95 -35.10
C ALA A 361 -80.77 23.00 -34.50
N MET A 362 -79.53 22.62 -34.17
CA MET A 362 -78.56 23.61 -33.69
C MET A 362 -78.27 24.64 -34.78
N ASP A 363 -78.10 24.20 -36.02
CA ASP A 363 -77.85 25.13 -37.12
C ASP A 363 -79.07 26.03 -37.35
N ASP A 364 -80.27 25.49 -37.18
CA ASP A 364 -81.50 26.24 -37.41
C ASP A 364 -81.88 27.16 -36.25
N LYS A 365 -81.00 27.35 -35.26
CA LYS A 365 -81.23 28.20 -34.09
C LYS A 365 -82.32 27.67 -33.16
N ARG A 366 -82.78 26.42 -33.36
CA ARG A 366 -83.75 25.79 -32.46
C ARG A 366 -83.00 25.19 -31.28
N PHE A 367 -82.54 26.08 -30.40
CA PHE A 367 -81.68 25.68 -29.30
C PHE A 367 -82.41 24.78 -28.31
N ASP A 368 -83.65 25.14 -27.97
CA ASP A 368 -84.40 24.36 -26.99
C ASP A 368 -84.69 22.95 -27.50
N GLU A 369 -85.01 22.82 -28.79
CA GLU A 369 -85.31 21.51 -29.35
C GLU A 369 -84.06 20.63 -29.37
N ALA A 370 -82.91 21.20 -29.74
CA ALA A 370 -81.68 20.44 -29.77
C ALA A 370 -81.26 20.01 -28.37
N THR A 371 -81.42 20.90 -27.38
CA THR A 371 -81.11 20.55 -26.00
C THR A 371 -82.01 19.42 -25.50
N GLN A 372 -83.31 19.51 -25.79
CA GLN A 372 -84.22 18.45 -25.39
C GLN A 372 -83.90 17.13 -26.09
N LEU A 373 -83.32 17.20 -27.29
CA LEU A 373 -82.99 15.98 -28.02
C LEU A 373 -81.74 15.30 -27.47
N ARG A 374 -80.76 16.07 -27.03
CA ARG A 374 -79.50 15.48 -26.56
C ARG A 374 -79.72 14.62 -25.32
N GLY A 375 -80.41 15.18 -24.32
CA GLY A 375 -80.67 14.48 -23.07
C GLY A 375 -80.68 15.42 -21.89
N GLY A 376 -81.58 15.16 -20.94
CA GLY A 376 -81.74 16.04 -19.79
C GLY A 376 -80.54 16.10 -18.86
N SER A 377 -79.66 15.09 -18.91
CA SER A 377 -78.48 15.10 -18.06
C SER A 377 -77.59 16.30 -18.37
N PHE A 378 -77.42 16.62 -19.66
CA PHE A 378 -76.62 17.77 -20.05
C PHE A 378 -77.19 19.06 -19.47
N GLU A 379 -78.51 19.27 -19.64
CA GLU A 379 -79.12 20.50 -19.17
C GLU A 379 -79.04 20.62 -17.66
N ASN A 380 -79.25 19.51 -16.94
CA ASN A 380 -79.16 19.56 -15.49
C ASN A 380 -77.75 19.86 -15.03
N ASN A 381 -76.74 19.28 -15.70
CA ASN A 381 -75.36 19.59 -15.35
C ASN A 381 -75.03 21.05 -15.61
N TRP A 382 -75.52 21.59 -16.74
CA TRP A 382 -75.26 22.99 -17.05
C TRP A 382 -75.92 23.91 -16.04
N ASN A 383 -77.13 23.57 -15.59
CA ASN A 383 -77.79 24.33 -14.54
C ASN A 383 -77.00 24.24 -13.23
N ILE A 384 -76.49 23.06 -12.92
CA ILE A 384 -75.68 22.88 -11.72
C ILE A 384 -74.42 23.74 -11.80
N TYR A 385 -73.76 23.74 -12.96
CA TYR A 385 -72.53 24.51 -13.11
C TYR A 385 -72.79 26.00 -12.94
N LYS A 386 -73.85 26.51 -13.55
CA LYS A 386 -74.17 27.93 -13.41
C LYS A 386 -74.52 28.27 -11.96
N LEU A 387 -75.16 27.35 -11.25
CA LEU A 387 -75.51 27.60 -9.86
C LEU A 387 -74.25 27.71 -9.00
N LEU A 388 -73.30 26.80 -9.19
CA LEU A 388 -72.13 26.74 -8.32
C LEU A 388 -71.01 27.68 -8.74
N ALA A 389 -71.06 28.22 -9.96
CA ALA A 389 -69.94 29.02 -10.45
C ALA A 389 -69.79 30.31 -9.66
N HIS A 390 -70.90 30.97 -9.35
CA HIS A 390 -70.90 32.24 -8.63
C HIS A 390 -72.00 32.23 -7.58
N GLN A 391 -71.78 33.00 -6.51
CA GLN A 391 -72.71 33.05 -5.39
C GLN A 391 -73.87 33.97 -5.75
N LYS A 392 -74.99 33.38 -6.16
CA LYS A 392 -76.19 34.16 -6.31
C LYS A 392 -76.65 34.64 -4.94
N PRO A 393 -77.18 35.87 -4.81
CA PRO A 393 -77.52 36.38 -3.48
C PRO A 393 -78.71 35.63 -2.89
N PRO A 394 -78.51 34.81 -1.85
CA PRO A 394 -79.65 34.04 -1.32
C PRO A 394 -80.60 34.93 -0.53
N LYS A 395 -81.85 34.48 -0.42
CA LYS A 395 -82.92 35.21 0.26
C LYS A 395 -83.76 34.36 1.18
N GLU A 396 -83.70 33.03 1.09
CA GLU A 396 -84.58 32.18 1.90
C GLU A 396 -84.24 32.32 3.38
N LYS A 397 -82.99 32.06 3.75
CA LYS A 397 -82.50 32.13 5.12
C LYS A 397 -83.36 31.26 6.05
N SER A 398 -83.54 30.01 5.65
CA SER A 398 -84.33 29.08 6.44
C SER A 398 -83.64 28.80 7.77
N ASN A 399 -84.41 28.23 8.70
CA ASN A 399 -83.90 27.90 10.02
C ASN A 399 -83.19 26.56 10.07
N PHE A 400 -83.08 25.84 8.97
CA PHE A 400 -82.44 24.54 8.98
C PHE A 400 -80.94 24.68 9.14
N SER A 401 -80.35 23.72 9.86
CA SER A 401 -78.92 23.65 10.13
C SER A 401 -78.40 22.29 9.69
N LEU A 402 -77.35 22.30 8.86
CA LEU A 402 -76.78 21.11 8.27
C LEU A 402 -75.33 20.94 8.70
N ALA A 403 -74.92 19.68 8.83
CA ALA A 403 -73.55 19.30 9.13
C ALA A 403 -73.08 18.28 8.11
N ILE A 404 -71.81 18.38 7.73
CA ILE A 404 -71.18 17.48 6.77
C ILE A 404 -69.96 16.87 7.43
N LEU A 405 -69.80 15.55 7.25
CA LEU A 405 -68.72 14.78 7.84
C LEU A 405 -67.95 14.04 6.76
N ASN A 406 -66.71 13.69 7.09
CA ASN A 406 -65.89 12.78 6.30
C ASN A 406 -65.56 11.58 7.18
N VAL A 407 -65.98 10.40 6.73
CA VAL A 407 -65.89 9.18 7.51
C VAL A 407 -65.29 8.09 6.62
N GLY A 408 -64.48 7.23 7.23
CA GLY A 408 -63.79 6.18 6.50
C GLY A 408 -62.41 6.63 6.07
N ALA A 409 -61.84 5.88 5.14
CA ALA A 409 -60.53 6.22 4.62
C ALA A 409 -60.64 7.43 3.68
N PRO A 410 -59.58 8.22 3.52
CA PRO A 410 -59.65 9.37 2.62
C PRO A 410 -59.71 8.90 1.17
N ALA A 411 -60.73 9.39 0.45
CA ALA A 411 -60.98 9.05 -0.94
C ALA A 411 -60.82 10.30 -1.80
N ALA A 412 -60.18 10.14 -2.96
CA ALA A 412 -59.89 11.25 -3.85
C ALA A 412 -61.18 11.77 -4.46
N GLY A 413 -61.70 12.87 -3.91
CA GLY A 413 -62.94 13.47 -4.38
C GLY A 413 -63.84 13.98 -3.27
N MET A 414 -63.55 13.60 -2.02
CA MET A 414 -64.35 14.06 -0.89
C MET A 414 -64.34 15.58 -0.76
N ASN A 415 -63.21 16.21 -1.11
CA ASN A 415 -63.12 17.67 -1.02
C ASN A 415 -64.05 18.34 -2.02
N ALA A 416 -64.16 17.79 -3.23
CA ALA A 416 -65.04 18.39 -4.24
C ALA A 416 -66.50 18.26 -3.82
N ALA A 417 -66.89 17.10 -3.29
CA ALA A 417 -68.27 16.92 -2.83
C ALA A 417 -68.58 17.83 -1.66
N VAL A 418 -67.61 18.03 -0.76
CA VAL A 418 -67.81 18.94 0.36
C VAL A 418 -68.01 20.37 -0.15
N ARG A 419 -67.22 20.76 -1.15
CA ARG A 419 -67.35 22.11 -1.72
C ARG A 419 -68.73 22.32 -2.33
N SER A 420 -69.17 21.36 -3.15
CA SER A 420 -70.46 21.47 -3.80
C SER A 420 -71.60 21.51 -2.78
N ALA A 421 -71.51 20.68 -1.75
CA ALA A 421 -72.56 20.63 -0.74
C ALA A 421 -72.62 21.93 0.07
N VAL A 422 -71.46 22.47 0.44
CA VAL A 422 -71.44 23.69 1.24
C VAL A 422 -71.99 24.87 0.44
N ARG A 423 -71.56 25.01 -0.81
CA ARG A 423 -72.02 26.14 -1.61
C ARG A 423 -73.51 26.04 -1.92
N THR A 424 -74.00 24.84 -2.22
CA THR A 424 -75.43 24.68 -2.48
C THR A 424 -76.24 24.96 -1.22
N GLY A 425 -75.73 24.53 -0.06
CA GLY A 425 -76.44 24.81 1.19
C GLY A 425 -76.49 26.28 1.51
N ILE A 426 -75.39 27.00 1.28
CA ILE A 426 -75.39 28.45 1.48
C ILE A 426 -76.37 29.11 0.50
N SER A 427 -76.48 28.59 -0.72
CA SER A 427 -77.40 29.16 -1.69
C SER A 427 -78.85 29.01 -1.24
N HIS A 428 -79.18 27.87 -0.65
CA HIS A 428 -80.53 27.62 -0.15
C HIS A 428 -80.80 28.26 1.22
N GLY A 429 -79.87 29.05 1.75
CA GLY A 429 -80.13 29.80 2.96
C GLY A 429 -80.04 29.01 4.25
N HIS A 430 -79.45 27.82 4.21
CA HIS A 430 -79.25 27.01 5.41
C HIS A 430 -77.88 27.29 6.01
N THR A 431 -77.81 27.27 7.34
CA THR A 431 -76.51 27.33 8.03
C THR A 431 -75.86 25.96 7.91
N VAL A 432 -74.65 25.93 7.35
CA VAL A 432 -73.95 24.69 7.02
C VAL A 432 -72.72 24.60 7.91
N TYR A 433 -72.50 23.43 8.48
CA TYR A 433 -71.36 23.14 9.32
C TYR A 433 -70.54 22.02 8.70
N VAL A 434 -69.25 22.03 9.01
CA VAL A 434 -68.33 20.96 8.65
C VAL A 434 -67.62 20.55 9.93
N VAL A 435 -67.45 19.23 10.10
CA VAL A 435 -66.86 18.66 11.31
C VAL A 435 -65.51 18.08 10.94
N HIS A 436 -64.50 18.37 11.76
CA HIS A 436 -63.18 17.82 11.58
C HIS A 436 -63.14 16.42 12.16
N ASP A 437 -62.41 15.51 11.50
CA ASP A 437 -62.17 14.16 12.00
C ASP A 437 -63.45 13.31 12.11
N GLY A 438 -64.53 13.71 11.43
CA GLY A 438 -65.71 12.86 11.37
C GLY A 438 -66.45 12.74 12.69
N PHE A 439 -67.03 11.55 12.91
CA PHE A 439 -67.86 11.32 14.10
C PHE A 439 -67.07 11.51 15.38
N GLU A 440 -65.79 11.12 15.39
CA GLU A 440 -64.97 11.30 16.58
C GLU A 440 -64.85 12.76 16.94
N GLY A 441 -64.65 13.62 15.95
CA GLY A 441 -64.63 15.04 16.22
C GLY A 441 -65.97 15.57 16.68
N LEU A 442 -67.06 15.11 16.04
CA LEU A 442 -68.41 15.54 16.43
C LEU A 442 -68.69 15.25 17.89
N ALA A 443 -68.22 14.10 18.38
CA ALA A 443 -68.28 13.83 19.81
C ALA A 443 -67.45 14.86 20.58
N LYS A 444 -66.26 15.18 20.09
CA LYS A 444 -65.40 16.20 20.70
C LYS A 444 -65.76 17.62 20.27
N GLY A 445 -66.93 17.82 19.65
CA GLY A 445 -67.28 19.11 19.09
C GLY A 445 -66.61 19.33 17.77
N GLN A 446 -65.67 20.29 17.72
CA GLN A 446 -64.88 20.59 16.52
C GLN A 446 -65.77 20.87 15.30
N VAL A 447 -66.95 21.44 15.55
CA VAL A 447 -67.92 21.78 14.51
C VAL A 447 -67.84 23.28 14.31
N GLN A 448 -67.73 23.70 13.05
CA GLN A 448 -67.62 25.11 12.71
C GLN A 448 -68.53 25.42 11.51
N GLU A 449 -69.17 26.58 11.57
CA GLU A 449 -69.87 27.09 10.40
C GLU A 449 -68.86 27.50 9.33
N VAL A 450 -69.28 27.42 8.08
CA VAL A 450 -68.43 27.63 6.92
C VAL A 450 -69.12 28.59 5.97
N GLY A 451 -68.36 29.57 5.47
CA GLY A 451 -68.81 30.48 4.45
C GLY A 451 -68.39 30.03 3.06
N TRP A 452 -68.88 30.78 2.07
CA TRP A 452 -68.55 30.47 0.68
C TRP A 452 -67.05 30.57 0.42
N HIS A 453 -66.40 31.61 0.95
CA HIS A 453 -64.98 31.83 0.65
C HIS A 453 -64.11 30.75 1.26
N ASP A 454 -64.56 30.14 2.36
CA ASP A 454 -63.72 29.20 3.11
C ASP A 454 -63.48 27.88 2.39
N VAL A 455 -64.18 27.61 1.28
CA VAL A 455 -64.12 26.33 0.60
C VAL A 455 -63.70 26.45 -0.87
N ALA A 456 -63.19 27.62 -1.28
CA ALA A 456 -62.76 27.79 -2.66
C ALA A 456 -61.47 27.02 -2.92
N GLY A 457 -61.34 26.52 -4.15
CA GLY A 457 -60.15 25.82 -4.58
C GLY A 457 -60.02 24.38 -4.11
N TRP A 458 -60.95 23.91 -3.28
CA TRP A 458 -60.88 22.53 -2.79
C TRP A 458 -61.14 21.50 -3.87
N LEU A 459 -61.73 21.89 -5.00
CA LEU A 459 -62.16 20.94 -6.02
C LEU A 459 -61.01 20.10 -6.55
N GLY A 460 -59.81 20.68 -6.61
CA GLY A 460 -58.66 20.02 -7.21
C GLY A 460 -57.66 19.44 -6.23
N ARG A 461 -58.10 19.14 -5.02
CA ARG A 461 -57.24 18.57 -3.97
C ARG A 461 -57.72 17.17 -3.64
N GLY A 462 -56.82 16.20 -3.75
CA GLY A 462 -57.11 14.84 -3.34
C GLY A 462 -57.12 14.71 -1.83
N GLY A 463 -57.36 13.49 -1.37
CA GLY A 463 -57.47 13.24 0.06
C GLY A 463 -58.65 14.00 0.64
N SER A 464 -58.50 14.40 1.91
CA SER A 464 -59.51 15.15 2.62
C SER A 464 -58.87 16.33 3.36
N MET A 465 -59.54 17.47 3.30
CA MET A 465 -59.15 18.64 4.08
C MET A 465 -59.73 18.62 5.48
N LEU A 466 -60.89 18.00 5.67
CA LEU A 466 -61.53 17.99 6.99
C LEU A 466 -60.85 17.00 7.92
N GLY A 467 -60.42 15.87 7.39
CA GLY A 467 -59.90 14.78 8.20
C GLY A 467 -60.98 13.75 8.46
N THR A 468 -60.66 12.49 8.18
CA THR A 468 -61.59 11.37 8.27
C THR A 468 -61.02 10.33 9.22
N LYS A 469 -61.90 9.74 10.04
CA LYS A 469 -61.53 8.72 11.01
C LYS A 469 -62.49 7.55 10.89
N ARG A 470 -61.94 6.35 11.11
CA ARG A 470 -62.72 5.13 11.04
C ARG A 470 -63.62 4.91 12.25
N THR A 471 -63.56 5.78 13.24
CA THR A 471 -64.32 5.61 14.48
C THR A 471 -65.81 5.58 14.20
N LEU A 472 -66.51 4.65 14.86
CA LEU A 472 -67.95 4.53 14.79
C LEU A 472 -68.61 5.30 15.92
N PRO A 473 -69.88 5.70 15.76
CA PRO A 473 -70.45 6.69 16.68
C PRO A 473 -70.95 6.13 18.01
N LYS A 474 -71.30 4.84 18.05
CA LYS A 474 -71.95 4.28 19.23
C LYS A 474 -71.05 4.33 20.47
N GLY A 475 -69.73 4.39 20.29
CA GLY A 475 -68.84 4.53 21.43
C GLY A 475 -68.85 5.92 22.06
N GLN A 476 -69.38 6.92 21.36
CA GLN A 476 -69.41 8.30 21.83
C GLN A 476 -70.74 8.96 21.49
N LEU A 477 -71.83 8.19 21.55
CA LEU A 477 -73.15 8.73 21.21
C LEU A 477 -73.56 9.85 22.16
N GLU A 478 -73.21 9.73 23.44
CA GLU A 478 -73.63 10.72 24.43
C GLU A 478 -73.01 12.08 24.12
N SER A 479 -71.71 12.10 23.86
CA SER A 479 -71.06 13.37 23.51
C SER A 479 -71.56 13.89 22.17
N ILE A 480 -71.90 12.99 21.25
CA ILE A 480 -72.49 13.41 19.96
C ILE A 480 -73.82 14.10 20.20
N VAL A 481 -74.66 13.52 21.07
CA VAL A 481 -75.97 14.11 21.35
C VAL A 481 -75.80 15.46 22.04
N GLU A 482 -74.82 15.57 22.94
CA GLU A 482 -74.59 16.83 23.64
C GLU A 482 -74.20 17.93 22.66
N ASN A 483 -73.26 17.65 21.76
CA ASN A 483 -72.83 18.66 20.80
C ASN A 483 -73.94 18.99 19.81
N ILE A 484 -74.73 17.99 19.41
CA ILE A 484 -75.84 18.24 18.49
C ILE A 484 -76.83 19.23 19.09
N ARG A 485 -77.16 19.06 20.37
CA ARG A 485 -78.06 20.00 21.02
C ARG A 485 -77.43 21.37 21.19
N ILE A 486 -76.12 21.41 21.46
CA ILE A 486 -75.45 22.70 21.66
C ILE A 486 -75.47 23.51 20.38
N TYR A 487 -75.10 22.89 19.27
CA TYR A 487 -74.97 23.59 17.99
C TYR A 487 -76.26 23.59 17.17
N GLY A 488 -77.31 22.92 17.62
CA GLY A 488 -78.58 22.95 16.91
C GLY A 488 -78.53 22.36 15.53
N ILE A 489 -77.73 21.31 15.32
CA ILE A 489 -77.64 20.68 14.01
C ILE A 489 -78.95 19.96 13.72
N HIS A 490 -79.51 20.21 12.54
CA HIS A 490 -80.80 19.68 12.13
C HIS A 490 -80.72 18.70 10.96
N ALA A 491 -79.52 18.41 10.44
CA ALA A 491 -79.38 17.38 9.42
C ALA A 491 -77.91 17.02 9.29
N LEU A 492 -77.66 15.76 8.97
CA LEU A 492 -76.32 15.23 8.76
C LEU A 492 -76.17 14.79 7.31
N LEU A 493 -75.04 15.13 6.70
CA LEU A 493 -74.67 14.64 5.37
C LEU A 493 -73.29 14.00 5.50
N VAL A 494 -73.26 12.72 5.82
CA VAL A 494 -72.02 12.00 6.08
C VAL A 494 -71.54 11.42 4.76
N VAL A 495 -70.58 12.08 4.13
CA VAL A 495 -69.94 11.58 2.92
C VAL A 495 -68.74 10.73 3.35
N GLY A 496 -68.64 9.53 2.79
CA GLY A 496 -67.61 8.62 3.24
C GLY A 496 -67.84 7.22 2.70
N GLY A 497 -67.24 6.25 3.37
CA GLY A 497 -67.26 4.86 2.94
C GLY A 497 -68.17 3.98 3.77
N PHE A 498 -67.75 2.72 3.95
CA PHE A 498 -68.57 1.77 4.70
C PHE A 498 -68.74 2.20 6.15
N GLU A 499 -67.73 2.84 6.74
CA GLU A 499 -67.82 3.30 8.11
C GLU A 499 -68.93 4.34 8.27
N ALA A 500 -69.17 5.14 7.24
CA ALA A 500 -70.26 6.11 7.27
C ALA A 500 -71.61 5.40 7.32
N TYR A 501 -71.77 4.39 6.46
CA TYR A 501 -73.03 3.64 6.43
C TYR A 501 -73.30 2.95 7.75
N GLU A 502 -72.26 2.33 8.33
CA GLU A 502 -72.42 1.66 9.61
C GLU A 502 -72.78 2.66 10.70
N GLY A 503 -72.13 3.83 10.70
CA GLY A 503 -72.43 4.83 11.70
C GLY A 503 -73.84 5.36 11.61
N VAL A 504 -74.29 5.67 10.39
CA VAL A 504 -75.66 6.16 10.20
C VAL A 504 -76.66 5.08 10.57
N LEU A 505 -76.36 3.82 10.27
CA LEU A 505 -77.27 2.74 10.64
C LEU A 505 -77.36 2.60 12.16
N GLN A 506 -76.23 2.74 12.86
CA GLN A 506 -76.25 2.68 14.32
C GLN A 506 -77.04 3.85 14.90
N LEU A 507 -76.90 5.04 14.32
CA LEU A 507 -77.64 6.19 14.81
C LEU A 507 -79.14 6.03 14.60
N VAL A 508 -79.54 5.46 13.46
CA VAL A 508 -80.96 5.23 13.22
C VAL A 508 -81.50 4.20 14.21
N GLU A 509 -80.75 3.12 14.44
CA GLU A 509 -81.17 2.12 15.42
C GLU A 509 -81.19 2.68 16.82
N ALA A 510 -80.42 3.73 17.10
CA ALA A 510 -80.41 4.39 18.40
C ALA A 510 -81.45 5.49 18.54
N ARG A 511 -82.34 5.66 17.55
CA ARG A 511 -83.33 6.74 17.62
C ARG A 511 -84.28 6.55 18.79
N GLY A 512 -84.65 5.30 19.09
CA GLY A 512 -85.52 5.05 20.22
C GLY A 512 -84.92 5.46 21.54
N ARG A 513 -83.59 5.31 21.68
CA ARG A 513 -82.92 5.66 22.92
C ARG A 513 -82.75 7.17 23.09
N TYR A 514 -82.54 7.91 22.00
CA TYR A 514 -82.29 9.34 22.02
C TYR A 514 -83.23 10.04 21.05
N GLU A 515 -84.01 11.00 21.56
CA GLU A 515 -84.97 11.70 20.74
C GLU A 515 -84.30 12.64 19.74
N GLU A 516 -83.16 13.23 20.11
CA GLU A 516 -82.48 14.17 19.22
C GLU A 516 -81.99 13.51 17.95
N LEU A 517 -81.78 12.19 17.97
CA LEU A 517 -81.41 11.47 16.75
C LEU A 517 -82.55 11.36 15.75
N CYS A 518 -83.75 11.85 16.07
CA CYS A 518 -84.80 11.96 15.07
C CYS A 518 -84.46 13.08 14.09
N ILE A 519 -83.46 12.84 13.23
CA ILE A 519 -82.87 13.87 12.39
C ILE A 519 -82.70 13.30 10.98
N VAL A 520 -82.68 14.19 10.00
CA VAL A 520 -82.55 13.80 8.61
C VAL A 520 -81.09 13.53 8.32
N MET A 521 -80.81 12.40 7.66
CA MET A 521 -79.45 11.96 7.39
C MET A 521 -79.35 11.48 5.95
N CYS A 522 -78.18 11.68 5.35
CA CYS A 522 -77.91 11.14 4.03
C CYS A 522 -76.44 10.74 3.95
N VAL A 523 -76.18 9.69 3.17
CA VAL A 523 -74.85 9.10 3.04
C VAL A 523 -74.45 9.16 1.58
N ILE A 524 -73.24 9.65 1.32
CA ILE A 524 -72.65 9.70 -0.02
C ILE A 524 -71.55 8.64 -0.06
N PRO A 525 -71.64 7.61 -0.91
CA PRO A 525 -70.59 6.57 -0.91
C PRO A 525 -69.28 7.11 -1.43
N ALA A 526 -68.22 6.94 -0.63
CA ALA A 526 -66.91 7.51 -0.95
C ALA A 526 -65.86 6.60 -0.34
N THR A 527 -65.32 5.69 -1.14
CA THR A 527 -64.25 4.80 -0.71
C THR A 527 -63.68 4.13 -1.96
N ILE A 528 -62.36 3.94 -1.98
CA ILE A 528 -61.71 3.31 -3.12
C ILE A 528 -62.17 1.87 -3.33
N SER A 529 -62.70 1.23 -2.29
CA SER A 529 -63.10 -0.18 -2.39
C SER A 529 -64.34 -0.35 -3.26
N ASN A 530 -65.22 0.66 -3.32
CA ASN A 530 -66.52 0.54 -3.97
C ASN A 530 -67.35 -0.58 -3.33
N ASN A 531 -67.26 -0.66 -2.00
CA ASN A 531 -67.95 -1.68 -1.21
C ASN A 531 -69.14 -1.13 -0.44
N VAL A 532 -69.58 0.09 -0.74
CA VAL A 532 -70.72 0.68 -0.04
C VAL A 532 -71.99 0.17 -0.73
N PRO A 533 -73.04 -0.24 -0.01
CA PRO A 533 -74.26 -0.67 -0.71
C PRO A 533 -75.01 0.51 -1.30
N GLY A 534 -75.88 0.18 -2.27
CA GLY A 534 -76.78 1.17 -2.83
C GLY A 534 -76.20 2.07 -3.89
N THR A 535 -75.02 1.74 -4.43
CA THR A 535 -74.41 2.52 -5.49
C THR A 535 -73.66 1.58 -6.42
N ASP A 536 -73.18 2.14 -7.53
CA ASP A 536 -72.39 1.42 -8.51
C ASP A 536 -70.97 1.94 -8.66
N PHE A 537 -70.70 3.20 -8.30
CA PHE A 537 -69.35 3.76 -8.29
C PHE A 537 -69.25 4.68 -7.10
N SER A 538 -68.52 4.26 -6.07
CA SER A 538 -68.29 5.12 -4.93
C SER A 538 -67.33 6.25 -5.30
N LEU A 539 -67.54 7.42 -4.70
CA LEU A 539 -66.72 8.59 -5.00
C LEU A 539 -65.27 8.33 -4.64
N GLY A 540 -64.39 8.43 -5.64
CA GLY A 540 -62.97 8.21 -5.46
C GLY A 540 -62.46 6.87 -5.98
N SER A 541 -63.34 6.00 -6.47
CA SER A 541 -62.89 4.72 -6.99
C SER A 541 -62.03 4.90 -8.25
N ASP A 542 -62.44 5.80 -9.15
CA ASP A 542 -61.75 5.93 -10.42
C ASP A 542 -60.32 6.43 -10.25
N THR A 543 -60.09 7.32 -9.30
CA THR A 543 -58.72 7.76 -9.01
C THR A 543 -57.87 6.58 -8.56
N ALA A 544 -58.44 5.69 -7.76
CA ALA A 544 -57.65 4.57 -7.25
C ALA A 544 -57.35 3.55 -8.34
N VAL A 545 -58.31 3.32 -9.24
CA VAL A 545 -58.05 2.43 -10.36
C VAL A 545 -56.95 3.00 -11.24
N ASN A 546 -56.98 4.32 -11.49
CA ASN A 546 -55.99 4.95 -12.35
C ASN A 546 -54.59 4.89 -11.74
N ALA A 547 -54.47 5.14 -10.44
CA ALA A 547 -53.16 5.01 -9.81
C ALA A 547 -52.68 3.56 -9.83
N ALA A 548 -53.62 2.61 -9.69
CA ALA A 548 -53.24 1.20 -9.65
C ALA A 548 -52.66 0.73 -10.99
N MET A 549 -53.29 1.12 -12.10
CA MET A 549 -52.79 0.66 -13.39
C MET A 549 -51.45 1.29 -13.73
N GLU A 550 -51.26 2.55 -13.33
CA GLU A 550 -50.02 3.25 -13.63
C GLU A 550 -48.84 2.53 -12.98
N SER A 551 -49.00 2.14 -11.71
CA SER A 551 -47.97 1.35 -11.05
C SER A 551 -47.83 -0.02 -11.69
N CYS A 552 -48.95 -0.65 -12.04
CA CYS A 552 -48.89 -1.99 -12.62
C CYS A 552 -48.30 -1.97 -14.03
N ASP A 553 -48.55 -0.91 -14.80
CA ASP A 553 -47.94 -0.80 -16.12
C ASP A 553 -46.44 -0.56 -16.01
N ARG A 554 -46.01 0.23 -15.01
CA ARG A 554 -44.58 0.38 -14.76
C ARG A 554 -43.95 -0.95 -14.41
N ILE A 555 -44.65 -1.76 -13.61
CA ILE A 555 -44.10 -3.05 -13.20
C ILE A 555 -44.05 -4.02 -14.39
N LYS A 556 -45.06 -3.96 -15.27
CA LYS A 556 -45.02 -4.80 -16.46
C LYS A 556 -43.83 -4.43 -17.34
N GLN A 557 -43.54 -3.14 -17.47
CA GLN A 557 -42.39 -2.72 -18.25
C GLN A 557 -41.09 -3.20 -17.60
N SER A 558 -41.01 -3.11 -16.27
CA SER A 558 -39.83 -3.61 -15.56
C SER A 558 -39.67 -5.10 -15.73
N ALA A 559 -40.78 -5.84 -15.68
CA ALA A 559 -40.74 -7.29 -15.90
C ALA A 559 -40.28 -7.62 -17.32
N SER A 560 -40.79 -6.88 -18.30
CA SER A 560 -40.38 -7.11 -19.69
C SER A 560 -38.90 -6.82 -19.88
N GLY A 561 -38.33 -5.88 -19.12
CA GLY A 561 -36.90 -5.62 -19.22
C GLY A 561 -36.06 -6.81 -18.82
N THR A 562 -36.34 -7.38 -17.64
CA THR A 562 -35.71 -8.61 -17.19
C THR A 562 -36.60 -9.77 -17.62
N LYS A 563 -36.34 -10.29 -18.82
CA LYS A 563 -37.15 -11.36 -19.39
C LYS A 563 -37.19 -12.57 -18.46
N ARG A 564 -38.25 -13.35 -18.58
CA ARG A 564 -38.53 -14.49 -17.71
C ARG A 564 -38.68 -14.04 -16.26
N ARG A 565 -39.75 -13.28 -16.01
CA ARG A 565 -40.08 -12.83 -14.66
C ARG A 565 -41.58 -12.74 -14.51
N VAL A 566 -42.07 -13.06 -13.31
CA VAL A 566 -43.49 -13.02 -12.95
C VAL A 566 -43.63 -12.20 -11.67
N PHE A 567 -44.56 -11.26 -11.66
CA PHE A 567 -44.75 -10.32 -10.56
C PHE A 567 -46.05 -10.62 -9.82
N ILE A 568 -45.94 -10.74 -8.50
CA ILE A 568 -47.10 -10.85 -7.61
C ILE A 568 -47.33 -9.47 -7.02
N VAL A 569 -48.48 -8.86 -7.34
CA VAL A 569 -48.83 -7.53 -6.89
C VAL A 569 -50.07 -7.64 -6.01
N GLU A 570 -50.05 -6.90 -4.91
CA GLU A 570 -51.16 -6.85 -3.96
C GLU A 570 -51.82 -5.48 -4.04
N THR A 571 -53.15 -5.49 -4.14
CA THR A 571 -53.96 -4.27 -4.20
C THR A 571 -54.92 -4.24 -3.02
N MET A 572 -55.22 -3.03 -2.56
CA MET A 572 -56.10 -2.82 -1.42
C MET A 572 -57.56 -2.98 -1.86
N GLY A 573 -58.47 -2.87 -0.89
CA GLY A 573 -59.89 -2.90 -1.12
C GLY A 573 -60.67 -3.76 -0.13
N GLY A 574 -59.98 -4.36 0.83
CA GLY A 574 -60.66 -5.29 1.72
C GLY A 574 -61.11 -6.52 0.96
N TYR A 575 -62.19 -7.13 1.45
CA TYR A 575 -62.72 -8.32 0.79
C TYR A 575 -63.33 -8.00 -0.58
N CYS A 576 -63.75 -6.76 -0.80
CA CYS A 576 -64.38 -6.39 -2.07
C CYS A 576 -63.33 -6.40 -3.17
N GLY A 577 -63.55 -7.24 -4.19
CA GLY A 577 -62.59 -7.41 -5.25
C GLY A 577 -62.82 -6.53 -6.47
N TYR A 578 -63.62 -5.46 -6.31
CA TYR A 578 -63.87 -4.55 -7.42
C TYR A 578 -62.57 -3.98 -7.97
N LEU A 579 -61.70 -3.51 -7.08
CA LEU A 579 -60.45 -2.91 -7.52
C LEU A 579 -59.53 -3.95 -8.18
N ALA A 580 -59.50 -5.17 -7.63
CA ALA A 580 -58.68 -6.22 -8.22
C ALA A 580 -59.17 -6.60 -9.61
N THR A 581 -60.49 -6.73 -9.77
CA THR A 581 -61.06 -7.13 -11.05
C THR A 581 -60.80 -6.06 -12.11
N VAL A 582 -61.21 -4.82 -11.84
CA VAL A 582 -61.12 -3.77 -12.85
C VAL A 582 -59.66 -3.47 -13.19
N THR A 583 -58.78 -3.52 -12.19
CA THR A 583 -57.37 -3.27 -12.46
C THR A 583 -56.77 -4.40 -13.29
N GLY A 584 -57.12 -5.64 -12.98
CA GLY A 584 -56.60 -6.77 -13.74
C GLY A 584 -57.01 -6.73 -15.19
N ILE A 585 -58.26 -6.36 -15.46
CA ILE A 585 -58.70 -6.18 -16.84
C ILE A 585 -57.98 -4.99 -17.46
N ALA A 586 -57.74 -3.95 -16.67
CA ALA A 586 -57.22 -2.70 -17.21
C ALA A 586 -55.77 -2.82 -17.66
N VAL A 587 -54.97 -3.65 -16.98
CA VAL A 587 -53.55 -3.81 -17.27
C VAL A 587 -53.24 -5.18 -17.89
N GLY A 588 -54.26 -5.95 -18.25
CA GLY A 588 -54.01 -7.24 -18.86
C GLY A 588 -53.25 -8.22 -17.97
N ALA A 589 -53.56 -8.21 -16.67
CA ALA A 589 -52.90 -9.12 -15.75
C ALA A 589 -53.33 -10.56 -16.05
N ASP A 590 -52.38 -11.49 -15.91
CA ASP A 590 -52.65 -12.87 -16.27
C ASP A 590 -53.67 -13.51 -15.34
N ALA A 591 -53.76 -13.05 -14.09
CA ALA A 591 -54.72 -13.58 -13.14
C ALA A 591 -54.96 -12.54 -12.05
N ALA A 592 -56.13 -12.66 -11.41
CA ALA A 592 -56.51 -11.74 -10.34
C ALA A 592 -57.38 -12.53 -9.36
N TYR A 593 -56.74 -13.05 -8.32
CA TYR A 593 -57.46 -13.85 -7.33
C TYR A 593 -58.29 -12.97 -6.43
N VAL A 594 -59.59 -13.26 -6.35
CA VAL A 594 -60.57 -12.42 -5.69
C VAL A 594 -61.39 -13.28 -4.73
N PHE A 595 -61.86 -12.66 -3.65
CA PHE A 595 -62.62 -13.38 -2.62
C PHE A 595 -63.87 -14.03 -3.20
N GLU A 596 -64.61 -13.30 -4.04
CA GLU A 596 -65.86 -13.81 -4.61
C GLU A 596 -65.67 -15.01 -5.53
N ASP A 597 -64.42 -15.31 -5.95
CA ASP A 597 -64.07 -16.50 -6.70
C ASP A 597 -63.21 -17.37 -5.79
N PRO A 598 -63.80 -18.25 -4.97
CA PRO A 598 -62.97 -19.12 -4.12
C PRO A 598 -62.08 -20.01 -4.95
N PHE A 599 -60.85 -20.19 -4.48
CA PHE A 599 -59.82 -20.89 -5.21
C PHE A 599 -59.04 -21.81 -4.28
N ASN A 600 -58.73 -23.01 -4.78
CA ASN A 600 -57.99 -24.04 -4.07
C ASN A 600 -56.61 -24.18 -4.69
N ILE A 601 -55.82 -25.13 -4.16
CA ILE A 601 -54.45 -25.33 -4.65
C ILE A 601 -54.45 -25.75 -6.11
N HIS A 602 -55.48 -26.48 -6.55
CA HIS A 602 -55.53 -26.92 -7.94
C HIS A 602 -55.61 -25.74 -8.89
N ASP A 603 -56.28 -24.67 -8.49
CA ASP A 603 -56.38 -23.49 -9.34
C ASP A 603 -55.03 -22.79 -9.45
N LEU A 604 -54.30 -22.69 -8.34
CA LEU A 604 -52.98 -22.08 -8.37
C LEU A 604 -52.03 -22.88 -9.26
N LYS A 605 -52.09 -24.21 -9.18
CA LYS A 605 -51.28 -25.03 -10.05
C LYS A 605 -51.64 -24.79 -11.52
N VAL A 606 -52.93 -24.74 -11.83
CA VAL A 606 -53.38 -24.57 -13.20
C VAL A 606 -52.90 -23.23 -13.75
N ASN A 607 -53.02 -22.16 -12.95
CA ASN A 607 -52.49 -20.87 -13.37
C ASN A 607 -50.97 -20.92 -13.54
N VAL A 608 -50.28 -21.75 -12.75
CA VAL A 608 -48.83 -21.84 -12.87
C VAL A 608 -48.45 -22.47 -14.20
N GLU A 609 -49.14 -23.53 -14.62
CA GLU A 609 -48.88 -24.08 -15.94
C GLU A 609 -49.22 -23.09 -17.04
N HIS A 610 -50.24 -22.25 -16.82
CA HIS A 610 -50.57 -21.22 -17.79
C HIS A 610 -49.43 -20.21 -17.93
N MET A 611 -48.82 -19.82 -16.82
CA MET A 611 -47.68 -18.91 -16.89
C MET A 611 -46.45 -19.61 -17.45
N THR A 612 -46.28 -20.91 -17.17
CA THR A 612 -45.14 -21.64 -17.68
C THR A 612 -45.19 -21.74 -19.20
N GLU A 613 -46.34 -22.13 -19.76
CA GLU A 613 -46.46 -22.20 -21.22
C GLU A 613 -46.36 -20.83 -21.85
N LYS A 614 -46.85 -19.79 -21.17
CA LYS A 614 -46.76 -18.44 -21.71
C LYS A 614 -45.30 -17.98 -21.78
N MET A 615 -44.46 -18.46 -20.88
CA MET A 615 -43.06 -18.06 -20.87
C MET A 615 -42.30 -18.57 -22.09
N LYS A 616 -42.81 -19.61 -22.76
CA LYS A 616 -42.17 -20.12 -23.97
C LYS A 616 -42.40 -19.24 -25.19
N THR A 617 -43.39 -18.34 -25.15
CA THR A 617 -43.70 -17.49 -26.28
C THR A 617 -42.70 -16.33 -26.35
N ASP A 618 -42.96 -15.37 -27.24
CA ASP A 618 -42.03 -14.24 -27.38
C ASP A 618 -42.16 -13.28 -26.22
N ILE A 619 -43.38 -13.06 -25.74
CA ILE A 619 -43.62 -12.21 -24.58
C ILE A 619 -43.24 -13.00 -23.33
N GLN A 620 -42.00 -12.82 -22.87
CA GLN A 620 -41.45 -13.58 -21.75
C GLN A 620 -41.53 -12.72 -20.50
N ARG A 621 -42.74 -12.65 -19.93
CA ARG A 621 -42.98 -11.88 -18.71
C ARG A 621 -44.23 -12.44 -18.06
N GLY A 622 -44.79 -11.68 -17.11
CA GLY A 622 -46.02 -12.08 -16.49
C GLY A 622 -46.43 -11.10 -15.41
N LEU A 623 -47.63 -11.30 -14.90
CA LEU A 623 -48.17 -10.47 -13.82
C LEU A 623 -49.44 -11.13 -13.31
N VAL A 624 -49.58 -11.15 -11.98
CA VAL A 624 -50.78 -11.64 -11.33
C VAL A 624 -51.09 -10.72 -10.15
N LEU A 625 -52.32 -10.22 -10.11
CA LEU A 625 -52.78 -9.37 -9.02
C LEU A 625 -53.46 -10.22 -7.96
N ARG A 626 -53.56 -9.65 -6.76
CA ARG A 626 -54.13 -10.38 -5.62
C ARG A 626 -54.74 -9.36 -4.67
N ASN A 627 -56.05 -9.47 -4.42
CA ASN A 627 -56.67 -8.64 -3.40
C ASN A 627 -56.04 -8.94 -2.04
N GLU A 628 -55.96 -7.91 -1.20
CA GLU A 628 -55.19 -8.00 0.04
C GLU A 628 -55.72 -9.06 1.01
N LYS A 629 -56.97 -9.50 0.86
CA LYS A 629 -57.56 -10.52 1.72
C LYS A 629 -58.46 -11.43 0.90
N CYS A 630 -57.95 -11.91 -0.24
CA CYS A 630 -58.70 -12.86 -1.06
C CYS A 630 -58.74 -14.26 -0.45
N HIS A 631 -57.89 -14.57 0.53
CA HIS A 631 -57.85 -15.89 1.12
C HIS A 631 -57.29 -15.78 2.53
N ASP A 632 -57.71 -16.71 3.38
CA ASP A 632 -57.27 -16.69 4.77
C ASP A 632 -55.85 -17.21 4.93
N TYR A 633 -55.46 -18.23 4.15
CA TYR A 633 -54.16 -18.89 4.25
C TYR A 633 -53.25 -18.59 3.08
N TYR A 634 -53.72 -18.72 1.84
CA TYR A 634 -52.86 -18.49 0.69
C TYR A 634 -52.54 -17.02 0.54
N THR A 635 -51.68 -16.50 1.43
CA THR A 635 -51.28 -15.11 1.37
C THR A 635 -50.36 -14.87 0.18
N THR A 636 -49.98 -13.61 -0.02
CA THR A 636 -49.14 -13.25 -1.16
C THR A 636 -47.78 -13.93 -1.10
N GLU A 637 -47.21 -14.06 0.11
CA GLU A 637 -45.93 -14.73 0.27
C GLU A 637 -46.03 -16.20 -0.12
N PHE A 638 -47.16 -16.83 0.18
CA PHE A 638 -47.39 -18.21 -0.22
C PHE A 638 -47.38 -18.34 -1.74
N LEU A 639 -48.08 -17.43 -2.43
CA LEU A 639 -48.15 -17.50 -3.89
C LEU A 639 -46.79 -17.27 -4.52
N TYR A 640 -46.00 -16.35 -3.96
CA TYR A 640 -44.63 -16.15 -4.44
C TYR A 640 -43.82 -17.43 -4.31
N ASN A 641 -43.93 -18.11 -3.16
CA ASN A 641 -43.20 -19.35 -2.96
C ASN A 641 -43.65 -20.43 -3.93
N LEU A 642 -44.97 -20.52 -4.18
CA LEU A 642 -45.47 -21.56 -5.07
C LEU A 642 -45.00 -21.34 -6.50
N TYR A 643 -45.14 -20.11 -7.00
CA TYR A 643 -44.73 -19.82 -8.37
C TYR A 643 -43.23 -19.99 -8.56
N SER A 644 -42.43 -19.53 -7.59
CA SER A 644 -40.99 -19.65 -7.70
C SER A 644 -40.55 -21.10 -7.71
N SER A 645 -41.12 -21.91 -6.81
CA SER A 645 -40.73 -23.32 -6.75
C SER A 645 -41.17 -24.07 -8.00
N GLU A 646 -42.37 -23.79 -8.49
CA GLU A 646 -42.92 -24.52 -9.62
C GLU A 646 -42.35 -24.08 -10.97
N GLY A 647 -41.66 -22.94 -11.03
CA GLY A 647 -41.12 -22.42 -12.27
C GLY A 647 -39.61 -22.41 -12.34
N LYS A 648 -38.95 -23.20 -11.49
CA LYS A 648 -37.49 -23.28 -11.49
C LYS A 648 -36.99 -23.75 -12.85
N GLY A 649 -36.08 -22.96 -13.44
CA GLY A 649 -35.56 -23.23 -14.76
C GLY A 649 -36.31 -22.54 -15.89
N VAL A 650 -37.56 -22.13 -15.65
CA VAL A 650 -38.35 -21.41 -16.66
C VAL A 650 -38.41 -19.92 -16.34
N PHE A 651 -38.75 -19.57 -15.10
CA PHE A 651 -38.87 -18.18 -14.71
C PHE A 651 -38.63 -18.05 -13.21
N ASP A 652 -38.24 -16.85 -12.81
CA ASP A 652 -38.20 -16.46 -11.41
C ASP A 652 -39.42 -15.59 -11.11
N CYS A 653 -39.60 -15.28 -9.83
CA CYS A 653 -40.76 -14.56 -9.35
C CYS A 653 -40.33 -13.46 -8.39
N ARG A 654 -41.17 -12.42 -8.31
CA ARG A 654 -40.96 -11.31 -7.40
C ARG A 654 -42.32 -10.84 -6.91
N THR A 655 -42.30 -10.11 -5.79
CA THR A 655 -43.52 -9.66 -5.11
C THR A 655 -43.47 -8.15 -4.92
N ASN A 656 -44.65 -7.55 -4.95
CA ASN A 656 -44.81 -6.13 -4.66
C ASN A 656 -46.16 -5.93 -3.99
N VAL A 657 -46.24 -4.84 -3.23
CA VAL A 657 -47.43 -4.52 -2.43
C VAL A 657 -47.72 -3.04 -2.64
N LEU A 658 -48.68 -2.74 -3.52
CA LEU A 658 -49.12 -1.36 -3.73
C LEU A 658 -49.82 -0.88 -2.48
N GLY A 659 -49.17 0.00 -1.73
CA GLY A 659 -49.67 0.42 -0.43
C GLY A 659 -50.83 1.38 -0.49
N HIS A 660 -50.80 2.42 0.37
CA HIS A 660 -51.74 3.53 0.28
C HIS A 660 -51.48 4.43 -0.91
N LEU A 661 -50.44 4.14 -1.70
CA LEU A 661 -50.30 4.63 -3.07
C LEU A 661 -51.57 4.43 -3.90
N GLN A 662 -52.36 3.39 -3.59
CA GLN A 662 -53.62 3.17 -4.29
C GLN A 662 -54.55 4.38 -4.22
N GLN A 663 -54.48 5.18 -3.15
CA GLN A 663 -55.42 6.28 -3.02
C GLN A 663 -55.16 7.41 -4.02
N GLY A 664 -54.06 7.39 -4.76
CA GLY A 664 -53.84 8.35 -5.82
C GLY A 664 -53.55 9.75 -5.34
N GLY A 665 -53.11 10.61 -6.25
CA GLY A 665 -52.81 12.00 -5.93
C GLY A 665 -54.00 12.91 -6.13
N ALA A 666 -53.94 13.72 -7.19
CA ALA A 666 -55.06 14.60 -7.50
C ALA A 666 -56.20 13.78 -8.13
N PRO A 667 -57.47 14.10 -7.86
CA PRO A 667 -58.55 13.30 -8.45
C PRO A 667 -58.68 13.54 -9.94
N THR A 668 -59.18 12.51 -10.63
CA THR A 668 -59.40 12.56 -12.06
C THR A 668 -60.64 13.42 -12.34
N PRO A 669 -60.87 13.83 -13.60
CA PRO A 669 -62.09 14.62 -13.89
C PRO A 669 -63.38 13.94 -13.53
N PHE A 670 -63.47 12.61 -13.70
CA PHE A 670 -64.71 11.92 -13.40
C PHE A 670 -65.06 12.02 -11.92
N ASP A 671 -64.07 11.81 -11.04
CA ASP A 671 -64.33 11.92 -9.60
C ASP A 671 -64.68 13.35 -9.20
N ARG A 672 -64.09 14.35 -9.86
CA ARG A 672 -64.44 15.73 -9.58
C ARG A 672 -65.91 16.00 -9.94
N ASN A 673 -66.31 15.66 -11.16
CA ASN A 673 -67.69 15.90 -11.58
C ASN A 673 -68.66 15.06 -10.78
N TYR A 674 -68.31 13.79 -10.51
CA TYR A 674 -69.20 12.93 -9.74
C TYR A 674 -69.36 13.45 -8.32
N GLY A 675 -68.29 13.96 -7.71
CA GLY A 675 -68.42 14.55 -6.40
C GLY A 675 -69.28 15.79 -6.40
N THR A 676 -69.14 16.64 -7.42
CA THR A 676 -69.95 17.85 -7.51
C THR A 676 -71.43 17.50 -7.69
N LYS A 677 -71.72 16.57 -8.59
CA LYS A 677 -73.11 16.19 -8.86
C LYS A 677 -73.76 15.54 -7.63
N LEU A 678 -73.01 14.67 -6.94
CA LEU A 678 -73.57 14.03 -5.76
C LEU A 678 -73.76 15.03 -4.63
N GLY A 679 -72.84 15.99 -4.51
CA GLY A 679 -72.99 17.00 -3.46
C GLY A 679 -74.23 17.85 -3.65
N VAL A 680 -74.44 18.33 -4.89
CA VAL A 680 -75.60 19.18 -5.14
C VAL A 680 -76.90 18.38 -5.02
N LYS A 681 -76.94 17.16 -5.58
CA LYS A 681 -78.18 16.40 -5.56
C LYS A 681 -78.53 15.94 -4.16
N ALA A 682 -77.53 15.57 -3.37
CA ALA A 682 -77.79 15.25 -1.98
C ALA A 682 -78.31 16.47 -1.23
N MET A 683 -77.74 17.64 -1.50
CA MET A 683 -78.18 18.86 -0.83
C MET A 683 -79.63 19.19 -1.20
N LEU A 684 -80.00 18.98 -2.47
CA LEU A 684 -81.39 19.20 -2.87
C LEU A 684 -82.32 18.23 -2.17
N TRP A 685 -81.92 16.96 -2.07
CA TRP A 685 -82.78 15.97 -1.42
C TRP A 685 -82.91 16.25 0.07
N LEU A 686 -81.83 16.69 0.71
CA LEU A 686 -81.91 17.14 2.10
C LEU A 686 -82.94 18.25 2.23
N SER A 687 -82.71 19.36 1.52
CA SER A 687 -83.57 20.55 1.62
C SER A 687 -85.03 20.22 1.36
N GLU A 688 -85.30 19.30 0.44
CA GLU A 688 -86.67 18.86 0.19
C GLU A 688 -87.24 18.12 1.39
N LYS A 689 -86.49 17.15 1.93
CA LYS A 689 -87.02 16.39 3.05
C LYS A 689 -87.11 17.24 4.31
N LEU A 690 -86.15 18.15 4.51
CA LEU A 690 -86.17 18.99 5.71
C LEU A 690 -87.38 19.91 5.72
N ARG A 691 -87.72 20.51 4.57
CA ARG A 691 -88.94 21.29 4.52
C ARG A 691 -90.18 20.42 4.65
N GLU A 692 -90.08 19.14 4.27
CA GLU A 692 -91.22 18.25 4.40
C GLU A 692 -91.52 17.96 5.86
N VAL A 693 -90.48 17.71 6.67
CA VAL A 693 -90.64 17.22 8.03
C VAL A 693 -90.51 18.34 9.07
N TYR A 694 -90.55 19.61 8.65
CA TYR A 694 -90.53 20.74 9.58
C TYR A 694 -91.96 21.10 9.96
N ARG A 695 -92.43 20.56 11.07
CA ARG A 695 -93.80 20.74 11.54
C ARG A 695 -93.79 21.20 13.00
N LYS A 696 -94.66 22.16 13.30
CA LYS A 696 -94.83 22.69 14.66
C LYS A 696 -93.52 23.26 15.22
N GLY A 697 -92.74 23.88 14.34
CA GLY A 697 -91.53 24.57 14.75
C GLY A 697 -90.32 23.71 15.02
N ARG A 698 -90.40 22.40 14.79
CA ARG A 698 -89.29 21.49 15.03
C ARG A 698 -89.25 20.43 13.95
N VAL A 699 -88.04 19.94 13.68
CA VAL A 699 -87.83 18.83 12.76
C VAL A 699 -88.03 17.52 13.52
N PHE A 700 -88.76 16.59 12.91
CA PHE A 700 -89.06 15.28 13.51
C PHE A 700 -88.91 14.24 12.42
N ALA A 701 -87.79 13.54 12.43
CA ALA A 701 -87.42 12.56 11.42
C ALA A 701 -87.37 11.18 12.06
N ASN A 702 -88.45 10.40 11.91
CA ASN A 702 -88.57 9.06 12.46
C ASN A 702 -88.77 7.99 11.41
N ALA A 703 -89.33 8.33 10.26
CA ALA A 703 -89.55 7.36 9.22
C ALA A 703 -88.21 6.86 8.66
N PRO A 704 -88.15 5.63 8.13
CA PRO A 704 -86.87 5.15 7.59
C PRO A 704 -86.39 5.93 6.38
N ASP A 705 -87.26 6.65 5.68
CA ASP A 705 -86.86 7.49 4.55
C ASP A 705 -86.00 8.68 4.96
N SER A 706 -85.93 9.00 6.25
CA SER A 706 -85.08 10.09 6.71
C SER A 706 -83.59 9.78 6.65
N ALA A 707 -83.21 8.52 6.47
CA ALA A 707 -81.82 8.10 6.38
C ALA A 707 -81.67 7.27 5.12
N CYS A 708 -81.05 7.84 4.08
CA CYS A 708 -80.90 7.20 2.79
C CYS A 708 -79.47 7.36 2.29
N VAL A 709 -79.07 6.45 1.40
CA VAL A 709 -77.75 6.47 0.77
C VAL A 709 -77.96 6.94 -0.66
N ILE A 710 -77.51 8.16 -0.98
CA ILE A 710 -77.60 8.66 -2.35
C ILE A 710 -76.58 7.92 -3.21
N GLY A 711 -77.05 7.31 -4.29
CA GLY A 711 -76.17 6.54 -5.14
C GLY A 711 -76.72 6.39 -6.52
N LEU A 712 -75.82 6.13 -7.46
CA LEU A 712 -76.18 5.94 -8.86
C LEU A 712 -76.54 4.48 -9.06
N LYS A 713 -77.82 4.20 -9.29
CA LYS A 713 -78.28 2.85 -9.58
C LYS A 713 -77.97 2.53 -11.05
N LYS A 714 -78.63 1.53 -11.62
CA LYS A 714 -78.37 1.14 -13.00
C LYS A 714 -78.52 2.32 -13.95
N LYS A 715 -79.64 3.05 -13.84
CA LYS A 715 -79.92 4.16 -14.75
C LYS A 715 -79.45 5.49 -14.19
N ALA A 716 -80.00 5.92 -13.05
CA ALA A 716 -79.76 7.25 -12.51
C ALA A 716 -79.82 7.19 -10.99
N VAL A 717 -79.88 8.36 -10.36
CA VAL A 717 -79.80 8.44 -8.90
C VAL A 717 -81.09 7.93 -8.27
N ALA A 718 -80.95 7.29 -7.11
CA ALA A 718 -82.07 6.88 -6.29
C ALA A 718 -81.64 7.01 -4.83
N PHE A 719 -82.64 7.11 -3.94
CA PHE A 719 -82.43 7.34 -2.51
C PHE A 719 -82.99 6.14 -1.76
N SER A 720 -82.15 5.14 -1.59
CA SER A 720 -82.53 3.93 -0.87
C SER A 720 -82.43 4.18 0.64
N PRO A 721 -83.48 3.91 1.43
CA PRO A 721 -83.36 4.09 2.89
C PRO A 721 -82.28 3.20 3.49
N VAL A 722 -81.66 3.68 4.57
CA VAL A 722 -80.52 2.96 5.14
C VAL A 722 -80.99 1.66 5.79
N THR A 723 -82.17 1.68 6.41
CA THR A 723 -82.60 0.52 7.20
C THR A 723 -82.90 -0.68 6.29
N GLU A 724 -83.58 -0.46 5.17
CA GLU A 724 -83.90 -1.59 4.30
C GLU A 724 -82.66 -2.19 3.67
N LEU A 725 -81.59 -1.39 3.50
CA LEU A 725 -80.35 -1.92 2.91
C LEU A 725 -79.68 -2.97 3.79
N LYS A 726 -80.07 -3.08 5.07
CA LYS A 726 -79.41 -4.01 5.99
C LYS A 726 -79.54 -5.47 5.56
N LYS A 727 -80.56 -5.81 4.76
CA LYS A 727 -80.74 -7.19 4.33
C LYS A 727 -79.86 -7.57 3.14
N ASP A 728 -79.12 -6.62 2.55
CA ASP A 728 -78.23 -6.88 1.42
C ASP A 728 -76.78 -6.51 1.70
N THR A 729 -76.40 -6.43 2.98
CA THR A 729 -75.07 -6.02 3.40
C THR A 729 -74.39 -7.17 4.14
N ASP A 730 -73.15 -7.47 3.75
CA ASP A 730 -72.34 -8.51 4.40
C ASP A 730 -71.48 -7.81 5.44
N PHE A 731 -72.04 -7.67 6.65
CA PHE A 731 -71.32 -7.04 7.75
C PHE A 731 -70.10 -7.83 8.19
N GLU A 732 -70.00 -9.12 7.83
CA GLU A 732 -68.83 -9.90 8.21
C GLU A 732 -67.63 -9.51 7.36
N HIS A 733 -67.86 -9.25 6.06
CA HIS A 733 -66.82 -8.82 5.14
C HIS A 733 -66.93 -7.35 4.74
N ARG A 734 -67.98 -6.64 5.18
CA ARG A 734 -68.16 -5.22 4.94
C ARG A 734 -68.23 -4.93 3.44
N MET A 735 -69.30 -5.44 2.85
CA MET A 735 -69.55 -5.29 1.41
C MET A 735 -70.98 -5.77 1.14
N PRO A 736 -71.60 -5.36 0.04
CA PRO A 736 -72.98 -5.79 -0.24
C PRO A 736 -73.06 -7.29 -0.50
N ARG A 737 -74.28 -7.81 -0.45
CA ARG A 737 -74.51 -9.22 -0.73
C ARG A 737 -74.16 -9.55 -2.17
N GLU A 738 -74.63 -8.74 -3.11
CA GLU A 738 -74.44 -8.93 -4.54
C GLU A 738 -73.74 -7.70 -5.12
N GLN A 739 -72.91 -7.96 -6.13
CA GLN A 739 -72.16 -6.92 -6.83
C GLN A 739 -72.40 -7.07 -8.32
N TRP A 740 -72.62 -5.94 -8.98
CA TRP A 740 -72.85 -5.95 -10.42
C TRP A 740 -71.59 -6.26 -11.21
N TRP A 741 -70.41 -5.96 -10.65
CA TRP A 741 -69.15 -6.04 -11.39
C TRP A 741 -68.58 -7.45 -11.49
N LEU A 742 -69.26 -8.47 -10.95
CA LEU A 742 -68.76 -9.84 -11.09
C LEU A 742 -68.74 -10.30 -12.54
N SER A 743 -69.59 -9.71 -13.38
CA SER A 743 -69.59 -10.06 -14.80
C SER A 743 -68.25 -9.75 -15.45
N LEU A 744 -67.56 -8.71 -14.99
CA LEU A 744 -66.30 -8.32 -15.59
C LEU A 744 -65.21 -9.39 -15.40
N ARG A 745 -65.32 -10.22 -14.36
CA ARG A 745 -64.34 -11.29 -14.16
C ARG A 745 -64.35 -12.28 -15.31
N LEU A 746 -65.51 -12.48 -15.94
CA LEU A 746 -65.56 -13.36 -17.11
C LEU A 746 -64.77 -12.76 -18.26
N MET A 747 -64.85 -11.44 -18.43
CA MET A 747 -64.00 -10.79 -19.42
C MET A 747 -62.52 -10.93 -19.04
N LEU A 748 -62.22 -10.83 -17.75
CA LEU A 748 -60.84 -10.96 -17.28
C LEU A 748 -60.25 -12.32 -17.67
N LYS A 749 -60.98 -13.40 -17.33
CA LYS A 749 -60.50 -14.74 -17.67
C LYS A 749 -60.49 -14.97 -19.17
N MET A 750 -61.45 -14.38 -19.89
CA MET A 750 -61.52 -14.52 -21.33
C MET A 750 -60.26 -13.97 -22.00
N LEU A 751 -59.87 -12.75 -21.62
CA LEU A 751 -58.80 -12.04 -22.34
C LEU A 751 -57.45 -12.73 -22.23
N ALA A 752 -57.26 -13.62 -21.24
CA ALA A 752 -56.05 -14.39 -21.12
C ALA A 752 -56.17 -15.71 -21.86
N GLN A 753 -55.05 -16.17 -22.41
CA GLN A 753 -54.97 -17.45 -23.11
C GLN A 753 -55.46 -18.59 -22.22
N GLY B 13 -25.95 30.99 15.15
CA GLY B 13 -24.84 31.84 14.74
C GLY B 13 -25.25 33.13 14.06
N ALA B 14 -26.47 33.59 14.31
CA ALA B 14 -26.99 34.81 13.72
C ALA B 14 -27.84 35.55 14.74
N GLY B 15 -27.84 36.88 14.63
CA GLY B 15 -28.67 37.75 15.43
C GLY B 15 -29.22 38.90 14.60
N LYS B 16 -29.47 38.63 13.32
CA LYS B 16 -29.89 39.63 12.35
C LYS B 16 -31.07 39.07 11.57
N ALA B 17 -31.52 39.79 10.53
CA ALA B 17 -32.71 39.43 9.78
C ALA B 17 -32.39 39.25 8.30
N ILE B 18 -33.28 38.53 7.61
CA ILE B 18 -33.15 38.18 6.21
C ILE B 18 -34.50 38.47 5.53
N GLY B 19 -34.44 38.93 4.27
CA GLY B 19 -35.61 39.12 3.45
C GLY B 19 -35.60 38.21 2.24
N VAL B 20 -36.72 37.54 1.98
CA VAL B 20 -36.88 36.62 0.85
C VAL B 20 -38.05 37.08 0.02
N LEU B 21 -37.82 37.22 -1.29
CA LEU B 21 -38.87 37.60 -2.23
C LEU B 21 -38.56 36.96 -3.57
N THR B 22 -39.62 36.61 -4.28
CA THR B 22 -39.54 36.12 -5.64
C THR B 22 -40.10 37.18 -6.58
N SER B 23 -39.44 37.36 -7.73
CA SER B 23 -39.83 38.38 -8.70
C SER B 23 -39.53 37.86 -10.10
N GLY B 24 -39.76 38.73 -11.08
CA GLY B 24 -39.50 38.36 -12.45
C GLY B 24 -40.42 37.25 -12.92
N GLY B 25 -40.02 36.63 -14.03
CA GLY B 25 -40.74 35.50 -14.57
C GLY B 25 -40.81 34.34 -13.58
N ASP B 26 -42.02 33.90 -13.29
CA ASP B 26 -42.21 32.79 -12.38
C ASP B 26 -41.81 31.49 -13.05
N ALA B 27 -41.27 30.57 -12.25
CA ALA B 27 -40.89 29.25 -12.73
C ALA B 27 -41.01 28.29 -11.56
N GLN B 28 -41.65 27.15 -11.80
CA GLN B 28 -41.78 26.11 -10.80
C GLN B 28 -40.42 25.75 -10.21
N GLY B 29 -40.39 25.61 -8.88
CA GLY B 29 -39.17 25.53 -8.10
C GLY B 29 -39.01 26.66 -7.12
N MET B 30 -39.77 27.76 -7.28
CA MET B 30 -39.66 28.90 -6.38
C MET B 30 -40.04 28.52 -4.95
N ASN B 31 -41.12 27.75 -4.79
CA ASN B 31 -41.61 27.40 -3.46
C ASN B 31 -40.57 26.61 -2.68
N ALA B 32 -39.84 25.73 -3.36
CA ALA B 32 -38.77 24.99 -2.70
C ALA B 32 -37.64 25.93 -2.25
N ALA B 33 -37.32 26.92 -3.07
CA ALA B 33 -36.28 27.88 -2.69
C ALA B 33 -36.71 28.72 -1.49
N VAL B 34 -37.98 29.15 -1.47
CA VAL B 34 -38.48 29.94 -0.34
C VAL B 34 -38.50 29.10 0.93
N ARG B 35 -38.89 27.82 0.81
CA ARG B 35 -38.90 26.93 1.96
C ARG B 35 -37.50 26.76 2.54
N ALA B 36 -36.51 26.52 1.67
CA ALA B 36 -35.15 26.30 2.14
C ALA B 36 -34.55 27.56 2.76
N VAL B 37 -34.80 28.72 2.14
CA VAL B 37 -34.29 29.97 2.68
C VAL B 37 -34.89 30.24 4.06
N THR B 38 -36.20 30.06 4.18
CA THR B 38 -36.89 30.29 5.45
C THR B 38 -36.36 29.34 6.52
N ARG B 39 -36.35 28.04 6.24
CA ARG B 39 -35.99 27.06 7.26
C ARG B 39 -34.52 27.11 7.60
N MET B 40 -33.66 27.42 6.62
CA MET B 40 -32.24 27.60 6.93
C MET B 40 -32.04 28.86 7.78
N GLY B 41 -32.69 29.96 7.42
CA GLY B 41 -32.55 31.19 8.18
C GLY B 41 -33.00 31.05 9.63
N ILE B 42 -34.08 30.30 9.85
CA ILE B 42 -34.50 30.01 11.22
C ILE B 42 -33.49 29.11 11.90
N TYR B 43 -32.94 28.15 11.16
CA TYR B 43 -32.01 27.18 11.74
C TYR B 43 -30.73 27.85 12.24
N VAL B 44 -30.32 28.95 11.61
CA VAL B 44 -29.12 29.66 12.03
C VAL B 44 -29.40 30.66 13.16
N GLY B 45 -30.65 31.06 13.34
CA GLY B 45 -31.04 32.00 14.38
C GLY B 45 -31.27 33.42 13.91
N ALA B 46 -31.77 33.61 12.70
CA ALA B 46 -32.09 34.91 12.13
C ALA B 46 -33.60 35.08 12.04
N LYS B 47 -34.02 36.25 11.56
CA LYS B 47 -35.43 36.60 11.39
C LYS B 47 -35.73 36.77 9.91
N VAL B 48 -36.68 35.99 9.41
CA VAL B 48 -36.99 35.92 7.99
C VAL B 48 -38.36 36.56 7.76
N PHE B 49 -38.43 37.40 6.73
CA PHE B 49 -39.65 38.11 6.34
C PHE B 49 -40.06 37.68 4.95
N LEU B 50 -41.36 37.39 4.78
CA LEU B 50 -41.93 37.00 3.50
C LEU B 50 -42.56 38.24 2.85
N ILE B 51 -42.00 38.65 1.73
CA ILE B 51 -42.39 39.88 1.04
C ILE B 51 -43.30 39.45 -0.12
N TYR B 52 -44.60 39.55 0.09
CA TYR B 52 -45.56 39.13 -0.93
C TYR B 52 -45.47 40.04 -2.15
N GLU B 53 -45.84 39.48 -3.30
CA GLU B 53 -45.86 40.17 -4.59
C GLU B 53 -44.48 40.64 -5.07
N GLY B 54 -43.40 40.25 -4.39
CA GLY B 54 -42.09 40.74 -4.78
C GLY B 54 -41.97 42.24 -4.58
N TYR B 55 -41.52 42.92 -5.64
CA TYR B 55 -41.22 44.34 -5.52
C TYR B 55 -42.46 45.19 -5.32
N GLU B 56 -43.61 44.75 -5.85
CA GLU B 56 -44.84 45.52 -5.68
C GLU B 56 -45.23 45.61 -4.21
N GLY B 57 -45.30 44.45 -3.54
CA GLY B 57 -45.58 44.45 -2.12
C GLY B 57 -44.46 45.05 -1.30
N LEU B 58 -43.22 44.94 -1.80
CA LEU B 58 -42.08 45.57 -1.11
C LEU B 58 -42.27 47.07 -1.04
N VAL B 59 -42.63 47.70 -2.16
CA VAL B 59 -42.89 49.13 -2.16
C VAL B 59 -44.11 49.45 -1.32
N GLU B 60 -45.16 48.64 -1.42
CA GLU B 60 -46.37 48.90 -0.65
C GLU B 60 -46.13 48.71 0.84
N GLY B 61 -45.43 47.65 1.22
CA GLY B 61 -45.15 47.42 2.62
C GLY B 61 -46.40 47.07 3.41
N GLY B 62 -46.31 47.30 4.72
CA GLY B 62 -47.46 47.05 5.59
C GLY B 62 -47.78 45.57 5.67
N GLU B 63 -49.07 45.25 5.52
CA GLU B 63 -49.55 43.88 5.62
C GLU B 63 -48.91 42.94 4.60
N ASN B 64 -48.42 43.48 3.47
CA ASN B 64 -47.80 42.64 2.44
C ASN B 64 -46.55 41.91 2.94
N ILE B 65 -45.93 42.38 4.02
CA ILE B 65 -44.77 41.74 4.63
C ILE B 65 -45.19 41.21 5.99
N LYS B 66 -44.67 40.03 6.35
CA LYS B 66 -44.99 39.42 7.63
C LYS B 66 -43.90 38.43 8.00
N GLN B 67 -43.58 38.38 9.29
CA GLN B 67 -42.57 37.46 9.79
C GLN B 67 -43.11 36.04 9.76
N ALA B 68 -42.22 35.09 9.43
CA ALA B 68 -42.59 33.69 9.20
C ALA B 68 -41.83 32.78 10.15
N ASN B 69 -42.47 31.66 10.48
CA ASN B 69 -41.92 30.62 11.34
C ASN B 69 -41.66 29.36 10.51
N TRP B 70 -41.32 28.26 11.19
CA TRP B 70 -40.99 27.02 10.51
C TRP B 70 -42.15 26.46 9.71
N LEU B 71 -43.39 26.73 10.14
CA LEU B 71 -44.58 26.16 9.52
C LEU B 71 -45.20 27.06 8.45
N SER B 72 -44.76 28.30 8.33
CA SER B 72 -45.32 29.20 7.32
C SER B 72 -45.06 28.71 5.90
N VAL B 73 -43.97 27.96 5.70
CA VAL B 73 -43.54 27.50 4.38
C VAL B 73 -43.71 25.99 4.23
N SER B 74 -44.63 25.38 4.99
CA SER B 74 -44.84 23.94 4.97
C SER B 74 -45.95 23.58 3.99
N ASN B 75 -45.86 22.36 3.45
CA ASN B 75 -46.88 21.84 2.54
C ASN B 75 -46.97 22.68 1.27
N ILE B 76 -45.82 23.14 0.79
CA ILE B 76 -45.73 23.87 -0.48
C ILE B 76 -44.67 23.31 -1.41
N ILE B 77 -43.72 22.51 -0.92
CA ILE B 77 -42.54 22.09 -1.68
C ILE B 77 -42.92 21.38 -2.97
N GLN B 78 -44.04 20.66 -2.97
CA GLN B 78 -44.49 19.92 -4.14
C GLN B 78 -45.32 20.75 -5.11
N LEU B 79 -45.56 22.03 -4.83
CA LEU B 79 -46.33 22.91 -5.71
C LEU B 79 -45.41 23.72 -6.60
N GLY B 80 -45.90 24.00 -7.81
CA GLY B 80 -45.19 24.87 -8.73
C GLY B 80 -45.44 26.33 -8.43
N GLY B 81 -44.87 27.17 -9.28
CA GLY B 81 -44.94 28.61 -9.13
C GLY B 81 -44.46 29.08 -7.78
N THR B 82 -45.04 30.19 -7.33
CA THR B 82 -44.75 30.77 -6.02
C THR B 82 -46.05 31.06 -5.29
N ILE B 83 -45.97 31.04 -3.96
CA ILE B 83 -47.11 31.37 -3.10
C ILE B 83 -47.13 32.83 -2.65
N ILE B 84 -46.04 33.57 -2.84
CA ILE B 84 -45.93 34.95 -2.40
C ILE B 84 -46.01 35.92 -3.57
N GLY B 85 -46.68 35.50 -4.65
CA GLY B 85 -47.04 36.40 -5.72
C GLY B 85 -46.04 36.55 -6.85
N SER B 86 -44.93 37.25 -6.60
CA SER B 86 -44.01 37.67 -7.65
C SER B 86 -44.73 38.50 -8.71
N ALA B 87 -45.41 39.55 -8.24
CA ALA B 87 -46.06 40.49 -9.14
C ALA B 87 -45.05 41.52 -9.61
N ARG B 88 -45.02 41.78 -10.91
CA ARG B 88 -44.10 42.75 -11.47
C ARG B 88 -44.44 44.14 -10.94
N CYS B 89 -43.38 44.94 -10.71
CA CYS B 89 -43.48 46.28 -10.17
C CYS B 89 -42.79 47.26 -11.11
N LYS B 90 -43.29 48.49 -11.11
CA LYS B 90 -42.74 49.60 -11.88
C LYS B 90 -42.16 50.71 -11.01
N ALA B 91 -42.82 51.04 -9.90
CA ALA B 91 -42.37 52.15 -9.06
C ALA B 91 -40.98 51.91 -8.48
N PHE B 92 -40.58 50.64 -8.33
CA PHE B 92 -39.23 50.34 -7.88
C PHE B 92 -38.17 50.82 -8.87
N THR B 93 -38.53 50.99 -10.14
CA THR B 93 -37.60 51.59 -11.10
C THR B 93 -37.29 53.03 -10.74
N THR B 94 -38.28 53.76 -10.24
CA THR B 94 -38.13 55.16 -9.85
C THR B 94 -37.66 55.25 -8.40
N ARG B 95 -36.85 56.28 -8.13
CA ARG B 95 -36.24 56.40 -6.80
C ARG B 95 -37.29 56.60 -5.70
N GLU B 96 -38.46 57.14 -6.05
CA GLU B 96 -39.52 57.30 -5.05
C GLU B 96 -39.96 55.95 -4.50
N GLY B 97 -40.12 54.95 -5.38
CA GLY B 97 -40.47 53.62 -4.91
C GLY B 97 -39.36 52.97 -4.12
N ARG B 98 -38.10 53.22 -4.50
CA ARG B 98 -36.98 52.59 -3.81
C ARG B 98 -36.82 53.15 -2.40
N ARG B 99 -37.04 54.47 -2.22
CA ARG B 99 -36.96 55.03 -0.87
C ARG B 99 -38.12 54.54 -0.01
N ALA B 100 -39.30 54.35 -0.61
CA ALA B 100 -40.42 53.80 0.15
C ALA B 100 -40.13 52.37 0.58
N ALA B 101 -39.54 51.57 -0.31
CA ALA B 101 -39.17 50.20 0.03
C ALA B 101 -38.10 50.18 1.12
N ALA B 102 -37.12 51.07 1.02
CA ALA B 102 -36.08 51.15 2.06
C ALA B 102 -36.67 51.55 3.40
N TYR B 103 -37.65 52.47 3.39
CA TYR B 103 -38.35 52.82 4.62
C TYR B 103 -39.07 51.62 5.21
N ASN B 104 -39.72 50.82 4.37
CA ASN B 104 -40.42 49.63 4.85
C ASN B 104 -39.44 48.62 5.43
N LEU B 105 -38.31 48.39 4.75
CA LEU B 105 -37.34 47.42 5.23
C LEU B 105 -36.73 47.84 6.56
N VAL B 106 -36.40 49.13 6.70
CA VAL B 106 -35.84 49.62 7.95
C VAL B 106 -36.87 49.54 9.07
N GLN B 107 -38.13 49.81 8.74
CA GLN B 107 -39.18 49.72 9.74
C GLN B 107 -39.40 48.29 10.22
N HIS B 108 -39.13 47.30 9.36
CA HIS B 108 -39.09 45.90 9.74
C HIS B 108 -37.70 45.42 10.14
N GLY B 109 -36.67 46.24 9.96
CA GLY B 109 -35.33 45.90 10.38
C GLY B 109 -34.69 44.80 9.57
N ILE B 110 -34.78 44.92 8.24
CA ILE B 110 -34.19 43.97 7.30
C ILE B 110 -32.94 44.63 6.71
N THR B 111 -31.78 44.03 6.98
CA THR B 111 -30.50 44.48 6.45
C THR B 111 -29.87 43.51 5.46
N ASN B 112 -30.50 42.36 5.20
CA ASN B 112 -30.00 41.37 4.25
C ASN B 112 -31.18 40.87 3.45
N LEU B 113 -31.02 40.83 2.12
CA LEU B 113 -32.14 40.65 1.20
C LEU B 113 -31.77 39.63 0.14
N CYS B 114 -32.42 38.47 0.17
CA CYS B 114 -32.26 37.42 -0.82
C CYS B 114 -33.35 37.57 -1.88
N VAL B 115 -32.95 37.86 -3.12
CA VAL B 115 -33.86 38.08 -4.24
C VAL B 115 -33.80 36.87 -5.15
N ILE B 116 -34.96 36.32 -5.47
CA ILE B 116 -35.10 35.18 -6.37
C ILE B 116 -35.79 35.69 -7.63
N GLY B 117 -35.15 35.51 -8.78
CA GLY B 117 -35.73 35.96 -10.03
C GLY B 117 -34.67 36.08 -11.10
N GLY B 118 -35.09 36.59 -12.25
CA GLY B 118 -34.25 36.65 -13.42
C GLY B 118 -33.23 37.77 -13.37
N ASP B 119 -32.64 38.03 -14.54
CA ASP B 119 -31.55 38.99 -14.64
C ASP B 119 -32.00 40.42 -14.33
N GLY B 120 -33.22 40.78 -14.74
CA GLY B 120 -33.69 42.14 -14.53
C GLY B 120 -33.90 42.47 -13.05
N SER B 121 -34.45 41.52 -12.29
CA SER B 121 -34.65 41.73 -10.87
C SER B 121 -33.32 41.89 -10.15
N LEU B 122 -32.33 41.09 -10.54
CA LEU B 122 -31.00 41.18 -9.93
C LEU B 122 -30.33 42.50 -10.26
N THR B 123 -30.51 43.00 -11.49
CA THR B 123 -29.96 44.30 -11.86
C THR B 123 -30.57 45.41 -11.01
N GLY B 124 -31.89 45.39 -10.84
CA GLY B 124 -32.52 46.41 -10.01
C GLY B 124 -32.16 46.28 -8.55
N ALA B 125 -32.00 45.05 -8.06
CA ALA B 125 -31.60 44.85 -6.67
C ALA B 125 -30.18 45.37 -6.44
N ASN B 126 -29.28 45.17 -7.41
CA ASN B 126 -27.91 45.63 -7.24
C ASN B 126 -27.82 47.15 -7.27
N ILE B 127 -28.64 47.80 -8.11
CA ILE B 127 -28.73 49.25 -8.09
C ILE B 127 -29.21 49.72 -6.73
N PHE B 128 -30.27 49.09 -6.22
CA PHE B 128 -30.84 49.46 -4.92
C PHE B 128 -29.81 49.29 -3.81
N ARG B 129 -28.99 48.23 -3.88
CA ARG B 129 -27.90 48.08 -2.93
C ARG B 129 -26.89 49.21 -3.07
N SER B 130 -26.55 49.57 -4.31
CA SER B 130 -25.51 50.57 -4.55
C SER B 130 -25.86 51.94 -4.01
N GLU B 131 -27.16 52.25 -3.83
CA GLU B 131 -27.62 53.55 -3.37
C GLU B 131 -28.34 53.51 -2.02
N TRP B 132 -28.40 52.34 -1.37
CA TRP B 132 -28.95 52.14 -0.02
C TRP B 132 -28.54 53.23 0.96
N GLY B 133 -27.26 53.58 0.97
CA GLY B 133 -26.79 54.63 1.87
C GLY B 133 -27.42 55.98 1.61
N SER B 134 -27.54 56.35 0.33
CA SER B 134 -28.16 57.63 0.00
C SER B 134 -29.64 57.64 0.35
N LEU B 135 -30.33 56.51 0.16
CA LEU B 135 -31.75 56.46 0.48
C LEU B 135 -31.99 56.61 1.98
N LEU B 136 -31.14 55.98 2.80
CA LEU B 136 -31.27 56.14 4.24
C LEU B 136 -30.93 57.55 4.68
N GLU B 137 -29.97 58.19 4.00
CA GLU B 137 -29.69 59.59 4.28
C GLU B 137 -30.90 60.46 3.97
N GLU B 138 -31.57 60.19 2.84
CA GLU B 138 -32.77 60.95 2.50
C GLU B 138 -33.88 60.71 3.51
N LEU B 139 -34.03 59.46 3.98
CA LEU B 139 -35.08 59.16 4.95
C LEU B 139 -34.83 59.87 6.27
N VAL B 140 -33.57 59.91 6.72
CA VAL B 140 -33.25 60.65 7.93
C VAL B 140 -33.45 62.15 7.71
N ALA B 141 -33.12 62.64 6.51
CA ALA B 141 -33.24 64.06 6.23
C ALA B 141 -34.69 64.53 6.31
N GLU B 142 -35.62 63.73 5.78
CA GLU B 142 -37.04 64.07 5.89
C GLU B 142 -37.62 63.77 7.27
N GLY B 143 -36.87 63.09 8.15
CA GLY B 143 -37.31 62.83 9.50
C GLY B 143 -38.17 61.60 9.67
N LYS B 144 -38.30 60.75 8.64
CA LYS B 144 -39.12 59.55 8.78
C LYS B 144 -38.49 58.56 9.74
N ILE B 145 -37.16 58.48 9.77
CA ILE B 145 -36.42 57.53 10.59
C ILE B 145 -35.33 58.29 11.34
N SER B 146 -34.86 57.69 12.42
CA SER B 146 -33.82 58.29 13.25
C SER B 146 -32.43 57.95 12.72
N GLU B 147 -31.45 58.76 13.11
CA GLU B 147 -30.08 58.53 12.68
C GLU B 147 -29.53 57.23 13.23
N THR B 148 -29.90 56.89 14.48
CA THR B 148 -29.39 55.66 15.09
C THR B 148 -29.84 54.42 14.32
N THR B 149 -31.10 54.42 13.86
CA THR B 149 -31.58 53.32 13.05
C THR B 149 -30.81 53.23 11.74
N ALA B 150 -30.52 54.37 11.13
CA ALA B 150 -29.76 54.37 9.87
C ALA B 150 -28.35 53.82 10.07
N ARG B 151 -27.72 54.16 11.20
CA ARG B 151 -26.39 53.65 11.47
C ARG B 151 -26.42 52.14 11.73
N THR B 152 -27.47 51.65 12.40
CA THR B 152 -27.56 50.23 12.66
C THR B 152 -27.73 49.44 11.36
N TYR B 153 -28.53 49.95 10.44
CA TYR B 153 -28.80 49.31 9.14
C TYR B 153 -28.05 50.01 8.01
N SER B 154 -26.79 50.36 8.23
CA SER B 154 -26.06 51.20 7.28
C SER B 154 -25.74 50.50 5.97
N HIS B 155 -25.84 49.16 5.91
CA HIS B 155 -25.42 48.39 4.75
C HIS B 155 -26.47 47.35 4.40
N LEU B 156 -26.42 46.89 3.15
CA LEU B 156 -27.32 45.88 2.62
C LEU B 156 -26.48 44.82 1.90
N ASN B 157 -26.83 43.56 2.12
CA ASN B 157 -26.18 42.42 1.48
C ASN B 157 -27.20 41.64 0.66
N ILE B 158 -26.76 41.18 -0.52
CA ILE B 158 -27.63 40.56 -1.52
C ILE B 158 -27.11 39.19 -1.89
N ALA B 159 -28.02 38.27 -2.14
CA ALA B 159 -27.73 36.96 -2.70
C ALA B 159 -28.84 36.63 -3.69
N GLY B 160 -28.45 36.32 -4.93
CA GLY B 160 -29.39 36.19 -6.03
C GLY B 160 -29.53 34.75 -6.48
N LEU B 161 -30.77 34.34 -6.69
CA LEU B 161 -31.12 33.07 -7.31
C LEU B 161 -31.77 33.35 -8.65
N VAL B 162 -31.32 32.62 -9.67
CA VAL B 162 -31.82 32.81 -11.04
C VAL B 162 -33.02 31.88 -11.19
N GLY B 163 -34.22 32.44 -10.95
CA GLY B 163 -35.45 31.73 -11.20
C GLY B 163 -35.98 31.99 -12.59
N SER B 164 -35.77 31.04 -13.50
CA SER B 164 -36.17 31.21 -14.89
C SER B 164 -36.16 29.86 -15.57
N ILE B 165 -37.01 29.72 -16.59
CA ILE B 165 -37.05 28.53 -17.43
C ILE B 165 -36.26 28.69 -18.72
N ASP B 166 -36.02 29.92 -19.17
CA ASP B 166 -35.26 30.15 -20.39
C ASP B 166 -33.81 29.69 -20.24
N ASN B 167 -33.25 29.83 -19.05
CA ASN B 167 -31.88 29.39 -18.74
C ASN B 167 -30.86 30.18 -19.57
N ASP B 168 -31.02 31.51 -19.56
CA ASP B 168 -30.17 32.41 -20.32
C ASP B 168 -29.07 33.09 -19.48
N PHE B 169 -29.17 33.04 -18.15
CA PHE B 169 -28.18 33.67 -17.28
C PHE B 169 -26.82 33.00 -17.42
N CYS B 170 -25.83 33.75 -17.92
CA CYS B 170 -24.57 33.16 -18.37
C CYS B 170 -23.75 32.55 -17.24
N GLY B 171 -23.89 33.04 -16.01
CA GLY B 171 -23.07 32.56 -14.92
C GLY B 171 -23.49 31.24 -14.29
N THR B 172 -24.52 30.58 -14.82
CA THR B 172 -25.11 29.40 -14.22
C THR B 172 -25.19 28.27 -15.23
N ASP B 173 -24.93 27.04 -14.76
CA ASP B 173 -25.12 25.86 -15.61
C ASP B 173 -26.60 25.57 -15.82
N MET B 174 -27.37 25.51 -14.73
CA MET B 174 -28.80 25.21 -14.76
C MET B 174 -29.53 26.16 -13.84
N THR B 175 -30.50 26.88 -14.40
CA THR B 175 -31.31 27.82 -13.64
C THR B 175 -32.53 27.11 -13.06
N ILE B 176 -33.06 27.69 -11.98
CA ILE B 176 -34.13 27.06 -11.21
C ILE B 176 -35.38 26.94 -12.07
N GLY B 177 -35.88 25.72 -12.23
CA GLY B 177 -37.15 25.47 -12.87
C GLY B 177 -37.09 25.07 -14.33
N THR B 178 -35.91 25.07 -14.94
CA THR B 178 -35.82 24.71 -16.35
C THR B 178 -36.06 23.22 -16.58
N ASP B 179 -35.63 22.37 -15.65
CA ASP B 179 -35.79 20.94 -15.85
C ASP B 179 -37.25 20.54 -15.77
N SER B 180 -37.99 21.13 -14.83
CA SER B 180 -39.42 20.85 -14.73
C SER B 180 -40.17 21.34 -15.97
N ALA B 181 -39.73 22.47 -16.55
CA ALA B 181 -40.34 22.93 -17.78
C ALA B 181 -40.08 21.95 -18.91
N LEU B 182 -38.89 21.36 -18.92
CA LEU B 182 -38.60 20.30 -19.89
C LEU B 182 -39.48 19.08 -19.65
N HIS B 183 -39.82 18.80 -18.40
CA HIS B 183 -40.76 17.71 -18.12
C HIS B 183 -42.13 18.01 -18.71
N ARG B 184 -42.59 19.26 -18.57
CA ARG B 184 -43.88 19.63 -19.14
C ARG B 184 -43.84 19.56 -20.67
N ILE B 185 -42.73 19.97 -21.27
CA ILE B 185 -42.58 19.86 -22.71
C ILE B 185 -42.61 18.39 -23.12
N MET B 186 -42.02 17.52 -22.29
CA MET B 186 -41.96 16.11 -22.66
C MET B 186 -43.32 15.42 -22.48
N GLU B 187 -44.08 15.84 -21.48
CA GLU B 187 -45.46 15.35 -21.34
C GLU B 187 -46.27 15.71 -22.58
N VAL B 188 -46.15 16.95 -23.04
CA VAL B 188 -46.92 17.40 -24.19
C VAL B 188 -46.47 16.66 -25.45
N ILE B 189 -45.15 16.55 -25.66
CA ILE B 189 -44.66 16.00 -26.92
C ILE B 189 -44.92 14.50 -26.98
N ASP B 190 -44.85 13.80 -25.86
CA ASP B 190 -45.17 12.38 -25.85
C ASP B 190 -46.65 12.16 -26.16
N ALA B 191 -47.50 13.08 -25.69
CA ALA B 191 -48.91 13.03 -26.06
C ALA B 191 -49.09 13.27 -27.55
N ILE B 192 -48.36 14.24 -28.12
CA ILE B 192 -48.50 14.56 -29.53
C ILE B 192 -48.00 13.42 -30.40
N THR B 193 -46.91 12.76 -29.99
CA THR B 193 -46.28 11.75 -30.84
C THR B 193 -47.20 10.57 -31.12
N THR B 194 -48.14 10.28 -30.22
CA THR B 194 -49.10 9.22 -30.44
C THR B 194 -49.95 9.50 -31.67
N THR B 195 -50.68 10.62 -31.65
CA THR B 195 -51.52 10.98 -32.80
C THR B 195 -50.69 11.26 -34.04
N ALA B 196 -49.48 11.78 -33.87
CA ALA B 196 -48.62 12.07 -35.03
C ALA B 196 -48.25 10.78 -35.76
N GLN B 197 -47.83 9.76 -35.01
CA GLN B 197 -47.53 8.47 -35.61
C GLN B 197 -48.78 7.81 -36.18
N SER B 198 -49.92 8.01 -35.54
CA SER B 198 -51.17 7.40 -36.00
C SER B 198 -51.55 7.90 -37.38
N HIS B 199 -51.59 9.21 -37.57
CA HIS B 199 -52.07 9.82 -38.80
C HIS B 199 -50.96 10.30 -39.73
N GLN B 200 -49.69 10.01 -39.40
CA GLN B 200 -48.55 10.47 -40.20
C GLN B 200 -48.60 11.98 -40.35
N ARG B 201 -48.76 12.67 -39.22
CA ARG B 201 -48.87 14.12 -39.18
C ARG B 201 -47.56 14.72 -38.68
N THR B 202 -47.04 15.70 -39.41
CA THR B 202 -45.87 16.46 -38.98
C THR B 202 -46.33 17.63 -38.12
N PHE B 203 -45.86 17.69 -36.88
CA PHE B 203 -46.33 18.67 -35.92
C PHE B 203 -45.31 19.78 -35.72
N VAL B 204 -45.82 20.97 -35.39
CA VAL B 204 -45.01 22.15 -35.08
C VAL B 204 -45.35 22.56 -33.66
N LEU B 205 -44.37 22.46 -32.76
CA LEU B 205 -44.51 22.84 -31.36
C LEU B 205 -43.69 24.09 -31.10
N GLU B 206 -44.31 25.09 -30.46
CA GLU B 206 -43.67 26.37 -30.15
C GLU B 206 -43.38 26.39 -28.65
N VAL B 207 -42.14 26.07 -28.29
CA VAL B 207 -41.69 26.12 -26.90
C VAL B 207 -41.50 27.57 -26.49
N MET B 208 -41.29 27.80 -25.20
CA MET B 208 -40.94 29.11 -24.68
C MET B 208 -39.42 29.28 -24.77
N GLY B 209 -38.91 30.38 -24.22
CA GLY B 209 -37.52 30.76 -24.36
C GLY B 209 -37.46 32.17 -24.91
N ARG B 210 -37.16 33.14 -24.06
CA ARG B 210 -37.16 34.56 -24.40
C ARG B 210 -36.22 34.83 -25.56
N HIS B 211 -34.91 34.78 -25.30
CA HIS B 211 -33.88 34.92 -26.34
C HIS B 211 -32.79 33.86 -26.15
N CYS B 212 -33.16 32.72 -25.58
CA CYS B 212 -32.27 31.57 -25.45
C CYS B 212 -33.01 30.33 -25.92
N GLY B 213 -32.41 29.63 -26.88
CA GLY B 213 -33.00 28.43 -27.42
C GLY B 213 -32.66 27.17 -26.65
N TYR B 214 -32.18 27.32 -25.40
CA TYR B 214 -31.78 26.17 -24.59
C TYR B 214 -32.94 25.20 -24.40
N LEU B 215 -34.11 25.72 -24.04
CA LEU B 215 -35.29 24.87 -23.91
C LEU B 215 -35.62 24.20 -25.24
N ALA B 216 -35.47 24.93 -26.34
CA ALA B 216 -35.77 24.36 -27.65
C ALA B 216 -34.77 23.28 -28.03
N LEU B 217 -33.48 23.53 -27.82
CA LEU B 217 -32.48 22.52 -28.17
C LEU B 217 -32.61 21.29 -27.30
N VAL B 218 -32.83 21.48 -26.00
CA VAL B 218 -32.89 20.35 -25.09
C VAL B 218 -34.13 19.50 -25.39
N SER B 219 -35.27 20.15 -25.64
CA SER B 219 -36.48 19.42 -25.99
C SER B 219 -36.31 18.67 -27.30
N ALA B 220 -35.72 19.32 -28.31
CA ALA B 220 -35.51 18.66 -29.59
C ALA B 220 -34.57 17.48 -29.46
N LEU B 221 -33.47 17.65 -28.71
CA LEU B 221 -32.51 16.58 -28.53
C LEU B 221 -33.14 15.39 -27.80
N ALA B 222 -33.87 15.68 -26.71
CA ALA B 222 -34.49 14.61 -25.93
C ALA B 222 -35.67 13.97 -26.63
N SER B 223 -36.24 14.60 -27.66
CA SER B 223 -37.37 14.07 -28.42
C SER B 223 -36.98 13.54 -29.79
N GLY B 224 -35.73 13.73 -30.22
CA GLY B 224 -35.37 13.35 -31.57
C GLY B 224 -36.13 14.11 -32.63
N ALA B 225 -36.42 15.39 -32.36
CA ALA B 225 -37.12 16.23 -33.33
C ALA B 225 -36.31 16.35 -34.61
N ASP B 226 -37.01 16.45 -35.73
CA ASP B 226 -36.38 16.40 -37.05
C ASP B 226 -35.87 17.74 -37.53
N TRP B 227 -36.19 18.84 -36.85
CA TRP B 227 -35.61 20.13 -37.18
C TRP B 227 -35.87 21.07 -36.02
N LEU B 228 -34.92 21.96 -35.79
CA LEU B 228 -34.93 22.89 -34.66
C LEU B 228 -34.70 24.30 -35.18
N PHE B 229 -35.24 25.27 -34.43
CA PHE B 229 -35.01 26.69 -34.67
C PHE B 229 -34.59 27.32 -33.36
N ILE B 230 -33.38 27.88 -33.33
CA ILE B 230 -32.82 28.50 -32.13
C ILE B 230 -32.04 29.75 -32.52
N PRO B 231 -32.06 30.78 -31.67
CA PRO B 231 -31.39 32.03 -32.05
C PRO B 231 -29.87 31.93 -32.00
N GLU B 232 -29.30 30.96 -31.28
CA GLU B 232 -27.85 30.84 -31.21
C GLU B 232 -27.24 30.41 -32.52
N ALA B 233 -27.98 29.64 -33.32
CA ALA B 233 -27.54 29.17 -34.64
C ALA B 233 -28.68 29.46 -35.61
N PRO B 234 -28.83 30.70 -36.06
CA PRO B 234 -29.93 31.02 -36.98
C PRO B 234 -29.79 30.27 -38.29
N PRO B 235 -30.90 29.84 -38.92
CA PRO B 235 -30.76 29.01 -40.11
C PRO B 235 -30.22 29.80 -41.28
N GLU B 236 -29.42 29.13 -42.10
CA GLU B 236 -28.76 29.77 -43.22
C GLU B 236 -29.77 30.12 -44.31
N ASP B 237 -29.31 30.92 -45.28
CA ASP B 237 -30.17 31.37 -46.36
C ASP B 237 -30.66 30.20 -47.19
N GLY B 238 -31.91 30.29 -47.64
CA GLY B 238 -32.49 29.20 -48.41
C GLY B 238 -32.60 27.90 -47.66
N TRP B 239 -32.81 27.97 -46.34
CA TRP B 239 -32.97 26.76 -45.53
C TRP B 239 -34.21 25.95 -45.90
N GLU B 240 -35.15 26.53 -46.65
CA GLU B 240 -36.39 25.84 -46.98
C GLU B 240 -36.13 24.63 -47.83
N ASN B 241 -35.20 24.72 -48.78
CA ASN B 241 -34.87 23.57 -49.61
C ASN B 241 -34.25 22.46 -48.78
N PHE B 242 -33.39 22.81 -47.82
CA PHE B 242 -32.80 21.80 -46.95
C PHE B 242 -33.85 21.15 -46.06
N MET B 243 -34.86 21.91 -45.64
CA MET B 243 -36.01 21.31 -44.95
C MET B 243 -36.68 20.27 -45.84
N CYS B 244 -36.91 20.62 -47.11
CA CYS B 244 -37.57 19.69 -48.02
C CYS B 244 -36.74 18.42 -48.23
N GLU B 245 -35.42 18.58 -48.37
CA GLU B 245 -34.54 17.43 -48.58
C GLU B 245 -34.60 16.47 -47.40
N ARG B 246 -34.40 16.99 -46.18
CA ARG B 246 -34.37 16.12 -45.01
C ARG B 246 -35.72 15.47 -44.75
N LEU B 247 -36.79 16.27 -44.71
CA LEU B 247 -38.10 15.71 -44.36
C LEU B 247 -38.58 14.71 -45.40
N GLY B 248 -38.30 14.96 -46.68
CA GLY B 248 -38.61 13.98 -47.70
C GLY B 248 -37.80 12.71 -47.55
N GLU B 249 -36.52 12.85 -47.17
CA GLU B 249 -35.67 11.68 -47.01
C GLU B 249 -36.13 10.80 -45.86
N THR B 250 -36.47 11.40 -44.72
CA THR B 250 -36.90 10.61 -43.57
C THR B 250 -38.29 10.01 -43.81
N ARG B 251 -39.27 10.86 -44.13
CA ARG B 251 -40.65 10.41 -44.26
C ARG B 251 -40.80 9.36 -45.34
N SER B 252 -40.06 9.51 -46.44
CA SER B 252 -40.05 8.47 -47.45
C SER B 252 -39.44 7.18 -46.91
N ARG B 253 -38.37 7.31 -46.13
CA ARG B 253 -37.58 6.15 -45.67
C ARG B 253 -37.93 5.79 -44.23
N GLY B 254 -39.21 5.54 -43.99
CA GLY B 254 -39.67 4.88 -42.78
C GLY B 254 -40.08 5.77 -41.63
N SER B 255 -39.91 7.09 -41.75
CA SER B 255 -40.25 7.99 -40.64
C SER B 255 -41.75 8.25 -40.65
N ARG B 256 -42.47 7.59 -39.74
CA ARG B 256 -43.92 7.74 -39.69
C ARG B 256 -44.32 9.14 -39.22
N LEU B 257 -43.64 9.65 -38.20
CA LEU B 257 -43.91 10.97 -37.64
C LEU B 257 -42.71 11.88 -37.86
N ASN B 258 -42.98 13.18 -37.74
CA ASN B 258 -41.93 14.20 -37.77
C ASN B 258 -42.37 15.33 -36.86
N ILE B 259 -41.42 15.94 -36.16
CA ILE B 259 -41.70 16.99 -35.17
C ILE B 259 -40.78 18.17 -35.45
N ILE B 260 -41.34 19.37 -35.44
CA ILE B 260 -40.61 20.61 -35.63
C ILE B 260 -40.76 21.42 -34.35
N ILE B 261 -39.65 21.72 -33.70
CA ILE B 261 -39.62 22.60 -32.52
C ILE B 261 -39.18 23.97 -32.99
N ILE B 262 -39.78 25.02 -32.42
CA ILE B 262 -39.47 26.39 -32.77
C ILE B 262 -39.49 27.23 -31.50
N ALA B 263 -38.35 27.80 -31.14
CA ALA B 263 -38.31 28.75 -30.04
C ALA B 263 -39.04 30.02 -30.44
N GLU B 264 -39.65 30.67 -29.45
CA GLU B 264 -40.36 31.91 -29.74
C GLU B 264 -39.44 33.07 -30.10
N GLY B 265 -38.13 32.96 -29.84
CA GLY B 265 -37.16 33.98 -30.18
C GLY B 265 -36.32 33.64 -31.39
N ALA B 266 -36.78 32.72 -32.24
CA ALA B 266 -36.02 32.32 -33.40
C ALA B 266 -35.89 33.47 -34.39
N ILE B 267 -34.72 33.55 -35.04
CA ILE B 267 -34.41 34.60 -36.01
C ILE B 267 -33.60 33.96 -37.14
N ASP B 268 -33.41 34.73 -38.22
CA ASP B 268 -32.67 34.28 -39.39
C ASP B 268 -31.26 34.90 -39.37
N ARG B 269 -30.53 34.72 -40.47
CA ARG B 269 -29.22 35.36 -40.60
C ARG B 269 -29.34 36.88 -40.60
N ASN B 270 -30.46 37.40 -41.11
CA ASN B 270 -30.70 38.84 -41.11
C ASN B 270 -31.36 39.34 -39.83
N GLY B 271 -31.57 38.49 -38.84
CA GLY B 271 -32.19 38.89 -37.60
C GLY B 271 -33.69 39.06 -37.65
N LYS B 272 -34.33 38.71 -38.78
CA LYS B 272 -35.78 38.84 -38.89
C LYS B 272 -36.46 37.69 -38.15
N PRO B 273 -37.56 37.93 -37.41
CA PRO B 273 -38.26 36.81 -36.77
C PRO B 273 -38.86 35.87 -37.80
N ILE B 274 -38.82 34.57 -37.49
CA ILE B 274 -39.44 33.53 -38.30
C ILE B 274 -40.67 33.06 -37.52
N SER B 275 -41.85 33.27 -38.11
CA SER B 275 -43.09 32.91 -37.47
C SER B 275 -43.37 31.42 -37.62
N SER B 276 -43.98 30.83 -36.59
CA SER B 276 -44.43 29.45 -36.70
C SER B 276 -45.47 29.29 -37.79
N SER B 277 -46.27 30.33 -38.05
CA SER B 277 -47.21 30.29 -39.16
C SER B 277 -46.48 30.18 -40.49
N TYR B 278 -45.32 30.83 -40.62
CA TYR B 278 -44.50 30.66 -41.81
C TYR B 278 -44.09 29.20 -41.97
N VAL B 279 -43.74 28.54 -40.86
CA VAL B 279 -43.33 27.14 -40.92
C VAL B 279 -44.46 26.27 -41.45
N LYS B 280 -45.67 26.47 -40.90
CA LYS B 280 -46.84 25.70 -41.35
C LYS B 280 -47.11 25.92 -42.83
N ASP B 281 -47.10 27.18 -43.27
CA ASP B 281 -47.40 27.48 -44.66
C ASP B 281 -46.35 26.88 -45.58
N LEU B 282 -45.09 26.88 -45.15
CA LEU B 282 -44.01 26.32 -45.98
C LEU B 282 -44.18 24.81 -46.15
N VAL B 283 -44.41 24.10 -45.06
CA VAL B 283 -44.50 22.64 -45.14
C VAL B 283 -45.71 22.22 -45.96
N VAL B 284 -46.83 22.94 -45.82
CA VAL B 284 -48.02 22.62 -46.60
C VAL B 284 -47.78 22.88 -48.07
N GLN B 285 -47.11 23.99 -48.39
CA GLN B 285 -46.92 24.37 -49.78
C GLN B 285 -45.94 23.42 -50.48
N ARG B 286 -44.80 23.13 -49.85
CA ARG B 286 -43.71 22.47 -50.53
C ARG B 286 -43.80 20.95 -50.52
N LEU B 287 -44.42 20.36 -49.50
CA LEU B 287 -44.55 18.90 -49.38
C LEU B 287 -45.99 18.42 -49.33
N GLY B 288 -46.92 19.23 -48.84
CA GLY B 288 -48.28 18.76 -48.70
C GLY B 288 -48.51 17.78 -47.58
N PHE B 289 -47.51 17.56 -46.72
CA PHE B 289 -47.68 16.69 -45.57
C PHE B 289 -48.78 17.24 -44.67
N ASP B 290 -49.69 16.37 -44.24
CA ASP B 290 -50.67 16.75 -43.25
C ASP B 290 -49.95 17.16 -41.98
N THR B 291 -50.34 18.30 -41.42
CA THR B 291 -49.55 18.91 -40.35
C THR B 291 -50.43 19.87 -39.56
N ARG B 292 -49.91 20.27 -38.40
CA ARG B 292 -50.59 21.19 -37.51
C ARG B 292 -49.57 22.06 -36.82
N VAL B 293 -50.07 23.06 -36.10
CA VAL B 293 -49.27 23.97 -35.30
C VAL B 293 -49.80 23.95 -33.88
N THR B 294 -48.90 24.15 -32.92
CA THR B 294 -49.26 24.16 -31.51
C THR B 294 -48.31 25.09 -30.79
N VAL B 295 -48.86 25.81 -29.81
CA VAL B 295 -48.10 26.66 -28.90
C VAL B 295 -48.35 26.12 -27.51
N LEU B 296 -47.30 25.65 -26.86
CA LEU B 296 -47.44 25.13 -25.50
C LEU B 296 -47.89 26.20 -24.52
N GLY B 297 -47.65 27.47 -24.82
CA GLY B 297 -48.17 28.54 -23.99
C GLY B 297 -47.53 28.54 -22.62
N HIS B 298 -48.37 28.70 -21.60
CA HIS B 298 -47.92 28.82 -20.21
C HIS B 298 -48.01 27.52 -19.43
N VAL B 299 -48.21 26.38 -20.11
CA VAL B 299 -48.17 25.10 -19.40
C VAL B 299 -46.78 24.85 -18.85
N GLN B 300 -45.74 25.37 -19.51
CA GLN B 300 -44.36 25.15 -19.12
C GLN B 300 -43.97 25.88 -17.85
N ARG B 301 -44.78 26.84 -17.40
CA ARG B 301 -44.48 27.65 -16.22
C ARG B 301 -45.10 27.11 -14.93
N GLY B 302 -45.82 25.99 -14.99
CA GLY B 302 -46.52 25.46 -13.83
C GLY B 302 -46.41 23.95 -13.78
N GLY B 303 -47.06 23.39 -12.76
CA GLY B 303 -47.06 21.97 -12.49
C GLY B 303 -46.15 21.60 -11.33
N THR B 304 -46.18 20.33 -10.99
CA THR B 304 -45.37 19.84 -9.87
C THR B 304 -43.89 19.90 -10.26
N PRO B 305 -43.02 20.58 -9.51
CA PRO B 305 -41.61 20.64 -9.93
C PRO B 305 -40.94 19.28 -9.85
N SER B 306 -40.06 19.02 -10.81
CA SER B 306 -39.33 17.76 -10.85
C SER B 306 -38.38 17.68 -9.66
N ALA B 307 -37.85 16.46 -9.43
CA ALA B 307 -37.01 16.23 -8.27
C ALA B 307 -35.71 17.01 -8.35
N PHE B 308 -35.16 17.16 -9.56
CA PHE B 308 -33.93 17.92 -9.71
C PHE B 308 -34.11 19.37 -9.29
N ASP B 309 -35.25 19.97 -9.67
CA ASP B 309 -35.50 21.37 -9.31
C ASP B 309 -35.69 21.53 -7.81
N ARG B 310 -36.36 20.57 -7.16
CA ARG B 310 -36.56 20.66 -5.71
C ARG B 310 -35.22 20.57 -4.98
N ILE B 311 -34.40 19.58 -5.34
CA ILE B 311 -33.12 19.39 -4.66
C ILE B 311 -32.20 20.58 -4.93
N LEU B 312 -32.12 21.00 -6.20
CA LEU B 312 -31.23 22.11 -6.55
C LEU B 312 -31.66 23.40 -5.87
N SER B 313 -32.95 23.73 -5.93
CA SER B 313 -33.43 24.97 -5.34
C SER B 313 -33.23 24.97 -3.84
N SER B 314 -33.39 23.82 -3.19
CA SER B 314 -33.17 23.75 -1.75
C SER B 314 -31.72 23.98 -1.41
N LYS B 315 -30.80 23.32 -2.13
CA LYS B 315 -29.38 23.53 -1.91
C LYS B 315 -28.96 24.97 -2.18
N MET B 316 -29.45 25.53 -3.28
CA MET B 316 -29.04 26.88 -3.66
C MET B 316 -29.59 27.91 -2.68
N GLY B 317 -30.81 27.71 -2.19
CA GLY B 317 -31.34 28.60 -1.17
C GLY B 317 -30.57 28.53 0.13
N MET B 318 -30.15 27.32 0.52
CA MET B 318 -29.28 27.18 1.68
C MET B 318 -27.99 27.94 1.48
N GLU B 319 -27.33 27.73 0.33
CA GLU B 319 -26.06 28.39 0.08
C GLU B 319 -26.20 29.90 0.00
N ALA B 320 -27.34 30.39 -0.49
CA ALA B 320 -27.57 31.83 -0.54
C ALA B 320 -27.65 32.42 0.86
N VAL B 321 -28.35 31.75 1.77
CA VAL B 321 -28.41 32.23 3.14
C VAL B 321 -27.03 32.18 3.78
N MET B 322 -26.23 31.15 3.46
CA MET B 322 -24.87 31.09 3.95
C MET B 322 -24.05 32.26 3.42
N ALA B 323 -24.23 32.60 2.15
CA ALA B 323 -23.51 33.73 1.57
C ALA B 323 -23.92 35.03 2.25
N LEU B 324 -25.22 35.21 2.52
CA LEU B 324 -25.67 36.43 3.19
C LEU B 324 -25.10 36.55 4.58
N LEU B 325 -25.04 35.43 5.30
CA LEU B 325 -24.51 35.47 6.67
C LEU B 325 -23.03 35.83 6.68
N GLU B 326 -22.25 35.30 5.75
CA GLU B 326 -20.82 35.48 5.72
C GLU B 326 -20.37 36.61 4.78
N ALA B 327 -21.30 37.38 4.22
CA ALA B 327 -20.94 38.50 3.37
C ALA B 327 -20.64 39.73 4.23
N THR B 328 -19.98 40.70 3.61
CA THR B 328 -19.61 41.97 4.24
C THR B 328 -19.92 43.09 3.26
N PRO B 329 -19.96 44.34 3.74
CA PRO B 329 -20.28 45.46 2.82
C PRO B 329 -19.29 45.63 1.68
N ASP B 330 -18.00 45.43 1.93
CA ASP B 330 -17.01 45.55 0.87
C ASP B 330 -17.21 44.50 -0.22
N THR B 331 -17.76 43.34 0.13
CA THR B 331 -17.98 42.30 -0.86
C THR B 331 -19.08 42.75 -1.83
N PRO B 332 -18.91 42.60 -3.14
CA PRO B 332 -20.00 42.97 -4.06
C PRO B 332 -21.14 41.97 -4.00
N ALA B 333 -22.24 42.34 -4.64
CA ALA B 333 -23.39 41.45 -4.73
C ALA B 333 -23.00 40.20 -5.50
N CYS B 334 -23.46 39.04 -5.01
CA CYS B 334 -23.09 37.74 -5.56
C CYS B 334 -24.35 36.91 -5.80
N VAL B 335 -24.24 36.02 -6.79
CA VAL B 335 -25.30 35.07 -7.14
C VAL B 335 -24.77 33.66 -6.92
N VAL B 336 -25.61 32.80 -6.37
CA VAL B 336 -25.28 31.39 -6.14
C VAL B 336 -25.82 30.58 -7.32
N THR B 337 -24.94 29.79 -7.94
CA THR B 337 -25.24 29.13 -9.20
C THR B 337 -24.67 27.72 -9.14
N LEU B 338 -24.64 27.06 -10.30
CA LEU B 338 -24.03 25.76 -10.49
C LEU B 338 -22.91 25.86 -11.51
N SER B 339 -21.73 25.37 -11.13
CA SER B 339 -20.67 25.03 -12.07
C SER B 339 -20.40 23.54 -11.89
N GLY B 340 -20.31 22.81 -13.00
CA GLY B 340 -20.22 21.37 -12.91
C GLY B 340 -21.43 20.77 -12.24
N ASN B 341 -21.28 20.32 -10.99
CA ASN B 341 -22.40 19.83 -10.19
C ASN B 341 -22.24 20.21 -8.73
N GLN B 342 -21.75 21.43 -8.47
CA GLN B 342 -21.58 21.97 -7.13
C GLN B 342 -22.06 23.40 -7.11
N SER B 343 -22.13 23.98 -5.92
CA SER B 343 -22.71 25.30 -5.71
C SER B 343 -21.59 26.33 -5.58
N VAL B 344 -21.24 26.94 -6.70
CA VAL B 344 -20.26 28.02 -6.73
C VAL B 344 -20.97 29.34 -6.42
N ARG B 345 -20.20 30.40 -6.25
CA ARG B 345 -20.74 31.72 -5.90
C ARG B 345 -19.98 32.77 -6.68
N LEU B 346 -20.70 33.55 -7.51
CA LEU B 346 -20.12 34.45 -8.48
C LEU B 346 -20.61 35.89 -8.27
N PRO B 347 -19.82 36.91 -8.62
CA PRO B 347 -20.29 38.29 -8.49
C PRO B 347 -21.39 38.62 -9.50
N LEU B 348 -22.31 39.50 -9.09
CA LEU B 348 -23.54 39.75 -9.83
C LEU B 348 -23.31 40.57 -11.09
N MET B 349 -22.59 41.70 -10.97
CA MET B 349 -22.44 42.62 -12.11
C MET B 349 -21.70 41.96 -13.27
N GLU B 350 -20.71 41.11 -12.95
CA GLU B 350 -19.99 40.37 -14.00
C GLU B 350 -20.94 39.51 -14.84
N CYS B 351 -21.81 38.76 -14.18
CA CYS B 351 -22.72 37.87 -14.92
C CYS B 351 -23.80 38.67 -15.65
N VAL B 352 -24.29 39.76 -15.05
CA VAL B 352 -25.29 40.59 -15.71
C VAL B 352 -24.71 41.21 -16.98
N GLN B 353 -23.55 41.86 -16.85
CA GLN B 353 -22.95 42.51 -18.02
C GLN B 353 -22.52 41.48 -19.07
N MET B 354 -22.06 40.31 -18.62
CA MET B 354 -21.76 39.22 -19.56
C MET B 354 -23.00 38.82 -20.34
N THR B 355 -24.15 38.77 -19.66
CA THR B 355 -25.40 38.41 -20.34
C THR B 355 -25.83 39.49 -21.32
N LYS B 356 -25.70 40.76 -20.92
CA LYS B 356 -26.07 41.85 -21.82
C LYS B 356 -25.16 41.88 -23.05
N GLU B 357 -23.87 41.63 -22.86
CA GLU B 357 -22.93 41.60 -23.99
C GLU B 357 -23.25 40.47 -24.95
N VAL B 358 -23.63 39.30 -24.42
CA VAL B 358 -23.99 38.18 -25.27
C VAL B 358 -25.23 38.49 -26.08
N GLN B 359 -26.29 38.95 -25.40
CA GLN B 359 -27.56 39.22 -26.07
C GLN B 359 -27.41 40.34 -27.08
N LYS B 360 -26.61 41.35 -26.77
CA LYS B 360 -26.39 42.43 -27.72
C LYS B 360 -25.57 41.96 -28.91
N ALA B 361 -24.52 41.16 -28.67
CA ALA B 361 -23.72 40.63 -29.78
C ALA B 361 -24.56 39.74 -30.68
N MET B 362 -25.51 38.99 -30.11
CA MET B 362 -26.47 38.24 -30.94
C MET B 362 -27.32 39.19 -31.77
N ASP B 363 -27.74 40.31 -31.18
CA ASP B 363 -28.51 41.30 -31.93
C ASP B 363 -27.66 41.96 -33.01
N ASP B 364 -26.36 42.11 -32.78
CA ASP B 364 -25.45 42.74 -33.73
C ASP B 364 -24.98 41.81 -34.84
N LYS B 365 -25.56 40.61 -34.96
CA LYS B 365 -25.20 39.59 -35.96
C LYS B 365 -23.80 39.01 -35.74
N ARG B 366 -23.17 39.26 -34.59
CA ARG B 366 -21.91 38.61 -34.22
C ARG B 366 -22.24 37.28 -33.55
N PHE B 367 -22.80 36.37 -34.35
CA PHE B 367 -23.29 35.11 -33.81
C PHE B 367 -22.15 34.25 -33.27
N ASP B 368 -21.03 34.21 -33.99
CA ASP B 368 -19.89 33.41 -33.55
C ASP B 368 -19.35 33.90 -32.22
N GLU B 369 -19.24 35.22 -32.06
CA GLU B 369 -18.69 35.78 -30.82
C GLU B 369 -19.59 35.45 -29.64
N ALA B 370 -20.91 35.49 -29.86
CA ALA B 370 -21.85 35.07 -28.82
C ALA B 370 -21.72 33.57 -28.53
N THR B 371 -21.42 32.76 -29.55
CA THR B 371 -21.27 31.33 -29.33
C THR B 371 -20.12 31.03 -28.37
N GLN B 372 -18.95 31.64 -28.59
CA GLN B 372 -17.84 31.43 -27.66
C GLN B 372 -18.11 32.08 -26.31
N LEU B 373 -18.84 33.21 -26.28
CA LEU B 373 -19.11 33.88 -25.02
C LEU B 373 -20.05 33.05 -24.13
N ARG B 374 -21.02 32.35 -24.74
CA ARG B 374 -21.99 31.59 -23.96
C ARG B 374 -21.34 30.45 -23.19
N GLY B 375 -20.53 29.64 -23.88
CA GLY B 375 -19.93 28.45 -23.31
C GLY B 375 -19.95 27.30 -24.31
N GLY B 376 -18.87 26.53 -24.36
CA GLY B 376 -18.74 25.50 -25.37
C GLY B 376 -19.77 24.39 -25.26
N SER B 377 -20.37 24.20 -24.09
CA SER B 377 -21.35 23.12 -23.88
C SER B 377 -22.52 23.24 -24.84
N PHE B 378 -22.98 24.46 -25.11
CA PHE B 378 -24.09 24.65 -26.03
C PHE B 378 -23.71 24.21 -27.44
N GLU B 379 -22.53 24.61 -27.91
CA GLU B 379 -22.10 24.27 -29.26
C GLU B 379 -21.89 22.77 -29.41
N ASN B 380 -21.35 22.12 -28.37
CA ASN B 380 -21.16 20.68 -28.43
C ASN B 380 -22.50 19.96 -28.53
N ASN B 381 -23.50 20.42 -27.77
CA ASN B 381 -24.83 19.82 -27.85
C ASN B 381 -25.45 20.03 -29.20
N TRP B 382 -25.28 21.22 -29.78
CA TRP B 382 -25.82 21.52 -31.09
C TRP B 382 -25.19 20.63 -32.15
N ASN B 383 -23.87 20.41 -32.07
CA ASN B 383 -23.21 19.52 -33.02
C ASN B 383 -23.65 18.07 -32.84
N ILE B 384 -23.84 17.63 -31.58
CA ILE B 384 -24.25 16.26 -31.33
C ILE B 384 -25.64 16.01 -31.90
N TYR B 385 -26.57 16.94 -31.68
CA TYR B 385 -27.92 16.76 -32.19
C TYR B 385 -27.93 16.73 -33.72
N LYS B 386 -27.15 17.60 -34.36
CA LYS B 386 -27.11 17.63 -35.82
C LYS B 386 -26.59 16.32 -36.38
N LEU B 387 -25.56 15.75 -35.75
CA LEU B 387 -25.03 14.47 -36.23
C LEU B 387 -26.06 13.37 -36.07
N LEU B 388 -26.73 13.31 -34.92
CA LEU B 388 -27.65 12.21 -34.63
C LEU B 388 -28.99 12.35 -35.34
N ALA B 389 -29.37 13.55 -35.77
CA ALA B 389 -30.73 13.78 -36.23
C ALA B 389 -31.02 13.00 -37.52
N HIS B 390 -30.17 13.17 -38.54
CA HIS B 390 -30.39 12.59 -39.86
C HIS B 390 -29.11 11.95 -40.36
N GLN B 391 -29.29 10.94 -41.21
CA GLN B 391 -28.19 10.09 -41.63
C GLN B 391 -27.37 10.77 -42.72
N LYS B 392 -26.08 10.95 -42.47
CA LYS B 392 -25.11 11.34 -43.47
C LYS B 392 -24.52 10.09 -44.12
N PRO B 393 -24.12 10.11 -45.39
CA PRO B 393 -23.64 8.88 -46.03
C PRO B 393 -22.26 8.50 -45.49
N PRO B 394 -22.10 7.34 -44.83
CA PRO B 394 -20.77 6.98 -44.32
C PRO B 394 -19.84 6.59 -45.46
N LYS B 395 -18.53 6.78 -45.21
CA LYS B 395 -17.49 6.55 -46.21
C LYS B 395 -16.28 5.79 -45.69
N GLU B 396 -16.04 5.74 -44.39
CA GLU B 396 -14.81 5.16 -43.88
C GLU B 396 -14.80 3.66 -44.08
N LYS B 397 -15.82 2.98 -43.56
CA LYS B 397 -15.98 1.53 -43.66
C LYS B 397 -14.76 0.80 -43.08
N SER B 398 -14.61 0.98 -41.76
CA SER B 398 -13.49 0.40 -41.06
C SER B 398 -13.67 -1.12 -40.94
N ASN B 399 -12.66 -1.76 -40.35
CA ASN B 399 -12.63 -3.21 -40.15
C ASN B 399 -13.06 -3.63 -38.75
N PHE B 400 -13.30 -2.68 -37.85
CA PHE B 400 -13.54 -3.00 -36.46
C PHE B 400 -14.93 -3.65 -36.29
N SER B 401 -15.24 -3.99 -35.05
CA SER B 401 -16.52 -4.59 -34.71
C SER B 401 -16.88 -4.20 -33.28
N LEU B 402 -18.18 -4.09 -33.02
CA LEU B 402 -18.70 -3.67 -31.73
C LEU B 402 -19.83 -4.58 -31.30
N ALA B 403 -19.90 -4.85 -29.99
CA ALA B 403 -21.00 -5.57 -29.38
C ALA B 403 -21.40 -4.83 -28.11
N ILE B 404 -22.56 -4.20 -28.15
CA ILE B 404 -23.07 -3.38 -27.04
C ILE B 404 -24.07 -4.21 -26.26
N LEU B 405 -23.87 -4.28 -24.94
CA LEU B 405 -24.64 -5.14 -24.06
C LEU B 405 -25.37 -4.32 -23.02
N ASN B 406 -26.48 -4.86 -22.54
CA ASN B 406 -27.20 -4.34 -21.38
C ASN B 406 -27.03 -5.34 -20.23
N VAL B 407 -26.50 -4.86 -19.10
CA VAL B 407 -26.15 -5.70 -17.97
C VAL B 407 -26.69 -5.03 -16.71
N GLY B 408 -27.21 -5.85 -15.80
CA GLY B 408 -27.82 -5.37 -14.57
C GLY B 408 -29.32 -5.37 -14.66
N ALA B 409 -29.94 -4.58 -13.79
CA ALA B 409 -31.38 -4.42 -13.82
C ALA B 409 -31.77 -3.43 -14.92
N PRO B 410 -32.99 -3.52 -15.46
CA PRO B 410 -33.43 -2.48 -16.40
C PRO B 410 -33.56 -1.16 -15.70
N ALA B 411 -33.17 -0.09 -16.40
CA ALA B 411 -33.17 1.25 -15.85
C ALA B 411 -33.53 2.22 -16.97
N ALA B 412 -34.46 3.12 -16.69
CA ALA B 412 -34.93 4.08 -17.68
C ALA B 412 -33.78 4.89 -18.24
N GLY B 413 -33.72 5.02 -19.57
CA GLY B 413 -32.66 5.71 -20.27
C GLY B 413 -31.64 4.81 -20.92
N MET B 414 -31.60 3.53 -20.56
CA MET B 414 -30.66 2.59 -21.17
C MET B 414 -30.90 2.48 -22.68
N ASN B 415 -32.16 2.55 -23.11
CA ASN B 415 -32.46 2.52 -24.53
C ASN B 415 -31.88 3.73 -25.25
N ALA B 416 -31.90 4.88 -24.61
CA ALA B 416 -31.34 6.09 -25.23
C ALA B 416 -29.84 5.95 -25.43
N ALA B 417 -29.13 5.42 -24.44
CA ALA B 417 -27.69 5.25 -24.57
C ALA B 417 -27.34 4.23 -25.63
N VAL B 418 -28.12 3.15 -25.73
CA VAL B 418 -27.89 2.16 -26.77
C VAL B 418 -28.15 2.78 -28.14
N ARG B 419 -29.19 3.60 -28.26
CA ARG B 419 -29.50 4.25 -29.53
C ARG B 419 -28.33 5.12 -29.98
N SER B 420 -27.84 5.99 -29.09
CA SER B 420 -26.75 6.89 -29.45
C SER B 420 -25.47 6.12 -29.76
N ALA B 421 -25.22 5.05 -29.02
CA ALA B 421 -24.02 4.25 -29.26
C ALA B 421 -24.05 3.61 -30.64
N VAL B 422 -25.20 3.07 -31.04
CA VAL B 422 -25.32 2.44 -32.35
C VAL B 422 -25.13 3.48 -33.45
N ARG B 423 -25.88 4.59 -33.37
CA ARG B 423 -25.85 5.55 -34.46
C ARG B 423 -24.52 6.27 -34.57
N THR B 424 -23.86 6.53 -33.44
CA THR B 424 -22.51 7.09 -33.50
C THR B 424 -21.54 6.08 -34.08
N GLY B 425 -21.71 4.80 -33.74
CA GLY B 425 -20.85 3.78 -34.33
C GLY B 425 -21.03 3.66 -35.83
N ILE B 426 -22.29 3.74 -36.29
CA ILE B 426 -22.56 3.66 -37.73
C ILE B 426 -21.97 4.86 -38.45
N SER B 427 -22.07 6.06 -37.86
CA SER B 427 -21.53 7.26 -38.50
C SER B 427 -20.02 7.17 -38.68
N HIS B 428 -19.34 6.41 -37.84
CA HIS B 428 -17.92 6.12 -38.00
C HIS B 428 -17.64 4.89 -38.85
N GLY B 429 -18.67 4.23 -39.38
CA GLY B 429 -18.47 3.14 -40.31
C GLY B 429 -18.13 1.80 -39.69
N HIS B 430 -18.39 1.62 -38.40
CA HIS B 430 -18.23 0.31 -37.78
C HIS B 430 -19.35 -0.62 -38.24
N THR B 431 -19.29 -1.87 -37.78
CA THR B 431 -20.32 -2.88 -38.00
C THR B 431 -20.84 -3.29 -36.63
N VAL B 432 -21.75 -2.47 -36.10
CA VAL B 432 -22.19 -2.62 -34.72
C VAL B 432 -23.09 -3.84 -34.61
N TYR B 433 -22.90 -4.62 -33.54
CA TYR B 433 -23.78 -5.72 -33.19
C TYR B 433 -24.44 -5.39 -31.86
N VAL B 434 -25.65 -5.90 -31.67
CA VAL B 434 -26.40 -5.78 -30.42
C VAL B 434 -26.61 -7.18 -29.87
N VAL B 435 -26.25 -7.36 -28.60
CA VAL B 435 -26.31 -8.65 -27.93
C VAL B 435 -27.39 -8.58 -26.87
N HIS B 436 -28.41 -9.42 -27.03
CA HIS B 436 -29.50 -9.45 -26.08
C HIS B 436 -29.08 -10.19 -24.81
N ASP B 437 -29.76 -9.89 -23.70
CA ASP B 437 -29.65 -10.64 -22.45
C ASP B 437 -28.24 -10.65 -21.87
N GLY B 438 -27.42 -9.65 -22.19
CA GLY B 438 -26.15 -9.45 -21.53
C GLY B 438 -25.15 -10.59 -21.75
N PHE B 439 -24.30 -10.79 -20.75
CA PHE B 439 -23.25 -11.82 -20.83
C PHE B 439 -23.84 -13.21 -21.00
N GLU B 440 -25.02 -13.47 -20.42
CA GLU B 440 -25.68 -14.75 -20.60
C GLU B 440 -26.03 -14.97 -22.06
N GLY B 441 -26.58 -13.95 -22.72
CA GLY B 441 -26.88 -14.08 -24.13
C GLY B 441 -25.64 -14.20 -24.99
N LEU B 442 -24.60 -13.42 -24.67
CA LEU B 442 -23.36 -13.48 -25.45
C LEU B 442 -22.74 -14.86 -25.38
N ALA B 443 -22.85 -15.52 -24.23
CA ALA B 443 -22.34 -16.88 -24.10
C ALA B 443 -23.10 -17.83 -25.02
N LYS B 444 -24.41 -17.65 -25.14
CA LYS B 444 -25.26 -18.47 -25.98
C LYS B 444 -25.37 -17.94 -27.41
N GLY B 445 -24.40 -17.16 -27.88
CA GLY B 445 -24.51 -16.54 -29.17
C GLY B 445 -25.50 -15.40 -29.11
N GLN B 446 -26.65 -15.55 -29.76
CA GLN B 446 -27.74 -14.55 -29.76
C GLN B 446 -27.23 -13.17 -30.15
N VAL B 447 -26.40 -13.14 -31.19
CA VAL B 447 -25.80 -11.92 -31.73
C VAL B 447 -26.38 -11.69 -33.11
N GLN B 448 -26.69 -10.42 -33.40
CA GLN B 448 -27.19 -10.04 -34.72
C GLN B 448 -26.67 -8.66 -35.06
N GLU B 449 -26.43 -8.43 -36.35
CA GLU B 449 -26.06 -7.11 -36.81
C GLU B 449 -27.24 -6.16 -36.68
N VAL B 450 -26.95 -4.87 -36.55
CA VAL B 450 -27.95 -3.82 -36.41
C VAL B 450 -27.68 -2.76 -37.47
N GLY B 451 -28.76 -2.21 -38.02
CA GLY B 451 -28.71 -1.11 -38.96
C GLY B 451 -29.18 0.18 -38.31
N TRP B 452 -29.10 1.26 -39.10
CA TRP B 452 -29.50 2.58 -38.61
C TRP B 452 -30.96 2.60 -38.19
N HIS B 453 -31.85 2.07 -39.04
CA HIS B 453 -33.27 2.12 -38.77
C HIS B 453 -33.71 1.13 -37.68
N ASP B 454 -32.87 0.14 -37.36
CA ASP B 454 -33.27 -0.88 -36.39
C ASP B 454 -33.44 -0.35 -34.97
N VAL B 455 -32.93 0.86 -34.67
CA VAL B 455 -32.93 1.41 -33.33
C VAL B 455 -33.59 2.78 -33.31
N ALA B 456 -34.44 3.08 -34.31
CA ALA B 456 -35.16 4.35 -34.34
C ALA B 456 -36.40 4.27 -33.46
N GLY B 457 -36.65 5.36 -32.73
CA GLY B 457 -37.80 5.44 -31.86
C GLY B 457 -37.63 4.82 -30.48
N TRP B 458 -36.46 4.27 -30.17
CA TRP B 458 -36.20 3.68 -28.86
C TRP B 458 -35.82 4.74 -27.82
N LEU B 459 -35.91 6.03 -28.16
CA LEU B 459 -35.51 7.06 -27.21
C LEU B 459 -36.50 7.19 -26.07
N GLY B 460 -37.79 7.05 -26.36
CA GLY B 460 -38.84 7.31 -25.39
C GLY B 460 -39.45 6.10 -24.73
N ARG B 461 -38.74 4.97 -24.74
CA ARG B 461 -39.20 3.71 -24.17
C ARG B 461 -38.38 3.43 -22.91
N GLY B 462 -39.06 3.23 -21.79
CA GLY B 462 -38.39 2.91 -20.55
C GLY B 462 -37.87 1.49 -20.55
N GLY B 463 -37.15 1.17 -19.47
CA GLY B 463 -36.52 -0.13 -19.34
C GLY B 463 -35.49 -0.35 -20.42
N SER B 464 -35.28 -1.63 -20.75
CA SER B 464 -34.33 -2.06 -21.78
C SER B 464 -35.04 -2.94 -22.80
N MET B 465 -34.85 -2.62 -24.07
CA MET B 465 -35.44 -3.41 -25.14
C MET B 465 -34.61 -4.65 -25.45
N LEU B 466 -33.28 -4.52 -25.41
CA LEU B 466 -32.42 -5.67 -25.69
C LEU B 466 -32.50 -6.71 -24.59
N GLY B 467 -32.86 -6.31 -23.37
CA GLY B 467 -32.87 -7.21 -22.24
C GLY B 467 -31.54 -7.23 -21.51
N THR B 468 -31.63 -7.44 -20.20
CA THR B 468 -30.48 -7.37 -19.31
C THR B 468 -30.54 -8.51 -18.32
N LYS B 469 -29.39 -8.81 -17.72
CA LYS B 469 -29.26 -9.89 -16.76
C LYS B 469 -28.20 -9.52 -15.73
N ARG B 470 -28.24 -10.21 -14.60
CA ARG B 470 -27.26 -10.07 -13.53
C ARG B 470 -26.11 -11.07 -13.63
N THR B 471 -26.07 -11.87 -14.70
CA THR B 471 -25.02 -12.87 -14.84
C THR B 471 -23.67 -12.20 -15.01
N LEU B 472 -22.63 -12.87 -14.47
CA LEU B 472 -21.25 -12.46 -14.60
C LEU B 472 -20.50 -13.39 -15.55
N PRO B 473 -19.45 -12.92 -16.24
CA PRO B 473 -18.88 -13.72 -17.33
C PRO B 473 -18.11 -14.94 -16.88
N LYS B 474 -17.41 -14.89 -15.74
CA LYS B 474 -16.40 -15.90 -15.41
C LYS B 474 -16.97 -17.31 -15.30
N GLY B 475 -18.27 -17.45 -15.07
CA GLY B 475 -18.87 -18.77 -15.08
C GLY B 475 -18.90 -19.39 -16.48
N GLN B 476 -19.12 -18.55 -17.50
CA GLN B 476 -19.23 -18.97 -18.89
C GLN B 476 -18.22 -18.25 -19.76
N LEU B 477 -17.02 -18.03 -19.24
CA LEU B 477 -16.03 -17.23 -19.95
C LEU B 477 -15.54 -17.95 -21.21
N GLU B 478 -15.48 -19.29 -21.18
CA GLU B 478 -15.04 -20.02 -22.36
C GLU B 478 -15.99 -19.79 -23.53
N SER B 479 -17.30 -19.82 -23.27
CA SER B 479 -18.26 -19.56 -24.34
C SER B 479 -18.19 -18.13 -24.83
N ILE B 480 -17.89 -17.18 -23.95
CA ILE B 480 -17.66 -15.80 -24.38
C ILE B 480 -16.50 -15.74 -25.36
N VAL B 481 -15.41 -16.46 -25.05
CA VAL B 481 -14.25 -16.48 -25.92
C VAL B 481 -14.62 -17.07 -27.28
N GLU B 482 -15.45 -18.11 -27.28
CA GLU B 482 -15.85 -18.73 -28.55
C GLU B 482 -16.67 -17.76 -29.39
N ASN B 483 -17.58 -17.02 -28.75
CA ASN B 483 -18.41 -16.09 -29.51
C ASN B 483 -17.62 -14.88 -29.98
N ILE B 484 -16.62 -14.44 -29.20
CA ILE B 484 -15.77 -13.34 -29.66
C ILE B 484 -14.96 -13.77 -30.88
N ARG B 485 -14.52 -15.03 -30.92
CA ARG B 485 -13.72 -15.47 -32.05
C ARG B 485 -14.56 -15.65 -33.31
N ILE B 486 -15.74 -16.26 -33.18
CA ILE B 486 -16.55 -16.58 -34.35
C ILE B 486 -17.06 -15.29 -35.00
N TYR B 487 -17.52 -14.33 -34.20
CA TYR B 487 -17.95 -13.04 -34.71
C TYR B 487 -16.81 -12.05 -34.88
N GLY B 488 -15.65 -12.32 -34.30
CA GLY B 488 -14.49 -11.46 -34.47
C GLY B 488 -14.69 -10.08 -33.89
N ILE B 489 -15.27 -9.99 -32.70
CA ILE B 489 -15.57 -8.71 -32.10
C ILE B 489 -14.25 -8.05 -31.71
N HIS B 490 -14.21 -6.70 -31.81
CA HIS B 490 -13.05 -5.90 -31.45
C HIS B 490 -13.35 -4.81 -30.43
N ALA B 491 -14.59 -4.71 -29.93
CA ALA B 491 -14.85 -3.81 -28.81
C ALA B 491 -16.18 -4.18 -28.16
N LEU B 492 -16.24 -3.99 -26.84
CA LEU B 492 -17.46 -4.19 -26.05
C LEU B 492 -17.81 -2.89 -25.35
N LEU B 493 -18.95 -2.30 -25.71
CA LEU B 493 -19.49 -1.13 -25.02
C LEU B 493 -20.56 -1.63 -24.05
N VAL B 494 -20.10 -2.03 -22.86
CA VAL B 494 -20.96 -2.66 -21.86
C VAL B 494 -21.68 -1.58 -21.06
N VAL B 495 -22.85 -1.17 -21.52
CA VAL B 495 -23.69 -0.24 -20.76
C VAL B 495 -24.47 -1.04 -19.72
N GLY B 496 -24.34 -0.66 -18.45
CA GLY B 496 -25.02 -1.41 -17.41
C GLY B 496 -24.72 -0.84 -16.04
N GLY B 497 -25.08 -1.62 -15.03
CA GLY B 497 -24.95 -1.21 -13.65
C GLY B 497 -23.66 -1.67 -12.98
N PHE B 498 -23.74 -2.07 -11.71
CA PHE B 498 -22.54 -2.53 -11.01
C PHE B 498 -22.02 -3.83 -11.59
N GLU B 499 -22.92 -4.75 -11.95
CA GLU B 499 -22.49 -6.03 -12.48
C GLU B 499 -21.77 -5.86 -13.82
N ALA B 500 -22.08 -4.79 -14.56
CA ALA B 500 -21.30 -4.45 -15.73
C ALA B 500 -19.85 -4.14 -15.36
N TYR B 501 -19.65 -3.32 -14.32
CA TYR B 501 -18.31 -2.97 -13.88
C TYR B 501 -17.55 -4.20 -13.42
N GLU B 502 -18.18 -5.05 -12.63
CA GLU B 502 -17.51 -6.26 -12.16
C GLU B 502 -17.22 -7.22 -13.30
N GLY B 503 -18.14 -7.31 -14.27
CA GLY B 503 -17.90 -8.19 -15.41
C GLY B 503 -16.73 -7.75 -16.25
N VAL B 504 -16.63 -6.45 -16.51
CA VAL B 504 -15.49 -5.94 -17.27
C VAL B 504 -14.20 -6.14 -16.48
N LEU B 505 -14.27 -6.05 -15.16
CA LEU B 505 -13.09 -6.33 -14.34
C LEU B 505 -12.67 -7.78 -14.50
N GLN B 506 -13.65 -8.70 -14.56
CA GLN B 506 -13.33 -10.11 -14.74
C GLN B 506 -12.69 -10.35 -16.11
N LEU B 507 -13.17 -9.65 -17.14
CA LEU B 507 -12.57 -9.80 -18.46
C LEU B 507 -11.15 -9.26 -18.50
N VAL B 508 -10.88 -8.18 -17.76
CA VAL B 508 -9.52 -7.65 -17.68
C VAL B 508 -8.59 -8.68 -17.05
N GLU B 509 -9.01 -9.25 -15.91
CA GLU B 509 -8.19 -10.26 -15.24
C GLU B 509 -8.09 -11.54 -16.06
N ALA B 510 -9.07 -11.79 -16.94
CA ALA B 510 -9.03 -12.95 -17.82
C ALA B 510 -8.15 -12.77 -19.05
N ARG B 511 -7.68 -11.54 -19.32
CA ARG B 511 -6.79 -11.32 -20.45
C ARG B 511 -5.49 -12.10 -20.33
N GLY B 512 -5.07 -12.43 -19.09
CA GLY B 512 -3.79 -13.07 -18.89
C GLY B 512 -3.68 -14.45 -19.52
N ARG B 513 -4.81 -15.14 -19.70
CA ARG B 513 -4.83 -16.52 -20.17
C ARG B 513 -5.59 -16.73 -21.47
N TYR B 514 -6.29 -15.72 -21.99
CA TYR B 514 -7.05 -15.83 -23.22
C TYR B 514 -6.64 -14.70 -24.17
N GLU B 515 -6.41 -15.06 -25.44
CA GLU B 515 -5.99 -14.09 -26.44
C GLU B 515 -7.17 -13.34 -27.03
N GLU B 516 -8.36 -13.93 -27.03
CA GLU B 516 -9.52 -13.27 -27.62
C GLU B 516 -9.92 -12.03 -26.81
N LEU B 517 -9.71 -12.05 -25.50
CA LEU B 517 -10.15 -10.96 -24.63
C LEU B 517 -9.20 -9.78 -24.62
N CYS B 518 -8.21 -9.72 -25.52
CA CYS B 518 -7.39 -8.52 -25.71
C CYS B 518 -8.18 -7.53 -26.56
N ILE B 519 -9.21 -6.97 -25.93
CA ILE B 519 -10.29 -6.27 -26.62
C ILE B 519 -10.63 -5.02 -25.83
N VAL B 520 -10.84 -3.91 -26.54
CA VAL B 520 -11.15 -2.64 -25.88
C VAL B 520 -12.54 -2.75 -25.28
N MET B 521 -12.68 -2.28 -24.05
CA MET B 521 -13.94 -2.34 -23.31
C MET B 521 -14.24 -0.97 -22.72
N CYS B 522 -15.49 -0.54 -22.85
CA CYS B 522 -15.92 0.77 -22.36
C CYS B 522 -17.26 0.59 -21.65
N VAL B 523 -17.28 0.90 -20.36
CA VAL B 523 -18.47 0.75 -19.54
C VAL B 523 -19.24 2.07 -19.62
N ILE B 524 -20.56 2.00 -19.46
CA ILE B 524 -21.42 3.17 -19.36
C ILE B 524 -22.31 2.91 -18.13
N PRO B 525 -22.21 3.69 -17.05
CA PRO B 525 -22.95 3.33 -15.83
C PRO B 525 -24.42 3.68 -15.96
N ALA B 526 -25.28 2.66 -15.87
CA ALA B 526 -26.73 2.86 -15.98
C ALA B 526 -27.43 1.92 -15.01
N THR B 527 -27.83 2.47 -13.86
CA THR B 527 -28.58 1.73 -12.85
C THR B 527 -29.10 2.72 -11.83
N ILE B 528 -30.30 2.46 -11.30
CA ILE B 528 -31.02 3.48 -10.54
C ILE B 528 -30.29 3.82 -9.25
N SER B 529 -29.60 2.85 -8.65
CA SER B 529 -28.98 3.05 -7.35
C SER B 529 -27.86 4.10 -7.38
N ASN B 530 -27.29 4.38 -8.54
CA ASN B 530 -26.17 5.31 -8.67
C ASN B 530 -24.98 4.81 -7.84
N ASN B 531 -24.52 3.61 -8.21
CA ASN B 531 -23.51 2.88 -7.46
C ASN B 531 -22.32 2.42 -8.29
N VAL B 532 -22.32 2.64 -9.58
CA VAL B 532 -21.10 2.30 -10.35
C VAL B 532 -20.00 3.27 -9.94
N PRO B 533 -18.74 2.86 -9.83
CA PRO B 533 -17.69 3.81 -9.46
C PRO B 533 -17.20 4.61 -10.66
N GLY B 534 -16.65 5.78 -10.36
CA GLY B 534 -16.12 6.66 -11.38
C GLY B 534 -17.14 7.55 -12.06
N THR B 535 -18.34 7.68 -11.51
CA THR B 535 -19.40 8.49 -12.08
C THR B 535 -20.18 9.12 -10.93
N ASP B 536 -20.62 10.36 -11.14
CA ASP B 536 -21.41 11.07 -10.13
C ASP B 536 -22.89 10.77 -10.28
N PHE B 537 -23.45 11.03 -11.46
CA PHE B 537 -24.83 10.69 -11.81
C PHE B 537 -24.79 9.55 -12.81
N SER B 538 -25.34 8.40 -12.43
CA SER B 538 -25.46 7.28 -13.33
C SER B 538 -26.71 7.44 -14.18
N LEU B 539 -26.62 6.99 -15.42
CA LEU B 539 -27.74 7.07 -16.35
C LEU B 539 -28.96 6.35 -15.79
N GLY B 540 -30.05 7.09 -15.66
CA GLY B 540 -31.33 6.52 -15.28
C GLY B 540 -31.68 6.58 -13.82
N SER B 541 -30.87 7.25 -12.99
CA SER B 541 -31.25 7.46 -11.61
C SER B 541 -32.26 8.58 -11.47
N ASP B 542 -32.22 9.57 -12.36
CA ASP B 542 -33.12 10.72 -12.25
C ASP B 542 -34.58 10.30 -12.37
N THR B 543 -34.88 9.39 -13.29
CA THR B 543 -36.24 8.87 -13.40
C THR B 543 -36.66 8.14 -12.15
N ALA B 544 -35.71 7.44 -11.51
CA ALA B 544 -36.04 6.70 -10.30
C ALA B 544 -36.33 7.64 -9.14
N VAL B 545 -35.56 8.73 -9.03
CA VAL B 545 -35.82 9.70 -7.97
C VAL B 545 -37.18 10.35 -8.18
N ASN B 546 -37.55 10.61 -9.44
CA ASN B 546 -38.84 11.23 -9.71
C ASN B 546 -39.99 10.28 -9.39
N ALA B 547 -39.83 8.99 -9.71
CA ALA B 547 -40.86 8.02 -9.37
C ALA B 547 -41.01 7.87 -7.86
N ALA B 548 -39.88 7.85 -7.14
CA ALA B 548 -39.94 7.83 -5.68
C ALA B 548 -40.57 9.09 -5.14
N MET B 549 -40.28 10.23 -5.78
CA MET B 549 -40.86 11.49 -5.35
C MET B 549 -42.38 11.47 -5.49
N GLU B 550 -42.87 10.97 -6.61
CA GLU B 550 -44.32 10.95 -6.84
C GLU B 550 -45.01 9.97 -5.91
N SER B 551 -44.38 8.81 -5.66
CA SER B 551 -44.97 7.84 -4.75
C SER B 551 -45.04 8.38 -3.33
N CYS B 552 -43.97 9.05 -2.87
CA CYS B 552 -43.98 9.60 -1.53
C CYS B 552 -44.93 10.79 -1.40
N ASP B 553 -45.11 11.56 -2.48
CA ASP B 553 -46.08 12.64 -2.44
C ASP B 553 -47.50 12.10 -2.27
N ARG B 554 -47.82 11.03 -2.97
CA ARG B 554 -49.14 10.42 -2.82
C ARG B 554 -49.33 9.84 -1.42
N ILE B 555 -48.28 9.21 -0.87
CA ILE B 555 -48.36 8.68 0.48
C ILE B 555 -48.51 9.82 1.49
N LYS B 556 -47.78 10.93 1.28
CA LYS B 556 -47.88 12.06 2.18
C LYS B 556 -49.28 12.66 2.15
N GLN B 557 -49.90 12.71 0.97
CA GLN B 557 -51.27 13.19 0.87
C GLN B 557 -52.22 12.29 1.64
N SER B 558 -52.04 10.97 1.51
CA SER B 558 -52.85 10.03 2.28
C SER B 558 -52.66 10.20 3.78
N ALA B 559 -51.40 10.41 4.20
CA ALA B 559 -51.12 10.59 5.62
C ALA B 559 -51.78 11.86 6.16
N SER B 560 -51.68 12.96 5.40
CA SER B 560 -52.28 14.21 5.87
C SER B 560 -53.80 14.11 5.95
N GLY B 561 -54.41 13.32 5.07
CA GLY B 561 -55.85 13.10 5.11
C GLY B 561 -56.30 12.48 6.42
N THR B 562 -55.76 11.31 6.75
CA THR B 562 -55.99 10.67 8.05
C THR B 562 -54.95 11.21 9.01
N LYS B 563 -55.32 12.26 9.74
CA LYS B 563 -54.40 12.93 10.66
C LYS B 563 -53.81 11.96 11.67
N ARG B 564 -52.61 12.29 12.14
CA ARG B 564 -51.89 11.48 13.11
C ARG B 564 -51.56 10.10 12.52
N ARG B 565 -50.63 10.14 11.56
CA ARG B 565 -50.17 8.93 10.89
C ARG B 565 -48.75 9.14 10.40
N VAL B 566 -47.97 8.05 10.41
CA VAL B 566 -46.59 8.03 9.94
C VAL B 566 -46.43 6.82 9.01
N PHE B 567 -45.55 6.96 8.03
CA PHE B 567 -45.31 5.94 7.01
C PHE B 567 -43.83 5.58 6.95
N ILE B 568 -43.55 4.28 6.94
CA ILE B 568 -42.20 3.75 6.75
C ILE B 568 -42.10 3.29 5.31
N VAL B 569 -41.31 4.00 4.51
CA VAL B 569 -41.16 3.74 3.08
C VAL B 569 -39.80 3.09 2.88
N GLU B 570 -39.81 1.87 2.35
CA GLU B 570 -38.60 1.09 2.10
C GLU B 570 -38.24 1.23 0.63
N THR B 571 -37.41 2.22 0.32
CA THR B 571 -36.98 2.44 -1.05
C THR B 571 -35.91 1.43 -1.45
N MET B 572 -35.77 1.25 -2.75
CA MET B 572 -34.71 0.40 -3.30
C MET B 572 -33.43 1.21 -3.41
N GLY B 573 -32.36 0.56 -3.90
CA GLY B 573 -31.08 1.20 -4.10
C GLY B 573 -29.88 0.37 -3.69
N GLY B 574 -30.10 -0.90 -3.35
CA GLY B 574 -28.99 -1.71 -2.86
C GLY B 574 -28.46 -1.16 -1.55
N TYR B 575 -27.13 -1.26 -1.38
CA TYR B 575 -26.51 -0.69 -0.19
C TYR B 575 -26.33 0.82 -0.30
N CYS B 576 -26.16 1.34 -1.52
CA CYS B 576 -26.08 2.79 -1.69
C CYS B 576 -27.39 3.44 -1.33
N GLY B 577 -27.31 4.54 -0.59
CA GLY B 577 -28.47 5.31 -0.18
C GLY B 577 -28.59 6.64 -0.88
N TYR B 578 -28.02 6.76 -2.08
CA TYR B 578 -28.25 7.95 -2.88
C TYR B 578 -29.73 8.14 -3.13
N LEU B 579 -30.42 7.08 -3.54
CA LEU B 579 -31.84 7.19 -3.89
C LEU B 579 -32.67 7.56 -2.66
N ALA B 580 -32.39 6.94 -1.52
CA ALA B 580 -33.15 7.24 -0.30
C ALA B 580 -32.88 8.66 0.17
N THR B 581 -31.64 9.12 0.10
CA THR B 581 -31.33 10.48 0.53
C THR B 581 -32.02 11.50 -0.35
N VAL B 582 -31.76 11.44 -1.67
CA VAL B 582 -32.23 12.49 -2.57
C VAL B 582 -33.75 12.55 -2.63
N THR B 583 -34.42 11.39 -2.61
CA THR B 583 -35.88 11.42 -2.60
C THR B 583 -36.40 11.97 -1.29
N GLY B 584 -35.68 11.75 -0.18
CA GLY B 584 -36.06 12.35 1.08
C GLY B 584 -35.95 13.87 1.05
N ILE B 585 -34.91 14.39 0.41
CA ILE B 585 -34.81 15.84 0.22
C ILE B 585 -35.95 16.32 -0.68
N ALA B 586 -36.19 15.59 -1.77
CA ALA B 586 -37.17 16.04 -2.76
C ALA B 586 -38.60 16.01 -2.23
N VAL B 587 -38.88 15.25 -1.17
CA VAL B 587 -40.21 15.14 -0.58
C VAL B 587 -40.24 15.58 0.87
N GLY B 588 -39.13 16.10 1.41
CA GLY B 588 -39.11 16.59 2.77
C GLY B 588 -39.38 15.52 3.80
N ALA B 589 -38.74 14.37 3.66
CA ALA B 589 -38.92 13.29 4.62
C ALA B 589 -38.32 13.68 5.97
N ASP B 590 -38.86 13.08 7.04
CA ASP B 590 -38.34 13.36 8.37
C ASP B 590 -36.94 12.79 8.56
N ALA B 591 -36.60 11.72 7.84
CA ALA B 591 -35.28 11.11 7.94
C ALA B 591 -35.17 10.10 6.81
N ALA B 592 -33.93 9.67 6.55
CA ALA B 592 -33.66 8.66 5.53
C ALA B 592 -32.50 7.82 6.03
N TYR B 593 -32.82 6.66 6.61
CA TYR B 593 -31.80 5.79 7.16
C TYR B 593 -31.03 5.11 6.03
N VAL B 594 -29.70 5.15 6.12
CA VAL B 594 -28.82 4.75 5.02
C VAL B 594 -27.60 4.05 5.61
N PHE B 595 -27.05 3.11 4.83
CA PHE B 595 -25.89 2.34 5.28
C PHE B 595 -24.70 3.23 5.60
N GLU B 596 -24.44 4.23 4.74
CA GLU B 596 -23.32 5.14 4.92
C GLU B 596 -23.36 5.93 6.23
N ASP B 597 -24.54 6.05 6.86
CA ASP B 597 -24.71 6.69 8.17
C ASP B 597 -25.19 5.62 9.14
N PRO B 598 -24.28 4.88 9.79
CA PRO B 598 -24.72 3.89 10.78
C PRO B 598 -25.46 4.54 11.94
N PHE B 599 -26.49 3.85 12.41
CA PHE B 599 -27.36 4.33 13.47
C PHE B 599 -27.67 3.16 14.39
N ASN B 600 -28.01 3.49 15.63
CA ASN B 600 -28.32 2.52 16.67
C ASN B 600 -29.74 2.78 17.18
N ILE B 601 -30.09 2.16 18.30
CA ILE B 601 -31.43 2.34 18.85
C ILE B 601 -31.64 3.77 19.35
N HIS B 602 -30.56 4.44 19.80
CA HIS B 602 -30.73 5.78 20.35
C HIS B 602 -31.20 6.77 19.29
N ASP B 603 -30.71 6.64 18.06
CA ASP B 603 -31.16 7.52 16.99
C ASP B 603 -32.63 7.28 16.68
N LEU B 604 -33.07 6.02 16.69
CA LEU B 604 -34.48 5.73 16.43
C LEU B 604 -35.36 6.26 17.56
N LYS B 605 -34.88 6.18 18.80
CA LYS B 605 -35.62 6.76 19.92
C LYS B 605 -35.75 8.26 19.76
N VAL B 606 -34.67 8.92 19.33
CA VAL B 606 -34.71 10.37 19.11
C VAL B 606 -35.70 10.70 18.01
N ASN B 607 -35.69 9.94 16.92
CA ASN B 607 -36.59 10.19 15.80
C ASN B 607 -38.04 10.00 16.22
N VAL B 608 -38.31 8.98 17.05
CA VAL B 608 -39.65 8.82 17.61
C VAL B 608 -40.01 10.03 18.46
N GLU B 609 -39.05 10.55 19.22
CA GLU B 609 -39.33 11.70 20.07
C GLU B 609 -39.62 12.94 19.24
N HIS B 610 -38.91 13.13 18.12
CA HIS B 610 -39.24 14.22 17.21
C HIS B 610 -40.64 14.07 16.66
N MET B 611 -41.03 12.84 16.35
CA MET B 611 -42.38 12.60 15.85
C MET B 611 -43.43 12.88 16.91
N THR B 612 -43.13 12.53 18.16
CA THR B 612 -44.06 12.79 19.26
C THR B 612 -44.30 14.29 19.44
N GLU B 613 -43.22 15.07 19.45
CA GLU B 613 -43.36 16.52 19.56
C GLU B 613 -44.08 17.10 18.35
N LYS B 614 -43.70 16.64 17.15
CA LYS B 614 -44.26 17.21 15.92
C LYS B 614 -45.76 16.95 15.81
N MET B 615 -46.25 15.86 16.39
CA MET B 615 -47.67 15.53 16.28
C MET B 615 -48.55 16.48 17.06
N LYS B 616 -47.99 17.28 17.97
CA LYS B 616 -48.77 18.29 18.67
C LYS B 616 -49.08 19.50 17.80
N THR B 617 -48.31 19.74 16.73
CA THR B 617 -48.48 20.93 15.90
C THR B 617 -49.62 20.70 14.92
N ASP B 618 -49.78 21.62 13.96
CA ASP B 618 -50.87 21.50 12.98
C ASP B 618 -50.57 20.41 11.96
N ILE B 619 -49.32 20.28 11.55
CA ILE B 619 -48.94 19.28 10.54
C ILE B 619 -48.85 17.93 11.23
N GLN B 620 -49.97 17.21 11.25
CA GLN B 620 -50.08 15.92 11.95
C GLN B 620 -49.87 14.78 10.95
N ARG B 621 -48.63 14.70 10.46
CA ARG B 621 -48.25 13.66 9.52
C ARG B 621 -46.75 13.41 9.67
N GLY B 622 -46.27 12.37 8.99
CA GLY B 622 -44.86 12.05 9.03
C GLY B 622 -44.48 11.10 7.93
N LEU B 623 -43.18 11.02 7.68
CA LEU B 623 -42.65 10.15 6.64
C LEU B 623 -41.18 9.91 6.93
N VAL B 624 -40.80 8.64 7.07
CA VAL B 624 -39.42 8.23 7.26
C VAL B 624 -39.09 7.20 6.20
N LEU B 625 -38.00 7.44 5.48
CA LEU B 625 -37.54 6.52 4.45
C LEU B 625 -36.58 5.51 5.04
N ARG B 626 -36.21 4.53 4.23
CA ARG B 626 -35.27 3.50 4.63
C ARG B 626 -34.76 2.78 3.40
N ASN B 627 -33.46 2.82 3.13
CA ASN B 627 -32.93 1.99 2.06
C ASN B 627 -33.17 0.53 2.38
N GLU B 628 -33.37 -0.27 1.33
CA GLU B 628 -33.85 -1.65 1.51
C GLU B 628 -32.88 -2.49 2.34
N LYS B 629 -31.59 -2.15 2.33
CA LYS B 629 -30.56 -2.87 3.07
C LYS B 629 -29.68 -1.88 3.82
N CYS B 630 -30.30 -0.96 4.56
CA CYS B 630 -29.55 0.01 5.34
C CYS B 630 -29.06 -0.54 6.68
N HIS B 631 -29.52 -1.71 7.10
CA HIS B 631 -29.07 -2.31 8.36
C HIS B 631 -29.40 -3.79 8.34
N ASP B 632 -28.50 -4.59 8.93
CA ASP B 632 -28.66 -6.04 8.88
C ASP B 632 -29.87 -6.50 9.69
N TYR B 633 -30.12 -5.87 10.84
CA TYR B 633 -31.12 -6.34 11.80
C TYR B 633 -32.40 -5.52 11.81
N TYR B 634 -32.30 -4.19 11.79
CA TYR B 634 -33.48 -3.35 11.93
C TYR B 634 -34.34 -3.39 10.68
N THR B 635 -35.22 -4.38 10.60
CA THR B 635 -36.09 -4.53 9.45
C THR B 635 -37.18 -3.45 9.48
N THR B 636 -37.88 -3.31 8.35
CA THR B 636 -39.00 -2.38 8.30
C THR B 636 -40.12 -2.78 9.25
N GLU B 637 -40.31 -4.09 9.46
CA GLU B 637 -41.27 -4.54 10.46
C GLU B 637 -40.84 -4.11 11.85
N PHE B 638 -39.53 -4.15 12.12
CA PHE B 638 -39.02 -3.73 13.42
C PHE B 638 -39.31 -2.25 13.67
N LEU B 639 -39.06 -1.41 12.68
CA LEU B 639 -39.34 0.01 12.83
C LEU B 639 -40.83 0.26 13.00
N TYR B 640 -41.67 -0.46 12.24
CA TYR B 640 -43.11 -0.32 12.37
C TYR B 640 -43.59 -0.65 13.78
N ASN B 641 -43.05 -1.71 14.37
CA ASN B 641 -43.39 -2.06 15.74
C ASN B 641 -42.88 -1.00 16.72
N LEU B 642 -41.66 -0.50 16.51
CA LEU B 642 -41.09 0.47 17.43
C LEU B 642 -41.88 1.78 17.41
N TYR B 643 -42.14 2.32 16.22
CA TYR B 643 -42.86 3.58 16.12
C TYR B 643 -44.27 3.46 16.68
N SER B 644 -44.97 2.36 16.37
CA SER B 644 -46.32 2.19 16.88
C SER B 644 -46.34 2.03 18.39
N SER B 645 -45.42 1.24 18.93
CA SER B 645 -45.40 0.98 20.38
C SER B 645 -45.07 2.24 21.16
N GLU B 646 -43.89 2.82 20.91
CA GLU B 646 -43.47 3.99 21.66
C GLU B 646 -44.31 5.23 21.33
N GLY B 647 -45.04 5.23 20.21
CA GLY B 647 -45.92 6.32 19.84
C GLY B 647 -47.38 6.00 20.15
N LYS B 648 -47.62 5.14 21.13
CA LYS B 648 -48.99 4.73 21.44
C LYS B 648 -49.73 5.88 22.12
N GLY B 649 -50.97 6.10 21.70
CA GLY B 649 -51.84 7.09 22.27
C GLY B 649 -51.90 8.40 21.50
N VAL B 650 -50.94 8.65 20.59
CA VAL B 650 -50.85 9.90 19.86
C VAL B 650 -50.98 9.70 18.35
N PHE B 651 -50.49 8.59 17.81
CA PHE B 651 -50.58 8.33 16.39
C PHE B 651 -50.43 6.84 16.14
N ASP B 652 -50.77 6.44 14.91
CA ASP B 652 -50.57 5.09 14.40
C ASP B 652 -49.63 5.15 13.20
N CYS B 653 -49.25 3.98 12.70
CA CYS B 653 -48.24 3.87 11.66
C CYS B 653 -48.65 2.83 10.64
N ARG B 654 -48.09 2.96 9.43
CA ARG B 654 -48.28 2.01 8.36
C ARG B 654 -46.97 1.88 7.60
N THR B 655 -46.84 0.80 6.82
CA THR B 655 -45.62 0.47 6.10
C THR B 655 -45.89 0.39 4.61
N ASN B 656 -44.87 0.72 3.82
CA ASN B 656 -44.94 0.59 2.37
C ASN B 656 -43.57 0.22 1.84
N VAL B 657 -43.58 -0.38 0.65
CA VAL B 657 -42.36 -0.84 -0.01
C VAL B 657 -42.48 -0.42 -1.47
N LEU B 658 -41.83 0.68 -1.82
CA LEU B 658 -41.80 1.12 -3.21
C LEU B 658 -40.88 0.19 -3.98
N GLY B 659 -41.45 -0.88 -4.53
CA GLY B 659 -40.66 -1.88 -5.20
C GLY B 659 -40.20 -1.42 -6.56
N HIS B 660 -40.44 -2.22 -7.60
CA HIS B 660 -39.97 -1.89 -8.95
C HIS B 660 -40.73 -0.72 -9.61
N LEU B 661 -41.61 -0.05 -8.87
CA LEU B 661 -42.07 1.28 -9.24
C LEU B 661 -40.90 2.26 -9.32
N GLN B 662 -39.85 2.02 -8.52
CA GLN B 662 -38.66 2.84 -8.54
C GLN B 662 -38.01 2.88 -9.92
N GLN B 663 -38.06 1.77 -10.67
CA GLN B 663 -37.49 1.79 -12.00
C GLN B 663 -38.21 2.73 -12.96
N GLY B 664 -39.41 3.20 -12.61
CA GLY B 664 -40.04 4.29 -13.32
C GLY B 664 -40.55 3.91 -14.70
N GLY B 665 -41.42 4.75 -15.26
CA GLY B 665 -41.98 4.51 -16.56
C GLY B 665 -41.12 5.07 -17.66
N ALA B 666 -41.65 6.05 -18.39
CA ALA B 666 -40.90 6.67 -19.47
C ALA B 666 -39.69 7.41 -18.90
N PRO B 667 -38.53 7.39 -19.57
CA PRO B 667 -37.37 8.11 -19.03
C PRO B 667 -37.59 9.61 -19.06
N THR B 668 -37.10 10.28 -18.03
CA THR B 668 -37.22 11.72 -17.94
C THR B 668 -36.34 12.37 -19.01
N PRO B 669 -36.58 13.65 -19.34
CA PRO B 669 -35.75 14.28 -20.38
C PRO B 669 -34.27 14.36 -20.03
N PHE B 670 -33.93 14.49 -18.74
CA PHE B 670 -32.52 14.53 -18.38
C PHE B 670 -31.84 13.20 -18.66
N ASP B 671 -32.49 12.09 -18.29
CA ASP B 671 -31.90 10.78 -18.56
C ASP B 671 -31.84 10.48 -20.05
N ARG B 672 -32.84 10.95 -20.82
CA ARG B 672 -32.81 10.79 -22.26
C ARG B 672 -31.61 11.51 -22.86
N ASN B 673 -31.43 12.78 -22.52
CA ASN B 673 -30.30 13.55 -23.04
C ASN B 673 -28.97 12.98 -22.56
N TYR B 674 -28.91 12.61 -21.28
CA TYR B 674 -27.65 12.12 -20.72
C TYR B 674 -27.25 10.80 -21.35
N GLY B 675 -28.23 9.93 -21.64
CA GLY B 675 -27.92 8.70 -22.34
C GLY B 675 -27.42 8.95 -23.74
N THR B 676 -28.06 9.88 -24.45
CA THR B 676 -27.60 10.24 -25.78
C THR B 676 -26.19 10.79 -25.74
N LYS B 677 -25.88 11.62 -24.74
CA LYS B 677 -24.57 12.24 -24.65
C LYS B 677 -23.50 11.22 -24.27
N LEU B 678 -23.80 10.31 -23.34
CA LEU B 678 -22.80 9.31 -22.97
C LEU B 678 -22.59 8.31 -24.09
N GLY B 679 -23.64 7.99 -24.85
CA GLY B 679 -23.47 7.09 -25.99
C GLY B 679 -22.53 7.64 -27.03
N VAL B 680 -22.72 8.90 -27.42
CA VAL B 680 -21.89 9.47 -28.48
C VAL B 680 -20.47 9.67 -27.97
N LYS B 681 -20.30 10.14 -26.73
CA LYS B 681 -18.96 10.44 -26.22
C LYS B 681 -18.16 9.16 -26.01
N ALA B 682 -18.78 8.14 -25.43
CA ALA B 682 -18.10 6.85 -25.27
C ALA B 682 -17.74 6.26 -26.61
N MET B 683 -18.57 6.47 -27.63
CA MET B 683 -18.26 5.92 -28.94
C MET B 683 -17.09 6.65 -29.58
N LEU B 684 -17.00 7.97 -29.39
CA LEU B 684 -15.86 8.70 -29.93
C LEU B 684 -14.57 8.29 -29.24
N TRP B 685 -14.60 8.16 -27.91
CA TRP B 685 -13.43 7.67 -27.20
C TRP B 685 -13.09 6.25 -27.63
N LEU B 686 -14.10 5.41 -27.83
CA LEU B 686 -13.82 4.03 -28.19
C LEU B 686 -13.22 3.95 -29.57
N SER B 687 -13.73 4.73 -30.52
CA SER B 687 -13.13 4.79 -31.85
C SER B 687 -11.77 5.48 -31.84
N GLU B 688 -11.37 6.14 -30.75
CA GLU B 688 -10.02 6.66 -30.60
C GLU B 688 -9.06 5.55 -30.16
N LYS B 689 -9.36 4.90 -29.03
CA LYS B 689 -8.52 3.79 -28.56
C LYS B 689 -8.46 2.68 -29.60
N LEU B 690 -9.58 2.41 -30.26
CA LEU B 690 -9.71 1.23 -31.09
C LEU B 690 -8.84 1.28 -32.35
N ARG B 691 -8.40 2.47 -32.77
CA ARG B 691 -7.44 2.62 -33.85
C ARG B 691 -6.05 3.04 -33.39
N GLU B 692 -5.92 3.61 -32.19
CA GLU B 692 -4.61 3.96 -31.67
C GLU B 692 -3.75 2.73 -31.44
N VAL B 693 -4.37 1.58 -31.14
CA VAL B 693 -3.66 0.35 -30.81
C VAL B 693 -3.69 -0.64 -31.97
N TYR B 694 -3.84 -0.14 -33.20
CA TYR B 694 -3.95 -1.00 -34.38
C TYR B 694 -2.55 -1.38 -34.87
N ARG B 695 -2.31 -2.67 -35.04
CA ARG B 695 -1.00 -3.16 -35.46
C ARG B 695 -1.14 -4.54 -36.08
N LYS B 696 -0.38 -4.79 -37.15
CA LYS B 696 -0.47 -6.00 -37.97
C LYS B 696 -1.92 -6.26 -38.41
N GLY B 697 -2.62 -5.19 -38.76
CA GLY B 697 -4.00 -5.33 -39.20
C GLY B 697 -4.95 -5.86 -38.15
N ARG B 698 -4.56 -5.80 -36.86
CA ARG B 698 -5.37 -6.30 -35.77
C ARG B 698 -5.24 -5.37 -34.58
N VAL B 699 -6.22 -5.44 -33.70
CA VAL B 699 -6.22 -4.65 -32.47
C VAL B 699 -5.61 -5.49 -31.36
N PHE B 700 -4.73 -4.88 -30.58
CA PHE B 700 -4.16 -5.53 -29.39
C PHE B 700 -4.12 -4.48 -28.28
N ALA B 701 -5.18 -4.46 -27.49
CA ALA B 701 -5.32 -3.57 -26.34
C ALA B 701 -5.14 -4.41 -25.08
N ASN B 702 -4.04 -4.19 -24.37
CA ASN B 702 -3.67 -4.96 -23.19
C ASN B 702 -3.28 -4.10 -22.00
N ALA B 703 -3.00 -2.82 -22.19
CA ALA B 703 -2.69 -1.95 -21.07
C ALA B 703 -3.94 -1.73 -20.23
N PRO B 704 -3.78 -1.31 -18.96
CA PRO B 704 -4.98 -1.03 -18.14
C PRO B 704 -5.79 0.15 -18.64
N ASP B 705 -5.23 1.01 -19.49
CA ASP B 705 -5.95 2.16 -20.01
C ASP B 705 -7.09 1.81 -20.97
N SER B 706 -7.16 0.56 -21.44
CA SER B 706 -8.11 0.17 -22.46
C SER B 706 -9.45 -0.31 -21.92
N ALA B 707 -9.62 -0.38 -20.60
CA ALA B 707 -10.88 -0.78 -19.97
C ALA B 707 -11.25 0.32 -18.98
N CYS B 708 -12.28 1.09 -19.31
CA CYS B 708 -12.61 2.33 -18.62
C CYS B 708 -14.10 2.38 -18.28
N VAL B 709 -14.46 3.38 -17.48
CA VAL B 709 -15.83 3.67 -17.09
C VAL B 709 -16.05 5.14 -17.44
N ILE B 710 -16.75 5.40 -18.53
CA ILE B 710 -17.04 6.79 -18.91
C ILE B 710 -17.99 7.36 -17.87
N GLY B 711 -17.56 8.41 -17.20
CA GLY B 711 -18.31 8.96 -16.08
C GLY B 711 -18.23 10.47 -16.07
N LEU B 712 -19.31 11.07 -15.60
CA LEU B 712 -19.39 12.52 -15.47
C LEU B 712 -18.74 12.90 -14.15
N LYS B 713 -17.50 13.36 -14.22
CA LYS B 713 -16.78 13.81 -13.02
C LYS B 713 -17.30 15.20 -12.65
N LYS B 714 -16.57 15.93 -11.80
CA LYS B 714 -17.05 17.20 -11.26
C LYS B 714 -17.40 18.19 -12.36
N LYS B 715 -16.53 18.32 -13.36
CA LYS B 715 -16.74 19.27 -14.46
C LYS B 715 -17.27 18.58 -15.72
N ALA B 716 -16.51 17.62 -16.25
CA ALA B 716 -16.85 17.01 -17.54
C ALA B 716 -16.38 15.56 -17.53
N VAL B 717 -16.46 14.93 -18.71
CA VAL B 717 -16.18 13.50 -18.83
C VAL B 717 -14.74 13.19 -18.45
N ALA B 718 -14.55 12.03 -17.82
CA ALA B 718 -13.24 11.48 -17.51
C ALA B 718 -13.32 9.96 -17.66
N PHE B 719 -12.28 9.38 -18.24
CA PHE B 719 -12.22 7.94 -18.56
C PHE B 719 -11.27 7.27 -17.58
N SER B 720 -11.79 6.94 -16.40
CA SER B 720 -10.95 6.27 -15.41
C SER B 720 -10.81 4.79 -15.78
N PRO B 721 -9.62 4.20 -15.70
CA PRO B 721 -9.49 2.78 -16.06
C PRO B 721 -10.04 1.88 -14.97
N VAL B 722 -10.38 0.66 -15.38
CA VAL B 722 -11.09 -0.26 -14.48
C VAL B 722 -10.18 -0.73 -13.37
N THR B 723 -8.90 -0.98 -13.68
CA THR B 723 -7.99 -1.52 -12.67
C THR B 723 -7.63 -0.46 -11.63
N GLU B 724 -7.51 0.80 -12.04
CA GLU B 724 -7.28 1.85 -11.06
C GLU B 724 -8.47 2.01 -10.14
N LEU B 725 -9.69 1.98 -10.71
CA LEU B 725 -10.88 2.06 -9.88
C LEU B 725 -11.03 0.86 -8.95
N LYS B 726 -10.41 -0.28 -9.28
CA LYS B 726 -10.47 -1.48 -8.44
C LYS B 726 -10.07 -1.21 -7.00
N LYS B 727 -9.22 -0.22 -6.76
CA LYS B 727 -8.79 0.17 -5.43
C LYS B 727 -9.74 1.15 -4.75
N ASP B 728 -10.82 1.59 -5.43
CA ASP B 728 -11.78 2.55 -4.88
C ASP B 728 -13.20 1.99 -4.83
N THR B 729 -13.35 0.66 -4.77
CA THR B 729 -14.66 0.02 -4.68
C THR B 729 -14.67 -0.96 -3.52
N ASP B 730 -15.87 -1.18 -2.99
CA ASP B 730 -16.12 -2.13 -1.92
C ASP B 730 -16.94 -3.25 -2.53
N PHE B 731 -16.24 -4.27 -3.04
CA PHE B 731 -16.91 -5.38 -3.73
C PHE B 731 -17.86 -6.11 -2.81
N GLU B 732 -17.61 -6.10 -1.50
CA GLU B 732 -18.46 -6.80 -0.55
C GLU B 732 -19.83 -6.13 -0.48
N HIS B 733 -19.87 -4.83 -0.19
CA HIS B 733 -21.12 -4.08 -0.16
C HIS B 733 -21.57 -3.60 -1.52
N ARG B 734 -20.73 -3.72 -2.56
CA ARG B 734 -21.08 -3.35 -3.93
C ARG B 734 -21.39 -1.85 -4.03
N MET B 735 -20.38 -1.05 -3.74
CA MET B 735 -20.52 0.41 -3.82
C MET B 735 -19.11 1.03 -3.75
N PRO B 736 -18.94 2.25 -4.25
CA PRO B 736 -17.62 2.88 -4.21
C PRO B 736 -17.22 3.28 -2.79
N ARG B 737 -15.92 3.44 -2.60
CA ARG B 737 -15.39 3.82 -1.28
C ARG B 737 -15.92 5.17 -0.84
N GLU B 738 -15.75 6.20 -1.69
CA GLU B 738 -16.09 7.58 -1.37
C GLU B 738 -17.07 8.09 -2.42
N GLN B 739 -18.24 8.54 -1.97
CA GLN B 739 -19.25 9.15 -2.81
C GLN B 739 -19.29 10.66 -2.54
N TRP B 740 -19.62 11.42 -3.58
CA TRP B 740 -19.60 12.87 -3.50
C TRP B 740 -20.80 13.43 -2.72
N TRP B 741 -21.92 12.72 -2.71
CA TRP B 741 -23.21 13.26 -2.29
C TRP B 741 -23.46 13.21 -0.79
N LEU B 742 -22.48 12.77 0.02
CA LEU B 742 -22.71 12.67 1.45
C LEU B 742 -23.00 14.03 2.10
N SER B 743 -22.58 15.13 1.47
CA SER B 743 -22.88 16.46 1.99
C SER B 743 -24.38 16.73 2.02
N LEU B 744 -25.14 16.16 1.07
CA LEU B 744 -26.58 16.42 1.00
C LEU B 744 -27.32 15.94 2.24
N ARG B 745 -26.77 14.98 2.98
CA ARG B 745 -27.43 14.50 4.19
C ARG B 745 -27.53 15.61 5.24
N LEU B 746 -26.57 16.53 5.24
CA LEU B 746 -26.67 17.69 6.12
C LEU B 746 -27.91 18.52 5.80
N MET B 747 -28.14 18.80 4.51
CA MET B 747 -29.33 19.54 4.12
C MET B 747 -30.60 18.79 4.50
N LEU B 748 -30.62 17.47 4.31
CA LEU B 748 -31.79 16.68 4.67
C LEU B 748 -32.10 16.81 6.16
N LYS B 749 -31.05 16.84 7.00
CA LYS B 749 -31.26 16.91 8.44
C LYS B 749 -31.60 18.32 8.88
N MET B 750 -31.01 19.34 8.27
CA MET B 750 -31.26 20.71 8.69
C MET B 750 -32.66 21.18 8.32
N LEU B 751 -33.20 20.70 7.19
CA LEU B 751 -34.54 21.12 6.78
C LEU B 751 -35.65 20.47 7.60
N ALA B 752 -35.34 19.53 8.48
CA ALA B 752 -36.28 18.98 9.44
C ALA B 752 -36.02 19.60 10.81
N GLN B 753 -37.09 19.86 11.55
CA GLN B 753 -37.02 20.49 12.86
C GLN B 753 -36.08 19.73 13.81
N GLY C 13 -28.48 -2.19 52.44
CA GLY C 13 -29.38 -2.39 53.57
C GLY C 13 -28.86 -3.30 54.67
N ALA C 14 -27.56 -3.60 54.63
CA ALA C 14 -26.95 -4.46 55.64
C ALA C 14 -25.45 -4.18 55.66
N GLY C 15 -24.83 -4.51 56.78
CA GLY C 15 -23.40 -4.35 56.97
C GLY C 15 -22.77 -5.43 57.82
N LYS C 16 -23.34 -6.62 57.77
CA LYS C 16 -22.93 -7.77 58.57
C LYS C 16 -22.69 -8.96 57.64
N ALA C 17 -22.21 -10.06 58.22
CA ALA C 17 -21.83 -11.25 57.49
C ALA C 17 -22.79 -12.39 57.77
N ILE C 18 -22.79 -13.37 56.86
CA ILE C 18 -23.72 -14.49 56.86
C ILE C 18 -22.90 -15.76 56.68
N GLY C 19 -23.35 -16.83 57.33
CA GLY C 19 -22.83 -18.16 57.10
C GLY C 19 -23.95 -19.08 56.69
N VAL C 20 -23.61 -20.10 55.91
CA VAL C 20 -24.59 -21.05 55.39
C VAL C 20 -23.97 -22.44 55.39
N LEU C 21 -24.81 -23.44 55.71
CA LEU C 21 -24.41 -24.83 55.62
C LEU C 21 -25.66 -25.66 55.35
N THR C 22 -25.44 -26.83 54.77
CA THR C 22 -26.43 -27.90 54.74
C THR C 22 -25.85 -29.09 55.48
N SER C 23 -26.71 -29.84 56.16
CA SER C 23 -26.29 -30.95 57.00
C SER C 23 -27.37 -32.02 56.95
N GLY C 24 -27.05 -33.18 57.52
CA GLY C 24 -27.98 -34.28 57.58
C GLY C 24 -28.15 -34.98 56.24
N GLY C 25 -29.20 -35.79 56.17
CA GLY C 25 -29.51 -36.52 54.95
C GLY C 25 -29.83 -35.60 53.79
N ASP C 26 -29.08 -35.75 52.70
CA ASP C 26 -29.28 -34.91 51.54
C ASP C 26 -30.62 -35.20 50.88
N ALA C 27 -31.32 -34.13 50.47
CA ALA C 27 -32.53 -34.20 49.66
C ALA C 27 -32.36 -33.26 48.49
N GLN C 28 -32.62 -33.76 47.29
CA GLN C 28 -32.41 -32.97 46.07
C GLN C 28 -33.27 -31.70 46.10
N GLY C 29 -32.60 -30.55 46.03
CA GLY C 29 -33.25 -29.26 46.17
C GLY C 29 -32.45 -28.28 47.00
N MET C 30 -31.50 -28.78 47.80
CA MET C 30 -30.68 -27.90 48.63
C MET C 30 -29.87 -26.93 47.77
N ASN C 31 -29.49 -27.35 46.56
CA ASN C 31 -28.70 -26.50 45.67
C ASN C 31 -29.43 -25.21 45.33
N ALA C 32 -30.74 -25.29 45.11
CA ALA C 32 -31.51 -24.09 44.82
C ALA C 32 -31.62 -23.20 46.06
N ALA C 33 -31.78 -23.80 47.24
CA ALA C 33 -31.90 -23.02 48.47
C ALA C 33 -30.58 -22.31 48.77
N VAL C 34 -29.46 -23.02 48.68
CA VAL C 34 -28.16 -22.40 48.96
C VAL C 34 -27.85 -21.31 47.93
N ARG C 35 -28.27 -21.50 46.67
CA ARG C 35 -28.09 -20.46 45.68
C ARG C 35 -28.87 -19.20 46.07
N ALA C 36 -30.12 -19.38 46.49
CA ALA C 36 -30.97 -18.23 46.79
C ALA C 36 -30.47 -17.47 48.01
N VAL C 37 -30.07 -18.18 49.07
CA VAL C 37 -29.63 -17.51 50.29
C VAL C 37 -28.35 -16.71 50.03
N THR C 38 -27.41 -17.29 49.29
CA THR C 38 -26.15 -16.60 49.06
C THR C 38 -26.35 -15.41 48.12
N ARG C 39 -27.24 -15.57 47.13
CA ARG C 39 -27.43 -14.50 46.15
C ARG C 39 -28.20 -13.33 46.75
N MET C 40 -29.15 -13.57 47.66
CA MET C 40 -29.77 -12.45 48.36
C MET C 40 -28.80 -11.84 49.36
N GLY C 41 -28.01 -12.67 50.04
CA GLY C 41 -27.02 -12.14 50.97
C GLY C 41 -26.06 -11.18 50.31
N ILE C 42 -25.69 -11.47 49.06
CA ILE C 42 -24.87 -10.55 48.29
C ILE C 42 -25.70 -9.36 47.83
N TYR C 43 -26.92 -9.60 47.36
CA TYR C 43 -27.77 -8.53 46.85
C TYR C 43 -28.15 -7.55 47.96
N VAL C 44 -28.46 -8.05 49.16
CA VAL C 44 -28.77 -7.18 50.28
C VAL C 44 -27.52 -6.44 50.78
N GLY C 45 -26.32 -6.90 50.40
CA GLY C 45 -25.08 -6.26 50.79
C GLY C 45 -24.35 -6.92 51.94
N ALA C 46 -24.83 -8.07 52.42
CA ALA C 46 -24.19 -8.79 53.50
C ALA C 46 -23.13 -9.73 52.94
N LYS C 47 -22.18 -10.09 53.80
CA LYS C 47 -21.14 -11.05 53.44
C LYS C 47 -21.67 -12.46 53.69
N VAL C 48 -21.33 -13.38 52.80
CA VAL C 48 -21.81 -14.76 52.84
C VAL C 48 -20.60 -15.69 52.81
N PHE C 49 -20.64 -16.72 53.67
CA PHE C 49 -19.57 -17.71 53.78
C PHE C 49 -20.14 -19.10 53.64
N LEU C 50 -19.51 -19.93 52.81
CA LEU C 50 -19.93 -21.30 52.58
C LEU C 50 -19.14 -22.23 53.48
N ILE C 51 -19.86 -23.03 54.27
CA ILE C 51 -19.29 -23.97 55.22
C ILE C 51 -19.29 -25.33 54.55
N TYR C 52 -18.10 -25.87 54.27
CA TYR C 52 -17.97 -27.14 53.57
C TYR C 52 -17.97 -28.29 54.56
N GLU C 53 -18.38 -29.46 54.06
CA GLU C 53 -18.54 -30.69 54.85
C GLU C 53 -19.49 -30.52 56.04
N GLY C 54 -20.36 -29.51 56.00
CA GLY C 54 -21.30 -29.29 57.10
C GLY C 54 -20.61 -29.03 58.42
N TYR C 55 -21.10 -29.71 59.46
CA TYR C 55 -20.55 -29.53 60.80
C TYR C 55 -19.12 -30.03 60.92
N GLU C 56 -18.72 -31.00 60.07
CA GLU C 56 -17.35 -31.49 60.12
C GLU C 56 -16.35 -30.38 59.80
N GLY C 57 -16.58 -29.67 58.71
CA GLY C 57 -15.71 -28.56 58.37
C GLY C 57 -15.90 -27.35 59.25
N LEU C 58 -17.11 -27.15 59.77
CA LEU C 58 -17.35 -26.08 60.73
C LEU C 58 -16.47 -26.24 61.96
N VAL C 59 -16.42 -27.46 62.50
CA VAL C 59 -15.56 -27.72 63.65
C VAL C 59 -14.09 -27.63 63.25
N GLU C 60 -13.73 -28.21 62.10
CA GLU C 60 -12.34 -28.22 61.67
C GLU C 60 -11.85 -26.81 61.36
N GLY C 61 -12.68 -26.00 60.69
CA GLY C 61 -12.27 -24.67 60.35
C GLY C 61 -11.18 -24.64 59.29
N GLY C 62 -10.51 -23.50 59.20
CA GLY C 62 -9.43 -23.34 58.24
C GLY C 62 -9.95 -23.23 56.82
N GLU C 63 -9.50 -24.10 55.94
CA GLU C 63 -9.93 -24.08 54.55
C GLU C 63 -11.37 -24.57 54.37
N ASN C 64 -11.95 -25.21 55.38
CA ASN C 64 -13.33 -25.68 55.28
C ASN C 64 -14.33 -24.54 55.14
N ILE C 65 -13.96 -23.33 55.53
CA ILE C 65 -14.81 -22.15 55.47
C ILE C 65 -14.16 -21.16 54.53
N LYS C 66 -14.95 -20.60 53.59
CA LYS C 66 -14.40 -19.70 52.59
C LYS C 66 -15.46 -18.75 52.10
N GLN C 67 -15.04 -17.53 51.78
CA GLN C 67 -15.92 -16.55 51.16
C GLN C 67 -16.27 -16.98 49.75
N ALA C 68 -17.45 -16.54 49.30
CA ALA C 68 -17.95 -16.80 47.96
C ALA C 68 -18.34 -15.49 47.30
N ASN C 69 -18.34 -15.50 45.97
CA ASN C 69 -18.73 -14.38 45.13
C ASN C 69 -20.10 -14.66 44.51
N TRP C 70 -20.56 -13.72 43.68
CA TRP C 70 -21.86 -13.85 43.03
C TRP C 70 -21.93 -15.07 42.12
N LEU C 71 -20.80 -15.49 41.55
CA LEU C 71 -20.76 -16.60 40.62
C LEU C 71 -20.49 -17.95 41.30
N SER C 72 -20.31 -17.98 42.62
CA SER C 72 -19.95 -19.23 43.28
C SER C 72 -21.08 -20.25 43.27
N VAL C 73 -22.34 -19.81 43.12
CA VAL C 73 -23.50 -20.69 43.21
C VAL C 73 -24.20 -20.77 41.86
N SER C 74 -23.42 -20.71 40.78
CA SER C 74 -23.94 -20.81 39.42
C SER C 74 -23.80 -22.24 38.93
N ASN C 75 -24.68 -22.62 38.00
CA ASN C 75 -24.65 -23.94 37.38
C ASN C 75 -24.88 -25.05 38.42
N ILE C 76 -25.78 -24.79 39.37
CA ILE C 76 -26.13 -25.78 40.39
C ILE C 76 -27.63 -25.88 40.63
N ILE C 77 -28.40 -24.86 40.20
CA ILE C 77 -29.84 -24.86 40.46
C ILE C 77 -30.54 -26.05 39.83
N GLN C 78 -29.98 -26.57 38.73
CA GLN C 78 -30.49 -27.76 38.06
C GLN C 78 -29.89 -29.07 38.58
N LEU C 79 -29.00 -29.02 39.56
CA LEU C 79 -28.30 -30.20 40.06
C LEU C 79 -28.91 -30.65 41.37
N GLY C 80 -29.07 -31.96 41.52
CA GLY C 80 -29.52 -32.52 42.77
C GLY C 80 -28.40 -32.58 43.80
N GLY C 81 -28.77 -32.97 45.01
CA GLY C 81 -27.80 -33.00 46.08
C GLY C 81 -27.32 -31.60 46.42
N THR C 82 -26.13 -31.55 47.02
CA THR C 82 -25.49 -30.32 47.45
C THR C 82 -24.03 -30.32 47.03
N ILE C 83 -23.50 -29.13 46.77
CA ILE C 83 -22.10 -28.96 46.39
C ILE C 83 -21.17 -28.82 47.59
N ILE C 84 -21.71 -28.70 48.82
CA ILE C 84 -20.91 -28.44 50.01
C ILE C 84 -20.99 -29.60 51.00
N GLY C 85 -21.24 -30.81 50.51
CA GLY C 85 -21.10 -32.01 51.32
C GLY C 85 -22.29 -32.37 52.16
N SER C 86 -22.46 -31.69 53.31
CA SER C 86 -23.49 -32.03 54.30
C SER C 86 -23.20 -33.39 54.93
N ALA C 87 -22.00 -33.49 55.53
CA ALA C 87 -21.55 -34.70 56.19
C ALA C 87 -21.90 -34.65 57.68
N ARG C 88 -21.98 -35.84 58.27
CA ARG C 88 -22.42 -36.01 59.66
C ARG C 88 -21.22 -35.90 60.59
N CYS C 89 -21.27 -34.96 61.52
CA CYS C 89 -20.19 -34.71 62.47
C CYS C 89 -20.53 -35.29 63.83
N LYS C 90 -19.51 -35.82 64.51
CA LYS C 90 -19.63 -36.37 65.86
C LYS C 90 -19.13 -35.41 66.93
N ALA C 91 -18.07 -34.65 66.65
CA ALA C 91 -17.54 -33.72 67.64
C ALA C 91 -18.50 -32.57 67.94
N PHE C 92 -19.42 -32.27 67.01
CA PHE C 92 -20.36 -31.18 67.22
C PHE C 92 -21.22 -31.38 68.46
N THR C 93 -21.54 -32.64 68.78
CA THR C 93 -22.34 -32.93 69.97
C THR C 93 -21.62 -32.53 71.25
N THR C 94 -20.29 -32.49 71.24
CA THR C 94 -19.50 -32.25 72.45
C THR C 94 -19.30 -30.75 72.66
N ARG C 95 -18.99 -30.39 73.90
CA ARG C 95 -18.71 -29.00 74.24
C ARG C 95 -17.48 -28.49 73.49
N GLU C 96 -16.45 -29.33 73.36
CA GLU C 96 -15.22 -28.91 72.70
C GLU C 96 -15.42 -28.63 71.23
N GLY C 97 -16.30 -29.39 70.57
CA GLY C 97 -16.61 -29.10 69.18
C GLY C 97 -17.40 -27.81 69.02
N ARG C 98 -18.32 -27.55 69.95
CA ARG C 98 -19.14 -26.34 69.87
C ARG C 98 -18.30 -25.08 70.08
N ARG C 99 -17.39 -25.10 71.06
CA ARG C 99 -16.55 -23.93 71.27
C ARG C 99 -15.55 -23.75 70.14
N ALA C 100 -15.10 -24.84 69.53
CA ALA C 100 -14.22 -24.72 68.37
C ALA C 100 -14.96 -24.13 67.19
N ALA C 101 -16.22 -24.54 66.99
CA ALA C 101 -17.03 -23.95 65.92
C ALA C 101 -17.28 -22.47 66.17
N ALA C 102 -17.61 -22.11 67.42
CA ALA C 102 -17.78 -20.70 67.75
C ALA C 102 -16.49 -19.92 67.54
N TYR C 103 -15.35 -20.52 67.87
CA TYR C 103 -14.06 -19.88 67.63
C TYR C 103 -13.84 -19.63 66.14
N ASN C 104 -14.21 -20.59 65.30
CA ASN C 104 -14.07 -20.40 63.85
C ASN C 104 -14.98 -19.28 63.36
N LEU C 105 -16.23 -19.24 63.86
CA LEU C 105 -17.17 -18.22 63.41
C LEU C 105 -16.72 -16.81 63.80
N VAL C 106 -16.25 -16.64 65.04
CA VAL C 106 -15.79 -15.31 65.45
C VAL C 106 -14.50 -14.93 64.74
N GLN C 107 -13.65 -15.90 64.41
CA GLN C 107 -12.46 -15.60 63.62
C GLN C 107 -12.83 -15.05 62.25
N HIS C 108 -13.91 -15.55 61.66
CA HIS C 108 -14.45 -15.05 60.41
C HIS C 108 -15.62 -14.08 60.60
N GLY C 109 -16.00 -13.77 61.84
CA GLY C 109 -16.98 -12.76 62.12
C GLY C 109 -18.37 -13.09 61.61
N ILE C 110 -18.81 -14.33 61.84
CA ILE C 110 -20.13 -14.80 61.42
C ILE C 110 -21.06 -14.66 62.61
N THR C 111 -22.16 -13.93 62.41
CA THR C 111 -23.17 -13.69 63.43
C THR C 111 -24.56 -14.18 63.06
N ASN C 112 -24.82 -14.51 61.80
CA ASN C 112 -26.08 -15.07 61.34
C ASN C 112 -25.79 -16.32 60.53
N LEU C 113 -26.53 -17.39 60.81
CA LEU C 113 -26.31 -18.71 60.22
C LEU C 113 -27.61 -19.24 59.64
N CYS C 114 -27.51 -19.91 58.51
CA CYS C 114 -28.61 -20.63 57.87
C CYS C 114 -28.24 -22.10 57.77
N VAL C 115 -29.13 -22.97 58.24
CA VAL C 115 -28.90 -24.41 58.35
C VAL C 115 -29.97 -25.13 57.53
N ILE C 116 -29.53 -26.10 56.73
CA ILE C 116 -30.41 -26.98 55.96
C ILE C 116 -30.17 -28.40 56.44
N GLY C 117 -31.24 -29.10 56.81
CA GLY C 117 -31.10 -30.47 57.25
C GLY C 117 -32.34 -30.93 58.00
N GLY C 118 -32.20 -32.06 58.67
CA GLY C 118 -33.28 -32.67 59.41
C GLY C 118 -33.43 -32.09 60.80
N ASP C 119 -34.33 -32.72 61.57
CA ASP C 119 -34.69 -32.19 62.88
C ASP C 119 -33.51 -32.18 63.84
N GLY C 120 -32.65 -33.20 63.79
CA GLY C 120 -31.51 -33.24 64.68
C GLY C 120 -30.52 -32.13 64.43
N SER C 121 -30.26 -31.83 63.15
CA SER C 121 -29.32 -30.78 62.79
C SER C 121 -29.76 -29.42 63.35
N LEU C 122 -31.05 -29.12 63.24
CA LEU C 122 -31.54 -27.85 63.76
C LEU C 122 -31.62 -27.85 65.27
N THR C 123 -31.90 -28.99 65.89
CA THR C 123 -31.83 -29.10 67.33
C THR C 123 -30.42 -28.79 67.82
N GLY C 124 -29.41 -29.34 67.15
CA GLY C 124 -28.04 -29.02 67.51
C GLY C 124 -27.69 -27.58 67.25
N ALA C 125 -28.24 -26.99 66.19
CA ALA C 125 -28.00 -25.59 65.90
C ALA C 125 -28.58 -24.70 66.99
N ASN C 126 -29.79 -25.01 67.45
CA ASN C 126 -30.41 -24.21 68.51
C ASN C 126 -29.72 -24.45 69.85
N ILE C 127 -29.22 -25.66 70.08
CA ILE C 127 -28.39 -25.89 71.27
C ILE C 127 -27.16 -25.00 71.22
N PHE C 128 -26.54 -24.88 70.04
CA PHE C 128 -25.38 -24.01 69.88
C PHE C 128 -25.75 -22.55 70.15
N ARG C 129 -26.93 -22.13 69.70
CA ARG C 129 -27.37 -20.76 69.94
C ARG C 129 -27.61 -20.51 71.43
N SER C 130 -28.25 -21.46 72.12
CA SER C 130 -28.70 -21.23 73.49
C SER C 130 -27.55 -21.00 74.46
N GLU C 131 -26.33 -21.38 74.11
CA GLU C 131 -25.15 -21.25 74.96
C GLU C 131 -24.01 -20.47 74.29
N TRP C 132 -24.28 -19.86 73.11
CA TRP C 132 -23.31 -19.00 72.43
C TRP C 132 -22.67 -17.98 73.36
N GLY C 133 -23.46 -17.38 74.26
CA GLY C 133 -22.91 -16.45 75.22
C GLY C 133 -21.90 -17.10 76.16
N SER C 134 -22.27 -18.26 76.73
CA SER C 134 -21.37 -18.98 77.62
C SER C 134 -20.08 -19.35 76.90
N LEU C 135 -20.19 -19.82 75.64
CA LEU C 135 -19.01 -20.14 74.83
C LEU C 135 -18.09 -18.95 74.71
N LEU C 136 -18.65 -17.76 74.50
CA LEU C 136 -17.82 -16.56 74.40
C LEU C 136 -17.13 -16.26 75.72
N GLU C 137 -17.77 -16.54 76.86
CA GLU C 137 -17.15 -16.23 78.14
C GLU C 137 -15.93 -17.10 78.39
N GLU C 138 -16.03 -18.42 78.19
CA GLU C 138 -14.85 -19.26 78.43
C GLU C 138 -13.81 -19.09 77.32
N LEU C 139 -14.24 -18.74 76.11
CA LEU C 139 -13.28 -18.44 75.06
C LEU C 139 -12.45 -17.21 75.41
N VAL C 140 -13.10 -16.19 75.99
CA VAL C 140 -12.35 -15.04 76.50
C VAL C 140 -11.48 -15.46 77.68
N ALA C 141 -11.97 -16.38 78.52
CA ALA C 141 -11.23 -16.78 79.70
C ALA C 141 -9.93 -17.47 79.35
N GLU C 142 -9.94 -18.32 78.32
CA GLU C 142 -8.73 -19.00 77.89
C GLU C 142 -7.79 -18.10 77.09
N GLY C 143 -8.17 -16.86 76.79
CA GLY C 143 -7.29 -15.92 76.11
C GLY C 143 -7.23 -16.05 74.61
N LYS C 144 -8.11 -16.86 74.00
CA LYS C 144 -8.09 -17.01 72.55
C LYS C 144 -8.49 -15.71 71.85
N ILE C 145 -9.45 -14.99 72.43
CA ILE C 145 -10.01 -13.77 71.83
C ILE C 145 -9.98 -12.65 72.85
N SER C 146 -10.14 -11.43 72.37
CA SER C 146 -10.25 -10.24 73.20
C SER C 146 -11.71 -10.00 73.59
N GLU C 147 -11.89 -9.24 74.67
CA GLU C 147 -13.25 -8.97 75.14
C GLU C 147 -14.02 -8.08 74.17
N THR C 148 -13.32 -7.21 73.44
CA THR C 148 -13.99 -6.36 72.46
C THR C 148 -14.63 -7.20 71.35
N THR C 149 -13.93 -8.26 70.92
CA THR C 149 -14.49 -9.15 69.89
C THR C 149 -15.73 -9.86 70.41
N ALA C 150 -15.69 -10.34 71.66
CA ALA C 150 -16.84 -11.01 72.24
C ALA C 150 -18.04 -10.07 72.35
N ARG C 151 -17.79 -8.81 72.71
CA ARG C 151 -18.87 -7.83 72.77
C ARG C 151 -19.46 -7.59 71.37
N THR C 152 -18.60 -7.52 70.35
CA THR C 152 -19.08 -7.23 69.00
C THR C 152 -19.97 -8.34 68.48
N TYR C 153 -19.57 -9.60 68.70
CA TYR C 153 -20.30 -10.78 68.23
C TYR C 153 -21.02 -11.48 69.38
N SER C 154 -21.60 -10.69 70.30
CA SER C 154 -22.15 -11.24 71.52
C SER C 154 -23.40 -12.08 71.29
N HIS C 155 -24.05 -11.97 70.13
CA HIS C 155 -25.27 -12.70 69.81
C HIS C 155 -25.09 -13.50 68.53
N LEU C 156 -25.91 -14.55 68.40
CA LEU C 156 -25.94 -15.42 67.24
C LEU C 156 -27.39 -15.66 66.83
N ASN C 157 -27.69 -15.41 65.56
CA ASN C 157 -29.03 -15.60 65.01
C ASN C 157 -29.06 -16.84 64.13
N ILE C 158 -30.13 -17.61 64.26
CA ILE C 158 -30.30 -18.90 63.57
C ILE C 158 -31.58 -18.84 62.76
N ALA C 159 -31.47 -19.18 61.47
CA ALA C 159 -32.61 -19.44 60.61
C ALA C 159 -32.47 -20.86 60.07
N GLY C 160 -33.57 -21.60 60.05
CA GLY C 160 -33.54 -23.02 59.76
C GLY C 160 -34.34 -23.38 58.53
N LEU C 161 -33.88 -24.43 57.84
CA LEU C 161 -34.54 -24.98 56.67
C LEU C 161 -34.58 -26.50 56.79
N VAL C 162 -35.71 -27.07 56.39
CA VAL C 162 -35.99 -28.50 56.53
C VAL C 162 -35.78 -29.11 55.14
N GLY C 163 -34.65 -29.78 54.96
CA GLY C 163 -34.37 -30.53 53.74
C GLY C 163 -34.35 -32.03 53.99
N SER C 164 -35.42 -32.71 53.59
CA SER C 164 -35.52 -34.15 53.79
C SER C 164 -36.64 -34.69 52.92
N ILE C 165 -36.39 -35.83 52.27
CA ILE C 165 -37.40 -36.43 51.41
C ILE C 165 -38.52 -37.10 52.17
N ASP C 166 -38.36 -37.33 53.48
CA ASP C 166 -39.34 -38.11 54.22
C ASP C 166 -40.65 -37.36 54.41
N ASN C 167 -40.61 -36.02 54.44
CA ASN C 167 -41.78 -35.20 54.72
C ASN C 167 -42.38 -35.52 56.09
N ASP C 168 -41.54 -35.92 57.03
CA ASP C 168 -42.00 -36.27 58.38
C ASP C 168 -42.12 -35.06 59.29
N PHE C 169 -41.48 -33.94 58.95
CA PHE C 169 -41.61 -32.71 59.72
C PHE C 169 -43.07 -32.25 59.71
N CYS C 170 -43.75 -32.40 60.85
CA CYS C 170 -45.19 -32.20 60.88
C CYS C 170 -45.56 -30.72 60.77
N GLY C 171 -44.67 -29.82 61.20
CA GLY C 171 -44.94 -28.40 61.08
C GLY C 171 -44.99 -27.87 59.66
N THR C 172 -44.48 -28.64 58.68
CA THR C 172 -44.44 -28.25 57.28
C THR C 172 -45.27 -29.23 56.47
N ASP C 173 -46.20 -28.70 55.68
CA ASP C 173 -47.02 -29.56 54.83
C ASP C 173 -46.22 -30.20 53.71
N MET C 174 -45.17 -29.52 53.24
CA MET C 174 -44.29 -30.03 52.17
C MET C 174 -42.86 -29.62 52.48
N THR C 175 -42.01 -30.60 52.78
CA THR C 175 -40.60 -30.34 52.97
C THR C 175 -39.89 -30.27 51.62
N ILE C 176 -38.76 -29.56 51.61
CA ILE C 176 -38.01 -29.34 50.37
C ILE C 176 -37.51 -30.67 49.83
N GLY C 177 -37.72 -30.89 48.52
CA GLY C 177 -37.19 -32.02 47.81
C GLY C 177 -38.12 -33.20 47.67
N THR C 178 -39.24 -33.21 48.39
CA THR C 178 -40.15 -34.36 48.34
C THR C 178 -40.78 -34.52 46.95
N ASP C 179 -41.06 -33.41 46.27
CA ASP C 179 -41.65 -33.51 44.94
C ASP C 179 -40.70 -34.19 43.96
N SER C 180 -39.41 -33.88 44.03
CA SER C 180 -38.44 -34.55 43.18
C SER C 180 -38.35 -36.03 43.53
N ALA C 181 -38.35 -36.36 44.82
CA ALA C 181 -38.40 -37.76 45.22
C ALA C 181 -39.67 -38.41 44.72
N LEU C 182 -40.78 -37.67 44.68
CA LEU C 182 -42.01 -38.20 44.12
C LEU C 182 -41.89 -38.44 42.62
N HIS C 183 -41.11 -37.61 41.92
CA HIS C 183 -40.85 -37.87 40.51
C HIS C 183 -40.02 -39.14 40.32
N ARG C 184 -38.98 -39.32 41.13
CA ARG C 184 -38.10 -40.48 40.97
C ARG C 184 -38.81 -41.78 41.31
N ILE C 185 -39.57 -41.81 42.39
CA ILE C 185 -40.32 -43.01 42.75
C ILE C 185 -41.30 -43.39 41.66
N MET C 186 -42.02 -42.41 41.10
CA MET C 186 -43.08 -42.77 40.17
C MET C 186 -42.55 -43.18 38.79
N GLU C 187 -41.46 -42.58 38.32
CA GLU C 187 -40.89 -43.05 37.07
C GLU C 187 -40.36 -44.46 37.22
N VAL C 188 -39.85 -44.81 38.41
CA VAL C 188 -39.52 -46.20 38.69
C VAL C 188 -40.79 -47.05 38.70
N ILE C 189 -41.87 -46.55 39.32
CA ILE C 189 -43.12 -47.31 39.36
C ILE C 189 -43.66 -47.50 37.95
N ASP C 190 -43.59 -46.46 37.12
CA ASP C 190 -44.10 -46.58 35.75
C ASP C 190 -43.31 -47.62 34.96
N ALA C 191 -41.98 -47.63 35.10
CA ALA C 191 -41.17 -48.65 34.46
C ALA C 191 -41.54 -50.03 34.97
N ILE C 192 -41.79 -50.15 36.27
CA ILE C 192 -42.16 -51.44 36.85
C ILE C 192 -43.55 -51.86 36.40
N THR C 193 -44.49 -50.91 36.30
CA THR C 193 -45.87 -51.26 35.97
C THR C 193 -45.98 -51.83 34.55
N THR C 194 -45.11 -51.40 33.64
CA THR C 194 -45.16 -51.92 32.27
C THR C 194 -44.87 -53.41 32.24
N THR C 195 -43.75 -53.83 32.84
CA THR C 195 -43.42 -55.25 32.90
C THR C 195 -44.42 -56.02 33.75
N ALA C 196 -44.98 -55.39 34.79
CA ALA C 196 -45.96 -56.06 35.62
C ALA C 196 -47.23 -56.36 34.83
N GLN C 197 -47.74 -55.38 34.08
CA GLN C 197 -48.90 -55.62 33.23
C GLN C 197 -48.58 -56.64 32.13
N SER C 198 -47.35 -56.61 31.62
CA SER C 198 -46.95 -57.54 30.58
C SER C 198 -47.02 -58.99 31.09
N HIS C 199 -46.33 -59.26 32.20
CA HIS C 199 -46.17 -60.62 32.70
C HIS C 199 -47.22 -61.04 33.73
N GLN C 200 -48.15 -60.15 34.08
CA GLN C 200 -49.20 -60.45 35.07
C GLN C 200 -48.59 -60.88 36.40
N ARG C 201 -47.58 -60.15 36.86
CA ARG C 201 -46.84 -60.44 38.08
C ARG C 201 -47.16 -59.40 39.14
N THR C 202 -47.38 -59.87 40.37
CA THR C 202 -47.64 -59.00 41.51
C THR C 202 -46.31 -58.62 42.14
N PHE C 203 -46.13 -57.33 42.44
CA PHE C 203 -44.85 -56.82 42.92
C PHE C 203 -45.00 -56.08 44.24
N VAL C 204 -43.93 -56.13 45.03
CA VAL C 204 -43.82 -55.44 46.31
C VAL C 204 -42.69 -54.43 46.17
N LEU C 205 -42.98 -53.18 46.53
CA LEU C 205 -42.05 -52.06 46.39
C LEU C 205 -41.70 -51.52 47.77
N GLU C 206 -40.44 -51.14 47.93
CA GLU C 206 -39.90 -50.64 49.19
C GLU C 206 -39.45 -49.20 48.97
N VAL C 207 -40.19 -48.25 49.53
CA VAL C 207 -39.91 -46.83 49.37
C VAL C 207 -39.11 -46.36 50.58
N MET C 208 -38.41 -45.24 50.39
CA MET C 208 -37.59 -44.66 51.45
C MET C 208 -38.47 -43.89 52.42
N GLY C 209 -37.89 -43.52 53.57
CA GLY C 209 -38.59 -42.79 54.61
C GLY C 209 -38.32 -43.45 55.96
N ARG C 210 -37.77 -42.68 56.90
CA ARG C 210 -37.26 -43.25 58.15
C ARG C 210 -38.38 -43.97 58.92
N HIS C 211 -39.40 -43.22 59.36
CA HIS C 211 -40.56 -43.80 60.04
C HIS C 211 -41.87 -43.16 59.54
N CYS C 212 -41.87 -42.56 58.35
CA CYS C 212 -43.02 -41.85 57.81
C CYS C 212 -43.54 -42.55 56.57
N GLY C 213 -44.87 -42.59 56.42
CA GLY C 213 -45.52 -43.23 55.30
C GLY C 213 -46.15 -42.29 54.30
N TYR C 214 -45.76 -41.01 54.33
CA TYR C 214 -46.28 -40.05 53.36
C TYR C 214 -45.93 -40.48 51.94
N LEU C 215 -44.68 -40.89 51.72
CA LEU C 215 -44.20 -41.19 50.38
C LEU C 215 -44.88 -42.44 49.84
N ALA C 216 -45.05 -43.45 50.71
CA ALA C 216 -45.71 -44.67 50.31
C ALA C 216 -47.15 -44.41 49.92
N LEU C 217 -47.87 -43.62 50.71
CA LEU C 217 -49.28 -43.36 50.41
C LEU C 217 -49.44 -42.54 49.15
N VAL C 218 -48.62 -41.50 48.97
CA VAL C 218 -48.73 -40.65 47.79
C VAL C 218 -48.42 -41.46 46.54
N SER C 219 -47.38 -42.30 46.60
CA SER C 219 -47.05 -43.12 45.44
C SER C 219 -48.15 -44.13 45.14
N ALA C 220 -48.71 -44.76 46.18
CA ALA C 220 -49.80 -45.71 45.98
C ALA C 220 -51.04 -45.03 45.41
N LEU C 221 -51.36 -43.84 45.93
CA LEU C 221 -52.52 -43.12 45.42
C LEU C 221 -52.31 -42.68 43.99
N ALA C 222 -51.09 -42.22 43.65
CA ALA C 222 -50.80 -41.78 42.30
C ALA C 222 -50.63 -42.93 41.32
N SER C 223 -50.44 -44.17 41.82
CA SER C 223 -50.31 -45.36 40.98
C SER C 223 -51.48 -46.32 41.09
N GLY C 224 -52.44 -46.07 41.97
CA GLY C 224 -53.55 -46.98 42.15
C GLY C 224 -53.13 -48.36 42.62
N ALA C 225 -52.16 -48.41 43.53
CA ALA C 225 -51.67 -49.69 44.02
C ALA C 225 -52.78 -50.43 44.77
N ASP C 226 -52.75 -51.76 44.67
CA ASP C 226 -53.83 -52.57 45.22
C ASP C 226 -53.81 -52.62 46.74
N TRP C 227 -52.66 -52.38 47.36
CA TRP C 227 -52.59 -52.35 48.82
C TRP C 227 -51.37 -51.54 49.23
N LEU C 228 -51.48 -50.93 50.41
CA LEU C 228 -50.46 -50.06 50.97
C LEU C 228 -50.16 -50.48 52.39
N PHE C 229 -48.92 -50.23 52.81
CA PHE C 229 -48.49 -50.35 54.19
C PHE C 229 -47.85 -49.04 54.62
N ILE C 230 -48.30 -48.51 55.76
CA ILE C 230 -47.74 -47.28 56.34
C ILE C 230 -47.65 -47.44 57.85
N PRO C 231 -46.72 -46.71 58.49
CA PRO C 231 -46.69 -46.74 59.96
C PRO C 231 -47.83 -45.98 60.61
N GLU C 232 -48.44 -45.01 59.93
CA GLU C 232 -49.48 -44.20 60.56
C GLU C 232 -50.75 -45.01 60.83
N ALA C 233 -51.06 -45.98 59.98
CA ALA C 233 -52.26 -46.81 60.09
C ALA C 233 -51.85 -48.27 59.94
N PRO C 234 -51.35 -48.89 61.01
CA PRO C 234 -50.94 -50.29 60.90
C PRO C 234 -52.14 -51.17 60.61
N PRO C 235 -51.92 -52.30 59.91
CA PRO C 235 -53.07 -53.13 59.51
C PRO C 235 -53.70 -53.84 60.70
N GLU C 236 -55.01 -54.05 60.61
CA GLU C 236 -55.74 -54.73 61.67
C GLU C 236 -55.46 -56.23 61.63
N ASP C 237 -55.89 -56.91 62.70
CA ASP C 237 -55.62 -58.33 62.85
C ASP C 237 -56.28 -59.13 61.73
N GLY C 238 -55.63 -60.22 61.33
CA GLY C 238 -56.13 -61.03 60.25
C GLY C 238 -56.05 -60.38 58.89
N TRP C 239 -55.12 -59.42 58.72
CA TRP C 239 -54.94 -58.75 57.43
C TRP C 239 -54.56 -59.70 56.29
N GLU C 240 -54.07 -60.90 56.61
CA GLU C 240 -53.69 -61.87 55.58
C GLU C 240 -54.90 -62.29 54.76
N ASN C 241 -56.03 -62.58 55.41
CA ASN C 241 -57.21 -63.03 54.70
C ASN C 241 -57.79 -61.91 53.83
N PHE C 242 -57.82 -60.69 54.36
CA PHE C 242 -58.33 -59.57 53.57
C PHE C 242 -57.42 -59.28 52.39
N MET C 243 -56.11 -59.45 52.57
CA MET C 243 -55.18 -59.34 51.46
C MET C 243 -55.50 -60.34 50.37
N CYS C 244 -55.71 -61.61 50.76
CA CYS C 244 -56.00 -62.65 49.78
C CYS C 244 -57.32 -62.39 49.06
N GLU C 245 -58.34 -61.96 49.80
CA GLU C 245 -59.64 -61.69 49.18
C GLU C 245 -59.55 -60.56 48.17
N ARG C 246 -58.88 -59.47 48.54
CA ARG C 246 -58.79 -58.32 47.65
C ARG C 246 -57.99 -58.65 46.40
N LEU C 247 -56.81 -59.27 46.56
CA LEU C 247 -55.98 -59.58 45.41
C LEU C 247 -56.65 -60.59 44.50
N GLY C 248 -57.37 -61.55 45.07
CA GLY C 248 -58.14 -62.47 44.25
C GLY C 248 -59.25 -61.77 43.49
N GLU C 249 -59.94 -60.83 44.15
CA GLU C 249 -60.99 -60.08 43.48
C GLU C 249 -60.44 -59.21 42.36
N THR C 250 -59.30 -58.55 42.60
CA THR C 250 -58.70 -57.69 41.58
C THR C 250 -58.27 -58.50 40.37
N ARG C 251 -57.39 -59.49 40.57
CA ARG C 251 -56.86 -60.27 39.46
C ARG C 251 -57.95 -61.05 38.75
N SER C 252 -59.03 -61.41 39.46
CA SER C 252 -60.16 -62.07 38.82
C SER C 252 -60.94 -61.09 37.94
N ARG C 253 -61.14 -59.87 38.42
CA ARG C 253 -61.97 -58.88 37.72
C ARG C 253 -61.14 -58.00 36.77
N GLY C 254 -60.35 -58.64 35.91
CA GLY C 254 -59.69 -57.94 34.82
C GLY C 254 -58.45 -57.15 35.18
N SER C 255 -58.13 -57.00 36.47
CA SER C 255 -56.93 -56.26 36.85
C SER C 255 -55.72 -57.12 36.55
N ARG C 256 -55.02 -56.80 35.46
CA ARG C 256 -53.96 -57.67 34.99
C ARG C 256 -52.78 -57.73 35.96
N LEU C 257 -52.49 -56.63 36.64
CA LEU C 257 -51.33 -56.51 37.52
C LEU C 257 -51.77 -56.01 38.89
N ASN C 258 -50.96 -56.34 39.90
CA ASN C 258 -51.16 -55.88 41.26
C ASN C 258 -49.86 -55.25 41.75
N ILE C 259 -49.97 -54.07 42.35
CA ILE C 259 -48.82 -53.33 42.88
C ILE C 259 -49.00 -53.22 44.39
N ILE C 260 -47.95 -53.56 45.12
CA ILE C 260 -47.90 -53.46 46.57
C ILE C 260 -46.76 -52.54 46.93
N ILE C 261 -47.02 -51.56 47.78
CA ILE C 261 -46.04 -50.57 48.23
C ILE C 261 -45.94 -50.69 49.74
N ILE C 262 -44.71 -50.71 50.24
CA ILE C 262 -44.43 -50.90 51.67
C ILE C 262 -43.34 -49.92 52.06
N ALA C 263 -43.64 -49.02 53.00
CA ALA C 263 -42.59 -48.20 53.58
C ALA C 263 -41.61 -49.08 54.35
N GLU C 264 -40.35 -48.65 54.38
CA GLU C 264 -39.31 -49.44 55.03
C GLU C 264 -39.56 -49.64 56.53
N GLY C 265 -40.35 -48.77 57.15
CA GLY C 265 -40.68 -48.86 58.56
C GLY C 265 -42.12 -49.29 58.82
N ALA C 266 -42.74 -50.00 57.88
CA ALA C 266 -44.09 -50.48 58.09
C ALA C 266 -44.13 -51.48 59.24
N ILE C 267 -45.20 -51.39 60.05
CA ILE C 267 -45.33 -52.17 61.27
C ILE C 267 -46.74 -52.73 61.37
N ASP C 268 -46.92 -53.68 62.27
CA ASP C 268 -48.21 -54.28 62.58
C ASP C 268 -48.82 -53.57 63.79
N ARG C 269 -49.90 -54.14 64.34
CA ARG C 269 -50.53 -53.56 65.52
C ARG C 269 -49.58 -53.59 66.71
N ASN C 270 -48.75 -54.62 66.81
CA ASN C 270 -47.78 -54.72 67.89
C ASN C 270 -46.50 -53.93 67.61
N GLY C 271 -46.46 -53.12 66.56
CA GLY C 271 -45.27 -52.35 66.25
C GLY C 271 -44.14 -53.15 65.64
N LYS C 272 -44.32 -54.44 65.42
CA LYS C 272 -43.25 -55.26 64.88
C LYS C 272 -43.07 -54.93 63.39
N PRO C 273 -41.84 -54.74 62.89
CA PRO C 273 -41.69 -54.43 61.46
C PRO C 273 -42.14 -55.59 60.59
N ILE C 274 -42.80 -55.25 59.48
CA ILE C 274 -43.29 -56.22 58.51
C ILE C 274 -42.29 -56.23 57.36
N SER C 275 -41.60 -57.35 57.21
CA SER C 275 -40.59 -57.49 56.16
C SER C 275 -41.24 -57.84 54.84
N SER C 276 -40.73 -57.25 53.76
CA SER C 276 -41.26 -57.53 52.43
C SER C 276 -41.07 -58.99 52.04
N SER C 277 -39.99 -59.62 52.51
CA SER C 277 -39.77 -61.03 52.22
C SER C 277 -40.88 -61.88 52.81
N TYR C 278 -41.36 -61.53 54.01
CA TYR C 278 -42.50 -62.23 54.58
C TYR C 278 -43.73 -62.08 53.71
N VAL C 279 -43.98 -60.87 53.20
CA VAL C 279 -45.16 -60.62 52.38
C VAL C 279 -45.06 -61.43 51.09
N LYS C 280 -43.87 -61.50 50.50
CA LYS C 280 -43.66 -62.30 49.30
C LYS C 280 -43.92 -63.78 49.57
N ASP C 281 -43.40 -64.28 50.70
CA ASP C 281 -43.60 -65.69 51.02
C ASP C 281 -45.08 -65.99 51.25
N LEU C 282 -45.80 -65.06 51.87
CA LEU C 282 -47.22 -65.27 52.12
C LEU C 282 -48.03 -65.32 50.83
N VAL C 283 -47.81 -64.35 49.94
CA VAL C 283 -48.59 -64.29 48.70
C VAL C 283 -48.29 -65.50 47.83
N VAL C 284 -47.03 -65.94 47.80
CA VAL C 284 -46.69 -67.13 47.02
C VAL C 284 -47.34 -68.36 47.61
N GLN C 285 -47.35 -68.46 48.94
CA GLN C 285 -47.95 -69.64 49.59
C GLN C 285 -49.45 -69.67 49.38
N ARG C 286 -50.13 -68.54 49.55
CA ARG C 286 -51.58 -68.50 49.60
C ARG C 286 -52.25 -68.34 48.25
N LEU C 287 -51.55 -67.81 47.25
CA LEU C 287 -52.11 -67.59 45.92
C LEU C 287 -51.26 -68.24 44.83
N GLY C 288 -49.95 -68.34 45.04
CA GLY C 288 -49.08 -68.93 44.05
C GLY C 288 -48.75 -68.03 42.88
N PHE C 289 -49.16 -66.77 42.91
CA PHE C 289 -48.88 -65.87 41.80
C PHE C 289 -47.39 -65.56 41.74
N ASP C 290 -46.86 -65.55 40.52
CA ASP C 290 -45.47 -65.16 40.32
C ASP C 290 -45.29 -63.71 40.75
N THR C 291 -44.20 -63.44 41.48
CA THR C 291 -44.03 -62.14 42.11
C THR C 291 -42.55 -61.85 42.30
N ARG C 292 -42.25 -60.56 42.50
CA ARG C 292 -40.90 -60.08 42.74
C ARG C 292 -40.93 -58.95 43.76
N VAL C 293 -39.73 -58.52 44.16
CA VAL C 293 -39.53 -57.41 45.08
C VAL C 293 -38.37 -56.58 44.57
N THR C 294 -38.47 -55.26 44.72
CA THR C 294 -37.46 -54.32 44.23
C THR C 294 -37.25 -53.26 45.30
N VAL C 295 -36.12 -53.31 45.99
CA VAL C 295 -35.73 -52.27 46.94
C VAL C 295 -35.08 -51.14 46.16
N LEU C 296 -35.67 -49.96 46.23
CA LEU C 296 -35.25 -48.85 45.40
C LEU C 296 -34.02 -48.15 45.95
N GLY C 297 -33.81 -48.18 47.26
CA GLY C 297 -32.57 -47.66 47.81
C GLY C 297 -32.49 -46.15 47.71
N HIS C 298 -31.31 -45.66 47.34
CA HIS C 298 -30.99 -44.24 47.36
C HIS C 298 -31.40 -43.51 46.09
N VAL C 299 -32.25 -44.11 45.25
CA VAL C 299 -32.71 -43.42 44.04
C VAL C 299 -33.50 -42.17 44.39
N GLN C 300 -34.25 -42.20 45.49
CA GLN C 300 -35.02 -41.03 45.91
C GLN C 300 -34.13 -39.87 46.33
N ARG C 301 -32.85 -40.13 46.65
CA ARG C 301 -31.93 -39.12 47.11
C ARG C 301 -31.19 -38.41 45.98
N GLY C 302 -31.59 -38.65 44.72
CA GLY C 302 -30.91 -38.06 43.58
C GLY C 302 -31.82 -37.70 42.43
N GLY C 303 -31.21 -37.29 41.32
CA GLY C 303 -31.93 -36.87 40.13
C GLY C 303 -32.10 -35.36 40.08
N THR C 304 -32.61 -34.90 38.95
CA THR C 304 -32.79 -33.48 38.75
C THR C 304 -33.94 -32.98 39.63
N PRO C 305 -33.80 -31.84 40.32
CA PRO C 305 -34.90 -31.38 41.17
C PRO C 305 -36.10 -30.93 40.35
N SER C 306 -37.28 -31.15 40.91
CA SER C 306 -38.50 -30.72 40.24
C SER C 306 -38.59 -29.21 40.20
N ALA C 307 -39.43 -28.70 39.30
CA ALA C 307 -39.57 -27.26 39.18
C ALA C 307 -40.21 -26.67 40.43
N PHE C 308 -41.21 -27.35 40.98
CA PHE C 308 -41.78 -26.92 42.26
C PHE C 308 -40.73 -26.98 43.37
N ASP C 309 -39.83 -27.97 43.31
CA ASP C 309 -38.77 -28.05 44.31
C ASP C 309 -37.82 -26.86 44.21
N ARG C 310 -37.40 -26.52 42.99
CA ARG C 310 -36.48 -25.39 42.82
C ARG C 310 -37.12 -24.08 43.24
N ILE C 311 -38.39 -23.88 42.86
CA ILE C 311 -39.10 -22.65 43.23
C ILE C 311 -39.22 -22.54 44.74
N LEU C 312 -39.63 -23.64 45.39
CA LEU C 312 -39.83 -23.60 46.83
C LEU C 312 -38.51 -23.46 47.56
N SER C 313 -37.47 -24.17 47.11
CA SER C 313 -36.16 -24.06 47.73
C SER C 313 -35.62 -22.64 47.65
N SER C 314 -35.78 -22.00 46.50
CA SER C 314 -35.32 -20.63 46.36
C SER C 314 -36.15 -19.70 47.24
N LYS C 315 -37.46 -19.92 47.31
CA LYS C 315 -38.34 -19.04 48.09
C LYS C 315 -38.05 -19.16 49.57
N MET C 316 -37.78 -20.38 50.05
CA MET C 316 -37.40 -20.56 51.45
C MET C 316 -36.06 -19.91 51.74
N GLY C 317 -35.14 -19.95 50.78
CA GLY C 317 -33.88 -19.25 50.96
C GLY C 317 -34.06 -17.75 50.98
N MET C 318 -34.96 -17.24 50.14
CA MET C 318 -35.35 -15.84 50.17
C MET C 318 -35.83 -15.43 51.56
N GLU C 319 -36.77 -16.18 52.11
CA GLU C 319 -37.36 -15.83 53.39
C GLU C 319 -36.37 -16.02 54.54
N ALA C 320 -35.49 -17.03 54.44
CA ALA C 320 -34.51 -17.25 55.50
C ALA C 320 -33.54 -16.09 55.61
N VAL C 321 -33.08 -15.57 54.47
CA VAL C 321 -32.19 -14.41 54.50
C VAL C 321 -32.92 -13.20 55.08
N MET C 322 -34.18 -13.00 54.69
CA MET C 322 -34.94 -11.88 55.23
C MET C 322 -35.15 -12.04 56.74
N ALA C 323 -35.41 -13.26 57.19
CA ALA C 323 -35.59 -13.50 58.61
C ALA C 323 -34.31 -13.23 59.38
N LEU C 324 -33.16 -13.65 58.83
CA LEU C 324 -31.89 -13.43 59.52
C LEU C 324 -31.57 -11.95 59.66
N LEU C 325 -31.84 -11.16 58.62
CA LEU C 325 -31.53 -9.73 58.70
C LEU C 325 -32.46 -9.01 59.67
N GLU C 326 -33.72 -9.44 59.75
CA GLU C 326 -34.74 -8.76 60.55
C GLU C 326 -34.96 -9.40 61.92
N ALA C 327 -34.11 -10.34 62.33
CA ALA C 327 -34.24 -10.99 63.63
C ALA C 327 -33.44 -10.21 64.68
N THR C 328 -33.72 -10.51 65.94
CA THR C 328 -33.07 -9.92 67.09
C THR C 328 -32.65 -11.03 68.04
N PRO C 329 -31.73 -10.75 68.98
CA PRO C 329 -31.28 -11.80 69.91
C PRO C 329 -32.41 -12.35 70.78
N ASP C 330 -33.32 -11.49 71.25
CA ASP C 330 -34.45 -11.97 72.03
C ASP C 330 -35.36 -12.86 71.19
N THR C 331 -35.37 -12.70 69.87
CA THR C 331 -36.22 -13.51 69.02
C THR C 331 -35.71 -14.96 69.05
N PRO C 332 -36.57 -15.96 69.25
CA PRO C 332 -36.08 -17.33 69.26
C PRO C 332 -35.70 -17.80 67.86
N ALA C 333 -35.01 -18.94 67.82
CA ALA C 333 -34.67 -19.56 66.55
C ALA C 333 -35.94 -19.92 65.79
N CYS C 334 -35.94 -19.62 64.49
CA CYS C 334 -37.13 -19.70 63.66
C CYS C 334 -36.82 -20.50 62.39
N VAL C 335 -37.86 -21.10 61.83
CA VAL C 335 -37.81 -21.83 60.57
C VAL C 335 -38.88 -21.25 59.66
N VAL C 336 -38.69 -21.44 58.36
CA VAL C 336 -39.66 -21.05 57.33
C VAL C 336 -40.25 -22.34 56.77
N THR C 337 -41.58 -22.40 56.74
CA THR C 337 -42.32 -23.58 56.33
C THR C 337 -43.46 -23.13 55.41
N LEU C 338 -44.40 -24.04 55.15
CA LEU C 338 -45.53 -23.80 54.26
C LEU C 338 -46.82 -24.01 55.05
N SER C 339 -47.68 -22.99 55.05
CA SER C 339 -49.03 -23.08 55.58
C SER C 339 -49.96 -22.51 54.53
N GLY C 340 -50.87 -23.35 54.05
CA GLY C 340 -51.67 -22.96 52.90
C GLY C 340 -50.82 -22.82 51.65
N ASN C 341 -50.69 -21.59 51.14
CA ASN C 341 -49.87 -21.30 49.97
C ASN C 341 -49.11 -20.00 50.21
N GLN C 342 -48.38 -19.94 51.33
CA GLN C 342 -47.55 -18.79 51.65
C GLN C 342 -46.34 -19.26 52.46
N SER C 343 -45.28 -18.45 52.41
CA SER C 343 -44.04 -18.74 53.12
C SER C 343 -44.17 -18.25 54.55
N VAL C 344 -44.65 -19.13 55.43
CA VAL C 344 -44.86 -18.80 56.83
C VAL C 344 -43.55 -18.99 57.60
N ARG C 345 -43.52 -18.49 58.83
CA ARG C 345 -42.35 -18.56 59.70
C ARG C 345 -42.81 -19.01 61.07
N LEU C 346 -42.22 -20.10 61.57
CA LEU C 346 -42.62 -20.76 62.79
C LEU C 346 -41.43 -20.93 63.72
N PRO C 347 -41.66 -21.11 65.02
CA PRO C 347 -40.53 -21.30 65.93
C PRO C 347 -39.99 -22.73 65.87
N LEU C 348 -38.66 -22.84 65.87
CA LEU C 348 -38.03 -24.14 65.73
C LEU C 348 -38.39 -25.07 66.89
N MET C 349 -38.30 -24.55 68.12
CA MET C 349 -38.46 -25.40 69.30
C MET C 349 -39.83 -26.06 69.35
N GLU C 350 -40.89 -25.27 69.10
CA GLU C 350 -42.26 -25.80 69.16
C GLU C 350 -42.47 -26.93 68.16
N CYS C 351 -41.91 -26.78 66.95
CA CYS C 351 -42.01 -27.85 65.97
C CYS C 351 -41.20 -29.07 66.40
N VAL C 352 -40.04 -28.85 67.04
CA VAL C 352 -39.22 -29.97 67.49
C VAL C 352 -39.97 -30.79 68.53
N GLN C 353 -40.53 -30.13 69.54
CA GLN C 353 -41.21 -30.89 70.60
C GLN C 353 -42.49 -31.53 70.10
N MET C 354 -43.21 -30.88 69.18
CA MET C 354 -44.41 -31.48 68.64
C MET C 354 -44.08 -32.70 67.79
N THR C 355 -42.98 -32.62 67.02
CA THR C 355 -42.52 -33.79 66.27
C THR C 355 -42.14 -34.92 67.22
N LYS C 356 -41.44 -34.60 68.30
CA LYS C 356 -41.10 -35.62 69.29
C LYS C 356 -42.35 -36.18 69.96
N GLU C 357 -43.36 -35.34 70.17
CA GLU C 357 -44.62 -35.83 70.75
C GLU C 357 -45.31 -36.79 69.80
N VAL C 358 -45.29 -36.51 68.49
CA VAL C 358 -45.86 -37.43 67.52
C VAL C 358 -45.02 -38.71 67.46
N GLN C 359 -43.70 -38.59 67.63
CA GLN C 359 -42.83 -39.75 67.54
C GLN C 359 -43.09 -40.71 68.70
N LYS C 360 -43.15 -40.20 69.92
CA LYS C 360 -43.50 -41.05 71.05
C LYS C 360 -44.93 -41.57 70.92
N ALA C 361 -45.83 -40.78 70.32
CA ALA C 361 -47.21 -41.21 70.13
C ALA C 361 -47.29 -42.47 69.28
N MET C 362 -46.63 -42.47 68.12
CA MET C 362 -46.60 -43.68 67.31
C MET C 362 -45.81 -44.79 67.99
N ASP C 363 -44.77 -44.44 68.75
CA ASP C 363 -44.02 -45.44 69.50
C ASP C 363 -44.86 -46.03 70.63
N ASP C 364 -45.66 -45.20 71.29
CA ASP C 364 -46.49 -45.64 72.41
C ASP C 364 -47.78 -46.35 71.98
N LYS C 365 -47.93 -46.68 70.69
CA LYS C 365 -49.08 -47.40 70.14
C LYS C 365 -50.37 -46.60 70.17
N ARG C 366 -50.32 -45.29 70.47
CA ARG C 366 -51.48 -44.42 70.36
C ARG C 366 -51.48 -43.81 68.96
N PHE C 367 -51.74 -44.69 67.98
CA PHE C 367 -51.59 -44.33 66.57
C PHE C 367 -52.58 -43.25 66.17
N ASP C 368 -53.81 -43.31 66.67
CA ASP C 368 -54.82 -42.32 66.32
C ASP C 368 -54.40 -40.93 66.79
N GLU C 369 -53.87 -40.83 68.01
CA GLU C 369 -53.47 -39.53 68.54
C GLU C 369 -52.32 -38.94 67.74
N ALA C 370 -51.39 -39.79 67.29
CA ALA C 370 -50.35 -39.34 66.39
C ALA C 370 -50.94 -38.84 65.07
N THR C 371 -52.01 -39.49 64.61
CA THR C 371 -52.63 -39.10 63.34
C THR C 371 -53.22 -37.70 63.44
N GLN C 372 -54.01 -37.43 64.48
CA GLN C 372 -54.60 -36.10 64.62
C GLN C 372 -53.55 -35.04 64.91
N LEU C 373 -52.51 -35.39 65.66
CA LEU C 373 -51.44 -34.43 65.97
C LEU C 373 -50.72 -33.98 64.71
N ARG C 374 -50.34 -34.94 63.86
CA ARG C 374 -49.59 -34.61 62.66
C ARG C 374 -50.43 -33.80 61.68
N GLY C 375 -51.68 -34.18 61.49
CA GLY C 375 -52.55 -33.45 60.58
C GLY C 375 -53.76 -34.28 60.21
N GLY C 376 -54.72 -33.59 59.58
CA GLY C 376 -55.97 -34.21 59.15
C GLY C 376 -56.11 -34.37 57.64
N SER C 377 -55.11 -33.92 56.87
CA SER C 377 -55.19 -34.05 55.42
C SER C 377 -54.89 -35.48 54.96
N PHE C 378 -53.87 -36.11 55.54
CA PHE C 378 -53.39 -37.38 54.99
C PHE C 378 -54.27 -38.54 55.42
N GLU C 379 -54.96 -38.43 56.55
CA GLU C 379 -55.98 -39.42 56.90
C GLU C 379 -57.13 -39.38 55.90
N ASN C 380 -57.50 -38.19 55.44
CA ASN C 380 -58.55 -38.09 54.42
C ASN C 380 -58.06 -38.65 53.09
N ASN C 381 -56.79 -38.42 52.76
CA ASN C 381 -56.23 -38.99 51.55
C ASN C 381 -56.20 -40.51 51.63
N TRP C 382 -55.89 -41.05 52.81
CA TRP C 382 -55.93 -42.49 53.01
C TRP C 382 -57.35 -43.02 52.89
N ASN C 383 -58.34 -42.24 53.35
CA ASN C 383 -59.73 -42.63 53.18
C ASN C 383 -60.12 -42.67 51.72
N ILE C 384 -59.68 -41.67 50.94
CA ILE C 384 -59.97 -41.64 49.51
C ILE C 384 -59.30 -42.82 48.82
N TYR C 385 -58.09 -43.16 49.26
CA TYR C 385 -57.37 -44.29 48.67
C TYR C 385 -58.12 -45.60 48.89
N LYS C 386 -58.58 -45.84 50.12
CA LYS C 386 -59.32 -47.06 50.39
C LYS C 386 -60.64 -47.11 49.63
N LEU C 387 -61.27 -45.95 49.44
CA LEU C 387 -62.53 -45.91 48.69
C LEU C 387 -62.31 -46.32 47.24
N LEU C 388 -61.27 -45.77 46.60
CA LEU C 388 -61.05 -45.97 45.18
C LEU C 388 -60.18 -47.18 44.86
N ALA C 389 -59.56 -47.81 45.86
CA ALA C 389 -58.67 -48.94 45.58
C ALA C 389 -59.44 -50.13 45.01
N HIS C 390 -60.63 -50.40 45.55
CA HIS C 390 -61.44 -51.54 45.15
C HIS C 390 -62.89 -51.11 45.01
N GLN C 391 -63.67 -51.95 44.33
CA GLN C 391 -65.08 -51.66 44.05
C GLN C 391 -65.91 -52.13 45.22
N LYS C 392 -66.28 -51.20 46.09
CA LYS C 392 -67.19 -51.53 47.17
C LYS C 392 -68.59 -51.70 46.60
N PRO C 393 -69.34 -52.75 46.97
CA PRO C 393 -70.66 -52.97 46.34
C PRO C 393 -71.63 -51.84 46.69
N PRO C 394 -72.09 -51.05 45.72
CA PRO C 394 -73.02 -49.97 46.06
C PRO C 394 -74.44 -50.47 46.29
N LYS C 395 -75.12 -49.80 47.22
CA LYS C 395 -76.49 -50.14 47.61
C LYS C 395 -77.51 -49.04 47.38
N GLU C 396 -77.06 -47.79 47.19
CA GLU C 396 -78.01 -46.68 47.09
C GLU C 396 -78.89 -46.82 45.86
N LYS C 397 -78.27 -46.99 44.69
CA LYS C 397 -78.97 -47.08 43.41
C LYS C 397 -79.86 -45.85 43.21
N SER C 398 -79.30 -44.68 43.48
CA SER C 398 -80.05 -43.46 43.38
C SER C 398 -80.42 -43.17 41.92
N ASN C 399 -81.53 -42.48 41.74
CA ASN C 399 -81.99 -42.13 40.40
C ASN C 399 -81.17 -41.00 39.76
N PHE C 400 -80.23 -40.40 40.49
CA PHE C 400 -79.43 -39.31 39.93
C PHE C 400 -78.58 -39.81 38.76
N SER C 401 -78.52 -38.98 37.72
CA SER C 401 -77.77 -39.25 36.51
C SER C 401 -76.72 -38.16 36.34
N LEU C 402 -75.48 -38.56 36.09
CA LEU C 402 -74.35 -37.65 35.96
C LEU C 402 -73.67 -37.85 34.61
N ALA C 403 -73.10 -36.75 34.09
CA ALA C 403 -72.29 -36.77 32.88
C ALA C 403 -71.01 -36.00 33.13
N ILE C 404 -69.91 -36.49 32.56
CA ILE C 404 -68.59 -35.88 32.68
C ILE C 404 -68.14 -35.46 31.29
N LEU C 405 -67.59 -34.24 31.20
CA LEU C 405 -67.18 -33.65 29.93
C LEU C 405 -65.74 -33.17 30.01
N ASN C 406 -65.07 -33.19 28.87
CA ASN C 406 -63.74 -32.61 28.68
C ASN C 406 -63.86 -31.41 27.77
N VAL C 407 -63.40 -30.25 28.24
CA VAL C 407 -63.50 -28.99 27.53
C VAL C 407 -62.15 -28.29 27.64
N GLY C 408 -61.85 -27.43 26.68
CA GLY C 408 -60.58 -26.72 26.65
C GLY C 408 -59.56 -27.47 25.81
N ALA C 409 -58.30 -27.10 26.01
CA ALA C 409 -57.18 -27.76 25.35
C ALA C 409 -56.72 -28.96 26.16
N PRO C 410 -56.00 -29.92 25.56
CA PRO C 410 -55.50 -31.05 26.33
C PRO C 410 -54.48 -30.61 27.37
N ALA C 411 -54.51 -31.27 28.51
CA ALA C 411 -53.68 -30.92 29.64
C ALA C 411 -53.41 -32.17 30.46
N ALA C 412 -52.39 -32.10 31.29
CA ALA C 412 -52.00 -33.23 32.12
C ALA C 412 -52.93 -33.31 33.33
N GLY C 413 -53.68 -34.41 33.44
CA GLY C 413 -54.37 -34.73 34.67
C GLY C 413 -55.85 -35.06 34.58
N MET C 414 -56.52 -34.65 33.49
CA MET C 414 -57.97 -34.85 33.40
C MET C 414 -58.34 -36.32 33.47
N ASN C 415 -57.45 -37.20 32.99
CA ASN C 415 -57.70 -38.65 33.03
C ASN C 415 -57.87 -39.15 34.45
N ALA C 416 -56.99 -38.72 35.36
CA ALA C 416 -57.11 -39.17 36.75
C ALA C 416 -58.37 -38.62 37.39
N ALA C 417 -58.73 -37.37 37.08
CA ALA C 417 -59.91 -36.77 37.69
C ALA C 417 -61.19 -37.45 37.23
N VAL C 418 -61.31 -37.76 35.94
CA VAL C 418 -62.50 -38.44 35.45
C VAL C 418 -62.58 -39.85 36.04
N ARG C 419 -61.43 -40.53 36.16
CA ARG C 419 -61.40 -41.85 36.77
C ARG C 419 -61.88 -41.80 38.22
N SER C 420 -61.43 -40.79 38.96
CA SER C 420 -61.87 -40.62 40.33
C SER C 420 -63.37 -40.36 40.41
N ALA C 421 -63.88 -39.51 39.51
CA ALA C 421 -65.29 -39.14 39.56
C ALA C 421 -66.20 -40.32 39.22
N VAL C 422 -65.85 -41.09 38.19
CA VAL C 422 -66.69 -42.21 37.78
C VAL C 422 -66.71 -43.30 38.85
N ARG C 423 -65.54 -43.61 39.42
CA ARG C 423 -65.49 -44.69 40.41
C ARG C 423 -66.21 -44.27 41.68
N THR C 424 -66.10 -43.00 42.06
CA THR C 424 -66.84 -42.49 43.20
C THR C 424 -68.34 -42.54 42.93
N GLY C 425 -68.75 -42.18 41.71
CA GLY C 425 -70.17 -42.23 41.37
C GLY C 425 -70.73 -43.64 41.37
N ILE C 426 -69.97 -44.60 40.82
CA ILE C 426 -70.40 -46.00 40.89
C ILE C 426 -70.48 -46.46 42.34
N SER C 427 -69.50 -46.04 43.15
CA SER C 427 -69.56 -46.34 44.59
C SER C 427 -70.81 -45.75 45.23
N HIS C 428 -71.26 -44.59 44.75
CA HIS C 428 -72.47 -43.97 45.25
C HIS C 428 -73.75 -44.53 44.63
N GLY C 429 -73.65 -45.46 43.69
CA GLY C 429 -74.83 -46.07 43.09
C GLY C 429 -75.51 -45.26 42.01
N HIS C 430 -74.93 -44.13 41.61
CA HIS C 430 -75.53 -43.32 40.56
C HIS C 430 -75.23 -43.92 39.19
N THR C 431 -76.10 -43.64 38.24
CA THR C 431 -75.84 -43.98 36.84
C THR C 431 -74.95 -42.89 36.26
N VAL C 432 -73.80 -43.28 35.71
CA VAL C 432 -72.78 -42.37 35.23
C VAL C 432 -72.68 -42.52 33.72
N TYR C 433 -72.68 -41.40 33.02
CA TYR C 433 -72.42 -41.32 31.59
C TYR C 433 -71.15 -40.52 31.38
N VAL C 434 -70.48 -40.79 30.27
CA VAL C 434 -69.25 -40.09 29.88
C VAL C 434 -69.44 -39.57 28.47
N VAL C 435 -69.27 -38.27 28.29
CA VAL C 435 -69.45 -37.61 27.00
C VAL C 435 -68.07 -37.44 26.37
N HIS C 436 -67.96 -37.82 25.10
CA HIS C 436 -66.73 -37.69 24.34
C HIS C 436 -66.77 -36.40 23.54
N ASP C 437 -65.66 -35.67 23.55
CA ASP C 437 -65.45 -34.41 22.81
C ASP C 437 -66.24 -33.24 23.40
N GLY C 438 -66.72 -33.34 24.64
CA GLY C 438 -67.27 -32.18 25.31
C GLY C 438 -68.61 -31.73 24.75
N PHE C 439 -68.80 -30.40 24.74
CA PHE C 439 -70.09 -29.83 24.32
C PHE C 439 -70.41 -30.17 22.88
N GLU C 440 -69.40 -30.20 22.01
CA GLU C 440 -69.63 -30.62 20.63
C GLU C 440 -70.15 -32.05 20.57
N GLY C 441 -69.63 -32.91 21.45
CA GLY C 441 -70.16 -34.26 21.54
C GLY C 441 -71.62 -34.27 21.96
N LEU C 442 -71.95 -33.54 23.04
CA LEU C 442 -73.32 -33.49 23.54
C LEU C 442 -74.29 -33.05 22.47
N ALA C 443 -73.88 -32.11 21.61
CA ALA C 443 -74.75 -31.71 20.51
C ALA C 443 -74.91 -32.83 19.50
N LYS C 444 -73.83 -33.57 19.25
CA LYS C 444 -73.82 -34.69 18.30
C LYS C 444 -73.99 -36.04 19.00
N GLY C 445 -74.64 -36.07 20.16
CA GLY C 445 -74.81 -37.30 20.90
C GLY C 445 -73.51 -37.80 21.50
N GLN C 446 -72.98 -38.91 20.97
CA GLN C 446 -71.66 -39.43 21.34
C GLN C 446 -71.54 -39.69 22.85
N VAL C 447 -72.65 -40.10 23.48
CA VAL C 447 -72.71 -40.35 24.91
C VAL C 447 -72.81 -41.86 25.11
N GLN C 448 -72.06 -42.37 26.10
CA GLN C 448 -72.11 -43.77 26.48
C GLN C 448 -72.08 -43.88 27.99
N GLU C 449 -72.73 -44.92 28.50
CA GLU C 449 -72.56 -45.29 29.90
C GLU C 449 -71.16 -45.88 30.10
N VAL C 450 -70.68 -45.77 31.33
CA VAL C 450 -69.36 -46.25 31.73
C VAL C 450 -69.51 -47.17 32.93
N GLY C 451 -68.59 -48.13 33.04
CA GLY C 451 -68.53 -49.05 34.16
C GLY C 451 -67.23 -48.88 34.94
N TRP C 452 -67.15 -49.63 36.05
CA TRP C 452 -65.97 -49.55 36.91
C TRP C 452 -64.73 -50.02 36.17
N HIS C 453 -64.81 -51.17 35.50
CA HIS C 453 -63.67 -51.68 34.76
C HIS C 453 -63.36 -50.85 33.51
N ASP C 454 -64.32 -50.07 33.02
CA ASP C 454 -64.14 -49.34 31.77
C ASP C 454 -63.15 -48.18 31.87
N VAL C 455 -62.70 -47.81 33.07
CA VAL C 455 -61.87 -46.64 33.32
C VAL C 455 -60.53 -47.00 33.95
N ALA C 456 -60.20 -48.29 34.07
CA ALA C 456 -58.99 -48.69 34.75
C ALA C 456 -57.75 -48.24 33.98
N GLY C 457 -56.70 -47.85 34.71
CA GLY C 457 -55.44 -47.49 34.12
C GLY C 457 -55.35 -46.07 33.61
N TRP C 458 -56.42 -45.28 33.70
CA TRP C 458 -56.37 -43.90 33.21
C TRP C 458 -55.49 -43.01 34.07
N LEU C 459 -55.16 -43.46 35.29
CA LEU C 459 -54.37 -42.62 36.19
C LEU C 459 -52.97 -42.35 35.66
N GLY C 460 -52.47 -43.17 34.73
CA GLY C 460 -51.10 -43.06 34.26
C GLY C 460 -50.91 -42.55 32.84
N ARG C 461 -51.91 -41.87 32.28
CA ARG C 461 -51.87 -41.38 30.91
C ARG C 461 -52.11 -39.88 30.90
N GLY C 462 -51.27 -39.16 30.15
CA GLY C 462 -51.44 -37.73 30.00
C GLY C 462 -52.52 -37.38 29.00
N GLY C 463 -52.83 -36.09 28.93
CA GLY C 463 -53.89 -35.64 28.05
C GLY C 463 -55.23 -36.18 28.50
N SER C 464 -56.15 -36.30 27.54
CA SER C 464 -57.49 -36.81 27.80
C SER C 464 -57.86 -37.78 26.67
N MET C 465 -58.03 -39.05 27.03
CA MET C 465 -58.45 -40.05 26.04
C MET C 465 -59.85 -39.75 25.51
N LEU C 466 -60.71 -39.15 26.34
CA LEU C 466 -62.04 -38.79 25.88
C LEU C 466 -62.00 -37.71 24.81
N GLY C 467 -60.96 -36.88 24.81
CA GLY C 467 -60.83 -35.80 23.84
C GLY C 467 -61.52 -34.52 24.30
N THR C 468 -61.07 -33.41 23.73
CA THR C 468 -61.53 -32.09 24.10
C THR C 468 -61.70 -31.27 22.83
N LYS C 469 -62.51 -30.21 22.95
CA LYS C 469 -62.76 -29.31 21.83
C LYS C 469 -62.98 -27.90 22.37
N ARG C 470 -62.68 -26.92 21.53
CA ARG C 470 -62.88 -25.51 21.87
C ARG C 470 -64.29 -25.03 21.57
N THR C 471 -65.19 -25.90 21.13
CA THR C 471 -66.57 -25.50 20.86
C THR C 471 -67.26 -25.04 22.13
N LEU C 472 -68.04 -23.97 22.01
CA LEU C 472 -68.84 -23.42 23.09
C LEU C 472 -70.30 -23.83 22.93
N PRO C 473 -71.08 -23.85 24.02
CA PRO C 473 -72.39 -24.52 23.97
C PRO C 473 -73.48 -23.70 23.29
N LYS C 474 -73.36 -22.38 23.29
CA LYS C 474 -74.44 -21.54 22.79
C LYS C 474 -74.68 -21.71 21.30
N GLY C 475 -73.72 -22.25 20.55
CA GLY C 475 -73.92 -22.48 19.13
C GLY C 475 -74.85 -23.64 18.81
N GLN C 476 -74.99 -24.60 19.73
CA GLN C 476 -75.81 -25.80 19.53
C GLN C 476 -76.72 -26.06 20.73
N LEU C 477 -77.11 -24.98 21.43
CA LEU C 477 -77.80 -25.10 22.73
C LEU C 477 -79.08 -25.93 22.63
N GLU C 478 -79.81 -25.82 21.51
CA GLU C 478 -81.05 -26.57 21.37
C GLU C 478 -80.78 -28.07 21.30
N SER C 479 -79.76 -28.47 20.54
CA SER C 479 -79.39 -29.88 20.49
C SER C 479 -78.89 -30.38 21.84
N ILE C 480 -78.21 -29.53 22.60
CA ILE C 480 -77.76 -29.90 23.94
C ILE C 480 -78.96 -30.18 24.83
N VAL C 481 -79.98 -29.31 24.77
CA VAL C 481 -81.16 -29.49 25.61
C VAL C 481 -81.91 -30.76 25.20
N GLU C 482 -81.98 -31.03 23.88
CA GLU C 482 -82.64 -32.24 23.40
C GLU C 482 -81.95 -33.49 23.94
N ASN C 483 -80.61 -33.52 23.85
CA ASN C 483 -79.88 -34.70 24.32
C ASN C 483 -79.97 -34.85 25.84
N ILE C 484 -79.99 -33.72 26.57
CA ILE C 484 -80.17 -33.78 28.01
C ILE C 484 -81.49 -34.43 28.37
N ARG C 485 -82.56 -34.03 27.68
CA ARG C 485 -83.87 -34.60 27.97
C ARG C 485 -83.94 -36.06 27.55
N ILE C 486 -83.27 -36.42 26.45
CA ILE C 486 -83.30 -37.81 25.97
C ILE C 486 -82.67 -38.74 27.01
N TYR C 487 -81.45 -38.43 27.43
CA TYR C 487 -80.71 -39.28 28.34
C TYR C 487 -80.99 -38.98 29.82
N GLY C 488 -81.76 -37.93 30.11
CA GLY C 488 -82.13 -37.65 31.49
C GLY C 488 -80.96 -37.33 32.40
N ILE C 489 -79.94 -36.65 31.87
CA ILE C 489 -78.78 -36.30 32.68
C ILE C 489 -79.21 -35.28 33.72
N HIS C 490 -78.78 -35.50 34.98
CA HIS C 490 -79.14 -34.65 36.10
C HIS C 490 -77.96 -33.92 36.71
N ALA C 491 -76.76 -34.04 36.16
CA ALA C 491 -75.63 -33.28 36.65
C ALA C 491 -74.53 -33.27 35.60
N LEU C 492 -73.67 -32.26 35.70
CA LEU C 492 -72.50 -32.11 34.84
C LEU C 492 -71.27 -31.89 35.70
N LEU C 493 -70.17 -32.54 35.34
CA LEU C 493 -68.87 -32.34 35.98
C LEU C 493 -67.87 -32.10 34.87
N VAL C 494 -67.78 -30.86 34.42
CA VAL C 494 -66.87 -30.49 33.35
C VAL C 494 -65.48 -30.36 33.95
N VAL C 495 -64.49 -31.00 33.32
CA VAL C 495 -63.08 -30.85 33.67
C VAL C 495 -62.39 -30.24 32.47
N GLY C 496 -61.77 -29.09 32.67
CA GLY C 496 -61.23 -28.35 31.55
C GLY C 496 -60.68 -27.02 31.99
N GLY C 497 -60.47 -26.14 31.02
CA GLY C 497 -59.82 -24.86 31.22
C GLY C 497 -60.78 -23.70 31.32
N PHE C 498 -60.33 -22.55 30.82
CA PHE C 498 -61.15 -21.35 30.87
C PHE C 498 -62.42 -21.51 30.05
N GLU C 499 -62.32 -22.17 28.89
CA GLU C 499 -63.49 -22.35 28.03
C GLU C 499 -64.56 -23.18 28.72
N ALA C 500 -64.17 -24.11 29.59
CA ALA C 500 -65.14 -24.81 30.42
C ALA C 500 -65.89 -23.85 31.33
N TYR C 501 -65.16 -22.92 31.96
CA TYR C 501 -65.79 -21.92 32.80
C TYR C 501 -66.73 -21.03 32.00
N GLU C 502 -66.31 -20.64 30.79
CA GLU C 502 -67.16 -19.81 29.94
C GLU C 502 -68.43 -20.57 29.54
N GLY C 503 -68.30 -21.84 29.18
CA GLY C 503 -69.46 -22.62 28.78
C GLY C 503 -70.45 -22.81 29.90
N VAL C 504 -69.95 -23.11 31.12
CA VAL C 504 -70.84 -23.26 32.26
C VAL C 504 -71.51 -21.94 32.59
N LEU C 505 -70.79 -20.83 32.44
CA LEU C 505 -71.40 -19.52 32.68
C LEU C 505 -72.52 -19.26 31.69
N GLN C 506 -72.27 -19.50 30.39
CA GLN C 506 -73.29 -19.28 29.37
C GLN C 506 -74.52 -20.14 29.61
N LEU C 507 -74.33 -21.37 30.09
CA LEU C 507 -75.46 -22.19 30.49
C LEU C 507 -76.20 -21.58 31.66
N VAL C 508 -75.49 -20.92 32.58
CA VAL C 508 -76.12 -20.38 33.77
C VAL C 508 -77.04 -19.21 33.41
N GLU C 509 -76.54 -18.25 32.64
CA GLU C 509 -77.42 -17.17 32.20
C GLU C 509 -78.51 -17.65 31.24
N ALA C 510 -78.32 -18.81 30.61
CA ALA C 510 -79.35 -19.40 29.77
C ALA C 510 -80.43 -20.13 30.55
N ARG C 511 -80.35 -20.18 31.89
CA ARG C 511 -81.34 -20.91 32.67
C ARG C 511 -82.73 -20.30 32.54
N GLY C 512 -82.80 -18.97 32.44
CA GLY C 512 -84.10 -18.32 32.36
C GLY C 512 -84.87 -18.69 31.12
N ARG C 513 -84.18 -18.83 29.99
CA ARG C 513 -84.85 -19.16 28.74
C ARG C 513 -85.25 -20.63 28.69
N TYR C 514 -84.35 -21.52 29.08
CA TYR C 514 -84.57 -22.98 29.03
C TYR C 514 -84.71 -23.52 30.44
N GLU C 515 -85.84 -24.18 30.71
CA GLU C 515 -86.09 -24.71 32.05
C GLU C 515 -85.25 -25.94 32.34
N GLU C 516 -84.93 -26.74 31.31
CA GLU C 516 -84.14 -27.94 31.53
C GLU C 516 -82.72 -27.64 31.98
N LEU C 517 -82.22 -26.42 31.71
CA LEU C 517 -80.90 -26.03 32.20
C LEU C 517 -80.87 -25.74 33.70
N CYS C 518 -82.00 -25.85 34.40
CA CYS C 518 -81.98 -25.77 35.85
C CYS C 518 -81.37 -27.05 36.42
N ILE C 519 -80.05 -27.19 36.27
CA ILE C 519 -79.31 -28.42 36.55
C ILE C 519 -78.07 -28.04 37.33
N VAL C 520 -77.53 -29.02 38.04
CA VAL C 520 -76.31 -28.82 38.84
C VAL C 520 -75.11 -29.07 37.93
N MET C 521 -74.16 -28.13 37.92
CA MET C 521 -72.92 -28.29 37.16
C MET C 521 -71.76 -27.79 38.00
N CYS C 522 -70.62 -28.46 37.86
CA CYS C 522 -69.38 -28.08 38.53
C CYS C 522 -68.22 -28.19 37.56
N VAL C 523 -67.23 -27.31 37.75
CA VAL C 523 -66.07 -27.21 36.87
C VAL C 523 -64.83 -27.60 37.65
N ILE C 524 -64.03 -28.51 37.08
CA ILE C 524 -62.73 -28.88 37.62
C ILE C 524 -61.67 -28.15 36.78
N PRO C 525 -60.95 -27.15 37.33
CA PRO C 525 -60.00 -26.40 36.48
C PRO C 525 -58.82 -27.28 36.05
N ALA C 526 -58.62 -27.37 34.74
CA ALA C 526 -57.56 -28.21 34.17
C ALA C 526 -57.10 -27.54 32.88
N THR C 527 -55.95 -26.87 32.95
CA THR C 527 -55.37 -26.21 31.79
C THR C 527 -53.95 -25.78 32.14
N ILE C 528 -53.09 -25.78 31.12
CA ILE C 528 -51.68 -25.50 31.35
C ILE C 528 -51.46 -24.03 31.71
N SER C 529 -52.27 -23.14 31.16
CA SER C 529 -52.06 -21.71 31.36
C SER C 529 -52.32 -21.29 32.80
N ASN C 530 -53.17 -22.02 33.52
CA ASN C 530 -53.53 -21.70 34.91
C ASN C 530 -54.24 -20.36 34.98
N ASN C 531 -55.22 -20.17 34.10
CA ASN C 531 -55.98 -18.93 33.99
C ASN C 531 -57.43 -19.08 34.40
N VAL C 532 -57.82 -20.21 34.98
CA VAL C 532 -59.22 -20.42 35.37
C VAL C 532 -59.46 -19.69 36.69
N PRO C 533 -60.41 -18.77 36.79
CA PRO C 533 -60.67 -18.15 38.11
C PRO C 533 -61.29 -19.15 39.08
N GLY C 534 -61.14 -18.84 40.36
CA GLY C 534 -61.66 -19.68 41.42
C GLY C 534 -60.69 -20.71 41.95
N THR C 535 -59.42 -20.65 41.57
CA THR C 535 -58.41 -21.58 42.05
C THR C 535 -57.06 -20.88 42.00
N ASP C 536 -56.11 -21.41 42.78
CA ASP C 536 -54.75 -20.93 42.80
C ASP C 536 -53.78 -21.82 42.03
N PHE C 537 -54.20 -23.02 41.64
CA PHE C 537 -53.43 -23.87 40.74
C PHE C 537 -54.41 -24.67 39.89
N SER C 538 -54.10 -24.78 38.60
CA SER C 538 -54.91 -25.54 37.66
C SER C 538 -54.25 -26.88 37.42
N LEU C 539 -55.07 -27.91 37.28
CA LEU C 539 -54.56 -29.26 37.03
C LEU C 539 -53.81 -29.29 35.70
N GLY C 540 -52.56 -29.77 35.77
CA GLY C 540 -51.69 -29.83 34.61
C GLY C 540 -50.68 -28.70 34.51
N SER C 541 -50.75 -27.71 35.39
CA SER C 541 -49.75 -26.64 35.37
C SER C 541 -48.37 -27.20 35.69
N ASP C 542 -48.28 -28.02 36.74
CA ASP C 542 -46.97 -28.49 37.23
C ASP C 542 -46.25 -29.32 36.17
N THR C 543 -46.98 -30.13 35.40
CA THR C 543 -46.37 -30.88 34.32
C THR C 543 -45.78 -29.94 33.27
N ALA C 544 -46.52 -28.89 32.93
CA ALA C 544 -46.04 -27.96 31.91
C ALA C 544 -44.80 -27.20 32.39
N VAL C 545 -44.77 -26.82 33.66
CA VAL C 545 -43.60 -26.13 34.19
C VAL C 545 -42.40 -27.06 34.19
N ASN C 546 -42.62 -28.34 34.51
CA ASN C 546 -41.52 -29.29 34.52
C ASN C 546 -40.95 -29.48 33.11
N ALA C 547 -41.83 -29.56 32.11
CA ALA C 547 -41.38 -29.69 30.73
C ALA C 547 -40.58 -28.46 30.31
N ALA C 548 -41.10 -27.27 30.59
CA ALA C 548 -40.43 -26.04 30.20
C ALA C 548 -39.10 -25.89 30.93
N MET C 549 -39.05 -26.31 32.19
CA MET C 549 -37.81 -26.23 32.96
C MET C 549 -36.74 -27.13 32.36
N GLU C 550 -37.11 -28.37 32.03
CA GLU C 550 -36.15 -29.29 31.42
C GLU C 550 -35.65 -28.74 30.09
N SER C 551 -36.57 -28.25 29.26
CA SER C 551 -36.20 -27.73 27.95
C SER C 551 -35.29 -26.51 28.07
N CYS C 552 -35.62 -25.60 28.99
CA CYS C 552 -34.79 -24.42 29.16
C CYS C 552 -33.42 -24.76 29.74
N ASP C 553 -33.35 -25.77 30.62
CA ASP C 553 -32.05 -26.22 31.12
C ASP C 553 -31.20 -26.75 29.97
N ARG C 554 -31.82 -27.45 29.03
CA ARG C 554 -31.09 -27.95 27.86
C ARG C 554 -30.62 -26.81 26.98
N ILE C 555 -31.44 -25.75 26.84
CA ILE C 555 -31.01 -24.57 26.10
C ILE C 555 -29.85 -23.90 26.82
N LYS C 556 -29.90 -23.86 28.16
CA LYS C 556 -28.81 -23.25 28.92
C LYS C 556 -27.51 -24.02 28.71
N GLN C 557 -27.60 -25.35 28.63
CA GLN C 557 -26.40 -26.15 28.36
C GLN C 557 -25.87 -25.86 26.96
N SER C 558 -26.77 -25.75 25.97
CA SER C 558 -26.34 -25.45 24.61
C SER C 558 -25.69 -24.07 24.54
N ALA C 559 -26.27 -23.09 25.23
CA ALA C 559 -25.71 -21.74 25.23
C ALA C 559 -24.34 -21.72 25.90
N SER C 560 -24.21 -22.41 27.04
CA SER C 560 -22.92 -22.47 27.72
C SER C 560 -21.86 -23.18 26.87
N GLY C 561 -22.29 -24.08 25.99
CA GLY C 561 -21.33 -24.74 25.11
C GLY C 561 -20.65 -23.76 24.17
N THR C 562 -21.42 -22.88 23.55
CA THR C 562 -20.91 -21.80 22.69
C THR C 562 -21.03 -20.51 23.49
N LYS C 563 -19.97 -20.16 24.21
CA LYS C 563 -19.98 -19.01 25.09
C LYS C 563 -20.23 -17.72 24.29
N ARG C 564 -20.67 -16.70 25.02
CA ARG C 564 -21.10 -15.43 24.43
C ARG C 564 -22.28 -15.65 23.48
N ARG C 565 -23.39 -16.09 24.06
CA ARG C 565 -24.63 -16.27 23.33
C ARG C 565 -25.80 -16.10 24.30
N VAL C 566 -26.92 -15.61 23.77
CA VAL C 566 -28.16 -15.42 24.51
C VAL C 566 -29.26 -16.10 23.71
N PHE C 567 -30.29 -16.57 24.43
CA PHE C 567 -31.40 -17.30 23.83
C PHE C 567 -32.72 -16.63 24.18
N ILE C 568 -33.58 -16.50 23.17
CA ILE C 568 -34.95 -16.01 23.33
C ILE C 568 -35.88 -17.20 23.28
N VAL C 569 -36.75 -17.33 24.28
CA VAL C 569 -37.69 -18.43 24.41
C VAL C 569 -39.09 -17.84 24.48
N GLU C 570 -40.03 -18.49 23.79
CA GLU C 570 -41.42 -18.06 23.70
C GLU C 570 -42.30 -19.12 24.35
N THR C 571 -42.57 -18.94 25.64
CA THR C 571 -43.37 -19.89 26.39
C THR C 571 -44.85 -19.61 26.17
N MET C 572 -45.64 -20.68 26.24
CA MET C 572 -47.07 -20.61 25.95
C MET C 572 -47.81 -20.07 27.17
N GLY C 573 -49.14 -19.97 27.05
CA GLY C 573 -50.01 -19.62 28.17
C GLY C 573 -50.97 -18.46 27.90
N GLY C 574 -51.19 -18.11 26.64
CA GLY C 574 -52.12 -17.04 26.33
C GLY C 574 -51.64 -15.70 26.88
N TYR C 575 -52.53 -15.02 27.61
CA TYR C 575 -52.21 -13.75 28.25
C TYR C 575 -51.61 -13.93 29.64
N CYS C 576 -51.98 -14.99 30.34
CA CYS C 576 -51.47 -15.21 31.69
C CYS C 576 -49.96 -15.42 31.66
N GLY C 577 -49.29 -14.89 32.67
CA GLY C 577 -47.85 -14.98 32.79
C GLY C 577 -47.33 -15.96 33.81
N TYR C 578 -48.20 -16.75 34.44
CA TYR C 578 -47.77 -17.65 35.50
C TYR C 578 -46.71 -18.63 34.99
N LEU C 579 -46.96 -19.23 33.83
CA LEU C 579 -46.05 -20.23 33.29
C LEU C 579 -44.69 -19.62 32.96
N ALA C 580 -44.67 -18.39 32.44
CA ALA C 580 -43.40 -17.74 32.13
C ALA C 580 -42.62 -17.42 33.39
N THR C 581 -43.28 -16.92 34.43
CA THR C 581 -42.58 -16.51 35.64
C THR C 581 -42.00 -17.72 36.36
N VAL C 582 -42.78 -18.78 36.51
CA VAL C 582 -42.30 -19.96 37.24
C VAL C 582 -41.17 -20.64 36.47
N THR C 583 -41.25 -20.66 35.13
CA THR C 583 -40.16 -21.24 34.36
C THR C 583 -38.89 -20.41 34.51
N GLY C 584 -39.01 -19.08 34.47
CA GLY C 584 -37.85 -18.23 34.65
C GLY C 584 -37.22 -18.38 36.02
N ILE C 585 -38.06 -18.54 37.05
CA ILE C 585 -37.55 -18.80 38.40
C ILE C 585 -36.80 -20.12 38.43
N ALA C 586 -37.39 -21.16 37.82
CA ALA C 586 -36.83 -22.50 37.91
C ALA C 586 -35.48 -22.60 37.24
N VAL C 587 -35.30 -21.91 36.09
CA VAL C 587 -34.08 -22.00 35.29
C VAL C 587 -33.25 -20.72 35.36
N GLY C 588 -33.59 -19.80 36.27
CA GLY C 588 -32.79 -18.60 36.47
C GLY C 588 -32.71 -17.71 35.24
N ALA C 589 -33.85 -17.48 34.60
CA ALA C 589 -33.87 -16.59 33.44
C ALA C 589 -33.53 -15.17 33.86
N ASP C 590 -32.74 -14.50 33.02
CA ASP C 590 -32.33 -13.12 33.32
C ASP C 590 -33.50 -12.14 33.27
N ALA C 591 -34.61 -12.51 32.65
CA ALA C 591 -35.81 -11.67 32.61
C ALA C 591 -36.95 -12.51 32.07
N ALA C 592 -38.17 -12.07 32.37
CA ALA C 592 -39.38 -12.75 31.90
C ALA C 592 -40.42 -11.67 31.59
N TYR C 593 -40.69 -11.46 30.31
CA TYR C 593 -41.61 -10.42 29.88
C TYR C 593 -43.03 -10.95 29.91
N VAL C 594 -43.92 -10.20 30.55
CA VAL C 594 -45.26 -10.65 30.91
C VAL C 594 -46.24 -9.52 30.64
N PHE C 595 -47.49 -9.89 30.31
CA PHE C 595 -48.52 -8.91 30.01
C PHE C 595 -48.81 -8.01 31.21
N GLU C 596 -48.90 -8.61 32.41
CA GLU C 596 -49.20 -7.87 33.63
C GLU C 596 -48.11 -6.89 34.03
N ASP C 597 -46.92 -6.95 33.43
CA ASP C 597 -45.81 -6.05 33.73
C ASP C 597 -45.43 -5.33 32.42
N PRO C 598 -46.13 -4.25 32.07
CA PRO C 598 -45.80 -3.56 30.82
C PRO C 598 -44.39 -2.98 30.84
N PHE C 599 -43.79 -2.93 29.65
CA PHE C 599 -42.39 -2.54 29.49
C PHE C 599 -42.23 -1.87 28.13
N ASN C 600 -41.42 -0.80 28.09
CA ASN C 600 -41.13 -0.06 26.87
C ASN C 600 -39.70 -0.37 26.41
N ILE C 601 -39.25 0.37 25.40
CA ILE C 601 -37.95 0.10 24.78
C ILE C 601 -36.81 0.36 25.75
N HIS C 602 -36.94 1.36 26.63
CA HIS C 602 -35.87 1.66 27.58
C HIS C 602 -35.59 0.49 28.50
N ASP C 603 -36.62 -0.30 28.81
CA ASP C 603 -36.42 -1.48 29.64
C ASP C 603 -35.56 -2.51 28.91
N LEU C 604 -35.78 -2.67 27.60
CA LEU C 604 -34.99 -3.61 26.83
C LEU C 604 -33.54 -3.14 26.72
N LYS C 605 -33.32 -1.83 26.59
CA LYS C 605 -31.96 -1.32 26.62
C LYS C 605 -31.27 -1.61 27.94
N VAL C 606 -32.01 -1.47 29.05
CA VAL C 606 -31.45 -1.76 30.37
C VAL C 606 -31.07 -3.23 30.47
N ASN C 607 -31.95 -4.11 29.99
CA ASN C 607 -31.64 -5.54 30.04
C ASN C 607 -30.47 -5.89 29.14
N VAL C 608 -30.34 -5.20 28.00
CA VAL C 608 -29.21 -5.42 27.12
C VAL C 608 -27.92 -5.01 27.81
N GLU C 609 -27.96 -3.89 28.54
CA GLU C 609 -26.78 -3.45 29.27
C GLU C 609 -26.42 -4.44 30.38
N HIS C 610 -27.44 -5.03 31.03
CA HIS C 610 -27.19 -6.04 32.04
C HIS C 610 -26.48 -7.25 31.44
N MET C 611 -26.94 -7.72 30.27
CA MET C 611 -26.32 -8.88 29.65
C MET C 611 -24.91 -8.57 29.16
N THR C 612 -24.70 -7.37 28.61
CA THR C 612 -23.36 -7.00 28.18
C THR C 612 -22.39 -6.94 29.35
N GLU C 613 -22.84 -6.40 30.49
CA GLU C 613 -22.00 -6.38 31.67
C GLU C 613 -21.69 -7.78 32.17
N LYS C 614 -22.71 -8.65 32.21
CA LYS C 614 -22.50 -10.02 32.66
C LYS C 614 -21.54 -10.78 31.75
N MET C 615 -21.45 -10.38 30.48
CA MET C 615 -20.55 -11.05 29.54
C MET C 615 -19.09 -10.88 29.91
N LYS C 616 -18.75 -9.86 30.71
CA LYS C 616 -17.37 -9.71 31.16
C LYS C 616 -16.96 -10.76 32.19
N THR C 617 -17.91 -11.47 32.80
CA THR C 617 -17.62 -12.41 33.86
C THR C 617 -17.30 -13.79 33.27
N ASP C 618 -17.15 -14.78 34.14
CA ASP C 618 -16.84 -16.14 33.68
C ASP C 618 -18.06 -16.86 33.12
N ILE C 619 -19.26 -16.55 33.63
CA ILE C 619 -20.50 -17.19 33.19
C ILE C 619 -20.97 -16.38 31.98
N GLN C 620 -20.46 -16.75 30.81
CA GLN C 620 -20.75 -16.05 29.55
C GLN C 620 -21.90 -16.77 28.85
N ARG C 621 -23.11 -16.54 29.36
CA ARG C 621 -24.31 -17.15 28.81
C ARG C 621 -25.51 -16.37 29.32
N GLY C 622 -26.65 -16.55 28.65
CA GLY C 622 -27.86 -15.85 29.03
C GLY C 622 -29.09 -16.49 28.44
N LEU C 623 -30.21 -16.32 29.14
CA LEU C 623 -31.49 -16.87 28.71
C LEU C 623 -32.58 -15.95 29.23
N VAL C 624 -33.36 -15.39 28.30
CA VAL C 624 -34.49 -14.51 28.62
C VAL C 624 -35.74 -15.10 27.99
N LEU C 625 -36.78 -15.27 28.80
CA LEU C 625 -38.04 -15.79 28.34
C LEU C 625 -38.91 -14.68 27.79
N ARG C 626 -40.05 -15.06 27.24
CA ARG C 626 -41.04 -14.10 26.76
C ARG C 626 -42.38 -14.83 26.67
N ASN C 627 -43.35 -14.43 27.47
CA ASN C 627 -44.69 -14.99 27.31
C ASN C 627 -45.21 -14.62 25.93
N GLU C 628 -45.98 -15.54 25.33
CA GLU C 628 -46.27 -15.47 23.90
C GLU C 628 -47.05 -14.22 23.53
N LYS C 629 -47.82 -13.66 24.45
CA LYS C 629 -48.62 -12.45 24.24
C LYS C 629 -48.38 -11.44 25.35
N CYS C 630 -47.10 -11.17 25.65
CA CYS C 630 -46.77 -10.18 26.67
C CYS C 630 -46.92 -8.75 26.15
N HIS C 631 -46.66 -8.53 24.85
CA HIS C 631 -46.72 -7.20 24.26
C HIS C 631 -47.33 -7.29 22.88
N ASP C 632 -48.08 -6.25 22.51
CA ASP C 632 -48.80 -6.26 21.24
C ASP C 632 -47.84 -6.27 20.05
N TYR C 633 -46.82 -5.41 20.08
CA TYR C 633 -45.90 -5.21 18.96
C TYR C 633 -44.55 -5.89 19.16
N TYR C 634 -44.02 -5.90 20.39
CA TYR C 634 -42.69 -6.46 20.65
C TYR C 634 -42.77 -7.97 20.61
N THR C 635 -42.84 -8.51 19.39
CA THR C 635 -42.79 -9.95 19.20
C THR C 635 -41.40 -10.48 19.54
N THR C 636 -41.24 -11.81 19.43
CA THR C 636 -39.94 -12.40 19.73
C THR C 636 -38.88 -11.99 18.72
N GLU C 637 -39.26 -11.80 17.45
CA GLU C 637 -38.29 -11.36 16.44
C GLU C 637 -37.80 -9.95 16.71
N PHE C 638 -38.64 -9.10 17.31
CA PHE C 638 -38.19 -7.79 17.79
C PHE C 638 -37.01 -7.97 18.75
N LEU C 639 -37.19 -8.80 19.78
CA LEU C 639 -36.15 -8.96 20.79
C LEU C 639 -34.88 -9.55 20.21
N TYR C 640 -35.02 -10.47 19.27
CA TYR C 640 -33.85 -11.05 18.62
C TYR C 640 -33.07 -10.00 17.84
N ASN C 641 -33.78 -9.19 17.05
CA ASN C 641 -33.12 -8.15 16.27
C ASN C 641 -32.45 -7.12 17.17
N LEU C 642 -33.14 -6.71 18.23
CA LEU C 642 -32.59 -5.69 19.12
C LEU C 642 -31.35 -6.21 19.84
N TYR C 643 -31.40 -7.43 20.35
CA TYR C 643 -30.25 -7.98 21.08
C TYR C 643 -29.08 -8.24 20.15
N SER C 644 -29.35 -8.75 18.95
CA SER C 644 -28.27 -9.01 17.99
C SER C 644 -27.57 -7.72 17.59
N SER C 645 -28.34 -6.67 17.33
CA SER C 645 -27.75 -5.40 16.89
C SER C 645 -26.98 -4.74 18.01
N GLU C 646 -27.66 -4.46 19.14
CA GLU C 646 -27.02 -3.71 20.21
C GLU C 646 -25.86 -4.47 20.86
N GLY C 647 -25.80 -5.79 20.70
CA GLY C 647 -24.73 -6.59 21.25
C GLY C 647 -23.68 -7.00 20.23
N LYS C 648 -23.55 -6.25 19.14
CA LYS C 648 -22.63 -6.60 18.08
C LYS C 648 -21.20 -6.57 18.61
N GLY C 649 -20.44 -7.63 18.30
CA GLY C 649 -19.08 -7.80 18.77
C GLY C 649 -18.98 -8.45 20.13
N VAL C 650 -20.01 -8.32 20.98
CA VAL C 650 -20.00 -8.85 22.33
C VAL C 650 -20.65 -10.22 22.40
N PHE C 651 -21.79 -10.40 21.74
CA PHE C 651 -22.50 -11.68 21.79
C PHE C 651 -23.40 -11.81 20.57
N ASP C 652 -23.90 -13.03 20.38
CA ASP C 652 -24.89 -13.37 19.38
C ASP C 652 -26.18 -13.80 20.08
N CYS C 653 -27.24 -14.00 19.31
CA CYS C 653 -28.56 -14.30 19.86
C CYS C 653 -29.28 -15.31 18.99
N ARG C 654 -30.23 -16.02 19.61
CA ARG C 654 -31.04 -17.01 18.92
C ARG C 654 -32.44 -17.00 19.53
N THR C 655 -33.37 -17.65 18.83
CA THR C 655 -34.77 -17.70 19.21
C THR C 655 -35.24 -19.15 19.31
N ASN C 656 -36.15 -19.38 20.24
CA ASN C 656 -36.81 -20.67 20.40
C ASN C 656 -38.27 -20.43 20.75
N VAL C 657 -39.12 -21.34 20.32
CA VAL C 657 -40.55 -21.32 20.61
C VAL C 657 -40.89 -22.70 21.15
N LEU C 658 -40.95 -22.83 22.48
CA LEU C 658 -41.42 -24.07 23.07
C LEU C 658 -42.87 -24.28 22.64
N GLY C 659 -43.07 -25.17 21.68
CA GLY C 659 -44.39 -25.42 21.16
C GLY C 659 -45.22 -26.22 22.14
N HIS C 660 -46.07 -27.12 21.62
CA HIS C 660 -46.91 -27.96 22.46
C HIS C 660 -46.12 -29.01 23.26
N LEU C 661 -44.78 -29.05 23.14
CA LEU C 661 -43.95 -29.80 24.07
C LEU C 661 -44.22 -29.41 25.53
N GLN C 662 -44.61 -28.16 25.78
CA GLN C 662 -44.97 -27.73 27.13
C GLN C 662 -46.24 -28.38 27.65
N GLN C 663 -47.02 -29.08 26.81
CA GLN C 663 -48.17 -29.83 27.29
C GLN C 663 -47.80 -31.19 27.87
N GLY C 664 -46.51 -31.52 27.94
CA GLY C 664 -46.05 -32.64 28.75
C GLY C 664 -46.40 -34.01 28.22
N GLY C 665 -45.77 -35.02 28.82
CA GLY C 665 -45.98 -36.41 28.48
C GLY C 665 -46.78 -37.14 29.54
N ALA C 666 -46.09 -37.97 30.31
CA ALA C 666 -46.75 -38.60 31.45
C ALA C 666 -47.02 -37.54 32.52
N PRO C 667 -48.18 -37.54 33.16
CA PRO C 667 -48.46 -36.51 34.18
C PRO C 667 -47.55 -36.68 35.39
N THR C 668 -47.45 -35.61 36.17
CA THR C 668 -46.58 -35.57 37.33
C THR C 668 -47.28 -36.13 38.56
N PRO C 669 -46.54 -36.46 39.63
CA PRO C 669 -47.21 -37.00 40.85
C PRO C 669 -48.25 -36.08 41.45
N PHE C 670 -47.91 -34.81 41.65
CA PHE C 670 -48.86 -33.89 42.26
C PHE C 670 -50.11 -33.71 41.40
N ASP C 671 -49.94 -33.73 40.07
CA ASP C 671 -51.10 -33.54 39.20
C ASP C 671 -52.03 -34.74 39.25
N ARG C 672 -51.48 -35.96 39.19
CA ARG C 672 -52.28 -37.17 39.34
C ARG C 672 -53.06 -37.17 40.65
N ASN C 673 -52.36 -36.92 41.76
CA ASN C 673 -53.00 -36.93 43.07
C ASN C 673 -54.03 -35.82 43.20
N TYR C 674 -53.68 -34.62 42.74
CA TYR C 674 -54.59 -33.48 42.86
C TYR C 674 -55.85 -33.70 42.01
N GLY C 675 -55.70 -34.31 40.84
CA GLY C 675 -56.86 -34.63 40.02
C GLY C 675 -57.78 -35.64 40.70
N THR C 676 -57.19 -36.65 41.34
CA THR C 676 -58.00 -37.64 42.06
C THR C 676 -58.73 -37.01 43.23
N LYS C 677 -58.04 -36.14 43.98
CA LYS C 677 -58.67 -35.46 45.11
C LYS C 677 -59.84 -34.59 44.66
N LEU C 678 -59.63 -33.80 43.60
CA LEU C 678 -60.68 -32.93 43.11
C LEU C 678 -61.85 -33.73 42.54
N GLY C 679 -61.57 -34.86 41.90
CA GLY C 679 -62.64 -35.69 41.39
C GLY C 679 -63.53 -36.25 42.49
N VAL C 680 -62.91 -36.73 43.58
CA VAL C 680 -63.68 -37.25 44.70
C VAL C 680 -64.50 -36.13 45.34
N LYS C 681 -63.84 -35.02 45.68
CA LYS C 681 -64.51 -33.94 46.39
C LYS C 681 -65.63 -33.32 45.56
N ALA C 682 -65.41 -33.17 44.25
CA ALA C 682 -66.45 -32.65 43.38
C ALA C 682 -67.63 -33.61 43.31
N MET C 683 -67.35 -34.92 43.31
CA MET C 683 -68.44 -35.89 43.29
C MET C 683 -69.23 -35.85 44.58
N LEU C 684 -68.55 -35.68 45.72
CA LEU C 684 -69.25 -35.54 46.99
C LEU C 684 -70.10 -34.28 46.99
N TRP C 685 -69.56 -33.18 46.45
CA TRP C 685 -70.32 -31.93 46.38
C TRP C 685 -71.56 -32.10 45.50
N LEU C 686 -71.42 -32.82 44.39
CA LEU C 686 -72.57 -33.09 43.53
C LEU C 686 -73.63 -33.87 44.25
N SER C 687 -73.26 -35.05 44.79
CA SER C 687 -74.18 -35.88 45.56
C SER C 687 -74.87 -35.10 46.68
N GLU C 688 -74.12 -34.21 47.34
CA GLU C 688 -74.70 -33.31 48.33
C GLU C 688 -75.78 -32.43 47.69
N LYS C 689 -75.38 -31.62 46.70
CA LYS C 689 -76.31 -30.65 46.12
C LYS C 689 -77.52 -31.32 45.50
N LEU C 690 -77.32 -32.49 44.88
CA LEU C 690 -78.43 -33.22 44.29
C LEU C 690 -79.45 -33.64 45.36
N ARG C 691 -78.99 -34.12 46.51
CA ARG C 691 -79.93 -34.60 47.52
C ARG C 691 -80.65 -33.47 48.25
N GLU C 692 -80.09 -32.25 48.27
CA GLU C 692 -80.84 -31.11 48.78
C GLU C 692 -81.86 -30.61 47.75
N VAL C 693 -81.43 -30.43 46.50
CA VAL C 693 -82.27 -29.78 45.50
C VAL C 693 -83.36 -30.68 44.94
N TYR C 694 -83.40 -31.96 45.32
CA TYR C 694 -84.43 -32.86 44.85
C TYR C 694 -85.71 -32.65 45.66
N ARG C 695 -86.81 -32.35 44.97
CA ARG C 695 -88.06 -32.01 45.63
C ARG C 695 -89.21 -32.30 44.68
N LYS C 696 -90.30 -32.84 45.23
CA LYS C 696 -91.53 -33.12 44.49
C LYS C 696 -91.28 -34.01 43.28
N GLY C 697 -90.32 -34.94 43.40
CA GLY C 697 -90.06 -35.90 42.35
C GLY C 697 -89.23 -35.40 41.19
N ARG C 698 -88.64 -34.21 41.28
CA ARG C 698 -87.89 -33.62 40.18
C ARG C 698 -86.74 -32.80 40.74
N VAL C 699 -85.67 -32.71 39.96
CA VAL C 699 -84.54 -31.84 40.24
C VAL C 699 -84.84 -30.45 39.71
N PHE C 700 -84.48 -29.42 40.49
CA PHE C 700 -84.73 -28.03 40.10
C PHE C 700 -83.62 -27.18 40.72
N ALA C 701 -82.64 -26.83 39.90
CA ALA C 701 -81.47 -26.06 40.32
C ALA C 701 -81.55 -24.67 39.68
N ASN C 702 -81.95 -23.67 40.48
CA ASN C 702 -82.07 -22.29 40.02
C ASN C 702 -81.19 -21.33 40.78
N ALA C 703 -80.85 -21.63 42.04
CA ALA C 703 -79.99 -20.74 42.80
C ALA C 703 -78.59 -20.70 42.17
N PRO C 704 -77.87 -19.58 42.28
CA PRO C 704 -76.52 -19.54 41.70
C PRO C 704 -75.54 -20.47 42.38
N ASP C 705 -75.80 -20.89 43.62
CA ASP C 705 -74.94 -21.84 44.32
C ASP C 705 -74.96 -23.23 43.69
N SER C 706 -75.92 -23.53 42.81
CA SER C 706 -75.88 -24.77 42.05
C SER C 706 -74.82 -24.78 40.96
N ALA C 707 -74.22 -23.63 40.64
CA ALA C 707 -73.17 -23.50 39.63
C ALA C 707 -71.95 -22.93 40.32
N CYS C 708 -71.00 -23.80 40.66
CA CYS C 708 -69.77 -23.41 41.35
C CYS C 708 -68.59 -24.11 40.71
N VAL C 709 -67.40 -23.56 40.97
CA VAL C 709 -66.13 -24.12 40.52
C VAL C 709 -65.38 -24.60 41.74
N ILE C 710 -65.14 -25.92 41.81
CA ILE C 710 -64.35 -26.47 42.90
C ILE C 710 -62.88 -26.09 42.69
N GLY C 711 -62.24 -25.62 43.75
CA GLY C 711 -60.85 -25.23 43.65
C GLY C 711 -60.21 -25.13 45.02
N LEU C 712 -58.89 -25.24 45.02
CA LEU C 712 -58.10 -25.16 46.24
C LEU C 712 -57.65 -23.72 46.43
N LYS C 713 -58.20 -23.05 47.44
CA LYS C 713 -57.83 -21.67 47.74
C LYS C 713 -56.50 -21.67 48.50
N LYS C 714 -56.18 -20.54 49.16
CA LYS C 714 -54.91 -20.42 49.86
C LYS C 714 -54.71 -21.55 50.86
N LYS C 715 -55.75 -21.91 51.62
CA LYS C 715 -55.69 -22.95 52.63
C LYS C 715 -56.21 -24.29 52.11
N ALA C 716 -57.47 -24.35 51.72
CA ALA C 716 -58.13 -25.62 51.42
C ALA C 716 -59.19 -25.40 50.34
N VAL C 717 -60.05 -26.41 50.15
CA VAL C 717 -61.00 -26.41 49.05
C VAL C 717 -62.15 -25.45 49.34
N ALA C 718 -62.72 -24.89 48.28
CA ALA C 718 -63.89 -24.04 48.36
C ALA C 718 -64.74 -24.26 47.12
N PHE C 719 -65.98 -23.74 47.15
CA PHE C 719 -66.94 -23.84 46.05
C PHE C 719 -67.50 -22.45 45.79
N SER C 720 -66.76 -21.66 45.00
CA SER C 720 -67.21 -20.32 44.68
C SER C 720 -68.26 -20.38 43.56
N PRO C 721 -69.40 -19.69 43.67
CA PRO C 721 -70.36 -19.70 42.56
C PRO C 721 -69.78 -19.08 41.30
N VAL C 722 -70.17 -19.64 40.16
CA VAL C 722 -69.63 -19.19 38.88
C VAL C 722 -70.07 -17.75 38.61
N THR C 723 -71.31 -17.41 38.94
CA THR C 723 -71.78 -16.04 38.75
C THR C 723 -71.08 -15.08 39.71
N GLU C 724 -70.78 -15.54 40.92
CA GLU C 724 -70.07 -14.70 41.88
C GLU C 724 -68.68 -14.34 41.36
N LEU C 725 -68.03 -15.27 40.67
CA LEU C 725 -66.72 -14.99 40.07
C LEU C 725 -66.79 -14.07 38.86
N LYS C 726 -68.00 -13.75 38.37
CA LYS C 726 -68.13 -12.90 37.19
C LYS C 726 -67.53 -11.51 37.40
N LYS C 727 -67.57 -11.01 38.64
CA LYS C 727 -67.00 -9.70 38.95
C LYS C 727 -65.47 -9.72 39.08
N ASP C 728 -64.82 -10.87 38.93
CA ASP C 728 -63.38 -11.00 39.11
C ASP C 728 -62.68 -11.55 37.87
N THR C 729 -63.32 -11.48 36.70
CA THR C 729 -62.82 -12.09 35.47
C THR C 729 -62.67 -11.04 34.37
N ASP C 730 -61.54 -11.12 33.66
CA ASP C 730 -61.29 -10.31 32.46
C ASP C 730 -61.55 -11.22 31.26
N PHE C 731 -62.80 -11.18 30.80
CA PHE C 731 -63.18 -11.98 29.64
C PHE C 731 -62.46 -11.52 28.37
N GLU C 732 -62.05 -10.26 28.32
CA GLU C 732 -61.29 -9.78 27.16
C GLU C 732 -59.92 -10.44 27.11
N HIS C 733 -59.24 -10.52 28.25
CA HIS C 733 -57.96 -11.22 28.37
C HIS C 733 -58.10 -12.65 28.88
N ARG C 734 -59.31 -13.08 29.25
CA ARG C 734 -59.58 -14.47 29.65
C ARG C 734 -58.73 -14.88 30.85
N MET C 735 -58.60 -13.96 31.81
CA MET C 735 -57.80 -14.17 33.01
C MET C 735 -58.42 -13.37 34.15
N PRO C 736 -58.30 -13.83 35.41
CA PRO C 736 -58.91 -13.08 36.50
C PRO C 736 -58.25 -11.72 36.73
N ARG C 737 -59.02 -10.82 37.34
CA ARG C 737 -58.58 -9.44 37.56
C ARG C 737 -57.28 -9.39 38.36
N GLU C 738 -57.23 -10.11 39.47
CA GLU C 738 -56.09 -10.15 40.36
C GLU C 738 -55.62 -11.60 40.52
N GLN C 739 -54.30 -11.78 40.54
CA GLN C 739 -53.69 -13.10 40.69
C GLN C 739 -52.66 -13.06 41.80
N TRP C 740 -52.58 -14.16 42.53
CA TRP C 740 -51.76 -14.21 43.74
C TRP C 740 -50.27 -14.29 43.43
N TRP C 741 -49.89 -14.85 42.28
CA TRP C 741 -48.50 -15.17 42.01
C TRP C 741 -47.67 -13.97 41.56
N LEU C 742 -48.24 -12.76 41.50
CA LEU C 742 -47.47 -11.59 41.08
C LEU C 742 -46.29 -11.29 42.00
N SER C 743 -46.34 -11.76 43.25
CA SER C 743 -45.23 -11.54 44.16
C SER C 743 -43.94 -12.21 43.68
N LEU C 744 -44.05 -13.35 42.98
CA LEU C 744 -42.87 -14.09 42.57
C LEU C 744 -42.03 -13.34 41.54
N ARG C 745 -42.58 -12.31 40.89
CA ARG C 745 -41.80 -11.57 39.90
C ARG C 745 -40.68 -10.77 40.55
N LEU C 746 -40.92 -10.25 41.76
CA LEU C 746 -39.85 -9.59 42.51
C LEU C 746 -38.72 -10.56 42.79
N MET C 747 -39.06 -11.80 43.15
CA MET C 747 -38.06 -12.83 43.38
C MET C 747 -37.28 -13.14 42.11
N LEU C 748 -37.97 -13.19 40.97
CA LEU C 748 -37.31 -13.52 39.71
C LEU C 748 -36.28 -12.46 39.34
N LYS C 749 -36.66 -11.19 39.43
CA LYS C 749 -35.73 -10.10 39.16
C LYS C 749 -34.62 -10.04 40.21
N MET C 750 -34.90 -10.51 41.43
CA MET C 750 -33.89 -10.50 42.48
C MET C 750 -32.74 -11.46 42.14
N LEU C 751 -33.07 -12.69 41.75
CA LEU C 751 -32.04 -13.73 41.58
C LEU C 751 -31.09 -13.48 40.42
N ALA C 752 -31.31 -12.46 39.60
CA ALA C 752 -30.39 -12.06 38.54
C ALA C 752 -29.61 -10.81 38.98
N GLN C 753 -28.34 -10.75 38.58
CA GLN C 753 -27.48 -9.62 38.90
C GLN C 753 -28.08 -8.30 38.40
N GLY D 13 -46.73 -59.25 -2.84
CA GLY D 13 -45.87 -60.38 -3.12
C GLY D 13 -46.06 -61.53 -2.15
N ALA D 14 -47.26 -61.68 -1.63
CA ALA D 14 -47.58 -62.75 -0.68
C ALA D 14 -49.06 -63.07 -0.77
N GLY D 15 -49.38 -64.33 -0.46
CA GLY D 15 -50.75 -64.81 -0.42
C GLY D 15 -50.97 -65.78 0.71
N LYS D 16 -50.33 -65.51 1.85
CA LYS D 16 -50.27 -66.41 2.99
C LYS D 16 -50.47 -65.60 4.26
N ALA D 17 -50.42 -66.26 5.41
CA ALA D 17 -50.63 -65.65 6.71
C ALA D 17 -49.35 -65.69 7.54
N ILE D 18 -49.22 -64.69 8.42
CA ILE D 18 -48.06 -64.53 9.28
C ILE D 18 -48.54 -64.53 10.73
N GLY D 19 -47.76 -65.17 11.60
CA GLY D 19 -48.05 -65.20 13.03
C GLY D 19 -46.90 -64.61 13.82
N VAL D 20 -47.23 -63.93 14.92
CA VAL D 20 -46.25 -63.24 15.76
C VAL D 20 -46.56 -63.52 17.23
N LEU D 21 -45.51 -63.57 18.03
CA LEU D 21 -45.65 -63.75 19.47
C LEU D 21 -44.32 -63.39 20.12
N THR D 22 -44.39 -63.12 21.42
CA THR D 22 -43.23 -62.83 22.24
C THR D 22 -43.18 -63.80 23.39
N SER D 23 -41.97 -64.23 23.76
CA SER D 23 -41.76 -65.19 24.82
C SER D 23 -40.50 -64.81 25.58
N GLY D 24 -40.26 -65.51 26.68
CA GLY D 24 -39.07 -65.28 27.47
C GLY D 24 -39.15 -63.99 28.27
N GLY D 25 -38.02 -63.63 28.87
CA GLY D 25 -37.90 -62.42 29.65
C GLY D 25 -38.19 -61.18 28.81
N ASP D 26 -39.20 -60.41 29.22
CA ASP D 26 -39.59 -59.24 28.45
C ASP D 26 -38.48 -58.20 28.41
N ALA D 27 -38.22 -57.68 27.22
CA ALA D 27 -37.21 -56.64 27.00
C ALA D 27 -37.87 -55.56 26.15
N GLN D 28 -38.09 -54.38 26.77
CA GLN D 28 -38.89 -53.31 26.17
C GLN D 28 -38.48 -53.00 24.74
N GLY D 29 -39.46 -53.03 23.84
CA GLY D 29 -39.21 -52.92 22.42
C GLY D 29 -39.98 -53.92 21.59
N MET D 30 -40.54 -54.96 22.22
CA MET D 30 -41.37 -55.93 21.48
C MET D 30 -42.56 -55.26 20.82
N ASN D 31 -43.08 -54.18 21.42
CA ASN D 31 -44.17 -53.44 20.80
C ASN D 31 -43.75 -52.87 19.45
N ALA D 32 -42.53 -52.34 19.36
CA ALA D 32 -42.04 -51.85 18.07
C ALA D 32 -41.82 -53.00 17.10
N ALA D 33 -41.35 -54.15 17.59
CA ALA D 33 -41.11 -55.29 16.71
C ALA D 33 -42.41 -55.82 16.12
N VAL D 34 -43.43 -56.01 16.97
CA VAL D 34 -44.70 -56.52 16.47
C VAL D 34 -45.38 -55.48 15.59
N ARG D 35 -45.21 -54.19 15.89
CA ARG D 35 -45.75 -53.15 15.03
C ARG D 35 -45.16 -53.25 13.63
N ALA D 36 -43.83 -53.29 13.53
CA ALA D 36 -43.17 -53.32 12.23
C ALA D 36 -43.50 -54.60 11.47
N VAL D 37 -43.58 -55.72 12.18
CA VAL D 37 -43.91 -56.98 11.54
C VAL D 37 -45.33 -56.94 11.00
N THR D 38 -46.27 -56.48 11.82
CA THR D 38 -47.67 -56.45 11.42
C THR D 38 -47.88 -55.50 10.25
N ARG D 39 -47.29 -54.32 10.32
CA ARG D 39 -47.51 -53.34 9.27
C ARG D 39 -46.81 -53.73 7.98
N MET D 40 -45.64 -54.36 8.08
CA MET D 40 -44.99 -54.87 6.87
C MET D 40 -45.75 -56.06 6.30
N GLY D 41 -46.28 -56.92 7.17
CA GLY D 41 -47.07 -58.05 6.69
C GLY D 41 -48.32 -57.62 5.95
N ILE D 42 -49.00 -56.59 6.46
CA ILE D 42 -50.19 -56.09 5.80
C ILE D 42 -49.81 -55.42 4.47
N TYR D 43 -48.70 -54.67 4.46
CA TYR D 43 -48.26 -54.02 3.24
C TYR D 43 -47.92 -55.04 2.16
N VAL D 44 -47.22 -56.12 2.54
CA VAL D 44 -46.86 -57.13 1.56
C VAL D 44 -48.09 -57.91 1.10
N GLY D 45 -49.19 -57.87 1.86
CA GLY D 45 -50.44 -58.51 1.48
C GLY D 45 -50.76 -59.79 2.21
N ALA D 46 -50.01 -60.12 3.27
CA ALA D 46 -50.21 -61.33 4.04
C ALA D 46 -51.05 -61.03 5.28
N LYS D 47 -51.95 -61.95 5.62
CA LYS D 47 -52.74 -61.82 6.82
C LYS D 47 -51.84 -61.97 8.05
N VAL D 48 -52.22 -61.30 9.13
CA VAL D 48 -51.43 -61.24 10.36
C VAL D 48 -52.33 -61.52 11.55
N PHE D 49 -51.80 -62.30 12.50
CA PHE D 49 -52.50 -62.65 13.74
C PHE D 49 -51.57 -62.41 14.92
N LEU D 50 -52.11 -61.86 16.00
CA LEU D 50 -51.39 -61.64 17.24
C LEU D 50 -51.69 -62.77 18.20
N ILE D 51 -50.67 -63.53 18.57
CA ILE D 51 -50.80 -64.68 19.47
C ILE D 51 -50.51 -64.18 20.88
N TYR D 52 -51.53 -64.14 21.72
CA TYR D 52 -51.39 -63.61 23.06
C TYR D 52 -50.77 -64.64 24.00
N GLU D 53 -50.16 -64.13 25.06
CA GLU D 53 -49.59 -64.93 26.15
C GLU D 53 -48.47 -65.86 25.66
N GLY D 54 -47.87 -65.57 24.52
CA GLY D 54 -46.75 -66.36 24.04
C GLY D 54 -47.14 -67.80 23.78
N TYR D 55 -46.25 -68.71 24.17
CA TYR D 55 -46.45 -70.12 23.89
C TYR D 55 -47.60 -70.72 24.70
N GLU D 56 -47.95 -70.15 25.84
CA GLU D 56 -49.08 -70.65 26.60
C GLU D 56 -50.38 -70.47 25.82
N GLY D 57 -50.65 -69.24 25.36
CA GLY D 57 -51.81 -69.02 24.52
C GLY D 57 -51.72 -69.70 23.18
N LEU D 58 -50.49 -69.89 22.67
CA LEU D 58 -50.29 -70.62 21.43
C LEU D 58 -50.85 -72.03 21.53
N VAL D 59 -50.48 -72.76 22.59
CA VAL D 59 -51.02 -74.10 22.80
C VAL D 59 -52.51 -74.03 23.10
N GLU D 60 -52.92 -73.08 23.92
CA GLU D 60 -54.33 -72.98 24.30
C GLU D 60 -55.20 -72.62 23.11
N GLY D 61 -54.74 -71.69 22.27
CA GLY D 61 -55.49 -71.31 21.10
C GLY D 61 -56.77 -70.56 21.45
N GLY D 62 -57.73 -70.63 20.55
CA GLY D 62 -59.01 -69.97 20.78
C GLY D 62 -58.85 -68.46 20.77
N GLU D 63 -59.38 -67.81 21.81
CA GLU D 63 -59.32 -66.36 21.91
C GLU D 63 -57.89 -65.84 22.04
N ASN D 64 -56.96 -66.67 22.50
CA ASN D 64 -55.57 -66.23 22.66
C ASN D 64 -54.92 -65.81 21.34
N ILE D 65 -55.45 -66.27 20.20
CA ILE D 65 -54.97 -65.89 18.88
C ILE D 65 -56.11 -65.18 18.17
N LYS D 66 -55.82 -64.00 17.63
CA LYS D 66 -56.81 -63.19 16.93
C LYS D 66 -56.14 -62.42 15.80
N GLN D 67 -56.90 -62.16 14.75
CA GLN D 67 -56.39 -61.40 13.63
C GLN D 67 -56.22 -59.94 14.02
N ALA D 68 -55.26 -59.28 13.36
CA ALA D 68 -54.92 -57.89 13.61
C ALA D 68 -55.01 -57.09 12.32
N ASN D 69 -55.51 -55.86 12.43
CA ASN D 69 -55.58 -54.92 11.32
C ASN D 69 -54.43 -53.92 11.44
N TRP D 70 -54.38 -52.98 10.50
CA TRP D 70 -53.37 -51.92 10.56
C TRP D 70 -53.50 -51.10 11.83
N LEU D 71 -54.72 -50.92 12.32
CA LEU D 71 -54.98 -50.16 13.53
C LEU D 71 -54.87 -50.99 14.80
N SER D 72 -54.70 -52.31 14.69
CA SER D 72 -54.54 -53.13 15.89
C SER D 72 -53.24 -52.80 16.61
N VAL D 73 -52.20 -52.42 15.87
CA VAL D 73 -50.88 -52.16 16.43
C VAL D 73 -50.59 -50.66 16.53
N SER D 74 -51.63 -49.83 16.58
CA SER D 74 -51.45 -48.38 16.63
C SER D 74 -51.27 -47.92 18.06
N ASN D 75 -50.41 -46.92 18.25
CA ASN D 75 -50.20 -46.28 19.55
C ASN D 75 -49.66 -47.27 20.58
N ILE D 76 -48.64 -48.04 20.17
CA ILE D 76 -47.94 -48.95 21.07
C ILE D 76 -46.42 -48.84 20.94
N ILE D 77 -45.94 -48.17 19.88
CA ILE D 77 -44.50 -48.14 19.59
C ILE D 77 -43.70 -47.53 20.74
N GLN D 78 -44.29 -46.59 21.47
CA GLN D 78 -43.64 -45.88 22.56
C GLN D 78 -43.87 -46.54 23.93
N LEU D 79 -44.32 -47.80 23.96
CA LEU D 79 -44.68 -48.48 25.19
C LEU D 79 -43.66 -49.57 25.50
N GLY D 80 -43.30 -49.68 26.78
CA GLY D 80 -42.45 -50.76 27.22
C GLY D 80 -43.22 -52.06 27.40
N GLY D 81 -42.47 -53.12 27.70
CA GLY D 81 -43.09 -54.42 27.83
C GLY D 81 -43.65 -54.89 26.51
N THR D 82 -44.82 -55.54 26.57
CA THR D 82 -45.50 -56.02 25.38
C THR D 82 -47.00 -55.98 25.63
N ILE D 83 -47.75 -55.89 24.52
CA ILE D 83 -49.21 -55.80 24.57
C ILE D 83 -49.89 -57.16 24.40
N ILE D 84 -49.13 -58.25 24.23
CA ILE D 84 -49.68 -59.57 23.95
C ILE D 84 -49.23 -60.60 24.98
N GLY D 85 -48.85 -60.16 26.18
CA GLY D 85 -48.66 -61.05 27.31
C GLY D 85 -47.28 -61.61 27.55
N SER D 86 -46.85 -62.56 26.72
CA SER D 86 -45.58 -63.26 26.89
C SER D 86 -45.55 -64.08 28.17
N ALA D 87 -46.51 -64.98 28.32
CA ALA D 87 -46.52 -65.88 29.47
C ALA D 87 -45.64 -67.09 29.21
N ARG D 88 -45.17 -67.71 30.30
CA ARG D 88 -44.34 -68.90 30.23
C ARG D 88 -45.23 -70.14 30.24
N CYS D 89 -44.86 -71.12 29.41
CA CYS D 89 -45.61 -72.35 29.23
C CYS D 89 -44.74 -73.56 29.55
N LYS D 90 -45.37 -74.59 30.11
CA LYS D 90 -44.73 -75.85 30.45
C LYS D 90 -45.12 -77.00 29.53
N ALA D 91 -46.40 -77.09 29.15
CA ALA D 91 -46.84 -78.08 28.17
C ALA D 91 -46.25 -77.83 26.79
N PHE D 92 -45.76 -76.62 26.52
CA PHE D 92 -45.07 -76.34 25.27
C PHE D 92 -43.86 -77.25 25.06
N THR D 93 -43.22 -77.69 26.15
CA THR D 93 -42.13 -78.64 26.05
C THR D 93 -42.62 -80.04 25.73
N THR D 94 -43.84 -80.39 26.14
CA THR D 94 -44.38 -81.72 25.93
C THR D 94 -45.03 -81.82 24.55
N ARG D 95 -44.91 -83.00 23.92
CA ARG D 95 -45.41 -83.18 22.57
C ARG D 95 -46.92 -82.99 22.48
N GLU D 96 -47.64 -83.21 23.58
CA GLU D 96 -49.09 -82.99 23.58
C GLU D 96 -49.41 -81.52 23.35
N GLY D 97 -48.73 -80.63 24.07
CA GLY D 97 -48.90 -79.21 23.82
C GLY D 97 -48.43 -78.80 22.43
N ARG D 98 -47.40 -79.48 21.91
CA ARG D 98 -46.91 -79.15 20.58
C ARG D 98 -47.94 -79.47 19.50
N ARG D 99 -48.55 -80.66 19.58
CA ARG D 99 -49.58 -81.00 18.60
C ARG D 99 -50.81 -80.11 18.74
N ALA D 100 -51.13 -79.71 19.98
CA ALA D 100 -52.27 -78.81 20.17
C ALA D 100 -52.00 -77.45 19.56
N ALA D 101 -50.78 -76.93 19.71
CA ALA D 101 -50.42 -75.68 19.07
C ALA D 101 -50.44 -75.81 17.56
N ALA D 102 -49.88 -76.90 17.03
CA ALA D 102 -49.92 -77.13 15.58
C ALA D 102 -51.37 -77.23 15.09
N TYR D 103 -52.24 -77.85 15.88
CA TYR D 103 -53.65 -77.90 15.52
C TYR D 103 -54.27 -76.51 15.49
N ASN D 104 -53.94 -75.66 16.47
CA ASN D 104 -54.48 -74.31 16.48
C ASN D 104 -54.03 -73.51 15.26
N LEU D 105 -52.79 -73.71 14.83
CA LEU D 105 -52.23 -72.92 13.74
C LEU D 105 -52.86 -73.34 12.41
N VAL D 106 -53.02 -74.65 12.19
CA VAL D 106 -53.66 -75.11 10.96
C VAL D 106 -55.14 -74.75 10.94
N GLN D 107 -55.77 -74.71 12.11
CA GLN D 107 -57.17 -74.27 12.16
C GLN D 107 -57.30 -72.81 11.74
N HIS D 108 -56.37 -71.96 12.19
CA HIS D 108 -56.31 -70.58 11.74
C HIS D 108 -55.54 -70.40 10.43
N GLY D 109 -55.02 -71.48 9.85
CA GLY D 109 -54.40 -71.41 8.53
C GLY D 109 -53.16 -70.55 8.49
N ILE D 110 -52.29 -70.68 9.49
CA ILE D 110 -51.05 -69.92 9.58
C ILE D 110 -49.91 -70.87 9.24
N THR D 111 -49.13 -70.51 8.21
CA THR D 111 -48.01 -71.32 7.75
C THR D 111 -46.64 -70.73 8.11
N ASN D 112 -46.58 -69.44 8.41
CA ASN D 112 -45.35 -68.77 8.84
C ASN D 112 -45.58 -68.17 10.21
N LEU D 113 -44.53 -68.16 11.02
CA LEU D 113 -44.63 -67.73 12.41
C LEU D 113 -43.32 -67.05 12.80
N CYS D 114 -43.44 -65.89 13.44
CA CYS D 114 -42.30 -65.08 13.86
C CYS D 114 -42.21 -65.11 15.38
N VAL D 115 -41.05 -65.52 15.90
CA VAL D 115 -40.84 -65.71 17.32
C VAL D 115 -39.95 -64.59 17.83
N ILE D 116 -40.30 -64.05 19.00
CA ILE D 116 -39.52 -63.00 19.66
C ILE D 116 -39.22 -63.48 21.08
N GLY D 117 -37.95 -63.44 21.46
CA GLY D 117 -37.57 -63.81 22.81
C GLY D 117 -36.11 -64.27 22.84
N GLY D 118 -35.81 -65.08 23.87
CA GLY D 118 -34.46 -65.53 24.13
C GLY D 118 -34.13 -66.83 23.43
N ASP D 119 -32.99 -67.41 23.84
CA ASP D 119 -32.44 -68.56 23.15
C ASP D 119 -33.33 -69.80 23.30
N GLY D 120 -33.91 -70.00 24.49
CA GLY D 120 -34.72 -71.19 24.72
C GLY D 120 -35.95 -71.22 23.84
N SER D 121 -36.62 -70.07 23.70
CA SER D 121 -37.78 -69.98 22.81
C SER D 121 -37.41 -70.34 21.38
N LEU D 122 -36.22 -69.94 20.95
CA LEU D 122 -35.76 -70.30 19.62
C LEU D 122 -35.48 -71.80 19.50
N THR D 123 -34.93 -72.39 20.56
CA THR D 123 -34.70 -73.84 20.55
C THR D 123 -36.01 -74.59 20.44
N GLY D 124 -37.02 -74.16 21.19
CA GLY D 124 -38.34 -74.76 21.05
C GLY D 124 -38.92 -74.57 19.66
N ALA D 125 -38.72 -73.39 19.08
CA ALA D 125 -39.25 -73.12 17.75
C ALA D 125 -38.59 -73.98 16.69
N ASN D 126 -37.27 -74.21 16.81
CA ASN D 126 -36.61 -75.10 15.86
C ASN D 126 -37.09 -76.54 16.04
N ILE D 127 -37.33 -76.95 17.28
CA ILE D 127 -37.88 -78.28 17.53
C ILE D 127 -39.24 -78.40 16.82
N PHE D 128 -40.04 -77.34 16.85
CA PHE D 128 -41.32 -77.34 16.15
C PHE D 128 -41.13 -77.51 14.65
N ARG D 129 -40.18 -76.79 14.06
CA ARG D 129 -39.92 -76.97 12.64
C ARG D 129 -39.40 -78.38 12.35
N SER D 130 -38.67 -78.97 13.31
CA SER D 130 -38.10 -80.29 13.08
C SER D 130 -39.13 -81.41 13.12
N GLU D 131 -40.29 -81.19 13.77
CA GLU D 131 -41.32 -82.21 13.92
C GLU D 131 -42.70 -81.77 13.46
N TRP D 132 -42.79 -80.65 12.72
CA TRP D 132 -44.07 -80.20 12.17
C TRP D 132 -44.74 -81.29 11.34
N GLY D 133 -43.96 -82.01 10.54
CA GLY D 133 -44.53 -83.09 9.75
C GLY D 133 -45.08 -84.21 10.61
N SER D 134 -44.39 -84.56 11.70
CA SER D 134 -44.88 -85.61 12.58
C SER D 134 -46.17 -85.19 13.28
N LEU D 135 -46.26 -83.93 13.71
CA LEU D 135 -47.47 -83.46 14.36
C LEU D 135 -48.66 -83.52 13.40
N LEU D 136 -48.47 -83.07 12.16
CA LEU D 136 -49.55 -83.13 11.19
C LEU D 136 -49.94 -84.57 10.87
N GLU D 137 -48.96 -85.48 10.84
CA GLU D 137 -49.27 -86.89 10.69
C GLU D 137 -50.14 -87.39 11.83
N GLU D 138 -49.81 -87.00 13.07
CA GLU D 138 -50.61 -87.42 14.21
C GLU D 138 -52.01 -86.85 14.15
N LEU D 139 -52.15 -85.58 13.74
CA LEU D 139 -53.47 -84.97 13.67
C LEU D 139 -54.32 -85.63 12.59
N VAL D 140 -53.72 -85.97 11.45
CA VAL D 140 -54.45 -86.69 10.42
C VAL D 140 -54.84 -88.08 10.89
N ALA D 141 -53.95 -88.73 11.63
CA ALA D 141 -54.22 -90.10 12.09
C ALA D 141 -55.41 -90.14 13.05
N GLU D 142 -55.49 -89.18 13.97
CA GLU D 142 -56.61 -89.12 14.91
C GLU D 142 -57.88 -88.54 14.28
N GLY D 143 -57.84 -88.08 13.03
CA GLY D 143 -59.02 -87.57 12.36
C GLY D 143 -59.35 -86.13 12.64
N LYS D 144 -58.45 -85.38 13.29
CA LYS D 144 -58.74 -83.97 13.58
C LYS D 144 -58.84 -83.15 12.30
N ILE D 145 -57.98 -83.42 11.32
CA ILE D 145 -57.88 -82.63 10.09
C ILE D 145 -57.94 -83.57 8.89
N SER D 146 -58.22 -82.98 7.73
CA SER D 146 -58.32 -83.72 6.49
C SER D 146 -56.96 -83.83 5.82
N GLU D 147 -56.89 -84.68 4.78
CA GLU D 147 -55.64 -84.84 4.05
C GLU D 147 -55.28 -83.57 3.29
N THR D 148 -56.26 -82.90 2.69
CA THR D 148 -55.99 -81.69 1.92
C THR D 148 -55.41 -80.60 2.82
N THR D 149 -55.90 -80.48 4.06
CA THR D 149 -55.35 -79.52 4.99
C THR D 149 -53.89 -79.84 5.32
N ALA D 150 -53.58 -81.13 5.50
CA ALA D 150 -52.21 -81.53 5.81
C ALA D 150 -51.28 -81.20 4.65
N ARG D 151 -51.73 -81.43 3.41
CA ARG D 151 -50.90 -81.10 2.26
C ARG D 151 -50.70 -79.60 2.14
N THR D 152 -51.73 -78.81 2.46
CA THR D 152 -51.63 -77.36 2.33
C THR D 152 -50.60 -76.79 3.30
N TYR D 153 -50.61 -77.25 4.55
CA TYR D 153 -49.72 -76.77 5.61
C TYR D 153 -48.59 -77.75 5.89
N SER D 154 -48.04 -78.39 4.86
CA SER D 154 -47.03 -79.42 5.06
C SER D 154 -45.72 -78.88 5.62
N HIS D 155 -45.50 -77.57 5.62
CA HIS D 155 -44.26 -76.96 6.08
C HIS D 155 -44.58 -75.77 6.99
N LEU D 156 -43.59 -75.43 7.82
CA LEU D 156 -43.66 -74.29 8.73
C LEU D 156 -42.36 -73.49 8.59
N ASN D 157 -42.51 -72.17 8.54
CA ASN D 157 -41.40 -71.24 8.45
C ASN D 157 -41.28 -70.49 9.77
N ILE D 158 -40.05 -70.40 10.28
CA ILE D 158 -39.77 -69.77 11.57
C ILE D 158 -38.73 -68.69 11.34
N ALA D 159 -39.01 -67.49 11.85
CA ALA D 159 -38.06 -66.39 11.90
C ALA D 159 -37.98 -65.91 13.35
N GLY D 160 -36.77 -65.86 13.88
CA GLY D 160 -36.54 -65.55 15.29
C GLY D 160 -35.94 -64.17 15.43
N LEU D 161 -36.43 -63.44 16.43
CA LEU D 161 -35.89 -62.14 16.83
C LEU D 161 -35.37 -62.27 18.25
N VAL D 162 -34.09 -61.96 18.43
CA VAL D 162 -33.42 -62.15 19.72
C VAL D 162 -33.75 -60.94 20.58
N GLY D 163 -34.79 -61.05 21.39
CA GLY D 163 -35.18 -60.01 22.33
C GLY D 163 -34.84 -60.36 23.75
N SER D 164 -33.72 -59.82 24.24
CA SER D 164 -33.29 -60.06 25.61
C SER D 164 -32.21 -59.05 25.98
N ILE D 165 -32.41 -58.33 27.09
CA ILE D 165 -31.46 -57.27 27.46
C ILE D 165 -30.10 -57.82 27.87
N ASP D 166 -30.03 -59.11 28.23
CA ASP D 166 -28.77 -59.69 28.70
C ASP D 166 -27.68 -59.61 27.63
N ASN D 167 -28.07 -59.63 26.36
CA ASN D 167 -27.13 -59.54 25.24
C ASN D 167 -26.13 -60.69 25.28
N ASP D 168 -26.61 -61.87 25.60
CA ASP D 168 -25.76 -63.07 25.66
C ASP D 168 -25.58 -63.72 24.29
N PHE D 169 -26.50 -63.48 23.35
CA PHE D 169 -26.47 -64.13 22.05
C PHE D 169 -25.17 -63.81 21.31
N CYS D 170 -24.42 -64.85 21.00
CA CYS D 170 -23.05 -64.66 20.49
C CYS D 170 -23.05 -64.05 19.10
N GLY D 171 -23.90 -64.57 18.20
CA GLY D 171 -23.88 -64.14 16.82
C GLY D 171 -24.35 -62.71 16.57
N THR D 172 -24.96 -62.07 17.57
CA THR D 172 -25.46 -60.70 17.47
C THR D 172 -24.65 -59.78 18.36
N ASP D 173 -24.51 -58.53 17.93
CA ASP D 173 -24.01 -57.48 18.80
C ASP D 173 -25.12 -56.94 19.70
N MET D 174 -26.15 -56.36 19.11
CA MET D 174 -27.28 -55.76 19.83
C MET D 174 -28.51 -56.63 19.70
N THR D 175 -29.00 -57.15 20.82
CA THR D 175 -30.32 -57.76 20.89
C THR D 175 -31.38 -56.66 21.08
N ILE D 176 -32.63 -57.01 20.79
CA ILE D 176 -33.72 -56.04 20.90
C ILE D 176 -33.90 -55.70 22.38
N GLY D 177 -33.56 -54.46 22.75
CA GLY D 177 -33.85 -53.92 24.06
C GLY D 177 -32.64 -53.67 24.95
N THR D 178 -31.46 -54.14 24.57
CA THR D 178 -30.29 -53.98 25.45
C THR D 178 -29.93 -52.50 25.65
N ASP D 179 -30.18 -51.66 24.63
CA ASP D 179 -29.88 -50.25 24.78
C ASP D 179 -30.80 -49.60 25.80
N SER D 180 -32.09 -49.98 25.80
CA SER D 180 -33.03 -49.46 26.79
C SER D 180 -32.60 -49.81 28.20
N ALA D 181 -32.12 -51.05 28.40
CA ALA D 181 -31.62 -51.44 29.71
C ALA D 181 -30.43 -50.59 30.12
N LEU D 182 -29.55 -50.28 29.16
CA LEU D 182 -28.44 -49.37 29.45
C LEU D 182 -28.95 -47.98 29.80
N HIS D 183 -30.01 -47.54 29.11
CA HIS D 183 -30.61 -46.25 29.43
C HIS D 183 -31.15 -46.23 30.85
N ARG D 184 -31.86 -47.29 31.25
CA ARG D 184 -32.36 -47.40 32.62
C ARG D 184 -31.23 -47.39 33.63
N ILE D 185 -30.17 -48.17 33.36
CA ILE D 185 -29.05 -48.28 34.29
C ILE D 185 -28.41 -46.92 34.51
N MET D 186 -28.24 -46.15 33.44
CA MET D 186 -27.48 -44.91 33.54
C MET D 186 -28.33 -43.77 34.08
N GLU D 187 -29.65 -43.80 33.86
CA GLU D 187 -30.52 -42.90 34.60
C GLU D 187 -30.39 -43.12 36.09
N VAL D 188 -30.35 -44.38 36.52
CA VAL D 188 -30.20 -44.69 37.94
C VAL D 188 -28.83 -44.25 38.43
N ILE D 189 -27.77 -44.51 37.64
CA ILE D 189 -26.42 -44.16 38.08
C ILE D 189 -26.27 -42.65 38.21
N ASP D 190 -26.81 -41.89 37.25
CA ASP D 190 -26.74 -40.44 37.34
C ASP D 190 -27.49 -39.92 38.55
N ALA D 191 -28.60 -40.55 38.89
CA ALA D 191 -29.30 -40.19 40.13
C ALA D 191 -28.42 -40.47 41.34
N ILE D 192 -27.80 -41.64 41.39
CA ILE D 192 -27.06 -42.05 42.58
C ILE D 192 -25.82 -41.17 42.78
N THR D 193 -25.17 -40.76 41.68
CA THR D 193 -23.87 -40.09 41.79
C THR D 193 -23.98 -38.77 42.54
N THR D 194 -25.13 -38.09 42.46
CA THR D 194 -25.30 -36.83 43.17
C THR D 194 -25.21 -37.04 44.68
N THR D 195 -25.99 -37.98 45.22
CA THR D 195 -25.97 -38.20 46.66
C THR D 195 -24.68 -38.89 47.10
N ALA D 196 -24.12 -39.74 46.25
CA ALA D 196 -22.85 -40.39 46.58
C ALA D 196 -21.73 -39.36 46.74
N GLN D 197 -21.69 -38.38 45.84
CA GLN D 197 -20.74 -37.28 45.98
C GLN D 197 -21.04 -36.43 47.21
N SER D 198 -22.34 -36.22 47.48
CA SER D 198 -22.73 -35.36 48.60
C SER D 198 -22.26 -35.94 49.92
N HIS D 199 -22.55 -37.21 50.18
CA HIS D 199 -22.19 -37.87 51.41
C HIS D 199 -20.84 -38.60 51.35
N GLN D 200 -20.10 -38.45 50.24
CA GLN D 200 -18.78 -39.05 50.09
C GLN D 200 -18.84 -40.57 50.26
N ARG D 201 -19.93 -41.15 49.77
CA ARG D 201 -20.24 -42.57 49.99
C ARG D 201 -19.87 -43.39 48.78
N THR D 202 -19.51 -44.65 49.04
CA THR D 202 -19.26 -45.64 48.01
C THR D 202 -20.52 -46.46 47.79
N PHE D 203 -20.81 -46.78 46.53
CA PHE D 203 -22.03 -47.49 46.16
C PHE D 203 -21.68 -48.74 45.37
N VAL D 204 -22.24 -49.87 45.78
CA VAL D 204 -22.08 -51.15 45.11
C VAL D 204 -23.36 -51.41 44.33
N LEU D 205 -23.27 -51.44 43.01
CA LEU D 205 -24.41 -51.58 42.11
C LEU D 205 -24.44 -52.98 41.52
N GLU D 206 -25.60 -53.63 41.64
CA GLU D 206 -25.85 -54.95 41.07
C GLU D 206 -26.62 -54.77 39.76
N VAL D 207 -26.05 -55.26 38.67
CA VAL D 207 -26.59 -55.10 37.33
C VAL D 207 -27.19 -56.43 36.89
N MET D 208 -28.17 -56.36 35.99
CA MET D 208 -28.77 -57.55 35.41
C MET D 208 -27.82 -58.11 34.34
N GLY D 209 -28.27 -59.13 33.62
CA GLY D 209 -27.44 -59.91 32.73
C GLY D 209 -27.31 -61.29 33.32
N ARG D 210 -27.98 -62.28 32.71
CA ARG D 210 -28.14 -63.59 33.31
C ARG D 210 -26.77 -64.24 33.58
N HIS D 211 -25.95 -64.38 32.54
CA HIS D 211 -24.60 -64.93 32.65
C HIS D 211 -23.65 -64.18 31.71
N CYS D 212 -23.87 -62.87 31.54
CA CYS D 212 -22.99 -62.03 30.74
C CYS D 212 -22.82 -60.69 31.43
N GLY D 213 -21.60 -60.15 31.34
CA GLY D 213 -21.25 -58.88 31.95
C GLY D 213 -21.14 -57.74 30.97
N TYR D 214 -21.74 -57.88 29.78
CA TYR D 214 -21.71 -56.79 28.80
C TYR D 214 -22.35 -55.53 29.38
N LEU D 215 -23.55 -55.67 29.96
CA LEU D 215 -24.21 -54.52 30.56
C LEU D 215 -23.38 -53.93 31.68
N ALA D 216 -22.74 -54.78 32.48
CA ALA D 216 -21.87 -54.30 33.54
C ALA D 216 -20.65 -53.58 32.98
N LEU D 217 -20.06 -54.11 31.90
CA LEU D 217 -18.90 -53.49 31.30
C LEU D 217 -19.25 -52.12 30.71
N VAL D 218 -20.31 -52.06 29.92
CA VAL D 218 -20.69 -50.82 29.25
C VAL D 218 -21.07 -49.76 30.28
N SER D 219 -21.79 -50.15 31.32
CA SER D 219 -22.18 -49.19 32.35
C SER D 219 -20.97 -48.66 33.10
N ALA D 220 -20.02 -49.54 33.44
CA ALA D 220 -18.82 -49.11 34.15
C ALA D 220 -17.97 -48.19 33.28
N LEU D 221 -17.84 -48.50 31.99
CA LEU D 221 -17.05 -47.64 31.11
C LEU D 221 -17.71 -46.28 30.96
N ALA D 222 -19.04 -46.26 30.79
CA ALA D 222 -19.76 -44.99 30.61
C ALA D 222 -19.88 -44.19 31.89
N SER D 223 -19.66 -44.81 33.06
CA SER D 223 -19.76 -44.12 34.35
C SER D 223 -18.41 -43.81 34.98
N GLY D 224 -17.31 -44.32 34.42
CA GLY D 224 -16.01 -44.08 35.02
C GLY D 224 -15.86 -44.67 36.41
N ALA D 225 -16.43 -45.86 36.62
CA ALA D 225 -16.39 -46.50 37.93
C ALA D 225 -14.94 -46.84 38.31
N ASP D 226 -14.77 -47.18 39.58
CA ASP D 226 -13.44 -47.45 40.13
C ASP D 226 -13.04 -48.92 40.02
N TRP D 227 -13.99 -49.84 40.06
CA TRP D 227 -13.67 -51.25 39.89
C TRP D 227 -14.91 -51.97 39.37
N LEU D 228 -14.67 -53.03 38.61
CA LEU D 228 -15.71 -53.83 37.99
C LEU D 228 -15.49 -55.31 38.29
N PHE D 229 -16.59 -56.05 38.37
CA PHE D 229 -16.61 -57.50 38.51
C PHE D 229 -17.53 -58.06 37.44
N ILE D 230 -16.99 -58.90 36.56
CA ILE D 230 -17.78 -59.56 35.51
C ILE D 230 -17.46 -61.05 35.51
N PRO D 231 -18.33 -61.89 34.91
CA PRO D 231 -17.99 -63.31 34.80
C PRO D 231 -17.00 -63.64 33.69
N GLU D 232 -16.94 -62.81 32.64
CA GLU D 232 -16.08 -63.14 31.51
C GLU D 232 -14.60 -63.12 31.88
N ALA D 233 -14.22 -62.28 32.84
CA ALA D 233 -12.83 -62.15 33.29
C ALA D 233 -12.84 -62.17 34.81
N PRO D 234 -12.95 -63.35 35.43
CA PRO D 234 -13.06 -63.40 36.89
C PRO D 234 -11.78 -62.91 37.55
N PRO D 235 -11.86 -62.35 38.75
CA PRO D 235 -10.66 -61.76 39.37
C PRO D 235 -9.65 -62.80 39.79
N GLU D 236 -8.38 -62.41 39.69
CA GLU D 236 -7.28 -63.29 40.09
C GLU D 236 -7.18 -63.36 41.61
N ASP D 237 -6.34 -64.29 42.07
CA ASP D 237 -6.18 -64.52 43.51
C ASP D 237 -5.64 -63.28 44.20
N GLY D 238 -6.09 -63.06 45.43
CA GLY D 238 -5.68 -61.90 46.18
C GLY D 238 -6.17 -60.59 45.59
N TRP D 239 -7.29 -60.61 44.87
CA TRP D 239 -7.87 -59.39 44.31
C TRP D 239 -8.26 -58.38 45.40
N GLU D 240 -8.49 -58.83 46.63
CA GLU D 240 -8.93 -57.95 47.70
C GLU D 240 -7.88 -56.89 48.03
N ASN D 241 -6.61 -57.24 47.92
CA ASN D 241 -5.56 -56.24 48.13
C ASN D 241 -5.61 -55.17 47.05
N PHE D 242 -5.84 -55.57 45.80
CA PHE D 242 -5.97 -54.60 44.72
C PHE D 242 -7.21 -53.72 44.92
N MET D 243 -8.29 -54.27 45.47
CA MET D 243 -9.45 -53.45 45.82
C MET D 243 -9.06 -52.37 46.81
N CYS D 244 -8.38 -52.75 47.89
CA CYS D 244 -8.02 -51.78 48.92
C CYS D 244 -7.08 -50.72 48.38
N GLU D 245 -6.10 -51.12 47.55
CA GLU D 245 -5.15 -50.17 47.01
C GLU D 245 -5.83 -49.16 46.09
N ARG D 246 -6.67 -49.65 45.17
CA ARG D 246 -7.32 -48.75 44.22
C ARG D 246 -8.28 -47.80 44.93
N LEU D 247 -9.11 -48.33 45.85
CA LEU D 247 -10.07 -47.48 46.53
C LEU D 247 -9.39 -46.44 47.42
N GLY D 248 -8.29 -46.82 48.07
CA GLY D 248 -7.53 -45.85 48.83
C GLY D 248 -6.87 -44.82 47.94
N GLU D 249 -6.36 -45.24 46.78
CA GLU D 249 -5.76 -44.30 45.84
C GLU D 249 -6.79 -43.30 45.32
N THR D 250 -7.97 -43.78 44.96
CA THR D 250 -9.00 -42.88 44.44
C THR D 250 -9.45 -41.88 45.50
N ARG D 251 -9.88 -42.38 46.67
CA ARG D 251 -10.36 -41.52 47.73
C ARG D 251 -9.30 -40.52 48.18
N SER D 252 -8.04 -40.91 48.15
CA SER D 252 -6.97 -39.98 48.50
C SER D 252 -6.73 -38.96 47.39
N ARG D 253 -6.75 -39.40 46.13
CA ARG D 253 -6.39 -38.55 44.99
C ARG D 253 -7.61 -37.83 44.40
N GLY D 254 -8.36 -37.13 45.24
CA GLY D 254 -9.38 -36.21 44.77
C GLY D 254 -10.66 -36.84 44.27
N SER D 255 -10.76 -38.17 44.22
CA SER D 255 -12.00 -38.81 43.79
C SER D 255 -12.99 -38.73 44.94
N ARG D 256 -14.03 -37.92 44.76
CA ARG D 256 -14.95 -37.66 45.87
C ARG D 256 -15.77 -38.89 46.21
N LEU D 257 -16.15 -39.67 45.21
CA LEU D 257 -17.00 -40.85 45.37
C LEU D 257 -16.36 -42.01 44.62
N ASN D 258 -16.77 -43.22 45.02
CA ASN D 258 -16.30 -44.46 44.43
C ASN D 258 -17.51 -45.30 44.05
N ILE D 259 -17.47 -45.90 42.86
CA ILE D 259 -18.56 -46.71 42.34
C ILE D 259 -17.99 -48.07 41.99
N ILE D 260 -18.64 -49.12 42.49
CA ILE D 260 -18.27 -50.51 42.24
C ILE D 260 -19.47 -51.19 41.59
N ILE D 261 -19.24 -51.81 40.44
CA ILE D 261 -20.29 -52.45 39.65
C ILE D 261 -20.03 -53.94 39.62
N ILE D 262 -21.09 -54.73 39.83
CA ILE D 262 -21.02 -56.18 39.91
C ILE D 262 -22.14 -56.74 39.06
N ALA D 263 -21.82 -57.73 38.23
CA ALA D 263 -22.83 -58.47 37.51
C ALA D 263 -23.47 -59.50 38.44
N GLU D 264 -24.76 -59.75 38.22
CA GLU D 264 -25.46 -60.76 39.02
C GLU D 264 -24.89 -62.15 38.81
N GLY D 265 -24.21 -62.41 37.69
CA GLY D 265 -23.52 -63.65 37.45
C GLY D 265 -22.03 -63.58 37.75
N ALA D 266 -21.60 -62.61 38.55
CA ALA D 266 -20.18 -62.47 38.87
C ALA D 266 -19.66 -63.70 39.60
N ILE D 267 -18.42 -64.08 39.29
CA ILE D 267 -17.81 -65.30 39.83
C ILE D 267 -16.34 -65.04 40.13
N ASP D 268 -15.74 -65.99 40.84
CA ASP D 268 -14.31 -66.01 41.15
C ASP D 268 -13.61 -66.98 40.21
N ARG D 269 -12.34 -67.29 40.51
CA ARG D 269 -11.62 -68.29 39.72
C ARG D 269 -12.27 -69.66 39.84
N ASN D 270 -12.86 -69.97 41.00
CA ASN D 270 -13.52 -71.24 41.22
C ASN D 270 -14.98 -71.25 40.75
N GLY D 271 -15.45 -70.18 40.11
CA GLY D 271 -16.82 -70.14 39.64
C GLY D 271 -17.86 -69.86 40.70
N LYS D 272 -17.45 -69.68 41.95
CA LYS D 272 -18.42 -69.47 43.02
C LYS D 272 -19.04 -68.07 42.88
N PRO D 273 -20.35 -67.92 43.11
CA PRO D 273 -20.94 -66.57 42.98
C PRO D 273 -20.38 -65.61 44.03
N ILE D 274 -20.20 -64.36 43.61
CA ILE D 274 -19.75 -63.27 44.48
C ILE D 274 -20.98 -62.43 44.79
N SER D 275 -21.32 -62.36 46.08
CA SER D 275 -22.47 -61.60 46.54
C SER D 275 -22.06 -60.15 46.78
N SER D 276 -22.96 -59.22 46.40
CA SER D 276 -22.73 -57.81 46.70
C SER D 276 -22.64 -57.57 48.20
N SER D 277 -23.33 -58.38 49.00
CA SER D 277 -23.21 -58.28 50.46
C SER D 277 -21.78 -58.55 50.91
N TYR D 278 -21.12 -59.54 50.30
CA TYR D 278 -19.72 -59.79 50.62
C TYR D 278 -18.86 -58.57 50.30
N VAL D 279 -19.08 -57.96 49.13
CA VAL D 279 -18.26 -56.83 48.72
C VAL D 279 -18.46 -55.65 49.66
N LYS D 280 -19.70 -55.44 50.11
CA LYS D 280 -19.95 -54.40 51.11
C LYS D 280 -19.24 -54.72 52.41
N ASP D 281 -19.29 -55.98 52.85
CA ASP D 281 -18.63 -56.35 54.10
C ASP D 281 -17.11 -56.19 53.98
N LEU D 282 -16.56 -56.51 52.81
CA LEU D 282 -15.11 -56.41 52.63
C LEU D 282 -14.64 -54.96 52.66
N VAL D 283 -15.33 -54.08 51.93
CA VAL D 283 -14.90 -52.68 51.86
C VAL D 283 -15.06 -52.01 53.22
N VAL D 284 -16.14 -52.32 53.95
CA VAL D 284 -16.31 -51.77 55.28
C VAL D 284 -15.22 -52.27 56.22
N GLN D 285 -14.92 -53.57 56.14
CA GLN D 285 -13.95 -54.17 57.06
C GLN D 285 -12.56 -53.63 56.81
N ARG D 286 -12.16 -53.50 55.54
CA ARG D 286 -10.77 -53.20 55.20
C ARG D 286 -10.47 -51.72 55.07
N LEU D 287 -11.49 -50.86 54.95
CA LEU D 287 -11.31 -49.42 54.82
C LEU D 287 -12.18 -48.59 55.73
N GLY D 288 -13.31 -49.12 56.23
CA GLY D 288 -14.18 -48.36 57.09
C GLY D 288 -14.93 -47.23 56.43
N PHE D 289 -14.83 -47.08 55.11
CA PHE D 289 -15.55 -46.02 54.43
C PHE D 289 -17.04 -46.28 54.49
N ASP D 290 -17.79 -45.21 54.71
CA ASP D 290 -19.24 -45.29 54.61
C ASP D 290 -19.62 -45.72 53.19
N THR D 291 -20.49 -46.75 53.10
CA THR D 291 -20.80 -47.35 51.82
C THR D 291 -22.25 -47.81 51.82
N ARG D 292 -22.75 -48.11 50.61
CA ARG D 292 -24.11 -48.61 50.43
C ARG D 292 -24.11 -49.58 49.27
N VAL D 293 -25.20 -50.36 49.19
CA VAL D 293 -25.44 -51.31 48.11
C VAL D 293 -26.84 -51.05 47.58
N THR D 294 -26.96 -50.97 46.25
CA THR D 294 -28.23 -50.71 45.58
C THR D 294 -28.43 -51.74 44.49
N VAL D 295 -29.62 -52.34 44.46
CA VAL D 295 -30.02 -53.28 43.42
C VAL D 295 -31.10 -52.59 42.59
N LEU D 296 -30.85 -52.46 41.29
CA LEU D 296 -31.80 -51.81 40.40
C LEU D 296 -33.12 -52.57 40.31
N GLY D 297 -33.10 -53.88 40.56
CA GLY D 297 -34.34 -54.65 40.43
C GLY D 297 -34.77 -54.77 38.99
N HIS D 298 -36.08 -54.95 38.80
CA HIS D 298 -36.67 -55.11 37.48
C HIS D 298 -36.94 -53.77 36.77
N VAL D 299 -36.38 -52.66 37.27
CA VAL D 299 -36.52 -51.37 36.59
C VAL D 299 -35.97 -51.44 35.17
N GLN D 300 -34.93 -52.24 34.95
CA GLN D 300 -34.34 -52.36 33.63
C GLN D 300 -35.24 -53.07 32.64
N ARG D 301 -36.19 -53.88 33.11
CA ARG D 301 -37.06 -54.68 32.27
C ARG D 301 -38.31 -53.93 31.80
N GLY D 302 -38.42 -52.63 32.11
CA GLY D 302 -39.55 -51.83 31.66
C GLY D 302 -39.15 -50.41 31.34
N GLY D 303 -40.13 -49.56 31.09
CA GLY D 303 -39.92 -48.17 30.72
C GLY D 303 -40.06 -47.95 29.23
N THR D 304 -40.06 -46.68 28.85
CA THR D 304 -40.21 -46.33 27.44
C THR D 304 -38.93 -46.70 26.69
N PRO D 305 -38.99 -47.46 25.59
CA PRO D 305 -37.75 -47.84 24.91
C PRO D 305 -37.04 -46.66 24.28
N SER D 306 -35.72 -46.72 24.26
CA SER D 306 -34.92 -45.66 23.68
C SER D 306 -35.05 -45.70 22.15
N ALA D 307 -34.54 -44.65 21.51
CA ALA D 307 -34.68 -44.52 20.06
C ALA D 307 -33.94 -45.61 19.32
N PHE D 308 -32.76 -46.00 19.81
CA PHE D 308 -32.02 -47.08 19.17
C PHE D 308 -32.77 -48.40 19.26
N ASP D 309 -33.51 -48.61 20.35
CA ASP D 309 -34.31 -49.82 20.47
C ASP D 309 -35.42 -49.85 19.44
N ARG D 310 -36.11 -48.72 19.22
CA ARG D 310 -37.23 -48.69 18.29
C ARG D 310 -36.76 -48.91 16.86
N ILE D 311 -35.72 -48.19 16.43
CA ILE D 311 -35.22 -48.32 15.06
C ILE D 311 -34.69 -49.73 14.84
N LEU D 312 -34.00 -50.29 15.82
CA LEU D 312 -33.46 -51.63 15.66
C LEU D 312 -34.56 -52.66 15.59
N SER D 313 -35.58 -52.52 16.45
CA SER D 313 -36.70 -53.45 16.43
C SER D 313 -37.45 -53.36 15.11
N SER D 314 -37.59 -52.15 14.57
CA SER D 314 -38.30 -51.99 13.30
C SER D 314 -37.54 -52.65 12.16
N LYS D 315 -36.22 -52.48 12.11
CA LYS D 315 -35.45 -53.04 11.01
C LYS D 315 -35.41 -54.55 11.09
N MET D 316 -35.22 -55.10 12.29
CA MET D 316 -35.22 -56.55 12.44
C MET D 316 -36.60 -57.13 12.15
N GLY D 317 -37.67 -56.42 12.52
CA GLY D 317 -39.00 -56.89 12.23
C GLY D 317 -39.29 -56.93 10.74
N MET D 318 -38.87 -55.90 10.01
CA MET D 318 -39.01 -55.91 8.56
C MET D 318 -38.21 -57.05 7.94
N GLU D 319 -36.96 -57.21 8.38
CA GLU D 319 -36.12 -58.26 7.81
C GLU D 319 -36.66 -59.64 8.12
N ALA D 320 -37.27 -59.83 9.29
CA ALA D 320 -37.87 -61.11 9.62
C ALA D 320 -39.06 -61.40 8.71
N VAL D 321 -39.89 -60.39 8.42
CA VAL D 321 -41.00 -60.56 7.49
C VAL D 321 -40.47 -60.92 6.11
N MET D 322 -39.43 -60.22 5.66
CA MET D 322 -38.83 -60.53 4.37
C MET D 322 -38.29 -61.95 4.34
N ALA D 323 -37.61 -62.37 5.43
CA ALA D 323 -37.04 -63.71 5.50
C ALA D 323 -38.11 -64.79 5.42
N LEU D 324 -39.22 -64.60 6.15
CA LEU D 324 -40.30 -65.58 6.13
C LEU D 324 -40.90 -65.72 4.74
N LEU D 325 -41.14 -64.59 4.06
CA LEU D 325 -41.81 -64.64 2.77
C LEU D 325 -40.90 -65.04 1.63
N GLU D 326 -39.58 -64.93 1.79
CA GLU D 326 -38.61 -65.40 0.81
C GLU D 326 -37.99 -66.74 1.16
N ALA D 327 -38.45 -67.39 2.23
CA ALA D 327 -37.90 -68.68 2.63
C ALA D 327 -38.53 -69.79 1.80
N THR D 328 -37.89 -70.95 1.85
CA THR D 328 -38.33 -72.17 1.20
C THR D 328 -38.24 -73.32 2.20
N PRO D 329 -38.95 -74.43 1.96
CA PRO D 329 -38.90 -75.52 2.95
C PRO D 329 -37.54 -76.15 3.12
N ASP D 330 -36.75 -76.24 2.05
CA ASP D 330 -35.38 -76.73 2.18
C ASP D 330 -34.53 -75.78 3.02
N THR D 331 -34.86 -74.49 3.04
CA THR D 331 -34.06 -73.52 3.77
C THR D 331 -34.17 -73.79 5.28
N PRO D 332 -33.06 -73.82 6.03
CA PRO D 332 -33.19 -73.99 7.47
C PRO D 332 -33.66 -72.71 8.14
N ALA D 333 -34.10 -72.85 9.39
CA ALA D 333 -34.53 -71.69 10.16
C ALA D 333 -33.37 -70.73 10.36
N CYS D 334 -33.65 -69.44 10.17
CA CYS D 334 -32.65 -68.39 10.26
C CYS D 334 -33.22 -67.21 11.06
N VAL D 335 -32.31 -66.38 11.55
CA VAL D 335 -32.65 -65.20 12.35
C VAL D 335 -32.05 -63.98 11.68
N VAL D 336 -32.33 -62.80 12.23
CA VAL D 336 -31.80 -61.53 11.77
C VAL D 336 -31.00 -60.91 12.92
N THR D 337 -29.77 -60.50 12.62
CA THR D 337 -28.84 -60.00 13.64
C THR D 337 -28.11 -58.79 13.07
N LEU D 338 -27.10 -58.32 13.80
CA LEU D 338 -26.35 -57.11 13.48
C LEU D 338 -24.92 -57.49 13.14
N SER D 339 -24.47 -57.07 11.96
CA SER D 339 -23.06 -57.04 11.60
C SER D 339 -22.78 -55.64 11.09
N GLY D 340 -21.82 -54.96 11.70
CA GLY D 340 -21.62 -53.57 11.38
C GLY D 340 -22.80 -52.71 11.78
N ASN D 341 -23.55 -52.24 10.79
CA ASN D 341 -24.79 -51.50 11.02
C ASN D 341 -25.83 -51.89 9.98
N GLN D 342 -25.94 -53.20 9.75
CA GLN D 342 -26.88 -53.75 8.78
C GLN D 342 -27.48 -55.01 9.37
N SER D 343 -28.64 -55.38 8.83
CA SER D 343 -29.41 -56.52 9.32
C SER D 343 -28.98 -57.77 8.56
N VAL D 344 -28.01 -58.49 9.11
CA VAL D 344 -27.52 -59.73 8.51
C VAL D 344 -28.40 -60.88 8.96
N ARG D 345 -28.24 -62.04 8.33
CA ARG D 345 -29.05 -63.22 8.57
C ARG D 345 -28.15 -64.41 8.84
N LEU D 346 -28.41 -65.11 9.95
CA LEU D 346 -27.62 -66.24 10.43
C LEU D 346 -28.52 -67.43 10.66
N PRO D 347 -27.96 -68.65 10.70
CA PRO D 347 -28.79 -69.82 11.00
C PRO D 347 -29.01 -69.97 12.49
N LEU D 348 -30.16 -70.53 12.84
CA LEU D 348 -30.56 -70.58 14.24
C LEU D 348 -29.67 -71.53 15.02
N MET D 349 -29.50 -72.76 14.53
CA MET D 349 -28.80 -73.79 15.29
C MET D 349 -27.37 -73.39 15.62
N GLU D 350 -26.62 -72.93 14.60
CA GLU D 350 -25.20 -72.61 14.76
C GLU D 350 -24.98 -71.66 15.91
N CYS D 351 -25.76 -70.57 15.96
CA CYS D 351 -25.66 -69.65 17.08
C CYS D 351 -26.08 -70.29 18.40
N VAL D 352 -27.05 -71.21 18.38
CA VAL D 352 -27.51 -71.83 19.63
C VAL D 352 -26.39 -72.67 20.23
N GLN D 353 -25.78 -73.55 19.44
CA GLN D 353 -24.69 -74.37 19.98
C GLN D 353 -23.46 -73.54 20.33
N MET D 354 -23.21 -72.45 19.59
CA MET D 354 -22.10 -71.58 19.95
C MET D 354 -22.32 -70.94 21.32
N THR D 355 -23.55 -70.49 21.58
CA THR D 355 -23.85 -69.92 22.90
C THR D 355 -23.74 -70.97 23.99
N LYS D 356 -24.22 -72.19 23.72
CA LYS D 356 -24.14 -73.25 24.72
C LYS D 356 -22.69 -73.63 25.00
N GLU D 357 -21.86 -73.68 23.96
CA GLU D 357 -20.45 -74.01 24.16
C GLU D 357 -19.74 -72.92 24.96
N VAL D 358 -20.08 -71.66 24.71
CA VAL D 358 -19.49 -70.56 25.48
C VAL D 358 -19.89 -70.67 26.94
N GLN D 359 -21.17 -70.99 27.20
CA GLN D 359 -21.62 -71.14 28.58
C GLN D 359 -20.92 -72.31 29.25
N LYS D 360 -20.75 -73.41 28.53
CA LYS D 360 -20.06 -74.58 29.10
C LYS D 360 -18.61 -74.24 29.42
N ALA D 361 -17.93 -73.54 28.52
CA ALA D 361 -16.54 -73.16 28.76
C ALA D 361 -16.41 -72.25 29.98
N MET D 362 -17.36 -71.32 30.15
CA MET D 362 -17.36 -70.49 31.34
C MET D 362 -17.57 -71.32 32.59
N ASP D 363 -18.50 -72.28 32.54
CA ASP D 363 -18.72 -73.17 33.68
C ASP D 363 -17.51 -74.05 33.95
N ASP D 364 -16.78 -74.46 32.91
CA ASP D 364 -15.60 -75.30 33.06
C ASP D 364 -14.35 -74.55 33.51
N LYS D 365 -14.48 -73.28 33.90
CA LYS D 365 -13.39 -72.44 34.41
C LYS D 365 -12.34 -72.11 33.36
N ARG D 366 -12.60 -72.36 32.07
CA ARG D 366 -11.71 -71.96 30.99
C ARG D 366 -12.08 -70.53 30.57
N PHE D 367 -11.81 -69.61 31.49
CA PHE D 367 -12.25 -68.23 31.33
C PHE D 367 -11.56 -67.56 30.14
N ASP D 368 -10.32 -67.93 29.87
CA ASP D 368 -9.63 -67.38 28.70
C ASP D 368 -10.34 -67.79 27.43
N GLU D 369 -10.69 -69.08 27.31
CA GLU D 369 -11.36 -69.57 26.12
C GLU D 369 -12.72 -68.90 25.93
N ALA D 370 -13.44 -68.68 27.03
CA ALA D 370 -14.71 -67.97 26.93
C ALA D 370 -14.52 -66.55 26.41
N THR D 371 -13.47 -65.87 26.88
CA THR D 371 -13.18 -64.52 26.40
C THR D 371 -12.87 -64.52 24.91
N GLN D 372 -12.03 -65.44 24.47
CA GLN D 372 -11.71 -65.54 23.04
C GLN D 372 -12.94 -65.89 22.21
N LEU D 373 -13.89 -66.62 22.80
CA LEU D 373 -15.08 -67.03 22.04
C LEU D 373 -16.11 -65.92 21.93
N ARG D 374 -16.22 -65.05 22.94
CA ARG D 374 -17.15 -63.92 22.86
C ARG D 374 -16.81 -63.01 21.68
N GLY D 375 -15.54 -62.66 21.54
CA GLY D 375 -15.07 -61.80 20.47
C GLY D 375 -14.01 -60.86 21.00
N GLY D 376 -13.07 -60.49 20.12
CA GLY D 376 -12.00 -59.59 20.51
C GLY D 376 -12.46 -58.19 20.85
N SER D 377 -13.66 -57.81 20.43
CA SER D 377 -14.18 -56.49 20.78
C SER D 377 -14.34 -56.35 22.29
N PHE D 378 -14.90 -57.36 22.95
CA PHE D 378 -15.05 -57.32 24.40
C PHE D 378 -13.69 -57.25 25.09
N GLU D 379 -12.72 -58.02 24.61
CA GLU D 379 -11.38 -58.00 25.21
C GLU D 379 -10.75 -56.63 25.06
N ASN D 380 -10.92 -55.99 23.91
CA ASN D 380 -10.38 -54.64 23.72
C ASN D 380 -11.07 -53.64 24.64
N ASN D 381 -12.38 -53.81 24.83
CA ASN D 381 -13.11 -52.94 25.76
C ASN D 381 -12.60 -53.12 27.19
N TRP D 382 -12.33 -54.37 27.58
CA TRP D 382 -11.76 -54.64 28.89
C TRP D 382 -10.40 -53.96 29.04
N ASN D 383 -9.55 -54.06 28.01
CA ASN D 383 -8.25 -53.42 28.06
C ASN D 383 -8.36 -51.90 28.12
N ILE D 384 -9.32 -51.33 27.38
CA ILE D 384 -9.51 -49.88 27.41
C ILE D 384 -9.98 -49.43 28.79
N TYR D 385 -10.89 -50.19 29.40
CA TYR D 385 -11.37 -49.84 30.73
C TYR D 385 -10.26 -49.94 31.76
N LYS D 386 -9.40 -50.96 31.66
CA LYS D 386 -8.26 -51.06 32.57
C LYS D 386 -7.30 -49.90 32.39
N LEU D 387 -7.06 -49.49 31.14
CA LEU D 387 -6.12 -48.41 30.87
C LEU D 387 -6.63 -47.09 31.47
N LEU D 388 -7.93 -46.82 31.34
CA LEU D 388 -8.48 -45.52 31.69
C LEU D 388 -8.95 -45.42 33.14
N ALA D 389 -9.16 -46.55 33.82
CA ALA D 389 -9.76 -46.51 35.14
C ALA D 389 -8.84 -45.86 36.16
N HIS D 390 -7.54 -46.17 36.11
CA HIS D 390 -6.57 -45.63 37.05
C HIS D 390 -5.31 -45.19 36.32
N GLN D 391 -4.59 -44.26 36.94
CA GLN D 391 -3.40 -43.67 36.34
C GLN D 391 -2.21 -44.60 36.56
N LYS D 392 -1.77 -45.25 35.49
CA LYS D 392 -0.55 -46.04 35.57
C LYS D 392 0.65 -45.08 35.57
N PRO D 393 1.71 -45.38 36.32
CA PRO D 393 2.84 -44.43 36.38
C PRO D 393 3.58 -44.38 35.06
N PRO D 394 3.61 -43.22 34.37
CA PRO D 394 4.33 -43.19 33.09
C PRO D 394 5.83 -43.18 33.29
N LYS D 395 6.54 -43.69 32.28
CA LYS D 395 8.00 -43.83 32.32
C LYS D 395 8.69 -43.35 31.06
N GLU D 396 8.00 -43.26 29.92
CA GLU D 396 8.67 -42.90 28.67
C GLU D 396 9.14 -41.45 28.72
N LYS D 397 8.22 -40.52 29.01
CA LYS D 397 8.50 -39.10 29.09
C LYS D 397 9.15 -38.59 27.80
N SER D 398 8.44 -38.83 26.69
CA SER D 398 8.94 -38.42 25.39
C SER D 398 8.95 -36.90 25.29
N ASN D 399 9.55 -36.41 24.20
CA ASN D 399 9.64 -34.98 23.93
C ASN D 399 8.45 -34.45 23.14
N PHE D 400 7.47 -35.28 22.81
CA PHE D 400 6.36 -34.85 21.96
C PHE D 400 5.35 -34.04 22.76
N SER D 401 4.68 -33.13 22.07
CA SER D 401 3.65 -32.27 22.64
C SER D 401 2.39 -32.36 21.78
N LEU D 402 1.23 -32.17 22.42
CA LEU D 402 -0.06 -32.31 21.76
C LEU D 402 -1.00 -31.18 22.16
N ALA D 403 -1.94 -30.89 21.26
CA ALA D 403 -2.99 -29.90 21.48
C ALA D 403 -4.32 -30.48 21.02
N ILE D 404 -5.37 -30.25 21.81
CA ILE D 404 -6.71 -30.76 21.56
C ILE D 404 -7.65 -29.57 21.41
N LEU D 405 -8.54 -29.64 20.42
CA LEU D 405 -9.45 -28.56 20.07
C LEU D 405 -10.89 -29.06 20.04
N ASN D 406 -11.81 -28.15 20.36
CA ASN D 406 -13.24 -28.34 20.14
C ASN D 406 -13.71 -27.36 19.07
N VAL D 407 -14.34 -27.88 18.02
CA VAL D 407 -14.75 -27.10 16.87
C VAL D 407 -16.14 -27.57 16.44
N GLY D 408 -16.87 -26.68 15.76
CA GLY D 408 -18.23 -26.97 15.34
C GLY D 408 -19.23 -26.67 16.43
N ALA D 409 -20.49 -26.94 16.13
CA ALA D 409 -21.54 -26.72 17.11
C ALA D 409 -21.37 -27.72 18.26
N PRO D 410 -21.65 -27.33 19.51
CA PRO D 410 -21.42 -28.26 20.63
C PRO D 410 -22.36 -29.45 20.55
N ALA D 411 -21.77 -30.65 20.61
CA ALA D 411 -22.50 -31.91 20.47
C ALA D 411 -22.26 -32.76 21.70
N ALA D 412 -23.32 -33.44 22.16
CA ALA D 412 -23.26 -34.26 23.36
C ALA D 412 -22.31 -35.43 23.18
N GLY D 413 -21.11 -35.33 23.75
CA GLY D 413 -20.10 -36.37 23.62
C GLY D 413 -18.68 -35.85 23.53
N MET D 414 -18.53 -34.55 23.22
CA MET D 414 -17.20 -33.95 23.12
C MET D 414 -16.39 -34.11 24.39
N ASN D 415 -17.04 -33.92 25.55
CA ASN D 415 -16.33 -33.99 26.81
C ASN D 415 -15.79 -35.38 27.08
N ALA D 416 -16.56 -36.42 26.74
CA ALA D 416 -16.10 -37.78 26.95
C ALA D 416 -14.89 -38.09 26.08
N ALA D 417 -14.93 -37.66 24.82
CA ALA D 417 -13.80 -37.90 23.92
C ALA D 417 -12.56 -37.16 24.38
N VAL D 418 -12.72 -35.93 24.88
CA VAL D 418 -11.57 -35.16 25.33
C VAL D 418 -10.93 -35.81 26.54
N ARG D 419 -11.76 -36.27 27.49
CA ARG D 419 -11.22 -36.91 28.69
C ARG D 419 -10.45 -38.18 28.35
N SER D 420 -11.02 -39.01 27.49
CA SER D 420 -10.36 -40.25 27.09
C SER D 420 -9.05 -39.96 26.37
N ALA D 421 -9.05 -38.99 25.46
CA ALA D 421 -7.84 -38.66 24.73
C ALA D 421 -6.76 -38.10 25.65
N VAL D 422 -7.15 -37.22 26.58
CA VAL D 422 -6.18 -36.62 27.48
C VAL D 422 -5.53 -37.67 28.37
N ARG D 423 -6.33 -38.55 28.95
CA ARG D 423 -5.78 -39.56 29.86
C ARG D 423 -4.91 -40.56 29.12
N THR D 424 -5.31 -40.96 27.91
CA THR D 424 -4.48 -41.86 27.12
C THR D 424 -3.16 -41.18 26.76
N GLY D 425 -3.20 -39.89 26.44
CA GLY D 425 -1.98 -39.18 26.12
C GLY D 425 -1.06 -39.04 27.31
N ILE D 426 -1.62 -38.80 28.50
CA ILE D 426 -0.81 -38.72 29.71
C ILE D 426 -0.12 -40.05 29.99
N SER D 427 -0.80 -41.17 29.69
CA SER D 427 -0.21 -42.47 29.95
C SER D 427 1.03 -42.70 29.08
N HIS D 428 0.99 -42.25 27.83
CA HIS D 428 2.15 -42.36 26.94
C HIS D 428 3.20 -41.28 27.16
N GLY D 429 3.08 -40.46 28.21
CA GLY D 429 4.12 -39.54 28.56
C GLY D 429 4.20 -38.27 27.73
N HIS D 430 3.27 -38.07 26.79
CA HIS D 430 3.26 -36.84 26.01
C HIS D 430 2.62 -35.72 26.83
N THR D 431 3.15 -34.51 26.63
CA THR D 431 2.52 -33.32 27.20
C THR D 431 1.38 -32.89 26.28
N VAL D 432 0.18 -32.80 26.82
CA VAL D 432 -1.04 -32.56 26.03
C VAL D 432 -1.63 -31.23 26.46
N TYR D 433 -1.97 -30.40 25.48
CA TYR D 433 -2.61 -29.12 25.68
C TYR D 433 -4.07 -29.20 25.25
N VAL D 434 -4.87 -28.29 25.78
CA VAL D 434 -6.27 -28.12 25.41
C VAL D 434 -6.49 -26.66 25.07
N VAL D 435 -7.01 -26.41 23.87
CA VAL D 435 -7.21 -25.06 23.35
C VAL D 435 -8.68 -24.72 23.48
N HIS D 436 -8.98 -23.71 24.30
CA HIS D 436 -10.35 -23.26 24.45
C HIS D 436 -10.79 -22.50 23.20
N ASP D 437 -12.10 -22.52 22.93
CA ASP D 437 -12.72 -21.73 21.87
C ASP D 437 -12.23 -22.11 20.46
N GLY D 438 -11.66 -23.31 20.30
CA GLY D 438 -11.32 -23.79 18.97
C GLY D 438 -10.21 -23.00 18.30
N PHE D 439 -10.30 -22.92 16.96
CA PHE D 439 -9.26 -22.24 16.18
C PHE D 439 -9.12 -20.78 16.55
N GLU D 440 -10.23 -20.13 16.91
CA GLU D 440 -10.15 -18.73 17.35
C GLU D 440 -9.26 -18.60 18.56
N GLY D 441 -9.44 -19.47 19.55
CA GLY D 441 -8.56 -19.45 20.70
C GLY D 441 -7.13 -19.75 20.34
N LEU D 442 -6.91 -20.75 19.47
CA LEU D 442 -5.56 -21.12 19.05
C LEU D 442 -4.81 -19.93 18.46
N ALA D 443 -5.51 -19.08 17.73
CA ALA D 443 -4.92 -17.83 17.28
C ALA D 443 -4.71 -16.87 18.45
N LYS D 444 -5.65 -16.85 19.40
CA LYS D 444 -5.60 -15.96 20.56
C LYS D 444 -4.89 -16.60 21.76
N GLY D 445 -4.01 -17.56 21.52
CA GLY D 445 -3.34 -18.26 22.61
C GLY D 445 -4.31 -19.12 23.40
N GLN D 446 -4.46 -18.84 24.70
CA GLN D 446 -5.37 -19.56 25.58
C GLN D 446 -5.10 -21.07 25.57
N VAL D 447 -3.83 -21.44 25.40
CA VAL D 447 -3.40 -22.83 25.35
C VAL D 447 -2.81 -23.18 26.71
N GLN D 448 -3.30 -24.24 27.33
CA GLN D 448 -2.86 -24.66 28.64
C GLN D 448 -2.71 -26.18 28.69
N GLU D 449 -1.66 -26.64 29.35
CA GLU D 449 -1.51 -28.05 29.61
C GLU D 449 -2.59 -28.50 30.60
N VAL D 450 -2.84 -29.81 30.63
CA VAL D 450 -3.89 -30.39 31.45
C VAL D 450 -3.36 -31.69 32.05
N GLY D 451 -3.61 -31.89 33.34
CA GLY D 451 -3.21 -33.09 34.04
C GLY D 451 -4.34 -34.12 34.12
N TRP D 452 -4.02 -35.23 34.78
CA TRP D 452 -4.99 -36.31 34.93
C TRP D 452 -6.22 -35.84 35.72
N HIS D 453 -5.99 -35.29 36.91
CA HIS D 453 -7.11 -34.85 37.75
C HIS D 453 -7.85 -33.66 37.15
N ASP D 454 -7.23 -32.91 36.24
CA ASP D 454 -7.85 -31.71 35.70
C ASP D 454 -9.05 -31.99 34.78
N VAL D 455 -9.26 -33.24 34.38
CA VAL D 455 -10.36 -33.63 33.49
C VAL D 455 -11.33 -34.59 34.17
N ALA D 456 -11.35 -34.61 35.51
CA ALA D 456 -12.21 -35.56 36.22
C ALA D 456 -13.66 -35.16 36.08
N GLY D 457 -14.54 -36.16 35.90
CA GLY D 457 -15.96 -35.93 35.85
C GLY D 457 -16.49 -35.41 34.54
N TRP D 458 -15.64 -35.18 33.54
CA TRP D 458 -16.11 -34.71 32.24
C TRP D 458 -16.96 -35.73 31.51
N LEU D 459 -16.80 -37.01 31.85
CA LEU D 459 -17.54 -38.06 31.16
C LEU D 459 -19.05 -37.90 31.31
N GLY D 460 -19.50 -37.40 32.47
CA GLY D 460 -20.90 -37.36 32.79
C GLY D 460 -21.61 -36.03 32.55
N ARG D 461 -21.01 -35.15 31.76
CA ARG D 461 -21.58 -33.83 31.46
C ARG D 461 -21.60 -33.60 29.95
N GLY D 462 -22.75 -33.16 29.46
CA GLY D 462 -22.91 -32.83 28.06
C GLY D 462 -22.24 -31.52 27.71
N GLY D 463 -22.64 -30.97 26.57
CA GLY D 463 -22.05 -29.73 26.12
C GLY D 463 -20.57 -29.89 25.80
N SER D 464 -19.88 -28.74 25.79
CA SER D 464 -18.45 -28.68 25.55
C SER D 464 -17.83 -27.68 26.51
N MET D 465 -16.98 -28.16 27.42
CA MET D 465 -16.40 -27.30 28.44
C MET D 465 -15.22 -26.48 27.90
N LEU D 466 -14.45 -27.04 26.97
CA LEU D 466 -13.38 -26.26 26.36
C LEU D 466 -13.93 -25.09 25.56
N GLY D 467 -15.12 -25.24 24.99
CA GLY D 467 -15.74 -24.19 24.20
C GLY D 467 -15.43 -24.37 22.73
N THR D 468 -16.44 -24.16 21.89
CA THR D 468 -16.36 -24.40 20.45
C THR D 468 -16.79 -23.15 19.70
N LYS D 469 -16.18 -22.95 18.53
CA LYS D 469 -16.48 -21.82 17.67
C LYS D 469 -16.45 -22.27 16.22
N ARG D 470 -17.23 -21.60 15.39
CA ARG D 470 -17.34 -21.93 13.97
C ARG D 470 -16.25 -21.31 13.11
N THR D 471 -15.34 -20.53 13.71
CA THR D 471 -14.29 -19.88 12.95
C THR D 471 -13.40 -20.90 12.26
N LEU D 472 -12.82 -20.49 11.13
CA LEU D 472 -11.92 -21.30 10.31
C LEU D 472 -10.50 -20.75 10.39
N PRO D 473 -9.48 -21.58 10.08
CA PRO D 473 -8.10 -21.18 10.38
C PRO D 473 -7.47 -20.20 9.38
N LYS D 474 -7.93 -20.21 8.12
CA LYS D 474 -7.24 -19.46 7.07
C LYS D 474 -7.24 -17.96 7.34
N GLY D 475 -8.24 -17.45 8.07
CA GLY D 475 -8.29 -16.03 8.36
C GLY D 475 -7.24 -15.54 9.32
N GLN D 476 -6.66 -16.44 10.13
CA GLN D 476 -5.67 -16.09 11.15
C GLN D 476 -4.46 -17.02 11.08
N LEU D 477 -4.16 -17.54 9.89
CA LEU D 477 -3.20 -18.64 9.74
C LEU D 477 -1.81 -18.26 10.23
N GLU D 478 -1.41 -17.00 10.06
CA GLU D 478 -0.11 -16.56 10.55
C GLU D 478 -0.03 -16.68 12.07
N SER D 479 -1.09 -16.26 12.77
CA SER D 479 -1.12 -16.38 14.22
C SER D 479 -1.20 -17.85 14.65
N ILE D 480 -1.89 -18.69 13.87
CA ILE D 480 -1.95 -20.12 14.18
C ILE D 480 -0.55 -20.72 14.15
N VAL D 481 0.22 -20.41 13.10
CA VAL D 481 1.56 -20.96 12.97
C VAL D 481 2.48 -20.39 14.04
N GLU D 482 2.29 -19.13 14.40
CA GLU D 482 3.11 -18.53 15.45
C GLU D 482 2.89 -19.25 16.78
N ASN D 483 1.64 -19.53 17.12
CA ASN D 483 1.36 -20.22 18.38
C ASN D 483 1.85 -21.67 18.33
N ILE D 484 1.76 -22.32 17.17
CA ILE D 484 2.28 -23.67 17.03
C ILE D 484 3.78 -23.70 17.32
N ARG D 485 4.51 -22.76 16.74
CA ARG D 485 5.96 -22.73 16.93
C ARG D 485 6.33 -22.34 18.36
N ILE D 486 5.57 -21.42 18.96
CA ILE D 486 5.88 -21.00 20.33
C ILE D 486 5.74 -22.17 21.29
N TYR D 487 4.60 -22.85 21.27
CA TYR D 487 4.37 -23.99 22.15
C TYR D 487 5.04 -25.26 21.66
N GLY D 488 5.65 -25.26 20.47
CA GLY D 488 6.33 -26.44 19.98
C GLY D 488 5.40 -27.62 19.80
N ILE D 489 4.16 -27.37 19.36
CA ILE D 489 3.19 -28.44 19.18
C ILE D 489 3.68 -29.36 18.07
N HIS D 490 3.40 -30.67 18.24
CA HIS D 490 3.81 -31.70 17.31
C HIS D 490 2.66 -32.55 16.78
N ALA D 491 1.43 -32.29 17.20
CA ALA D 491 0.25 -32.88 16.58
C ALA D 491 -0.99 -32.23 17.17
N LEU D 492 -2.07 -32.21 16.37
CA LEU D 492 -3.35 -31.67 16.77
C LEU D 492 -4.41 -32.76 16.70
N LEU D 493 -5.24 -32.83 17.73
CA LEU D 493 -6.42 -33.71 17.76
C LEU D 493 -7.64 -32.79 17.84
N VAL D 494 -8.20 -32.47 16.69
CA VAL D 494 -9.30 -31.50 16.56
C VAL D 494 -10.60 -32.28 16.50
N VAL D 495 -11.28 -32.41 17.63
CA VAL D 495 -12.59 -33.05 17.68
C VAL D 495 -13.65 -32.01 17.35
N GLY D 496 -14.53 -32.32 16.41
CA GLY D 496 -15.55 -31.36 16.02
C GLY D 496 -16.33 -31.84 14.81
N GLY D 497 -17.20 -30.95 14.35
CA GLY D 497 -18.07 -31.23 13.21
C GLY D 497 -17.38 -31.01 11.89
N PHE D 498 -18.17 -30.62 10.88
CA PHE D 498 -17.62 -30.37 9.56
C PHE D 498 -16.59 -29.25 9.57
N GLU D 499 -16.75 -28.27 10.47
CA GLU D 499 -15.80 -27.17 10.53
C GLU D 499 -14.42 -27.68 10.94
N ALA D 500 -14.36 -28.71 11.79
CA ALA D 500 -13.08 -29.31 12.14
C ALA D 500 -12.42 -29.94 10.92
N TYR D 501 -13.18 -30.70 10.15
CA TYR D 501 -12.64 -31.36 8.97
C TYR D 501 -12.17 -30.33 7.94
N GLU D 502 -12.95 -29.28 7.72
CA GLU D 502 -12.58 -28.26 6.74
C GLU D 502 -11.33 -27.51 7.19
N GLY D 503 -11.24 -27.20 8.49
CA GLY D 503 -10.07 -26.51 8.99
C GLY D 503 -8.80 -27.33 8.86
N VAL D 504 -8.87 -28.61 9.20
CA VAL D 504 -7.70 -29.47 9.03
C VAL D 504 -7.36 -29.64 7.56
N LEU D 505 -8.36 -29.64 6.69
CA LEU D 505 -8.08 -29.71 5.26
C LEU D 505 -7.34 -28.46 4.80
N GLN D 506 -7.73 -27.30 5.32
CA GLN D 506 -7.04 -26.06 4.97
C GLN D 506 -5.59 -26.09 5.44
N LEU D 507 -5.34 -26.59 6.66
CA LEU D 507 -3.97 -26.66 7.16
C LEU D 507 -3.13 -27.62 6.34
N VAL D 508 -3.70 -28.78 5.98
CA VAL D 508 -2.96 -29.74 5.17
C VAL D 508 -2.64 -29.14 3.80
N GLU D 509 -3.61 -28.46 3.20
CA GLU D 509 -3.35 -27.83 1.91
C GLU D 509 -2.35 -26.69 2.02
N ALA D 510 -2.26 -26.05 3.19
CA ALA D 510 -1.31 -24.98 3.43
C ALA D 510 0.06 -25.48 3.85
N ARG D 511 0.28 -26.80 3.90
CA ARG D 511 1.60 -27.32 4.24
C ARG D 511 2.65 -26.95 3.19
N GLY D 512 2.24 -26.71 1.95
CA GLY D 512 3.21 -26.34 0.94
C GLY D 512 3.80 -24.97 1.17
N ARG D 513 3.02 -24.05 1.73
CA ARG D 513 3.42 -22.66 1.83
C ARG D 513 4.17 -22.33 3.12
N TYR D 514 3.98 -23.12 4.19
CA TYR D 514 4.75 -23.00 5.43
C TYR D 514 5.30 -24.35 5.84
N GLU D 515 6.34 -24.31 6.68
CA GLU D 515 6.98 -25.52 7.17
C GLU D 515 6.36 -26.05 8.45
N GLU D 516 5.84 -25.17 9.31
CA GLU D 516 5.40 -25.60 10.64
C GLU D 516 4.18 -26.51 10.56
N LEU D 517 3.33 -26.33 9.55
CA LEU D 517 2.14 -27.16 9.42
C LEU D 517 2.43 -28.58 9.00
N CYS D 518 3.70 -28.98 8.81
CA CYS D 518 4.03 -30.38 8.58
C CYS D 518 3.91 -31.16 9.89
N ILE D 519 2.66 -31.32 10.35
CA ILE D 519 2.36 -31.71 11.72
C ILE D 519 1.12 -32.61 11.68
N VAL D 520 1.11 -33.66 12.51
CA VAL D 520 0.10 -34.71 12.37
C VAL D 520 -1.22 -34.23 12.98
N MET D 521 -2.30 -34.30 12.19
CA MET D 521 -3.60 -33.74 12.56
C MET D 521 -4.69 -34.81 12.49
N CYS D 522 -5.28 -35.16 13.63
CA CYS D 522 -6.35 -36.14 13.71
C CYS D 522 -7.67 -35.44 14.02
N VAL D 523 -8.75 -35.92 13.40
CA VAL D 523 -10.08 -35.34 13.53
C VAL D 523 -11.03 -36.39 14.05
N ILE D 524 -11.74 -36.07 15.13
CA ILE D 524 -12.81 -36.92 15.68
C ILE D 524 -14.14 -36.30 15.28
N PRO D 525 -14.97 -36.98 14.47
CA PRO D 525 -16.25 -36.37 14.09
C PRO D 525 -17.22 -36.35 15.27
N ALA D 526 -17.67 -35.15 15.63
CA ALA D 526 -18.59 -34.96 16.74
C ALA D 526 -19.57 -33.84 16.38
N THR D 527 -20.74 -34.23 15.87
CA THR D 527 -21.77 -33.28 15.49
C THR D 527 -23.10 -34.01 15.40
N ILE D 528 -24.18 -33.33 15.84
CA ILE D 528 -25.48 -33.98 15.87
C ILE D 528 -25.99 -34.27 14.47
N SER D 529 -25.64 -33.43 13.49
CA SER D 529 -26.19 -33.59 12.15
C SER D 529 -25.65 -34.81 11.43
N ASN D 530 -24.53 -35.38 11.89
CA ASN D 530 -23.97 -36.59 11.30
C ASN D 530 -23.59 -36.37 9.83
N ASN D 531 -22.81 -35.32 9.59
CA ASN D 531 -22.40 -34.91 8.25
C ASN D 531 -20.90 -34.94 8.01
N VAL D 532 -20.10 -35.39 8.97
CA VAL D 532 -18.65 -35.42 8.77
C VAL D 532 -18.31 -36.61 7.88
N PRO D 533 -17.53 -36.47 6.81
CA PRO D 533 -17.25 -37.63 5.95
C PRO D 533 -16.36 -38.65 6.63
N GLY D 534 -16.39 -39.87 6.10
CA GLY D 534 -15.49 -40.92 6.52
C GLY D 534 -15.95 -41.76 7.69
N THR D 535 -17.13 -41.49 8.25
CA THR D 535 -17.68 -42.23 9.38
C THR D 535 -19.14 -42.58 9.08
N ASP D 536 -19.65 -43.55 9.85
CA ASP D 536 -21.06 -43.93 9.80
C ASP D 536 -21.89 -43.25 10.88
N PHE D 537 -21.35 -43.11 12.08
CA PHE D 537 -21.95 -42.35 13.17
C PHE D 537 -21.00 -41.26 13.61
N SER D 538 -21.54 -40.07 13.82
CA SER D 538 -20.81 -38.96 14.41
C SER D 538 -21.12 -38.91 15.90
N LEU D 539 -20.09 -38.67 16.69
CA LEU D 539 -20.22 -38.61 18.14
C LEU D 539 -21.23 -37.55 18.56
N GLY D 540 -22.34 -37.99 19.15
CA GLY D 540 -23.39 -37.11 19.62
C GLY D 540 -24.64 -37.12 18.78
N SER D 541 -24.71 -37.93 17.72
CA SER D 541 -25.94 -38.04 16.97
C SER D 541 -27.04 -38.71 17.79
N ASP D 542 -26.68 -39.77 18.53
CA ASP D 542 -27.67 -40.58 19.23
C ASP D 542 -28.42 -39.77 20.28
N THR D 543 -27.74 -38.82 20.94
CA THR D 543 -28.41 -37.97 21.90
C THR D 543 -29.47 -37.11 21.21
N ALA D 544 -29.14 -36.57 20.04
CA ALA D 544 -30.08 -35.70 19.34
C ALA D 544 -31.28 -36.48 18.82
N VAL D 545 -31.05 -37.70 18.35
CA VAL D 545 -32.15 -38.57 17.93
C VAL D 545 -33.10 -38.83 19.09
N ASN D 546 -32.53 -39.11 20.26
CA ASN D 546 -33.36 -39.43 21.42
C ASN D 546 -34.10 -38.20 21.93
N ALA D 547 -33.45 -37.04 21.93
CA ALA D 547 -34.11 -35.81 22.37
C ALA D 547 -35.29 -35.49 21.47
N ALA D 548 -35.08 -35.55 20.15
CA ALA D 548 -36.18 -35.35 19.22
C ALA D 548 -37.24 -36.44 19.36
N MET D 549 -36.85 -37.63 19.81
CA MET D 549 -37.82 -38.71 19.99
C MET D 549 -38.80 -38.36 21.10
N GLU D 550 -38.30 -37.94 22.28
CA GLU D 550 -39.20 -37.56 23.35
C GLU D 550 -40.08 -36.39 22.93
N SER D 551 -39.48 -35.37 22.29
CA SER D 551 -40.22 -34.19 21.88
C SER D 551 -41.37 -34.55 20.95
N CYS D 552 -41.12 -35.42 19.97
CA CYS D 552 -42.17 -35.78 19.03
C CYS D 552 -43.25 -36.64 19.69
N ASP D 553 -42.86 -37.52 20.63
CA ASP D 553 -43.86 -38.31 21.34
C ASP D 553 -44.76 -37.41 22.18
N ARG D 554 -44.18 -36.37 22.77
CA ARG D 554 -44.97 -35.44 23.57
C ARG D 554 -45.93 -34.66 22.69
N ILE D 555 -45.49 -34.27 21.50
CA ILE D 555 -46.36 -33.58 20.55
C ILE D 555 -47.49 -34.49 20.10
N LYS D 556 -47.20 -35.77 19.89
CA LYS D 556 -48.25 -36.69 19.43
C LYS D 556 -49.28 -36.94 20.52
N GLN D 557 -48.85 -37.01 21.78
CA GLN D 557 -49.81 -37.14 22.87
C GLN D 557 -50.70 -35.91 22.94
N SER D 558 -50.11 -34.71 22.77
CA SER D 558 -50.91 -33.49 22.72
C SER D 558 -51.85 -33.52 21.52
N ALA D 559 -51.38 -34.03 20.38
CA ALA D 559 -52.22 -34.10 19.19
C ALA D 559 -53.40 -35.04 19.41
N SER D 560 -53.14 -36.23 19.96
CA SER D 560 -54.24 -37.16 20.24
C SER D 560 -55.20 -36.58 21.27
N GLY D 561 -54.72 -35.69 22.15
CA GLY D 561 -55.61 -35.02 23.07
C GLY D 561 -56.66 -34.18 22.37
N THR D 562 -56.26 -33.45 21.33
CA THR D 562 -57.18 -32.71 20.46
C THR D 562 -57.37 -33.53 19.20
N LYS D 563 -58.41 -34.39 19.20
CA LYS D 563 -58.72 -35.22 18.04
C LYS D 563 -58.87 -34.36 16.79
N ARG D 564 -58.45 -34.93 15.65
CA ARG D 564 -58.39 -34.23 14.38
C ARG D 564 -57.43 -33.05 14.45
N ARG D 565 -56.14 -33.39 14.48
CA ARG D 565 -55.06 -32.42 14.47
C ARG D 565 -53.84 -32.99 13.78
N VAL D 566 -53.08 -32.11 13.13
CA VAL D 566 -51.82 -32.44 12.47
C VAL D 566 -50.78 -31.44 12.95
N PHE D 567 -49.52 -31.89 13.06
CA PHE D 567 -48.41 -31.08 13.50
C PHE D 567 -47.29 -31.08 12.47
N ILE D 568 -46.70 -29.91 12.26
CA ILE D 568 -45.53 -29.73 11.39
C ILE D 568 -44.34 -29.43 12.30
N VAL D 569 -43.42 -30.38 12.42
CA VAL D 569 -42.26 -30.24 13.30
C VAL D 569 -41.03 -30.03 12.44
N GLU D 570 -40.28 -28.97 12.75
CA GLU D 570 -39.08 -28.60 12.02
C GLU D 570 -37.86 -29.00 12.87
N THR D 571 -37.08 -29.95 12.39
CA THR D 571 -35.91 -30.47 13.08
C THR D 571 -34.63 -29.98 12.42
N MET D 572 -33.56 -29.89 13.21
CA MET D 572 -32.26 -29.48 12.70
C MET D 572 -31.65 -30.61 11.86
N GLY D 573 -30.37 -30.45 11.51
CA GLY D 573 -29.63 -31.41 10.72
C GLY D 573 -28.88 -30.79 9.56
N GLY D 574 -28.74 -29.46 9.54
CA GLY D 574 -28.16 -28.76 8.42
C GLY D 574 -28.92 -29.06 7.14
N TYR D 575 -28.26 -29.77 6.23
CA TYR D 575 -28.89 -30.35 5.05
C TYR D 575 -29.08 -31.86 5.16
N CYS D 576 -28.23 -32.55 5.93
CA CYS D 576 -28.40 -33.98 6.15
C CYS D 576 -29.73 -34.25 6.85
N GLY D 577 -30.51 -35.14 6.27
CA GLY D 577 -31.77 -35.55 6.85
C GLY D 577 -31.66 -36.78 7.73
N TYR D 578 -30.44 -37.10 8.17
CA TYR D 578 -30.25 -38.25 9.06
C TYR D 578 -31.08 -38.10 10.32
N LEU D 579 -31.00 -36.94 10.97
CA LEU D 579 -31.70 -36.72 12.22
C LEU D 579 -33.22 -36.75 12.02
N ALA D 580 -33.70 -36.12 10.95
CA ALA D 580 -35.14 -36.12 10.69
C ALA D 580 -35.64 -37.51 10.31
N THR D 581 -34.87 -38.24 9.50
CA THR D 581 -35.31 -39.56 9.05
C THR D 581 -35.41 -40.53 10.21
N VAL D 582 -34.37 -40.61 11.03
CA VAL D 582 -34.36 -41.58 12.12
C VAL D 582 -35.40 -41.22 13.17
N THR D 583 -35.60 -39.93 13.43
CA THR D 583 -36.63 -39.54 14.39
C THR D 583 -38.02 -39.88 13.86
N GLY D 584 -38.25 -39.66 12.57
CA GLY D 584 -39.54 -40.02 11.99
C GLY D 584 -39.83 -41.50 12.08
N ILE D 585 -38.80 -42.33 11.88
CA ILE D 585 -38.94 -43.76 12.11
C ILE D 585 -39.21 -44.03 13.59
N ALA D 586 -38.59 -43.25 14.48
CA ALA D 586 -38.68 -43.54 15.90
C ALA D 586 -40.09 -43.33 16.44
N VAL D 587 -40.83 -42.36 15.90
CA VAL D 587 -42.14 -41.96 16.42
C VAL D 587 -43.25 -42.17 15.38
N GLY D 588 -43.01 -42.94 14.33
CA GLY D 588 -44.04 -43.31 13.38
C GLY D 588 -44.69 -42.14 12.67
N ALA D 589 -43.88 -41.24 12.14
CA ALA D 589 -44.41 -40.09 11.42
C ALA D 589 -45.10 -40.53 10.13
N ASP D 590 -46.08 -39.73 9.71
CA ASP D 590 -46.77 -40.04 8.45
C ASP D 590 -45.89 -39.78 7.24
N ALA D 591 -44.96 -38.82 7.34
CA ALA D 591 -43.99 -38.57 6.29
C ALA D 591 -42.97 -37.58 6.82
N ALA D 592 -41.71 -37.76 6.43
CA ALA D 592 -40.60 -36.91 6.84
C ALA D 592 -39.95 -36.34 5.58
N TYR D 593 -40.04 -35.03 5.40
CA TYR D 593 -39.48 -34.39 4.21
C TYR D 593 -38.02 -34.05 4.44
N VAL D 594 -37.20 -34.30 3.41
CA VAL D 594 -35.75 -34.21 3.52
C VAL D 594 -35.20 -33.77 2.17
N PHE D 595 -34.11 -33.00 2.21
CA PHE D 595 -33.46 -32.53 0.99
C PHE D 595 -33.04 -33.68 0.09
N GLU D 596 -32.47 -34.73 0.68
CA GLU D 596 -32.02 -35.91 -0.07
C GLU D 596 -33.15 -36.63 -0.80
N ASP D 597 -34.41 -36.34 -0.48
CA ASP D 597 -35.58 -36.89 -1.18
C ASP D 597 -36.34 -35.68 -1.76
N PRO D 598 -36.05 -35.27 -3.00
CA PRO D 598 -36.74 -34.10 -3.56
C PRO D 598 -38.25 -34.32 -3.67
N PHE D 599 -38.98 -33.24 -3.41
CA PHE D 599 -40.44 -33.27 -3.41
C PHE D 599 -40.97 -31.99 -4.04
N ASN D 600 -42.03 -32.12 -4.82
CA ASN D 600 -42.71 -31.00 -5.46
C ASN D 600 -44.07 -30.79 -4.80
N ILE D 601 -44.88 -29.90 -5.38
CA ILE D 601 -46.19 -29.62 -4.80
C ILE D 601 -47.10 -30.83 -4.94
N HIS D 602 -46.96 -31.61 -6.01
CA HIS D 602 -47.85 -32.75 -6.23
C HIS D 602 -47.69 -33.79 -5.13
N ASP D 603 -46.47 -33.99 -4.64
CA ASP D 603 -46.26 -34.90 -3.53
C ASP D 603 -46.95 -34.40 -2.27
N LEU D 604 -46.95 -33.09 -2.06
CA LEU D 604 -47.62 -32.52 -0.89
C LEU D 604 -49.14 -32.68 -0.98
N LYS D 605 -49.70 -32.48 -2.18
CA LYS D 605 -51.11 -32.76 -2.37
C LYS D 605 -51.41 -34.23 -2.12
N VAL D 606 -50.52 -35.11 -2.57
CA VAL D 606 -50.70 -36.54 -2.35
C VAL D 606 -50.67 -36.85 -0.86
N ASN D 607 -49.79 -36.17 -0.12
CA ASN D 607 -49.71 -36.39 1.32
C ASN D 607 -50.95 -35.87 2.02
N VAL D 608 -51.49 -34.74 1.55
CA VAL D 608 -52.67 -34.16 2.19
C VAL D 608 -53.87 -35.09 2.03
N GLU D 609 -54.10 -35.58 0.81
CA GLU D 609 -55.23 -36.48 0.59
C GLU D 609 -55.06 -37.77 1.37
N HIS D 610 -53.83 -38.26 1.50
CA HIS D 610 -53.58 -39.41 2.37
C HIS D 610 -53.94 -39.09 3.82
N MET D 611 -53.63 -37.86 4.25
CA MET D 611 -53.96 -37.46 5.62
C MET D 611 -55.47 -37.40 5.83
N THR D 612 -56.21 -36.92 4.83
CA THR D 612 -57.67 -36.91 4.93
C THR D 612 -58.22 -38.32 4.99
N GLU D 613 -57.64 -39.23 4.21
CA GLU D 613 -58.05 -40.64 4.27
C GLU D 613 -57.84 -41.21 5.66
N LYS D 614 -56.68 -40.93 6.27
CA LYS D 614 -56.43 -41.41 7.63
C LYS D 614 -57.39 -40.77 8.62
N MET D 615 -57.74 -39.49 8.39
CA MET D 615 -58.60 -38.80 9.33
C MET D 615 -60.03 -39.31 9.32
N LYS D 616 -60.42 -40.05 8.28
CA LYS D 616 -61.72 -40.72 8.30
C LYS D 616 -61.74 -41.90 9.27
N THR D 617 -60.59 -42.41 9.67
CA THR D 617 -60.51 -43.60 10.52
C THR D 617 -60.57 -43.20 11.99
N ASP D 618 -60.32 -44.16 12.89
CA ASP D 618 -60.40 -43.90 14.31
C ASP D 618 -59.22 -43.06 14.80
N ILE D 619 -58.02 -43.36 14.32
CA ILE D 619 -56.83 -42.62 14.73
C ILE D 619 -56.81 -41.30 13.98
N GLN D 620 -57.40 -40.28 14.60
CA GLN D 620 -57.58 -38.97 13.98
C GLN D 620 -56.49 -38.04 14.49
N ARG D 621 -55.28 -38.25 13.97
CA ARG D 621 -54.12 -37.45 14.33
C ARG D 621 -53.21 -37.40 13.12
N GLY D 622 -52.01 -36.85 13.31
CA GLY D 622 -51.02 -36.84 12.26
C GLY D 622 -49.73 -36.25 12.78
N LEU D 623 -48.69 -36.40 11.97
CA LEU D 623 -47.38 -35.86 12.28
C LEU D 623 -46.53 -35.93 11.03
N VAL D 624 -45.77 -34.87 10.78
CA VAL D 624 -44.80 -34.84 9.70
C VAL D 624 -43.56 -34.12 10.19
N LEU D 625 -42.39 -34.65 9.85
CA LEU D 625 -41.11 -34.07 10.21
C LEU D 625 -40.54 -33.35 8.99
N ARG D 626 -40.03 -32.15 9.22
CA ARG D 626 -39.40 -31.34 8.18
C ARG D 626 -37.97 -31.06 8.61
N ASN D 627 -37.01 -31.46 7.80
CA ASN D 627 -35.64 -31.04 8.06
C ASN D 627 -35.58 -29.53 7.96
N GLU D 628 -34.68 -28.92 8.74
CA GLU D 628 -34.68 -27.46 8.91
C GLU D 628 -34.51 -26.72 7.59
N LYS D 629 -33.89 -27.34 6.60
CA LYS D 629 -33.65 -26.74 5.29
C LYS D 629 -33.86 -27.78 4.20
N CYS D 630 -34.99 -28.50 4.27
CA CYS D 630 -35.31 -29.51 3.27
C CYS D 630 -35.69 -28.91 1.93
N HIS D 631 -36.07 -27.64 1.90
CA HIS D 631 -36.47 -26.98 0.67
C HIS D 631 -36.22 -25.49 0.81
N ASP D 632 -35.84 -24.86 -0.29
CA ASP D 632 -35.41 -23.47 -0.25
C ASP D 632 -36.58 -22.49 -0.26
N TYR D 633 -37.71 -22.87 -0.86
CA TYR D 633 -38.94 -22.05 -0.88
C TYR D 633 -40.02 -22.58 0.05
N TYR D 634 -40.20 -23.90 0.14
CA TYR D 634 -41.27 -24.49 0.94
C TYR D 634 -40.85 -24.53 2.41
N THR D 635 -40.86 -23.35 3.02
CA THR D 635 -40.61 -23.25 4.46
C THR D 635 -41.76 -23.90 5.22
N THR D 636 -41.56 -24.07 6.54
CA THR D 636 -42.58 -24.72 7.36
C THR D 636 -43.88 -23.95 7.38
N GLU D 637 -43.81 -22.62 7.28
CA GLU D 637 -45.03 -21.81 7.23
C GLU D 637 -45.83 -22.08 5.95
N PHE D 638 -45.14 -22.34 4.84
CA PHE D 638 -45.83 -22.74 3.61
C PHE D 638 -46.64 -24.01 3.86
N LEU D 639 -46.01 -25.01 4.49
CA LEU D 639 -46.71 -26.28 4.72
C LEU D 639 -47.90 -26.10 5.65
N TYR D 640 -47.79 -25.22 6.64
CA TYR D 640 -48.91 -24.97 7.53
C TYR D 640 -50.07 -24.32 6.79
N ASN D 641 -49.77 -23.34 5.94
CA ASN D 641 -50.82 -22.71 5.14
C ASN D 641 -51.48 -23.71 4.20
N LEU D 642 -50.67 -24.56 3.57
CA LEU D 642 -51.23 -25.55 2.65
C LEU D 642 -52.11 -26.56 3.38
N TYR D 643 -51.64 -27.05 4.54
CA TYR D 643 -52.41 -28.06 5.26
C TYR D 643 -53.68 -27.48 5.85
N SER D 644 -53.58 -26.30 6.48
CA SER D 644 -54.78 -25.67 7.04
C SER D 644 -55.80 -25.32 5.97
N SER D 645 -55.34 -25.10 4.73
CA SER D 645 -56.25 -24.80 3.63
C SER D 645 -56.97 -26.06 3.16
N GLU D 646 -56.19 -27.05 2.68
CA GLU D 646 -56.78 -28.23 2.07
C GLU D 646 -57.47 -29.15 3.07
N GLY D 647 -57.25 -28.96 4.37
CA GLY D 647 -57.92 -29.73 5.40
C GLY D 647 -59.02 -28.97 6.11
N LYS D 648 -59.48 -27.86 5.52
CA LYS D 648 -60.51 -27.04 6.15
C LYS D 648 -61.80 -27.83 6.32
N GLY D 649 -62.38 -27.74 7.51
CA GLY D 649 -63.57 -28.49 7.83
C GLY D 649 -63.34 -29.92 8.27
N VAL D 650 -62.09 -30.41 8.24
CA VAL D 650 -61.74 -31.76 8.63
C VAL D 650 -60.78 -31.79 9.80
N PHE D 651 -59.83 -30.85 9.84
CA PHE D 651 -58.86 -30.79 10.93
C PHE D 651 -58.19 -29.42 10.87
N ASP D 652 -57.28 -29.18 11.81
CA ASP D 652 -56.45 -27.98 11.87
C ASP D 652 -54.98 -28.41 11.93
N CYS D 653 -54.10 -27.41 11.97
CA CYS D 653 -52.67 -27.64 11.84
C CYS D 653 -51.91 -26.70 12.77
N ARG D 654 -50.70 -27.11 13.13
CA ARG D 654 -49.81 -26.30 13.97
C ARG D 654 -48.37 -26.56 13.56
N THR D 655 -47.47 -25.69 14.03
CA THR D 655 -46.06 -25.76 13.73
C THR D 655 -45.24 -25.62 15.00
N ASN D 656 -44.15 -26.37 15.06
CA ASN D 656 -43.21 -26.33 16.18
C ASN D 656 -41.80 -26.46 15.65
N VAL D 657 -40.87 -25.72 16.26
CA VAL D 657 -39.47 -25.69 15.86
C VAL D 657 -38.66 -26.20 17.05
N LEU D 658 -38.17 -27.42 16.95
CA LEU D 658 -37.25 -27.97 17.94
C LEU D 658 -35.91 -27.32 17.67
N GLY D 659 -35.67 -26.19 18.33
CA GLY D 659 -34.45 -25.43 18.09
C GLY D 659 -33.24 -26.11 18.69
N HIS D 660 -32.51 -25.40 19.54
CA HIS D 660 -31.32 -26.00 20.16
C HIS D 660 -31.67 -27.03 21.25
N LEU D 661 -32.94 -27.35 21.47
CA LEU D 661 -33.32 -28.47 22.32
C LEU D 661 -32.83 -29.79 21.76
N GLN D 662 -32.64 -29.90 20.45
CA GLN D 662 -32.19 -31.15 19.87
C GLN D 662 -30.75 -31.49 20.20
N GLN D 663 -29.98 -30.58 20.80
CA GLN D 663 -28.64 -30.91 21.24
C GLN D 663 -28.63 -31.74 22.53
N GLY D 664 -29.78 -31.92 23.18
CA GLY D 664 -29.90 -32.90 24.23
C GLY D 664 -29.16 -32.56 25.50
N GLY D 665 -29.44 -33.30 26.57
CA GLY D 665 -28.85 -33.08 27.87
C GLY D 665 -27.68 -34.02 28.13
N ALA D 666 -27.84 -34.89 29.11
CA ALA D 666 -26.79 -35.85 29.41
C ALA D 666 -26.65 -36.83 28.24
N PRO D 667 -25.44 -37.12 27.74
CA PRO D 667 -25.33 -38.04 26.61
C PRO D 667 -25.75 -39.46 26.98
N THR D 668 -26.27 -40.16 25.98
CA THR D 668 -26.80 -41.50 26.14
C THR D 668 -25.66 -42.50 26.29
N PRO D 669 -25.96 -43.78 26.63
CA PRO D 669 -24.90 -44.80 26.70
C PRO D 669 -23.94 -44.88 25.52
N PHE D 670 -24.49 -44.95 24.30
CA PHE D 670 -23.64 -45.15 23.14
C PHE D 670 -22.68 -43.98 22.93
N ASP D 671 -23.15 -42.76 23.20
CA ASP D 671 -22.30 -41.59 22.96
C ASP D 671 -21.13 -41.53 23.94
N ARG D 672 -21.36 -41.90 25.20
CA ARG D 672 -20.26 -41.95 26.16
C ARG D 672 -19.25 -43.02 25.77
N ASN D 673 -19.74 -44.22 25.43
CA ASN D 673 -18.84 -45.29 25.01
C ASN D 673 -18.11 -44.94 23.73
N TYR D 674 -18.84 -44.39 22.75
CA TYR D 674 -18.22 -44.06 21.47
C TYR D 674 -17.18 -42.95 21.63
N GLY D 675 -17.46 -41.97 22.49
CA GLY D 675 -16.47 -40.94 22.76
C GLY D 675 -15.23 -41.48 23.42
N THR D 676 -15.39 -42.37 24.40
CA THR D 676 -14.24 -42.95 25.08
C THR D 676 -13.41 -43.79 24.12
N LYS D 677 -14.07 -44.66 23.36
CA LYS D 677 -13.34 -45.56 22.47
C LYS D 677 -12.61 -44.79 21.38
N LEU D 678 -13.24 -43.76 20.82
CA LEU D 678 -12.58 -42.95 19.80
C LEU D 678 -11.40 -42.20 20.38
N GLY D 679 -11.55 -41.66 21.60
CA GLY D 679 -10.45 -40.92 22.20
C GLY D 679 -9.22 -41.77 22.43
N VAL D 680 -9.42 -43.01 22.92
CA VAL D 680 -8.28 -43.90 23.13
C VAL D 680 -7.64 -44.25 21.79
N LYS D 681 -8.43 -44.78 20.85
CA LYS D 681 -7.87 -45.31 19.60
C LYS D 681 -7.26 -44.20 18.75
N ALA D 682 -7.88 -43.01 18.75
CA ALA D 682 -7.29 -41.88 18.03
C ALA D 682 -5.94 -41.50 18.62
N MET D 683 -5.85 -41.48 19.95
CA MET D 683 -4.59 -41.12 20.59
C MET D 683 -3.51 -42.17 20.32
N LEU D 684 -3.90 -43.45 20.28
CA LEU D 684 -2.93 -44.50 20.00
C LEU D 684 -2.39 -44.39 18.58
N TRP D 685 -3.28 -44.16 17.60
CA TRP D 685 -2.81 -43.96 16.24
C TRP D 685 -1.93 -42.74 16.13
N LEU D 686 -2.28 -41.67 16.86
CA LEU D 686 -1.50 -40.45 16.79
C LEU D 686 -0.10 -40.65 17.35
N SER D 687 0.01 -41.35 18.47
CA SER D 687 1.32 -41.66 19.03
C SER D 687 2.14 -42.55 18.11
N GLU D 688 1.47 -43.49 17.43
CA GLU D 688 2.18 -44.39 16.53
C GLU D 688 2.81 -43.63 15.37
N LYS D 689 2.03 -42.78 14.70
CA LYS D 689 2.57 -42.03 13.57
C LYS D 689 3.58 -40.98 14.03
N LEU D 690 3.37 -40.40 15.21
CA LEU D 690 4.31 -39.38 15.69
C LEU D 690 5.67 -40.00 15.98
N ARG D 691 5.69 -41.22 16.52
CA ARG D 691 6.94 -41.94 16.67
C ARG D 691 7.51 -42.41 15.34
N GLU D 692 6.66 -42.57 14.32
CA GLU D 692 7.15 -43.07 13.04
C GLU D 692 7.94 -42.00 12.28
N VAL D 693 7.47 -40.75 12.34
CA VAL D 693 8.01 -39.68 11.51
C VAL D 693 9.07 -38.84 12.22
N TYR D 694 9.48 -39.23 13.43
CA TYR D 694 10.53 -38.53 14.15
C TYR D 694 11.88 -39.09 13.72
N ARG D 695 12.73 -38.24 13.14
CA ARG D 695 14.00 -38.68 12.61
C ARG D 695 14.98 -37.52 12.55
N LYS D 696 16.25 -37.82 12.88
CA LYS D 696 17.35 -36.85 12.89
C LYS D 696 17.04 -35.64 13.77
N GLY D 697 16.23 -35.83 14.81
CA GLY D 697 16.03 -34.82 15.84
C GLY D 697 15.00 -33.75 15.54
N ARG D 698 14.13 -33.94 14.56
CA ARG D 698 13.08 -32.98 14.30
C ARG D 698 11.90 -33.70 13.66
N VAL D 699 10.70 -33.39 14.16
CA VAL D 699 9.48 -33.94 13.59
C VAL D 699 9.25 -33.33 12.21
N PHE D 700 8.74 -34.15 11.28
CA PHE D 700 8.45 -33.68 9.93
C PHE D 700 7.40 -34.62 9.34
N ALA D 701 6.18 -34.10 9.16
CA ALA D 701 5.03 -34.86 8.69
C ALA D 701 4.51 -34.19 7.43
N ASN D 702 4.77 -34.79 6.27
CA ASN D 702 4.39 -34.25 4.96
C ASN D 702 3.45 -35.13 4.17
N ALA D 703 3.52 -36.45 4.35
CA ALA D 703 2.70 -37.35 3.57
C ALA D 703 1.22 -37.17 3.92
N PRO D 704 0.30 -37.53 3.02
CA PRO D 704 -1.13 -37.32 3.32
C PRO D 704 -1.64 -38.17 4.47
N ASP D 705 -1.02 -39.32 4.73
CA ASP D 705 -1.43 -40.18 5.84
C ASP D 705 -1.18 -39.55 7.21
N SER D 706 -0.45 -38.43 7.28
CA SER D 706 -0.26 -37.72 8.53
C SER D 706 -1.49 -36.92 8.96
N ALA D 707 -2.56 -36.89 8.18
CA ALA D 707 -3.79 -36.22 8.59
C ALA D 707 -4.97 -37.10 8.22
N CYS D 708 -5.71 -37.56 9.24
CA CYS D 708 -6.80 -38.50 9.04
C CYS D 708 -7.96 -38.18 9.96
N VAL D 709 -9.12 -38.75 9.61
CA VAL D 709 -10.37 -38.62 10.37
C VAL D 709 -10.66 -40.00 10.93
N ILE D 710 -10.56 -40.17 12.25
CA ILE D 710 -10.96 -41.42 12.88
C ILE D 710 -12.46 -41.58 12.75
N GLY D 711 -12.91 -42.75 12.34
CA GLY D 711 -14.33 -43.00 12.17
C GLY D 711 -14.64 -44.47 12.21
N LEU D 712 -15.83 -44.79 12.71
CA LEU D 712 -16.32 -46.16 12.71
C LEU D 712 -16.90 -46.46 11.33
N LYS D 713 -16.18 -47.24 10.53
CA LYS D 713 -16.67 -47.62 9.20
C LYS D 713 -17.76 -48.67 9.34
N LYS D 714 -18.10 -49.34 8.23
CA LYS D 714 -19.19 -50.33 8.24
C LYS D 714 -18.97 -51.38 9.31
N LYS D 715 -17.75 -51.91 9.41
CA LYS D 715 -17.43 -52.95 10.39
C LYS D 715 -16.78 -52.38 11.65
N ALA D 716 -15.62 -51.73 11.50
CA ALA D 716 -14.81 -51.32 12.65
C ALA D 716 -14.10 -50.02 12.32
N VAL D 717 -13.12 -49.65 13.14
CA VAL D 717 -12.45 -48.36 13.03
C VAL D 717 -11.51 -48.37 11.84
N ALA D 718 -11.40 -47.21 11.16
CA ALA D 718 -10.45 -47.00 10.10
C ALA D 718 -10.08 -45.53 10.06
N PHE D 719 -8.85 -45.25 9.63
CA PHE D 719 -8.30 -43.89 9.56
C PHE D 719 -8.20 -43.51 8.08
N SER D 720 -9.13 -42.66 7.63
CA SER D 720 -9.17 -42.19 6.26
C SER D 720 -8.35 -40.90 6.14
N PRO D 721 -7.45 -40.75 5.14
CA PRO D 721 -6.74 -39.47 5.00
C PRO D 721 -7.70 -38.32 4.74
N VAL D 722 -7.40 -37.16 5.33
CA VAL D 722 -8.34 -36.04 5.28
C VAL D 722 -8.47 -35.51 3.85
N THR D 723 -7.36 -35.48 3.11
CA THR D 723 -7.41 -34.96 1.74
C THR D 723 -8.12 -35.93 0.81
N GLU D 724 -7.91 -37.24 1.01
CA GLU D 724 -8.54 -38.23 0.15
C GLU D 724 -10.06 -38.19 0.25
N LEU D 725 -10.60 -37.83 1.42
CA LEU D 725 -12.04 -37.68 1.58
C LEU D 725 -12.60 -36.49 0.80
N LYS D 726 -11.75 -35.58 0.32
CA LYS D 726 -12.22 -34.37 -0.35
C LYS D 726 -13.06 -34.68 -1.58
N LYS D 727 -12.76 -35.77 -2.29
CA LYS D 727 -13.55 -36.12 -3.47
C LYS D 727 -14.92 -36.69 -3.13
N ASP D 728 -15.20 -36.98 -1.86
CA ASP D 728 -16.47 -37.55 -1.41
C ASP D 728 -17.20 -36.61 -0.45
N THR D 729 -16.96 -35.31 -0.56
CA THR D 729 -17.54 -34.29 0.31
C THR D 729 -18.17 -33.19 -0.55
N ASP D 730 -19.35 -32.75 -0.15
CA ASP D 730 -20.10 -31.68 -0.83
C ASP D 730 -19.93 -30.42 0.01
N PHE D 731 -18.88 -29.66 -0.31
CA PHE D 731 -18.58 -28.44 0.44
C PHE D 731 -19.63 -27.35 0.26
N GLU D 732 -20.45 -27.44 -0.79
CA GLU D 732 -21.54 -26.47 -0.96
C GLU D 732 -22.56 -26.60 0.16
N HIS D 733 -22.96 -27.84 0.47
CA HIS D 733 -23.98 -28.12 1.47
C HIS D 733 -23.43 -28.77 2.73
N ARG D 734 -22.12 -29.06 2.78
CA ARG D 734 -21.47 -29.58 3.99
C ARG D 734 -22.05 -30.95 4.37
N MET D 735 -21.86 -31.92 3.48
CA MET D 735 -22.26 -33.29 3.73
C MET D 735 -21.60 -34.19 2.69
N PRO D 736 -21.42 -35.48 2.99
CA PRO D 736 -20.80 -36.38 2.01
C PRO D 736 -21.69 -36.61 0.80
N ARG D 737 -21.05 -37.01 -0.30
CA ARG D 737 -21.77 -37.31 -1.53
C ARG D 737 -22.77 -38.44 -1.33
N GLU D 738 -22.30 -39.54 -0.74
CA GLU D 738 -23.10 -40.71 -0.46
C GLU D 738 -23.23 -40.88 1.04
N GLN D 739 -24.41 -41.31 1.48
CA GLN D 739 -24.70 -41.61 2.87
C GLN D 739 -25.35 -42.98 2.97
N TRP D 740 -25.03 -43.69 4.05
CA TRP D 740 -25.52 -45.06 4.21
C TRP D 740 -26.98 -45.14 4.64
N TRP D 741 -27.48 -44.12 5.33
CA TRP D 741 -28.81 -44.15 5.92
C TRP D 741 -29.93 -43.85 4.91
N LEU D 742 -29.63 -43.72 3.62
CA LEU D 742 -30.69 -43.49 2.64
C LEU D 742 -31.67 -44.65 2.55
N SER D 743 -31.24 -45.86 2.91
CA SER D 743 -32.13 -47.01 2.88
C SER D 743 -33.28 -46.88 3.87
N LEU D 744 -33.07 -46.15 4.97
CA LEU D 744 -34.07 -46.09 6.03
C LEU D 744 -35.33 -45.34 5.59
N ARG D 745 -35.23 -44.49 4.57
CA ARG D 745 -36.42 -43.74 4.12
C ARG D 745 -37.50 -44.68 3.60
N LEU D 746 -37.10 -45.82 3.04
CA LEU D 746 -38.07 -46.81 2.60
C LEU D 746 -38.86 -47.36 3.79
N MET D 747 -38.17 -47.63 4.90
CA MET D 747 -38.87 -48.06 6.11
C MET D 747 -39.85 -47.01 6.60
N LEU D 748 -39.42 -45.74 6.58
CA LEU D 748 -40.26 -44.66 7.10
C LEU D 748 -41.56 -44.55 6.30
N LYS D 749 -41.48 -44.72 4.97
CA LYS D 749 -42.66 -44.58 4.13
C LYS D 749 -43.56 -45.81 4.20
N MET D 750 -42.97 -47.01 4.20
CA MET D 750 -43.77 -48.23 4.17
C MET D 750 -44.52 -48.42 5.49
N LEU D 751 -43.90 -48.06 6.61
CA LEU D 751 -44.55 -48.23 7.90
C LEU D 751 -45.72 -47.27 8.11
N ALA D 752 -45.82 -46.22 7.30
CA ALA D 752 -46.98 -45.35 7.27
C ALA D 752 -47.90 -45.76 6.12
N GLN D 753 -49.20 -45.64 6.34
CA GLN D 753 -50.21 -45.99 5.35
C GLN D 753 -49.98 -45.21 4.04
N GLY E 13 42.96 37.47 -49.43
CA GLY E 13 42.01 38.10 -50.33
C GLY E 13 42.25 39.59 -50.53
N ALA E 14 43.52 40.01 -50.40
CA ALA E 14 43.88 41.41 -50.56
C ALA E 14 45.33 41.50 -51.03
N GLY E 15 45.62 42.59 -51.74
CA GLY E 15 46.96 42.87 -52.22
C GLY E 15 47.27 44.35 -52.15
N LYS E 16 46.78 45.00 -51.09
CA LYS E 16 46.82 46.45 -50.94
C LYS E 16 47.23 46.75 -49.50
N ALA E 17 47.28 48.05 -49.16
CA ALA E 17 47.68 48.53 -47.85
C ALA E 17 46.51 49.20 -47.14
N ILE E 18 46.52 49.13 -45.81
CA ILE E 18 45.47 49.68 -44.96
C ILE E 18 46.12 50.67 -44.00
N GLY E 19 45.44 51.78 -43.76
CA GLY E 19 45.89 52.80 -42.81
C GLY E 19 44.88 52.97 -41.70
N VAL E 20 45.38 53.23 -40.49
CA VAL E 20 44.54 53.37 -39.30
C VAL E 20 45.02 54.56 -38.49
N LEU E 21 44.08 55.29 -37.90
CA LEU E 21 44.39 56.42 -37.04
C LEU E 21 43.19 56.71 -36.17
N THR E 22 43.43 57.46 -35.09
CA THR E 22 42.41 57.89 -34.17
C THR E 22 42.45 59.41 -34.06
N SER E 23 41.27 60.01 -33.95
CA SER E 23 41.13 61.46 -33.85
C SER E 23 39.99 61.78 -32.89
N GLY E 24 39.82 63.07 -32.62
CA GLY E 24 38.76 63.51 -31.74
C GLY E 24 39.03 63.15 -30.29
N GLY E 25 37.99 63.34 -29.48
CA GLY E 25 38.05 63.02 -28.07
C GLY E 25 38.33 61.55 -27.83
N ASP E 26 39.40 61.26 -27.09
CA ASP E 26 39.78 59.87 -26.86
C ASP E 26 38.72 59.15 -26.04
N ALA E 27 38.31 57.99 -26.54
CA ALA E 27 37.44 57.06 -25.83
C ALA E 27 38.19 55.76 -25.65
N GLN E 28 38.30 55.28 -24.41
CA GLN E 28 39.04 54.06 -24.14
C GLN E 28 38.43 52.88 -24.90
N GLY E 29 39.29 52.08 -25.52
CA GLY E 29 38.90 51.01 -26.42
C GLY E 29 39.48 51.15 -27.82
N MET E 30 39.98 52.33 -28.18
CA MET E 30 40.62 52.50 -29.48
C MET E 30 41.84 51.60 -29.63
N ASN E 31 42.51 51.28 -28.53
CA ASN E 31 43.60 50.30 -28.58
C ASN E 31 43.08 48.95 -29.06
N ALA E 32 41.93 48.52 -28.52
CA ALA E 32 41.33 47.27 -28.99
C ALA E 32 40.90 47.39 -30.45
N ALA E 33 40.43 48.57 -30.85
CA ALA E 33 40.02 48.79 -32.23
C ALA E 33 41.21 48.60 -33.17
N VAL E 34 42.29 49.38 -32.95
CA VAL E 34 43.46 49.32 -33.83
C VAL E 34 44.10 47.93 -33.80
N ARG E 35 44.02 47.24 -32.67
CA ARG E 35 44.48 45.85 -32.62
C ARG E 35 43.71 44.99 -33.61
N ALA E 36 42.38 45.08 -33.57
CA ALA E 36 41.56 44.22 -34.43
C ALA E 36 41.75 44.56 -35.91
N VAL E 37 41.84 45.85 -36.23
CA VAL E 37 42.03 46.23 -37.63
C VAL E 37 43.40 45.79 -38.11
N THR E 38 44.43 45.96 -37.28
CA THR E 38 45.78 45.56 -37.67
C THR E 38 45.88 44.05 -37.86
N ARG E 39 45.41 43.29 -36.87
CA ARG E 39 45.55 41.84 -36.95
C ARG E 39 44.65 41.25 -38.03
N MET E 40 43.47 41.82 -38.23
CA MET E 40 42.63 41.36 -39.33
C MET E 40 43.23 41.71 -40.68
N GLY E 41 43.83 42.91 -40.80
CA GLY E 41 44.45 43.29 -42.05
C GLY E 41 45.62 42.40 -42.41
N ILE E 42 46.45 42.06 -41.41
CA ILE E 42 47.58 41.17 -41.65
C ILE E 42 47.10 39.78 -42.04
N TYR E 43 46.04 39.29 -41.37
CA TYR E 43 45.48 37.99 -41.72
C TYR E 43 44.95 37.98 -43.15
N VAL E 44 44.26 39.04 -43.55
CA VAL E 44 43.74 39.11 -44.92
C VAL E 44 44.88 39.26 -45.93
N GLY E 45 46.06 39.71 -45.50
CA GLY E 45 47.22 39.83 -46.35
C GLY E 45 47.56 41.22 -46.79
N ALA E 46 46.92 42.25 -46.22
CA ALA E 46 47.15 43.64 -46.58
C ALA E 46 48.14 44.26 -45.60
N LYS E 47 49.03 45.10 -46.13
CA LYS E 47 49.96 45.83 -45.28
C LYS E 47 49.22 46.84 -44.43
N VAL E 48 49.76 47.10 -43.25
CA VAL E 48 49.13 47.97 -42.25
C VAL E 48 50.16 48.96 -41.74
N PHE E 49 49.72 50.22 -41.56
CA PHE E 49 50.53 51.30 -41.02
C PHE E 49 49.76 52.00 -39.92
N LEU E 50 50.47 52.36 -38.85
CA LEU E 50 49.92 53.11 -37.74
C LEU E 50 50.29 54.58 -37.91
N ILE E 51 49.28 55.43 -38.04
CA ILE E 51 49.47 56.86 -38.23
C ILE E 51 49.38 57.52 -36.86
N TYR E 52 50.50 58.03 -36.38
CA TYR E 52 50.56 58.62 -35.05
C TYR E 52 50.00 60.04 -35.06
N GLU E 53 49.54 60.46 -33.89
CA GLU E 53 49.05 61.82 -33.64
C GLU E 53 47.86 62.19 -34.50
N GLY E 54 47.14 61.20 -35.03
CA GLY E 54 45.93 61.47 -35.79
C GLY E 54 46.21 62.29 -37.03
N TYR E 55 45.32 63.24 -37.29
CA TYR E 55 45.42 64.05 -38.50
C TYR E 55 46.62 64.98 -38.50
N GLU E 56 47.12 65.37 -37.34
CA GLU E 56 48.32 66.21 -37.29
C GLU E 56 49.52 65.47 -37.87
N GLY E 57 49.80 64.26 -37.36
CA GLY E 57 50.86 63.47 -37.92
C GLY E 57 50.57 62.99 -39.33
N LEU E 58 49.29 62.82 -39.67
CA LEU E 58 48.89 62.47 -41.03
C LEU E 58 49.41 63.51 -42.03
N VAL E 59 49.12 64.79 -41.75
CA VAL E 59 49.61 65.86 -42.62
C VAL E 59 51.13 65.95 -42.54
N GLU E 60 51.69 65.84 -41.34
CA GLU E 60 53.13 65.97 -41.19
C GLU E 60 53.87 64.83 -41.86
N GLY E 61 53.36 63.61 -41.74
CA GLY E 61 53.99 62.48 -42.38
C GLY E 61 55.32 62.13 -41.74
N GLY E 62 56.18 61.50 -42.55
CA GLY E 62 57.49 61.11 -42.08
C GLY E 62 57.40 60.04 -41.00
N GLU E 63 58.09 60.30 -39.88
CA GLU E 63 58.10 59.33 -38.78
C GLU E 63 56.74 59.14 -38.15
N ASN E 64 55.82 60.10 -38.30
CA ASN E 64 54.49 59.97 -37.71
C ASN E 64 53.71 58.78 -38.26
N ILE E 65 54.07 58.27 -39.44
CA ILE E 65 53.45 57.09 -40.04
C ILE E 65 54.53 56.03 -40.16
N LYS E 66 54.24 54.82 -39.67
CA LYS E 66 55.18 53.72 -39.71
C LYS E 66 54.41 52.41 -39.87
N GLN E 67 55.05 51.45 -40.52
CA GLN E 67 54.44 50.13 -40.71
C GLN E 67 54.39 49.39 -39.38
N ALA E 68 53.40 48.52 -39.26
CA ALA E 68 53.16 47.72 -38.06
C ALA E 68 53.14 46.24 -38.41
N ASN E 69 53.69 45.42 -37.53
CA ASN E 69 53.68 43.98 -37.64
C ASN E 69 52.61 43.41 -36.72
N TRP E 70 52.49 42.08 -36.71
CA TRP E 70 51.55 41.43 -35.81
C TRP E 70 51.87 41.74 -34.35
N LEU E 71 53.15 41.90 -34.02
CA LEU E 71 53.60 42.19 -32.67
C LEU E 71 53.61 43.69 -32.36
N SER E 72 53.35 44.55 -33.34
CA SER E 72 53.31 45.98 -33.06
C SER E 72 52.12 46.35 -32.18
N VAL E 73 51.02 45.61 -32.31
CA VAL E 73 49.77 45.91 -31.62
C VAL E 73 49.52 44.93 -30.46
N SER E 74 50.57 44.32 -29.94
CA SER E 74 50.42 43.34 -28.86
C SER E 74 50.51 44.03 -27.50
N ASN E 75 49.77 43.49 -26.54
CA ASN E 75 49.80 43.97 -25.16
C ASN E 75 49.33 45.42 -25.08
N ILE E 76 48.23 45.74 -25.78
CA ILE E 76 47.61 47.06 -25.72
C ILE E 76 46.09 46.98 -25.54
N ILE E 77 45.51 45.79 -25.75
CA ILE E 77 44.05 45.62 -25.73
C ILE E 77 43.46 46.07 -24.41
N GLN E 78 44.15 45.80 -23.31
CA GLN E 78 43.67 46.13 -21.97
C GLN E 78 44.04 47.53 -21.52
N LEU E 79 44.41 48.42 -22.44
CA LEU E 79 44.89 49.77 -22.12
C LEU E 79 43.86 50.80 -22.58
N GLY E 80 43.63 51.80 -21.73
CA GLY E 80 42.79 52.92 -22.09
C GLY E 80 43.53 53.92 -22.95
N GLY E 81 42.79 54.93 -23.41
CA GLY E 81 43.37 55.92 -24.29
C GLY E 81 43.76 55.28 -25.61
N THR E 82 44.89 55.73 -26.16
CA THR E 82 45.42 55.17 -27.40
C THR E 82 46.93 55.21 -27.35
N ILE E 83 47.55 54.35 -28.17
CA ILE E 83 49.00 54.24 -28.26
C ILE E 83 49.58 55.06 -29.43
N ILE E 84 48.74 55.73 -30.22
CA ILE E 84 49.17 56.45 -31.41
C ILE E 84 48.79 57.94 -31.35
N GLY E 85 48.56 58.48 -30.16
CA GLY E 85 48.46 59.91 -29.97
C GLY E 85 47.08 60.53 -30.04
N SER E 86 46.53 60.66 -31.24
CA SER E 86 45.24 61.33 -31.45
C SER E 86 45.33 62.81 -31.13
N ALA E 87 46.24 63.52 -31.78
CA ALA E 87 46.35 64.97 -31.62
C ALA E 87 45.39 65.68 -32.56
N ARG E 88 45.03 66.90 -32.17
CA ARG E 88 44.14 67.76 -32.95
C ARG E 88 44.95 68.58 -33.94
N CYS E 89 44.44 68.72 -35.16
CA CYS E 89 45.10 69.43 -36.24
C CYS E 89 44.21 70.55 -36.76
N LYS E 90 44.86 71.64 -37.18
CA LYS E 90 44.20 72.81 -37.76
C LYS E 90 44.42 72.94 -39.26
N ALA E 91 45.64 72.66 -39.74
CA ALA E 91 45.90 72.66 -41.17
C ALA E 91 45.17 71.54 -41.90
N PHE E 92 44.71 70.51 -41.17
CA PHE E 92 43.88 69.47 -41.76
C PHE E 92 42.62 70.03 -42.40
N THR E 93 42.10 71.14 -41.88
CA THR E 93 40.96 71.81 -42.50
C THR E 93 41.35 72.56 -43.77
N THR E 94 42.59 73.03 -43.86
CA THR E 94 43.05 73.81 -45.00
C THR E 94 43.52 72.88 -46.11
N ARG E 95 43.26 73.29 -47.37
CA ARG E 95 43.59 72.44 -48.51
C ARG E 95 45.08 72.16 -48.62
N GLU E 96 45.93 73.05 -48.09
CA GLU E 96 47.36 72.81 -48.11
C GLU E 96 47.72 71.60 -47.27
N GLY E 97 47.18 71.51 -46.06
CA GLY E 97 47.39 70.32 -45.25
C GLY E 97 46.78 69.09 -45.89
N ARG E 98 45.67 69.25 -46.61
CA ARG E 98 45.03 68.10 -47.25
C ARG E 98 45.91 67.51 -48.33
N ARG E 99 46.46 68.37 -49.21
CA ARG E 99 47.34 67.87 -50.26
C ARG E 99 48.62 67.28 -49.68
N ALA E 100 49.11 67.84 -48.57
CA ALA E 100 50.29 67.29 -47.93
C ALA E 100 50.02 65.90 -47.37
N ALA E 101 48.85 65.71 -46.75
CA ALA E 101 48.48 64.39 -46.27
C ALA E 101 48.31 63.41 -47.43
N ALA E 102 47.64 63.83 -48.50
CA ALA E 102 47.49 62.97 -49.66
C ALA E 102 48.85 62.63 -50.27
N TYR E 103 49.78 63.57 -50.25
CA TYR E 103 51.14 63.29 -50.71
C TYR E 103 51.81 62.25 -49.82
N ASN E 104 51.64 62.35 -48.51
CA ASN E 104 52.24 61.38 -47.61
C ASN E 104 51.69 59.98 -47.84
N LEU E 105 50.40 59.89 -48.12
CA LEU E 105 49.77 58.58 -48.27
C LEU E 105 50.20 57.90 -49.56
N VAL E 106 50.28 58.66 -50.65
CA VAL E 106 50.74 58.09 -51.92
C VAL E 106 52.21 57.74 -51.85
N GLN E 107 53.00 58.51 -51.08
CA GLN E 107 54.41 58.17 -50.90
C GLN E 107 54.55 56.83 -50.18
N HIS E 108 53.72 56.60 -49.16
CA HIS E 108 53.68 55.31 -48.47
C HIS E 108 52.78 54.30 -49.17
N GLY E 109 52.13 54.67 -50.29
CA GLY E 109 51.37 53.71 -51.07
C GLY E 109 50.17 53.14 -50.36
N ILE E 110 49.42 53.98 -49.67
CA ILE E 110 48.23 53.58 -48.91
C ILE E 110 47.01 54.06 -49.68
N THR E 111 46.13 53.14 -50.04
CA THR E 111 44.92 53.43 -50.81
C THR E 111 43.65 53.33 -49.98
N ASN E 112 43.68 52.65 -48.84
CA ASN E 112 42.55 52.55 -47.92
C ASN E 112 42.97 53.07 -46.57
N LEU E 113 42.02 53.67 -45.86
CA LEU E 113 42.30 54.34 -44.59
C LEU E 113 41.09 54.19 -43.69
N CYS E 114 41.34 53.83 -42.43
CA CYS E 114 40.30 53.61 -41.43
C CYS E 114 40.40 54.69 -40.37
N VAL E 115 39.30 55.39 -40.11
CA VAL E 115 39.25 56.55 -39.24
C VAL E 115 38.49 56.16 -37.97
N ILE E 116 39.03 56.58 -36.82
CA ILE E 116 38.41 56.38 -35.51
C ILE E 116 38.24 57.75 -34.86
N GLY E 117 37.02 58.04 -34.43
CA GLY E 117 36.76 59.29 -33.74
C GLY E 117 35.30 59.69 -33.86
N GLY E 118 35.06 61.00 -33.71
CA GLY E 118 33.71 61.54 -33.69
C GLY E 118 33.24 61.96 -35.07
N ASP E 119 32.11 62.69 -35.07
CA ASP E 119 31.44 63.04 -36.32
C ASP E 119 32.28 63.98 -37.17
N GLY E 120 32.97 64.94 -36.55
CA GLY E 120 33.73 65.90 -37.32
C GLY E 120 34.87 65.26 -38.08
N SER E 121 35.58 64.32 -37.44
CA SER E 121 36.67 63.60 -38.10
C SER E 121 36.16 62.85 -39.32
N LEU E 122 34.97 62.26 -39.21
CA LEU E 122 34.38 61.56 -40.35
C LEU E 122 34.01 62.53 -41.46
N THR E 123 33.48 63.71 -41.09
CA THR E 123 33.15 64.72 -42.09
C THR E 123 34.39 65.15 -42.85
N GLY E 124 35.50 65.38 -42.14
CA GLY E 124 36.75 65.69 -42.81
C GLY E 124 37.22 64.55 -43.70
N ALA E 125 37.07 63.31 -43.23
CA ALA E 125 37.59 62.17 -43.97
C ALA E 125 36.84 61.96 -45.28
N ASN E 126 35.52 62.20 -45.29
CA ASN E 126 34.78 62.09 -46.54
C ASN E 126 35.00 63.30 -47.44
N ILE E 127 35.27 64.47 -46.86
CA ILE E 127 35.70 65.59 -47.67
C ILE E 127 36.97 65.22 -48.41
N PHE E 128 37.90 64.52 -47.73
CA PHE E 128 39.10 64.02 -48.39
C PHE E 128 38.75 63.07 -49.53
N ARG E 129 37.80 62.16 -49.30
CA ARG E 129 37.37 61.28 -50.37
C ARG E 129 36.74 62.07 -51.51
N SER E 130 36.04 63.17 -51.19
CA SER E 130 35.37 63.94 -52.21
C SER E 130 36.34 64.72 -53.09
N GLU E 131 37.55 65.01 -52.61
CA GLU E 131 38.54 65.81 -53.34
C GLU E 131 39.88 65.09 -53.48
N TRP E 132 39.91 63.77 -53.28
CA TRP E 132 41.14 63.00 -53.48
C TRP E 132 41.69 63.19 -54.89
N GLY E 133 40.81 63.13 -55.90
CA GLY E 133 41.26 63.35 -57.26
C GLY E 133 41.82 64.75 -57.48
N SER E 134 41.22 65.75 -56.83
CA SER E 134 41.72 67.12 -56.96
C SER E 134 43.11 67.25 -56.34
N LEU E 135 43.35 66.58 -55.21
CA LEU E 135 44.68 66.65 -54.61
C LEU E 135 45.72 65.98 -55.49
N LEU E 136 45.38 64.82 -56.08
CA LEU E 136 46.35 64.10 -56.89
C LEU E 136 46.72 64.86 -58.15
N GLU E 137 45.73 65.45 -58.84
CA GLU E 137 46.05 66.25 -60.02
C GLU E 137 46.85 67.49 -59.65
N GLU E 138 46.63 68.05 -58.45
CA GLU E 138 47.46 69.16 -58.01
C GLU E 138 48.90 68.69 -57.80
N LEU E 139 49.08 67.53 -57.18
CA LEU E 139 50.43 67.02 -56.96
C LEU E 139 51.12 66.69 -58.28
N VAL E 140 50.37 66.15 -59.24
CA VAL E 140 50.93 65.88 -60.56
C VAL E 140 51.29 67.19 -61.26
N ALA E 141 50.46 68.22 -61.12
CA ALA E 141 50.72 69.48 -61.79
C ALA E 141 51.99 70.13 -61.29
N GLU E 142 52.22 70.13 -59.98
CA GLU E 142 53.44 70.68 -59.42
C GLU E 142 54.66 69.78 -59.61
N GLY E 143 54.49 68.56 -60.13
CA GLY E 143 55.59 67.67 -60.39
C GLY E 143 56.05 66.82 -59.23
N LYS E 144 55.28 66.77 -58.14
CA LYS E 144 55.68 65.98 -56.98
C LYS E 144 55.67 64.49 -57.30
N ILE E 145 54.67 64.03 -58.06
CA ILE E 145 54.47 62.61 -58.35
C ILE E 145 54.31 62.42 -59.85
N SER E 146 54.48 61.17 -60.28
CA SER E 146 54.38 60.80 -61.68
C SER E 146 52.95 60.46 -62.06
N GLU E 147 52.71 60.35 -63.36
CA GLU E 147 51.37 60.00 -63.84
C GLU E 147 50.98 58.59 -63.42
N THR E 148 51.92 57.64 -63.49
CA THR E 148 51.62 56.26 -63.12
C THR E 148 51.20 56.15 -61.66
N THR E 149 51.84 56.93 -60.79
CA THR E 149 51.45 56.93 -59.39
C THR E 149 50.03 57.46 -59.21
N ALA E 150 49.69 58.52 -59.95
CA ALA E 150 48.34 59.08 -59.86
C ALA E 150 47.29 58.09 -60.33
N ARG E 151 47.59 57.34 -61.39
CA ARG E 151 46.64 56.34 -61.88
C ARG E 151 46.49 55.19 -60.88
N THR E 152 47.60 54.80 -60.23
CA THR E 152 47.54 53.68 -59.30
C THR E 152 46.67 54.02 -58.09
N TYR E 153 46.82 55.22 -57.53
CA TYR E 153 46.08 55.65 -56.34
C TYR E 153 44.95 56.60 -56.69
N SER E 154 44.25 56.38 -57.80
CA SER E 154 43.24 57.33 -58.26
C SER E 154 42.03 57.43 -57.32
N HIS E 155 41.86 56.50 -56.37
CA HIS E 155 40.73 56.49 -55.47
C HIS E 155 41.20 56.23 -54.05
N LEU E 156 40.36 56.64 -53.09
CA LEU E 156 40.59 56.45 -51.67
C LEU E 156 39.34 55.86 -51.05
N ASN E 157 39.53 54.88 -50.17
CA ASN E 157 38.44 54.24 -49.44
C ASN E 157 38.53 54.63 -47.97
N ILE E 158 37.41 55.03 -47.39
CA ILE E 158 37.32 55.50 -46.02
C ILE E 158 36.30 54.64 -45.29
N ALA E 159 36.70 54.10 -44.13
CA ALA E 159 35.82 53.39 -43.21
C ALA E 159 35.94 54.07 -41.85
N GLY E 160 34.80 54.44 -41.29
CA GLY E 160 34.74 55.22 -40.06
C GLY E 160 34.25 54.37 -38.90
N LEU E 161 34.88 54.56 -37.75
CA LEU E 161 34.47 53.94 -36.49
C LEU E 161 34.12 55.06 -35.52
N VAL E 162 32.88 55.04 -35.04
CA VAL E 162 32.37 56.11 -34.19
C VAL E 162 32.84 55.84 -32.76
N GLY E 163 33.97 56.43 -32.38
CA GLY E 163 34.49 56.34 -31.03
C GLY E 163 34.32 57.63 -30.26
N SER E 164 33.29 57.69 -29.43
CA SER E 164 33.02 58.88 -28.62
C SER E 164 32.08 58.46 -27.50
N ILE E 165 32.49 58.71 -26.26
CA ILE E 165 31.70 58.26 -25.11
C ILE E 165 30.36 59.00 -25.01
N ASP E 166 30.23 60.16 -25.66
CA ASP E 166 29.00 60.94 -25.55
C ASP E 166 27.80 60.18 -26.10
N ASN E 167 28.03 59.31 -27.09
CA ASN E 167 26.98 58.51 -27.71
C ASN E 167 25.90 59.41 -28.32
N ASP E 168 26.35 60.39 -29.10
CA ASP E 168 25.47 61.32 -29.79
C ASP E 168 25.09 60.85 -31.18
N PHE E 169 25.88 59.96 -31.78
CA PHE E 169 25.66 59.52 -33.16
C PHE E 169 24.30 58.85 -33.29
N CYS E 170 23.47 59.38 -34.17
CA CYS E 170 22.07 58.98 -34.23
C CYS E 170 21.91 57.56 -34.75
N GLY E 171 22.62 57.22 -35.84
CA GLY E 171 22.45 55.93 -36.48
C GLY E 171 22.97 54.75 -35.69
N THR E 172 23.72 54.98 -34.61
CA THR E 172 24.27 53.92 -33.77
C THR E 172 23.61 53.95 -32.40
N ASP E 173 23.50 52.76 -31.79
CA ASP E 173 23.16 52.68 -30.37
C ASP E 173 24.39 52.89 -29.50
N MET E 174 25.37 51.99 -29.60
CA MET E 174 26.60 52.03 -28.82
C MET E 174 27.77 52.48 -29.69
N THR E 175 28.37 53.62 -29.32
CA THR E 175 29.65 54.02 -29.87
C THR E 175 30.77 53.34 -29.11
N ILE E 176 31.95 53.31 -29.70
CA ILE E 176 33.11 52.65 -29.08
C ILE E 176 33.48 53.45 -27.83
N GLY E 177 33.28 52.85 -26.65
CA GLY E 177 33.76 53.39 -25.39
C GLY E 177 32.69 53.86 -24.44
N THR E 178 31.44 54.03 -24.89
CA THR E 178 30.40 54.58 -24.03
C THR E 178 30.13 53.68 -22.82
N ASP E 179 30.28 52.36 -22.98
CA ASP E 179 30.08 51.47 -21.84
C ASP E 179 31.14 51.69 -20.77
N SER E 180 32.40 51.88 -21.19
CA SER E 180 33.47 52.16 -20.24
C SER E 180 33.20 53.44 -19.46
N ALA E 181 32.68 54.47 -20.13
CA ALA E 181 32.34 55.70 -19.44
C ALA E 181 31.25 55.45 -18.41
N LEU E 182 30.27 54.61 -18.75
CA LEU E 182 29.26 54.22 -17.76
C LEU E 182 29.89 53.46 -16.61
N HIS E 183 30.88 52.61 -16.90
CA HIS E 183 31.58 51.90 -15.84
C HIS E 183 32.30 52.86 -14.90
N ARG E 184 32.99 53.87 -15.46
CA ARG E 184 33.66 54.87 -14.64
C ARG E 184 32.65 55.64 -13.80
N ILE E 185 31.53 56.04 -14.41
CA ILE E 185 30.52 56.84 -13.70
C ILE E 185 29.99 56.07 -12.51
N MET E 186 29.73 54.78 -12.69
CA MET E 186 29.06 54.01 -11.65
C MET E 186 30.02 53.54 -10.57
N GLU E 187 31.30 53.36 -10.91
CA GLU E 187 32.31 53.19 -9.87
C GLU E 187 32.35 54.42 -8.96
N VAL E 188 32.29 55.61 -9.55
CA VAL E 188 32.29 56.83 -8.77
C VAL E 188 31.02 56.94 -7.94
N ILE E 189 29.87 56.60 -8.54
CA ILE E 189 28.59 56.74 -7.82
C ILE E 189 28.55 55.78 -6.65
N ASP E 190 29.01 54.54 -6.85
CA ASP E 190 29.02 53.57 -5.74
C ASP E 190 29.94 54.03 -4.63
N ALA E 191 31.06 54.67 -4.99
CA ALA E 191 31.92 55.25 -3.96
C ALA E 191 31.19 56.35 -3.20
N ILE E 192 30.50 57.24 -3.92
CA ILE E 192 29.89 58.40 -3.29
C ILE E 192 28.74 57.98 -2.37
N THR E 193 27.98 56.95 -2.76
CA THR E 193 26.74 56.62 -2.04
C THR E 193 27.01 56.20 -0.59
N THR E 194 28.18 55.63 -0.32
CA THR E 194 28.50 55.24 1.05
C THR E 194 28.59 56.45 1.96
N THR E 195 29.39 57.45 1.58
CA THR E 195 29.53 58.63 2.42
C THR E 195 28.27 59.49 2.40
N ALA E 196 27.55 59.51 1.28
CA ALA E 196 26.30 60.27 1.21
C ALA E 196 25.28 59.70 2.19
N GLN E 197 25.17 58.38 2.26
CA GLN E 197 24.31 57.75 3.24
C GLN E 197 24.81 58.01 4.66
N SER E 198 26.13 57.99 4.85
CA SER E 198 26.71 58.16 6.18
C SER E 198 26.36 59.53 6.75
N HIS E 199 26.61 60.58 5.99
CA HIS E 199 26.36 61.96 6.43
C HIS E 199 24.97 62.46 6.02
N GLN E 200 24.12 61.60 5.45
CA GLN E 200 22.75 61.97 5.09
C GLN E 200 22.73 63.16 4.13
N ARG E 201 23.73 63.20 3.25
CA ARG E 201 23.97 64.34 2.37
C ARG E 201 23.43 64.08 0.97
N THR E 202 23.04 65.16 0.31
CA THR E 202 22.63 65.14 -1.09
C THR E 202 23.81 65.51 -1.95
N PHE E 203 23.94 64.83 -3.11
CA PHE E 203 25.07 65.01 -4.01
C PHE E 203 24.56 65.34 -5.40
N VAL E 204 25.10 66.41 -5.97
CA VAL E 204 24.79 66.85 -7.33
C VAL E 204 25.97 66.42 -8.22
N LEU E 205 25.70 65.51 -9.15
CA LEU E 205 26.73 64.92 -10.01
C LEU E 205 26.62 65.49 -11.41
N GLU E 206 27.74 65.98 -11.94
CA GLU E 206 27.83 66.49 -13.30
C GLU E 206 28.45 65.41 -14.18
N VAL E 207 27.71 65.02 -15.22
CA VAL E 207 28.10 63.92 -16.10
C VAL E 207 28.56 64.52 -17.43
N MET E 208 29.43 63.80 -18.12
CA MET E 208 29.87 64.20 -19.45
C MET E 208 28.78 63.88 -20.46
N GLY E 209 29.08 64.11 -21.74
CA GLY E 209 28.12 64.08 -22.82
C GLY E 209 27.99 65.47 -23.37
N ARG E 210 28.53 65.69 -24.58
CA ARG E 210 28.69 67.04 -25.11
C ARG E 210 27.34 67.75 -25.23
N HIS E 211 26.41 67.14 -25.97
CA HIS E 211 25.06 67.67 -26.12
C HIS E 211 24.02 66.54 -26.08
N CYS E 212 24.32 65.46 -25.35
CA CYS E 212 23.38 64.36 -25.18
C CYS E 212 23.40 63.91 -23.73
N GLY E 213 22.22 63.55 -23.22
CA GLY E 213 22.06 63.10 -21.85
C GLY E 213 21.83 61.61 -21.71
N TYR E 214 22.22 60.83 -22.73
CA TYR E 214 22.11 59.38 -22.64
C TYR E 214 22.89 58.84 -21.45
N LEU E 215 24.14 59.28 -21.31
CA LEU E 215 24.96 58.86 -20.17
C LEU E 215 24.30 59.26 -18.86
N ALA E 216 23.73 60.47 -18.80
CA ALA E 216 23.04 60.90 -17.60
C ALA E 216 21.79 60.07 -17.35
N LEU E 217 21.06 59.73 -18.40
CA LEU E 217 19.84 58.94 -18.25
C LEU E 217 20.16 57.54 -17.73
N VAL E 218 21.11 56.86 -18.39
CA VAL E 218 21.47 55.50 -17.98
C VAL E 218 22.02 55.49 -16.57
N SER E 219 22.84 56.48 -16.22
CA SER E 219 23.42 56.53 -14.89
C SER E 219 22.34 56.71 -13.83
N ALA E 220 21.37 57.61 -14.08
CA ALA E 220 20.30 57.84 -13.12
C ALA E 220 19.40 56.62 -13.00
N LEU E 221 19.09 55.96 -14.11
CA LEU E 221 18.23 54.79 -14.06
C LEU E 221 18.91 53.66 -13.28
N ALA E 222 20.22 53.49 -13.46
CA ALA E 222 20.93 52.41 -12.78
C ALA E 222 21.24 52.75 -11.32
N SER E 223 21.34 54.04 -10.98
CA SER E 223 21.66 54.46 -9.62
C SER E 223 20.44 54.77 -8.76
N GLY E 224 19.24 54.73 -9.33
CA GLY E 224 18.05 55.04 -8.55
C GLY E 224 18.02 56.47 -8.04
N ALA E 225 18.53 57.41 -8.83
CA ALA E 225 18.59 58.80 -8.41
C ALA E 225 17.19 59.37 -8.20
N ASP E 226 17.14 60.52 -7.51
CA ASP E 226 15.89 61.14 -7.13
C ASP E 226 15.37 62.11 -8.18
N TRP E 227 16.25 62.73 -8.96
CA TRP E 227 15.83 63.64 -10.01
C TRP E 227 16.94 63.71 -11.04
N LEU E 228 16.55 63.96 -12.29
CA LEU E 228 17.46 64.03 -13.42
C LEU E 228 17.21 65.31 -14.22
N PHE E 229 18.28 65.82 -14.82
CA PHE E 229 18.25 66.95 -15.74
C PHE E 229 19.00 66.55 -17.00
N ILE E 230 18.33 66.59 -18.15
CA ILE E 230 18.95 66.28 -19.43
C ILE E 230 18.55 67.34 -20.45
N PRO E 231 19.30 67.46 -21.57
CA PRO E 231 18.89 68.40 -22.61
C PRO E 231 17.75 67.90 -23.50
N GLU E 232 17.61 66.58 -23.63
CA GLU E 232 16.61 66.04 -24.55
C GLU E 232 15.18 66.35 -24.09
N ALA E 233 14.96 66.45 -22.78
CA ALA E 233 13.64 66.75 -22.20
C ALA E 233 13.85 67.84 -21.16
N PRO E 234 13.96 69.11 -21.58
CA PRO E 234 14.23 70.16 -20.61
C PRO E 234 13.07 70.34 -19.65
N PRO E 235 13.32 70.81 -18.43
CA PRO E 235 12.26 70.88 -17.43
C PRO E 235 11.23 71.96 -17.76
N GLU E 236 9.99 71.68 -17.40
CA GLU E 236 8.90 72.64 -17.61
C GLU E 236 8.98 73.77 -16.59
N ASP E 237 8.16 74.79 -16.81
CA ASP E 237 8.16 75.97 -15.96
C ASP E 237 7.77 75.60 -14.53
N GLY E 238 8.38 76.30 -13.57
CA GLY E 238 8.12 76.02 -12.18
C GLY E 238 8.61 74.67 -11.72
N TRP E 239 9.63 74.11 -12.37
CA TRP E 239 10.20 72.84 -11.96
C TRP E 239 10.79 72.87 -10.55
N GLU E 240 11.12 74.06 -10.04
CA GLU E 240 11.73 74.16 -8.71
C GLU E 240 10.80 73.70 -7.61
N ASN E 241 9.49 73.93 -7.78
CA ASN E 241 8.54 73.42 -6.80
C ASN E 241 8.51 71.90 -6.80
N PHE E 242 8.58 71.29 -7.99
CA PHE E 242 8.63 69.84 -8.06
C PHE E 242 9.92 69.29 -7.46
N MET E 243 11.03 70.01 -7.60
CA MET E 243 12.26 69.64 -6.91
C MET E 243 12.05 69.59 -5.41
N CYS E 244 11.48 70.65 -4.84
CA CYS E 244 11.30 70.71 -3.39
C CYS E 244 10.35 69.63 -2.91
N GLU E 245 9.27 69.38 -3.65
CA GLU E 245 8.30 68.38 -3.24
C GLU E 245 8.91 66.98 -3.25
N ARG E 246 9.61 66.63 -4.33
CA ARG E 246 10.20 65.30 -4.43
C ARG E 246 11.27 65.09 -3.37
N LEU E 247 12.18 66.05 -3.22
CA LEU E 247 13.27 65.90 -2.27
C LEU E 247 12.76 65.83 -0.84
N GLY E 248 11.73 66.61 -0.52
CA GLY E 248 11.11 66.49 0.79
C GLY E 248 10.40 65.16 0.98
N GLU E 249 9.76 64.66 -0.07
CA GLU E 249 9.07 63.38 0.02
C GLU E 249 10.05 62.24 0.25
N THR E 250 11.16 62.22 -0.49
CA THR E 250 12.15 61.16 -0.34
C THR E 250 12.78 61.21 1.04
N ARG E 251 13.32 62.37 1.43
CA ARG E 251 14.01 62.50 2.71
C ARG E 251 13.07 62.19 3.88
N SER E 252 11.79 62.50 3.74
CA SER E 252 10.82 62.14 4.77
C SER E 252 10.50 60.65 4.75
N ARG E 253 10.33 60.07 3.56
CA ARG E 253 9.88 58.69 3.42
C ARG E 253 11.05 57.70 3.36
N GLY E 254 11.93 57.76 4.35
CA GLY E 254 12.93 56.73 4.54
C GLY E 254 14.10 56.74 3.58
N SER E 255 14.13 57.64 2.59
CA SER E 255 15.27 57.73 1.69
C SER E 255 16.41 58.43 2.42
N ARG E 256 17.46 57.67 2.75
CA ARG E 256 18.51 58.24 3.59
C ARG E 256 19.30 59.30 2.85
N LEU E 257 19.52 59.12 1.55
CA LEU E 257 20.31 60.02 0.73
C LEU E 257 19.54 60.35 -0.53
N ASN E 258 19.92 61.45 -1.16
CA ASN E 258 19.33 61.94 -2.40
C ASN E 258 20.44 62.21 -3.40
N ILE E 259 20.23 61.80 -4.65
CA ILE E 259 21.20 61.96 -5.73
C ILE E 259 20.52 62.70 -6.87
N ILE E 260 21.16 63.79 -7.32
CA ILE E 260 20.69 64.59 -8.44
C ILE E 260 21.76 64.53 -9.52
N ILE E 261 21.37 64.16 -10.73
CA ILE E 261 22.27 63.99 -11.86
C ILE E 261 21.94 65.06 -12.90
N ILE E 262 22.97 65.70 -13.41
CA ILE E 262 22.85 66.79 -14.38
C ILE E 262 23.84 66.53 -15.50
N ALA E 263 23.37 66.69 -16.74
CA ALA E 263 24.26 66.64 -17.89
C ALA E 263 24.94 67.99 -18.07
N GLU E 264 26.18 67.95 -18.56
CA GLU E 264 26.91 69.19 -18.82
C GLU E 264 26.24 70.05 -19.87
N GLY E 265 25.41 69.47 -20.73
CA GLY E 265 24.63 70.22 -21.69
C GLY E 265 23.20 70.49 -21.25
N ALA E 266 22.92 70.35 -19.95
CA ALA E 266 21.57 70.54 -19.44
C ALA E 266 21.10 71.98 -19.69
N ILE E 267 19.82 72.11 -20.03
CA ILE E 267 19.24 73.38 -20.46
C ILE E 267 17.80 73.46 -19.97
N ASP E 268 17.25 74.67 -20.01
CA ASP E 268 15.87 74.96 -19.64
C ASP E 268 15.01 75.01 -20.90
N ARG E 269 13.77 75.49 -20.75
CA ARG E 269 12.92 75.69 -21.93
C ARG E 269 13.51 76.71 -22.88
N ASN E 270 14.20 77.72 -22.35
CA ASN E 270 14.83 78.75 -23.17
C ASN E 270 16.21 78.33 -23.69
N GLY E 271 16.66 77.11 -23.42
CA GLY E 271 17.95 76.67 -23.91
C GLY E 271 19.14 77.17 -23.12
N LYS E 272 18.92 77.97 -22.07
CA LYS E 272 20.04 78.52 -21.32
C LYS E 272 20.70 77.41 -20.49
N PRO E 273 22.03 77.39 -20.37
CA PRO E 273 22.66 76.33 -19.57
C PRO E 273 22.26 76.41 -18.10
N ILE E 274 22.09 75.24 -17.48
CA ILE E 274 21.81 75.12 -16.06
C ILE E 274 23.11 74.68 -15.39
N SER E 275 23.59 75.52 -14.48
CA SER E 275 24.83 75.24 -13.76
C SER E 275 24.53 74.41 -12.52
N SER E 276 25.41 73.44 -12.24
CA SER E 276 25.29 72.66 -11.01
C SER E 276 25.40 73.55 -9.77
N SER E 277 26.15 74.66 -9.88
CA SER E 277 26.21 75.60 -8.78
C SER E 277 24.84 76.20 -8.47
N TYR E 278 24.05 76.51 -9.51
CA TYR E 278 22.69 76.98 -9.29
C TYR E 278 21.87 75.93 -8.56
N VAL E 279 21.98 74.67 -8.96
CA VAL E 279 21.18 73.61 -8.35
C VAL E 279 21.55 73.44 -6.88
N LYS E 280 22.84 73.54 -6.57
CA LYS E 280 23.27 73.50 -5.17
C LYS E 280 22.70 74.69 -4.40
N ASP E 281 22.74 75.88 -5.00
CA ASP E 281 22.22 77.05 -4.31
C ASP E 281 20.71 76.94 -4.09
N LEU E 282 20.00 76.37 -5.07
CA LEU E 282 18.56 76.25 -4.95
C LEU E 282 18.17 75.27 -3.84
N VAL E 283 18.80 74.09 -3.82
CA VAL E 283 18.44 73.08 -2.83
C VAL E 283 18.79 73.56 -1.41
N VAL E 284 19.93 74.24 -1.27
CA VAL E 284 20.30 74.78 0.05
C VAL E 284 19.31 75.85 0.46
N GLN E 285 18.94 76.73 -0.46
CA GLN E 285 18.06 77.84 -0.14
C GLN E 285 16.67 77.36 0.25
N ARG E 286 16.13 76.39 -0.49
CA ARG E 286 14.73 76.02 -0.35
C ARG E 286 14.49 74.89 0.64
N LEU E 287 15.53 74.14 1.03
CA LEU E 287 15.40 73.04 1.97
C LEU E 287 16.42 73.06 3.10
N GLY E 288 17.57 73.72 2.93
CA GLY E 288 18.58 73.75 3.97
C GLY E 288 19.30 72.44 4.20
N PHE E 289 19.06 71.42 3.40
CA PHE E 289 19.73 70.15 3.58
C PHE E 289 21.21 70.30 3.26
N ASP E 290 22.04 69.67 4.07
CA ASP E 290 23.45 69.57 3.77
C ASP E 290 23.64 68.86 2.45
N THR E 291 24.43 69.46 1.56
CA THR E 291 24.56 68.97 0.19
C THR E 291 25.96 69.24 -0.32
N ARG E 292 26.31 68.56 -1.42
CA ARG E 292 27.59 68.73 -2.08
C ARG E 292 27.40 68.59 -3.57
N VAL E 293 28.42 69.04 -4.32
CA VAL E 293 28.47 68.93 -5.76
C VAL E 293 29.81 68.31 -6.13
N THR E 294 29.78 67.31 -7.01
CA THR E 294 30.97 66.59 -7.44
C THR E 294 30.98 66.52 -8.97
N VAL E 295 32.12 66.86 -9.55
CA VAL E 295 32.35 66.78 -10.99
C VAL E 295 33.35 65.65 -11.21
N LEU E 296 32.95 64.64 -12.00
CA LEU E 296 33.82 63.52 -12.28
C LEU E 296 35.07 63.92 -13.04
N GLY E 297 35.03 65.02 -13.79
CA GLY E 297 36.18 65.42 -14.57
C GLY E 297 36.44 64.45 -15.72
N HIS E 298 37.71 64.38 -16.13
CA HIS E 298 38.13 63.52 -17.23
C HIS E 298 38.37 62.07 -16.81
N VAL E 299 37.93 61.67 -15.61
CA VAL E 299 38.05 60.27 -15.19
C VAL E 299 37.33 59.34 -16.15
N GLN E 300 36.22 59.80 -16.75
CA GLN E 300 35.46 58.99 -17.68
C GLN E 300 36.21 58.74 -18.98
N ARG E 301 37.17 59.61 -19.33
CA ARG E 301 37.88 59.51 -20.60
C ARG E 301 39.08 58.58 -20.55
N GLY E 302 39.32 57.91 -19.42
CA GLY E 302 40.42 56.97 -19.31
C GLY E 302 40.06 55.76 -18.47
N GLY E 303 41.05 54.91 -18.18
CA GLY E 303 40.85 53.69 -17.44
C GLY E 303 40.85 52.47 -18.35
N THR E 304 40.85 51.30 -17.72
CA THR E 304 40.85 50.06 -18.47
C THR E 304 39.48 49.85 -19.10
N PRO E 305 39.38 49.61 -20.43
CA PRO E 305 38.05 49.46 -21.03
C PRO E 305 37.33 48.21 -20.54
N SER E 306 36.02 48.33 -20.42
CA SER E 306 35.20 47.20 -19.98
C SER E 306 35.12 46.15 -21.08
N ALA E 307 34.56 45.00 -20.72
CA ALA E 307 34.51 43.87 -21.65
C ALA E 307 33.65 44.17 -22.86
N PHE E 308 32.51 44.84 -22.66
CA PHE E 308 31.66 45.19 -23.80
C PHE E 308 32.36 46.15 -24.75
N ASP E 309 33.21 47.03 -24.22
CA ASP E 309 33.97 47.93 -25.07
C ASP E 309 34.94 47.17 -25.95
N ARG E 310 35.66 46.20 -25.39
CA ARG E 310 36.66 45.47 -26.16
C ARG E 310 36.02 44.63 -27.27
N ILE E 311 34.98 43.87 -26.92
CA ILE E 311 34.32 43.02 -27.92
C ILE E 311 33.69 43.88 -29.01
N LEU E 312 33.08 45.00 -28.63
CA LEU E 312 32.43 45.84 -29.63
C LEU E 312 33.46 46.51 -30.53
N SER E 313 34.55 47.02 -29.94
CA SER E 313 35.59 47.65 -30.73
C SER E 313 36.22 46.67 -31.70
N SER E 314 36.43 45.43 -31.24
CA SER E 314 37.09 44.44 -32.08
C SER E 314 36.19 43.99 -33.22
N LYS E 315 34.88 43.82 -32.96
CA LYS E 315 33.97 43.41 -34.02
C LYS E 315 33.83 44.51 -35.06
N MET E 316 33.68 45.76 -34.62
CA MET E 316 33.63 46.87 -35.57
C MET E 316 34.95 47.02 -36.32
N GLY E 317 36.08 46.67 -35.68
CA GLY E 317 37.35 46.71 -36.36
C GLY E 317 37.41 45.75 -37.54
N MET E 318 36.96 44.50 -37.33
CA MET E 318 36.91 43.55 -38.44
C MET E 318 35.96 44.04 -39.52
N GLU E 319 34.77 44.51 -39.13
CA GLU E 319 33.79 44.94 -40.12
C GLU E 319 34.32 46.12 -40.94
N ALA E 320 35.10 47.01 -40.32
CA ALA E 320 35.71 48.08 -41.07
C ALA E 320 36.74 47.55 -42.07
N VAL E 321 37.55 46.56 -41.65
CA VAL E 321 38.50 45.95 -42.57
C VAL E 321 37.76 45.29 -43.73
N MET E 322 36.70 44.55 -43.43
CA MET E 322 35.92 43.91 -44.49
C MET E 322 35.31 44.94 -45.42
N ALA E 323 34.77 46.03 -44.85
CA ALA E 323 34.14 47.07 -45.66
C ALA E 323 35.15 47.73 -46.61
N LEU E 324 36.34 48.04 -46.10
CA LEU E 324 37.37 48.65 -46.95
C LEU E 324 37.77 47.73 -48.10
N LEU E 325 37.98 46.45 -47.81
CA LEU E 325 38.48 45.53 -48.82
C LEU E 325 37.41 45.06 -49.80
N GLU E 326 36.13 45.16 -49.43
CA GLU E 326 35.03 44.84 -50.34
C GLU E 326 34.40 46.08 -50.97
N ALA E 327 34.92 47.28 -50.70
CA ALA E 327 34.39 48.49 -51.27
C ALA E 327 34.85 48.66 -52.71
N THR E 328 34.16 49.53 -53.44
CA THR E 328 34.47 49.90 -54.81
C THR E 328 34.45 51.41 -54.91
N PRO E 329 35.08 51.99 -55.96
CA PRO E 329 35.13 53.46 -56.03
C PRO E 329 33.77 54.11 -56.20
N ASP E 330 32.84 53.46 -56.91
CA ASP E 330 31.49 53.98 -56.98
C ASP E 330 30.79 53.95 -55.63
N THR E 331 31.19 53.04 -54.75
CA THR E 331 30.52 52.91 -53.45
C THR E 331 30.80 54.15 -52.61
N PRO E 332 29.80 54.76 -51.98
CA PRO E 332 30.09 55.89 -51.09
C PRO E 332 30.71 55.43 -49.78
N ALA E 333 31.29 56.38 -49.06
CA ALA E 333 31.87 56.07 -47.75
C ALA E 333 30.79 55.60 -46.80
N CYS E 334 31.11 54.55 -46.05
CA CYS E 334 30.17 53.92 -45.12
C CYS E 334 30.88 53.65 -43.80
N VAL E 335 30.07 53.48 -42.76
CA VAL E 335 30.54 53.21 -41.40
C VAL E 335 29.92 51.91 -40.93
N VAL E 336 30.35 51.46 -39.76
CA VAL E 336 29.84 50.24 -39.12
C VAL E 336 29.21 50.65 -37.79
N THR E 337 27.98 50.19 -37.54
CA THR E 337 27.21 50.60 -36.37
C THR E 337 26.48 49.37 -35.82
N LEU E 338 25.59 49.60 -34.86
CA LEU E 338 24.87 48.55 -34.15
C LEU E 338 23.39 48.64 -34.47
N SER E 339 22.83 47.52 -34.94
CA SER E 339 21.39 47.32 -35.00
C SER E 339 21.11 45.99 -34.35
N GLY E 340 20.27 45.99 -33.32
CA GLY E 340 20.09 44.80 -32.53
C GLY E 340 21.36 44.42 -31.79
N ASN E 341 22.00 43.34 -32.23
CA ASN E 341 23.29 42.90 -31.70
C ASN E 341 24.16 42.39 -32.83
N GLN E 342 24.19 43.14 -33.93
CA GLN E 342 24.98 42.81 -35.09
C GLN E 342 25.60 44.09 -35.65
N SER E 343 26.65 43.91 -36.45
CA SER E 343 27.41 45.02 -36.99
C SER E 343 26.84 45.39 -38.35
N VAL E 344 25.93 46.36 -38.36
CA VAL E 344 25.30 46.83 -39.59
C VAL E 344 26.17 47.92 -40.19
N ARG E 345 25.87 48.33 -41.42
CA ARG E 345 26.65 49.30 -42.18
C ARG E 345 25.74 50.37 -42.74
N LEU E 346 26.09 51.63 -42.49
CA LEU E 346 25.30 52.79 -42.86
C LEU E 346 26.15 53.78 -43.64
N PRO E 347 25.54 54.68 -44.41
CA PRO E 347 26.33 55.71 -45.11
C PRO E 347 26.64 56.87 -44.19
N LEU E 348 27.74 57.56 -44.53
CA LEU E 348 28.28 58.54 -43.59
C LEU E 348 27.46 59.83 -43.58
N MET E 349 27.25 60.43 -44.76
CA MET E 349 26.56 61.72 -44.84
C MET E 349 25.17 61.65 -44.22
N GLU E 350 24.41 60.59 -44.53
CA GLU E 350 23.06 60.40 -44.00
C GLU E 350 23.03 60.58 -42.49
N CYS E 351 23.85 59.82 -41.77
CA CYS E 351 23.89 59.97 -40.32
C CYS E 351 24.45 61.31 -39.88
N VAL E 352 25.41 61.88 -40.63
CA VAL E 352 25.98 63.17 -40.24
C VAL E 352 24.92 64.26 -40.28
N GLN E 353 24.17 64.33 -41.39
CA GLN E 353 23.13 65.35 -41.50
C GLN E 353 21.98 65.08 -40.52
N MET E 354 21.69 63.81 -40.22
CA MET E 354 20.68 63.52 -39.22
C MET E 354 21.10 64.06 -37.85
N THR E 355 22.37 63.86 -37.48
CA THR E 355 22.86 64.38 -36.21
C THR E 355 22.84 65.91 -36.18
N LYS E 356 23.23 66.53 -37.30
CA LYS E 356 23.21 67.99 -37.36
C LYS E 356 21.79 68.53 -37.26
N GLU E 357 20.83 67.88 -37.90
CA GLU E 357 19.44 68.31 -37.82
C GLU E 357 18.89 68.15 -36.41
N VAL E 358 19.28 67.07 -35.73
CA VAL E 358 18.85 66.87 -34.34
C VAL E 358 19.42 67.97 -33.46
N GLN E 359 20.69 68.31 -33.65
CA GLN E 359 21.31 69.34 -32.84
C GLN E 359 20.68 70.70 -33.12
N LYS E 360 20.33 70.96 -34.38
CA LYS E 360 19.68 72.21 -34.72
C LYS E 360 18.29 72.30 -34.08
N ALA E 361 17.52 71.21 -34.13
CA ALA E 361 16.20 71.20 -33.55
C ALA E 361 16.25 71.41 -32.04
N MET E 362 17.25 70.82 -31.38
CA MET E 362 17.44 71.06 -29.95
C MET E 362 17.78 72.52 -29.68
N ASP E 363 18.64 73.11 -30.52
CA ASP E 363 18.96 74.53 -30.39
C ASP E 363 17.75 75.41 -30.67
N ASP E 364 16.90 75.00 -31.60
CA ASP E 364 15.71 75.76 -31.97
C ASP E 364 14.55 75.62 -30.97
N LYS E 365 14.78 74.99 -29.82
CA LYS E 365 13.80 74.80 -28.75
C LYS E 365 12.65 73.88 -29.12
N ARG E 366 12.74 73.15 -30.24
CA ARG E 366 11.76 72.14 -30.60
C ARG E 366 12.14 70.82 -29.95
N PHE E 367 12.04 70.82 -28.61
CA PHE E 367 12.52 69.71 -27.81
C PHE E 367 11.73 68.44 -28.08
N ASP E 368 10.44 68.56 -28.39
CA ASP E 368 9.65 67.38 -28.72
C ASP E 368 10.17 66.74 -30.00
N GLU E 369 10.44 67.56 -31.02
CA GLU E 369 10.93 67.03 -32.29
C GLU E 369 12.30 66.36 -32.11
N ALA E 370 13.16 66.94 -31.27
CA ALA E 370 14.44 66.30 -30.99
C ALA E 370 14.26 64.94 -30.34
N THR E 371 13.31 64.85 -29.39
CA THR E 371 13.04 63.56 -28.74
C THR E 371 12.55 62.53 -29.75
N GLN E 372 11.61 62.91 -30.62
CA GLN E 372 11.12 61.98 -31.64
C GLN E 372 12.23 61.60 -32.61
N LEU E 373 13.21 62.47 -32.83
CA LEU E 373 14.26 62.18 -33.79
C LEU E 373 15.33 61.25 -33.20
N ARG E 374 15.60 61.34 -31.90
CA ARG E 374 16.56 60.44 -31.28
C ARG E 374 16.13 58.99 -31.41
N GLY E 375 14.87 58.70 -31.12
CA GLY E 375 14.31 57.36 -31.19
C GLY E 375 13.37 57.11 -30.04
N GLY E 376 12.35 56.29 -30.28
CA GLY E 376 11.38 55.98 -29.25
C GLY E 376 11.95 55.21 -28.07
N SER E 377 13.11 54.57 -28.23
CA SER E 377 13.74 53.86 -27.12
C SER E 377 14.10 54.81 -25.99
N PHE E 378 14.67 55.97 -26.32
CA PHE E 378 15.00 56.95 -25.30
C PHE E 378 13.74 57.45 -24.60
N GLU E 379 12.68 57.72 -25.37
CA GLU E 379 11.43 58.20 -24.77
C GLU E 379 10.85 57.16 -23.82
N ASN E 380 10.91 55.89 -24.20
CA ASN E 380 10.41 54.83 -23.32
C ASN E 380 11.27 54.72 -22.06
N ASN E 381 12.59 54.91 -22.19
CA ASN E 381 13.45 54.91 -21.03
C ASN E 381 13.12 56.07 -20.10
N TRP E 382 12.84 57.25 -20.68
CA TRP E 382 12.42 58.39 -19.86
C TRP E 382 11.12 58.09 -19.13
N ASN E 383 10.15 57.49 -19.82
CA ASN E 383 8.88 57.16 -19.18
C ASN E 383 9.07 56.11 -18.09
N ILE E 384 9.94 55.14 -18.31
CA ILE E 384 10.19 54.12 -17.30
C ILE E 384 10.83 54.74 -16.06
N TYR E 385 11.79 55.65 -16.27
CA TYR E 385 12.44 56.31 -15.15
C TYR E 385 11.47 57.17 -14.36
N LYS E 386 10.58 57.87 -15.06
CA LYS E 386 9.57 58.68 -14.36
C LYS E 386 8.62 57.80 -13.57
N LEU E 387 8.22 56.66 -14.13
CA LEU E 387 7.29 55.77 -13.43
C LEU E 387 7.90 55.23 -12.17
N LEU E 388 9.17 54.81 -12.22
CA LEU E 388 9.79 54.07 -11.13
C LEU E 388 10.48 54.97 -10.10
N ALA E 389 10.78 56.22 -10.45
CA ALA E 389 11.57 57.06 -9.57
C ALA E 389 10.83 57.39 -8.27
N HIS E 390 9.54 57.68 -8.37
CA HIS E 390 8.72 58.04 -7.21
C HIS E 390 7.40 57.28 -7.24
N GLN E 391 6.83 57.11 -6.06
CA GLN E 391 5.59 56.34 -5.90
C GLN E 391 4.40 57.22 -6.26
N LYS E 392 3.80 56.94 -7.41
CA LYS E 392 2.57 57.60 -7.76
C LYS E 392 1.42 57.01 -6.94
N PRO E 393 0.45 57.80 -6.50
CA PRO E 393 -0.62 57.24 -5.65
C PRO E 393 -1.51 56.30 -6.44
N PRO E 394 -1.56 55.00 -6.09
CA PRO E 394 -2.43 54.09 -6.87
C PRO E 394 -3.90 54.32 -6.55
N LYS E 395 -4.75 54.00 -7.52
CA LYS E 395 -6.19 54.21 -7.43
C LYS E 395 -7.01 53.01 -7.88
N GLU E 396 -6.46 52.11 -8.70
CA GLU E 396 -7.26 51.01 -9.22
C GLU E 396 -7.65 50.04 -8.12
N LYS E 397 -6.66 49.54 -7.38
CA LYS E 397 -6.86 48.60 -6.27
C LYS E 397 -7.63 47.37 -6.74
N SER E 398 -7.08 46.71 -7.74
CA SER E 398 -7.71 45.52 -8.30
C SER E 398 -7.69 44.38 -7.29
N ASN E 399 -8.36 43.29 -7.65
CA ASN E 399 -8.42 42.09 -6.82
C ASN E 399 -7.31 41.09 -7.14
N PHE E 400 -6.41 41.40 -8.08
CA PHE E 400 -5.40 40.46 -8.50
C PHE E 400 -4.26 40.39 -7.50
N SER E 401 -3.63 39.21 -7.41
CA SER E 401 -2.49 38.96 -6.54
C SER E 401 -1.36 38.35 -7.36
N LEU E 402 -0.13 38.61 -6.92
CA LEU E 402 1.07 38.17 -7.63
C LEU E 402 2.11 37.62 -6.67
N ALA E 403 2.95 36.73 -7.21
CA ALA E 403 4.07 36.14 -6.49
C ALA E 403 5.30 36.16 -7.38
N ILE E 404 6.45 36.48 -6.79
CA ILE E 404 7.72 36.61 -7.50
C ILE E 404 8.71 35.62 -6.87
N LEU E 405 9.45 34.92 -7.73
CA LEU E 405 10.36 33.85 -7.32
C LEU E 405 11.76 34.12 -7.86
N ASN E 406 12.76 33.67 -7.11
CA ASN E 406 14.14 33.58 -7.58
C ASN E 406 14.52 32.10 -7.68
N VAL E 407 15.00 31.70 -8.86
CA VAL E 407 15.29 30.30 -9.17
C VAL E 407 16.59 30.26 -9.97
N GLY E 408 17.28 29.12 -9.89
CA GLY E 408 18.56 28.95 -10.56
C GLY E 408 19.70 29.46 -9.71
N ALA E 409 20.90 29.37 -10.26
CA ALA E 409 22.06 29.86 -9.54
C ALA E 409 21.98 31.38 -9.44
N PRO E 410 22.45 31.98 -8.33
CA PRO E 410 22.31 33.44 -8.19
C PRO E 410 23.17 34.17 -9.21
N ALA E 411 22.56 35.11 -9.91
CA ALA E 411 23.18 35.87 -10.99
C ALA E 411 23.06 37.36 -10.70
N ALA E 412 24.12 38.10 -10.99
CA ALA E 412 24.17 39.53 -10.72
C ALA E 412 23.14 40.27 -11.57
N GLY E 413 22.03 40.67 -10.95
CA GLY E 413 20.96 41.35 -11.65
C GLY E 413 19.57 41.00 -11.16
N MET E 414 19.44 39.87 -10.45
CA MET E 414 18.14 39.42 -9.93
C MET E 414 17.49 40.48 -9.06
N ASN E 415 18.28 41.13 -8.20
CA ASN E 415 17.73 42.11 -7.26
C ASN E 415 17.16 43.32 -8.01
N ALA E 416 17.83 43.77 -9.07
CA ALA E 416 17.33 44.90 -9.84
C ALA E 416 16.01 44.56 -10.50
N ALA E 417 15.91 43.37 -11.10
CA ALA E 417 14.67 42.97 -11.76
C ALA E 417 13.54 42.82 -10.76
N VAL E 418 13.82 42.29 -9.57
CA VAL E 418 12.78 42.13 -8.57
C VAL E 418 12.25 43.47 -8.10
N ARG E 419 13.15 44.43 -7.86
CA ARG E 419 12.72 45.75 -7.39
C ARG E 419 11.86 46.43 -8.43
N SER E 420 12.29 46.41 -9.69
CA SER E 420 11.52 47.04 -10.77
C SER E 420 10.14 46.39 -10.91
N ALA E 421 10.09 45.06 -10.86
CA ALA E 421 8.81 44.37 -11.00
C ALA E 421 7.89 44.69 -9.83
N VAL E 422 8.43 44.70 -8.61
CA VAL E 422 7.61 44.94 -7.42
C VAL E 422 7.02 46.34 -7.47
N ARG E 423 7.84 47.34 -7.79
CA ARG E 423 7.36 48.72 -7.78
C ARG E 423 6.36 48.96 -8.91
N THR E 424 6.59 48.37 -10.08
CA THR E 424 5.62 48.49 -11.16
C THR E 424 4.30 47.83 -10.78
N GLY E 425 4.37 46.68 -10.11
CA GLY E 425 3.15 46.01 -9.68
C GLY E 425 2.38 46.80 -8.64
N ILE E 426 3.11 47.44 -7.72
CA ILE E 426 2.46 48.28 -6.71
C ILE E 426 1.74 49.45 -7.38
N SER E 427 2.33 50.00 -8.44
CA SER E 427 1.70 51.13 -9.12
C SER E 427 0.35 50.75 -9.73
N HIS E 428 0.25 49.55 -10.29
CA HIS E 428 -1.00 49.05 -10.85
C HIS E 428 -1.96 48.49 -9.80
N GLY E 429 -1.67 48.66 -8.51
CA GLY E 429 -2.62 48.30 -7.48
C GLY E 429 -2.73 46.82 -7.16
N HIS E 430 -1.92 45.97 -7.79
CA HIS E 430 -1.92 44.56 -7.47
C HIS E 430 -1.15 44.30 -6.18
N THR E 431 -1.62 43.34 -5.40
CA THR E 431 -0.88 42.86 -4.23
C THR E 431 0.16 41.85 -4.71
N VAL E 432 1.43 42.11 -4.42
CA VAL E 432 2.54 41.33 -4.95
C VAL E 432 3.25 40.66 -3.78
N TYR E 433 3.52 39.37 -3.93
CA TYR E 433 4.24 38.57 -2.96
C TYR E 433 5.63 38.25 -3.50
N VAL E 434 6.53 37.93 -2.57
CA VAL E 434 7.89 37.48 -2.89
C VAL E 434 8.13 36.19 -2.12
N VAL E 435 8.52 35.15 -2.84
CA VAL E 435 8.72 33.81 -2.28
C VAL E 435 10.21 33.59 -2.12
N HIS E 436 10.67 33.45 -0.88
CA HIS E 436 12.06 33.16 -0.62
C HIS E 436 12.38 31.72 -1.01
N ASP E 437 13.63 31.48 -1.38
CA ASP E 437 14.16 30.14 -1.64
C ASP E 437 13.48 29.45 -2.83
N GLY E 438 12.84 30.20 -3.72
CA GLY E 438 12.32 29.63 -4.95
C GLY E 438 11.17 28.65 -4.72
N PHE E 439 11.10 27.65 -5.62
CA PHE E 439 10.02 26.67 -5.56
C PHE E 439 9.99 25.90 -4.26
N GLU E 440 11.16 25.64 -3.67
CA GLU E 440 11.22 24.97 -2.37
C GLU E 440 10.48 25.77 -1.32
N GLY E 441 10.72 27.08 -1.28
CA GLY E 441 9.99 27.92 -0.35
C GLY E 441 8.51 27.95 -0.65
N LEU E 442 8.14 28.04 -1.93
CA LEU E 442 6.73 28.09 -2.33
C LEU E 442 5.98 26.86 -1.82
N ALA E 443 6.65 25.70 -1.81
CA ALA E 443 6.06 24.53 -1.17
C ALA E 443 6.04 24.69 0.35
N LYS E 444 7.07 25.31 0.92
CA LYS E 444 7.19 25.52 2.37
C LYS E 444 6.57 26.84 2.82
N GLY E 445 5.61 27.37 2.08
CA GLY E 445 5.04 28.66 2.41
C GLY E 445 6.06 29.77 2.25
N GLN E 446 6.40 30.46 3.36
CA GLN E 446 7.39 31.54 3.37
C GLN E 446 7.06 32.63 2.33
N VAL E 447 5.76 32.85 2.09
CA VAL E 447 5.28 33.83 1.14
C VAL E 447 4.84 35.05 1.93
N GLN E 448 5.36 36.22 1.54
CA GLN E 448 5.07 37.47 2.23
C GLN E 448 4.87 38.58 1.21
N GLU E 449 3.88 39.43 1.48
CA GLU E 449 3.70 40.63 0.68
C GLU E 449 4.86 41.59 0.93
N VAL E 450 5.06 42.51 -0.02
CA VAL E 450 6.16 43.46 0.02
C VAL E 450 5.64 44.82 -0.42
N GLY E 451 6.04 45.87 0.33
CA GLY E 451 5.66 47.23 0.02
C GLY E 451 6.72 47.94 -0.81
N TRP E 452 6.44 49.23 -1.08
CA TRP E 452 7.36 50.04 -1.85
C TRP E 452 8.69 50.21 -1.14
N HIS E 453 8.65 50.66 0.12
CA HIS E 453 9.88 50.90 0.87
C HIS E 453 10.61 49.60 1.21
N ASP E 454 9.92 48.46 1.17
CA ASP E 454 10.53 47.20 1.57
C ASP E 454 11.58 46.69 0.58
N VAL E 455 11.69 47.28 -0.61
CA VAL E 455 12.65 46.87 -1.64
C VAL E 455 13.64 47.98 -1.96
N ALA E 456 13.82 48.94 -1.06
CA ALA E 456 14.71 50.06 -1.32
C ALA E 456 16.16 49.62 -1.31
N GLY E 457 16.94 50.15 -2.25
CA GLY E 457 18.36 49.88 -2.30
C GLY E 457 18.75 48.56 -2.92
N TRP E 458 17.79 47.73 -3.33
CA TRP E 458 18.13 46.45 -3.96
C TRP E 458 18.83 46.62 -5.30
N LEU E 459 18.64 47.77 -5.96
CA LEU E 459 19.22 47.97 -7.28
C LEU E 459 20.75 47.91 -7.24
N GLY E 460 21.35 48.35 -6.15
CA GLY E 460 22.80 48.48 -6.08
C GLY E 460 23.53 47.36 -5.39
N ARG E 461 22.89 46.20 -5.24
CA ARG E 461 23.49 45.03 -4.59
C ARG E 461 23.36 43.81 -5.47
N GLY E 462 24.45 43.08 -5.64
CA GLY E 462 24.45 41.85 -6.40
C GLY E 462 23.82 40.71 -5.63
N GLY E 463 24.11 39.49 -6.09
CA GLY E 463 23.53 38.32 -5.46
C GLY E 463 22.02 38.30 -5.60
N SER E 464 21.39 37.50 -4.72
CA SER E 464 19.94 37.37 -4.67
C SER E 464 19.51 37.37 -3.22
N MET E 465 18.75 38.40 -2.82
CA MET E 465 18.33 38.54 -1.44
C MET E 465 17.16 37.64 -1.09
N LEU E 466 16.24 37.41 -2.03
CA LEU E 466 15.14 36.48 -1.78
C LEU E 466 15.64 35.06 -1.58
N GLY E 467 16.75 34.70 -2.23
CA GLY E 467 17.32 33.38 -2.12
C GLY E 467 16.83 32.48 -3.23
N THR E 468 17.74 31.68 -3.79
CA THR E 468 17.48 30.84 -4.95
C THR E 468 17.87 29.41 -4.64
N LYS E 469 17.14 28.48 -5.24
CA LYS E 469 17.38 27.05 -5.08
C LYS E 469 17.15 26.36 -6.41
N ARG E 470 17.87 25.25 -6.61
CA ARG E 470 17.79 24.49 -7.85
C ARG E 470 16.63 23.50 -7.88
N THR E 471 15.84 23.41 -6.81
CA THR E 471 14.73 22.47 -6.74
C THR E 471 13.72 22.74 -7.84
N LEU E 472 13.03 21.68 -8.28
CA LEU E 472 11.99 21.71 -9.29
C LEU E 472 10.62 21.45 -8.68
N PRO E 473 9.53 21.87 -9.35
CA PRO E 473 8.21 21.86 -8.69
C PRO E 473 7.53 20.51 -8.60
N LYS E 474 7.82 19.59 -9.53
CA LYS E 474 7.04 18.35 -9.63
C LYS E 474 7.15 17.50 -8.38
N GLY E 475 8.25 17.60 -7.65
CA GLY E 475 8.43 16.81 -6.44
C GLY E 475 7.52 17.22 -5.30
N GLN E 476 7.01 18.45 -5.30
CA GLN E 476 6.17 18.99 -4.23
C GLN E 476 4.92 19.64 -4.78
N LEU E 477 4.45 19.16 -5.95
CA LEU E 477 3.42 19.89 -6.71
C LEU E 477 2.12 20.03 -5.94
N GLU E 478 1.76 19.04 -5.12
CA GLU E 478 0.55 19.15 -4.31
C GLU E 478 0.66 20.31 -3.33
N SER E 479 1.81 20.46 -2.68
CA SER E 479 2.01 21.57 -1.76
C SER E 479 2.06 22.91 -2.51
N ILE E 480 2.61 22.91 -3.73
CA ILE E 480 2.63 24.14 -4.54
C ILE E 480 1.21 24.61 -4.81
N VAL E 481 0.34 23.69 -5.24
CA VAL E 481 -1.03 24.04 -5.56
C VAL E 481 -1.79 24.45 -4.29
N GLU E 482 -1.49 23.81 -3.17
CA GLU E 482 -2.14 24.16 -1.91
C GLU E 482 -1.80 25.60 -1.53
N ASN E 483 -0.52 25.97 -1.62
CA ASN E 483 -0.13 27.33 -1.28
C ASN E 483 -0.71 28.35 -2.27
N ILE E 484 -0.78 27.98 -3.56
CA ILE E 484 -1.38 28.87 -4.54
C ILE E 484 -2.83 29.17 -4.18
N ARG E 485 -3.58 28.13 -3.83
CA ARG E 485 -4.99 28.33 -3.51
C ARG E 485 -5.17 29.08 -2.19
N ILE E 486 -4.30 28.82 -1.21
CA ILE E 486 -4.41 29.50 0.09
C ILE E 486 -4.22 31.00 -0.08
N TYR E 487 -3.13 31.39 -0.74
CA TYR E 487 -2.84 32.80 -0.96
C TYR E 487 -3.64 33.39 -2.12
N GLY E 488 -4.40 32.59 -2.87
CA GLY E 488 -5.18 33.12 -3.96
C GLY E 488 -4.34 33.77 -5.04
N ILE E 489 -3.16 33.22 -5.31
CA ILE E 489 -2.27 33.79 -6.31
C ILE E 489 -2.94 33.70 -7.68
N HIS E 490 -2.71 34.71 -8.52
CA HIS E 490 -3.29 34.81 -9.85
C HIS E 490 -2.26 34.97 -10.95
N ALA E 491 -0.97 35.03 -10.62
CA ALA E 491 0.09 34.93 -11.62
C ALA E 491 1.43 34.83 -10.89
N LEU E 492 2.40 34.21 -11.57
CA LEU E 492 3.75 34.04 -11.06
C LEU E 492 4.73 34.71 -12.01
N LEU E 493 5.68 35.45 -11.44
CA LEU E 493 6.81 36.03 -12.19
C LEU E 493 8.07 35.37 -11.64
N VAL E 494 8.51 34.30 -12.30
CA VAL E 494 9.62 33.47 -11.83
C VAL E 494 10.87 33.92 -12.58
N VAL E 495 11.67 34.78 -11.96
CA VAL E 495 12.94 35.19 -12.53
C VAL E 495 14.01 34.16 -12.15
N GLY E 496 14.75 33.68 -13.14
CA GLY E 496 15.75 32.67 -12.86
C GLY E 496 16.37 32.12 -14.13
N GLY E 497 17.21 31.12 -13.93
CA GLY E 497 17.93 30.48 -15.02
C GLY E 497 17.10 29.42 -15.70
N PHE E 498 17.78 28.39 -16.23
CA PHE E 498 17.08 27.30 -16.91
C PHE E 498 16.12 26.58 -15.98
N GLU E 499 16.44 26.52 -14.69
CA GLU E 499 15.55 25.84 -13.76
C GLU E 499 14.21 26.55 -13.65
N ALA E 500 14.21 27.88 -13.78
CA ALA E 500 12.95 28.63 -13.82
C ALA E 500 12.11 28.23 -15.03
N TYR E 501 12.75 28.19 -16.20
CA TYR E 501 12.02 27.83 -17.42
C TYR E 501 11.49 26.40 -17.35
N GLU E 502 12.30 25.47 -16.85
CA GLU E 502 11.86 24.09 -16.76
C GLU E 502 10.72 23.93 -15.76
N GLY E 503 10.79 24.64 -14.63
CA GLY E 503 9.71 24.56 -13.66
C GLY E 503 8.40 25.12 -14.18
N VAL E 504 8.44 26.26 -14.87
CA VAL E 504 7.23 26.82 -15.45
C VAL E 504 6.70 25.91 -16.55
N LEU E 505 7.60 25.25 -17.28
CA LEU E 505 7.13 24.29 -18.29
C LEU E 505 6.41 23.12 -17.64
N GLN E 506 6.92 22.66 -16.49
CA GLN E 506 6.24 21.57 -15.79
C GLN E 506 4.86 22.00 -15.30
N LEU E 507 4.74 23.22 -14.77
CA LEU E 507 3.45 23.69 -14.31
C LEU E 507 2.46 23.84 -15.45
N VAL E 508 2.92 24.37 -16.59
CA VAL E 508 2.05 24.51 -17.75
C VAL E 508 1.60 23.15 -18.25
N GLU E 509 2.51 22.18 -18.30
CA GLU E 509 2.13 20.85 -18.73
C GLU E 509 1.22 20.16 -17.71
N ALA E 510 1.31 20.54 -16.45
CA ALA E 510 0.44 20.00 -15.40
C ALA E 510 -0.90 20.72 -15.29
N ARG E 511 -1.17 21.70 -16.16
CA ARG E 511 -2.47 22.37 -16.14
C ARG E 511 -3.61 21.44 -16.47
N GLY E 512 -3.34 20.37 -17.23
CA GLY E 512 -4.41 19.44 -17.55
C GLY E 512 -4.90 18.67 -16.36
N ARG E 513 -4.02 18.39 -15.40
CA ARG E 513 -4.32 17.49 -14.30
C ARG E 513 -4.90 18.21 -13.08
N TYR E 514 -4.61 19.50 -12.91
CA TYR E 514 -5.21 20.33 -11.86
C TYR E 514 -5.77 21.61 -12.46
N GLU E 515 -6.70 22.21 -11.74
CA GLU E 515 -7.36 23.45 -12.16
C GLU E 515 -6.60 24.70 -11.73
N GLU E 516 -5.95 24.66 -10.56
CA GLU E 516 -5.36 25.86 -9.99
C GLU E 516 -4.21 26.40 -10.83
N LEU E 517 -3.48 25.51 -11.52
CA LEU E 517 -2.36 25.94 -12.34
C LEU E 517 -2.77 26.68 -13.61
N CYS E 518 -4.07 26.87 -13.86
CA CYS E 518 -4.50 27.72 -14.97
C CYS E 518 -4.25 29.19 -14.62
N ILE E 519 -2.98 29.57 -14.57
CA ILE E 519 -2.53 30.80 -13.92
C ILE E 519 -1.35 31.34 -14.73
N VAL E 520 -1.30 32.65 -14.90
CA VAL E 520 -0.38 33.26 -15.86
C VAL E 520 1.03 33.27 -15.26
N MET E 521 2.01 32.72 -15.99
CA MET E 521 3.37 32.52 -15.51
C MET E 521 4.38 33.17 -16.44
N CYS E 522 5.10 34.18 -15.95
CA CYS E 522 6.12 34.87 -16.73
C CYS E 522 7.50 34.54 -16.17
N VAL E 523 8.48 34.39 -17.07
CA VAL E 523 9.85 34.02 -16.72
C VAL E 523 10.78 35.11 -17.23
N ILE E 524 11.67 35.58 -16.36
CA ILE E 524 12.74 36.51 -16.68
C ILE E 524 14.05 35.72 -16.69
N PRO E 525 14.75 35.60 -17.83
CA PRO E 525 16.01 34.82 -17.81
C PRO E 525 17.10 35.58 -17.05
N ALA E 526 17.65 34.93 -16.03
CA ALA E 526 18.70 35.52 -15.20
C ALA E 526 19.69 34.42 -14.82
N THR E 527 20.78 34.31 -15.59
CA THR E 527 21.79 33.30 -15.33
C THR E 527 23.06 33.70 -16.08
N ILE E 528 24.21 33.51 -15.43
CA ILE E 528 25.48 33.92 -16.03
C ILE E 528 25.80 33.09 -17.27
N SER E 529 25.35 31.83 -17.31
CA SER E 529 25.70 30.95 -18.41
C SER E 529 25.03 31.35 -19.73
N ASN E 530 23.96 32.14 -19.67
CA ASN E 530 23.27 32.62 -20.87
C ASN E 530 22.73 31.45 -21.70
N ASN E 531 21.98 30.56 -21.02
CA ASN E 531 21.44 29.34 -21.62
C ASN E 531 19.93 29.28 -21.62
N VAL E 532 19.23 30.31 -21.18
CA VAL E 532 17.77 30.27 -21.16
C VAL E 532 17.26 30.51 -22.60
N PRO E 533 16.36 29.68 -23.13
CA PRO E 533 15.92 29.91 -24.52
C PRO E 533 15.07 31.17 -24.65
N GLY E 534 14.98 31.65 -25.88
CA GLY E 534 14.09 32.74 -26.23
C GLY E 534 14.66 34.13 -26.06
N THR E 535 15.90 34.27 -25.58
CA THR E 535 16.54 35.57 -25.40
C THR E 535 17.92 35.53 -26.04
N ASP E 536 18.47 36.73 -26.27
CA ASP E 536 19.83 36.90 -26.76
C ASP E 536 20.82 37.13 -25.62
N PHE E 537 20.43 37.90 -24.62
CA PHE E 537 21.20 38.10 -23.40
C PHE E 537 20.37 37.69 -22.20
N SER E 538 20.99 36.97 -21.28
CA SER E 538 20.40 36.63 -19.99
C SER E 538 20.89 37.63 -18.97
N LEU E 539 19.98 38.09 -18.12
CA LEU E 539 20.31 39.07 -17.08
C LEU E 539 21.40 38.55 -16.16
N GLY E 540 22.55 39.22 -16.19
CA GLY E 540 23.70 38.88 -15.37
C GLY E 540 24.84 38.24 -16.11
N SER E 541 24.73 38.03 -17.43
CA SER E 541 25.86 37.52 -18.18
C SER E 541 27.00 38.53 -18.22
N ASP E 542 26.68 39.81 -18.41
CA ASP E 542 27.70 40.84 -18.61
C ASP E 542 28.61 40.97 -17.41
N THR E 543 28.07 40.80 -16.20
CA THR E 543 28.88 40.84 -14.99
C THR E 543 29.90 39.70 -15.00
N ALA E 544 29.47 38.50 -15.38
CA ALA E 544 30.37 37.35 -15.36
C ALA E 544 31.46 37.49 -16.41
N VAL E 545 31.10 38.02 -17.58
CA VAL E 545 32.09 38.26 -18.62
C VAL E 545 33.15 39.23 -18.13
N ASN E 546 32.74 40.30 -17.45
CA ASN E 546 33.68 41.29 -16.98
C ASN E 546 34.53 40.76 -15.83
N ALA E 547 33.94 39.98 -14.93
CA ALA E 547 34.71 39.40 -13.84
C ALA E 547 35.80 38.47 -14.36
N ALA E 548 35.43 37.58 -15.29
CA ALA E 548 36.42 36.72 -15.92
C ALA E 548 37.43 37.52 -16.73
N MET E 549 37.03 38.69 -17.23
CA MET E 549 37.96 39.53 -17.98
C MET E 549 39.08 40.04 -17.09
N GLU E 550 38.74 40.58 -15.91
CA GLU E 550 39.77 41.03 -14.98
C GLU E 550 40.66 39.87 -14.58
N SER E 551 40.06 38.73 -14.22
CA SER E 551 40.82 37.57 -13.79
C SER E 551 41.83 37.13 -14.84
N CYS E 552 41.40 37.03 -16.09
CA CYS E 552 42.30 36.57 -17.15
C CYS E 552 43.39 37.60 -17.42
N ASP E 553 43.09 38.89 -17.34
CA ASP E 553 44.14 39.90 -17.52
C ASP E 553 45.17 39.82 -16.40
N ARG E 554 44.71 39.52 -15.19
CA ARG E 554 45.64 39.37 -14.07
C ARG E 554 46.53 38.15 -14.25
N ILE E 555 45.97 37.06 -14.77
CA ILE E 555 46.76 35.86 -15.04
C ILE E 555 47.78 36.15 -16.15
N LYS E 556 47.40 36.92 -17.17
CA LYS E 556 48.33 37.20 -18.25
C LYS E 556 49.47 38.08 -17.79
N GLN E 557 49.20 39.04 -16.90
CA GLN E 557 50.28 39.84 -16.34
C GLN E 557 51.24 38.99 -15.54
N SER E 558 50.69 38.05 -14.75
CA SER E 558 51.54 37.11 -14.02
C SER E 558 52.33 36.23 -14.98
N ALA E 559 51.70 35.82 -16.09
CA ALA E 559 52.39 34.99 -17.06
C ALA E 559 53.53 35.75 -17.72
N SER E 560 53.28 37.00 -18.14
CA SER E 560 54.36 37.80 -18.73
C SER E 560 55.46 38.07 -17.72
N GLY E 561 55.13 38.09 -16.42
CA GLY E 561 56.16 38.22 -15.41
C GLY E 561 57.16 37.08 -15.43
N THR E 562 56.67 35.85 -15.58
CA THR E 562 57.52 34.66 -15.76
C THR E 562 57.50 34.33 -17.25
N LYS E 563 58.48 34.88 -17.98
CA LYS E 563 58.61 34.64 -19.41
C LYS E 563 58.64 33.14 -19.70
N ARG E 564 58.07 32.77 -20.84
CA ARG E 564 57.89 31.37 -21.24
C ARG E 564 56.99 30.63 -20.24
N ARG E 565 55.71 30.96 -20.31
CA ARG E 565 54.69 30.32 -19.48
C ARG E 565 53.36 30.31 -20.23
N VAL E 566 52.58 29.26 -19.98
CA VAL E 566 51.23 29.10 -20.51
C VAL E 566 50.31 28.76 -19.35
N PHE E 567 49.05 29.23 -19.44
CA PHE E 567 48.05 29.02 -18.40
C PHE E 567 46.81 28.36 -19.00
N ILE E 568 46.26 27.40 -18.24
CA ILE E 568 45.01 26.72 -18.58
C ILE E 568 43.95 27.21 -17.61
N VAL E 569 43.03 28.05 -18.08
CA VAL E 569 41.99 28.63 -17.23
C VAL E 569 40.69 27.92 -17.54
N GLU E 570 40.07 27.37 -16.49
CA GLU E 570 38.79 26.66 -16.59
C GLU E 570 37.69 27.61 -16.15
N THR E 571 36.88 28.07 -17.11
CA THR E 571 35.78 28.99 -16.84
C THR E 571 34.47 28.26 -16.70
N MET E 572 33.57 28.82 -15.90
CA MET E 572 32.24 28.28 -15.71
C MET E 572 31.40 28.51 -16.96
N GLY E 573 30.13 28.09 -16.89
CA GLY E 573 29.15 28.32 -17.95
C GLY E 573 28.33 27.11 -18.32
N GLY E 574 28.31 26.09 -17.46
CA GLY E 574 27.58 24.86 -17.79
C GLY E 574 28.17 24.21 -19.02
N TYR E 575 27.32 24.03 -20.04
CA TYR E 575 27.75 23.58 -21.36
C TYR E 575 27.88 24.70 -22.37
N CYS E 576 27.09 25.76 -22.23
CA CYS E 576 27.19 26.92 -23.12
C CYS E 576 28.57 27.54 -23.01
N GLY E 577 29.23 27.71 -24.15
CA GLY E 577 30.52 28.35 -24.19
C GLY E 577 30.46 29.84 -24.45
N TYR E 578 29.28 30.45 -24.22
CA TYR E 578 29.14 31.89 -24.38
C TYR E 578 30.13 32.63 -23.50
N LEU E 579 30.18 32.27 -22.22
CA LEU E 579 31.04 32.97 -21.28
C LEU E 579 32.51 32.77 -21.62
N ALA E 580 32.90 31.55 -21.97
CA ALA E 580 34.29 31.29 -22.32
C ALA E 580 34.68 31.99 -23.62
N THR E 581 33.78 31.96 -24.61
CA THR E 581 34.10 32.54 -25.92
C THR E 581 34.29 34.05 -25.81
N VAL E 582 33.34 34.74 -25.17
CA VAL E 582 33.41 36.20 -25.10
C VAL E 582 34.59 36.64 -24.24
N THR E 583 34.89 35.90 -23.16
CA THR E 583 36.04 36.24 -22.35
C THR E 583 37.33 36.05 -23.12
N GLY E 584 37.44 34.96 -23.88
CA GLY E 584 38.62 34.73 -24.68
C GLY E 584 38.84 35.83 -25.72
N ILE E 585 37.76 36.32 -26.31
CA ILE E 585 37.86 37.49 -27.17
C ILE E 585 38.31 38.70 -26.38
N ALA E 586 37.83 38.82 -25.13
CA ALA E 586 38.10 40.02 -24.35
C ALA E 586 39.57 40.16 -23.97
N VAL E 587 40.29 39.04 -23.83
CA VAL E 587 41.68 39.02 -23.39
C VAL E 587 42.62 38.39 -24.43
N GLY E 588 42.17 38.21 -25.67
CA GLY E 588 43.04 37.74 -26.73
C GLY E 588 43.66 36.39 -26.48
N ALA E 589 42.88 35.42 -26.02
CA ALA E 589 43.39 34.09 -25.75
C ALA E 589 43.87 33.43 -27.04
N ASP E 590 44.89 32.58 -26.92
CA ASP E 590 45.39 31.87 -28.08
C ASP E 590 44.37 30.88 -28.62
N ALA E 591 43.51 30.33 -27.76
CA ALA E 591 42.42 29.47 -28.18
C ALA E 591 41.52 29.21 -26.99
N ALA E 592 40.22 29.12 -27.25
CA ALA E 592 39.21 28.86 -26.22
C ALA E 592 38.44 27.61 -26.61
N TYR E 593 38.58 26.54 -25.84
CA TYR E 593 37.92 25.28 -26.15
C TYR E 593 36.51 25.27 -25.58
N VAL E 594 35.56 24.78 -26.37
CA VAL E 594 34.14 24.86 -26.05
C VAL E 594 33.45 23.62 -26.61
N PHE E 595 32.41 23.15 -25.91
CA PHE E 595 31.65 21.99 -26.35
C PHE E 595 31.06 22.19 -27.74
N GLU E 596 30.51 23.38 -28.00
CA GLU E 596 29.91 23.70 -29.30
C GLU E 596 30.90 23.63 -30.46
N ASP E 597 32.21 23.59 -30.19
CA ASP E 597 33.25 23.41 -31.20
C ASP E 597 33.99 22.12 -30.85
N PRO E 598 33.58 20.97 -31.39
CA PRO E 598 34.26 19.71 -31.04
C PRO E 598 35.72 19.71 -31.44
N PHE E 599 36.54 19.08 -30.59
CA PHE E 599 37.99 19.03 -30.78
C PHE E 599 38.48 17.66 -30.38
N ASN E 600 39.44 17.15 -31.15
CA ASN E 600 40.10 15.87 -30.90
C ASN E 600 41.54 16.13 -30.45
N ILE E 601 42.31 15.05 -30.32
CA ILE E 601 43.70 15.19 -29.89
C ILE E 601 44.53 15.91 -30.95
N HIS E 602 44.21 15.70 -32.23
CA HIS E 602 45.00 16.31 -33.30
C HIS E 602 44.93 17.83 -33.25
N ASP E 603 43.77 18.38 -32.89
CA ASP E 603 43.65 19.83 -32.75
C ASP E 603 44.51 20.33 -31.59
N LEU E 604 44.60 19.54 -30.50
CA LEU E 604 45.44 19.93 -29.38
C LEU E 604 46.92 19.90 -29.75
N LYS E 605 47.34 18.89 -30.49
CA LYS E 605 48.71 18.88 -31.01
C LYS E 605 48.96 20.08 -31.90
N VAL E 606 47.98 20.42 -32.74
CA VAL E 606 48.11 21.59 -33.62
C VAL E 606 48.24 22.86 -32.79
N ASN E 607 47.49 22.95 -31.70
CA ASN E 607 47.58 24.12 -30.83
C ASN E 607 48.92 24.19 -30.12
N VAL E 608 49.45 23.03 -29.72
CA VAL E 608 50.73 23.00 -29.01
C VAL E 608 51.85 23.49 -29.92
N GLU E 609 51.91 22.97 -31.14
CA GLU E 609 52.96 23.38 -32.07
C GLU E 609 52.82 24.86 -32.42
N HIS E 610 51.59 25.36 -32.51
CA HIS E 610 51.39 26.80 -32.70
C HIS E 610 51.94 27.57 -31.50
N MET E 611 51.76 27.04 -30.29
CA MET E 611 52.27 27.70 -29.11
C MET E 611 53.80 27.72 -29.10
N THR E 612 54.43 26.63 -29.55
CA THR E 612 55.89 26.62 -29.65
C THR E 612 56.37 27.64 -30.67
N GLU E 613 55.65 27.77 -31.80
CA GLU E 613 55.99 28.78 -32.79
C GLU E 613 55.93 30.18 -32.19
N LYS E 614 54.86 30.47 -31.43
CA LYS E 614 54.77 31.77 -30.80
C LYS E 614 55.86 31.97 -29.76
N MET E 615 56.24 30.90 -29.06
CA MET E 615 57.25 31.03 -28.02
C MET E 615 58.64 31.32 -28.57
N LYS E 616 58.87 31.07 -29.87
CA LYS E 616 60.12 31.50 -30.48
C LYS E 616 60.20 33.00 -30.65
N THR E 617 59.08 33.73 -30.58
CA THR E 617 59.04 35.16 -30.82
C THR E 617 59.32 35.92 -29.53
N ASP E 618 59.13 37.23 -29.55
CA ASP E 618 59.42 38.06 -28.38
C ASP E 618 58.36 37.88 -27.30
N ILE E 619 57.09 37.79 -27.69
CA ILE E 619 55.99 37.62 -26.74
C ILE E 619 55.95 36.17 -26.31
N GLN E 620 56.68 35.85 -25.25
CA GLN E 620 56.84 34.48 -24.77
C GLN E 620 55.88 34.24 -23.61
N ARG E 621 54.61 34.09 -23.98
CA ARG E 621 53.53 33.84 -23.04
C ARG E 621 52.47 33.00 -23.74
N GLY E 622 51.35 32.81 -23.08
CA GLY E 622 50.23 32.12 -23.70
C GLY E 622 49.06 32.10 -22.75
N LEU E 623 47.92 31.71 -23.30
CA LEU E 623 46.69 31.60 -22.53
C LEU E 623 45.69 30.80 -23.36
N VAL E 624 44.98 29.90 -22.69
CA VAL E 624 43.90 29.14 -23.32
C VAL E 624 42.76 29.06 -22.32
N LEU E 625 41.54 29.16 -22.84
CA LEU E 625 40.32 29.12 -22.04
C LEU E 625 39.62 27.79 -22.27
N ARG E 626 39.16 27.19 -21.18
CA ARG E 626 38.46 25.90 -21.24
C ARG E 626 37.12 26.09 -20.55
N ASN E 627 36.04 25.85 -21.28
CA ASN E 627 34.73 25.82 -20.64
C ASN E 627 34.73 24.67 -19.63
N GLU E 628 33.95 24.85 -18.55
CA GLU E 628 34.06 23.95 -17.40
C GLU E 628 33.77 22.49 -17.76
N LYS E 629 32.99 22.25 -18.82
CA LYS E 629 32.63 20.91 -19.24
C LYS E 629 32.65 20.84 -20.77
N CYS E 630 33.74 21.31 -21.37
CA CYS E 630 33.87 21.32 -22.82
C CYS E 630 34.13 19.91 -23.38
N HIS E 631 34.52 18.96 -22.55
CA HIS E 631 34.81 17.61 -23.02
C HIS E 631 34.62 16.65 -21.86
N ASP E 632 34.14 15.45 -22.18
CA ASP E 632 33.84 14.47 -21.14
C ASP E 632 35.09 13.87 -20.54
N TYR E 633 36.13 13.65 -21.36
CA TYR E 633 37.37 13.01 -20.94
C TYR E 633 38.54 13.98 -20.79
N TYR E 634 38.66 14.97 -21.68
CA TYR E 634 39.78 15.91 -21.67
C TYR E 634 39.54 16.98 -20.61
N THR E 635 39.69 16.58 -19.36
CA THR E 635 39.63 17.53 -18.25
C THR E 635 40.82 18.48 -18.31
N THR E 636 40.76 19.55 -17.51
CA THR E 636 41.83 20.54 -17.52
C THR E 636 43.17 19.95 -17.09
N GLU E 637 43.15 18.96 -16.21
CA GLU E 637 44.39 18.33 -15.79
C GLU E 637 45.02 17.52 -16.93
N PHE E 638 44.20 16.95 -17.81
CA PHE E 638 44.73 16.31 -19.01
C PHE E 638 45.49 17.33 -19.85
N LEU E 639 44.90 18.51 -20.07
CA LEU E 639 45.54 19.52 -20.90
C LEU E 639 46.84 20.00 -20.29
N TYR E 640 46.90 20.09 -18.96
CA TYR E 640 48.13 20.48 -18.31
C TYR E 640 49.23 19.44 -18.51
N ASN E 641 48.87 18.16 -18.38
CA ASN E 641 49.84 17.10 -18.62
C ASN E 641 50.33 17.11 -20.06
N LEU E 642 49.42 17.31 -21.01
CA LEU E 642 49.80 17.33 -22.43
C LEU E 642 50.71 18.52 -22.72
N TYR E 643 50.37 19.70 -22.21
CA TYR E 643 51.16 20.88 -22.52
C TYR E 643 52.52 20.83 -21.85
N SER E 644 52.57 20.44 -20.57
CA SER E 644 53.85 20.33 -19.88
C SER E 644 54.75 19.27 -20.51
N SER E 645 54.15 18.26 -21.15
CA SER E 645 54.94 17.24 -21.82
C SER E 645 55.52 17.75 -23.13
N GLU E 646 54.65 18.17 -24.06
CA GLU E 646 55.10 18.53 -25.39
C GLU E 646 55.86 19.85 -25.43
N GLY E 647 55.81 20.66 -24.36
CA GLY E 647 56.57 21.88 -24.27
C GLY E 647 57.78 21.79 -23.38
N LYS E 648 58.23 20.56 -23.06
CA LYS E 648 59.36 20.38 -22.17
C LYS E 648 60.62 20.99 -22.76
N GLY E 649 61.35 21.74 -21.94
CA GLY E 649 62.53 22.45 -22.40
C GLY E 649 62.27 23.78 -23.07
N VAL E 650 61.01 24.15 -23.29
CA VAL E 650 60.64 25.41 -23.93
C VAL E 650 59.81 26.29 -23.01
N PHE E 651 58.92 25.70 -22.21
CA PHE E 651 58.10 26.46 -21.27
C PHE E 651 57.50 25.50 -20.27
N ASP E 652 56.75 26.04 -19.32
CA ASP E 652 55.98 25.29 -18.33
C ASP E 652 54.51 25.70 -18.42
N CYS E 653 53.68 25.06 -17.59
CA CYS E 653 52.24 25.21 -17.67
C CYS E 653 51.66 25.24 -16.27
N ARG E 654 50.47 25.85 -16.16
CA ARG E 654 49.74 25.92 -14.90
C ARG E 654 48.25 25.89 -15.20
N THR E 655 47.47 25.66 -14.14
CA THR E 655 46.01 25.58 -14.23
C THR E 655 45.37 26.42 -13.14
N ASN E 656 44.28 27.10 -13.50
CA ASN E 656 43.51 27.90 -12.56
C ASN E 656 42.03 27.70 -12.85
N VAL E 657 41.25 27.49 -11.79
CA VAL E 657 39.82 27.25 -11.89
C VAL E 657 39.12 28.47 -11.31
N LEU E 658 38.57 29.30 -12.19
CA LEU E 658 37.69 30.37 -11.75
C LEU E 658 36.39 29.76 -11.27
N GLY E 659 36.29 29.49 -9.97
CA GLY E 659 35.09 28.90 -9.43
C GLY E 659 33.98 29.93 -9.37
N HIS E 660 33.29 30.03 -8.25
CA HIS E 660 32.17 30.97 -8.13
C HIS E 660 32.60 32.48 -8.16
N LEU E 661 33.88 32.80 -8.39
CA LEU E 661 34.30 34.18 -8.63
C LEU E 661 33.71 34.74 -9.91
N GLN E 662 33.37 33.90 -10.88
CA GLN E 662 32.79 34.40 -12.11
C GLN E 662 31.37 34.94 -11.94
N GLN E 663 30.76 34.80 -10.77
CA GLN E 663 29.46 35.42 -10.54
C GLN E 663 29.56 36.91 -10.23
N GLY E 664 30.77 37.44 -10.04
CA GLY E 664 30.96 38.87 -9.98
C GLY E 664 30.38 39.55 -8.76
N GLY E 665 30.75 40.80 -8.56
CA GLY E 665 30.29 41.57 -7.41
C GLY E 665 29.13 42.49 -7.74
N ALA E 666 29.38 43.79 -7.72
CA ALA E 666 28.33 44.74 -8.07
C ALA E 666 27.99 44.61 -9.55
N PRO E 667 26.72 44.51 -9.94
CA PRO E 667 26.42 44.38 -11.37
C PRO E 667 26.81 45.62 -12.17
N THR E 668 27.17 45.38 -13.43
CA THR E 668 27.65 46.42 -14.32
C THR E 668 26.49 47.29 -14.78
N PRO E 669 26.75 48.41 -15.48
CA PRO E 669 25.66 49.23 -16.03
C PRO E 669 24.57 48.51 -16.79
N PHE E 670 24.96 47.66 -17.75
CA PHE E 670 23.97 47.03 -18.61
C PHE E 670 23.05 46.11 -17.82
N ASP E 671 23.59 45.41 -16.82
CA ASP E 671 22.78 44.46 -16.07
C ASP E 671 21.75 45.17 -15.20
N ARG E 672 22.12 46.30 -14.60
CA ARG E 672 21.14 47.07 -13.83
C ARG E 672 20.04 47.61 -14.73
N ASN E 673 20.42 48.19 -15.88
CA ASN E 673 19.43 48.70 -16.81
C ASN E 673 18.56 47.58 -17.37
N TYR E 674 19.18 46.47 -17.76
CA TYR E 674 18.44 45.35 -18.34
C TYR E 674 17.49 44.74 -17.32
N GLY E 675 17.92 44.65 -16.06
CA GLY E 675 17.03 44.15 -15.02
C GLY E 675 15.83 45.06 -14.80
N THR E 676 16.08 46.38 -14.75
CA THR E 676 14.99 47.33 -14.53
C THR E 676 14.00 47.29 -15.70
N LYS E 677 14.52 47.33 -16.93
CA LYS E 677 13.64 47.38 -18.10
C LYS E 677 12.83 46.10 -18.23
N LEU E 678 13.44 44.95 -17.97
CA LEU E 678 12.71 43.69 -18.04
C LEU E 678 11.64 43.63 -16.96
N GLY E 679 11.96 44.10 -15.75
CA GLY E 679 10.99 44.06 -14.67
C GLY E 679 9.75 44.89 -14.97
N VAL E 680 9.94 46.09 -15.51
CA VAL E 680 8.80 46.92 -15.86
C VAL E 680 7.98 46.26 -16.97
N LYS E 681 8.63 45.93 -18.09
CA LYS E 681 7.89 45.46 -19.26
C LYS E 681 7.24 44.10 -19.01
N ALA E 682 7.90 43.23 -18.24
CA ALA E 682 7.28 41.96 -17.88
C ALA E 682 6.04 42.16 -17.03
N MET E 683 6.11 43.10 -16.07
CA MET E 683 4.97 43.36 -15.22
C MET E 683 3.81 43.96 -16.02
N LEU E 684 4.12 44.82 -16.99
CA LEU E 684 3.08 45.41 -17.82
C LEU E 684 2.38 44.37 -18.66
N TRP E 685 3.14 43.46 -19.28
CA TRP E 685 2.53 42.39 -20.05
C TRP E 685 1.70 41.48 -19.15
N LEU E 686 2.19 41.22 -17.94
CA LEU E 686 1.48 40.34 -17.02
C LEU E 686 0.15 40.95 -16.60
N SER E 687 0.14 42.26 -16.31
CA SER E 687 -1.11 42.93 -15.97
C SER E 687 -2.07 42.95 -17.15
N GLU E 688 -1.54 43.11 -18.37
CA GLU E 688 -2.40 43.15 -19.55
C GLU E 688 -3.13 41.81 -19.73
N LYS E 689 -2.40 40.71 -19.71
CA LYS E 689 -3.04 39.41 -19.89
C LYS E 689 -3.92 39.05 -18.71
N LEU E 690 -3.55 39.45 -17.49
CA LEU E 690 -4.36 39.12 -16.33
C LEU E 690 -5.71 39.82 -16.39
N ARG E 691 -5.72 41.06 -16.88
CA ARG E 691 -6.99 41.75 -17.13
C ARG E 691 -7.73 41.18 -18.32
N GLU E 692 -7.02 40.53 -19.25
CA GLU E 692 -7.68 39.99 -20.44
C GLU E 692 -8.50 38.75 -20.11
N VAL E 693 -7.97 37.89 -19.24
CA VAL E 693 -8.56 36.56 -19.00
C VAL E 693 -9.46 36.53 -17.77
N TYR E 694 -9.75 37.67 -17.16
CA TYR E 694 -10.67 37.74 -16.03
C TYR E 694 -12.09 37.90 -16.57
N ARG E 695 -12.95 36.93 -16.27
CA ARG E 695 -14.30 36.92 -16.82
C ARG E 695 -15.23 36.13 -15.90
N LYS E 696 -16.45 36.64 -15.74
CA LYS E 696 -17.50 36.04 -14.90
C LYS E 696 -17.04 35.79 -13.46
N GLY E 697 -16.10 36.60 -12.98
CA GLY E 697 -15.73 36.60 -11.58
C GLY E 697 -14.69 35.58 -11.15
N ARG E 698 -13.97 34.98 -12.07
CA ARG E 698 -12.90 34.05 -11.71
C ARG E 698 -11.84 34.05 -12.80
N VAL E 699 -10.57 34.12 -12.38
CA VAL E 699 -9.46 34.04 -13.32
C VAL E 699 -9.37 32.63 -13.88
N PHE E 700 -9.03 32.53 -15.17
CA PHE E 700 -8.89 31.23 -15.82
C PHE E 700 -7.96 31.42 -17.02
N ALA E 701 -6.75 30.87 -16.92
CA ALA E 701 -5.70 31.01 -17.93
C ALA E 701 -5.29 29.63 -18.41
N ASN E 702 -5.74 29.25 -19.60
CA ASN E 702 -5.49 27.92 -20.18
C ASN E 702 -4.69 27.94 -21.47
N ALA E 703 -4.81 29.00 -22.27
CA ALA E 703 -4.14 29.05 -23.56
C ALA E 703 -2.62 29.09 -23.36
N PRO E 704 -1.83 28.65 -24.35
CA PRO E 704 -0.37 28.65 -24.16
C PRO E 704 0.23 30.03 -24.02
N ASP E 705 -0.41 31.06 -24.58
CA ASP E 705 0.09 32.43 -24.46
C ASP E 705 0.05 32.96 -23.03
N SER E 706 -0.63 32.28 -22.11
CA SER E 706 -0.63 32.66 -20.71
C SER E 706 0.68 32.33 -19.99
N ALA E 707 1.64 31.69 -20.64
CA ALA E 707 2.95 31.43 -20.04
C ALA E 707 4.02 31.72 -21.06
N CYS E 708 4.85 32.74 -20.79
CA CYS E 708 5.86 33.20 -21.72
C CYS E 708 7.14 33.59 -20.99
N VAL E 709 8.21 33.74 -21.78
CA VAL E 709 9.52 34.17 -21.30
C VAL E 709 9.81 35.52 -21.93
N ILE E 710 9.99 36.55 -21.10
CA ILE E 710 10.38 37.86 -21.60
C ILE E 710 11.86 37.82 -21.97
N GLY E 711 12.17 38.23 -23.18
CA GLY E 711 13.55 38.19 -23.66
C GLY E 711 13.77 39.24 -24.71
N LEU E 712 14.98 39.80 -24.71
CA LEU E 712 15.40 40.75 -25.73
C LEU E 712 15.79 39.95 -26.97
N LYS E 713 14.95 39.98 -28.00
CA LYS E 713 15.24 39.29 -29.24
C LYS E 713 16.28 40.08 -30.03
N LYS E 714 16.44 39.76 -31.32
CA LYS E 714 17.46 40.40 -32.14
C LYS E 714 17.32 41.91 -32.11
N LYS E 715 16.10 42.42 -32.26
CA LYS E 715 15.85 43.86 -32.26
C LYS E 715 15.39 44.37 -30.90
N ALA E 716 14.27 43.88 -30.39
CA ALA E 716 13.62 44.44 -29.21
C ALA E 716 12.95 43.31 -28.43
N VAL E 717 12.09 43.69 -27.48
CA VAL E 717 11.48 42.73 -26.57
C VAL E 717 10.41 41.94 -27.29
N ALA E 718 10.27 40.66 -26.92
CA ALA E 718 9.20 39.81 -27.42
C ALA E 718 8.91 38.76 -26.35
N PHE E 719 7.65 38.33 -26.31
CA PHE E 719 7.16 37.34 -25.34
C PHE E 719 6.90 36.03 -26.08
N SER E 720 7.80 35.05 -25.89
CA SER E 720 7.70 33.75 -26.54
C SER E 720 6.95 32.79 -25.62
N PRO E 721 5.94 32.03 -26.09
CA PRO E 721 5.29 31.06 -25.20
C PRO E 721 6.27 30.01 -24.69
N VAL E 722 6.10 29.62 -23.42
CA VAL E 722 7.07 28.75 -22.78
C VAL E 722 7.06 27.37 -23.41
N THR E 723 5.87 26.87 -23.78
CA THR E 723 5.78 25.54 -24.37
C THR E 723 6.31 25.54 -25.80
N GLU E 724 6.07 26.61 -26.54
CA GLU E 724 6.54 26.67 -27.92
C GLU E 724 8.06 26.64 -28.01
N LEU E 725 8.75 27.19 -27.01
CA LEU E 725 10.20 27.12 -26.97
C LEU E 725 10.73 25.71 -26.74
N LYS E 726 9.87 24.76 -26.34
CA LYS E 726 10.32 23.41 -25.99
C LYS E 726 10.99 22.72 -27.18
N LYS E 727 10.55 23.00 -28.40
CA LYS E 727 11.17 22.38 -29.58
C LYS E 727 12.54 22.95 -29.91
N ASP E 728 12.97 24.04 -29.26
CA ASP E 728 14.25 24.69 -29.50
C ASP E 728 15.13 24.68 -28.25
N THR E 729 14.94 23.69 -27.37
CA THR E 729 15.69 23.55 -26.13
C THR E 729 16.26 22.14 -26.03
N ASP E 730 17.51 22.05 -25.59
CA ASP E 730 18.21 20.78 -25.40
C ASP E 730 18.21 20.48 -23.90
N PHE E 731 17.17 19.77 -23.45
CA PHE E 731 17.03 19.45 -22.04
C PHE E 731 18.11 18.49 -21.53
N GLU E 732 18.78 17.77 -22.43
CA GLU E 732 19.89 16.92 -22.02
C GLU E 732 21.03 17.75 -21.45
N HIS E 733 21.41 18.81 -22.16
CA HIS E 733 22.53 19.68 -21.79
C HIS E 733 22.09 21.05 -21.30
N ARG E 734 20.79 21.36 -21.32
CA ARG E 734 20.25 22.59 -20.76
C ARG E 734 20.79 23.82 -21.50
N MET E 735 20.46 23.89 -22.79
CA MET E 735 20.83 25.02 -23.62
C MET E 735 20.01 24.96 -24.91
N PRO E 736 19.79 26.09 -25.59
CA PRO E 736 19.02 26.07 -26.82
C PRO E 736 19.73 25.33 -27.94
N ARG E 737 18.94 24.87 -28.91
CA ARG E 737 19.50 24.17 -30.07
C ARG E 737 20.45 25.07 -30.84
N GLU E 738 20.00 26.29 -31.15
CA GLU E 738 20.77 27.27 -31.89
C GLU E 738 21.08 28.45 -30.97
N GLN E 739 22.29 29.00 -31.11
CA GLN E 739 22.72 30.18 -30.38
C GLN E 739 23.30 31.18 -31.36
N TRP E 740 23.09 32.46 -31.08
CA TRP E 740 23.52 33.52 -31.99
C TRP E 740 25.02 33.78 -31.93
N TRP E 741 25.64 33.53 -30.78
CA TRP E 741 27.05 33.90 -30.57
C TRP E 741 28.04 32.92 -31.20
N LEU E 742 27.59 31.91 -31.96
CA LEU E 742 28.53 31.00 -32.61
C LEU E 742 29.43 31.70 -33.63
N SER E 743 28.97 32.83 -34.18
CA SER E 743 29.80 33.56 -35.13
C SER E 743 31.07 34.10 -34.48
N LEU E 744 31.05 34.35 -33.17
CA LEU E 744 32.19 34.97 -32.50
C LEU E 744 33.39 34.03 -32.41
N ARG E 745 33.20 32.72 -32.60
CA ARG E 745 34.34 31.81 -32.50
C ARG E 745 35.32 32.05 -33.65
N LEU E 746 34.81 32.40 -34.83
CA LEU E 746 35.67 32.79 -35.94
C LEU E 746 36.48 34.03 -35.59
N MET E 747 35.83 34.97 -34.90
CA MET E 747 36.51 36.17 -34.42
C MET E 747 37.68 35.81 -33.52
N LEU E 748 37.43 34.91 -32.55
CA LEU E 748 38.47 34.55 -31.58
C LEU E 748 39.65 33.88 -32.27
N LYS E 749 39.39 32.98 -33.21
CA LYS E 749 40.47 32.23 -33.85
C LYS E 749 41.29 33.12 -34.77
N MET E 750 40.62 33.99 -35.53
CA MET E 750 41.35 34.83 -36.49
C MET E 750 42.21 35.87 -35.79
N LEU E 751 41.73 36.42 -34.67
CA LEU E 751 42.51 37.42 -33.95
C LEU E 751 43.74 36.84 -33.27
N ALA E 752 43.81 35.52 -33.12
CA ALA E 752 45.01 34.82 -32.67
C ALA E 752 45.75 34.26 -33.87
N GLN E 753 47.09 34.26 -33.77
CA GLN E 753 47.95 33.73 -34.83
C GLN E 753 47.60 32.28 -35.16
N GLY F 13 34.53 37.15 31.58
CA GLY F 13 35.55 38.04 32.09
C GLY F 13 35.12 39.48 32.30
N ALA F 14 33.81 39.74 32.19
CA ALA F 14 33.28 41.08 32.38
C ALA F 14 31.81 40.97 32.76
N GLY F 15 31.30 42.03 33.40
CA GLY F 15 29.91 42.10 33.80
C GLY F 15 29.34 43.49 33.71
N LYS F 16 29.84 44.29 32.76
CA LYS F 16 29.46 45.69 32.57
C LYS F 16 29.06 45.88 31.12
N ALA F 17 28.62 47.10 30.80
CA ALA F 17 28.09 47.46 29.49
C ALA F 17 29.01 48.41 28.77
N ILE F 18 28.85 48.45 27.44
CA ILE F 18 29.72 49.19 26.53
C ILE F 18 28.82 50.01 25.61
N GLY F 19 29.29 51.20 25.27
CA GLY F 19 28.67 52.01 24.24
C GLY F 19 29.69 52.31 23.16
N VAL F 20 29.21 52.49 21.92
CA VAL F 20 30.07 52.74 20.78
C VAL F 20 29.39 53.75 19.87
N LEU F 21 30.21 54.64 19.29
CA LEU F 21 29.74 55.58 18.29
C LEU F 21 30.90 55.92 17.37
N THR F 22 30.55 56.37 16.17
CA THR F 22 31.48 57.05 15.28
C THR F 22 30.95 58.44 15.02
N SER F 23 31.87 59.40 14.83
CA SER F 23 31.52 60.80 14.66
C SER F 23 32.54 61.44 13.75
N GLY F 24 32.27 62.69 13.38
CA GLY F 24 33.17 63.45 12.55
C GLY F 24 33.12 63.01 11.10
N GLY F 25 34.11 63.50 10.33
CA GLY F 25 34.23 63.16 8.93
C GLY F 25 34.45 61.67 8.72
N ASP F 26 33.58 61.05 7.94
CA ASP F 26 33.66 59.62 7.71
C ASP F 26 34.90 59.26 6.90
N ALA F 27 35.53 58.15 7.28
CA ALA F 27 36.62 57.53 6.52
C ALA F 27 36.32 56.05 6.41
N GLN F 28 36.41 55.51 5.20
CA GLN F 28 36.10 54.09 4.96
C GLN F 28 37.02 53.21 5.79
N GLY F 29 36.41 52.35 6.61
CA GLY F 29 37.12 51.52 7.56
C GLY F 29 36.48 51.49 8.93
N MET F 30 35.61 52.46 9.22
CA MET F 30 34.93 52.48 10.51
C MET F 30 34.06 51.25 10.70
N ASN F 31 33.52 50.70 9.61
CA ASN F 31 32.67 49.52 9.68
C ASN F 31 33.42 48.33 10.28
N ALA F 32 34.69 48.16 9.90
CA ALA F 32 35.47 47.07 10.47
C ALA F 32 35.76 47.31 11.94
N ALA F 33 36.05 48.55 12.31
CA ALA F 33 36.34 48.86 13.71
C ALA F 33 35.12 48.65 14.60
N VAL F 34 33.96 49.15 14.16
CA VAL F 34 32.74 48.99 14.96
C VAL F 34 32.36 47.51 15.05
N ARG F 35 32.58 46.74 13.98
CA ARG F 35 32.32 45.31 14.05
C ARG F 35 33.20 44.64 15.09
N ALA F 36 34.49 44.98 15.11
CA ALA F 36 35.42 44.33 16.01
C ALA F 36 35.12 44.66 17.47
N VAL F 37 34.84 45.94 17.77
CA VAL F 37 34.60 46.33 19.15
C VAL F 37 33.33 45.67 19.68
N THR F 38 32.28 45.61 18.87
CA THR F 38 31.03 45.03 19.34
C THR F 38 31.15 43.53 19.50
N ARG F 39 31.84 42.88 18.57
CA ARG F 39 32.00 41.43 18.65
C ARG F 39 32.92 41.03 19.79
N MET F 40 33.89 41.88 20.14
CA MET F 40 34.70 41.59 21.32
C MET F 40 33.91 41.83 22.60
N GLY F 41 33.16 42.93 22.67
CA GLY F 41 32.32 43.18 23.83
C GLY F 41 31.36 42.05 24.10
N ILE F 42 30.82 41.44 23.05
CA ILE F 42 29.98 40.27 23.21
C ILE F 42 30.81 39.06 23.63
N TYR F 43 31.96 38.87 22.97
CA TYR F 43 32.81 37.71 23.29
C TYR F 43 33.38 37.80 24.70
N VAL F 44 33.81 38.99 25.12
CA VAL F 44 34.31 39.18 26.48
C VAL F 44 33.19 39.07 27.51
N GLY F 45 31.93 39.18 27.09
CA GLY F 45 30.79 39.07 27.98
C GLY F 45 30.18 40.38 28.40
N ALA F 46 30.65 41.51 27.84
CA ALA F 46 30.10 42.82 28.17
C ALA F 46 28.94 43.15 27.25
N LYS F 47 28.05 44.01 27.73
CA LYS F 47 26.94 44.48 26.92
C LYS F 47 27.41 45.63 26.03
N VAL F 48 26.91 45.66 24.79
CA VAL F 48 27.31 46.63 23.78
C VAL F 48 26.07 47.33 23.27
N PHE F 49 26.16 48.66 23.13
CA PHE F 49 25.06 49.49 22.64
C PHE F 49 25.55 50.35 21.48
N LEU F 50 24.77 50.37 20.40
CA LEU F 50 25.09 51.16 19.21
C LEU F 50 24.38 52.51 19.29
N ILE F 51 25.16 53.57 19.18
CA ILE F 51 24.66 54.94 19.25
C ILE F 51 24.51 55.43 17.82
N TYR F 52 23.28 55.69 17.40
CA TYR F 52 22.99 56.11 16.03
C TYR F 52 23.06 57.61 15.91
N GLU F 53 23.34 58.07 14.67
CA GLU F 53 23.53 59.49 14.34
C GLU F 53 24.63 60.16 15.18
N GLY F 54 25.54 59.38 15.76
CA GLY F 54 26.61 59.96 16.55
C GLY F 54 26.10 60.75 17.75
N TYR F 55 26.68 61.93 17.93
CA TYR F 55 26.29 62.78 19.06
C TYR F 55 24.85 63.28 18.96
N GLU F 56 24.31 63.37 17.74
CA GLU F 56 22.93 63.82 17.59
C GLU F 56 21.97 62.86 18.28
N GLY F 57 22.11 61.57 18.00
CA GLY F 57 21.26 60.59 18.65
C GLY F 57 21.62 60.34 20.09
N LEU F 58 22.90 60.52 20.45
CA LEU F 58 23.31 60.42 21.84
C LEU F 58 22.59 61.44 22.70
N VAL F 59 22.52 62.69 22.21
CA VAL F 59 21.80 63.73 22.94
C VAL F 59 20.30 63.45 22.90
N GLU F 60 19.77 63.07 21.73
CA GLU F 60 18.34 62.85 21.60
C GLU F 60 17.90 61.65 22.44
N GLY F 61 18.67 60.57 22.43
CA GLY F 61 18.30 59.40 23.19
C GLY F 61 17.08 58.69 22.60
N GLY F 62 16.47 57.85 23.43
CA GLY F 62 15.29 57.13 22.99
C GLY F 62 15.66 56.02 22.03
N GLU F 63 15.03 56.02 20.86
CA GLU F 63 15.30 55.02 19.83
C GLU F 63 16.68 55.16 19.21
N ASN F 64 17.35 56.30 19.38
CA ASN F 64 18.68 56.50 18.82
C ASN F 64 19.71 55.55 19.40
N ILE F 65 19.46 54.98 20.59
CA ILE F 65 20.35 54.05 21.27
C ILE F 65 19.63 52.72 21.39
N LYS F 66 20.33 51.63 21.03
CA LYS F 66 19.71 50.33 21.03
C LYS F 66 20.76 49.25 21.23
N GLN F 67 20.35 48.18 21.91
CA GLN F 67 21.19 47.00 22.07
C GLN F 67 21.35 46.29 20.73
N ALA F 68 22.49 45.60 20.58
CA ALA F 68 22.80 44.81 19.40
C ALA F 68 23.17 43.40 19.82
N ASN F 69 23.01 42.48 18.87
CA ASN F 69 23.35 41.07 19.04
C ASN F 69 24.61 40.76 18.23
N TRP F 70 25.01 39.48 18.26
CA TRP F 70 26.21 39.04 17.55
C TRP F 70 26.11 39.26 16.05
N LEU F 71 24.89 39.22 15.50
CA LEU F 71 24.68 39.36 14.07
C LEU F 71 24.45 40.80 13.63
N SER F 72 24.41 41.76 14.55
CA SER F 72 24.07 43.13 14.18
C SER F 72 25.14 43.79 13.31
N VAL F 73 26.38 43.31 13.38
CA VAL F 73 27.51 43.92 12.67
C VAL F 73 28.02 42.98 11.59
N SER F 74 27.12 42.21 10.98
CA SER F 74 27.47 41.30 9.90
C SER F 74 27.21 41.97 8.57
N ASN F 75 27.96 41.54 7.54
CA ASN F 75 27.80 42.02 6.18
C ASN F 75 28.07 43.53 6.11
N ILE F 76 29.10 43.99 6.83
CA ILE F 76 29.51 45.39 6.81
C ILE F 76 31.03 45.56 6.73
N ILE F 77 31.79 44.49 7.03
CA ILE F 77 33.25 44.61 7.04
C ILE F 77 33.80 44.98 5.67
N GLN F 78 33.08 44.62 4.60
CA GLN F 78 33.46 44.97 3.24
C GLN F 78 32.86 46.29 2.75
N LEU F 79 32.09 46.99 3.59
CA LEU F 79 31.40 48.20 3.19
C LEU F 79 32.14 49.43 3.72
N GLY F 80 32.27 50.44 2.87
CA GLY F 80 32.84 51.71 3.30
C GLY F 80 31.85 52.52 4.10
N GLY F 81 32.35 53.63 4.63
CA GLY F 81 31.52 54.46 5.47
C GLY F 81 31.14 53.73 6.76
N THR F 82 30.04 54.17 7.35
CA THR F 82 29.53 53.63 8.60
C THR F 82 28.02 53.43 8.48
N ILE F 83 27.53 52.42 9.20
CA ILE F 83 26.10 52.11 9.22
C ILE F 83 25.33 52.90 10.28
N ILE F 84 26.02 53.63 11.16
CA ILE F 84 25.38 54.32 12.28
C ILE F 84 25.52 55.84 12.15
N GLY F 85 25.65 56.33 10.91
CA GLY F 85 25.54 57.76 10.65
C GLY F 85 26.82 58.56 10.82
N SER F 86 27.17 58.88 12.08
CA SER F 86 28.28 59.77 12.40
C SER F 86 27.99 61.19 11.90
N ALA F 87 26.90 61.74 12.41
CA ALA F 87 26.45 63.08 12.07
C ALA F 87 26.98 64.09 13.09
N ARG F 88 27.05 65.35 12.66
CA ARG F 88 27.65 66.42 13.46
C ARG F 88 26.58 67.08 14.32
N CYS F 89 26.78 67.06 15.64
CA CYS F 89 25.84 67.62 16.60
C CYS F 89 26.32 68.98 17.09
N LYS F 90 25.37 69.89 17.31
CA LYS F 90 25.63 71.22 17.83
C LYS F 90 25.30 71.36 19.31
N ALA F 91 24.20 70.74 19.76
CA ALA F 91 23.82 70.83 21.18
C ALA F 91 24.82 70.14 22.09
N PHE F 92 25.62 69.21 21.57
CA PHE F 92 26.61 68.52 22.38
C PHE F 92 27.61 69.48 23.00
N THR F 93 27.95 70.56 22.29
CA THR F 93 28.92 71.52 22.81
C THR F 93 28.42 72.19 24.09
N THR F 94 27.10 72.30 24.25
CA THR F 94 26.52 72.94 25.42
C THR F 94 26.42 71.95 26.57
N ARG F 95 26.45 72.47 27.79
CA ARG F 95 26.34 71.61 28.96
C ARG F 95 24.97 70.95 29.05
N GLU F 96 23.94 71.58 28.50
CA GLU F 96 22.60 70.99 28.51
C GLU F 96 22.55 69.73 27.66
N GLY F 97 23.23 69.75 26.50
CA GLY F 97 23.32 68.53 25.72
C GLY F 97 24.18 67.47 26.37
N ARG F 98 25.24 67.89 27.07
CA ARG F 98 26.13 66.93 27.71
C ARG F 98 25.43 66.22 28.87
N ARG F 99 24.69 66.96 29.70
CA ARG F 99 23.96 66.31 30.79
C ARG F 99 22.82 65.45 30.27
N ALA F 100 22.22 65.83 29.13
CA ALA F 100 21.20 64.99 28.52
C ALA F 100 21.80 63.70 28.02
N ALA F 101 22.99 63.77 27.43
CA ALA F 101 23.67 62.55 27.00
C ALA F 101 24.05 61.68 28.19
N ALA F 102 24.54 62.30 29.26
CA ALA F 102 24.84 61.54 30.48
C ALA F 102 23.58 60.89 31.05
N TYR F 103 22.46 61.61 30.99
CA TYR F 103 21.19 61.04 31.45
C TYR F 103 20.80 59.83 30.61
N ASN F 104 21.01 59.90 29.30
CA ASN F 104 20.69 58.75 28.44
C ASN F 104 21.59 57.57 28.76
N LEU F 105 22.89 57.83 29.00
CA LEU F 105 23.82 56.74 29.27
C LEU F 105 23.49 56.04 30.59
N VAL F 106 23.21 56.81 31.64
CA VAL F 106 22.88 56.20 32.93
C VAL F 106 21.53 55.49 32.87
N GLN F 107 20.60 55.99 32.05
CA GLN F 107 19.33 55.28 31.87
C GLN F 107 19.55 53.91 31.25
N HIS F 108 20.53 53.80 30.35
CA HIS F 108 20.94 52.53 29.76
C HIS F 108 22.17 51.91 30.44
N GLY F 109 22.69 52.55 31.49
CA GLY F 109 23.77 51.97 32.27
C GLY F 109 25.07 51.81 31.50
N ILE F 110 25.47 52.81 30.74
CA ILE F 110 26.70 52.79 29.95
C ILE F 110 27.78 53.48 30.76
N THR F 111 28.89 52.77 31.00
CA THR F 111 30.02 53.28 31.76
C THR F 111 31.33 53.30 30.99
N ASN F 112 31.41 52.61 29.85
CA ASN F 112 32.58 52.63 28.98
C ASN F 112 32.13 52.96 27.57
N LEU F 113 32.85 53.87 26.92
CA LEU F 113 32.49 54.40 25.61
C LEU F 113 33.68 54.31 24.67
N CYS F 114 33.40 53.97 23.41
CA CYS F 114 34.38 53.99 22.33
C CYS F 114 33.93 54.98 21.27
N VAL F 115 34.83 55.88 20.88
CA VAL F 115 34.53 56.97 19.96
C VAL F 115 35.46 56.87 18.77
N ILE F 116 34.88 57.02 17.56
CA ILE F 116 35.62 57.04 16.31
C ILE F 116 35.38 58.41 15.67
N GLY F 117 36.45 59.09 15.30
CA GLY F 117 36.31 60.38 14.65
C GLY F 117 37.61 61.16 14.70
N GLY F 118 37.49 62.45 14.39
CA GLY F 118 38.63 63.35 14.36
C GLY F 118 38.93 63.95 15.72
N ASP F 119 39.86 64.91 15.73
CA ASP F 119 40.36 65.47 16.98
C ASP F 119 39.28 66.17 17.77
N GLY F 120 38.36 66.85 17.09
CA GLY F 120 37.30 67.57 17.79
C GLY F 120 36.37 66.64 18.53
N SER F 121 36.00 65.51 17.91
CA SER F 121 35.09 64.57 18.55
C SER F 121 35.68 64.00 19.83
N LEU F 122 36.97 63.68 19.80
CA LEU F 122 37.62 63.12 20.99
C LEU F 122 37.85 64.19 22.05
N THR F 123 38.11 65.43 21.64
CA THR F 123 38.21 66.53 22.59
C THR F 123 36.89 66.71 23.32
N GLY F 124 35.78 66.66 22.58
CA GLY F 124 34.47 66.76 23.21
C GLY F 124 34.17 65.58 24.12
N ALA F 125 34.55 64.37 23.69
CA ALA F 125 34.35 63.20 24.53
C ALA F 125 35.17 63.28 25.80
N ASN F 126 36.39 63.83 25.70
CA ASN F 126 37.23 63.97 26.89
C ASN F 126 36.78 65.12 27.76
N ILE F 127 36.17 66.15 27.20
CA ILE F 127 35.49 67.12 28.03
C ILE F 127 34.38 66.43 28.80
N PHE F 128 33.63 65.57 28.12
CA PHE F 128 32.45 64.92 28.72
C PHE F 128 32.84 64.04 29.91
N ARG F 129 33.90 63.24 29.77
CA ARG F 129 34.34 62.45 30.92
C ARG F 129 34.91 63.34 32.00
N SER F 130 35.58 64.43 31.62
CA SER F 130 36.24 65.31 32.59
C SER F 130 35.25 65.98 33.53
N GLU F 131 33.98 66.11 33.13
CA GLU F 131 32.94 66.71 33.95
C GLU F 131 31.81 65.76 34.32
N TRP F 132 31.89 64.48 33.90
CA TRP F 132 30.95 63.41 34.23
C TRP F 132 30.52 63.44 35.70
N GLY F 133 31.47 63.66 36.60
CA GLY F 133 31.12 63.77 38.01
C GLY F 133 30.20 64.92 38.31
N SER F 134 30.54 66.12 37.82
CA SER F 134 29.69 67.30 38.01
C SER F 134 28.30 67.07 37.44
N LEU F 135 28.23 66.52 36.22
CA LEU F 135 26.94 66.23 35.59
C LEU F 135 26.09 65.31 36.45
N LEU F 136 26.71 64.32 37.09
CA LEU F 136 25.97 63.43 37.97
C LEU F 136 25.43 64.18 39.19
N GLU F 137 26.19 65.15 39.70
CA GLU F 137 25.74 65.86 40.90
C GLU F 137 24.50 66.70 40.62
N GLU F 138 24.50 67.49 39.54
CA GLU F 138 23.32 68.30 39.26
C GLU F 138 22.17 67.45 38.71
N LEU F 139 22.47 66.32 38.06
CA LEU F 139 21.41 65.41 37.66
C LEU F 139 20.72 64.82 38.88
N VAL F 140 21.48 64.48 39.92
CA VAL F 140 20.87 64.06 41.18
C VAL F 140 20.11 65.22 41.82
N ALA F 141 20.65 66.44 41.70
CA ALA F 141 20.03 67.59 42.35
C ALA F 141 18.65 67.88 41.78
N GLU F 142 18.49 67.77 40.46
CA GLU F 142 17.21 68.00 39.83
C GLU F 142 16.22 66.84 40.02
N GLY F 143 16.64 65.74 40.64
CA GLY F 143 15.74 64.66 40.95
C GLY F 143 15.49 63.67 39.83
N LYS F 144 16.24 63.76 38.73
CA LYS F 144 16.03 62.84 37.62
C LYS F 144 16.41 61.41 38.00
N ILE F 145 17.46 61.24 38.81
CA ILE F 145 18.00 59.95 39.18
C ILE F 145 18.16 59.89 40.69
N SER F 146 18.32 58.67 41.19
CA SER F 146 18.59 58.42 42.59
C SER F 146 20.10 58.44 42.86
N GLU F 147 20.46 58.65 44.13
CA GLU F 147 21.87 58.73 44.49
C GLU F 147 22.56 57.37 44.34
N THR F 148 21.82 56.29 44.54
CA THR F 148 22.40 54.95 44.36
C THR F 148 22.86 54.73 42.92
N THR F 149 22.06 55.21 41.96
CA THR F 149 22.45 55.09 40.55
C THR F 149 23.70 55.89 40.26
N ALA F 150 23.79 57.11 40.80
CA ALA F 150 24.97 57.94 40.58
C ALA F 150 26.22 57.30 41.18
N ARG F 151 26.08 56.67 42.35
CA ARG F 151 27.21 55.95 42.94
C ARG F 151 27.63 54.78 42.07
N THR F 152 26.66 54.05 41.52
CA THR F 152 26.97 52.87 40.72
C THR F 152 27.74 53.26 39.45
N TYR F 153 27.31 54.32 38.77
CA TYR F 153 27.90 54.80 37.53
C TYR F 153 28.71 56.06 37.75
N SER F 154 29.43 56.12 38.87
CA SER F 154 30.12 57.35 39.27
C SER F 154 31.31 57.70 38.37
N HIS F 155 31.80 56.77 37.55
CA HIS F 155 32.94 56.99 36.68
C HIS F 155 32.58 56.67 35.24
N LEU F 156 33.34 57.27 34.32
CA LEU F 156 33.17 57.06 32.88
C LEU F 156 34.53 56.87 32.26
N ASN F 157 34.70 55.79 31.50
CA ASN F 157 35.94 55.46 30.83
C ASN F 157 35.80 55.71 29.34
N ILE F 158 36.84 56.30 28.75
CA ILE F 158 36.86 56.70 27.34
C ILE F 158 38.02 56.03 26.65
N ALA F 159 37.74 55.37 25.53
CA ALA F 159 38.75 54.87 24.60
C ALA F 159 38.47 55.50 23.24
N GLY F 160 39.52 55.98 22.59
CA GLY F 160 39.38 56.76 21.38
C GLY F 160 40.01 56.11 20.17
N LEU F 161 39.42 56.38 19.00
CA LEU F 161 39.91 55.90 17.72
C LEU F 161 39.90 57.05 16.72
N VAL F 162 40.96 57.13 15.93
CA VAL F 162 41.17 58.20 14.97
C VAL F 162 40.75 57.66 13.60
N GLY F 163 39.54 58.01 13.17
CA GLY F 163 39.05 57.66 11.84
C GLY F 163 38.96 58.86 10.93
N SER F 164 39.94 59.03 10.04
CA SER F 164 39.97 60.17 9.14
C SER F 164 40.98 59.89 8.03
N ILE F 165 40.60 60.24 6.79
CA ILE F 165 41.49 60.01 5.66
C ILE F 165 42.64 61.01 5.60
N ASP F 166 42.53 62.15 6.31
CA ASP F 166 43.52 63.20 6.18
C ASP F 166 44.90 62.77 6.66
N ASN F 167 44.95 61.86 7.63
CA ASN F 167 46.21 61.45 8.27
C ASN F 167 46.94 62.64 8.90
N ASP F 168 46.18 63.65 9.34
CA ASP F 168 46.76 64.84 9.95
C ASP F 168 47.07 64.62 11.43
N PHE F 169 46.45 63.62 12.06
CA PHE F 169 46.79 63.27 13.43
C PHE F 169 48.25 62.84 13.51
N CYS F 170 49.01 63.51 14.38
CA CYS F 170 50.46 63.35 14.42
C CYS F 170 50.92 62.24 15.36
N GLY F 171 50.11 61.90 16.37
CA GLY F 171 50.44 60.79 17.25
C GLY F 171 50.35 59.42 16.60
N THR F 172 49.75 59.32 15.42
CA THR F 172 49.58 58.07 14.69
C THR F 172 50.30 58.17 13.36
N ASP F 173 51.11 57.15 13.04
CA ASP F 173 51.78 57.12 11.75
C ASP F 173 50.78 56.91 10.61
N MET F 174 49.78 56.06 10.82
CA MET F 174 48.76 55.74 9.82
C MET F 174 47.40 55.76 10.49
N THR F 175 46.56 56.71 10.10
CA THR F 175 45.19 56.76 10.59
C THR F 175 44.31 55.82 9.76
N ILE F 176 43.23 55.35 10.39
CA ILE F 176 42.35 54.38 9.74
C ILE F 176 41.72 55.00 8.51
N GLY F 177 41.79 54.27 7.39
CA GLY F 177 41.15 54.66 6.14
C GLY F 177 42.06 55.32 5.13
N THR F 178 43.28 55.69 5.52
CA THR F 178 44.17 56.41 4.60
C THR F 178 44.59 55.53 3.43
N ASP F 179 44.81 54.25 3.68
CA ASP F 179 45.19 53.34 2.60
C ASP F 179 44.09 53.25 1.56
N SER F 180 42.84 53.15 1.99
CA SER F 180 41.72 53.10 1.04
C SER F 180 41.61 54.40 0.27
N ALA F 181 41.77 55.54 0.93
CA ALA F 181 41.73 56.82 0.23
C ALA F 181 42.85 56.92 -0.79
N LEU F 182 44.03 56.40 -0.45
CA LEU F 182 45.13 56.37 -1.41
C LEU F 182 44.81 55.46 -2.58
N HIS F 183 44.14 54.33 -2.31
CA HIS F 183 43.65 53.48 -3.40
C HIS F 183 42.73 54.25 -4.32
N ARG F 184 41.74 54.96 -3.74
CA ARG F 184 40.78 55.73 -4.52
C ARG F 184 41.46 56.80 -5.36
N ILE F 185 42.39 57.53 -4.76
CA ILE F 185 43.17 58.54 -5.46
C ILE F 185 43.88 57.94 -6.67
N MET F 186 44.47 56.76 -6.50
CA MET F 186 45.41 56.30 -7.51
C MET F 186 44.73 55.66 -8.72
N GLU F 187 43.59 54.98 -8.56
CA GLU F 187 42.91 54.51 -9.77
C GLU F 187 42.41 55.69 -10.58
N VAL F 188 41.99 56.76 -9.90
CA VAL F 188 41.63 57.98 -10.62
C VAL F 188 42.86 58.56 -11.31
N ILE F 189 44.02 58.54 -10.62
CA ILE F 189 45.25 59.01 -11.26
C ILE F 189 45.59 58.13 -12.46
N ASP F 190 45.44 56.80 -12.31
CA ASP F 190 45.77 55.90 -13.41
C ASP F 190 44.85 56.15 -14.60
N ALA F 191 43.55 56.30 -14.37
CA ALA F 191 42.63 56.63 -15.46
C ALA F 191 42.99 57.96 -16.08
N ILE F 192 43.37 58.94 -15.26
CA ILE F 192 43.75 60.25 -15.80
C ILE F 192 45.05 60.15 -16.58
N THR F 193 46.02 59.36 -16.09
CA THR F 193 47.31 59.30 -16.75
C THR F 193 47.22 58.70 -18.15
N THR F 194 46.27 57.78 -18.37
CA THR F 194 46.12 57.19 -19.69
C THR F 194 45.74 58.23 -20.73
N THR F 195 44.68 59.00 -20.46
CA THR F 195 44.29 60.05 -21.39
C THR F 195 45.33 61.15 -21.47
N ALA F 196 46.06 61.42 -20.38
CA ALA F 196 47.10 62.44 -20.40
C ALA F 196 48.24 62.03 -21.32
N GLN F 197 48.69 60.78 -21.21
CA GLN F 197 49.73 60.29 -22.11
C GLN F 197 49.23 60.24 -23.54
N SER F 198 47.94 59.91 -23.73
CA SER F 198 47.36 59.87 -25.07
C SER F 198 47.42 61.25 -25.73
N HIS F 199 46.86 62.25 -25.07
CA HIS F 199 46.69 63.57 -25.66
C HIS F 199 47.83 64.54 -25.35
N GLN F 200 48.84 64.12 -24.58
CA GLN F 200 49.99 64.97 -24.23
C GLN F 200 49.53 66.25 -23.53
N ARG F 201 48.62 66.09 -22.57
CA ARG F 201 48.03 67.21 -21.84
C ARG F 201 48.53 67.20 -20.40
N THR F 202 48.86 68.39 -19.90
CA THR F 202 49.30 68.57 -18.51
C THR F 202 48.08 68.81 -17.64
N PHE F 203 48.00 68.12 -16.50
CA PHE F 203 46.80 68.18 -15.66
C PHE F 203 47.17 68.57 -14.23
N VAL F 204 46.18 69.20 -13.57
CA VAL F 204 46.26 69.63 -12.18
C VAL F 204 45.18 68.88 -11.42
N LEU F 205 45.55 68.26 -10.30
CA LEU F 205 44.68 67.42 -9.50
C LEU F 205 44.52 68.04 -8.12
N GLU F 206 43.32 67.95 -7.56
CA GLU F 206 42.97 68.54 -6.27
C GLU F 206 42.52 67.44 -5.33
N VAL F 207 43.37 67.10 -4.36
CA VAL F 207 43.14 66.00 -3.45
C VAL F 207 42.54 66.53 -2.16
N MET F 208 41.88 65.63 -1.43
CA MET F 208 41.32 65.97 -0.13
C MET F 208 42.45 66.11 0.90
N GLY F 209 42.10 66.67 2.06
CA GLY F 209 43.06 66.94 3.12
C GLY F 209 42.85 68.35 3.64
N ARG F 210 42.38 68.49 4.88
CA ARG F 210 41.97 69.79 5.40
C ARG F 210 43.12 70.79 5.37
N HIS F 211 44.21 70.51 6.10
CA HIS F 211 45.42 71.31 6.05
C HIS F 211 46.67 70.44 6.01
N CYS F 212 46.55 69.18 5.59
CA CYS F 212 47.65 68.21 5.58
C CYS F 212 47.95 67.79 4.14
N GLY F 213 49.24 67.67 3.83
CA GLY F 213 49.71 67.30 2.51
C GLY F 213 50.27 65.91 2.40
N TYR F 214 49.97 65.03 3.38
CA TYR F 214 50.44 63.66 3.31
C TYR F 214 49.87 62.95 2.08
N LEU F 215 48.56 63.10 1.85
CA LEU F 215 47.92 62.40 0.75
C LEU F 215 48.45 62.88 -0.59
N ALA F 216 48.72 64.18 -0.70
CA ALA F 216 49.22 64.73 -1.95
C ALA F 216 50.61 64.19 -2.27
N LEU F 217 51.50 64.16 -1.28
CA LEU F 217 52.86 63.68 -1.54
C LEU F 217 52.87 62.19 -1.85
N VAL F 218 52.11 61.40 -1.09
CA VAL F 218 52.10 59.95 -1.32
C VAL F 218 51.56 59.63 -2.71
N SER F 219 50.51 60.35 -3.13
CA SER F 219 49.99 60.14 -4.47
C SER F 219 50.98 60.57 -5.53
N ALA F 220 51.64 61.72 -5.33
CA ALA F 220 52.63 62.19 -6.28
C ALA F 220 53.83 61.26 -6.35
N LEU F 221 54.28 60.77 -5.20
CA LEU F 221 55.41 59.84 -5.19
C LEU F 221 55.04 58.53 -5.85
N ALA F 222 53.83 58.03 -5.61
CA ALA F 222 53.38 56.78 -6.22
C ALA F 222 53.03 56.93 -7.69
N SER F 223 52.83 58.16 -8.18
CA SER F 223 52.53 58.43 -9.58
C SER F 223 53.67 59.11 -10.33
N GLY F 224 54.74 59.50 -9.65
CA GLY F 224 55.83 60.22 -10.30
C GLY F 224 55.39 61.55 -10.90
N ALA F 225 54.54 62.28 -10.19
CA ALA F 225 54.06 63.56 -10.68
C ALA F 225 55.21 64.54 -10.82
N ASP F 226 55.10 65.42 -11.83
CA ASP F 226 56.20 66.33 -12.14
C ASP F 226 56.36 67.44 -11.12
N TRP F 227 55.30 67.78 -10.38
CA TRP F 227 55.41 68.79 -9.33
C TRP F 227 54.30 68.56 -8.33
N LEU F 228 54.56 68.99 -7.10
CA LEU F 228 53.66 68.82 -5.97
C LEU F 228 53.52 70.14 -5.23
N PHE F 229 52.37 70.31 -4.59
CA PHE F 229 52.11 71.40 -3.66
C PHE F 229 51.60 70.80 -2.35
N ILE F 230 52.21 71.23 -1.24
CA ILE F 230 51.80 70.79 0.09
C ILE F 230 51.90 71.96 1.06
N PRO F 231 51.09 71.94 2.14
CA PRO F 231 51.24 73.00 3.15
C PRO F 231 52.49 72.87 4.01
N GLU F 232 53.07 71.67 4.12
CA GLU F 232 54.22 71.49 5.00
C GLU F 232 55.47 72.16 4.47
N ALA F 233 55.63 72.25 3.15
CA ALA F 233 56.79 72.85 2.49
C ALA F 233 56.28 73.80 1.41
N PRO F 234 55.88 75.02 1.76
CA PRO F 234 55.40 75.94 0.75
C PRO F 234 56.50 76.31 -0.22
N PRO F 235 56.16 76.61 -1.47
CA PRO F 235 57.21 76.86 -2.47
C PRO F 235 57.92 78.17 -2.22
N GLU F 236 59.20 78.20 -2.59
CA GLU F 236 60.02 79.39 -2.41
C GLU F 236 59.65 80.44 -3.46
N ASP F 237 60.18 81.65 -3.27
CA ASP F 237 59.85 82.77 -4.14
C ASP F 237 60.33 82.50 -5.55
N GLY F 238 59.58 83.03 -6.52
CA GLY F 238 59.91 82.80 -7.92
C GLY F 238 59.68 81.39 -8.39
N TRP F 239 58.79 80.64 -7.72
CA TRP F 239 58.49 79.26 -8.12
C TRP F 239 57.93 79.16 -9.54
N GLU F 240 57.43 80.26 -10.11
CA GLU F 240 56.88 80.23 -11.46
C GLU F 240 57.96 79.88 -12.48
N ASN F 241 59.14 80.49 -12.35
CA ASN F 241 60.20 80.25 -13.32
C ASN F 241 60.73 78.82 -13.21
N PHE F 242 60.88 78.31 -11.98
CA PHE F 242 61.35 76.94 -11.80
C PHE F 242 60.31 75.95 -12.32
N MET F 243 59.03 76.28 -12.16
CA MET F 243 57.96 75.45 -12.73
C MET F 243 58.10 75.38 -14.25
N CYS F 244 58.31 76.53 -14.89
CA CYS F 244 58.42 76.56 -16.34
C CYS F 244 59.66 75.81 -16.82
N GLU F 245 60.79 75.98 -16.13
CA GLU F 245 62.02 75.30 -16.52
C GLU F 245 61.86 73.78 -16.41
N ARG F 246 61.29 73.31 -15.30
CA ARG F 246 61.15 71.87 -15.10
C ARG F 246 60.19 71.26 -16.11
N LEU F 247 59.00 71.85 -16.27
CA LEU F 247 58.02 71.28 -17.19
C LEU F 247 58.50 71.34 -18.63
N GLY F 248 59.25 72.38 -18.99
CA GLY F 248 59.85 72.41 -20.31
C GLY F 248 60.90 71.33 -20.48
N GLU F 249 61.71 71.10 -19.46
CA GLU F 249 62.71 70.04 -19.53
C GLU F 249 62.07 68.66 -19.62
N THR F 250 61.01 68.42 -18.85
CA THR F 250 60.34 67.13 -18.88
C THR F 250 59.72 66.87 -20.25
N ARG F 251 58.83 67.75 -20.69
CA ARG F 251 58.13 67.55 -21.95
C ARG F 251 59.09 67.55 -23.13
N SER F 252 60.21 68.25 -23.02
CA SER F 252 61.22 68.20 -24.07
C SER F 252 61.94 66.85 -24.08
N ARG F 253 62.25 66.32 -22.91
CA ARG F 253 63.04 65.08 -22.80
C ARG F 253 62.15 63.84 -22.74
N GLY F 254 61.24 63.71 -23.69
CA GLY F 254 60.48 62.49 -23.88
C GLY F 254 59.34 62.25 -22.93
N SER F 255 59.18 63.07 -21.88
CA SER F 255 58.08 62.88 -20.94
C SER F 255 56.79 63.33 -21.63
N ARG F 256 55.99 62.38 -22.06
CA ARG F 256 54.83 62.70 -22.89
C ARG F 256 53.78 63.48 -22.12
N LEU F 257 53.62 63.21 -20.82
CA LEU F 257 52.58 63.79 -19.99
C LEU F 257 53.20 64.39 -18.74
N ASN F 258 52.51 65.38 -18.17
CA ASN F 258 52.89 66.01 -16.90
C ASN F 258 51.70 65.97 -15.97
N ILE F 259 51.94 65.55 -14.73
CA ILE F 259 50.92 65.46 -13.69
C ILE F 259 51.27 66.43 -12.59
N ILE F 260 50.31 67.25 -12.19
CA ILE F 260 50.45 68.21 -11.10
C ILE F 260 49.40 67.87 -10.05
N ILE F 261 49.82 67.78 -8.79
CA ILE F 261 48.95 67.45 -7.67
C ILE F 261 49.03 68.62 -6.69
N ILE F 262 47.87 69.06 -6.21
CA ILE F 262 47.76 70.21 -5.31
C ILE F 262 46.77 69.85 -4.21
N ALA F 263 47.23 69.84 -2.96
CA ALA F 263 46.30 69.72 -1.86
C ALA F 263 45.41 70.96 -1.81
N GLU F 264 44.18 70.77 -1.32
CA GLU F 264 43.21 71.87 -1.28
C GLU F 264 43.70 73.04 -0.41
N GLY F 265 44.56 72.76 0.56
CA GLY F 265 45.10 73.77 1.45
C GLY F 265 46.51 74.20 1.13
N ALA F 266 46.94 74.01 -0.13
CA ALA F 266 48.27 74.45 -0.53
C ALA F 266 48.39 75.96 -0.43
N ILE F 267 49.54 76.41 0.08
CA ILE F 267 49.79 77.81 0.38
C ILE F 267 51.18 78.20 -0.14
N ASP F 268 51.40 79.52 -0.19
CA ASP F 268 52.69 80.10 -0.55
C ASP F 268 53.48 80.41 0.71
N ARG F 269 54.59 81.14 0.57
CA ARG F 269 55.38 81.53 1.73
C ARG F 269 54.59 82.45 2.66
N ASN F 270 53.70 83.27 2.11
CA ASN F 270 52.86 84.15 2.91
C ASN F 270 51.61 83.46 3.44
N GLY F 271 51.48 82.15 3.28
CA GLY F 271 50.30 81.44 3.74
C GLY F 271 49.06 81.64 2.88
N LYS F 272 49.16 82.39 1.80
CA LYS F 272 47.98 82.64 0.98
C LYS F 272 47.64 81.37 0.19
N PRO F 273 46.37 80.93 0.14
CA PRO F 273 46.05 79.72 -0.62
C PRO F 273 46.33 79.90 -2.11
N ILE F 274 46.87 78.84 -2.72
CA ILE F 274 47.20 78.82 -4.14
C ILE F 274 46.07 78.06 -4.82
N SER F 275 45.30 78.78 -5.64
CA SER F 275 44.17 78.20 -6.35
C SER F 275 44.64 77.48 -7.60
N SER F 276 44.04 76.32 -7.87
CA SER F 276 44.39 75.55 -9.06
C SER F 276 44.06 76.32 -10.34
N SER F 277 43.03 77.15 -10.33
CA SER F 277 42.70 77.97 -11.49
C SER F 277 43.84 78.92 -11.82
N TYR F 278 44.47 79.49 -10.79
CA TYR F 278 45.63 80.35 -11.03
C TYR F 278 46.76 79.55 -11.69
N VAL F 279 47.00 78.33 -11.21
CA VAL F 279 48.08 77.53 -11.76
C VAL F 279 47.80 77.18 -13.21
N LYS F 280 46.54 76.88 -13.52
CA LYS F 280 46.14 76.60 -14.90
C LYS F 280 46.36 77.83 -15.78
N ASP F 281 45.96 79.01 -15.29
CA ASP F 281 46.13 80.22 -16.09
C ASP F 281 47.60 80.52 -16.32
N LEU F 282 48.44 80.26 -15.32
CA LEU F 282 49.87 80.52 -15.46
C LEU F 282 50.49 79.60 -16.50
N VAL F 283 50.24 78.29 -16.41
CA VAL F 283 50.86 77.34 -17.33
C VAL F 283 50.39 77.59 -18.75
N VAL F 284 49.12 77.95 -18.93
CA VAL F 284 48.62 78.25 -20.27
C VAL F 284 49.28 79.52 -20.80
N GLN F 285 49.45 80.52 -19.95
CA GLN F 285 50.04 81.77 -20.40
C GLN F 285 51.52 81.58 -20.75
N ARG F 286 52.26 80.86 -19.92
CA ARG F 286 53.71 80.80 -20.03
C ARG F 286 54.22 79.70 -20.95
N LEU F 287 53.42 78.65 -21.18
CA LEU F 287 53.83 77.53 -22.03
C LEU F 287 52.82 77.26 -23.14
N GLY F 288 51.54 77.56 -22.91
CA GLY F 288 50.53 77.32 -23.92
C GLY F 288 50.10 75.88 -24.06
N PHE F 289 50.59 74.98 -23.20
CA PHE F 289 50.22 73.58 -23.30
C PHE F 289 48.75 73.39 -22.95
N ASP F 290 48.07 72.56 -23.73
CA ASP F 290 46.70 72.20 -23.43
C ASP F 290 46.64 71.48 -22.09
N THR F 291 45.66 71.87 -21.26
CA THR F 291 45.63 71.40 -19.88
C THR F 291 44.20 71.40 -19.36
N ARG F 292 44.00 70.65 -18.27
CA ARG F 292 42.70 70.54 -17.62
C ARG F 292 42.92 70.45 -16.11
N VAL F 293 41.79 70.50 -15.38
CA VAL F 293 41.77 70.37 -13.93
C VAL F 293 40.61 69.45 -13.57
N THR F 294 40.83 68.58 -12.57
CA THR F 294 39.81 67.63 -12.13
C THR F 294 39.80 67.63 -10.61
N VAL F 295 38.75 68.19 -10.02
CA VAL F 295 38.57 68.15 -8.57
C VAL F 295 38.06 66.77 -8.21
N LEU F 296 38.83 66.05 -7.39
CA LEU F 296 38.48 64.68 -7.07
C LEU F 296 37.18 64.60 -6.28
N GLY F 297 37.01 65.49 -5.30
CA GLY F 297 35.77 65.53 -4.54
C GLY F 297 35.74 64.49 -3.42
N HIS F 298 34.52 64.05 -3.10
CA HIS F 298 34.26 63.16 -1.98
C HIS F 298 34.52 61.69 -2.27
N VAL F 299 35.23 61.37 -3.36
CA VAL F 299 35.50 59.97 -3.71
C VAL F 299 36.31 59.28 -2.64
N GLN F 300 37.21 60.00 -1.96
CA GLN F 300 38.05 59.38 -0.94
C GLN F 300 37.27 58.99 0.30
N ARG F 301 36.07 59.53 0.50
CA ARG F 301 35.26 59.19 1.66
C ARG F 301 34.43 57.91 1.48
N GLY F 302 34.57 57.23 0.35
CA GLY F 302 33.86 55.99 0.11
C GLY F 302 34.69 54.95 -0.63
N GLY F 303 34.03 53.92 -1.14
CA GLY F 303 34.69 52.81 -1.78
C GLY F 303 34.96 51.68 -0.82
N THR F 304 35.37 50.55 -1.38
CA THR F 304 35.61 49.36 -0.57
C THR F 304 36.87 49.57 0.26
N PRO F 305 36.86 49.25 1.57
CA PRO F 305 38.08 49.48 2.36
C PRO F 305 39.19 48.51 1.97
N SER F 306 40.42 49.00 2.08
CA SER F 306 41.57 48.16 1.76
C SER F 306 41.71 47.05 2.81
N ALA F 307 42.47 46.02 2.43
CA ALA F 307 42.70 44.93 3.37
C ALA F 307 43.53 45.39 4.56
N PHE F 308 44.53 46.23 4.31
CA PHE F 308 45.26 46.87 5.41
C PHE F 308 44.32 47.69 6.29
N ASP F 309 43.34 48.36 5.67
CA ASP F 309 42.38 49.14 6.45
C ASP F 309 41.52 48.25 7.32
N ARG F 310 40.98 47.17 6.76
CA ARG F 310 40.09 46.30 7.53
C ARG F 310 40.84 45.61 8.68
N ILE F 311 42.05 45.11 8.40
CA ILE F 311 42.81 44.41 9.43
C ILE F 311 43.14 45.35 10.58
N LEU F 312 43.62 46.54 10.26
CA LEU F 312 44.03 47.47 11.31
C LEU F 312 42.82 48.05 12.04
N SER F 313 41.72 48.29 11.31
CA SER F 313 40.49 48.76 11.97
C SER F 313 40.00 47.74 12.99
N SER F 314 40.05 46.46 12.64
CA SER F 314 39.62 45.43 13.58
C SER F 314 40.60 45.31 14.74
N LYS F 315 41.90 45.46 14.47
CA LYS F 315 42.89 45.35 15.53
C LYS F 315 42.80 46.52 16.51
N MET F 316 42.53 47.72 16.00
CA MET F 316 42.29 48.85 16.88
C MET F 316 41.02 48.65 17.68
N GLY F 317 40.03 47.98 17.10
CA GLY F 317 38.82 47.67 17.86
C GLY F 317 39.09 46.71 19.00
N MET F 318 39.95 45.72 18.76
CA MET F 318 40.40 44.83 19.83
C MET F 318 41.04 45.62 20.96
N GLU F 319 42.04 46.43 20.62
CA GLU F 319 42.82 47.11 21.66
C GLU F 319 41.98 48.14 22.41
N ALA F 320 41.03 48.78 21.72
CA ALA F 320 40.14 49.72 22.40
C ALA F 320 39.25 49.02 23.42
N VAL F 321 38.69 47.87 23.05
CA VAL F 321 37.87 47.11 23.98
C VAL F 321 38.70 46.63 25.17
N MET F 322 39.92 46.15 24.89
CA MET F 322 40.79 45.71 25.98
C MET F 322 41.17 46.87 26.88
N ALA F 323 41.41 48.04 26.30
CA ALA F 323 41.74 49.21 27.10
C ALA F 323 40.58 49.62 27.99
N LEU F 324 39.35 49.58 27.44
CA LEU F 324 38.17 49.96 28.23
C LEU F 324 37.96 49.02 29.40
N LEU F 325 38.14 47.71 29.20
CA LEU F 325 37.92 46.78 30.28
C LEU F 325 39.00 46.88 31.35
N GLU F 326 40.24 47.19 30.95
CA GLU F 326 41.38 47.23 31.87
C GLU F 326 41.74 48.64 32.33
N ALA F 327 40.91 49.64 32.05
CA ALA F 327 41.16 51.00 32.50
C ALA F 327 40.53 51.24 33.87
N THR F 328 40.96 52.32 34.50
CA THR F 328 40.47 52.76 35.80
C THR F 328 40.12 54.24 35.73
N PRO F 329 39.34 54.75 36.69
CA PRO F 329 38.97 56.17 36.65
C PRO F 329 40.15 57.12 36.73
N ASP F 330 41.16 56.79 37.55
CA ASP F 330 42.36 57.61 37.59
C ASP F 330 43.12 57.59 36.28
N THR F 331 42.97 56.54 35.48
CA THR F 331 43.65 56.46 34.20
C THR F 331 43.09 57.52 33.26
N PRO F 332 43.92 58.32 32.59
CA PRO F 332 43.36 59.34 31.67
C PRO F 332 42.79 58.69 30.43
N ALA F 333 42.04 59.50 29.67
CA ALA F 333 41.52 59.05 28.39
C ALA F 333 42.66 58.71 27.45
N CYS F 334 42.53 57.58 26.77
CA CYS F 334 43.60 56.98 25.97
C CYS F 334 43.09 56.68 24.57
N VAL F 335 44.04 56.66 23.62
CA VAL F 335 43.79 56.30 22.24
C VAL F 335 44.79 55.20 21.87
N VAL F 336 44.41 54.42 20.86
CA VAL F 336 45.27 53.38 20.29
C VAL F 336 45.73 53.86 18.92
N THR F 337 47.04 53.79 18.68
CA THR F 337 47.67 54.29 17.48
C THR F 337 48.70 53.25 17.02
N LEU F 338 49.55 53.65 16.07
CA LEU F 338 50.59 52.80 15.50
C LEU F 338 51.94 53.43 15.74
N SER F 339 52.84 52.68 16.38
CA SER F 339 54.24 53.04 16.52
C SER F 339 55.04 51.84 16.06
N GLY F 340 55.86 52.04 15.04
CA GLY F 340 56.51 50.92 14.41
C GLY F 340 55.51 50.01 13.74
N ASN F 341 55.37 48.78 14.25
CA ASN F 341 54.39 47.81 13.75
C ASN F 341 53.75 47.09 14.93
N GLN F 342 53.22 47.86 15.87
CA GLN F 342 52.50 47.32 17.02
C GLN F 342 51.39 48.28 17.41
N SER F 343 50.35 47.72 18.04
CA SER F 343 49.19 48.48 18.47
C SER F 343 49.51 49.15 19.79
N VAL F 344 50.07 50.36 19.72
CA VAL F 344 50.46 51.11 20.91
C VAL F 344 49.26 51.87 21.46
N ARG F 345 49.40 52.36 22.69
CA ARG F 345 48.34 53.08 23.39
C ARG F 345 48.94 54.35 23.97
N LEU F 346 48.37 55.49 23.62
CA LEU F 346 48.88 56.81 23.96
C LEU F 346 47.81 57.64 24.64
N PRO F 347 48.19 58.67 25.41
CA PRO F 347 47.16 59.50 26.05
C PRO F 347 46.56 60.50 25.08
N LEU F 348 45.24 60.66 25.17
CA LEU F 348 44.53 61.53 24.23
C LEU F 348 45.00 62.97 24.34
N MET F 349 45.08 63.50 25.56
CA MET F 349 45.32 64.93 25.76
C MET F 349 46.68 65.35 25.20
N GLU F 350 47.71 64.54 25.42
CA GLU F 350 49.05 64.88 24.94
C GLU F 350 49.08 64.97 23.43
N CYS F 351 48.40 64.05 22.74
CA CYS F 351 48.32 64.12 21.28
C CYS F 351 47.50 65.33 20.84
N VAL F 352 46.45 65.68 21.60
CA VAL F 352 45.64 66.84 21.24
C VAL F 352 46.47 68.11 21.30
N GLN F 353 47.19 68.32 22.41
CA GLN F 353 47.99 69.54 22.54
C GLN F 353 49.11 69.57 21.50
N MET F 354 49.74 68.43 21.24
CA MET F 354 50.85 68.42 20.28
C MET F 354 50.36 68.69 18.87
N THR F 355 49.21 68.10 18.49
CA THR F 355 48.62 68.39 17.19
C THR F 355 48.25 69.86 17.08
N LYS F 356 47.66 70.42 18.14
CA LYS F 356 47.29 71.82 18.12
C LYS F 356 48.52 72.72 18.09
N GLU F 357 49.62 72.31 18.73
CA GLU F 357 50.85 73.09 18.64
C GLU F 357 51.41 73.07 17.23
N VAL F 358 51.38 71.91 16.56
CA VAL F 358 51.77 71.84 15.16
C VAL F 358 50.85 72.70 14.30
N GLN F 359 49.57 72.81 14.69
CA GLN F 359 48.63 73.60 13.92
C GLN F 359 49.00 75.08 13.95
N LYS F 360 49.32 75.61 15.13
CA LYS F 360 49.83 76.97 15.18
C LYS F 360 51.19 77.08 14.53
N ALA F 361 52.00 76.03 14.60
CA ALA F 361 53.34 76.07 14.02
C ALA F 361 53.28 76.29 12.51
N MET F 362 52.36 75.61 11.82
CA MET F 362 52.17 75.88 10.41
C MET F 362 51.46 77.21 10.19
N ASP F 363 50.54 77.58 11.10
CA ASP F 363 49.84 78.86 10.98
C ASP F 363 50.78 80.04 11.23
N ASP F 364 51.70 79.88 12.20
CA ASP F 364 52.61 80.95 12.58
C ASP F 364 53.82 81.09 11.64
N LYS F 365 53.81 80.43 10.47
CA LYS F 365 54.85 80.48 9.46
C LYS F 365 56.17 79.86 9.91
N ARG F 366 56.21 79.16 11.04
CA ARG F 366 57.38 78.40 11.46
C ARG F 366 57.23 76.98 10.92
N PHE F 367 57.33 76.89 9.59
CA PHE F 367 57.03 75.64 8.89
C PHE F 367 58.01 74.55 9.26
N ASP F 368 59.28 74.89 9.42
CA ASP F 368 60.29 73.89 9.78
C ASP F 368 60.00 73.28 11.14
N GLU F 369 59.61 74.12 12.12
CA GLU F 369 59.35 73.61 13.46
C GLU F 369 58.12 72.71 13.46
N ALA F 370 57.11 73.04 12.66
CA ALA F 370 55.98 72.14 12.47
C ALA F 370 56.43 70.82 11.87
N THR F 371 57.40 70.87 10.96
CA THR F 371 57.88 69.64 10.32
C THR F 371 58.53 68.71 11.35
N GLN F 372 59.48 69.22 12.13
CA GLN F 372 60.15 68.37 13.11
C GLN F 372 59.20 67.91 14.21
N LEU F 373 58.22 68.73 14.58
CA LEU F 373 57.27 68.35 15.62
C LEU F 373 56.44 67.16 15.16
N ARG F 374 55.86 67.24 13.96
CA ARG F 374 55.02 66.16 13.47
C ARG F 374 55.86 64.91 13.19
N GLY F 375 57.01 65.05 12.55
CA GLY F 375 57.86 63.90 12.28
C GLY F 375 58.85 64.18 11.17
N GLY F 376 59.74 63.23 10.96
CA GLY F 376 60.80 63.34 9.97
C GLY F 376 60.64 62.44 8.76
N SER F 377 59.76 61.44 8.84
CA SER F 377 59.60 60.49 7.73
C SER F 377 59.08 61.18 6.47
N PHE F 378 58.07 62.04 6.62
CA PHE F 378 57.52 62.80 5.50
C PHE F 378 58.60 63.70 4.88
N GLU F 379 59.49 64.23 5.70
CA GLU F 379 60.57 65.08 5.19
C GLU F 379 61.51 64.28 4.30
N ASN F 380 61.93 63.10 4.77
CA ASN F 380 62.79 62.24 3.95
C ASN F 380 62.07 61.78 2.69
N ASN F 381 60.77 61.53 2.79
CA ASN F 381 60.00 61.15 1.61
C ASN F 381 59.95 62.30 0.61
N TRP F 382 59.79 63.52 1.10
CA TRP F 382 59.83 64.69 0.22
C TRP F 382 61.19 64.86 -0.42
N ASN F 383 62.27 64.54 0.30
CA ASN F 383 63.61 64.58 -0.29
C ASN F 383 63.74 63.55 -1.40
N ILE F 384 63.25 62.33 -1.17
CA ILE F 384 63.32 61.29 -2.20
C ILE F 384 62.50 61.69 -3.42
N TYR F 385 61.35 62.33 -3.20
CA TYR F 385 60.52 62.77 -4.31
C TYR F 385 61.24 63.80 -5.16
N LYS F 386 61.85 64.80 -4.51
CA LYS F 386 62.57 65.82 -5.27
C LYS F 386 63.76 65.23 -6.01
N LEU F 387 64.42 64.24 -5.42
CA LEU F 387 65.56 63.60 -6.07
C LEU F 387 65.13 62.90 -7.34
N LEU F 388 64.06 62.12 -7.28
CA LEU F 388 63.63 61.27 -8.38
C LEU F 388 62.68 61.96 -9.35
N ALA F 389 62.17 63.14 -9.02
CA ALA F 389 61.20 63.80 -9.90
C ALA F 389 61.84 64.20 -11.22
N HIS F 390 63.08 64.70 -11.18
CA HIS F 390 63.78 65.20 -12.36
C HIS F 390 65.22 64.71 -12.32
N GLN F 391 65.87 64.79 -13.49
CA GLN F 391 67.24 64.31 -13.66
C GLN F 391 68.19 65.42 -13.26
N LYS F 392 68.72 65.35 -12.05
CA LYS F 392 69.75 66.29 -11.62
C LYS F 392 71.05 65.93 -12.33
N PRO F 393 71.78 66.90 -12.90
CA PRO F 393 72.99 66.54 -13.66
C PRO F 393 74.06 65.95 -12.76
N PRO F 394 74.44 64.68 -12.93
CA PRO F 394 75.46 64.10 -12.05
C PRO F 394 76.87 64.55 -12.42
N LYS F 395 77.71 64.70 -11.38
CA LYS F 395 79.08 65.15 -11.53
C LYS F 395 80.12 64.15 -11.03
N GLU F 396 79.73 63.16 -10.22
CA GLU F 396 80.71 62.25 -9.63
C GLU F 396 81.42 61.45 -10.70
N LYS F 397 80.66 60.78 -11.56
CA LYS F 397 81.19 59.90 -12.60
C LYS F 397 82.11 58.85 -11.98
N SER F 398 81.63 58.24 -10.91
CA SER F 398 82.44 57.26 -10.20
C SER F 398 82.63 56.01 -11.05
N ASN F 399 83.75 55.32 -10.83
CA ASN F 399 84.06 54.10 -11.56
C ASN F 399 83.23 52.91 -11.12
N PHE F 400 82.39 53.05 -10.08
CA PHE F 400 81.58 51.93 -9.61
C PHE F 400 80.59 51.50 -10.67
N SER F 401 80.45 50.18 -10.81
CA SER F 401 79.54 49.55 -11.77
C SER F 401 78.53 48.73 -10.99
N LEU F 402 77.25 48.88 -11.33
CA LEU F 402 76.15 48.24 -10.64
C LEU F 402 75.32 47.42 -11.62
N ALA F 403 74.75 46.33 -11.12
CA ALA F 403 73.80 45.50 -11.86
C ALA F 403 72.60 45.20 -10.97
N ILE F 404 71.42 45.18 -11.58
CA ILE F 404 70.15 44.92 -10.89
C ILE F 404 69.55 43.66 -11.51
N LEU F 405 69.06 42.76 -10.66
CA LEU F 405 68.53 41.47 -11.06
C LEU F 405 67.13 41.27 -10.49
N ASN F 406 66.33 40.49 -11.22
CA ASN F 406 65.03 40.03 -10.78
C ASN F 406 65.09 38.52 -10.58
N VAL F 407 64.73 38.06 -9.38
CA VAL F 407 64.79 36.66 -9.01
C VAL F 407 63.50 36.32 -8.26
N GLY F 408 63.09 35.06 -8.36
CA GLY F 408 61.86 34.60 -7.74
C GLY F 408 60.69 34.63 -8.69
N ALA F 409 59.49 34.55 -8.13
CA ALA F 409 58.27 34.63 -8.91
C ALA F 409 57.87 36.09 -9.11
N PRO F 410 57.05 36.40 -10.12
CA PRO F 410 56.62 37.79 -10.30
C PRO F 410 55.77 38.26 -9.16
N ALA F 411 55.93 39.54 -8.81
CA ALA F 411 55.28 40.13 -7.66
C ALA F 411 55.04 41.60 -7.94
N ALA F 412 54.10 42.17 -7.21
CA ALA F 412 53.75 43.57 -7.37
C ALA F 412 54.82 44.43 -6.69
N GLY F 413 55.50 45.27 -7.47
CA GLY F 413 56.35 46.30 -6.91
C GLY F 413 57.78 46.35 -7.40
N MET F 414 58.30 45.25 -7.98
CA MET F 414 59.70 45.22 -8.40
C MET F 414 60.00 46.31 -9.42
N ASN F 415 59.02 46.64 -10.26
CA ASN F 415 59.21 47.68 -11.28
C ASN F 415 59.53 49.03 -10.66
N ALA F 416 58.80 49.41 -9.61
CA ALA F 416 59.05 50.70 -8.97
C ALA F 416 60.43 50.72 -8.30
N ALA F 417 60.81 49.61 -7.67
CA ALA F 417 62.09 49.57 -6.96
C ALA F 417 63.26 49.67 -7.94
N VAL F 418 63.19 48.95 -9.07
CA VAL F 418 64.29 49.02 -10.03
C VAL F 418 64.37 50.41 -10.65
N ARG F 419 63.21 51.04 -10.89
CA ARG F 419 63.21 52.41 -11.40
C ARG F 419 63.86 53.36 -10.43
N SER F 420 63.54 53.22 -9.14
CA SER F 420 64.15 54.04 -8.12
C SER F 420 65.66 53.84 -8.06
N ALA F 421 66.11 52.58 -8.12
CA ALA F 421 67.53 52.30 -8.03
C ALA F 421 68.28 52.81 -9.27
N VAL F 422 67.68 52.66 -10.45
CA VAL F 422 68.34 53.09 -11.68
C VAL F 422 68.50 54.61 -11.69
N ARG F 423 67.43 55.33 -11.37
CA ARG F 423 67.50 56.79 -11.40
C ARG F 423 68.42 57.32 -10.30
N THR F 424 68.42 56.67 -9.13
CA THR F 424 69.33 57.08 -8.07
C THR F 424 70.78 56.84 -8.48
N GLY F 425 71.06 55.71 -9.13
CA GLY F 425 72.42 55.43 -9.57
C GLY F 425 72.90 56.41 -10.63
N ILE F 426 72.03 56.75 -11.59
CA ILE F 426 72.39 57.76 -12.58
C ILE F 426 72.64 59.10 -11.89
N SER F 427 71.80 59.44 -10.90
CA SER F 427 72.03 60.66 -10.13
C SER F 427 73.36 60.64 -9.41
N HIS F 428 73.81 59.46 -8.99
CA HIS F 428 75.11 59.32 -8.33
C HIS F 428 76.27 59.21 -9.30
N GLY F 429 76.03 59.20 -10.60
CA GLY F 429 77.10 59.16 -11.57
C GLY F 429 77.69 57.79 -11.83
N HIS F 430 77.11 56.73 -11.28
CA HIS F 430 77.62 55.39 -11.52
C HIS F 430 77.13 54.88 -12.87
N THR F 431 77.89 53.94 -13.44
CA THR F 431 77.45 53.21 -14.62
C THR F 431 76.54 52.08 -14.15
N VAL F 432 75.32 52.05 -14.67
CA VAL F 432 74.27 51.13 -14.23
C VAL F 432 73.98 50.17 -15.37
N TYR F 433 73.96 48.88 -15.05
CA TYR F 433 73.53 47.83 -15.96
C TYR F 433 72.28 47.18 -15.39
N VAL F 434 71.47 46.61 -16.26
CA VAL F 434 70.24 45.91 -15.88
C VAL F 434 70.29 44.54 -16.53
N VAL F 435 70.16 43.50 -15.71
CA VAL F 435 70.21 42.12 -16.16
C VAL F 435 68.79 41.62 -16.32
N HIS F 436 68.51 41.00 -17.46
CA HIS F 436 67.21 40.43 -17.76
C HIS F 436 67.20 38.95 -17.42
N ASP F 437 66.13 38.50 -16.76
CA ASP F 437 65.91 37.10 -16.36
C ASP F 437 66.81 36.64 -15.22
N GLY F 438 67.44 37.57 -14.48
CA GLY F 438 68.12 37.19 -13.27
C GLY F 438 69.40 36.41 -13.50
N PHE F 439 69.67 35.46 -12.59
CA PHE F 439 70.92 34.70 -12.64
C PHE F 439 71.05 33.90 -13.92
N GLU F 440 69.94 33.36 -14.43
CA GLU F 440 69.98 32.67 -15.72
C GLU F 440 70.41 33.61 -16.83
N GLY F 441 69.96 34.87 -16.76
CA GLY F 441 70.43 35.85 -17.71
C GLY F 441 71.92 36.09 -17.61
N LEU F 442 72.41 36.31 -16.38
CA LEU F 442 73.83 36.56 -16.16
C LEU F 442 74.71 35.45 -16.72
N ALA F 443 74.24 34.20 -16.60
CA ALA F 443 74.98 33.09 -17.19
C ALA F 443 74.97 33.17 -18.71
N LYS F 444 73.83 33.58 -19.29
CA LYS F 444 73.66 33.71 -20.73
C LYS F 444 73.83 35.16 -21.21
N GLY F 445 74.63 35.95 -20.50
CA GLY F 445 74.82 37.34 -20.87
C GLY F 445 73.58 38.18 -20.64
N GLN F 446 72.93 38.62 -21.73
CA GLN F 446 71.64 39.31 -21.67
C GLN F 446 71.69 40.55 -20.77
N VAL F 447 72.84 41.23 -20.75
CA VAL F 447 73.07 42.42 -19.93
C VAL F 447 73.12 43.63 -20.85
N GLN F 448 72.45 44.70 -20.44
CA GLN F 448 72.49 45.97 -21.16
C GLN F 448 72.61 47.11 -20.17
N GLU F 449 73.24 48.20 -20.62
CA GLU F 449 73.22 49.44 -19.88
C GLU F 449 71.83 50.06 -19.96
N VAL F 450 71.49 50.86 -18.95
CA VAL F 450 70.22 51.57 -18.87
C VAL F 450 70.49 53.06 -18.71
N GLY F 451 69.57 53.87 -19.24
CA GLY F 451 69.59 55.31 -19.12
C GLY F 451 68.40 55.81 -18.32
N TRP F 452 68.41 57.12 -18.07
CA TRP F 452 67.35 57.74 -17.27
C TRP F 452 66.00 57.60 -17.96
N HIS F 453 65.93 57.95 -19.25
CA HIS F 453 64.69 57.83 -20.00
C HIS F 453 64.30 56.37 -20.23
N ASP F 454 65.25 55.45 -20.15
CA ASP F 454 64.97 54.05 -20.46
C ASP F 454 64.09 53.35 -19.43
N VAL F 455 63.91 53.93 -18.24
CA VAL F 455 63.20 53.32 -17.14
C VAL F 455 61.94 54.11 -16.74
N ALA F 456 61.53 55.07 -17.56
CA ALA F 456 60.37 55.90 -17.21
C ALA F 456 59.09 55.09 -17.29
N GLY F 457 58.13 55.45 -16.43
CA GLY F 457 56.82 54.85 -16.45
C GLY F 457 56.70 53.49 -15.82
N TRP F 458 57.80 52.92 -15.31
CA TRP F 458 57.73 51.59 -14.70
C TRP F 458 56.99 51.62 -13.37
N LEU F 459 56.80 52.80 -12.78
CA LEU F 459 56.15 52.88 -11.48
C LEU F 459 54.71 52.40 -11.49
N GLY F 460 54.06 52.35 -12.66
CA GLY F 460 52.65 52.03 -12.75
C GLY F 460 52.31 50.69 -13.35
N ARG F 461 53.27 49.75 -13.37
CA ARG F 461 53.08 48.44 -13.98
C ARG F 461 53.39 47.36 -12.95
N GLY F 462 52.50 46.36 -12.85
CA GLY F 462 52.72 45.24 -11.98
C GLY F 462 53.69 44.23 -12.56
N GLY F 463 54.06 43.27 -11.73
CA GLY F 463 55.03 42.28 -12.16
C GLY F 463 56.39 42.92 -12.39
N SER F 464 57.18 42.26 -13.22
CA SER F 464 58.52 42.72 -13.57
C SER F 464 58.71 42.57 -15.08
N MET F 465 58.83 43.70 -15.77
CA MET F 465 59.06 43.67 -17.21
C MET F 465 60.40 43.04 -17.54
N LEU F 466 61.39 43.16 -16.65
CA LEU F 466 62.69 42.52 -16.88
C LEU F 466 62.57 41.00 -16.86
N GLY F 467 61.56 40.46 -16.17
CA GLY F 467 61.39 39.03 -16.08
C GLY F 467 62.21 38.43 -14.95
N THR F 468 61.74 37.27 -14.47
CA THR F 468 62.35 36.57 -13.35
C THR F 468 62.36 35.08 -13.66
N LYS F 469 63.23 34.37 -12.93
CA LYS F 469 63.39 32.93 -13.12
C LYS F 469 63.75 32.31 -11.78
N ARG F 470 63.39 31.03 -11.63
CA ARG F 470 63.70 30.28 -10.42
C ARG F 470 65.09 29.65 -10.45
N THR F 471 65.88 29.90 -11.50
CA THR F 471 67.22 29.35 -11.58
C THR F 471 68.08 29.90 -10.45
N LEU F 472 68.91 29.02 -9.87
CA LEU F 472 69.86 29.36 -8.83
C LEU F 472 71.26 29.47 -9.40
N PRO F 473 72.16 30.22 -8.74
CA PRO F 473 73.42 30.58 -9.39
C PRO F 473 74.47 29.47 -9.43
N LYS F 474 74.41 28.53 -8.47
CA LYS F 474 75.45 27.52 -8.36
C LYS F 474 75.50 26.59 -9.57
N GLY F 475 74.43 26.50 -10.36
CA GLY F 475 74.45 25.66 -11.54
C GLY F 475 75.27 26.19 -12.69
N GLN F 476 75.50 27.52 -12.74
CA GLN F 476 76.23 28.17 -13.82
C GLN F 476 77.26 29.15 -13.28
N LEU F 477 77.79 28.88 -12.08
CA LEU F 477 78.63 29.84 -11.36
C LEU F 477 79.85 30.29 -12.16
N GLU F 478 80.42 29.38 -12.95
CA GLU F 478 81.60 29.74 -13.73
C GLU F 478 81.26 30.76 -14.80
N SER F 479 80.13 30.57 -15.50
CA SER F 479 79.70 31.55 -16.48
C SER F 479 79.34 32.88 -15.84
N ILE F 480 78.79 32.84 -14.61
CA ILE F 480 78.50 34.08 -13.90
C ILE F 480 79.78 34.85 -13.62
N VAL F 481 80.82 34.15 -13.16
CA VAL F 481 82.09 34.81 -12.85
C VAL F 481 82.71 35.36 -14.13
N GLU F 482 82.61 34.62 -15.24
CA GLU F 482 83.14 35.10 -16.51
C GLU F 482 82.46 36.39 -16.94
N ASN F 483 81.12 36.42 -16.87
CA ASN F 483 80.39 37.62 -17.27
C ASN F 483 80.66 38.79 -16.33
N ILE F 484 80.84 38.52 -15.04
CA ILE F 484 81.18 39.57 -14.09
C ILE F 484 82.50 40.22 -14.46
N ARG F 485 83.49 39.39 -14.79
CA ARG F 485 84.81 39.92 -15.15
C ARG F 485 84.75 40.66 -16.49
N ILE F 486 83.93 40.17 -17.42
CA ILE F 486 83.84 40.81 -18.74
C ILE F 486 83.29 42.23 -18.60
N TYR F 487 82.14 42.37 -17.96
CA TYR F 487 81.49 43.67 -17.82
C TYR F 487 81.96 44.48 -16.62
N GLY F 488 82.82 43.92 -15.77
CA GLY F 488 83.37 44.66 -14.65
C GLY F 488 82.33 45.13 -13.66
N ILE F 489 81.29 44.34 -13.43
CA ILE F 489 80.26 44.71 -12.48
C ILE F 489 80.83 44.70 -11.07
N HIS F 490 80.58 45.77 -10.33
CA HIS F 490 81.12 45.95 -8.97
C HIS F 490 80.05 45.90 -7.89
N ALA F 491 78.79 45.63 -8.24
CA ALA F 491 77.76 45.52 -7.21
C ALA F 491 76.53 44.86 -7.79
N LEU F 492 75.75 44.23 -6.90
CA LEU F 492 74.50 43.57 -7.24
C LEU F 492 73.41 44.09 -6.31
N LEU F 493 72.25 44.38 -6.89
CA LEU F 493 71.05 44.76 -6.12
C LEU F 493 69.92 43.86 -6.62
N VAL F 494 69.85 42.67 -6.04
CA VAL F 494 68.82 41.70 -6.42
C VAL F 494 67.52 42.10 -5.73
N VAL F 495 66.44 42.16 -6.51
CA VAL F 495 65.09 42.37 -5.98
C VAL F 495 64.30 41.13 -6.30
N GLY F 496 63.77 40.48 -5.28
CA GLY F 496 63.15 39.19 -5.47
C GLY F 496 62.71 38.59 -4.16
N GLY F 497 62.42 37.30 -4.19
CA GLY F 497 61.85 36.59 -3.07
C GLY F 497 62.88 35.78 -2.30
N PHE F 498 62.42 34.63 -1.78
CA PHE F 498 63.30 33.78 -0.99
C PHE F 498 64.45 33.25 -1.83
N GLU F 499 64.18 32.92 -3.10
CA GLU F 499 65.22 32.37 -3.97
C GLU F 499 66.33 33.39 -4.20
N ALA F 500 65.99 34.69 -4.19
CA ALA F 500 67.03 35.71 -4.24
C ALA F 500 67.93 35.63 -3.01
N TYR F 501 67.32 35.45 -1.83
CA TYR F 501 68.10 35.31 -0.60
C TYR F 501 68.98 34.07 -0.65
N GLU F 502 68.44 32.96 -1.17
CA GLU F 502 69.23 31.74 -1.29
C GLU F 502 70.39 31.92 -2.25
N GLY F 503 70.15 32.58 -3.39
CA GLY F 503 71.21 32.77 -4.36
C GLY F 503 72.33 33.66 -3.82
N VAL F 504 71.96 34.75 -3.14
CA VAL F 504 72.98 35.62 -2.55
C VAL F 504 73.76 34.87 -1.47
N LEU F 505 73.08 34.03 -0.70
CA LEU F 505 73.77 33.24 0.31
C LEU F 505 74.78 32.30 -0.33
N GLN F 506 74.35 31.57 -1.38
CA GLN F 506 75.25 30.64 -2.07
C GLN F 506 76.46 31.35 -2.65
N LEU F 507 76.26 32.57 -3.16
CA LEU F 507 77.40 33.38 -3.60
C LEU F 507 78.31 33.73 -2.43
N VAL F 508 77.75 33.94 -1.24
CA VAL F 508 78.55 34.37 -0.10
C VAL F 508 79.47 33.25 0.34
N GLU F 509 78.93 32.04 0.55
CA GLU F 509 79.80 30.92 0.91
C GLU F 509 80.73 30.53 -0.24
N ALA F 510 80.42 30.92 -1.48
CA ALA F 510 81.30 30.69 -2.61
C ALA F 510 82.44 31.70 -2.72
N ARG F 511 82.51 32.68 -1.80
CA ARG F 511 83.55 33.71 -1.90
C ARG F 511 84.94 33.12 -1.72
N GLY F 512 85.08 32.09 -0.86
CA GLY F 512 86.38 31.52 -0.62
C GLY F 512 86.98 30.87 -1.84
N ARG F 513 86.15 30.19 -2.64
CA ARG F 513 86.65 29.51 -3.83
C ARG F 513 86.97 30.50 -4.94
N TYR F 514 86.08 31.46 -5.20
CA TYR F 514 86.22 32.42 -6.29
C TYR F 514 86.51 33.80 -5.70
N GLU F 515 87.63 34.40 -6.13
CA GLU F 515 88.01 35.70 -5.60
C GLU F 515 87.15 36.82 -6.16
N GLU F 516 86.68 36.67 -7.40
CA GLU F 516 85.86 37.71 -8.02
C GLU F 516 84.52 37.88 -7.31
N LEU F 517 84.05 36.86 -6.59
CA LEU F 517 82.83 36.99 -5.81
C LEU F 517 83.01 37.83 -4.55
N CYS F 518 84.21 38.35 -4.27
CA CYS F 518 84.37 39.33 -3.20
C CYS F 518 83.76 40.66 -3.63
N ILE F 519 82.43 40.72 -3.68
CA ILE F 519 81.67 41.82 -4.26
C ILE F 519 80.54 42.14 -3.29
N VAL F 520 80.06 43.38 -3.36
CA VAL F 520 78.97 43.82 -2.51
C VAL F 520 77.65 43.48 -3.19
N MET F 521 76.74 42.86 -2.45
CA MET F 521 75.41 42.52 -2.95
C MET F 521 74.39 42.81 -1.87
N CYS F 522 73.20 43.26 -2.31
CA CYS F 522 72.08 43.52 -1.41
C CYS F 522 70.81 42.96 -2.02
N VAL F 523 69.88 42.54 -1.15
CA VAL F 523 68.64 41.90 -1.54
C VAL F 523 67.47 42.78 -1.13
N ILE F 524 66.57 43.06 -2.07
CA ILE F 524 65.33 43.78 -1.80
C ILE F 524 64.21 42.73 -1.74
N PRO F 525 63.61 42.44 -0.58
CA PRO F 525 62.61 41.37 -0.52
C PRO F 525 61.35 41.75 -1.29
N ALA F 526 60.97 40.88 -2.24
CA ALA F 526 59.80 41.12 -3.10
C ALA F 526 59.21 39.76 -3.46
N THR F 527 58.12 39.40 -2.80
CA THR F 527 57.44 38.14 -3.07
C THR F 527 56.09 38.15 -2.36
N ILE F 528 55.11 37.49 -2.97
CA ILE F 528 53.75 37.53 -2.44
C ILE F 528 53.66 36.76 -1.13
N SER F 529 54.44 35.69 -0.97
CA SER F 529 54.32 34.84 0.21
C SER F 529 54.78 35.55 1.47
N ASN F 530 55.67 36.53 1.36
CA ASN F 530 56.21 37.26 2.50
C ASN F 530 56.99 36.33 3.42
N ASN F 531 57.86 35.52 2.82
CA ASN F 531 58.67 34.52 3.52
C ASN F 531 60.16 34.85 3.53
N VAL F 532 60.55 36.04 3.09
CA VAL F 532 61.97 36.39 3.04
C VAL F 532 62.41 36.80 4.46
N PRO F 533 63.42 36.16 5.06
CA PRO F 533 63.86 36.64 6.38
C PRO F 533 64.54 38.00 6.28
N GLY F 534 64.57 38.69 7.41
CA GLY F 534 65.16 40.01 7.50
C GLY F 534 64.22 41.17 7.25
N THR F 535 62.91 40.91 7.19
CA THR F 535 61.93 41.96 6.99
C THR F 535 60.61 41.50 7.60
N ASP F 536 59.75 42.48 7.89
CA ASP F 536 58.42 42.22 8.41
C ASP F 536 57.33 42.35 7.36
N PHE F 537 57.64 42.90 6.19
CA PHE F 537 56.72 42.90 5.05
C PHE F 537 57.55 42.81 3.78
N SER F 538 57.09 42.00 2.84
CA SER F 538 57.74 41.83 1.55
C SER F 538 56.98 42.64 0.51
N LEU F 539 57.73 43.24 -0.42
CA LEU F 539 57.12 44.03 -1.47
C LEU F 539 56.20 43.16 -2.33
N GLY F 540 54.95 43.60 -2.47
CA GLY F 540 53.94 42.87 -3.20
C GLY F 540 52.99 42.06 -2.36
N SER F 541 53.22 41.97 -1.04
CA SER F 541 52.29 41.27 -0.18
C SER F 541 50.92 41.96 -0.19
N ASP F 542 50.91 43.28 -0.03
CA ASP F 542 49.66 44.01 0.14
C ASP F 542 48.77 43.89 -1.09
N THR F 543 49.36 43.86 -2.28
CA THR F 543 48.58 43.65 -3.50
C THR F 543 47.93 42.27 -3.50
N ALA F 544 48.66 41.25 -3.06
CA ALA F 544 48.11 39.90 -3.06
C ALA F 544 46.98 39.77 -2.04
N VAL F 545 47.12 40.42 -0.89
CA VAL F 545 46.05 40.37 0.11
C VAL F 545 44.81 41.09 -0.42
N ASN F 546 45.01 42.22 -1.12
CA ASN F 546 43.87 42.95 -1.66
C ASN F 546 43.13 42.12 -2.70
N ALA F 547 43.87 41.42 -3.56
CA ALA F 547 43.25 40.56 -4.56
C ALA F 547 42.47 39.43 -3.89
N ALA F 548 43.09 38.77 -2.91
CA ALA F 548 42.43 37.66 -2.23
C ALA F 548 41.21 38.14 -1.45
N MET F 549 41.30 39.33 -0.85
CA MET F 549 40.17 39.88 -0.11
C MET F 549 39.00 40.14 -1.04
N GLU F 550 39.26 40.76 -2.19
CA GLU F 550 38.18 41.03 -3.15
C GLU F 550 37.54 39.73 -3.63
N SER F 551 38.37 38.75 -3.99
CA SER F 551 37.85 37.48 -4.50
C SER F 551 37.04 36.75 -3.44
N CYS F 552 37.54 36.73 -2.20
CA CYS F 552 36.82 36.04 -1.13
C CYS F 552 35.51 36.76 -0.80
N ASP F 553 35.49 38.09 -0.87
CA ASP F 553 34.25 38.83 -0.68
C ASP F 553 33.23 38.46 -1.76
N ARG F 554 33.69 38.26 -2.98
CA ARG F 554 32.80 37.85 -4.07
C ARG F 554 32.28 36.43 -3.82
N ILE F 555 33.13 35.55 -3.29
CA ILE F 555 32.68 34.22 -2.91
C ILE F 555 31.63 34.31 -1.79
N LYS F 556 31.85 35.22 -0.84
CA LYS F 556 30.89 35.38 0.24
C LYS F 556 29.53 35.83 -0.28
N GLN F 557 29.54 36.72 -1.28
CA GLN F 557 28.29 37.16 -1.89
C GLN F 557 27.61 36.00 -2.61
N SER F 558 28.39 35.18 -3.32
CA SER F 558 27.81 34.02 -4.01
C SER F 558 27.24 33.03 -3.01
N ALA F 559 27.94 32.80 -1.90
CA ALA F 559 27.44 31.87 -0.88
C ALA F 559 26.17 32.40 -0.24
N SER F 560 26.14 33.69 0.09
CA SER F 560 24.95 34.28 0.68
C SER F 560 23.76 34.25 -0.28
N GLY F 561 24.02 34.23 -1.60
CA GLY F 561 22.94 34.12 -2.55
C GLY F 561 22.20 32.80 -2.42
N THR F 562 22.94 31.70 -2.33
CA THR F 562 22.38 30.36 -2.10
C THR F 562 22.67 30.01 -0.65
N LYS F 563 21.72 30.32 0.23
CA LYS F 563 21.89 30.12 1.65
C LYS F 563 22.12 28.65 1.98
N ARG F 564 22.69 28.40 3.16
CA ARG F 564 23.11 27.07 3.59
C ARG F 564 24.15 26.50 2.63
N ARG F 565 25.30 27.17 2.58
CA ARG F 565 26.43 26.71 1.79
C ARG F 565 27.72 27.21 2.45
N VAL F 566 28.79 26.43 2.28
CA VAL F 566 30.12 26.76 2.79
C VAL F 566 31.08 26.63 1.61
N PHE F 567 32.16 27.41 1.64
CA PHE F 567 33.15 27.45 0.58
C PHE F 567 34.53 27.16 1.12
N ILE F 568 35.28 26.31 0.41
CA ILE F 568 36.67 26.01 0.70
C ILE F 568 37.52 26.78 -0.29
N VAL F 569 38.51 27.51 0.21
CA VAL F 569 39.40 28.34 -0.59
C VAL F 569 40.83 27.90 -0.29
N GLU F 570 41.64 27.82 -1.35
CA GLU F 570 43.04 27.37 -1.27
C GLU F 570 43.93 28.54 -1.65
N THR F 571 44.36 29.31 -0.65
CA THR F 571 45.19 30.47 -0.89
C THR F 571 46.65 30.05 -1.06
N MET F 572 47.40 30.87 -1.79
CA MET F 572 48.78 30.59 -2.13
C MET F 572 49.69 30.97 -0.97
N GLY F 573 51.00 30.76 -1.15
CA GLY F 573 52.02 31.24 -0.21
C GLY F 573 52.99 30.18 0.28
N GLY F 574 53.08 29.04 -0.41
CA GLY F 574 54.02 28.01 0.01
C GLY F 574 53.69 27.46 1.38
N TYR F 575 54.68 27.45 2.27
CA TYR F 575 54.51 27.01 3.64
C TYR F 575 54.07 28.13 4.57
N CYS F 576 54.46 29.38 4.27
CA CYS F 576 54.10 30.50 5.12
C CYS F 576 52.59 30.70 5.13
N GLY F 577 52.06 31.09 6.28
CA GLY F 577 50.65 31.31 6.47
C GLY F 577 50.22 32.74 6.55
N TYR F 578 51.12 33.71 6.34
CA TYR F 578 50.78 35.12 6.48
C TYR F 578 49.62 35.50 5.57
N LEU F 579 49.69 35.10 4.30
CA LEU F 579 48.67 35.46 3.33
C LEU F 579 47.32 34.87 3.69
N ALA F 580 47.31 33.63 4.21
CA ALA F 580 46.05 33.01 4.60
C ALA F 580 45.43 33.71 5.80
N THR F 581 46.24 34.05 6.80
CA THR F 581 45.71 34.67 8.02
C THR F 581 45.15 36.06 7.74
N VAL F 582 45.90 36.87 7.00
CA VAL F 582 45.46 38.24 6.74
C VAL F 582 44.21 38.24 5.86
N THR F 583 44.12 37.31 4.89
CA THR F 583 42.92 37.22 4.07
C THR F 583 41.72 36.81 4.92
N GLY F 584 41.90 35.83 5.80
CA GLY F 584 40.80 35.41 6.66
C GLY F 584 40.34 36.51 7.59
N ILE F 585 41.28 37.30 8.11
CA ILE F 585 40.91 38.44 8.95
C ILE F 585 40.12 39.45 8.13
N ALA F 586 40.58 39.73 6.91
CA ALA F 586 39.98 40.79 6.10
C ALA F 586 38.55 40.44 5.71
N VAL F 587 38.28 39.17 5.41
CA VAL F 587 36.97 38.72 4.93
C VAL F 587 36.22 37.91 5.98
N GLY F 588 36.69 37.89 7.23
CA GLY F 588 35.98 37.22 8.30
C GLY F 588 35.80 35.73 8.08
N ALA F 589 36.86 35.05 7.68
CA ALA F 589 36.80 33.61 7.50
C ALA F 589 36.59 32.92 8.84
N ASP F 590 35.75 31.89 8.85
CA ASP F 590 35.45 31.17 10.08
C ASP F 590 36.64 30.38 10.60
N ALA F 591 37.67 30.15 9.78
CA ALA F 591 38.89 29.48 10.21
C ALA F 591 39.90 29.61 9.07
N ALA F 592 41.17 29.44 9.43
CA ALA F 592 42.27 29.51 8.47
C ALA F 592 43.30 28.48 8.89
N TYR F 593 43.44 27.41 8.10
CA TYR F 593 44.34 26.32 8.42
C TYR F 593 45.73 26.65 7.89
N VAL F 594 46.73 26.54 8.76
CA VAL F 594 48.08 27.04 8.52
C VAL F 594 49.08 26.01 9.02
N PHE F 595 50.25 25.97 8.37
CA PHE F 595 51.30 25.02 8.73
C PHE F 595 51.78 25.21 10.17
N GLU F 596 51.98 26.47 10.56
CA GLU F 596 52.47 26.81 11.91
C GLU F 596 51.49 26.46 13.01
N ASP F 597 50.22 26.13 12.70
CA ASP F 597 49.20 25.76 13.67
C ASP F 597 48.71 24.36 13.31
N PRO F 598 49.41 23.30 13.75
CA PRO F 598 48.97 21.94 13.41
C PRO F 598 47.61 21.62 14.00
N PHE F 599 46.87 20.78 13.27
CA PHE F 599 45.49 20.46 13.61
C PHE F 599 45.19 19.04 13.15
N ASN F 600 44.45 18.29 13.98
CA ASN F 600 44.04 16.92 13.69
C ASN F 600 42.56 16.89 13.32
N ILE F 601 42.02 15.68 13.19
CA ILE F 601 40.65 15.50 12.73
C ILE F 601 39.64 16.06 13.73
N HIS F 602 39.93 15.97 15.03
CA HIS F 602 38.99 16.47 16.04
C HIS F 602 38.78 17.97 15.89
N ASP F 603 39.80 18.69 15.42
CA ASP F 603 39.64 20.12 15.20
C ASP F 603 38.65 20.38 14.06
N LEU F 604 38.69 19.55 13.02
CA LEU F 604 37.76 19.72 11.91
C LEU F 604 36.34 19.39 12.33
N LYS F 605 36.17 18.39 13.19
CA LYS F 605 34.85 18.10 13.74
C LYS F 605 34.32 19.27 14.54
N VAL F 606 35.18 19.92 15.33
CA VAL F 606 34.77 21.08 16.11
C VAL F 606 34.35 22.22 15.19
N ASN F 607 35.11 22.47 14.12
CA ASN F 607 34.75 23.52 13.19
C ASN F 607 33.46 23.18 12.46
N VAL F 608 33.23 21.90 12.16
CA VAL F 608 31.98 21.50 11.53
C VAL F 608 30.81 21.75 12.46
N GLU F 609 30.98 21.47 13.76
CA GLU F 609 29.93 21.74 14.72
C GLU F 609 29.67 23.24 14.84
N HIS F 610 30.72 24.05 14.74
CA HIS F 610 30.55 25.51 14.76
C HIS F 610 29.70 25.97 13.59
N MET F 611 30.00 25.45 12.39
CA MET F 611 29.25 25.86 11.21
C MET F 611 27.80 25.38 11.26
N THR F 612 27.58 24.15 11.75
CA THR F 612 26.22 23.65 11.88
C THR F 612 25.41 24.49 12.85
N GLU F 613 26.03 24.89 13.97
CA GLU F 613 25.33 25.75 14.93
C GLU F 613 25.02 27.11 14.31
N LYS F 614 25.99 27.69 13.61
CA LYS F 614 25.77 28.99 12.97
C LYS F 614 24.67 28.93 11.91
N MET F 615 24.45 27.76 11.32
CA MET F 615 23.41 27.62 10.30
C MET F 615 22.01 27.82 10.86
N LYS F 616 21.81 27.70 12.18
CA LYS F 616 20.52 27.98 12.77
C LYS F 616 20.18 29.47 12.78
N THR F 617 21.17 30.35 12.60
CA THR F 617 20.96 31.79 12.70
C THR F 617 20.51 32.35 11.35
N ASP F 618 20.42 33.68 11.27
CA ASP F 618 19.99 34.33 10.03
C ASP F 618 21.11 34.37 8.99
N ILE F 619 22.37 34.46 9.43
CA ILE F 619 23.51 34.54 8.53
C ILE F 619 23.88 33.09 8.19
N GLN F 620 23.21 32.56 7.17
CA GLN F 620 23.39 31.16 6.75
C GLN F 620 24.43 31.12 5.62
N ARG F 621 25.69 31.27 5.99
CA ARG F 621 26.79 31.26 5.04
C ARG F 621 28.07 31.00 5.80
N GLY F 622 29.10 30.56 5.08
CA GLY F 622 30.38 30.25 5.70
C GLY F 622 31.48 30.24 4.67
N LEU F 623 32.69 30.56 5.14
CA LEU F 623 33.86 30.58 4.28
C LEU F 623 35.06 30.23 5.14
N VAL F 624 35.75 29.15 4.80
CA VAL F 624 36.95 28.69 5.49
C VAL F 624 38.08 28.61 4.48
N LEU F 625 39.19 29.26 4.81
CA LEU F 625 40.37 29.24 3.96
C LEU F 625 41.22 28.01 4.27
N ARG F 626 42.27 27.83 3.46
CA ARG F 626 43.24 26.77 3.70
C ARG F 626 44.51 27.15 2.96
N ASN F 627 45.59 27.39 3.68
CA ASN F 627 46.87 27.60 3.03
C ASN F 627 47.25 26.35 2.25
N GLU F 628 47.88 26.54 1.08
CA GLU F 628 48.00 25.46 0.10
C GLU F 628 48.79 24.27 0.64
N LYS F 629 49.69 24.49 1.59
CA LYS F 629 50.51 23.43 2.20
C LYS F 629 50.46 23.52 3.72
N CYS F 630 49.24 23.61 4.26
CA CYS F 630 49.09 23.64 5.72
C CYS F 630 49.25 22.26 6.34
N HIS F 631 48.84 21.21 5.64
CA HIS F 631 48.89 19.85 6.15
C HIS F 631 49.32 18.90 5.05
N ASP F 632 50.07 17.87 5.43
CA ASP F 632 50.62 16.93 4.45
C ASP F 632 49.52 16.16 3.73
N TYR F 633 48.57 15.61 4.49
CA TYR F 633 47.54 14.73 3.95
C TYR F 633 46.19 15.40 3.78
N TYR F 634 45.81 16.31 4.69
CA TYR F 634 44.50 16.95 4.64
C TYR F 634 44.50 18.01 3.54
N THR F 635 44.38 17.53 2.30
CA THR F 635 44.25 18.42 1.16
C THR F 635 42.87 19.10 1.18
N THR F 636 42.64 19.96 0.20
CA THR F 636 41.37 20.67 0.14
C THR F 636 40.20 19.72 -0.15
N GLU F 637 40.44 18.67 -0.95
CA GLU F 637 39.38 17.70 -1.23
C GLU F 637 38.99 16.92 0.01
N PHE F 638 39.93 16.69 0.93
CA PHE F 638 39.60 16.13 2.24
C PHE F 638 38.55 16.99 2.92
N LEU F 639 38.81 18.30 3.03
CA LEU F 639 37.90 19.18 3.76
C LEU F 639 36.55 19.26 3.09
N TYR F 640 36.52 19.23 1.76
CA TYR F 640 35.25 19.25 1.04
C TYR F 640 34.44 17.99 1.34
N ASN F 641 35.09 16.83 1.27
CA ASN F 641 34.39 15.58 1.55
C ASN F 641 33.89 15.52 2.98
N LEU F 642 34.71 15.93 3.94
CA LEU F 642 34.33 15.89 5.35
C LEU F 642 33.15 16.82 5.63
N TYR F 643 33.21 18.04 5.10
CA TYR F 643 32.14 19.00 5.37
C TYR F 643 30.85 18.60 4.67
N SER F 644 30.95 18.12 3.43
CA SER F 644 29.75 17.69 2.71
C SER F 644 29.07 16.52 3.42
N SER F 645 29.84 15.56 3.90
CA SER F 645 29.26 14.41 4.57
C SER F 645 28.65 14.77 5.91
N GLU F 646 29.48 15.30 6.82
CA GLU F 646 29.02 15.54 8.19
C GLU F 646 27.92 16.60 8.25
N GLY F 647 27.79 17.44 7.23
CA GLY F 647 26.75 18.44 7.17
C GLY F 647 25.57 18.06 6.29
N LYS F 648 25.37 16.75 6.09
CA LYS F 648 24.30 16.29 5.20
C LYS F 648 22.94 16.71 5.75
N GLY F 649 22.11 17.26 4.88
CA GLY F 649 20.81 17.79 5.25
C GLY F 649 20.83 19.23 5.76
N VAL F 650 21.97 19.68 6.30
CA VAL F 650 22.10 21.01 6.87
C VAL F 650 22.68 21.99 5.87
N PHE F 651 23.73 21.60 5.15
CA PHE F 651 24.37 22.50 4.21
C PHE F 651 25.11 21.69 3.15
N ASP F 652 25.54 22.39 2.11
CA ASP F 652 26.38 21.87 1.03
C ASP F 652 27.72 22.59 1.08
N CYS F 653 28.67 22.13 0.27
CA CYS F 653 30.03 22.67 0.28
C CYS F 653 30.58 22.74 -1.13
N ARG F 654 31.57 23.63 -1.31
CA ARG F 654 32.24 23.82 -2.59
C ARG F 654 33.70 24.15 -2.33
N THR F 655 34.50 24.12 -3.41
CA THR F 655 35.93 24.34 -3.35
C THR F 655 36.33 25.41 -4.34
N ASN F 656 37.35 26.19 -3.96
CA ASN F 656 37.97 27.17 -4.83
C ASN F 656 39.46 27.16 -4.60
N VAL F 657 40.20 27.45 -5.66
CA VAL F 657 41.65 27.55 -5.64
C VAL F 657 41.99 28.89 -6.28
N LEU F 658 42.21 29.91 -5.45
CA LEU F 658 42.67 31.19 -5.96
C LEU F 658 44.04 30.97 -6.60
N GLY F 659 44.07 30.91 -7.92
CA GLY F 659 45.30 30.65 -8.63
C GLY F 659 46.20 31.87 -8.61
N HIS F 660 46.93 32.10 -9.69
CA HIS F 660 47.82 33.25 -9.78
C HIS F 660 47.07 34.58 -9.89
N LEU F 661 45.74 34.59 -9.81
CA LEU F 661 44.99 35.82 -9.59
C LEU F 661 45.45 36.55 -8.33
N GLN F 662 45.94 35.83 -7.32
CA GLN F 662 46.48 36.46 -6.12
C GLN F 662 47.78 37.22 -6.37
N GLN F 663 48.38 37.10 -7.55
CA GLN F 663 49.54 37.91 -7.89
C GLN F 663 49.16 39.30 -8.40
N GLY F 664 47.87 39.64 -8.43
CA GLY F 664 47.44 41.01 -8.61
C GLY F 664 47.67 41.59 -9.98
N GLY F 665 47.07 42.76 -10.21
CA GLY F 665 47.16 43.49 -11.46
C GLY F 665 48.05 44.70 -11.33
N ALA F 666 47.42 45.87 -11.30
CA ALA F 666 48.17 47.08 -11.03
C ALA F 666 48.61 47.07 -9.56
N PRO F 667 49.85 47.46 -9.25
CA PRO F 667 50.29 47.41 -7.85
C PRO F 667 49.54 48.41 -6.98
N THR F 668 49.53 48.14 -5.69
CA THR F 668 48.82 48.97 -4.72
C THR F 668 49.67 50.21 -4.38
N PRO F 669 49.05 51.25 -3.81
CA PRO F 669 49.83 52.49 -3.58
C PRO F 669 50.99 52.31 -2.62
N PHE F 670 50.74 51.63 -1.49
CA PHE F 670 51.81 51.39 -0.52
C PHE F 670 52.96 50.60 -1.12
N ASP F 671 52.66 49.64 -2.00
CA ASP F 671 53.72 48.83 -2.58
C ASP F 671 54.59 49.67 -3.52
N ARG F 672 53.97 50.50 -4.35
CA ARG F 672 54.72 51.44 -5.20
C ARG F 672 55.65 52.31 -4.36
N ASN F 673 55.11 52.95 -3.33
CA ASN F 673 55.90 53.85 -2.49
C ASN F 673 56.99 53.09 -1.74
N TYR F 674 56.63 51.93 -1.18
CA TYR F 674 57.61 51.16 -0.41
C TYR F 674 58.74 50.65 -1.30
N GLY F 675 58.42 50.26 -2.54
CA GLY F 675 59.47 49.86 -3.46
C GLY F 675 60.41 50.99 -3.81
N THR F 676 59.86 52.19 -4.01
CA THR F 676 60.71 53.34 -4.30
C THR F 676 61.60 53.68 -3.12
N LYS F 677 61.04 53.63 -1.89
CA LYS F 677 61.82 53.92 -0.70
C LYS F 677 62.97 52.93 -0.53
N LEU F 678 62.67 51.64 -0.69
CA LEU F 678 63.71 50.62 -0.54
C LEU F 678 64.77 50.73 -1.63
N GLY F 679 64.36 51.09 -2.84
CA GLY F 679 65.32 51.26 -3.92
C GLY F 679 66.31 52.39 -3.64
N VAL F 680 65.80 53.53 -3.16
CA VAL F 680 66.67 54.65 -2.84
C VAL F 680 67.60 54.29 -1.69
N LYS F 681 67.04 53.78 -0.58
CA LYS F 681 67.85 53.50 0.60
C LYS F 681 68.88 52.42 0.34
N ALA F 682 68.51 51.39 -0.43
CA ALA F 682 69.46 50.36 -0.79
C ALA F 682 70.59 50.92 -1.65
N MET F 683 70.26 51.85 -2.55
CA MET F 683 71.30 52.45 -3.38
C MET F 683 72.23 53.32 -2.54
N LEU F 684 71.69 54.05 -1.57
CA LEU F 684 72.53 54.86 -0.70
C LEU F 684 73.47 53.99 0.13
N TRP F 685 72.93 52.91 0.71
CA TRP F 685 73.76 51.99 1.48
C TRP F 685 74.81 51.34 0.60
N LEU F 686 74.45 51.02 -0.64
CA LEU F 686 75.41 50.39 -1.54
C LEU F 686 76.53 51.35 -1.89
N SER F 687 76.19 52.61 -2.22
CA SER F 687 77.22 53.60 -2.50
C SER F 687 78.10 53.83 -1.28
N GLU F 688 77.49 53.82 -0.08
CA GLU F 688 78.27 53.92 1.16
C GLU F 688 79.30 52.81 1.25
N LYS F 689 78.86 51.55 1.10
CA LYS F 689 79.78 50.44 1.27
C LYS F 689 80.85 50.43 0.20
N LEU F 690 80.50 50.78 -1.05
CA LEU F 690 81.47 50.76 -2.13
C LEU F 690 82.60 51.76 -1.89
N ARG F 691 82.27 52.97 -1.46
CA ARG F 691 83.33 53.93 -1.14
C ARG F 691 84.07 53.57 0.14
N GLU F 692 83.48 52.74 1.00
CA GLU F 692 84.17 52.29 2.20
C GLU F 692 85.20 51.20 1.86
N VAL F 693 84.81 50.22 1.04
CA VAL F 693 85.66 49.05 0.81
C VAL F 693 86.64 49.25 -0.36
N TYR F 694 86.63 50.41 -1.02
CA TYR F 694 87.54 50.64 -2.14
C TYR F 694 88.92 50.99 -1.60
N ARG F 695 89.93 50.23 -2.02
CA ARG F 695 91.28 50.39 -1.50
C ARG F 695 92.27 49.87 -2.51
N LYS F 696 93.39 50.58 -2.66
CA LYS F 696 94.49 50.18 -3.54
C LYS F 696 94.04 49.96 -4.98
N GLY F 697 93.06 50.75 -5.44
CA GLY F 697 92.62 50.70 -6.80
C GLY F 697 91.68 49.56 -7.16
N ARG F 698 91.17 48.81 -6.18
CA ARG F 698 90.32 47.66 -6.44
C ARG F 698 89.29 47.52 -5.33
N VAL F 699 88.14 46.95 -5.68
CA VAL F 699 87.09 46.60 -4.74
C VAL F 699 87.41 45.22 -4.16
N PHE F 700 87.20 45.07 -2.85
CA PHE F 700 87.47 43.81 -2.16
C PHE F 700 86.49 43.70 -1.00
N ALA F 701 85.43 42.91 -1.20
CA ALA F 701 84.36 42.72 -0.22
C ALA F 701 84.44 41.29 0.30
N ASN F 702 84.98 41.14 1.51
CA ASN F 702 85.12 39.84 2.17
C ASN F 702 84.38 39.76 3.49
N ALA F 703 84.19 40.88 4.18
CA ALA F 703 83.47 40.85 5.45
C ALA F 703 82.00 40.46 5.21
N PRO F 704 81.36 39.79 6.18
CA PRO F 704 79.95 39.41 5.97
C PRO F 704 79.01 40.61 5.88
N ASP F 705 79.40 41.78 6.40
CA ASP F 705 78.58 42.97 6.29
C ASP F 705 78.45 43.48 4.85
N SER F 706 79.29 43.02 3.93
CA SER F 706 79.08 43.33 2.52
C SER F 706 77.90 42.61 1.90
N ALA F 707 77.33 41.62 2.58
CA ALA F 707 76.18 40.85 2.11
C ALA F 707 75.07 41.01 3.15
N CYS F 708 74.13 41.91 2.88
CA CYS F 708 73.03 42.19 3.80
C CYS F 708 71.73 42.29 3.00
N VAL F 709 70.61 42.15 3.72
CA VAL F 709 69.28 42.27 3.15
C VAL F 709 68.65 43.52 3.76
N ILE F 710 68.38 44.52 2.91
CA ILE F 710 67.69 45.71 3.38
C ILE F 710 66.23 45.37 3.68
N GLY F 711 65.74 45.81 4.82
CA GLY F 711 64.37 45.53 5.21
C GLY F 711 63.92 46.46 6.31
N LEU F 712 62.59 46.62 6.39
CA LEU F 712 61.97 47.46 7.41
C LEU F 712 61.63 46.58 8.60
N LYS F 713 62.32 46.81 9.72
CA LYS F 713 62.05 46.07 10.95
C LYS F 713 60.83 46.68 11.64
N LYS F 714 60.64 46.37 12.93
CA LYS F 714 59.48 46.85 13.67
C LYS F 714 59.35 48.37 13.58
N LYS F 715 60.47 49.09 13.73
CA LYS F 715 60.46 50.55 13.71
C LYS F 715 60.86 51.11 12.35
N ALA F 716 62.06 50.81 11.87
CA ALA F 716 62.62 51.45 10.69
C ALA F 716 63.54 50.47 9.97
N VAL F 717 64.32 51.00 9.01
CA VAL F 717 65.13 50.18 8.12
C VAL F 717 66.36 49.66 8.86
N ALA F 718 66.83 48.48 8.45
CA ALA F 718 68.05 47.89 8.97
C ALA F 718 68.72 47.10 7.85
N PHE F 719 69.98 46.72 8.08
CA PHE F 719 70.78 45.95 7.13
C PHE F 719 71.37 44.76 7.86
N SER F 720 70.59 43.68 7.96
CA SER F 720 71.06 42.47 8.63
C SER F 720 71.96 41.69 7.67
N PRO F 721 73.14 41.23 8.10
CA PRO F 721 73.96 40.40 7.20
C PRO F 721 73.26 39.10 6.83
N VAL F 722 73.47 38.66 5.59
CA VAL F 722 72.80 37.47 5.09
C VAL F 722 73.26 36.24 5.86
N THR F 723 74.56 36.16 6.18
CA THR F 723 75.06 35.03 6.95
C THR F 723 74.55 35.07 8.38
N GLU F 724 74.37 36.27 8.94
CA GLU F 724 73.82 36.38 10.29
C GLU F 724 72.41 35.85 10.35
N LEU F 725 71.63 36.04 9.30
CA LEU F 725 70.27 35.51 9.24
C LEU F 725 70.24 33.99 9.03
N LYS F 726 71.39 33.35 8.77
CA LYS F 726 71.41 31.91 8.52
C LYS F 726 70.91 31.12 9.73
N LYS F 727 71.13 31.63 10.94
CA LYS F 727 70.67 30.95 12.15
C LYS F 727 69.18 31.13 12.43
N ASP F 728 68.45 31.88 11.58
CA ASP F 728 67.03 32.17 11.79
C ASP F 728 66.17 31.72 10.63
N THR F 729 66.66 30.81 9.78
CA THR F 729 65.98 30.40 8.55
C THR F 729 65.75 28.90 8.54
N ASP F 730 64.55 28.50 8.12
CA ASP F 730 64.19 27.10 7.89
C ASP F 730 64.27 26.88 6.38
N PHE F 731 65.44 26.46 5.93
CA PHE F 731 65.64 26.18 4.51
C PHE F 731 64.81 24.99 4.05
N GLU F 732 64.43 24.10 4.96
CA GLU F 732 63.56 22.97 4.58
C GLU F 732 62.17 23.47 4.23
N HIS F 733 61.62 24.38 5.05
CA HIS F 733 60.34 25.01 4.80
C HIS F 733 60.47 26.37 4.12
N ARG F 734 61.68 26.88 3.93
CA ARG F 734 61.93 28.13 3.21
C ARG F 734 61.20 29.31 3.87
N MET F 735 61.25 29.36 5.20
CA MET F 735 60.59 30.39 5.98
C MET F 735 61.38 30.61 7.27
N PRO F 736 61.39 31.81 7.83
CA PRO F 736 62.17 32.03 9.06
C PRO F 736 61.62 31.26 10.24
N ARG F 737 62.51 31.01 11.23
CA ARG F 737 62.16 30.23 12.41
C ARG F 737 60.97 30.81 13.15
N GLU F 738 61.03 32.12 13.43
CA GLU F 738 59.98 32.83 14.16
C GLU F 738 59.48 33.98 13.31
N GLN F 739 58.17 34.20 13.34
CA GLN F 739 57.51 35.25 12.59
C GLN F 739 56.62 36.06 13.52
N TRP F 740 56.57 37.37 13.27
CA TRP F 740 55.91 38.30 14.17
C TRP F 740 54.39 38.23 14.09
N TRP F 741 53.84 37.81 12.94
CA TRP F 741 52.41 37.91 12.69
C TRP F 741 51.59 36.79 13.32
N LEU F 742 52.21 35.86 14.07
CA LEU F 742 51.47 34.77 14.69
C LEU F 742 50.42 35.26 15.68
N SER F 743 50.59 36.47 16.23
CA SER F 743 49.60 37.02 17.16
C SER F 743 48.24 37.22 16.49
N LEU F 744 48.22 37.52 15.18
CA LEU F 744 46.97 37.79 14.50
C LEU F 744 46.07 36.57 14.37
N ARG F 745 46.58 35.36 14.63
CA ARG F 745 45.73 34.18 14.57
C ARG F 745 44.73 34.15 15.71
N LEU F 746 45.11 34.64 16.89
CA LEU F 746 44.16 34.81 17.99
C LEU F 746 43.06 35.76 17.59
N MET F 747 43.42 36.84 16.89
CA MET F 747 42.43 37.79 16.40
C MET F 747 41.48 37.14 15.41
N LEU F 748 41.98 36.28 14.54
CA LEU F 748 41.13 35.66 13.53
C LEU F 748 40.12 34.71 14.19
N LYS F 749 40.60 33.85 15.08
CA LYS F 749 39.70 32.95 15.80
C LYS F 749 38.74 33.71 16.72
N MET F 750 39.12 34.92 17.15
CA MET F 750 38.23 35.73 17.97
C MET F 750 36.99 36.14 17.19
N LEU F 751 37.17 36.65 15.96
CA LEU F 751 36.08 37.28 15.22
C LEU F 751 34.98 36.30 14.78
N ALA F 752 35.15 35.00 14.99
CA ALA F 752 34.14 34.00 14.69
C ALA F 752 33.48 33.54 15.98
N GLN F 753 32.17 33.30 15.92
CA GLN F 753 31.39 32.81 17.06
C GLN F 753 31.98 31.52 17.62
N GLY G 13 29.18 -12.52 29.28
CA GLY G 13 28.06 -13.33 29.72
C GLY G 13 28.43 -14.75 30.12
N ALA G 14 29.70 -14.97 30.48
CA ALA G 14 30.18 -16.27 30.89
C ALA G 14 31.19 -16.12 32.02
N GLY G 15 31.25 -17.15 32.86
CA GLY G 15 32.22 -17.24 33.94
C GLY G 15 32.73 -18.66 34.09
N LYS G 16 32.80 -19.39 32.97
CA LYS G 16 33.14 -20.80 32.94
C LYS G 16 34.20 -21.02 31.86
N ALA G 17 34.55 -22.28 31.58
CA ALA G 17 35.61 -22.62 30.65
C ALA G 17 35.11 -23.52 29.53
N ILE G 18 35.87 -23.54 28.44
CA ILE G 18 35.56 -24.29 27.24
C ILE G 18 36.81 -25.03 26.81
N GLY G 19 36.62 -26.24 26.26
CA GLY G 19 37.70 -27.02 25.68
C GLY G 19 37.50 -27.24 24.19
N VAL G 20 38.54 -27.02 23.40
CA VAL G 20 38.51 -27.18 21.95
C VAL G 20 39.59 -28.16 21.54
N LEU G 21 39.21 -29.17 20.76
CA LEU G 21 40.14 -30.15 20.24
C LEU G 21 39.65 -30.62 18.89
N THR G 22 40.59 -30.91 18.00
CA THR G 22 40.32 -31.52 16.71
C THR G 22 40.82 -32.95 16.73
N SER G 23 40.04 -33.86 16.16
CA SER G 23 40.35 -35.28 16.15
C SER G 23 39.86 -35.89 14.85
N GLY G 24 40.02 -37.21 14.75
CA GLY G 24 39.58 -37.91 13.56
C GLY G 24 40.38 -37.49 12.34
N GLY G 25 39.81 -37.81 11.18
CA GLY G 25 40.41 -37.42 9.91
C GLY G 25 40.53 -35.91 9.79
N ASP G 26 41.76 -35.45 9.54
CA ASP G 26 41.99 -34.03 9.37
C ASP G 26 41.41 -33.57 8.05
N ALA G 27 40.97 -32.32 8.01
CA ALA G 27 40.45 -31.71 6.80
C ALA G 27 40.66 -30.21 6.91
N GLN G 28 41.22 -29.61 5.86
CA GLN G 28 41.42 -28.17 5.80
C GLN G 28 40.14 -27.42 6.12
N GLY G 29 40.26 -26.39 6.96
CA GLY G 29 39.14 -25.74 7.60
C GLY G 29 39.15 -25.83 9.11
N MET G 30 39.94 -26.75 9.67
CA MET G 30 40.00 -26.92 11.12
C MET G 30 40.54 -25.68 11.81
N ASN G 31 41.59 -25.07 11.23
CA ASN G 31 42.23 -23.92 11.85
C ASN G 31 41.25 -22.75 11.98
N ALA G 32 40.40 -22.56 10.99
CA ALA G 32 39.39 -21.51 11.06
C ALA G 32 38.38 -21.80 12.16
N ALA G 33 38.00 -23.08 12.32
CA ALA G 33 37.07 -23.43 13.39
C ALA G 33 37.68 -23.19 14.77
N VAL G 34 38.96 -23.55 14.93
CA VAL G 34 39.63 -23.34 16.21
C VAL G 34 39.77 -21.86 16.50
N ARG G 35 40.08 -21.06 15.48
CA ARG G 35 40.18 -19.61 15.66
C ARG G 35 38.85 -19.02 16.11
N ALA G 36 37.77 -19.41 15.46
CA ALA G 36 36.46 -18.85 15.79
C ALA G 36 36.02 -19.27 17.19
N VAL G 37 36.25 -20.54 17.54
CA VAL G 37 35.87 -21.02 18.88
C VAL G 37 36.65 -20.28 19.95
N THR G 38 37.96 -20.12 19.73
CA THR G 38 38.81 -19.42 20.70
C THR G 38 38.37 -17.97 20.86
N ARG G 39 38.26 -17.25 19.74
CA ARG G 39 37.95 -15.83 19.82
C ARG G 39 36.53 -15.59 20.27
N MET G 40 35.61 -16.50 19.95
CA MET G 40 34.25 -16.40 20.49
C MET G 40 34.27 -16.58 22.01
N GLY G 41 34.94 -17.64 22.49
CA GLY G 41 34.96 -17.91 23.91
C GLY G 41 35.58 -16.79 24.73
N ILE G 42 36.61 -16.15 24.18
CA ILE G 42 37.19 -14.98 24.85
C ILE G 42 36.20 -13.82 24.80
N TYR G 43 35.50 -13.66 23.68
CA TYR G 43 34.59 -12.52 23.53
C TYR G 43 33.44 -12.59 24.52
N VAL G 44 33.00 -13.80 24.89
CA VAL G 44 31.90 -13.94 25.83
C VAL G 44 32.36 -13.86 27.29
N GLY G 45 33.65 -14.05 27.55
CA GLY G 45 34.19 -14.02 28.89
C GLY G 45 34.42 -15.38 29.52
N ALA G 46 34.77 -16.39 28.73
CA ALA G 46 35.07 -17.73 29.20
C ALA G 46 36.58 -17.98 29.08
N LYS G 47 36.99 -19.17 29.52
CA LYS G 47 38.38 -19.62 29.48
C LYS G 47 38.51 -20.80 28.53
N VAL G 48 39.32 -20.64 27.50
CA VAL G 48 39.45 -21.61 26.42
C VAL G 48 40.81 -22.29 26.53
N PHE G 49 40.81 -23.62 26.40
CA PHE G 49 42.01 -24.44 26.48
C PHE G 49 42.23 -25.15 25.15
N LEU G 50 43.47 -25.12 24.67
CA LEU G 50 43.86 -25.79 23.44
C LEU G 50 44.47 -27.14 23.80
N ILE G 51 43.80 -28.21 23.37
CA ILE G 51 44.18 -29.58 23.72
C ILE G 51 44.90 -30.14 22.50
N TYR G 52 46.23 -30.13 22.55
CA TYR G 52 47.03 -30.60 21.43
C TYR G 52 46.84 -32.10 21.23
N GLU G 53 47.04 -32.54 19.99
CA GLU G 53 46.95 -33.94 19.57
C GLU G 53 45.55 -34.54 19.73
N GLY G 54 44.54 -33.74 20.05
CA GLY G 54 43.22 -34.30 20.28
C GLY G 54 43.19 -35.21 21.50
N TYR G 55 42.65 -36.42 21.30
CA TYR G 55 42.43 -37.31 22.42
C TYR G 55 43.74 -37.84 23.01
N GLU G 56 44.80 -37.96 22.20
CA GLU G 56 46.06 -38.44 22.72
C GLU G 56 46.63 -37.48 23.75
N GLY G 57 46.74 -36.20 23.39
CA GLY G 57 47.18 -35.21 24.35
C GLY G 57 46.19 -35.00 25.48
N LEU G 58 44.90 -35.20 25.20
CA LEU G 58 43.89 -35.11 26.25
C LEU G 58 44.15 -36.13 27.36
N VAL G 59 44.41 -37.38 26.97
CA VAL G 59 44.74 -38.41 27.95
C VAL G 59 46.07 -38.09 28.62
N GLU G 60 47.05 -37.65 27.83
CA GLU G 60 48.37 -37.35 28.41
C GLU G 60 48.30 -36.15 29.36
N GLY G 61 47.59 -35.09 28.95
CA GLY G 61 47.47 -33.93 29.81
C GLY G 61 48.79 -33.19 29.95
N GLY G 62 48.87 -32.42 31.03
CA GLY G 62 50.10 -31.69 31.32
C GLY G 62 50.35 -30.59 30.30
N GLU G 63 51.60 -30.55 29.81
CA GLU G 63 52.01 -29.53 28.84
C GLU G 63 51.20 -29.56 27.55
N ASN G 64 50.60 -30.71 27.20
CA ASN G 64 49.82 -30.81 25.98
C ASN G 64 48.60 -29.89 25.96
N ILE G 65 48.14 -29.44 27.13
CA ILE G 65 47.03 -28.49 27.26
C ILE G 65 47.60 -27.18 27.78
N LYS G 66 47.08 -26.08 27.25
CA LYS G 66 47.52 -24.75 27.67
C LYS G 66 46.43 -23.73 27.37
N GLN G 67 46.28 -22.76 28.25
CA GLN G 67 45.30 -21.71 28.08
C GLN G 67 45.75 -20.75 26.99
N ALA G 68 44.79 -20.28 26.19
CA ALA G 68 45.04 -19.47 25.01
C ALA G 68 44.37 -18.12 25.13
N ASN G 69 44.98 -17.12 24.49
CA ASN G 69 44.49 -15.76 24.43
C ASN G 69 44.06 -15.43 22.99
N TRP G 70 43.76 -14.16 22.74
CA TRP G 70 43.28 -13.74 21.43
C TRP G 70 44.30 -13.98 20.33
N LEU G 71 45.59 -13.92 20.67
CA LEU G 71 46.67 -14.02 19.68
C LEU G 71 47.19 -15.44 19.49
N SER G 72 46.81 -16.39 20.34
CA SER G 72 47.30 -17.76 20.20
C SER G 72 46.84 -18.40 18.89
N VAL G 73 45.71 -17.95 18.35
CA VAL G 73 45.09 -18.53 17.16
C VAL G 73 45.17 -17.58 15.96
N SER G 74 46.14 -16.67 15.96
CA SER G 74 46.26 -15.68 14.90
C SER G 74 47.24 -16.16 13.84
N ASN G 75 47.02 -15.67 12.61
CA ASN G 75 47.89 -16.00 11.48
C ASN G 75 47.87 -17.50 11.17
N ILE G 76 46.69 -18.10 11.29
CA ILE G 76 46.48 -19.51 10.93
C ILE G 76 45.30 -19.73 10.01
N ILE G 77 44.36 -18.76 9.92
CA ILE G 77 43.09 -18.95 9.23
C ILE G 77 43.26 -19.38 7.79
N GLN G 78 44.34 -18.93 7.15
CA GLN G 78 44.60 -19.25 5.74
C GLN G 78 45.35 -20.58 5.55
N LEU G 79 45.69 -21.29 6.63
CA LEU G 79 46.39 -22.56 6.54
C LEU G 79 45.41 -23.72 6.61
N GLY G 80 45.73 -24.79 5.88
CA GLY G 80 44.98 -26.01 5.94
C GLY G 80 45.33 -26.84 7.16
N GLY G 81 44.72 -28.02 7.24
CA GLY G 81 44.90 -28.94 8.33
C GLY G 81 44.60 -28.29 9.67
N THR G 82 45.28 -28.78 10.71
CA THR G 82 45.18 -28.28 12.07
C THR G 82 46.56 -28.03 12.62
N ILE G 83 46.64 -27.06 13.54
CA ILE G 83 47.91 -26.74 14.23
C ILE G 83 48.06 -27.44 15.57
N ILE G 84 46.99 -28.07 16.09
CA ILE G 84 47.01 -28.71 17.40
C ILE G 84 47.00 -30.23 17.24
N GLY G 85 47.51 -30.72 16.11
CA GLY G 85 47.78 -32.14 15.96
C GLY G 85 46.67 -32.99 15.41
N SER G 86 45.63 -33.25 16.21
CA SER G 86 44.60 -34.25 15.89
C SER G 86 45.23 -35.61 15.65
N ALA G 87 46.01 -36.06 16.63
CA ALA G 87 46.60 -37.40 16.59
C ALA G 87 45.58 -38.41 17.12
N ARG G 88 45.42 -39.50 16.39
CA ARG G 88 44.49 -40.53 16.80
C ARG G 88 44.94 -41.16 18.11
N CYS G 89 43.97 -41.50 18.97
CA CYS G 89 44.20 -42.08 20.27
C CYS G 89 43.45 -43.40 20.41
N LYS G 90 44.01 -44.30 21.21
CA LYS G 90 43.42 -45.59 21.53
C LYS G 90 43.01 -45.72 22.99
N ALA G 91 43.81 -45.19 23.92
CA ALA G 91 43.52 -45.37 25.34
C ALA G 91 42.22 -44.72 25.74
N PHE G 92 41.77 -43.70 25.00
CA PHE G 92 40.46 -43.09 25.26
C PHE G 92 39.33 -44.08 25.04
N THR G 93 39.53 -45.12 24.23
CA THR G 93 38.52 -46.17 24.10
C THR G 93 38.34 -46.93 25.40
N THR G 94 39.42 -47.11 26.16
CA THR G 94 39.38 -47.82 27.44
C THR G 94 39.10 -46.84 28.57
N ARG G 95 38.39 -47.32 29.59
CA ARG G 95 37.96 -46.45 30.68
C ARG G 95 39.14 -45.87 31.45
N GLU G 96 40.30 -46.55 31.43
CA GLU G 96 41.48 -46.01 32.11
C GLU G 96 41.91 -44.69 31.49
N GLY G 97 41.91 -44.61 30.15
CA GLY G 97 42.25 -43.36 29.50
C GLY G 97 41.21 -42.28 29.72
N ARG G 98 39.93 -42.67 29.79
CA ARG G 98 38.88 -41.68 29.98
C ARG G 98 38.92 -41.08 31.37
N ARG G 99 39.22 -41.87 32.40
CA ARG G 99 39.35 -41.33 33.75
C ARG G 99 40.58 -40.44 33.85
N ALA G 100 41.66 -40.78 33.16
CA ALA G 100 42.85 -39.93 33.16
C ALA G 100 42.55 -38.60 32.47
N ALA G 101 41.80 -38.64 31.38
CA ALA G 101 41.41 -37.40 30.71
C ALA G 101 40.49 -36.57 31.59
N ALA G 102 39.54 -37.22 32.27
CA ALA G 102 38.66 -36.50 33.19
C ALA G 102 39.46 -35.87 34.33
N TYR G 103 40.47 -36.58 34.83
CA TYR G 103 41.34 -36.00 35.84
C TYR G 103 42.05 -34.76 35.31
N ASN G 104 42.56 -34.81 34.08
CA ASN G 104 43.24 -33.66 33.49
C ASN G 104 42.28 -32.48 33.32
N LEU G 105 41.06 -32.75 32.87
CA LEU G 105 40.09 -31.68 32.68
C LEU G 105 39.72 -31.03 34.00
N VAL G 106 39.57 -31.83 35.06
CA VAL G 106 39.26 -31.26 36.37
C VAL G 106 40.41 -30.42 36.89
N GLN G 107 41.66 -30.87 36.61
CA GLN G 107 42.82 -30.07 37.00
C GLN G 107 42.81 -28.70 36.33
N HIS G 108 42.41 -28.65 35.07
CA HIS G 108 42.31 -27.41 34.32
C HIS G 108 40.92 -26.79 34.36
N GLY G 109 39.94 -27.44 35.00
CA GLY G 109 38.63 -26.86 35.20
C GLY G 109 37.85 -26.64 33.91
N ILE G 110 37.67 -27.70 33.14
CA ILE G 110 36.91 -27.67 31.89
C ILE G 110 35.66 -28.52 32.11
N THR G 111 34.50 -27.87 32.07
CA THR G 111 33.20 -28.52 32.14
C THR G 111 32.41 -28.46 30.85
N ASN G 112 32.96 -27.85 29.79
CA ASN G 112 32.31 -27.76 28.49
C ASN G 112 33.37 -28.03 27.43
N LEU G 113 33.05 -28.93 26.49
CA LEU G 113 34.04 -29.51 25.59
C LEU G 113 33.49 -29.51 24.17
N CYS G 114 34.12 -28.72 23.30
CA CYS G 114 33.79 -28.66 21.88
C CYS G 114 34.74 -29.57 21.12
N VAL G 115 34.19 -30.62 20.50
CA VAL G 115 34.97 -31.62 19.77
C VAL G 115 34.73 -31.40 18.29
N ILE G 116 35.81 -31.31 17.52
CA ILE G 116 35.77 -31.14 16.07
C ILE G 116 36.33 -32.44 15.47
N GLY G 117 35.54 -33.08 14.63
CA GLY G 117 35.99 -34.31 14.00
C GLY G 117 34.82 -35.08 13.42
N GLY G 118 35.12 -36.30 12.99
CA GLY G 118 34.15 -37.13 12.32
C GLY G 118 33.21 -37.83 13.28
N ASP G 119 32.50 -38.82 12.72
CA ASP G 119 31.45 -39.52 13.46
C ASP G 119 32.01 -40.32 14.63
N GLY G 120 33.18 -40.94 14.44
CA GLY G 120 33.74 -41.78 15.49
C GLY G 120 34.15 -40.99 16.72
N SER G 121 34.75 -39.81 16.51
CA SER G 121 35.14 -38.96 17.63
C SER G 121 33.92 -38.49 18.41
N LEU G 122 32.85 -38.15 17.70
CA LEU G 122 31.62 -37.71 18.37
C LEU G 122 30.98 -38.85 19.16
N THR G 123 31.02 -40.07 18.63
CA THR G 123 30.50 -41.22 19.34
C THR G 123 31.26 -41.44 20.64
N GLY G 124 32.59 -41.37 20.59
CA GLY G 124 33.38 -41.51 21.79
C GLY G 124 33.18 -40.36 22.77
N ALA G 125 33.02 -39.15 22.25
CA ALA G 125 32.77 -38.00 23.11
C ALA G 125 31.44 -38.13 23.84
N ASN G 126 30.41 -38.63 23.14
CA ASN G 126 29.10 -38.76 23.76
C ASN G 126 29.10 -39.85 24.82
N ILE G 127 29.84 -40.94 24.59
CA ILE G 127 29.99 -41.96 25.62
C ILE G 127 30.67 -41.36 26.84
N PHE G 128 31.75 -40.59 26.61
CA PHE G 128 32.48 -39.96 27.70
C PHE G 128 31.59 -39.00 28.49
N ARG G 129 30.72 -38.28 27.79
CA ARG G 129 29.74 -37.44 28.48
C ARG G 129 28.78 -38.29 29.31
N SER G 130 28.33 -39.41 28.75
CA SER G 130 27.31 -40.24 29.40
C SER G 130 27.80 -40.84 30.71
N GLU G 131 29.12 -40.97 30.90
CA GLU G 131 29.69 -41.59 32.09
C GLU G 131 30.57 -40.65 32.91
N TRP G 132 30.67 -39.36 32.53
CA TRP G 132 31.36 -38.30 33.27
C TRP G 132 31.13 -38.37 34.77
N GLY G 133 29.87 -38.55 35.18
CA GLY G 133 29.56 -38.62 36.60
C GLY G 133 30.23 -39.80 37.29
N SER G 134 30.20 -40.97 36.66
CA SER G 134 30.84 -42.14 37.26
C SER G 134 32.35 -41.97 37.33
N LEU G 135 32.95 -41.34 36.32
CA LEU G 135 34.40 -41.14 36.33
C LEU G 135 34.82 -40.20 37.44
N LEU G 136 34.05 -39.14 37.68
CA LEU G 136 34.36 -38.24 38.79
C LEU G 136 34.15 -38.92 40.13
N GLU G 137 33.16 -39.80 40.22
CA GLU G 137 32.97 -40.59 41.43
C GLU G 137 34.18 -41.49 41.69
N GLU G 138 34.70 -42.12 40.63
CA GLU G 138 35.88 -42.95 40.77
C GLU G 138 37.10 -42.13 41.18
N LEU G 139 37.24 -40.93 40.61
CA LEU G 139 38.38 -40.08 40.94
C LEU G 139 38.32 -39.64 42.40
N VAL G 140 37.13 -39.28 42.89
CA VAL G 140 36.99 -38.94 44.30
C VAL G 140 37.25 -40.17 45.18
N ALA G 141 36.81 -41.34 44.72
CA ALA G 141 36.96 -42.56 45.52
C ALA G 141 38.44 -42.89 45.73
N GLU G 142 39.26 -42.74 44.69
CA GLU G 142 40.69 -42.97 44.82
C GLU G 142 41.41 -41.80 45.50
N GLY G 143 40.74 -40.67 45.73
CA GLY G 143 41.34 -39.55 46.41
C GLY G 143 42.12 -38.61 45.54
N LYS G 144 42.08 -38.76 44.22
CA LYS G 144 42.85 -37.86 43.35
C LYS G 144 42.28 -36.45 43.37
N ILE G 145 40.96 -36.30 43.50
CA ILE G 145 40.29 -35.01 43.50
C ILE G 145 39.36 -34.94 44.71
N SER G 146 38.99 -33.71 45.06
CA SER G 146 38.16 -33.47 46.24
C SER G 146 36.68 -33.55 45.88
N GLU G 147 35.86 -33.71 46.93
CA GLU G 147 34.41 -33.78 46.73
C GLU G 147 33.86 -32.47 46.18
N THR G 148 34.35 -31.33 46.71
CA THR G 148 33.86 -30.03 46.25
C THR G 148 34.17 -29.81 44.77
N THR G 149 35.36 -30.21 44.33
CA THR G 149 35.72 -30.08 42.93
C THR G 149 34.83 -30.94 42.06
N ALA G 150 34.48 -32.13 42.54
CA ALA G 150 33.58 -33.00 41.78
C ALA G 150 32.19 -32.39 41.66
N ARG G 151 31.70 -31.77 42.73
CA ARG G 151 30.38 -31.14 42.68
C ARG G 151 30.38 -29.94 41.74
N THR G 152 31.46 -29.17 41.75
CA THR G 152 31.53 -27.99 40.88
C THR G 152 31.51 -28.39 39.40
N TYR G 153 32.07 -29.55 39.06
CA TYR G 153 32.21 -30.02 37.69
C TYR G 153 31.33 -31.25 37.45
N SER G 154 30.11 -31.23 38.00
CA SER G 154 29.27 -32.43 38.01
C SER G 154 28.74 -32.80 36.63
N HIS G 155 28.80 -31.90 35.65
CA HIS G 155 28.19 -32.11 34.34
C HIS G 155 29.16 -31.70 33.24
N LEU G 156 28.93 -32.28 32.06
CA LEU G 156 29.72 -31.99 30.86
C LEU G 156 28.76 -31.70 29.72
N ASN G 157 29.04 -30.64 28.96
CA ASN G 157 28.26 -30.25 27.79
C ASN G 157 29.14 -30.34 26.55
N ILE G 158 28.54 -30.81 25.45
CA ILE G 158 29.25 -31.13 24.22
C ILE G 158 28.61 -30.38 23.05
N ALA G 159 29.46 -29.98 22.11
CA ALA G 159 29.04 -29.43 20.83
C ALA G 159 30.00 -29.98 19.78
N GLY G 160 29.44 -30.52 18.70
CA GLY G 160 30.20 -31.28 17.71
C GLY G 160 30.21 -30.58 16.37
N LEU G 161 31.40 -30.56 15.75
CA LEU G 161 31.60 -30.10 14.39
C LEU G 161 32.08 -31.28 13.55
N VAL G 162 31.49 -31.44 12.37
CA VAL G 162 31.81 -32.54 11.48
C VAL G 162 32.99 -32.08 10.62
N GLY G 163 34.20 -32.43 11.03
CA GLY G 163 35.40 -32.19 10.25
C GLY G 163 35.79 -33.39 9.42
N SER G 164 35.33 -33.44 8.17
CA SER G 164 35.58 -34.58 7.31
C SER G 164 35.29 -34.20 5.87
N ILE G 165 36.20 -34.55 4.97
CA ILE G 165 35.99 -34.28 3.54
C ILE G 165 35.05 -35.27 2.87
N ASP G 166 34.69 -36.37 3.55
CA ASP G 166 33.81 -37.35 2.94
C ASP G 166 32.37 -36.86 2.85
N ASN G 167 31.96 -35.98 3.77
CA ASN G 167 30.61 -35.43 3.78
C ASN G 167 29.55 -36.51 3.98
N ASP G 168 29.89 -37.55 4.75
CA ASP G 168 29.01 -38.70 4.96
C ASP G 168 28.09 -38.56 6.17
N PHE G 169 28.34 -37.59 7.06
CA PHE G 169 27.54 -37.40 8.26
C PHE G 169 26.12 -36.96 7.86
N CYS G 170 25.13 -37.80 8.18
CA CYS G 170 23.79 -37.65 7.61
C CYS G 170 23.07 -36.38 8.06
N GLY G 171 23.41 -35.84 9.23
CA GLY G 171 22.69 -34.69 9.74
C GLY G 171 23.12 -33.34 9.19
N THR G 172 24.08 -33.30 8.26
CA THR G 172 24.68 -32.07 7.77
C THR G 172 24.57 -32.00 6.25
N ASP G 173 24.38 -30.78 5.73
CA ASP G 173 24.40 -30.55 4.29
C ASP G 173 25.82 -30.54 3.75
N MET G 174 26.73 -29.83 4.43
CA MET G 174 28.13 -29.73 4.03
C MET G 174 29.01 -29.82 5.26
N THR G 175 29.94 -30.77 5.24
CA THR G 175 30.91 -30.93 6.32
C THR G 175 32.12 -30.05 6.07
N ILE G 176 32.83 -29.73 7.16
CA ILE G 176 33.95 -28.79 7.07
C ILE G 176 35.05 -29.37 6.20
N GLY G 177 35.46 -28.60 5.19
CA GLY G 177 36.61 -28.94 4.38
C GLY G 177 36.31 -29.69 3.10
N THR G 178 35.05 -30.09 2.87
CA THR G 178 34.73 -30.82 1.65
C THR G 178 34.88 -29.94 0.41
N ASP G 179 34.53 -28.65 0.52
CA ASP G 179 34.60 -27.78 -0.65
C ASP G 179 36.05 -27.53 -1.05
N SER G 180 36.92 -27.32 -0.07
CA SER G 180 38.33 -27.14 -0.38
C SER G 180 38.94 -28.40 -0.97
N ALA G 181 38.49 -29.57 -0.53
CA ALA G 181 38.98 -30.80 -1.13
C ALA G 181 38.53 -30.90 -2.58
N LEU G 182 37.32 -30.41 -2.87
CA LEU G 182 36.86 -30.33 -4.25
C LEU G 182 37.70 -29.36 -5.05
N HIS G 183 38.18 -28.29 -4.42
CA HIS G 183 39.09 -27.37 -5.11
C HIS G 183 40.39 -28.07 -5.47
N ARG G 184 40.93 -28.88 -4.55
CA ARG G 184 42.15 -29.61 -4.84
C ARG G 184 41.93 -30.63 -5.94
N ILE G 185 40.77 -31.29 -5.93
CA ILE G 185 40.43 -32.22 -7.01
C ILE G 185 40.34 -31.47 -8.33
N MET G 186 39.82 -30.24 -8.30
CA MET G 186 39.65 -29.49 -9.54
C MET G 186 40.97 -28.96 -10.06
N GLU G 187 41.88 -28.57 -9.17
CA GLU G 187 43.23 -28.21 -9.59
C GLU G 187 43.91 -29.38 -10.30
N VAL G 188 43.80 -30.57 -9.73
CA VAL G 188 44.43 -31.75 -10.32
C VAL G 188 43.79 -32.09 -11.65
N ILE G 189 42.45 -32.10 -11.71
CA ILE G 189 41.78 -32.56 -12.92
C ILE G 189 41.96 -31.57 -14.06
N ASP G 190 41.98 -30.26 -13.76
CA ASP G 190 42.25 -29.28 -14.80
C ASP G 190 43.65 -29.42 -15.34
N ALA G 191 44.60 -29.77 -14.47
CA ALA G 191 45.95 -30.08 -14.94
C ALA G 191 45.94 -31.31 -15.84
N ILE G 192 45.22 -32.36 -15.44
CA ILE G 192 45.20 -33.59 -16.22
C ILE G 192 44.55 -33.38 -17.58
N THR G 193 43.47 -32.58 -17.63
CA THR G 193 42.70 -32.44 -18.85
C THR G 193 43.51 -31.84 -19.99
N THR G 194 44.53 -31.03 -19.67
CA THR G 194 45.40 -30.49 -20.71
C THR G 194 46.12 -31.60 -21.46
N THR G 195 46.90 -32.40 -20.75
CA THR G 195 47.62 -33.51 -21.38
C THR G 195 46.67 -34.56 -21.95
N ALA G 196 45.51 -34.76 -21.32
CA ALA G 196 44.55 -35.74 -21.81
C ALA G 196 44.01 -35.35 -23.18
N GLN G 197 43.60 -34.09 -23.34
CA GLN G 197 43.14 -33.64 -24.64
C GLN G 197 44.28 -33.58 -25.65
N SER G 198 45.50 -33.29 -25.19
CA SER G 198 46.64 -33.22 -26.10
C SER G 198 46.91 -34.57 -26.74
N HIS G 199 47.02 -35.62 -25.93
CA HIS G 199 47.41 -36.95 -26.38
C HIS G 199 46.22 -37.88 -26.58
N GLN G 200 44.99 -37.40 -26.43
CA GLN G 200 43.79 -38.23 -26.55
C GLN G 200 43.87 -39.41 -25.57
N ARG G 201 44.15 -39.10 -24.31
CA ARG G 201 44.34 -40.10 -23.27
C ARG G 201 43.16 -40.09 -22.32
N THR G 202 42.52 -41.25 -22.14
CA THR G 202 41.51 -41.42 -21.12
C THR G 202 42.18 -41.64 -19.77
N PHE G 203 41.83 -40.84 -18.77
CA PHE G 203 42.47 -40.88 -17.47
C PHE G 203 41.54 -41.46 -16.41
N VAL G 204 42.14 -42.13 -15.43
CA VAL G 204 41.43 -42.71 -14.29
C VAL G 204 41.96 -42.00 -13.05
N LEU G 205 41.09 -41.23 -12.39
CA LEU G 205 41.42 -40.51 -11.17
C LEU G 205 40.70 -41.16 -10.01
N GLU G 206 41.44 -41.42 -8.92
CA GLU G 206 40.90 -42.07 -7.72
C GLU G 206 40.83 -41.02 -6.61
N VAL G 207 39.64 -40.45 -6.43
CA VAL G 207 39.38 -39.55 -5.32
C VAL G 207 39.29 -40.38 -4.04
N MET G 208 39.17 -39.71 -2.90
CA MET G 208 38.93 -40.34 -1.62
C MET G 208 37.43 -40.27 -1.34
N GLY G 209 37.04 -40.57 -0.11
CA GLY G 209 35.66 -40.82 0.22
C GLY G 209 35.60 -42.20 0.83
N ARG G 210 35.49 -42.24 2.16
CA ARG G 210 35.56 -43.48 2.93
C ARG G 210 34.51 -44.47 2.43
N HIS G 211 33.24 -44.20 2.71
CA HIS G 211 32.12 -44.98 2.18
C HIS G 211 31.01 -44.06 1.67
N CYS G 212 31.38 -42.86 1.21
CA CYS G 212 30.46 -41.91 0.60
C CYS G 212 31.09 -41.41 -0.69
N GLY G 213 30.36 -41.56 -1.79
CA GLY G 213 30.85 -41.11 -3.08
C GLY G 213 30.52 -39.66 -3.40
N TYR G 214 30.19 -38.88 -2.37
CA TYR G 214 29.83 -37.48 -2.56
C TYR G 214 30.95 -36.71 -3.25
N LEU G 215 32.19 -36.88 -2.76
CA LEU G 215 33.33 -36.26 -3.43
C LEU G 215 33.46 -36.73 -4.86
N ALA G 216 33.22 -38.02 -5.10
CA ALA G 216 33.33 -38.56 -6.45
C ALA G 216 32.23 -38.01 -7.36
N LEU G 217 30.98 -37.97 -6.87
CA LEU G 217 29.91 -37.46 -7.70
C LEU G 217 30.07 -35.97 -7.98
N VAL G 218 30.46 -35.20 -6.96
CA VAL G 218 30.57 -33.76 -7.14
C VAL G 218 31.72 -33.43 -8.08
N SER G 219 32.84 -34.14 -7.95
CA SER G 219 33.96 -33.92 -8.86
C SER G 219 33.60 -34.30 -10.29
N ALA G 220 32.93 -35.44 -10.46
CA ALA G 220 32.54 -35.87 -11.80
C ALA G 220 31.55 -34.90 -12.42
N LEU G 221 30.58 -34.43 -11.64
CA LEU G 221 29.59 -33.49 -12.16
C LEU G 221 30.25 -32.17 -12.55
N ALA G 222 31.12 -31.64 -11.68
CA ALA G 222 31.76 -30.37 -11.95
C ALA G 222 32.81 -30.45 -13.06
N SER G 223 33.30 -31.66 -13.38
CA SER G 223 34.29 -31.85 -14.43
C SER G 223 33.71 -32.41 -15.73
N GLY G 224 32.43 -32.77 -15.75
CA GLY G 224 31.88 -33.44 -16.92
C GLY G 224 32.53 -34.77 -17.18
N ALA G 225 32.96 -35.48 -16.13
CA ALA G 225 33.56 -36.79 -16.29
C ALA G 225 32.57 -37.75 -16.94
N ASP G 226 33.08 -38.57 -17.85
CA ASP G 226 32.22 -39.38 -18.69
C ASP G 226 31.76 -40.67 -18.02
N TRP G 227 32.22 -40.97 -16.80
CA TRP G 227 31.73 -42.13 -16.07
C TRP G 227 32.19 -41.99 -14.63
N LEU G 228 31.37 -42.53 -13.73
CA LEU G 228 31.57 -42.40 -12.30
C LEU G 228 31.36 -43.76 -11.64
N PHE G 229 32.02 -43.95 -10.49
CA PHE G 229 31.82 -45.11 -9.64
C PHE G 229 31.59 -44.61 -8.22
N ILE G 230 30.41 -44.92 -7.67
CA ILE G 230 30.04 -44.49 -6.32
C ILE G 230 29.31 -45.62 -5.62
N PRO G 231 29.44 -45.72 -4.28
CA PRO G 231 28.77 -46.83 -3.58
C PRO G 231 27.27 -46.65 -3.45
N GLU G 232 26.77 -45.42 -3.57
CA GLU G 232 25.32 -45.19 -3.44
C GLU G 232 24.55 -45.82 -4.60
N ALA G 233 25.16 -45.88 -5.78
CA ALA G 233 24.55 -46.47 -6.98
C ALA G 233 25.59 -47.42 -7.57
N PRO G 234 25.74 -48.62 -7.01
CA PRO G 234 26.74 -49.56 -7.55
C PRO G 234 26.39 -49.94 -8.99
N PRO G 235 27.40 -50.13 -9.86
CA PRO G 235 27.08 -50.38 -11.27
C PRO G 235 26.44 -51.74 -11.47
N GLU G 236 25.50 -51.80 -12.41
CA GLU G 236 24.73 -53.02 -12.65
C GLU G 236 25.62 -54.09 -13.28
N ASP G 237 25.10 -55.32 -13.29
CA ASP G 237 25.85 -56.45 -13.82
C ASP G 237 26.15 -56.26 -15.30
N GLY G 238 27.34 -56.70 -15.71
CA GLY G 238 27.75 -56.52 -17.09
C GLY G 238 27.88 -55.08 -17.51
N TRP G 239 28.26 -54.20 -16.57
CA TRP G 239 28.44 -52.78 -16.89
C TRP G 239 29.58 -52.53 -17.87
N GLU G 240 30.46 -53.52 -18.10
CA GLU G 240 31.60 -53.32 -18.97
C GLU G 240 31.16 -53.08 -20.42
N ASN G 241 30.10 -53.75 -20.86
CA ASN G 241 29.62 -53.53 -22.22
C ASN G 241 29.04 -52.13 -22.38
N PHE G 242 28.27 -51.67 -21.40
CA PHE G 242 27.75 -50.31 -21.44
C PHE G 242 28.88 -49.29 -21.36
N MET G 243 29.94 -49.64 -20.63
CA MET G 243 31.14 -48.82 -20.62
C MET G 243 31.70 -48.67 -22.03
N CYS G 244 31.85 -49.78 -22.75
CA CYS G 244 32.39 -49.73 -24.10
C CYS G 244 31.48 -48.95 -25.05
N GLU G 245 30.16 -49.10 -24.90
CA GLU G 245 29.22 -48.42 -25.78
C GLU G 245 29.34 -46.90 -25.65
N ARG G 246 29.33 -46.40 -24.40
CA ARG G 246 29.41 -44.96 -24.19
C ARG G 246 30.75 -44.41 -24.65
N LEU G 247 31.84 -45.09 -24.30
CA LEU G 247 33.17 -44.59 -24.65
C LEU G 247 33.35 -44.52 -26.16
N GLY G 248 32.93 -45.57 -26.87
CA GLY G 248 33.01 -45.54 -28.31
C GLY G 248 32.13 -44.46 -28.91
N GLU G 249 30.95 -44.24 -28.32
CA GLU G 249 30.04 -43.24 -28.86
C GLU G 249 30.62 -41.83 -28.73
N THR G 250 31.17 -41.50 -27.56
CA THR G 250 31.73 -40.16 -27.36
C THR G 250 33.01 -39.98 -28.16
N ARG G 251 33.98 -40.86 -27.94
CA ARG G 251 35.32 -40.68 -28.51
C ARG G 251 35.28 -40.71 -30.04
N SER G 252 34.42 -41.55 -30.61
CA SER G 252 34.23 -41.52 -32.06
C SER G 252 33.63 -40.19 -32.51
N ARG G 253 32.65 -39.69 -31.76
CA ARG G 253 31.87 -38.53 -32.17
C ARG G 253 32.36 -37.26 -31.47
N GLY G 254 33.64 -36.97 -31.65
CA GLY G 254 34.19 -35.67 -31.33
C GLY G 254 34.80 -35.52 -29.95
N SER G 255 34.67 -36.50 -29.06
CA SER G 255 35.19 -36.37 -27.70
C SER G 255 36.69 -36.67 -27.73
N ARG G 256 37.50 -35.61 -27.63
CA ARG G 256 38.94 -35.77 -27.72
C ARG G 256 39.50 -36.49 -26.52
N LEU G 257 39.00 -36.19 -25.32
CA LEU G 257 39.53 -36.71 -24.06
C LEU G 257 38.45 -37.49 -23.32
N ASN G 258 38.79 -37.87 -22.09
CA ASN G 258 37.87 -38.54 -21.19
C ASN G 258 38.53 -38.59 -19.81
N ILE G 259 37.69 -38.58 -18.78
CA ILE G 259 38.11 -38.73 -17.40
C ILE G 259 37.18 -39.72 -16.72
N ILE G 260 37.76 -40.65 -15.96
CA ILE G 260 37.03 -41.66 -15.19
C ILE G 260 37.33 -41.42 -13.72
N ILE G 261 36.32 -41.05 -12.95
CA ILE G 261 36.45 -40.88 -11.51
C ILE G 261 36.02 -42.17 -10.85
N ILE G 262 36.74 -42.56 -9.79
CA ILE G 262 36.45 -43.78 -9.05
C ILE G 262 36.68 -43.50 -7.56
N ALA G 263 35.62 -43.57 -6.77
CA ALA G 263 35.76 -43.46 -5.33
C ALA G 263 36.50 -44.67 -4.80
N GLU G 264 37.23 -44.46 -3.70
CA GLU G 264 37.98 -45.56 -3.10
C GLU G 264 37.07 -46.59 -2.42
N GLY G 265 35.79 -46.28 -2.20
CA GLY G 265 34.85 -47.21 -1.60
C GLY G 265 33.85 -47.78 -2.59
N ALA G 266 34.17 -47.75 -3.88
CA ALA G 266 33.25 -48.25 -4.90
C ALA G 266 33.06 -49.76 -4.75
N ILE G 267 31.83 -50.21 -4.99
CA ILE G 267 31.45 -51.61 -4.89
C ILE G 267 30.50 -51.92 -6.04
N ASP G 268 30.22 -53.22 -6.23
CA ASP G 268 29.31 -53.70 -7.27
C ASP G 268 27.96 -54.04 -6.65
N ARG G 269 27.09 -54.66 -7.46
CA ARG G 269 25.80 -55.13 -6.93
C ARG G 269 26.00 -56.21 -5.87
N ASN G 270 27.06 -56.99 -5.99
CA ASN G 270 27.38 -58.02 -5.01
C ASN G 270 28.22 -57.50 -3.85
N GLY G 271 28.50 -56.21 -3.78
CA GLY G 271 29.29 -55.65 -2.71
C GLY G 271 30.78 -55.88 -2.82
N LYS G 272 31.25 -56.48 -3.91
CA LYS G 272 32.67 -56.71 -4.07
C LYS G 272 33.39 -55.40 -4.45
N PRO G 273 34.58 -55.12 -3.89
CA PRO G 273 35.29 -53.91 -4.33
C PRO G 273 35.72 -54.00 -5.79
N ILE G 274 35.65 -52.87 -6.48
CA ILE G 274 36.12 -52.72 -7.86
C ILE G 274 37.41 -51.92 -7.79
N SER G 275 38.51 -52.53 -8.20
CA SER G 275 39.80 -51.89 -8.16
C SER G 275 39.98 -50.95 -9.36
N SER G 276 40.68 -49.84 -9.12
CA SER G 276 41.05 -48.96 -10.23
C SER G 276 41.94 -49.67 -11.23
N SER G 277 42.75 -50.62 -10.77
CA SER G 277 43.55 -51.44 -11.68
C SER G 277 42.66 -52.26 -12.61
N TYR G 278 41.52 -52.75 -12.10
CA TYR G 278 40.55 -53.43 -12.95
C TYR G 278 40.05 -52.49 -14.04
N VAL G 279 39.81 -51.22 -13.69
CA VAL G 279 39.32 -50.26 -14.68
C VAL G 279 40.34 -50.08 -15.79
N LYS G 280 41.62 -49.90 -15.42
CA LYS G 280 42.68 -49.72 -16.40
C LYS G 280 42.79 -50.94 -17.32
N ASP G 281 42.78 -52.14 -16.74
CA ASP G 281 42.91 -53.35 -17.54
C ASP G 281 41.73 -53.52 -18.48
N LEU G 282 40.53 -53.15 -18.02
CA LEU G 282 39.34 -53.28 -18.86
C LEU G 282 39.41 -52.35 -20.07
N VAL G 283 39.74 -51.08 -19.84
CA VAL G 283 39.75 -50.11 -20.93
C VAL G 283 40.84 -50.46 -21.94
N VAL G 284 41.99 -50.93 -21.47
CA VAL G 284 43.06 -51.30 -22.39
C VAL G 284 42.65 -52.51 -23.21
N GLN G 285 42.01 -53.49 -22.57
CA GLN G 285 41.67 -54.73 -23.25
C GLN G 285 40.57 -54.51 -24.28
N ARG G 286 39.51 -53.78 -23.92
CA ARG G 286 38.30 -53.74 -24.73
C ARG G 286 38.30 -52.66 -25.80
N LEU G 287 39.03 -51.55 -25.58
CA LEU G 287 39.11 -50.46 -26.54
C LEU G 287 40.52 -50.16 -27.03
N GLY G 288 41.54 -50.44 -26.23
CA GLY G 288 42.89 -50.09 -26.61
C GLY G 288 43.20 -48.61 -26.55
N PHE G 289 42.31 -47.80 -25.98
CA PHE G 289 42.59 -46.37 -25.82
C PHE G 289 43.80 -46.18 -24.93
N ASP G 290 44.72 -45.32 -25.36
CA ASP G 290 45.83 -44.94 -24.50
C ASP G 290 45.28 -44.29 -23.25
N THR G 291 45.79 -44.72 -22.09
CA THR G 291 45.17 -44.32 -20.83
C THR G 291 46.17 -44.52 -19.71
N ARG G 292 45.82 -43.95 -18.55
CA ARG G 292 46.65 -44.01 -17.36
C ARG G 292 45.75 -44.08 -16.14
N VAL G 293 46.38 -44.28 -14.99
CA VAL G 293 45.72 -44.33 -13.69
C VAL G 293 46.43 -43.35 -12.78
N THR G 294 45.66 -42.76 -11.86
CA THR G 294 46.20 -41.80 -10.91
C THR G 294 45.39 -41.88 -9.63
N VAL G 295 46.08 -41.75 -8.51
CA VAL G 295 45.49 -41.67 -7.19
C VAL G 295 45.88 -40.32 -6.60
N LEU G 296 44.89 -39.47 -6.35
CA LEU G 296 45.16 -38.16 -5.77
C LEU G 296 45.79 -38.27 -4.39
N GLY G 297 45.57 -39.38 -3.68
CA GLY G 297 46.24 -39.58 -2.41
C GLY G 297 45.79 -38.58 -1.36
N HIS G 298 46.76 -38.02 -0.64
CA HIS G 298 46.53 -37.11 0.46
C HIS G 298 46.65 -35.64 0.08
N VAL G 299 46.74 -35.32 -1.23
CA VAL G 299 46.79 -33.91 -1.63
C VAL G 299 45.51 -33.19 -1.23
N GLN G 300 44.39 -33.91 -1.20
CA GLN G 300 43.09 -33.32 -0.95
C GLN G 300 42.85 -32.96 0.52
N ARG G 301 43.69 -33.44 1.43
CA ARG G 301 43.55 -33.18 2.85
C ARG G 301 44.31 -31.93 3.29
N GLY G 302 44.95 -31.20 2.37
CA GLY G 302 45.75 -30.05 2.71
C GLY G 302 45.57 -28.94 1.70
N GLY G 303 46.33 -27.86 1.91
CA GLY G 303 46.26 -26.68 1.08
C GLY G 303 45.46 -25.57 1.73
N THR G 304 45.45 -24.43 1.07
CA THR G 304 44.76 -23.26 1.60
C THR G 304 43.25 -23.51 1.54
N PRO G 305 42.51 -23.42 2.65
CA PRO G 305 41.06 -23.69 2.56
C PRO G 305 40.34 -22.64 1.74
N SER G 306 39.33 -23.10 1.00
CA SER G 306 38.54 -22.20 0.17
C SER G 306 37.74 -21.25 1.06
N ALA G 307 37.21 -20.19 0.42
CA ALA G 307 36.50 -19.16 1.17
C ALA G 307 35.23 -19.70 1.82
N PHE G 308 34.55 -20.63 1.15
CA PHE G 308 33.35 -21.22 1.74
C PHE G 308 33.67 -21.95 3.03
N ASP G 309 34.78 -22.70 3.06
CA ASP G 309 35.13 -23.45 4.26
C ASP G 309 35.52 -22.51 5.40
N ARG G 310 36.21 -21.42 5.09
CA ARG G 310 36.59 -20.48 6.14
C ARG G 310 35.36 -19.82 6.76
N ILE G 311 34.46 -19.30 5.93
CA ILE G 311 33.24 -18.67 6.42
C ILE G 311 32.39 -19.68 7.16
N LEU G 312 32.23 -20.88 6.59
CA LEU G 312 31.39 -21.90 7.18
C LEU G 312 31.93 -22.34 8.54
N SER G 313 33.22 -22.65 8.60
CA SER G 313 33.81 -23.13 9.85
C SER G 313 33.77 -22.05 10.93
N SER G 314 33.95 -20.79 10.53
CA SER G 314 33.87 -19.71 11.51
C SER G 314 32.47 -19.58 12.09
N LYS G 315 31.46 -19.67 11.23
CA LYS G 315 30.07 -19.59 11.70
C LYS G 315 29.73 -20.76 12.60
N MET G 316 30.13 -21.97 12.22
CA MET G 316 29.81 -23.14 13.02
C MET G 316 30.54 -23.13 14.35
N GLY G 317 31.78 -22.62 14.38
CA GLY G 317 32.47 -22.48 15.65
C GLY G 317 31.80 -21.48 16.56
N MET G 318 31.31 -20.38 16.01
CA MET G 318 30.53 -19.42 16.79
C MET G 318 29.28 -20.09 17.36
N GLU G 319 28.52 -20.77 16.49
CA GLU G 319 27.26 -21.37 16.93
C GLU G 319 27.51 -22.48 17.95
N ALA G 320 28.61 -23.22 17.82
CA ALA G 320 28.92 -24.27 18.78
C ALA G 320 29.20 -23.69 20.16
N VAL G 321 29.95 -22.58 20.21
CA VAL G 321 30.19 -21.92 21.50
C VAL G 321 28.89 -21.39 22.07
N MET G 322 28.00 -20.89 21.21
CA MET G 322 26.70 -20.43 21.69
C MET G 322 25.89 -21.60 22.26
N ALA G 323 25.93 -22.75 21.58
CA ALA G 323 25.22 -23.93 22.07
C ALA G 323 25.77 -24.38 23.42
N LEU G 324 27.09 -24.38 23.56
CA LEU G 324 27.69 -24.78 24.83
C LEU G 324 27.31 -23.84 25.96
N LEU G 325 27.26 -22.54 25.69
CA LEU G 325 26.91 -21.58 26.72
C LEU G 325 25.46 -21.76 27.17
N GLU G 326 24.55 -22.00 26.22
CA GLU G 326 23.13 -22.09 26.51
C GLU G 326 22.63 -23.53 26.71
N ALA G 327 23.53 -24.51 26.73
CA ALA G 327 23.13 -25.89 26.99
C ALA G 327 22.98 -26.14 28.48
N THR G 328 22.30 -27.23 28.81
CA THR G 328 22.08 -27.66 30.17
C THR G 328 22.32 -29.16 30.25
N PRO G 329 22.48 -29.72 31.47
CA PRO G 329 22.74 -31.17 31.56
C PRO G 329 21.62 -32.04 31.01
N ASP G 330 20.36 -31.64 31.20
CA ASP G 330 19.25 -32.44 30.67
C ASP G 330 19.26 -32.47 29.15
N THR G 331 19.80 -31.43 28.51
CA THR G 331 19.85 -31.41 27.05
C THR G 331 20.82 -32.49 26.56
N PRO G 332 20.46 -33.31 25.57
CA PRO G 332 21.43 -34.30 25.09
C PRO G 332 22.53 -33.64 24.28
N ALA G 333 23.56 -34.42 23.97
CA ALA G 333 24.65 -33.93 23.14
C ALA G 333 24.13 -33.56 21.77
N CYS G 334 24.60 -32.41 21.26
CA CYS G 334 24.09 -31.83 20.03
C CYS G 334 25.24 -31.45 19.12
N VAL G 335 24.98 -31.54 17.81
CA VAL G 335 25.93 -31.18 16.76
C VAL G 335 25.35 -29.99 16.00
N VAL G 336 26.20 -29.03 15.68
CA VAL G 336 25.82 -27.87 14.86
C VAL G 336 26.11 -28.21 13.41
N THR G 337 25.11 -28.05 12.56
CA THR G 337 25.19 -28.47 11.16
C THR G 337 24.45 -27.45 10.30
N LEU G 338 24.41 -27.72 9.00
CA LEU G 338 23.78 -26.86 8.01
C LEU G 338 22.57 -27.58 7.41
N SER G 339 21.43 -26.91 7.43
CA SER G 339 20.27 -27.27 6.64
C SER G 339 19.97 -26.08 5.74
N GLY G 340 19.76 -26.33 4.45
CA GLY G 340 19.62 -25.24 3.51
C GLY G 340 20.88 -24.40 3.46
N ASN G 341 20.84 -23.20 4.05
CA ASN G 341 22.01 -22.33 4.16
C ASN G 341 22.00 -21.59 5.49
N GLN G 342 21.60 -22.26 6.57
CA GLN G 342 21.57 -21.68 7.90
C GLN G 342 22.06 -22.72 8.90
N SER G 343 22.40 -22.24 10.10
CA SER G 343 23.07 -23.06 11.10
C SER G 343 22.03 -23.64 12.05
N VAL G 344 21.57 -24.84 11.74
CA VAL G 344 20.65 -25.59 12.59
C VAL G 344 21.47 -26.33 13.64
N ARG G 345 20.79 -26.92 14.62
CA ARG G 345 21.44 -27.62 15.73
C ARG G 345 20.64 -28.87 16.04
N LEU G 346 21.29 -30.04 15.92
CA LEU G 346 20.65 -31.34 15.95
C LEU G 346 21.23 -32.22 17.06
N PRO G 347 20.46 -33.15 17.63
CA PRO G 347 21.02 -34.07 18.62
C PRO G 347 22.00 -35.07 18.02
N LEU G 348 22.99 -35.44 18.82
CA LEU G 348 24.14 -36.18 18.31
C LEU G 348 23.79 -37.65 18.04
N MET G 349 23.18 -38.34 19.01
CA MET G 349 22.94 -39.77 18.88
C MET G 349 22.01 -40.10 17.72
N GLU G 350 21.04 -39.23 17.44
CA GLU G 350 20.17 -39.43 16.28
C GLU G 350 20.96 -39.47 14.99
N CYS G 351 21.85 -38.50 14.79
CA CYS G 351 22.62 -38.43 13.55
C CYS G 351 23.64 -39.57 13.46
N VAL G 352 24.25 -39.93 14.58
CA VAL G 352 25.21 -41.03 14.59
C VAL G 352 24.52 -42.33 14.23
N GLN G 353 23.42 -42.66 14.92
CA GLN G 353 22.71 -43.91 14.63
C GLN G 353 22.12 -43.90 13.23
N MET G 354 21.64 -42.74 12.76
CA MET G 354 21.18 -42.61 11.38
C MET G 354 22.31 -42.96 10.40
N THR G 355 23.52 -42.50 10.70
CA THR G 355 24.66 -42.79 9.82
C THR G 355 25.02 -44.27 9.85
N LYS G 356 25.01 -44.88 11.04
CA LYS G 356 25.31 -46.32 11.14
C LYS G 356 24.26 -47.15 10.42
N GLU G 357 22.98 -46.77 10.54
CA GLU G 357 21.92 -47.50 9.86
C GLU G 357 22.06 -47.40 8.34
N VAL G 358 22.42 -46.22 7.83
CA VAL G 358 22.63 -46.04 6.40
C VAL G 358 23.79 -46.92 5.93
N GLN G 359 24.93 -46.82 6.61
CA GLN G 359 26.11 -47.56 6.18
C GLN G 359 25.90 -49.06 6.29
N LYS G 360 25.17 -49.50 7.32
CA LYS G 360 24.89 -50.93 7.45
C LYS G 360 23.91 -51.40 6.38
N ALA G 361 22.85 -50.61 6.13
CA ALA G 361 21.91 -50.97 5.07
C ALA G 361 22.60 -51.01 3.71
N MET G 362 23.58 -50.12 3.50
CA MET G 362 24.39 -50.18 2.28
C MET G 362 25.21 -51.46 2.24
N ASP G 363 25.71 -51.91 3.39
CA ASP G 363 26.44 -53.17 3.45
C ASP G 363 25.50 -54.37 3.25
N ASP G 364 24.24 -54.24 3.66
CA ASP G 364 23.26 -55.32 3.55
C ASP G 364 22.62 -55.41 2.16
N LYS G 365 23.13 -54.69 1.17
CA LYS G 365 22.61 -54.64 -0.21
C LYS G 365 21.23 -54.01 -0.30
N ARG G 366 20.75 -53.34 0.75
CA ARG G 366 19.52 -52.56 0.71
C ARG G 366 19.85 -51.15 0.19
N PHE G 367 20.27 -51.11 -1.08
CA PHE G 367 20.76 -49.85 -1.66
C PHE G 367 19.64 -48.82 -1.75
N ASP G 368 18.44 -49.24 -2.14
CA ASP G 368 17.33 -48.31 -2.27
C ASP G 368 16.98 -47.70 -0.92
N GLU G 369 16.97 -48.50 0.14
CA GLU G 369 16.63 -47.98 1.46
C GLU G 369 17.66 -46.96 1.93
N ALA G 370 18.94 -47.22 1.65
CA ALA G 370 19.97 -46.25 1.94
C ALA G 370 19.80 -44.98 1.12
N THR G 371 19.32 -45.11 -0.12
CA THR G 371 19.11 -43.94 -0.96
C THR G 371 18.08 -42.99 -0.35
N GLN G 372 16.92 -43.52 0.05
CA GLN G 372 15.92 -42.67 0.68
C GLN G 372 16.37 -42.19 2.07
N LEU G 373 17.19 -42.98 2.76
CA LEU G 373 17.64 -42.59 4.10
C LEU G 373 18.63 -41.42 4.04
N ARG G 374 19.50 -41.40 3.03
CA ARG G 374 20.53 -40.37 2.95
C ARG G 374 19.92 -38.99 2.76
N GLY G 375 19.03 -38.86 1.78
CA GLY G 375 18.45 -37.58 1.41
C GLY G 375 18.28 -37.49 -0.09
N GLY G 376 17.13 -36.93 -0.53
CA GLY G 376 16.82 -36.91 -1.95
C GLY G 376 17.77 -36.09 -2.80
N SER G 377 18.50 -35.15 -2.18
CA SER G 377 19.42 -34.29 -2.92
C SER G 377 20.48 -35.10 -3.66
N PHE G 378 20.97 -36.19 -3.05
CA PHE G 378 21.97 -37.02 -3.71
C PHE G 378 21.39 -37.68 -4.96
N GLU G 379 20.18 -38.25 -4.84
CA GLU G 379 19.58 -38.93 -5.97
C GLU G 379 19.26 -37.97 -7.10
N ASN G 380 18.81 -36.75 -6.76
CA ASN G 380 18.56 -35.75 -7.80
C ASN G 380 19.83 -35.39 -8.55
N ASN G 381 20.94 -35.22 -7.82
CA ASN G 381 22.21 -34.91 -8.46
C ASN G 381 22.68 -36.06 -9.34
N TRP G 382 22.49 -37.29 -8.87
CA TRP G 382 22.88 -38.46 -9.64
C TRP G 382 22.08 -38.55 -10.94
N ASN G 383 20.78 -38.26 -10.88
CA ASN G 383 19.96 -38.27 -12.09
C ASN G 383 20.34 -37.14 -13.03
N ILE G 384 20.66 -35.96 -12.49
CA ILE G 384 21.03 -34.82 -13.33
C ILE G 384 22.32 -35.12 -14.08
N TYR G 385 23.31 -35.68 -13.38
CA TYR G 385 24.58 -35.98 -14.03
C TYR G 385 24.41 -37.04 -15.11
N LYS G 386 23.60 -38.07 -14.85
CA LYS G 386 23.39 -39.12 -15.85
C LYS G 386 22.74 -38.56 -17.10
N LEU G 387 21.77 -37.66 -16.94
CA LEU G 387 21.11 -37.06 -18.10
C LEU G 387 22.10 -36.23 -18.91
N LEU G 388 22.91 -35.40 -18.22
CA LEU G 388 23.80 -34.48 -18.91
C LEU G 388 25.04 -35.14 -19.48
N ALA G 389 25.43 -36.31 -18.96
CA ALA G 389 26.73 -36.88 -19.31
C ALA G 389 26.81 -37.26 -20.77
N HIS G 390 25.84 -38.03 -21.26
CA HIS G 390 25.85 -38.57 -22.61
C HIS G 390 24.50 -38.40 -23.28
N GLN G 391 24.53 -38.30 -24.60
CA GLN G 391 23.35 -37.94 -25.37
C GLN G 391 22.45 -39.15 -25.55
N LYS G 392 21.22 -39.04 -25.08
CA LYS G 392 20.16 -39.97 -25.39
C LYS G 392 19.42 -39.51 -26.65
N PRO G 393 18.88 -40.40 -27.48
CA PRO G 393 18.26 -39.95 -28.73
C PRO G 393 16.95 -39.24 -28.47
N PRO G 394 16.81 -37.95 -28.79
CA PRO G 394 15.54 -37.27 -28.53
C PRO G 394 14.45 -37.74 -29.48
N LYS G 395 13.21 -37.64 -29.02
CA LYS G 395 12.04 -38.13 -29.77
C LYS G 395 10.86 -37.16 -29.78
N GLU G 396 10.78 -36.20 -28.87
CA GLU G 396 9.58 -35.37 -28.76
C GLU G 396 9.47 -34.44 -29.96
N LYS G 397 10.51 -33.64 -30.20
CA LYS G 397 10.57 -32.70 -31.31
C LYS G 397 9.39 -31.72 -31.26
N SER G 398 9.40 -30.92 -30.20
CA SER G 398 8.35 -29.96 -29.97
C SER G 398 8.45 -28.80 -30.97
N ASN G 399 7.52 -27.86 -30.85
CA ASN G 399 7.42 -26.71 -31.74
C ASN G 399 8.00 -25.43 -31.15
N PHE G 400 8.40 -25.44 -29.88
CA PHE G 400 8.76 -24.19 -29.23
C PHE G 400 10.14 -23.74 -29.70
N SER G 401 10.62 -22.65 -29.11
CA SER G 401 11.91 -22.07 -29.48
C SER G 401 12.47 -21.36 -28.26
N LEU G 402 13.80 -21.32 -28.18
CA LEU G 402 14.52 -20.77 -27.04
C LEU G 402 15.65 -19.87 -27.50
N ALA G 403 15.83 -18.76 -26.80
CA ALA G 403 16.95 -17.86 -27.00
C ALA G 403 17.54 -17.52 -25.64
N ILE G 404 18.72 -18.05 -25.35
CA ILE G 404 19.39 -17.89 -24.07
C ILE G 404 20.44 -16.80 -24.23
N LEU G 405 20.41 -15.81 -23.35
CA LEU G 405 21.23 -14.62 -23.43
C LEU G 405 22.13 -14.51 -22.21
N ASN G 406 23.25 -13.81 -22.38
CA ASN G 406 24.13 -13.41 -21.29
C ASN G 406 24.07 -11.90 -21.19
N VAL G 407 23.70 -11.41 -20.00
CA VAL G 407 23.45 -9.99 -19.76
C VAL G 407 24.18 -9.60 -18.48
N GLY G 408 24.78 -8.41 -18.50
CA GLY G 408 25.53 -7.91 -17.36
C GLY G 408 27.02 -8.08 -17.55
N ALA G 409 27.74 -7.96 -16.45
CA ALA G 409 29.17 -8.19 -16.48
C ALA G 409 29.47 -9.68 -16.64
N PRO G 410 30.60 -10.05 -17.25
CA PRO G 410 30.97 -11.47 -17.25
C PRO G 410 31.30 -11.95 -15.85
N ALA G 411 30.86 -13.16 -15.54
CA ALA G 411 31.01 -13.74 -14.21
C ALA G 411 31.29 -15.23 -14.37
N ALA G 412 32.27 -15.72 -13.64
CA ALA G 412 32.67 -17.13 -13.73
C ALA G 412 31.49 -18.04 -13.40
N GLY G 413 31.28 -19.06 -14.24
CA GLY G 413 30.19 -19.99 -14.11
C GLY G 413 29.05 -19.76 -15.07
N MET G 414 28.98 -18.60 -15.72
CA MET G 414 27.93 -18.33 -16.69
C MET G 414 27.98 -19.32 -17.84
N ASN G 415 29.18 -19.75 -18.25
CA ASN G 415 29.30 -20.74 -19.31
C ASN G 415 28.70 -22.07 -18.88
N ALA G 416 28.86 -22.44 -17.61
CA ALA G 416 28.29 -23.70 -17.13
C ALA G 416 26.77 -23.67 -17.18
N ALA G 417 26.17 -22.55 -16.79
CA ALA G 417 24.71 -22.46 -16.82
C ALA G 417 24.19 -22.46 -18.25
N VAL G 418 24.90 -21.82 -19.16
CA VAL G 418 24.49 -21.84 -20.57
C VAL G 418 24.60 -23.26 -21.13
N ARG G 419 25.68 -23.97 -20.76
CA ARG G 419 25.84 -25.35 -21.21
C ARG G 419 24.67 -26.22 -20.76
N SER G 420 24.34 -26.15 -19.47
CA SER G 420 23.27 -26.97 -18.93
C SER G 420 21.92 -26.60 -19.53
N ALA G 421 21.69 -25.31 -19.76
CA ALA G 421 20.43 -24.87 -20.34
C ALA G 421 20.27 -25.41 -21.77
N VAL G 422 21.34 -25.36 -22.56
CA VAL G 422 21.26 -25.87 -23.93
C VAL G 422 20.99 -27.36 -23.93
N ARG G 423 21.77 -28.12 -23.15
CA ARG G 423 21.68 -29.57 -23.24
C ARG G 423 20.37 -30.09 -22.67
N THR G 424 19.85 -29.46 -21.61
CA THR G 424 18.53 -29.83 -21.13
C THR G 424 17.45 -29.47 -22.13
N GLY G 425 17.61 -28.33 -22.82
CA GLY G 425 16.66 -27.96 -23.85
C GLY G 425 16.65 -28.95 -25.01
N ILE G 426 17.84 -29.40 -25.41
CA ILE G 426 17.94 -30.37 -26.49
C ILE G 426 17.32 -31.71 -26.08
N SER G 427 17.57 -32.13 -24.82
CA SER G 427 17.02 -33.41 -24.36
C SER G 427 15.50 -33.41 -24.37
N HIS G 428 14.87 -32.23 -24.24
CA HIS G 428 13.43 -32.07 -24.37
C HIS G 428 13.00 -31.79 -25.82
N GLY G 429 13.93 -31.76 -26.77
CA GLY G 429 13.55 -31.62 -28.17
C GLY G 429 13.20 -30.22 -28.60
N HIS G 430 13.64 -29.19 -27.88
CA HIS G 430 13.48 -27.83 -28.35
C HIS G 430 14.47 -27.55 -29.47
N THR G 431 14.41 -26.32 -30.01
CA THR G 431 15.34 -25.81 -31.01
C THR G 431 16.00 -24.57 -30.40
N VAL G 432 17.06 -24.82 -29.63
CA VAL G 432 17.64 -23.76 -28.81
C VAL G 432 18.51 -22.87 -29.68
N TYR G 433 18.39 -21.56 -29.46
CA TYR G 433 19.24 -20.57 -30.11
C TYR G 433 20.07 -19.90 -29.03
N VAL G 434 21.28 -19.47 -29.40
CA VAL G 434 22.17 -18.72 -28.52
C VAL G 434 22.38 -17.35 -29.13
N VAL G 435 22.14 -16.31 -28.34
CA VAL G 435 22.23 -14.92 -28.79
C VAL G 435 23.46 -14.30 -28.13
N HIS G 436 24.40 -13.87 -28.96
CA HIS G 436 25.60 -13.24 -28.46
C HIS G 436 25.29 -11.79 -28.06
N ASP G 437 26.11 -11.25 -27.15
CA ASP G 437 26.12 -9.84 -26.80
C ASP G 437 24.78 -9.36 -26.23
N GLY G 438 23.99 -10.24 -25.64
CA GLY G 438 22.81 -9.85 -24.88
C GLY G 438 21.74 -9.16 -25.72
N PHE G 439 21.00 -8.27 -25.05
CA PHE G 439 19.91 -7.54 -25.71
C PHE G 439 20.41 -6.71 -26.88
N GLU G 440 21.63 -6.17 -26.78
CA GLU G 440 22.21 -5.44 -27.90
C GLU G 440 22.35 -6.32 -29.13
N GLY G 441 22.87 -7.53 -28.93
CA GLY G 441 22.99 -8.45 -30.06
C GLY G 441 21.64 -8.90 -30.58
N LEU G 442 20.69 -9.18 -29.70
CA LEU G 442 19.37 -9.62 -30.13
C LEU G 442 18.68 -8.57 -30.98
N ALA G 443 18.89 -7.29 -30.66
CA ALA G 443 18.33 -6.22 -31.47
C ALA G 443 18.93 -6.23 -32.87
N LYS G 444 20.23 -6.52 -32.98
CA LYS G 444 20.92 -6.59 -34.26
C LYS G 444 20.89 -7.97 -34.89
N GLY G 445 19.90 -8.79 -34.58
CA GLY G 445 19.90 -10.16 -35.05
C GLY G 445 20.93 -10.98 -34.31
N GLN G 446 21.99 -11.39 -35.01
CA GLN G 446 23.11 -12.14 -34.43
C GLN G 446 22.63 -13.36 -33.66
N VAL G 447 21.67 -14.08 -34.26
CA VAL G 447 21.08 -15.28 -33.70
C VAL G 447 21.49 -16.46 -34.56
N GLN G 448 21.83 -17.57 -33.92
CA GLN G 448 22.19 -18.79 -34.63
C GLN G 448 21.70 -19.99 -33.82
N GLU G 449 21.32 -21.05 -34.53
CA GLU G 449 20.97 -22.29 -33.87
C GLU G 449 22.22 -22.92 -33.26
N VAL G 450 22.00 -23.73 -32.22
CA VAL G 450 23.07 -24.42 -31.50
C VAL G 450 22.74 -25.91 -31.46
N GLY G 451 23.77 -26.74 -31.60
CA GLY G 451 23.66 -28.17 -31.47
C GLY G 451 24.26 -28.65 -30.16
N TRP G 452 24.15 -29.96 -29.94
CA TRP G 452 24.67 -30.57 -28.72
C TRP G 452 26.18 -30.36 -28.60
N HIS G 453 26.92 -30.65 -29.66
CA HIS G 453 28.37 -30.56 -29.61
C HIS G 453 28.88 -29.12 -29.61
N ASP G 454 28.04 -28.14 -29.97
CA ASP G 454 28.50 -26.76 -30.06
C ASP G 454 28.88 -26.15 -28.72
N VAL G 455 28.45 -26.77 -27.60
CA VAL G 455 28.64 -26.21 -26.27
C VAL G 455 29.36 -27.21 -25.36
N ALA G 456 30.09 -28.16 -25.94
CA ALA G 456 30.85 -29.11 -25.16
C ALA G 456 32.19 -28.51 -24.74
N GLY G 457 32.58 -28.77 -23.50
CA GLY G 457 33.84 -28.28 -22.98
C GLY G 457 33.81 -26.87 -22.44
N TRP G 458 32.67 -26.19 -22.49
CA TRP G 458 32.54 -24.83 -21.94
C TRP G 458 32.32 -24.83 -20.43
N LEU G 459 32.44 -25.97 -19.76
CA LEU G 459 32.21 -26.02 -18.32
C LEU G 459 33.35 -25.34 -17.56
N GLY G 460 34.59 -25.52 -18.01
CA GLY G 460 35.75 -25.07 -17.29
C GLY G 460 36.37 -23.78 -17.77
N ARG G 461 35.61 -22.97 -18.50
CA ARG G 461 36.07 -21.70 -19.05
C ARG G 461 35.42 -20.56 -18.27
N GLY G 462 36.23 -19.68 -17.71
CA GLY G 462 35.72 -18.53 -16.99
C GLY G 462 35.12 -17.50 -17.93
N GLY G 463 34.59 -16.45 -17.32
CA GLY G 463 33.92 -15.41 -18.07
C GLY G 463 32.70 -15.94 -18.79
N SER G 464 32.39 -15.31 -19.92
CA SER G 464 31.25 -15.67 -20.76
C SER G 464 31.73 -15.91 -22.19
N MET G 465 31.34 -17.05 -22.76
CA MET G 465 31.70 -17.36 -24.13
C MET G 465 30.84 -16.59 -25.13
N LEU G 466 29.54 -16.51 -24.87
CA LEU G 466 28.65 -15.82 -25.80
C LEU G 466 28.84 -14.31 -25.78
N GLY G 467 29.47 -13.76 -24.76
CA GLY G 467 29.58 -12.32 -24.62
C GLY G 467 28.36 -11.72 -23.99
N THR G 468 28.57 -10.66 -23.21
CA THR G 468 27.54 -10.03 -22.41
C THR G 468 27.66 -8.51 -22.54
N LYS G 469 26.58 -7.83 -22.19
CA LYS G 469 26.51 -6.37 -22.27
C LYS G 469 25.61 -5.86 -21.16
N ARG G 470 25.75 -4.56 -20.89
CA ARG G 470 24.90 -3.85 -19.93
C ARG G 470 23.72 -3.16 -20.58
N THR G 471 23.48 -3.38 -21.88
CA THR G 471 22.39 -2.72 -22.56
C THR G 471 21.05 -3.21 -22.03
N LEU G 472 20.06 -2.32 -22.06
CA LEU G 472 18.69 -2.60 -21.63
C LEU G 472 17.76 -2.62 -22.85
N PRO G 473 16.64 -3.36 -22.78
CA PRO G 473 15.86 -3.58 -24.01
C PRO G 473 15.11 -2.37 -24.52
N LYS G 474 14.60 -1.51 -23.63
CA LYS G 474 13.60 -0.52 -24.03
C LYS G 474 14.14 0.49 -25.04
N GLY G 475 15.46 0.67 -25.12
CA GLY G 475 16.01 1.54 -26.14
C GLY G 475 15.82 0.98 -27.55
N GLN G 476 15.96 -0.33 -27.71
CA GLN G 476 15.84 -1.03 -28.99
C GLN G 476 14.72 -2.07 -28.93
N LEU G 477 13.62 -1.71 -28.28
CA LEU G 477 12.54 -2.69 -28.08
C LEU G 477 11.87 -3.04 -29.39
N GLU G 478 11.74 -2.08 -30.31
CA GLU G 478 11.13 -2.38 -31.61
C GLU G 478 11.96 -3.41 -32.36
N SER G 479 13.29 -3.27 -32.33
CA SER G 479 14.14 -4.24 -33.01
C SER G 479 14.09 -5.60 -32.34
N ILE G 480 13.98 -5.63 -31.00
CA ILE G 480 13.82 -6.91 -30.31
C ILE G 480 12.53 -7.59 -30.77
N VAL G 481 11.46 -6.80 -30.92
CA VAL G 481 10.19 -7.35 -31.37
C VAL G 481 10.33 -7.92 -32.78
N GLU G 482 11.07 -7.24 -33.65
CA GLU G 482 11.26 -7.75 -35.01
C GLU G 482 12.02 -9.06 -35.01
N ASN G 483 13.04 -9.18 -34.17
CA ASN G 483 13.82 -10.42 -34.14
C ASN G 483 13.04 -11.56 -33.51
N ILE G 484 12.20 -11.26 -32.53
CA ILE G 484 11.36 -12.31 -31.93
C ILE G 484 10.37 -12.84 -32.97
N ARG G 485 9.87 -11.95 -33.84
CA ARG G 485 8.89 -12.39 -34.84
C ARG G 485 9.55 -13.19 -35.96
N ILE G 486 10.69 -12.72 -36.46
CA ILE G 486 11.30 -13.38 -37.61
C ILE G 486 11.81 -14.77 -37.24
N TYR G 487 12.45 -14.91 -36.08
CA TYR G 487 12.88 -16.22 -35.60
C TYR G 487 11.77 -16.97 -34.88
N GLY G 488 10.67 -16.32 -34.52
CA GLY G 488 9.56 -16.99 -33.89
C GLY G 488 9.91 -17.58 -32.54
N ILE G 489 10.68 -16.83 -31.73
CA ILE G 489 11.10 -17.33 -30.43
C ILE G 489 9.88 -17.44 -29.53
N HIS G 490 9.89 -18.45 -28.64
CA HIS G 490 8.82 -18.67 -27.67
C HIS G 490 9.31 -18.75 -26.22
N ALA G 491 10.60 -18.52 -25.96
CA ALA G 491 11.04 -18.40 -24.59
C ALA G 491 12.42 -17.76 -24.54
N LEU G 492 12.64 -16.92 -23.52
CA LEU G 492 13.93 -16.28 -23.24
C LEU G 492 14.41 -16.74 -21.88
N LEU G 493 15.53 -17.48 -21.86
CA LEU G 493 16.20 -17.84 -20.61
C LEU G 493 17.35 -16.86 -20.42
N VAL G 494 17.03 -15.71 -19.85
CA VAL G 494 17.98 -14.62 -19.71
C VAL G 494 18.84 -14.84 -18.47
N VAL G 495 19.96 -15.52 -18.64
CA VAL G 495 20.92 -15.70 -17.55
C VAL G 495 21.79 -14.44 -17.48
N GLY G 496 21.83 -13.80 -16.32
CA GLY G 496 22.59 -12.58 -16.20
C GLY G 496 22.49 -11.99 -14.80
N GLY G 497 22.94 -10.74 -14.70
CA GLY G 497 22.98 -10.05 -13.42
C GLY G 497 21.77 -9.19 -13.13
N PHE G 498 21.98 -8.02 -12.53
CA PHE G 498 20.86 -7.13 -12.22
C PHE G 498 20.20 -6.60 -13.48
N GLU G 499 21.01 -6.25 -14.49
CA GLU G 499 20.45 -5.70 -15.72
C GLU G 499 19.58 -6.73 -16.45
N ALA G 500 19.84 -8.02 -16.24
CA ALA G 500 18.94 -9.05 -16.73
C ALA G 500 17.57 -8.93 -16.07
N TYR G 501 17.55 -8.75 -14.75
CA TYR G 501 16.29 -8.62 -14.02
C TYR G 501 15.51 -7.39 -14.48
N GLU G 502 16.20 -6.26 -14.61
CA GLU G 502 15.53 -5.03 -15.05
C GLU G 502 15.04 -5.16 -16.49
N GLY G 503 15.83 -5.82 -17.35
CA GLY G 503 15.42 -6.00 -18.73
C GLY G 503 14.17 -6.85 -18.85
N VAL G 504 14.11 -7.96 -18.09
CA VAL G 504 12.91 -8.80 -18.11
C VAL G 504 11.72 -8.04 -17.55
N LEU G 505 11.95 -7.17 -16.57
CA LEU G 505 10.86 -6.34 -16.06
C LEU G 505 10.35 -5.40 -17.15
N GLN G 506 11.26 -4.84 -17.95
CA GLN G 506 10.84 -3.95 -19.03
C GLN G 506 10.06 -4.71 -20.10
N LEU G 507 10.44 -5.96 -20.37
CA LEU G 507 9.70 -6.76 -21.34
C LEU G 507 8.30 -7.10 -20.81
N VAL G 508 8.18 -7.33 -19.50
CA VAL G 508 6.86 -7.61 -18.91
C VAL G 508 5.94 -6.42 -19.12
N GLU G 509 6.39 -5.22 -18.75
CA GLU G 509 5.55 -4.04 -18.94
C GLU G 509 5.46 -3.62 -20.40
N ALA G 510 6.35 -4.11 -21.26
CA ALA G 510 6.22 -3.88 -22.70
C ALA G 510 5.14 -4.74 -23.34
N ARG G 511 4.65 -5.78 -22.65
CA ARG G 511 3.58 -6.61 -23.19
C ARG G 511 2.29 -5.82 -23.43
N GLY G 512 2.11 -4.68 -22.77
CA GLY G 512 0.87 -3.94 -22.85
C GLY G 512 0.53 -3.46 -24.25
N ARG G 513 1.55 -3.06 -25.02
CA ARG G 513 1.37 -2.57 -26.38
C ARG G 513 1.85 -3.52 -27.45
N TYR G 514 2.86 -4.34 -27.16
CA TYR G 514 3.45 -5.24 -28.14
C TYR G 514 2.89 -6.64 -27.99
N GLU G 515 2.75 -7.33 -29.12
CA GLU G 515 1.99 -8.58 -29.20
C GLU G 515 2.87 -9.81 -29.00
N GLU G 516 4.05 -9.84 -29.61
CA GLU G 516 4.90 -11.03 -29.57
C GLU G 516 5.87 -11.03 -28.39
N LEU G 517 5.78 -10.05 -27.48
CA LEU G 517 6.44 -10.14 -26.19
C LEU G 517 5.60 -10.90 -25.15
N CYS G 518 4.50 -11.54 -25.56
CA CYS G 518 3.76 -12.45 -24.70
C CYS G 518 4.47 -13.80 -24.71
N ILE G 519 5.64 -13.81 -24.07
CA ILE G 519 6.63 -14.86 -24.22
C ILE G 519 7.15 -15.24 -22.83
N VAL G 520 7.33 -16.53 -22.59
CA VAL G 520 7.77 -16.99 -21.28
C VAL G 520 9.21 -16.55 -21.09
N MET G 521 9.52 -16.02 -19.91
CA MET G 521 10.85 -15.53 -19.58
C MET G 521 11.29 -16.10 -18.24
N CYS G 522 12.55 -16.51 -18.17
CA CYS G 522 13.12 -17.10 -16.97
C CYS G 522 14.50 -16.54 -16.76
N VAL G 523 14.71 -15.86 -15.65
CA VAL G 523 15.98 -15.25 -15.32
C VAL G 523 16.80 -16.27 -14.56
N ILE G 524 18.13 -16.18 -14.66
CA ILE G 524 19.06 -16.98 -13.85
C ILE G 524 20.06 -15.97 -13.29
N PRO G 525 20.13 -15.76 -11.97
CA PRO G 525 20.98 -14.67 -11.47
C PRO G 525 22.45 -15.08 -11.48
N ALA G 526 23.25 -14.37 -12.28
CA ALA G 526 24.68 -14.64 -12.41
C ALA G 526 25.45 -13.33 -12.47
N THR G 527 26.00 -12.93 -11.32
CA THR G 527 26.82 -11.72 -11.22
C THR G 527 27.52 -11.75 -9.87
N ILE G 528 28.77 -11.25 -9.84
CA ILE G 528 29.63 -11.47 -8.69
C ILE G 528 29.07 -10.78 -7.45
N SER G 529 28.44 -9.62 -7.62
CA SER G 529 28.02 -8.81 -6.49
C SER G 529 26.94 -9.49 -5.65
N ASN G 530 26.24 -10.49 -6.19
CA ASN G 530 25.16 -11.18 -5.50
C ASN G 530 24.05 -10.18 -5.12
N ASN G 531 23.49 -9.56 -6.16
CA ASN G 531 22.53 -8.47 -6.02
C ASN G 531 21.24 -8.67 -6.79
N VAL G 532 21.09 -9.76 -7.54
CA VAL G 532 19.78 -10.00 -8.16
C VAL G 532 18.78 -10.34 -7.05
N PRO G 533 17.52 -9.91 -7.12
CA PRO G 533 16.57 -10.27 -6.07
C PRO G 533 15.98 -11.66 -6.27
N GLY G 534 15.53 -12.24 -5.16
CA GLY G 534 14.91 -13.55 -5.20
C GLY G 534 15.89 -14.71 -5.19
N THR G 535 17.15 -14.47 -4.83
CA THR G 535 18.18 -15.49 -4.79
C THR G 535 19.13 -15.18 -3.64
N ASP G 536 19.61 -16.22 -2.96
CA ASP G 536 20.53 -16.06 -1.86
C ASP G 536 21.98 -16.03 -2.36
N PHE G 537 22.39 -17.08 -3.06
CA PHE G 537 23.69 -17.14 -3.72
C PHE G 537 23.48 -17.05 -5.22
N SER G 538 24.01 -15.99 -5.83
CA SER G 538 23.95 -15.84 -7.26
C SER G 538 25.11 -16.61 -7.90
N LEU G 539 24.85 -17.16 -9.07
CA LEU G 539 25.85 -17.94 -9.79
C LEU G 539 27.09 -17.10 -10.06
N GLY G 540 28.23 -17.59 -9.60
CA GLY G 540 29.50 -16.98 -9.90
C GLY G 540 30.03 -16.01 -8.88
N SER G 541 29.38 -15.89 -7.72
CA SER G 541 29.94 -15.07 -6.65
C SER G 541 31.01 -15.80 -5.88
N ASP G 542 30.92 -17.13 -5.78
CA ASP G 542 31.89 -17.91 -5.00
C ASP G 542 33.29 -17.77 -5.56
N THR G 543 33.42 -17.81 -6.89
CA THR G 543 34.73 -17.60 -7.50
C THR G 543 35.26 -16.21 -7.21
N ALA G 544 34.37 -15.22 -7.16
CA ALA G 544 34.80 -13.86 -6.88
C ALA G 544 35.29 -13.71 -5.45
N VAL G 545 34.61 -14.36 -4.50
CA VAL G 545 35.03 -14.30 -3.11
C VAL G 545 36.40 -14.98 -2.95
N ASN G 546 36.62 -16.06 -3.69
CA ASN G 546 37.90 -16.76 -3.60
C ASN G 546 39.02 -15.92 -4.19
N ALA G 547 38.76 -15.24 -5.30
CA ALA G 547 39.78 -14.35 -5.86
C ALA G 547 40.08 -13.20 -4.92
N ALA G 548 39.05 -12.62 -4.30
CA ALA G 548 39.28 -11.57 -3.31
C ALA G 548 40.04 -12.11 -2.11
N MET G 549 39.73 -13.34 -1.71
CA MET G 549 40.44 -13.96 -0.59
C MET G 549 41.92 -14.12 -0.89
N GLU G 550 42.24 -14.59 -2.10
CA GLU G 550 43.64 -14.81 -2.44
C GLU G 550 44.40 -13.49 -2.58
N SER G 551 43.75 -12.47 -3.14
CA SER G 551 44.38 -11.16 -3.25
C SER G 551 44.65 -10.56 -1.88
N CYS G 552 43.68 -10.64 -0.98
CA CYS G 552 43.88 -10.09 0.37
C CYS G 552 44.90 -10.89 1.16
N ASP G 553 44.99 -12.21 0.94
CA ASP G 553 46.01 -13.00 1.61
C ASP G 553 47.41 -12.56 1.18
N ARG G 554 47.60 -12.31 -0.12
CA ARG G 554 48.89 -11.84 -0.60
C ARG G 554 49.21 -10.45 -0.05
N ILE G 555 48.22 -9.57 0.01
CA ILE G 555 48.44 -8.24 0.57
C ILE G 555 48.76 -8.35 2.06
N LYS G 556 48.06 -9.23 2.78
CA LYS G 556 48.34 -9.41 4.20
C LYS G 556 49.74 -9.93 4.43
N GLN G 557 50.22 -10.82 3.57
CA GLN G 557 51.58 -11.30 3.67
C GLN G 557 52.59 -10.17 3.45
N SER G 558 52.31 -9.31 2.45
CA SER G 558 53.18 -8.16 2.22
C SER G 558 53.17 -7.21 3.42
N ALA G 559 52.00 -7.00 4.01
CA ALA G 559 51.90 -6.11 5.16
C ALA G 559 52.68 -6.65 6.36
N SER G 560 52.55 -7.95 6.62
CA SER G 560 53.26 -8.54 7.75
C SER G 560 54.76 -8.49 7.56
N GLY G 561 55.22 -8.60 6.31
CA GLY G 561 56.64 -8.48 6.01
C GLY G 561 57.22 -7.15 6.43
N THR G 562 56.66 -6.06 5.90
CA THR G 562 57.02 -4.71 6.32
C THR G 562 56.13 -4.35 7.50
N LYS G 563 56.65 -4.59 8.71
CA LYS G 563 55.89 -4.38 9.93
C LYS G 563 55.37 -2.94 10.02
N ARG G 564 54.26 -2.79 10.73
CA ARG G 564 53.62 -1.49 10.93
C ARG G 564 53.14 -0.92 9.58
N ARG G 565 52.12 -1.57 9.05
CA ARG G 565 51.51 -1.17 7.79
C ARG G 565 50.05 -1.59 7.77
N VAL G 566 49.22 -0.78 7.10
CA VAL G 566 47.80 -1.02 6.93
C VAL G 566 47.48 -0.82 5.46
N PHE G 567 46.48 -1.56 4.97
CA PHE G 567 46.06 -1.55 3.57
C PHE G 567 44.58 -1.26 3.47
N ILE G 568 44.22 -0.35 2.55
CA ILE G 568 42.83 -0.04 2.22
C ILE G 568 42.53 -0.72 0.89
N VAL G 569 41.67 -1.73 0.92
CA VAL G 569 41.34 -2.55 -0.24
C VAL G 569 39.94 -2.17 -0.68
N GLU G 570 39.83 -1.70 -1.93
CA GLU G 570 38.56 -1.28 -2.52
C GLU G 570 38.04 -2.41 -3.40
N THR G 571 37.09 -3.18 -2.89
CA THR G 571 36.49 -4.27 -3.62
C THR G 571 35.30 -3.79 -4.45
N MET G 572 34.78 -4.69 -5.28
CA MET G 572 33.58 -4.46 -6.06
C MET G 572 32.36 -4.99 -5.30
N GLY G 573 31.19 -4.91 -5.94
CA GLY G 573 29.93 -5.27 -5.34
C GLY G 573 28.80 -4.30 -5.67
N GLY G 574 29.06 -3.30 -6.51
CA GLY G 574 28.09 -2.25 -6.71
C GLY G 574 27.81 -1.54 -5.40
N TYR G 575 26.54 -1.40 -5.08
CA TYR G 575 26.12 -0.94 -3.76
C TYR G 575 25.99 -2.09 -2.76
N CYS G 576 25.74 -3.30 -3.25
CA CYS G 576 25.72 -4.46 -2.36
C CYS G 576 27.11 -4.71 -1.80
N GLY G 577 27.16 -5.03 -0.51
CA GLY G 577 28.41 -5.32 0.18
C GLY G 577 28.55 -6.75 0.61
N TYR G 578 27.87 -7.68 -0.09
CA TYR G 578 28.08 -9.10 0.17
C TYR G 578 29.54 -9.46 -0.04
N LEU G 579 30.11 -9.04 -1.17
CA LEU G 579 31.48 -9.43 -1.51
C LEU G 579 32.48 -8.87 -0.51
N ALA G 580 32.30 -7.62 -0.09
CA ALA G 580 33.21 -7.02 0.88
C ALA G 580 33.08 -7.71 2.23
N THR G 581 31.86 -8.00 2.67
CA THR G 581 31.67 -8.62 3.97
C THR G 581 32.28 -10.01 4.01
N VAL G 582 31.87 -10.89 3.09
CA VAL G 582 32.33 -12.28 3.11
C VAL G 582 33.83 -12.37 2.90
N THR G 583 34.40 -11.46 2.10
CA THR G 583 35.86 -11.42 1.98
C THR G 583 36.50 -11.09 3.32
N GLY G 584 35.94 -10.10 4.03
CA GLY G 584 36.48 -9.74 5.33
C GLY G 584 36.43 -10.86 6.33
N ILE G 585 35.37 -11.67 6.31
CA ILE G 585 35.30 -12.84 7.16
C ILE G 585 36.35 -13.85 6.71
N ALA G 586 36.43 -14.11 5.40
CA ALA G 586 37.30 -15.16 4.90
C ALA G 586 38.79 -14.84 5.06
N VAL G 587 39.15 -13.57 5.27
CA VAL G 587 40.53 -13.15 5.44
C VAL G 587 40.77 -12.42 6.77
N GLY G 588 39.76 -12.36 7.64
CA GLY G 588 39.92 -11.73 8.93
C GLY G 588 40.27 -10.25 8.85
N ALA G 589 39.57 -9.52 8.00
CA ALA G 589 39.81 -8.08 7.89
C ALA G 589 39.40 -7.37 9.16
N ASP G 590 40.03 -6.23 9.42
CA ASP G 590 39.70 -5.45 10.61
C ASP G 590 38.30 -4.84 10.51
N ALA G 591 37.83 -4.59 9.29
CA ALA G 591 36.50 -4.03 9.09
C ALA G 591 36.19 -4.12 7.59
N ALA G 592 34.91 -3.91 7.26
CA ALA G 592 34.47 -3.92 5.87
C ALA G 592 33.34 -2.90 5.77
N TYR G 593 33.67 -1.70 5.31
CA TYR G 593 32.68 -0.64 5.20
C TYR G 593 31.76 -0.90 4.04
N VAL G 594 30.44 -0.81 4.29
CA VAL G 594 29.42 -1.26 3.37
C VAL G 594 28.26 -0.28 3.41
N PHE G 595 27.56 -0.15 2.28
CA PHE G 595 26.42 0.76 2.18
C PHE G 595 25.32 0.41 3.18
N GLU G 596 25.02 -0.87 3.31
CA GLU G 596 23.97 -1.35 4.22
C GLU G 596 24.22 -0.97 5.69
N ASP G 597 25.47 -0.67 6.07
CA ASP G 597 25.82 -0.22 7.41
C ASP G 597 26.37 1.21 7.28
N PRO G 598 25.51 2.24 7.31
CA PRO G 598 26.02 3.61 7.25
C PRO G 598 26.92 3.94 8.43
N PHE G 599 27.97 4.69 8.15
CA PHE G 599 28.98 5.07 9.12
C PHE G 599 29.35 6.52 8.90
N ASN G 600 29.82 7.16 9.96
CA ASN G 600 30.21 8.56 9.97
C ASN G 600 31.70 8.65 10.34
N ILE G 601 32.15 9.87 10.63
CA ILE G 601 33.56 10.06 10.97
C ILE G 601 33.91 9.39 12.30
N HIS G 602 32.94 9.30 13.22
CA HIS G 602 33.22 8.72 14.54
C HIS G 602 33.62 7.26 14.43
N ASP G 603 32.98 6.51 13.54
CA ASP G 603 33.34 5.10 13.36
C ASP G 603 34.74 4.97 12.80
N LEU G 604 35.11 5.85 11.86
CA LEU G 604 36.46 5.81 11.31
C LEU G 604 37.50 6.18 12.36
N LYS G 605 37.17 7.14 13.23
CA LYS G 605 38.08 7.47 14.33
C LYS G 605 38.26 6.29 15.26
N VAL G 606 37.17 5.58 15.56
CA VAL G 606 37.25 4.41 16.42
C VAL G 606 38.13 3.34 15.77
N ASN G 607 37.94 3.11 14.47
CA ASN G 607 38.71 2.10 13.76
C ASN G 607 40.19 2.45 13.74
N VAL G 608 40.50 3.74 13.57
CA VAL G 608 41.88 4.19 13.68
C VAL G 608 42.42 3.91 15.08
N GLU G 609 41.58 4.13 16.10
CA GLU G 609 42.01 3.91 17.47
C GLU G 609 42.27 2.43 17.73
N HIS G 610 41.44 1.55 17.17
CA HIS G 610 41.71 0.11 17.27
C HIS G 610 43.03 -0.23 16.61
N MET G 611 43.32 0.39 15.46
CA MET G 611 44.58 0.14 14.78
C MET G 611 45.76 0.63 15.61
N THR G 612 45.61 1.78 16.26
CA THR G 612 46.67 2.33 17.10
C THR G 612 47.00 1.38 18.26
N GLU G 613 45.97 0.89 18.94
CA GLU G 613 46.20 -0.06 20.02
C GLU G 613 46.79 -1.36 19.50
N LYS G 614 46.25 -1.86 18.39
CA LYS G 614 46.69 -3.16 17.86
C LYS G 614 48.14 -3.13 17.43
N MET G 615 48.64 -1.97 16.99
CA MET G 615 50.02 -1.90 16.51
C MET G 615 51.04 -2.05 17.62
N LYS G 616 50.63 -1.96 18.89
CA LYS G 616 51.54 -2.22 20.00
C LYS G 616 51.81 -3.71 20.21
N THR G 617 50.93 -4.59 19.72
CA THR G 617 51.05 -6.02 19.96
C THR G 617 52.06 -6.62 18.98
N ASP G 618 52.14 -7.95 18.94
CA ASP G 618 53.09 -8.62 18.06
C ASP G 618 52.64 -8.56 16.61
N ILE G 619 51.33 -8.67 16.37
CA ILE G 619 50.78 -8.66 15.01
C ILE G 619 50.72 -7.22 14.54
N GLN G 620 51.81 -6.76 13.93
CA GLN G 620 51.96 -5.36 13.49
C GLN G 620 51.56 -5.25 12.02
N ARG G 621 50.27 -5.48 11.77
CA ARG G 621 49.73 -5.38 10.42
C ARG G 621 48.25 -5.01 10.54
N GLY G 622 47.62 -4.78 9.39
CA GLY G 622 46.22 -4.44 9.37
C GLY G 622 45.66 -4.53 7.98
N LEU G 623 44.33 -4.50 7.91
CA LEU G 623 43.62 -4.59 6.64
C LEU G 623 42.19 -4.14 6.85
N VAL G 624 41.74 -3.21 6.00
CA VAL G 624 40.36 -2.75 6.00
C VAL G 624 39.86 -2.80 4.56
N LEU G 625 38.69 -3.41 4.37
CA LEU G 625 38.05 -3.46 3.07
C LEU G 625 37.09 -2.29 2.91
N ARG G 626 36.61 -2.11 1.69
CA ARG G 626 35.67 -1.03 1.40
C ARG G 626 35.00 -1.35 0.08
N ASN G 627 33.68 -1.48 0.09
CA ASN G 627 32.97 -1.62 -1.17
C ASN G 627 33.18 -0.37 -2.01
N GLU G 628 33.23 -0.55 -3.34
CA GLU G 628 33.64 0.53 -4.23
C GLU G 628 32.75 1.77 -4.14
N LYS G 629 31.48 1.58 -3.75
CA LYS G 629 30.50 2.65 -3.62
C LYS G 629 29.76 2.53 -2.29
N CYS G 630 30.53 2.37 -1.20
CA CYS G 630 29.92 2.28 0.13
C CYS G 630 29.56 3.65 0.70
N HIS G 631 29.99 4.75 0.09
CA HIS G 631 29.64 6.07 0.57
C HIS G 631 29.92 7.09 -0.52
N ASP G 632 29.10 8.13 -0.56
CA ASP G 632 29.21 9.12 -1.63
C ASP G 632 30.50 9.93 -1.52
N TYR G 633 30.90 10.29 -0.30
CA TYR G 633 31.99 11.23 -0.06
C TYR G 633 33.29 10.58 0.39
N TYR G 634 33.24 9.61 1.30
CA TYR G 634 34.44 9.04 1.90
C TYR G 634 35.15 8.17 0.87
N THR G 635 35.94 8.81 0.02
CA THR G 635 36.69 8.09 -0.99
C THR G 635 37.83 7.30 -0.35
N THR G 636 38.37 6.34 -1.11
CA THR G 636 39.52 5.59 -0.63
C THR G 636 40.73 6.48 -0.40
N GLU G 637 40.89 7.53 -1.20
CA GLU G 637 41.94 8.50 -0.95
C GLU G 637 41.73 9.20 0.39
N PHE G 638 40.47 9.51 0.72
CA PHE G 638 40.16 10.15 1.99
C PHE G 638 40.56 9.26 3.16
N LEU G 639 40.21 7.97 3.08
CA LEU G 639 40.56 7.06 4.16
C LEU G 639 42.07 6.91 4.28
N TYR G 640 42.77 6.84 3.14
CA TYR G 640 44.22 6.75 3.16
C TYR G 640 44.84 7.96 3.85
N ASN G 641 44.32 9.16 3.57
CA ASN G 641 44.82 10.36 4.25
C ASN G 641 44.49 10.33 5.74
N LEU G 642 43.28 9.90 6.10
CA LEU G 642 42.87 9.89 7.50
C LEU G 642 43.72 8.91 8.31
N TYR G 643 43.86 7.68 7.81
CA TYR G 643 44.62 6.66 8.55
C TYR G 643 46.08 7.07 8.69
N SER G 644 46.68 7.60 7.61
CA SER G 644 48.08 8.01 7.68
C SER G 644 48.26 9.19 8.63
N SER G 645 47.37 10.18 8.55
CA SER G 645 47.53 11.39 9.37
C SER G 645 47.36 11.07 10.85
N GLU G 646 46.19 10.54 11.23
CA GLU G 646 45.93 10.27 12.64
C GLU G 646 46.78 9.12 13.18
N GLY G 647 47.36 8.30 12.31
CA GLY G 647 48.26 7.23 12.71
C GLY G 647 49.71 7.59 12.53
N LYS G 648 50.03 8.88 12.56
CA LYS G 648 51.40 9.31 12.33
C LYS G 648 52.28 8.95 13.52
N GLY G 649 53.47 8.43 13.22
CA GLY G 649 54.46 8.08 14.22
C GLY G 649 54.48 6.62 14.61
N VAL G 650 53.44 5.85 14.26
CA VAL G 650 53.32 4.45 14.65
C VAL G 650 53.26 3.52 13.45
N PHE G 651 52.66 3.95 12.35
CA PHE G 651 52.55 3.11 11.15
C PHE G 651 52.30 4.00 9.94
N ASP G 652 52.47 3.41 8.77
CA ASP G 652 52.14 4.01 7.47
C ASP G 652 51.07 3.17 6.81
N CYS G 653 50.57 3.66 5.67
CA CYS G 653 49.43 3.04 4.99
C CYS G 653 49.66 3.04 3.50
N ARG G 654 48.97 2.13 2.82
CA ARG G 654 48.98 2.04 1.36
C ARG G 654 47.58 1.66 0.91
N THR G 655 47.30 1.91 -0.37
CA THR G 655 45.98 1.69 -0.95
C THR G 655 46.08 0.69 -2.09
N ASN G 656 44.99 -0.08 -2.28
CA ASN G 656 44.87 -0.99 -3.39
C ASN G 656 43.43 -1.04 -3.86
N VAL G 657 43.26 -1.42 -5.13
CA VAL G 657 41.96 -1.52 -5.76
C VAL G 657 41.96 -2.85 -6.51
N LEU G 658 41.35 -3.87 -5.92
CA LEU G 658 41.22 -5.18 -6.57
C LEU G 658 40.23 -5.01 -7.71
N GLY G 659 40.76 -4.80 -8.90
CA GLY G 659 39.92 -4.53 -10.06
C GLY G 659 39.18 -5.76 -10.53
N HIS G 660 39.19 -6.00 -11.84
CA HIS G 660 38.48 -7.16 -12.41
C HIS G 660 39.17 -8.52 -12.13
N LEU G 661 40.20 -8.51 -11.27
CA LEU G 661 40.67 -9.73 -10.63
C LEU G 661 39.56 -10.38 -9.81
N GLN G 662 38.63 -9.56 -9.30
CA GLN G 662 37.47 -10.06 -8.58
C GLN G 662 36.58 -10.96 -9.42
N GLN G 663 36.67 -10.87 -10.75
CA GLN G 663 35.90 -11.74 -11.62
C GLN G 663 36.54 -13.12 -11.80
N GLY G 664 37.75 -13.33 -11.26
CA GLY G 664 38.33 -14.65 -11.17
C GLY G 664 38.68 -15.30 -12.50
N GLY G 665 39.46 -16.37 -12.43
CA GLY G 665 39.84 -17.13 -13.61
C GLY G 665 38.88 -18.27 -13.86
N ALA G 666 39.35 -19.51 -13.69
CA ALA G 666 38.49 -20.65 -13.88
C ALA G 666 37.40 -20.67 -12.81
N PRO G 667 36.15 -21.03 -13.15
CA PRO G 667 35.12 -21.07 -12.10
C PRO G 667 35.40 -22.17 -11.09
N THR G 668 35.09 -21.87 -9.83
CA THR G 668 35.29 -22.82 -8.76
C THR G 668 34.32 -23.99 -8.94
N PRO G 669 34.58 -25.14 -8.31
CA PRO G 669 33.67 -26.29 -8.47
C PRO G 669 32.26 -26.02 -7.99
N PHE G 670 32.08 -25.19 -6.97
CA PHE G 670 30.73 -24.89 -6.52
C PHE G 670 29.95 -24.11 -7.57
N ASP G 671 30.58 -23.10 -8.18
CA ASP G 671 29.90 -22.34 -9.22
C ASP G 671 29.66 -23.18 -10.46
N ARG G 672 30.58 -24.10 -10.79
CA ARG G 672 30.35 -25.01 -11.91
C ARG G 672 29.12 -25.88 -11.67
N ASN G 673 29.06 -26.53 -10.50
CA ASN G 673 27.91 -27.37 -10.19
C ASN G 673 26.64 -26.56 -10.10
N TYR G 674 26.70 -25.40 -9.46
CA TYR G 674 25.50 -24.59 -9.26
C TYR G 674 24.96 -24.08 -10.59
N GLY G 675 25.85 -23.72 -11.52
CA GLY G 675 25.41 -23.33 -12.84
C GLY G 675 24.76 -24.48 -13.59
N THR G 676 25.36 -25.66 -13.51
CA THR G 676 24.78 -26.84 -14.14
C THR G 676 23.39 -27.11 -13.56
N LYS G 677 23.27 -27.06 -12.24
CA LYS G 677 21.99 -27.36 -11.59
C LYS G 677 20.93 -26.34 -11.96
N LEU G 678 21.26 -25.05 -11.91
CA LEU G 678 20.26 -24.03 -12.22
C LEU G 678 19.84 -24.08 -13.69
N GLY G 679 20.78 -24.39 -14.59
CA GLY G 679 20.43 -24.53 -15.99
C GLY G 679 19.43 -25.65 -16.22
N VAL G 680 19.65 -26.80 -15.57
CA VAL G 680 18.72 -27.93 -15.73
C VAL G 680 17.36 -27.59 -15.14
N LYS G 681 17.35 -27.08 -13.90
CA LYS G 681 16.08 -26.84 -13.21
C LYS G 681 15.27 -25.75 -13.87
N ALA G 682 15.93 -24.66 -14.29
CA ALA G 682 15.23 -23.60 -15.00
C ALA G 682 14.65 -24.11 -16.32
N MET G 683 15.37 -25.01 -16.98
CA MET G 683 14.87 -25.55 -18.24
C MET G 683 13.67 -26.45 -18.01
N LEU G 684 13.66 -27.23 -16.93
CA LEU G 684 12.51 -28.07 -16.64
C LEU G 684 11.28 -27.23 -16.31
N TRP G 685 11.47 -26.20 -15.48
CA TRP G 685 10.37 -25.28 -15.18
C TRP G 685 9.91 -24.57 -16.45
N LEU G 686 10.86 -24.18 -17.30
CA LEU G 686 10.49 -23.44 -18.49
C LEU G 686 9.71 -24.32 -19.46
N SER G 687 10.13 -25.57 -19.64
CA SER G 687 9.36 -26.51 -20.45
C SER G 687 8.03 -26.90 -19.80
N GLU G 688 7.82 -26.58 -18.52
CA GLU G 688 6.51 -26.76 -17.90
C GLU G 688 5.58 -25.61 -18.26
N LYS G 689 5.99 -24.37 -17.98
CA LYS G 689 5.18 -23.21 -18.35
C LYS G 689 4.95 -23.15 -19.86
N LEU G 690 5.96 -23.55 -20.63
CA LEU G 690 5.94 -23.35 -22.07
C LEU G 690 4.91 -24.24 -22.78
N ARG G 691 4.46 -25.33 -22.13
CA ARG G 691 3.37 -26.15 -22.65
C ARG G 691 2.08 -26.02 -21.86
N GLU G 692 2.13 -25.52 -20.63
CA GLU G 692 0.91 -25.32 -19.87
C GLU G 692 0.01 -24.26 -20.51
N VAL G 693 0.59 -23.29 -21.21
CA VAL G 693 -0.14 -22.14 -21.76
C VAL G 693 -0.32 -22.28 -23.26
N TYR G 694 -0.39 -23.52 -23.76
CA TYR G 694 -0.41 -23.78 -25.19
C TYR G 694 -1.85 -23.77 -25.71
N ARG G 695 -2.12 -22.93 -26.71
CA ARG G 695 -3.45 -22.82 -27.29
C ARG G 695 -3.33 -22.38 -28.76
N LYS G 696 -4.17 -22.97 -29.61
CA LYS G 696 -4.15 -22.73 -31.07
C LYS G 696 -2.77 -23.03 -31.66
N GLY G 697 -2.06 -24.00 -31.10
CA GLY G 697 -0.69 -24.21 -31.49
C GLY G 697 0.26 -23.13 -31.08
N ARG G 698 -0.18 -22.19 -30.23
CA ARG G 698 0.55 -20.98 -29.89
C ARG G 698 0.64 -20.87 -28.37
N VAL G 699 1.75 -20.30 -27.91
CA VAL G 699 1.93 -19.96 -26.50
C VAL G 699 1.43 -18.54 -26.29
N PHE G 700 0.66 -18.34 -25.22
CA PHE G 700 0.21 -17.00 -24.82
C PHE G 700 0.37 -16.90 -23.30
N ALA G 701 1.57 -16.51 -22.88
CA ALA G 701 1.93 -16.44 -21.46
C ALA G 701 1.89 -14.99 -20.99
N ASN G 702 0.69 -14.44 -20.97
CA ASN G 702 0.48 -13.06 -20.58
C ASN G 702 0.30 -12.88 -19.06
N ALA G 703 0.21 -13.97 -18.30
CA ALA G 703 0.04 -13.87 -16.86
C ALA G 703 1.33 -13.37 -16.21
N PRO G 704 1.25 -12.80 -15.00
CA PRO G 704 2.49 -12.37 -14.32
C PRO G 704 3.37 -13.53 -13.89
N ASP G 705 2.86 -14.75 -13.84
CA ASP G 705 3.66 -15.91 -13.45
C ASP G 705 4.64 -16.36 -14.53
N SER G 706 4.57 -15.80 -15.75
CA SER G 706 5.42 -16.27 -16.84
C SER G 706 6.84 -15.72 -16.76
N ALA G 707 7.08 -14.65 -16.00
CA ALA G 707 8.39 -14.03 -15.87
C ALA G 707 8.85 -14.21 -14.43
N CYS G 708 9.91 -15.00 -14.24
CA CYS G 708 10.35 -15.42 -12.91
C CYS G 708 11.87 -15.30 -12.81
N VAL G 709 12.36 -15.50 -11.59
CA VAL G 709 13.79 -15.48 -11.26
C VAL G 709 14.05 -16.76 -10.49
N ILE G 710 14.59 -17.78 -11.17
CA ILE G 710 14.92 -19.02 -10.48
C ILE G 710 16.02 -18.74 -9.47
N GLY G 711 15.73 -19.00 -8.20
CA GLY G 711 16.62 -18.63 -7.13
C GLY G 711 16.63 -19.68 -6.04
N LEU G 712 17.78 -19.82 -5.42
CA LEU G 712 17.95 -20.76 -4.31
C LEU G 712 17.50 -20.06 -3.04
N LYS G 713 16.28 -20.35 -2.61
CA LYS G 713 15.74 -19.80 -1.37
C LYS G 713 16.38 -20.54 -0.20
N LYS G 714 15.79 -20.42 1.01
CA LYS G 714 16.40 -20.95 2.22
C LYS G 714 16.66 -22.46 2.10
N LYS G 715 15.69 -23.22 1.62
CA LYS G 715 15.80 -24.67 1.49
C LYS G 715 16.14 -25.10 0.08
N ALA G 716 15.28 -24.77 -0.89
CA ALA G 716 15.42 -25.27 -2.25
C ALA G 716 14.88 -24.23 -3.22
N VAL G 717 14.80 -24.61 -4.50
CA VAL G 717 14.46 -23.68 -5.56
C VAL G 717 13.05 -23.12 -5.37
N ALA G 718 12.89 -21.84 -5.70
CA ALA G 718 11.60 -21.17 -5.77
C ALA G 718 11.60 -20.26 -6.99
N PHE G 719 10.43 -20.09 -7.59
CA PHE G 719 10.24 -19.32 -8.82
C PHE G 719 9.39 -18.09 -8.49
N SER G 720 10.02 -17.06 -7.96
CA SER G 720 9.27 -15.85 -7.65
C SER G 720 9.01 -15.06 -8.94
N PRO G 721 7.81 -14.53 -9.16
CA PRO G 721 7.57 -13.77 -10.39
C PRO G 721 8.20 -12.39 -10.32
N VAL G 722 8.45 -11.83 -11.51
CA VAL G 722 9.21 -10.60 -11.61
C VAL G 722 8.41 -9.42 -11.08
N THR G 723 7.10 -9.42 -11.31
CA THR G 723 6.28 -8.28 -10.87
C THR G 723 6.10 -8.27 -9.36
N GLU G 724 6.01 -9.44 -8.74
CA GLU G 724 5.95 -9.48 -7.28
C GLU G 724 7.25 -8.99 -6.67
N LEU G 725 8.38 -9.43 -7.23
CA LEU G 725 9.67 -8.96 -6.74
C LEU G 725 9.87 -7.47 -6.96
N LYS G 726 9.15 -6.87 -7.92
CA LYS G 726 9.26 -5.44 -8.21
C LYS G 726 9.06 -4.57 -6.97
N LYS G 727 8.29 -5.06 -6.00
CA LYS G 727 8.06 -4.38 -4.73
C LYS G 727 9.15 -4.63 -3.69
N ASP G 728 10.13 -5.50 -3.98
CA ASP G 728 11.20 -5.84 -3.04
C ASP G 728 12.59 -5.47 -3.55
N THR G 729 12.68 -4.55 -4.52
CA THR G 729 13.95 -4.09 -5.06
C THR G 729 14.05 -2.58 -4.91
N ASP G 730 15.30 -2.10 -4.87
CA ASP G 730 15.62 -0.69 -4.82
C ASP G 730 16.31 -0.37 -6.14
N PHE G 731 15.50 0.03 -7.13
CA PHE G 731 16.02 0.29 -8.46
C PHE G 731 17.05 1.42 -8.46
N GLU G 732 16.95 2.34 -7.50
CA GLU G 732 17.88 3.46 -7.44
C GLU G 732 19.28 2.98 -7.08
N HIS G 733 19.43 2.26 -5.96
CA HIS G 733 20.71 1.70 -5.55
C HIS G 733 21.02 0.36 -6.23
N ARG G 734 20.05 -0.24 -6.93
CA ARG G 734 20.25 -1.49 -7.66
C ARG G 734 20.64 -2.63 -6.71
N MET G 735 19.70 -2.95 -5.82
CA MET G 735 19.90 -4.03 -4.87
C MET G 735 18.55 -4.35 -4.22
N PRO G 736 18.37 -5.56 -3.69
CA PRO G 736 17.08 -5.90 -3.06
C PRO G 736 16.90 -5.16 -1.73
N ARG G 737 15.62 -5.07 -1.32
CA ARG G 737 15.29 -4.38 -0.09
C ARG G 737 15.93 -5.07 1.12
N GLU G 738 15.71 -6.37 1.27
CA GLU G 738 16.16 -7.14 2.43
C GLU G 738 17.02 -8.29 1.95
N GLN G 739 18.27 -8.34 2.42
CA GLN G 739 19.20 -9.42 2.15
C GLN G 739 19.34 -10.29 3.39
N TRP G 740 19.58 -11.58 3.16
CA TRP G 740 19.65 -12.55 4.26
C TRP G 740 20.95 -12.46 5.05
N TRP G 741 22.04 -12.01 4.41
CA TRP G 741 23.40 -12.17 4.95
C TRP G 741 23.82 -11.08 5.92
N LEU G 742 22.93 -10.15 6.29
CA LEU G 742 23.32 -9.08 7.19
C LEU G 742 23.75 -9.59 8.57
N SER G 743 23.31 -10.79 8.96
CA SER G 743 23.74 -11.37 10.22
C SER G 743 25.24 -11.63 10.24
N LEU G 744 25.84 -11.94 9.09
CA LEU G 744 27.27 -12.24 9.04
C LEU G 744 28.14 -11.07 9.47
N ARG G 745 27.63 -9.83 9.38
CA ARG G 745 28.41 -8.68 9.81
C ARG G 745 28.70 -8.72 11.30
N LEU G 746 27.82 -9.34 12.08
CA LEU G 746 28.10 -9.54 13.50
C LEU G 746 29.33 -10.40 13.69
N MET G 747 29.43 -11.51 12.94
CA MET G 747 30.62 -12.36 13.03
C MET G 747 31.87 -11.61 12.59
N LEU G 748 31.77 -10.80 11.54
CA LEU G 748 32.92 -10.05 11.06
C LEU G 748 33.43 -9.09 12.13
N LYS G 749 32.50 -8.34 12.75
CA LYS G 749 32.90 -7.40 13.79
C LYS G 749 33.36 -8.10 15.04
N MET G 750 32.83 -9.29 15.32
CA MET G 750 33.09 -9.99 16.57
C MET G 750 34.45 -10.65 16.59
N LEU G 751 34.92 -11.16 15.44
CA LEU G 751 36.22 -11.81 15.37
C LEU G 751 37.40 -10.85 15.41
N ALA G 752 37.14 -9.54 15.39
CA ALA G 752 38.17 -8.53 15.60
C ALA G 752 38.07 -8.01 17.03
N GLN G 753 39.23 -7.73 17.64
CA GLN G 753 39.30 -7.27 19.02
C GLN G 753 38.44 -6.03 19.27
N GLY H 13 61.50 -10.53 -45.50
CA GLY H 13 62.82 -11.12 -45.73
C GLY H 13 62.80 -12.61 -45.98
N ALA H 14 61.67 -13.13 -46.44
CA ALA H 14 61.49 -14.55 -46.71
C ALA H 14 60.65 -14.73 -47.96
N GLY H 15 60.86 -15.86 -48.63
CA GLY H 15 60.13 -16.20 -49.85
C GLY H 15 59.79 -17.67 -49.90
N LYS H 16 59.46 -18.23 -48.74
CA LYS H 16 59.21 -19.65 -48.58
C LYS H 16 58.13 -19.81 -47.50
N ALA H 17 57.87 -21.06 -47.11
CA ALA H 17 56.90 -21.40 -46.09
C ALA H 17 57.61 -21.98 -44.87
N ILE H 18 56.86 -22.07 -43.77
CA ILE H 18 57.34 -22.63 -42.51
C ILE H 18 56.39 -23.72 -42.08
N GLY H 19 56.95 -24.82 -41.58
CA GLY H 19 56.20 -25.90 -40.99
C GLY H 19 56.48 -25.96 -39.50
N VAL H 20 55.47 -26.34 -38.72
CA VAL H 20 55.60 -26.51 -37.28
C VAL H 20 54.87 -27.78 -36.88
N LEU H 21 55.33 -28.39 -35.80
CA LEU H 21 54.67 -29.56 -35.23
C LEU H 21 55.22 -29.78 -33.83
N THR H 22 54.52 -30.65 -33.10
CA THR H 22 54.93 -31.08 -31.77
C THR H 22 55.06 -32.59 -31.77
N SER H 23 56.08 -33.09 -31.09
CA SER H 23 56.38 -34.51 -31.06
C SER H 23 56.96 -34.87 -29.70
N GLY H 24 56.91 -36.15 -29.38
CA GLY H 24 57.44 -36.64 -28.13
C GLY H 24 56.46 -36.43 -26.99
N GLY H 25 56.96 -36.73 -25.78
CA GLY H 25 56.18 -36.54 -24.58
C GLY H 25 55.79 -35.09 -24.38
N ASP H 26 54.49 -34.84 -24.22
CA ASP H 26 54.02 -33.46 -24.07
C ASP H 26 54.59 -32.85 -22.81
N ALA H 27 54.81 -31.54 -22.88
CA ALA H 27 55.24 -30.75 -21.74
C ALA H 27 54.69 -29.35 -21.93
N GLN H 28 54.04 -28.84 -20.89
CA GLN H 28 53.42 -27.52 -20.93
C GLN H 28 54.46 -26.45 -21.27
N GLY H 29 54.06 -25.51 -22.12
CA GLY H 29 54.93 -24.43 -22.59
C GLY H 29 55.02 -24.36 -24.10
N MET H 30 54.80 -25.49 -24.78
CA MET H 30 54.95 -25.54 -26.23
C MET H 30 53.94 -24.65 -26.96
N ASN H 31 52.80 -24.34 -26.35
CA ASN H 31 51.81 -23.49 -27.00
C ASN H 31 52.37 -22.10 -27.26
N ALA H 32 53.07 -21.53 -26.28
CA ALA H 32 53.71 -20.23 -26.49
C ALA H 32 54.82 -20.34 -27.53
N ALA H 33 55.49 -21.49 -27.63
CA ALA H 33 56.54 -21.66 -28.62
C ALA H 33 55.96 -21.70 -30.02
N VAL H 34 54.83 -22.40 -30.19
CA VAL H 34 54.15 -22.42 -31.49
C VAL H 34 53.67 -21.03 -31.86
N ARG H 35 53.16 -20.29 -30.88
CA ARG H 35 52.67 -18.93 -31.14
C ARG H 35 53.80 -18.04 -31.63
N ALA H 36 54.93 -18.05 -30.93
CA ALA H 36 56.04 -17.17 -31.29
C ALA H 36 56.65 -17.56 -32.63
N VAL H 37 56.74 -18.87 -32.90
CA VAL H 37 57.27 -19.32 -34.18
C VAL H 37 56.37 -18.84 -35.32
N THR H 38 55.06 -19.03 -35.17
CA THR H 38 54.13 -18.63 -36.23
C THR H 38 54.12 -17.12 -36.42
N ARG H 39 54.14 -16.37 -35.32
CA ARG H 39 54.03 -14.92 -35.41
C ARG H 39 55.31 -14.30 -35.98
N MET H 40 56.47 -14.83 -35.58
CA MET H 40 57.71 -14.38 -36.20
C MET H 40 57.74 -14.74 -37.68
N GLY H 41 57.28 -15.95 -38.03
CA GLY H 41 57.32 -16.37 -39.42
C GLY H 41 56.47 -15.50 -40.33
N ILE H 42 55.25 -15.19 -39.89
CA ILE H 42 54.38 -14.36 -40.72
C ILE H 42 54.87 -12.91 -40.73
N TYR H 43 55.39 -12.44 -39.59
CA TYR H 43 55.95 -11.09 -39.53
C TYR H 43 57.14 -10.93 -40.46
N VAL H 44 57.94 -11.98 -40.63
CA VAL H 44 59.09 -11.94 -41.52
C VAL H 44 58.66 -12.00 -42.98
N GLY H 45 57.43 -12.44 -43.26
CA GLY H 45 56.88 -12.46 -44.61
C GLY H 45 56.68 -13.84 -45.21
N ALA H 46 56.91 -14.91 -44.45
CA ALA H 46 56.72 -16.27 -44.92
C ALA H 46 55.32 -16.76 -44.56
N LYS H 47 54.97 -17.93 -45.10
CA LYS H 47 53.74 -18.63 -44.78
C LYS H 47 54.02 -19.72 -43.76
N VAL H 48 53.05 -19.96 -42.87
CA VAL H 48 53.19 -20.91 -41.77
C VAL H 48 52.05 -21.91 -41.85
N PHE H 49 52.37 -23.19 -41.63
CA PHE H 49 51.41 -24.28 -41.65
C PHE H 49 51.53 -25.08 -40.35
N LEU H 50 50.39 -25.50 -39.82
CA LEU H 50 50.33 -26.23 -38.56
C LEU H 50 50.07 -27.70 -38.87
N ILE H 51 51.02 -28.55 -38.49
CA ILE H 51 51.00 -29.97 -38.81
C ILE H 51 50.52 -30.69 -37.56
N TYR H 52 49.24 -31.06 -37.56
CA TYR H 52 48.61 -31.64 -36.37
C TYR H 52 49.13 -33.05 -36.13
N GLU H 53 48.98 -33.50 -34.89
CA GLU H 53 49.26 -34.87 -34.48
C GLU H 53 50.72 -35.27 -34.66
N GLY H 54 51.63 -34.30 -34.83
CA GLY H 54 53.03 -34.64 -35.03
C GLY H 54 53.25 -35.34 -36.36
N TYR H 55 54.20 -36.29 -36.36
CA TYR H 55 54.55 -36.99 -37.58
C TYR H 55 53.42 -37.85 -38.13
N GLU H 56 52.45 -38.23 -37.29
CA GLU H 56 51.31 -39.00 -37.78
C GLU H 56 50.48 -38.17 -38.76
N GLY H 57 50.15 -36.94 -38.39
CA GLY H 57 49.44 -36.08 -39.33
C GLY H 57 50.29 -35.70 -40.52
N LEU H 58 51.61 -35.64 -40.34
CA LEU H 58 52.50 -35.37 -41.46
C LEU H 58 52.40 -36.47 -42.50
N VAL H 59 52.54 -37.74 -42.09
CA VAL H 59 52.49 -38.84 -43.05
C VAL H 59 51.08 -38.97 -43.62
N GLU H 60 50.05 -38.75 -42.80
CA GLU H 60 48.68 -38.80 -43.31
C GLU H 60 48.43 -37.65 -44.28
N GLY H 61 48.89 -36.45 -43.93
CA GLY H 61 48.76 -35.31 -44.82
C GLY H 61 47.32 -34.89 -45.04
N GLY H 62 47.13 -34.11 -46.09
CA GLY H 62 45.81 -33.66 -46.49
C GLY H 62 45.13 -32.77 -45.48
N GLU H 63 44.03 -33.25 -44.90
CA GLU H 63 43.28 -32.45 -43.93
C GLU H 63 44.09 -32.16 -42.67
N ASN H 64 45.04 -33.02 -42.32
CA ASN H 64 45.77 -32.85 -41.06
C ASN H 64 46.72 -31.66 -41.07
N ILE H 65 46.95 -31.01 -42.21
CA ILE H 65 47.83 -29.87 -42.34
C ILE H 65 47.03 -28.71 -42.92
N LYS H 66 47.15 -27.54 -42.30
CA LYS H 66 46.45 -26.32 -42.72
C LYS H 66 47.38 -25.13 -42.64
N GLN H 67 47.12 -24.15 -43.51
CA GLN H 67 47.75 -22.85 -43.37
C GLN H 67 47.12 -22.09 -42.20
N ALA H 68 47.91 -21.20 -41.60
CA ALA H 68 47.52 -20.47 -40.40
C ALA H 68 47.65 -18.98 -40.60
N ASN H 69 46.67 -18.23 -40.10
CA ASN H 69 46.66 -16.79 -40.11
C ASN H 69 47.08 -16.29 -38.72
N TRP H 70 46.97 -14.98 -38.50
CA TRP H 70 47.39 -14.41 -37.22
C TRP H 70 46.50 -14.90 -36.09
N LEU H 71 45.19 -15.00 -36.33
CA LEU H 71 44.26 -15.45 -35.30
C LEU H 71 44.32 -16.95 -35.06
N SER H 72 45.11 -17.70 -35.84
CA SER H 72 45.20 -19.14 -35.66
C SER H 72 45.81 -19.53 -34.31
N VAL H 73 46.59 -18.65 -33.69
CA VAL H 73 47.30 -18.92 -32.44
C VAL H 73 46.94 -17.96 -31.33
N SER H 74 45.99 -17.04 -31.53
CA SER H 74 45.64 -16.09 -30.50
C SER H 74 44.83 -16.76 -29.39
N ASN H 75 45.02 -16.27 -28.17
CA ASN H 75 44.30 -16.77 -26.99
C ASN H 75 44.66 -18.23 -26.71
N ILE H 76 45.95 -18.54 -26.81
CA ILE H 76 46.46 -19.89 -26.54
C ILE H 76 47.72 -19.85 -25.67
N ILE H 77 48.29 -18.65 -25.44
CA ILE H 77 49.54 -18.56 -24.69
C ILE H 77 49.39 -19.05 -23.26
N GLN H 78 48.21 -18.86 -22.66
CA GLN H 78 47.96 -19.20 -21.27
C GLN H 78 47.44 -20.61 -21.07
N LEU H 79 47.35 -21.43 -22.11
CA LEU H 79 46.86 -22.79 -22.02
C LEU H 79 48.02 -23.76 -21.92
N GLY H 80 47.88 -24.75 -21.05
CA GLY H 80 48.85 -25.83 -20.94
C GLY H 80 48.73 -26.79 -22.09
N GLY H 81 49.52 -27.86 -22.00
CA GLY H 81 49.52 -28.87 -23.05
C GLY H 81 49.95 -28.28 -24.37
N THR H 82 49.23 -28.67 -25.43
CA THR H 82 49.44 -28.11 -26.75
C THR H 82 48.12 -28.16 -27.52
N ILE H 83 47.97 -27.22 -28.45
CA ILE H 83 46.74 -27.13 -29.24
C ILE H 83 46.76 -28.03 -30.47
N ILE H 84 47.93 -28.49 -30.92
CA ILE H 84 48.07 -29.27 -32.14
C ILE H 84 48.39 -30.73 -31.83
N GLY H 85 47.90 -31.22 -30.69
CA GLY H 85 47.90 -32.65 -30.43
C GLY H 85 49.20 -33.23 -29.93
N SER H 86 50.18 -33.36 -30.82
CA SER H 86 51.47 -34.01 -30.54
C SER H 86 51.30 -35.51 -30.33
N ALA H 87 50.63 -36.17 -31.27
CA ALA H 87 50.45 -37.61 -31.20
C ALA H 87 51.72 -38.32 -31.67
N ARG H 88 51.98 -39.48 -31.06
CA ARG H 88 53.15 -40.27 -31.42
C ARG H 88 52.88 -41.04 -32.71
N CYS H 89 53.95 -41.22 -33.49
CA CYS H 89 53.88 -41.85 -34.81
C CYS H 89 54.85 -43.02 -34.88
N LYS H 90 54.40 -44.09 -35.54
CA LYS H 90 55.21 -45.28 -35.79
C LYS H 90 55.67 -45.39 -37.24
N ALA H 91 54.81 -45.03 -38.20
CA ALA H 91 55.16 -45.16 -39.60
C ALA H 91 56.32 -44.25 -40.01
N PHE H 92 56.57 -43.17 -39.27
CA PHE H 92 57.68 -42.30 -39.59
C PHE H 92 59.02 -43.02 -39.49
N THR H 93 59.12 -44.02 -38.61
CA THR H 93 60.34 -44.82 -38.54
C THR H 93 60.59 -45.58 -39.84
N THR H 94 59.53 -45.92 -40.57
CA THR H 94 59.68 -46.64 -41.83
C THR H 94 59.97 -45.66 -42.96
N ARG H 95 60.65 -46.16 -43.99
CA ARG H 95 60.98 -45.31 -45.12
C ARG H 95 59.75 -44.92 -45.91
N GLU H 96 58.71 -45.78 -45.93
CA GLU H 96 57.49 -45.47 -46.66
C GLU H 96 56.80 -44.25 -46.08
N GLY H 97 56.71 -44.17 -44.75
CA GLY H 97 56.10 -43.00 -44.12
C GLY H 97 56.91 -41.74 -44.34
N ARG H 98 58.23 -41.86 -44.35
CA ARG H 98 59.07 -40.68 -44.54
C ARG H 98 58.94 -40.13 -45.96
N ARG H 99 58.90 -41.00 -46.96
CA ARG H 99 58.72 -40.52 -48.33
C ARG H 99 57.33 -39.93 -48.52
N ALA H 100 56.32 -40.50 -47.85
CA ALA H 100 54.98 -39.93 -47.90
C ALA H 100 54.94 -38.57 -47.23
N ALA H 101 55.69 -38.40 -46.15
CA ALA H 101 55.83 -37.09 -45.52
C ALA H 101 56.49 -36.10 -46.47
N ALA H 102 57.53 -36.54 -47.19
CA ALA H 102 58.18 -35.67 -48.15
C ALA H 102 57.23 -35.29 -49.28
N TYR H 103 56.36 -36.23 -49.67
CA TYR H 103 55.35 -35.93 -50.68
C TYR H 103 54.42 -34.82 -50.20
N ASN H 104 53.92 -34.95 -48.97
CA ASN H 104 52.97 -33.98 -48.45
C ASN H 104 53.59 -32.59 -48.33
N LEU H 105 54.85 -32.52 -47.87
CA LEU H 105 55.51 -31.22 -47.75
C LEU H 105 55.75 -30.60 -49.12
N VAL H 106 56.12 -31.40 -50.11
CA VAL H 106 56.31 -30.88 -51.46
C VAL H 106 54.97 -30.42 -52.03
N GLN H 107 53.89 -31.17 -51.77
CA GLN H 107 52.58 -30.79 -52.26
C GLN H 107 52.14 -29.45 -51.68
N HIS H 108 52.44 -29.21 -50.40
CA HIS H 108 52.12 -27.96 -49.74
C HIS H 108 53.24 -26.92 -49.81
N GLY H 109 54.33 -27.23 -50.51
CA GLY H 109 55.38 -26.25 -50.72
C GLY H 109 56.07 -25.81 -49.44
N ILE H 110 56.45 -26.78 -48.61
CA ILE H 110 57.13 -26.53 -47.34
C ILE H 110 58.60 -26.85 -47.55
N THR H 111 59.44 -25.80 -47.47
CA THR H 111 60.90 -25.94 -47.52
C THR H 111 61.55 -25.84 -46.15
N ASN H 112 60.86 -25.30 -45.14
CA ASN H 112 61.36 -25.16 -43.79
C ASN H 112 60.35 -25.77 -42.83
N LEU H 113 60.87 -26.54 -41.87
CA LEU H 113 60.04 -27.27 -40.93
C LEU H 113 60.64 -27.13 -39.55
N CYS H 114 59.80 -26.81 -38.57
CA CYS H 114 60.19 -26.65 -37.18
C CYS H 114 59.56 -27.76 -36.35
N VAL H 115 60.34 -28.33 -35.43
CA VAL H 115 59.91 -29.45 -34.60
C VAL H 115 60.18 -29.09 -33.14
N ILE H 116 59.16 -29.28 -32.29
CA ILE H 116 59.26 -29.09 -30.85
C ILE H 116 59.06 -30.46 -30.21
N GLY H 117 60.08 -30.96 -29.51
CA GLY H 117 59.98 -32.25 -28.88
C GLY H 117 61.31 -32.68 -28.29
N GLY H 118 61.30 -33.92 -27.78
CA GLY H 118 62.44 -34.47 -27.10
C GLY H 118 63.48 -35.03 -28.07
N ASP H 119 64.46 -35.73 -27.48
CA ASP H 119 65.64 -36.19 -28.22
C ASP H 119 65.26 -37.10 -29.38
N GLY H 120 64.27 -37.97 -29.19
CA GLY H 120 63.88 -38.87 -30.25
C GLY H 120 63.28 -38.15 -31.44
N SER H 121 62.46 -37.12 -31.17
CA SER H 121 61.88 -36.34 -32.26
C SER H 121 62.96 -35.60 -33.04
N LEU H 122 63.97 -35.08 -32.35
CA LEU H 122 65.04 -34.38 -33.04
C LEU H 122 65.88 -35.32 -33.88
N THR H 123 66.17 -36.53 -33.36
CA THR H 123 66.94 -37.49 -34.13
C THR H 123 66.19 -37.91 -35.39
N GLY H 124 64.87 -38.11 -35.29
CA GLY H 124 64.09 -38.43 -36.46
C GLY H 124 64.04 -37.29 -37.46
N ALA H 125 63.94 -36.05 -36.95
CA ALA H 125 63.96 -34.90 -37.85
C ALA H 125 65.29 -34.78 -38.58
N ASN H 126 66.39 -35.07 -37.88
CA ASN H 126 67.70 -34.97 -38.53
C ASN H 126 67.89 -36.06 -39.58
N ILE H 127 67.41 -37.27 -39.29
CA ILE H 127 67.46 -38.33 -40.29
C ILE H 127 66.64 -37.92 -41.51
N PHE H 128 65.48 -37.30 -41.27
CA PHE H 128 64.61 -36.88 -42.37
C PHE H 128 65.28 -35.81 -43.23
N ARG H 129 65.98 -34.87 -42.60
CA ARG H 129 66.74 -33.90 -43.37
C ARG H 129 67.88 -34.59 -44.12
N SER H 130 68.59 -35.51 -43.45
CA SER H 130 69.79 -36.11 -44.03
C SER H 130 69.48 -36.93 -45.27
N GLU H 131 68.27 -37.46 -45.40
CA GLU H 131 67.86 -38.25 -46.55
C GLU H 131 66.73 -37.61 -47.35
N TRP H 132 66.43 -36.33 -47.11
CA TRP H 132 65.43 -35.61 -47.91
C TRP H 132 65.70 -35.75 -49.40
N GLY H 133 66.96 -35.65 -49.81
CA GLY H 133 67.34 -35.83 -51.19
C GLY H 133 66.95 -37.18 -51.76
N SER H 134 67.41 -38.26 -51.14
CA SER H 134 67.08 -39.61 -51.60
C SER H 134 65.57 -39.85 -51.65
N LEU H 135 64.82 -39.23 -50.74
CA LEU H 135 63.37 -39.30 -50.81
C LEU H 135 62.85 -38.57 -52.04
N LEU H 136 63.44 -37.42 -52.39
CA LEU H 136 62.99 -36.70 -53.58
C LEU H 136 63.21 -37.52 -54.85
N GLU H 137 64.36 -38.16 -54.98
CA GLU H 137 64.58 -39.03 -56.13
C GLU H 137 63.65 -40.23 -56.11
N GLU H 138 63.30 -40.73 -54.92
CA GLU H 138 62.33 -41.82 -54.82
C GLU H 138 60.96 -41.37 -55.31
N LEU H 139 60.53 -40.16 -54.92
CA LEU H 139 59.23 -39.68 -55.35
C LEU H 139 59.21 -39.38 -56.84
N VAL H 140 60.32 -38.87 -57.38
CA VAL H 140 60.39 -38.64 -58.82
C VAL H 140 60.37 -39.95 -59.57
N ALA H 141 61.04 -40.98 -59.04
CA ALA H 141 61.14 -42.25 -59.76
C ALA H 141 59.78 -42.92 -59.89
N GLU H 142 58.95 -42.86 -58.86
CA GLU H 142 57.59 -43.40 -58.96
C GLU H 142 56.65 -42.52 -59.78
N GLY H 143 57.10 -41.36 -60.27
CA GLY H 143 56.28 -40.52 -61.12
C GLY H 143 55.29 -39.65 -60.39
N LYS H 144 55.36 -39.56 -59.06
CA LYS H 144 54.39 -38.77 -58.31
C LYS H 144 54.54 -37.28 -58.60
N ILE H 145 55.80 -36.81 -58.71
CA ILE H 145 56.11 -35.39 -58.88
C ILE H 145 57.03 -35.23 -60.07
N SER H 146 57.01 -34.03 -60.64
CA SER H 146 57.88 -33.69 -61.76
C SER H 146 59.26 -33.31 -61.25
N GLU H 147 60.23 -33.30 -62.16
CA GLU H 147 61.61 -32.98 -61.79
C GLU H 147 61.73 -31.53 -61.34
N THR H 148 61.06 -30.61 -62.03
CA THR H 148 61.17 -29.18 -61.71
C THR H 148 60.70 -28.90 -60.28
N THR H 149 59.65 -29.59 -59.84
CA THR H 149 59.20 -29.44 -58.46
C THR H 149 60.27 -29.91 -57.48
N ALA H 150 60.95 -31.01 -57.82
CA ALA H 150 62.02 -31.51 -56.96
C ALA H 150 63.19 -30.52 -56.88
N ARG H 151 63.54 -29.91 -58.01
CA ARG H 151 64.65 -28.95 -58.00
C ARG H 151 64.30 -27.70 -57.20
N THR H 152 63.03 -27.27 -57.27
CA THR H 152 62.62 -26.09 -56.52
C THR H 152 62.75 -26.30 -55.02
N TYR H 153 62.37 -27.49 -54.54
CA TYR H 153 62.43 -27.86 -53.13
C TYR H 153 63.50 -28.92 -52.91
N SER H 154 64.67 -28.74 -53.51
CA SER H 154 65.74 -29.74 -53.43
C SER H 154 66.33 -29.86 -52.03
N HIS H 155 66.06 -28.91 -51.12
CA HIS H 155 66.65 -28.89 -49.80
C HIS H 155 65.57 -28.63 -48.75
N LEU H 156 65.88 -29.04 -47.52
CA LEU H 156 65.01 -28.87 -46.37
C LEU H 156 65.86 -28.39 -45.20
N ASN H 157 65.30 -27.50 -44.39
CA ASN H 157 66.00 -26.90 -43.25
C ASN H 157 65.18 -27.12 -41.98
N ILE H 158 65.86 -27.53 -40.91
CA ILE H 158 65.23 -27.91 -39.65
C ILE H 158 65.83 -27.06 -38.54
N ALA H 159 64.97 -26.59 -37.64
CA ALA H 159 65.36 -25.91 -36.41
C ALA H 159 64.71 -26.63 -35.24
N GLY H 160 65.50 -26.87 -34.20
CA GLY H 160 65.12 -27.75 -33.11
C GLY H 160 64.79 -26.98 -31.84
N LEU H 161 63.65 -27.32 -31.25
CA LEU H 161 63.23 -26.83 -29.94
C LEU H 161 63.02 -28.01 -29.02
N VAL H 162 63.66 -27.98 -27.85
CA VAL H 162 63.64 -29.08 -26.89
C VAL H 162 62.55 -28.79 -25.87
N GLY H 163 61.44 -29.54 -25.96
CA GLY H 163 60.36 -29.46 -24.99
C GLY H 163 60.23 -30.73 -24.17
N SER H 164 60.69 -30.70 -22.93
CA SER H 164 60.63 -31.87 -22.05
C SER H 164 60.84 -31.42 -20.62
N ILE H 165 59.91 -31.82 -19.73
CA ILE H 165 60.01 -31.41 -18.34
C ILE H 165 61.20 -32.05 -17.63
N ASP H 166 61.79 -33.11 -18.18
CA ASP H 166 62.86 -33.79 -17.50
C ASP H 166 64.14 -32.97 -17.46
N ASN H 167 64.39 -32.17 -18.50
CA ASN H 167 65.69 -31.51 -18.69
C ASN H 167 66.82 -32.53 -18.73
N ASP H 168 66.54 -33.68 -19.34
CA ASP H 168 67.58 -34.67 -19.60
C ASP H 168 68.49 -34.27 -20.74
N PHE H 169 68.08 -33.30 -21.58
CA PHE H 169 68.89 -32.85 -22.70
C PHE H 169 70.18 -32.22 -22.17
N CYS H 170 71.30 -32.58 -22.81
CA CYS H 170 72.62 -32.21 -22.31
C CYS H 170 73.04 -30.82 -22.76
N GLY H 171 72.81 -30.49 -24.04
CA GLY H 171 73.23 -29.19 -24.54
C GLY H 171 72.43 -28.01 -24.03
N THR H 172 71.32 -28.25 -23.34
CA THR H 172 70.44 -27.22 -22.82
C THR H 172 70.46 -27.29 -21.30
N ASP H 173 70.89 -26.19 -20.66
CA ASP H 173 70.88 -26.13 -19.21
C ASP H 173 69.46 -26.06 -18.63
N MET H 174 68.49 -25.63 -19.43
CA MET H 174 67.13 -25.41 -18.96
C MET H 174 66.18 -25.64 -20.13
N THR H 175 65.59 -26.82 -20.19
CA THR H 175 64.66 -27.15 -21.27
C THR H 175 63.29 -26.53 -20.99
N ILE H 176 62.56 -26.28 -22.08
CA ILE H 176 61.23 -25.71 -21.99
C ILE H 176 60.32 -26.63 -21.18
N GLY H 177 59.52 -26.04 -20.30
CA GLY H 177 58.44 -26.72 -19.62
C GLY H 177 58.80 -27.35 -18.29
N THR H 178 60.09 -27.49 -17.97
CA THR H 178 60.46 -28.15 -16.72
C THR H 178 60.18 -27.27 -15.51
N ASP H 179 60.25 -25.94 -15.68
CA ASP H 179 59.91 -25.06 -14.57
C ASP H 179 58.44 -25.20 -14.19
N SER H 180 57.58 -25.47 -15.16
CA SER H 180 56.16 -25.67 -14.86
C SER H 180 55.92 -27.00 -14.15
N ALA H 181 56.67 -28.04 -14.53
CA ALA H 181 56.60 -29.29 -13.77
C ALA H 181 57.04 -29.06 -12.34
N LEU H 182 58.07 -28.25 -12.14
CA LEU H 182 58.49 -27.89 -10.79
C LEU H 182 57.38 -27.14 -10.06
N HIS H 183 56.65 -26.28 -10.78
CA HIS H 183 55.50 -25.59 -10.18
C HIS H 183 54.46 -26.59 -9.69
N ARG H 184 54.13 -27.58 -10.52
CA ARG H 184 53.13 -28.56 -10.14
C ARG H 184 53.61 -29.43 -8.98
N ILE H 185 54.89 -29.81 -8.99
CA ILE H 185 55.43 -30.63 -7.91
C ILE H 185 55.39 -29.86 -6.60
N MET H 186 55.81 -28.60 -6.63
CA MET H 186 55.80 -27.79 -5.42
C MET H 186 54.40 -27.52 -4.92
N GLU H 187 53.44 -27.37 -5.84
CA GLU H 187 52.04 -27.22 -5.44
C GLU H 187 51.56 -28.43 -4.65
N VAL H 188 51.85 -29.63 -5.16
CA VAL H 188 51.41 -30.84 -4.47
C VAL H 188 52.16 -31.01 -3.16
N ILE H 189 53.47 -30.74 -3.15
CA ILE H 189 54.26 -30.92 -1.93
C ILE H 189 53.78 -29.98 -0.84
N ASP H 190 53.53 -28.71 -1.19
CA ASP H 190 53.03 -27.77 -0.20
C ASP H 190 51.63 -28.14 0.27
N ALA H 191 50.85 -28.79 -0.60
CA ALA H 191 49.55 -29.30 -0.16
C ALA H 191 49.72 -30.46 0.82
N ILE H 192 50.71 -31.33 0.58
CA ILE H 192 50.90 -32.49 1.45
C ILE H 192 51.47 -32.09 2.80
N THR H 193 52.30 -31.03 2.83
CA THR H 193 53.04 -30.69 4.05
C THR H 193 52.09 -30.39 5.22
N THR H 194 50.95 -29.76 4.92
CA THR H 194 50.01 -29.41 5.98
C THR H 194 49.43 -30.66 6.64
N THR H 195 48.92 -31.61 5.83
CA THR H 195 48.36 -32.83 6.41
C THR H 195 49.44 -33.68 7.06
N ALA H 196 50.66 -33.67 6.52
CA ALA H 196 51.74 -34.41 7.16
C ALA H 196 52.09 -33.81 8.51
N GLN H 197 52.18 -32.48 8.60
CA GLN H 197 52.41 -31.83 9.88
C GLN H 197 51.27 -32.10 10.85
N SER H 198 50.04 -32.23 10.34
CA SER H 198 48.91 -32.53 11.21
C SER H 198 49.08 -33.90 11.87
N HIS H 199 49.27 -34.94 11.06
CA HIS H 199 49.26 -36.32 11.55
C HIS H 199 50.65 -36.84 11.91
N GLN H 200 51.71 -36.04 11.78
CA GLN H 200 53.06 -36.45 12.15
C GLN H 200 53.50 -37.69 11.38
N ARG H 201 53.16 -37.73 10.09
CA ARG H 201 53.45 -38.85 9.23
C ARG H 201 54.69 -38.59 8.39
N THR H 202 55.23 -39.68 7.85
CA THR H 202 56.33 -39.65 6.89
C THR H 202 55.76 -40.01 5.53
N PHE H 203 56.11 -39.22 4.51
CA PHE H 203 55.54 -39.36 3.18
C PHE H 203 56.63 -39.75 2.19
N VAL H 204 56.30 -40.68 1.30
CA VAL H 204 57.17 -41.17 0.24
C VAL H 204 56.60 -40.66 -1.07
N LEU H 205 57.33 -39.75 -1.72
CA LEU H 205 56.85 -39.03 -2.89
C LEU H 205 57.57 -39.55 -4.13
N GLU H 206 56.79 -39.87 -5.15
CA GLU H 206 57.30 -40.40 -6.43
C GLU H 206 57.05 -39.35 -7.51
N VAL H 207 58.10 -38.63 -7.87
CA VAL H 207 58.01 -37.58 -8.87
C VAL H 207 58.47 -38.14 -10.21
N MET H 208 58.25 -37.37 -11.27
CA MET H 208 58.62 -37.79 -12.62
C MET H 208 60.10 -37.56 -12.85
N GLY H 209 60.56 -37.83 -14.08
CA GLY H 209 61.96 -37.89 -14.42
C GLY H 209 62.25 -39.29 -14.94
N ARG H 210 62.25 -39.43 -16.27
CA ARG H 210 62.26 -40.76 -16.89
C ARG H 210 63.48 -41.57 -16.47
N HIS H 211 64.67 -41.00 -16.66
CA HIS H 211 65.92 -41.59 -16.17
C HIS H 211 66.81 -40.55 -15.50
N CYS H 212 66.28 -39.35 -15.18
CA CYS H 212 67.04 -38.26 -14.59
C CYS H 212 66.34 -37.81 -13.32
N GLY H 213 67.14 -37.40 -12.33
CA GLY H 213 66.64 -36.97 -11.04
C GLY H 213 66.69 -35.46 -10.86
N TYR H 214 66.69 -34.70 -11.96
CA TYR H 214 66.76 -33.25 -11.84
C TYR H 214 65.52 -32.68 -11.16
N LEU H 215 64.34 -33.15 -11.58
CA LEU H 215 63.11 -32.71 -10.93
C LEU H 215 63.08 -33.10 -9.46
N ALA H 216 63.48 -34.34 -9.16
CA ALA H 216 63.49 -34.81 -7.78
C ALA H 216 64.52 -34.05 -6.95
N LEU H 217 65.71 -33.80 -7.52
CA LEU H 217 66.76 -33.11 -6.77
C LEU H 217 66.34 -31.68 -6.46
N VAL H 218 65.83 -30.95 -7.46
CA VAL H 218 65.41 -29.57 -7.25
C VAL H 218 64.29 -29.50 -6.23
N SER H 219 63.30 -30.39 -6.35
CA SER H 219 62.17 -30.37 -5.43
C SER H 219 62.61 -30.70 -4.01
N ALA H 220 63.54 -31.64 -3.86
CA ALA H 220 64.04 -31.97 -2.54
C ALA H 220 64.82 -30.80 -1.94
N LEU H 221 65.59 -30.10 -2.75
CA LEU H 221 66.28 -28.91 -2.27
C LEU H 221 65.29 -27.80 -1.93
N ALA H 222 64.23 -27.68 -2.73
CA ALA H 222 63.22 -26.64 -2.56
C ALA H 222 62.09 -27.03 -1.61
N SER H 223 62.21 -28.16 -0.91
CA SER H 223 61.19 -28.61 0.04
C SER H 223 61.75 -29.06 1.37
N GLY H 224 63.06 -28.95 1.60
CA GLY H 224 63.64 -29.42 2.84
C GLY H 224 63.46 -30.92 3.04
N ALA H 225 63.52 -31.69 1.97
CA ALA H 225 63.32 -33.13 2.06
C ALA H 225 64.40 -33.76 2.91
N ASP H 226 64.00 -34.66 3.82
CA ASP H 226 64.94 -35.26 4.74
C ASP H 226 65.81 -36.34 4.10
N TRP H 227 65.43 -36.85 2.95
CA TRP H 227 66.25 -37.84 2.27
C TRP H 227 65.83 -37.90 0.81
N LEU H 228 66.79 -38.18 -0.06
CA LEU H 228 66.60 -38.17 -1.51
C LEU H 228 67.18 -39.43 -2.12
N PHE H 229 66.58 -39.83 -3.25
CA PHE H 229 67.09 -40.89 -4.10
C PHE H 229 67.07 -40.38 -5.53
N ILE H 230 68.21 -40.49 -6.22
CA ILE H 230 68.31 -40.12 -7.64
C ILE H 230 69.17 -41.15 -8.36
N PRO H 231 69.00 -41.28 -9.68
CA PRO H 231 69.88 -42.20 -10.42
C PRO H 231 71.28 -41.68 -10.66
N GLU H 232 71.50 -40.36 -10.62
CA GLU H 232 72.83 -39.82 -10.90
C GLU H 232 73.82 -40.14 -9.78
N ALA H 233 73.34 -40.26 -8.55
CA ALA H 233 74.17 -40.55 -7.37
C ALA H 233 73.45 -41.63 -6.57
N PRO H 234 73.54 -42.89 -6.99
CA PRO H 234 72.80 -43.94 -6.30
C PRO H 234 73.31 -44.11 -4.87
N PRO H 235 72.46 -44.52 -3.93
CA PRO H 235 72.88 -44.57 -2.53
C PRO H 235 73.85 -45.71 -2.27
N GLU H 236 74.77 -45.47 -1.33
CA GLU H 236 75.82 -46.43 -1.03
C GLU H 236 75.25 -47.64 -0.29
N ASP H 237 76.13 -48.63 -0.09
CA ASP H 237 75.73 -49.88 0.55
C ASP H 237 75.35 -49.64 2.01
N GLY H 238 74.44 -50.48 2.51
CA GLY H 238 73.95 -50.33 3.86
C GLY H 238 73.10 -49.10 4.09
N TRP H 239 72.56 -48.50 3.01
CA TRP H 239 71.82 -47.26 3.12
C TRP H 239 70.56 -47.37 3.98
N GLU H 240 70.05 -48.58 4.21
CA GLU H 240 68.88 -48.75 5.06
C GLU H 240 69.17 -48.30 6.49
N ASN H 241 70.35 -48.65 7.01
CA ASN H 241 70.71 -48.23 8.36
C ASN H 241 70.89 -46.72 8.44
N PHE H 242 71.56 -46.12 7.44
CA PHE H 242 71.78 -44.68 7.47
C PHE H 242 70.46 -43.92 7.36
N MET H 243 69.54 -44.42 6.51
CA MET H 243 68.24 -43.77 6.37
C MET H 243 67.47 -43.84 7.68
N CYS H 244 67.46 -45.01 8.33
CA CYS H 244 66.74 -45.15 9.59
C CYS H 244 67.33 -44.25 10.67
N GLU H 245 68.66 -44.15 10.73
CA GLU H 245 69.29 -43.30 11.73
C GLU H 245 68.96 -41.83 11.49
N ARG H 246 68.98 -41.39 10.23
CA ARG H 246 68.68 -39.99 9.94
C ARG H 246 67.23 -39.66 10.27
N LEU H 247 66.29 -40.48 9.78
CA LEU H 247 64.88 -40.19 10.03
C LEU H 247 64.53 -40.27 11.51
N GLY H 248 65.18 -41.17 12.25
CA GLY H 248 64.98 -41.19 13.69
C GLY H 248 65.51 -39.93 14.35
N GLU H 249 66.70 -39.47 13.93
CA GLU H 249 67.27 -38.25 14.49
C GLU H 249 66.40 -37.04 14.17
N THR H 250 65.90 -36.96 12.94
CA THR H 250 65.11 -35.79 12.52
C THR H 250 63.83 -35.69 13.33
N ARG H 251 63.02 -36.75 13.32
CA ARG H 251 61.73 -36.69 14.01
C ARG H 251 61.90 -36.59 15.52
N SER H 252 62.89 -37.29 16.07
CA SER H 252 63.21 -37.11 17.48
C SER H 252 63.61 -35.68 17.80
N ARG H 253 64.24 -35.01 16.84
CA ARG H 253 64.70 -33.64 17.01
C ARG H 253 63.69 -32.70 16.33
N GLY H 254 62.53 -32.57 16.98
CA GLY H 254 61.56 -31.53 16.68
C GLY H 254 60.88 -31.55 15.33
N SER H 255 61.35 -32.33 14.36
CA SER H 255 60.81 -32.31 13.00
C SER H 255 59.51 -33.09 12.99
N ARG H 256 58.39 -32.37 12.97
CA ARG H 256 57.09 -33.03 13.13
C ARG H 256 56.78 -33.97 11.97
N LEU H 257 57.24 -33.63 10.77
CA LEU H 257 57.02 -34.42 9.56
C LEU H 257 58.37 -34.78 8.94
N ASN H 258 58.32 -35.76 8.04
CA ASN H 258 59.45 -36.13 7.20
C ASN H 258 58.96 -36.32 5.77
N ILE H 259 59.78 -35.88 4.81
CA ILE H 259 59.49 -35.98 3.39
C ILE H 259 60.65 -36.72 2.73
N ILE H 260 60.32 -37.69 1.88
CA ILE H 260 61.30 -38.55 1.22
C ILE H 260 60.97 -38.54 -0.26
N ILE H 261 61.75 -37.82 -1.04
CA ILE H 261 61.54 -37.72 -2.48
C ILE H 261 62.25 -38.88 -3.16
N ILE H 262 61.59 -39.48 -4.15
CA ILE H 262 62.13 -40.60 -4.91
C ILE H 262 61.85 -40.35 -6.38
N ALA H 263 62.90 -40.26 -7.19
CA ALA H 263 62.71 -40.26 -8.62
C ALA H 263 62.14 -41.60 -9.06
N GLU H 264 61.30 -41.57 -10.10
CA GLU H 264 60.65 -42.79 -10.57
C GLU H 264 61.65 -43.83 -11.08
N GLY H 265 62.85 -43.40 -11.47
CA GLY H 265 63.91 -44.29 -11.90
C GLY H 265 65.04 -44.43 -10.90
N ALA H 266 64.73 -44.27 -9.62
CA ALA H 266 65.75 -44.43 -8.58
C ALA H 266 66.27 -45.86 -8.58
N ILE H 267 67.59 -45.99 -8.41
CA ILE H 267 68.29 -47.26 -8.53
C ILE H 267 69.35 -47.35 -7.44
N ASP H 268 69.89 -48.55 -7.26
CA ASP H 268 70.89 -48.85 -6.25
C ASP H 268 72.26 -48.95 -6.90
N ARG H 269 73.27 -49.36 -6.10
CA ARG H 269 74.61 -49.58 -6.64
C ARG H 269 74.62 -50.69 -7.67
N ASN H 270 73.73 -51.68 -7.53
CA ASN H 270 73.61 -52.77 -8.49
C ASN H 270 72.70 -52.44 -9.66
N GLY H 271 72.18 -51.20 -9.74
CA GLY H 271 71.27 -50.82 -10.80
C GLY H 271 69.84 -51.31 -10.63
N LYS H 272 69.55 -52.05 -9.56
CA LYS H 272 68.19 -52.53 -9.36
C LYS H 272 67.29 -51.35 -8.96
N PRO H 273 66.06 -51.26 -9.50
CA PRO H 273 65.19 -50.15 -9.09
C PRO H 273 64.79 -50.25 -7.63
N ILE H 274 64.61 -49.09 -7.01
CA ILE H 274 64.02 -48.98 -5.68
C ILE H 274 62.58 -48.55 -5.88
N SER H 275 61.65 -49.38 -5.40
CA SER H 275 60.23 -49.09 -5.52
C SER H 275 59.77 -48.25 -4.34
N SER H 276 58.78 -47.38 -4.59
CA SER H 276 58.20 -46.61 -3.49
C SER H 276 57.56 -47.52 -2.46
N SER H 277 56.97 -48.64 -2.91
CA SER H 277 56.43 -49.62 -1.98
C SER H 277 57.54 -50.21 -1.10
N TYR H 278 58.72 -50.43 -1.67
CA TYR H 278 59.84 -50.93 -0.87
C TYR H 278 60.20 -49.94 0.23
N VAL H 279 60.35 -48.66 -0.12
CA VAL H 279 60.75 -47.66 0.87
C VAL H 279 59.68 -47.54 1.96
N LYS H 280 58.41 -47.62 1.58
CA LYS H 280 57.32 -47.59 2.57
C LYS H 280 57.41 -48.80 3.50
N ASP H 281 57.66 -49.98 2.95
CA ASP H 281 57.72 -51.18 3.80
C ASP H 281 58.92 -51.11 4.74
N LEU H 282 60.05 -50.60 4.26
CA LEU H 282 61.24 -50.55 5.09
C LEU H 282 61.10 -49.54 6.22
N VAL H 283 60.53 -48.36 5.94
CA VAL H 283 60.36 -47.38 7.01
C VAL H 283 59.35 -47.86 8.05
N VAL H 284 58.27 -48.51 7.60
CA VAL H 284 57.27 -49.03 8.53
C VAL H 284 57.88 -50.11 9.40
N GLN H 285 58.61 -51.04 8.78
CA GLN H 285 59.16 -52.17 9.53
C GLN H 285 60.24 -51.73 10.50
N ARG H 286 61.18 -50.92 10.03
CA ARG H 286 62.37 -50.61 10.83
C ARG H 286 62.19 -49.46 11.79
N LEU H 287 61.13 -48.65 11.65
CA LEU H 287 60.88 -47.51 12.53
C LEU H 287 59.44 -47.36 13.00
N GLY H 288 58.47 -47.98 12.34
CA GLY H 288 57.11 -47.97 12.83
C GLY H 288 56.35 -46.67 12.68
N PHE H 289 56.94 -45.66 12.05
CA PHE H 289 56.21 -44.43 11.80
C PHE H 289 55.03 -44.69 10.87
N ASP H 290 53.88 -44.11 11.20
CA ASP H 290 52.77 -44.12 10.25
C ASP H 290 53.18 -43.34 9.01
N THR H 291 52.83 -43.88 7.85
CA THR H 291 53.30 -43.32 6.59
C THR H 291 52.35 -43.72 5.47
N ARG H 292 52.60 -43.12 4.30
CA ARG H 292 51.87 -43.45 3.08
C ARG H 292 52.83 -43.30 1.91
N VAL H 293 52.33 -43.64 0.72
CA VAL H 293 53.03 -43.46 -0.54
C VAL H 293 52.11 -42.68 -1.46
N THR H 294 52.66 -41.68 -2.14
CA THR H 294 51.92 -40.84 -3.06
C THR H 294 52.63 -40.84 -4.41
N VAL H 295 51.85 -41.12 -5.45
CA VAL H 295 52.30 -40.98 -6.84
C VAL H 295 51.60 -39.75 -7.38
N LEU H 296 52.38 -38.69 -7.61
CA LEU H 296 51.84 -37.44 -8.13
C LEU H 296 51.19 -37.64 -9.50
N GLY H 297 51.66 -38.63 -10.26
CA GLY H 297 51.00 -38.97 -11.51
C GLY H 297 51.23 -37.90 -12.56
N HIS H 298 50.30 -37.87 -13.51
CA HIS H 298 50.41 -36.99 -14.67
C HIS H 298 50.00 -35.56 -14.40
N VAL H 299 49.78 -35.18 -13.14
CA VAL H 299 49.53 -33.77 -12.82
C VAL H 299 50.72 -32.90 -13.22
N GLN H 300 51.94 -33.44 -13.10
CA GLN H 300 53.14 -32.68 -13.37
C GLN H 300 53.26 -32.24 -14.83
N ARG H 301 52.61 -32.95 -15.74
CA ARG H 301 52.73 -32.72 -17.17
C ARG H 301 51.71 -31.72 -17.72
N GLY H 302 50.84 -31.17 -16.89
CA GLY H 302 49.78 -30.29 -17.34
C GLY H 302 49.65 -29.06 -16.46
N GLY H 303 48.76 -28.18 -16.88
CA GLY H 303 48.49 -26.92 -16.21
C GLY H 303 49.06 -25.73 -16.96
N THR H 304 48.71 -24.55 -16.47
CA THR H 304 49.09 -23.33 -17.16
C THR H 304 50.61 -23.16 -17.09
N PRO H 305 51.30 -22.84 -18.20
CA PRO H 305 52.76 -22.71 -18.12
C PRO H 305 53.17 -21.51 -17.28
N SER H 306 54.26 -21.67 -16.55
CA SER H 306 54.74 -20.62 -15.68
C SER H 306 55.25 -19.44 -16.52
N ALA H 307 55.55 -18.34 -15.84
CA ALA H 307 55.98 -17.14 -16.55
C ALA H 307 57.31 -17.33 -17.25
N PHE H 308 58.27 -17.95 -16.57
CA PHE H 308 59.56 -18.19 -17.20
C PHE H 308 59.43 -19.11 -18.41
N ASP H 309 58.50 -20.06 -18.36
CA ASP H 309 58.34 -20.97 -19.49
C ASP H 309 57.69 -20.28 -20.67
N ARG H 310 56.72 -19.39 -20.42
CA ARG H 310 56.13 -18.62 -21.51
C ARG H 310 57.16 -17.69 -22.15
N ILE H 311 57.97 -17.02 -21.32
CA ILE H 311 59.02 -16.14 -21.83
C ILE H 311 60.04 -16.96 -22.62
N LEU H 312 60.43 -18.13 -22.08
CA LEU H 312 61.42 -18.95 -22.75
C LEU H 312 60.89 -19.48 -24.06
N SER H 313 59.61 -19.86 -24.10
CA SER H 313 59.01 -20.34 -25.33
C SER H 313 58.99 -19.24 -26.39
N SER H 314 58.73 -18.00 -25.97
CA SER H 314 58.73 -16.89 -26.91
C SER H 314 60.12 -16.64 -27.48
N LYS H 315 61.13 -16.60 -26.61
CA LYS H 315 62.49 -16.35 -27.07
C LYS H 315 63.02 -17.48 -27.94
N MET H 316 62.77 -18.72 -27.53
CA MET H 316 63.29 -19.85 -28.29
C MET H 316 62.58 -19.98 -29.62
N GLY H 317 61.29 -19.65 -29.68
CA GLY H 317 60.58 -19.68 -30.94
C GLY H 317 61.07 -18.62 -31.90
N MET H 318 61.34 -17.41 -31.39
CA MET H 318 61.97 -16.38 -32.22
C MET H 318 63.31 -16.85 -32.76
N GLU H 319 64.12 -17.48 -31.90
CA GLU H 319 65.43 -17.95 -32.33
C GLU H 319 65.31 -19.06 -33.36
N ALA H 320 64.30 -19.92 -33.21
CA ALA H 320 64.12 -21.02 -34.15
C ALA H 320 63.76 -20.52 -35.54
N VAL H 321 62.85 -19.53 -35.62
CA VAL H 321 62.50 -18.94 -36.91
C VAL H 321 63.71 -18.24 -37.51
N MET H 322 64.48 -17.56 -36.67
CA MET H 322 65.71 -16.91 -37.15
C MET H 322 66.68 -17.95 -37.70
N ALA H 323 66.80 -19.10 -37.02
CA ALA H 323 67.71 -20.14 -37.47
C ALA H 323 67.28 -20.70 -38.82
N LEU H 324 65.99 -20.96 -39.00
CA LEU H 324 65.50 -21.51 -40.27
C LEU H 324 65.76 -20.53 -41.41
N LEU H 325 65.51 -19.24 -41.18
CA LEU H 325 65.71 -18.27 -42.25
C LEU H 325 67.17 -18.13 -42.63
N GLU H 326 68.06 -18.11 -41.64
CA GLU H 326 69.48 -17.91 -41.87
C GLU H 326 70.26 -19.20 -42.08
N ALA H 327 69.58 -20.33 -42.28
CA ALA H 327 70.24 -21.61 -42.51
C ALA H 327 70.51 -21.79 -44.01
N THR H 328 71.40 -22.73 -44.30
CA THR H 328 71.74 -23.12 -45.66
C THR H 328 71.82 -24.64 -45.68
N PRO H 329 71.68 -25.27 -46.87
CA PRO H 329 71.68 -26.74 -46.89
C PRO H 329 73.00 -27.36 -46.46
N ASP H 330 74.12 -26.68 -46.69
CA ASP H 330 75.39 -27.16 -46.16
C ASP H 330 75.46 -27.05 -44.64
N THR H 331 74.67 -26.15 -44.04
CA THR H 331 74.71 -25.99 -42.59
C THR H 331 74.08 -27.21 -41.92
N PRO H 332 74.70 -27.78 -40.87
CA PRO H 332 74.09 -28.94 -40.22
C PRO H 332 72.89 -28.54 -39.38
N ALA H 333 72.10 -29.55 -39.01
CA ALA H 333 70.94 -29.33 -38.16
C ALA H 333 71.38 -28.77 -36.80
N CYS H 334 70.64 -27.77 -36.33
CA CYS H 334 70.97 -27.03 -35.12
C CYS H 334 69.82 -27.07 -34.14
N VAL H 335 70.13 -26.75 -32.88
CA VAL H 335 69.17 -26.67 -31.80
C VAL H 335 69.38 -25.35 -31.07
N VAL H 336 68.31 -24.82 -30.47
CA VAL H 336 68.33 -23.59 -29.71
C VAL H 336 68.18 -23.94 -28.24
N THR H 337 69.12 -23.47 -27.41
CA THR H 337 69.29 -23.94 -26.05
C THR H 337 69.60 -22.74 -25.16
N LEU H 338 70.02 -23.02 -23.92
CA LEU H 338 70.38 -22.03 -22.93
C LEU H 338 71.85 -22.19 -22.57
N SER H 339 72.60 -21.09 -22.64
CA SER H 339 73.94 -21.02 -22.07
C SER H 339 74.04 -19.70 -21.33
N GLY H 340 74.56 -19.77 -20.11
CA GLY H 340 74.49 -18.62 -19.24
C GLY H 340 73.06 -18.22 -18.98
N ASN H 341 72.63 -17.11 -19.58
CA ASN H 341 71.23 -16.72 -19.61
C ASN H 341 70.92 -16.03 -20.93
N GLN H 342 71.41 -16.61 -22.03
CA GLN H 342 71.21 -16.06 -23.36
C GLN H 342 70.94 -17.20 -24.34
N SER H 343 70.38 -16.85 -25.48
CA SER H 343 69.93 -17.81 -26.48
C SER H 343 71.11 -18.13 -27.41
N VAL H 344 71.77 -19.25 -27.15
CA VAL H 344 72.86 -19.72 -27.98
C VAL H 344 72.32 -20.74 -28.98
N ARG H 345 73.17 -21.13 -29.93
CA ARG H 345 72.81 -22.06 -31.00
C ARG H 345 73.88 -23.12 -31.10
N LEU H 346 73.47 -24.38 -31.03
CA LEU H 346 74.35 -25.54 -30.96
C LEU H 346 73.98 -26.54 -32.04
N PRO H 347 74.90 -27.43 -32.42
CA PRO H 347 74.56 -28.45 -33.42
C PRO H 347 73.85 -29.63 -32.78
N LEU H 348 72.91 -30.20 -33.55
CA LEU H 348 72.01 -31.20 -32.97
C LEU H 348 72.74 -32.49 -32.64
N MET H 349 73.51 -33.04 -33.59
CA MET H 349 74.11 -34.36 -33.40
C MET H 349 75.09 -34.36 -32.24
N GLU H 350 75.74 -33.24 -31.96
CA GLU H 350 76.65 -33.17 -30.83
C GLU H 350 75.91 -33.40 -29.53
N CYS H 351 74.81 -32.67 -29.31
CA CYS H 351 74.04 -32.82 -28.08
C CYS H 351 73.39 -34.19 -28.00
N VAL H 352 72.92 -34.72 -29.13
CA VAL H 352 72.34 -36.07 -29.15
C VAL H 352 73.37 -37.09 -28.71
N GLN H 353 74.59 -36.98 -29.24
CA GLN H 353 75.64 -37.94 -28.88
C GLN H 353 76.03 -37.79 -27.42
N MET H 354 76.08 -36.56 -26.90
CA MET H 354 76.40 -36.37 -25.48
C MET H 354 75.35 -37.00 -24.58
N THR H 355 74.07 -36.85 -24.93
CA THR H 355 73.01 -37.47 -24.14
C THR H 355 73.11 -38.98 -24.18
N LYS H 356 73.36 -39.55 -25.36
CA LYS H 356 73.47 -41.01 -25.48
C LYS H 356 74.69 -41.52 -24.75
N GLU H 357 75.79 -40.77 -24.76
CA GLU H 357 76.98 -41.17 -24.01
C GLU H 357 76.71 -41.16 -22.51
N VAL H 358 75.99 -40.14 -22.02
CA VAL H 358 75.65 -40.07 -20.60
C VAL H 358 74.74 -41.24 -20.22
N GLN H 359 73.77 -41.56 -21.07
CA GLN H 359 72.88 -42.68 -20.79
C GLN H 359 73.65 -44.00 -20.76
N LYS H 360 74.59 -44.18 -21.70
CA LYS H 360 75.37 -45.40 -21.72
C LYS H 360 76.25 -45.51 -20.49
N ALA H 361 76.93 -44.41 -20.13
CA ALA H 361 77.80 -44.42 -18.96
C ALA H 361 77.02 -44.70 -17.68
N MET H 362 75.81 -44.14 -17.56
CA MET H 362 74.95 -44.46 -16.43
C MET H 362 74.60 -45.94 -16.41
N ASP H 363 74.26 -46.50 -17.58
CA ASP H 363 73.94 -47.92 -17.64
C ASP H 363 75.15 -48.78 -17.32
N ASP H 364 76.34 -48.34 -17.72
CA ASP H 364 77.56 -49.09 -17.50
C ASP H 364 78.14 -48.93 -16.09
N LYS H 365 77.40 -48.33 -15.15
CA LYS H 365 77.81 -48.10 -13.77
C LYS H 365 78.99 -47.13 -13.64
N ARG H 366 79.33 -46.40 -14.71
CA ARG H 366 80.37 -45.38 -14.65
C ARG H 366 79.74 -44.07 -14.15
N PHE H 367 79.44 -44.06 -12.85
CA PHE H 367 78.68 -42.96 -12.27
C PHE H 367 79.49 -41.66 -12.30
N ASP H 368 80.78 -41.73 -11.98
CA ASP H 368 81.60 -40.53 -11.93
C ASP H 368 81.76 -39.92 -13.31
N GLU H 369 81.91 -40.75 -14.34
CA GLU H 369 82.07 -40.24 -15.70
C GLU H 369 80.78 -39.57 -16.18
N ALA H 370 79.63 -40.19 -15.90
CA ALA H 370 78.36 -39.61 -16.31
C ALA H 370 78.10 -38.29 -15.59
N THR H 371 78.43 -38.23 -14.29
CA THR H 371 78.26 -36.99 -13.55
C THR H 371 79.16 -35.88 -14.11
N GLN H 372 80.41 -36.22 -14.39
CA GLN H 372 81.32 -35.23 -14.99
C GLN H 372 80.84 -34.79 -16.37
N LEU H 373 80.12 -35.65 -17.08
CA LEU H 373 79.64 -35.30 -18.41
C LEU H 373 78.43 -34.37 -18.37
N ARG H 374 77.55 -34.55 -17.38
CA ARG H 374 76.34 -33.74 -17.31
C ARG H 374 76.66 -32.27 -17.08
N GLY H 375 77.49 -31.99 -16.08
CA GLY H 375 77.85 -30.62 -15.73
C GLY H 375 78.07 -30.45 -14.25
N GLY H 376 79.06 -29.65 -13.87
CA GLY H 376 79.40 -29.48 -12.47
C GLY H 376 78.34 -28.80 -11.64
N SER H 377 77.41 -28.07 -12.28
CA SER H 377 76.34 -27.42 -11.53
C SER H 377 75.49 -28.44 -10.80
N PHE H 378 75.18 -29.56 -11.45
CA PHE H 378 74.39 -30.62 -10.81
C PHE H 378 75.11 -31.16 -9.57
N GLU H 379 76.39 -31.49 -9.71
CA GLU H 379 77.15 -32.06 -8.61
C GLU H 379 77.24 -31.09 -7.44
N ASN H 380 77.48 -29.80 -7.73
CA ASN H 380 77.58 -28.81 -6.67
C ASN H 380 76.24 -28.64 -5.96
N ASN H 381 75.14 -28.64 -6.72
CA ASN H 381 73.82 -28.52 -6.10
C ASN H 381 73.51 -29.71 -5.21
N TRP H 382 73.84 -30.92 -5.67
CA TRP H 382 73.61 -32.12 -4.86
C TRP H 382 74.47 -32.12 -3.60
N ASN H 383 75.70 -31.63 -3.71
CA ASN H 383 76.54 -31.45 -2.52
C ASN H 383 75.91 -30.44 -1.57
N ILE H 384 75.35 -29.35 -2.12
CA ILE H 384 74.71 -28.33 -1.29
C ILE H 384 73.50 -28.93 -0.58
N TYR H 385 72.70 -29.71 -1.31
CA TYR H 385 71.50 -30.29 -0.71
C TYR H 385 71.86 -31.24 0.43
N LYS H 386 72.86 -32.10 0.23
CA LYS H 386 73.27 -33.00 1.29
C LYS H 386 73.82 -32.25 2.49
N LEU H 387 74.50 -31.13 2.25
CA LEU H 387 75.04 -30.33 3.35
C LEU H 387 73.91 -29.73 4.19
N LEU H 388 72.90 -29.16 3.54
CA LEU H 388 71.84 -28.45 4.25
C LEU H 388 70.72 -29.35 4.75
N ALA H 389 70.65 -30.60 4.30
CA ALA H 389 69.52 -31.45 4.66
C ALA H 389 69.53 -31.78 6.15
N HIS H 390 70.70 -32.10 6.70
CA HIS H 390 70.84 -32.48 8.10
C HIS H 390 72.07 -31.80 8.69
N GLN H 391 72.02 -31.56 10.00
CA GLN H 391 73.09 -30.85 10.70
C GLN H 391 74.23 -31.81 10.96
N LYS H 392 75.26 -31.75 10.12
CA LYS H 392 76.48 -32.48 10.42
C LYS H 392 77.14 -31.86 11.66
N PRO H 393 77.72 -32.66 12.56
CA PRO H 393 78.26 -32.10 13.81
C PRO H 393 79.47 -31.21 13.54
N PRO H 394 79.37 -29.88 13.71
CA PRO H 394 80.53 -29.03 13.39
C PRO H 394 81.60 -29.15 14.46
N LYS H 395 82.83 -28.81 14.06
CA LYS H 395 84.01 -28.90 14.92
C LYS H 395 84.92 -27.68 14.87
N GLU H 396 84.78 -26.81 13.87
CA GLU H 396 85.70 -25.69 13.73
C GLU H 396 85.56 -24.72 14.91
N LYS H 397 84.34 -24.21 15.13
CA LYS H 397 84.05 -23.26 16.20
C LYS H 397 84.96 -22.05 16.13
N SER H 398 85.02 -21.45 14.94
CA SER H 398 85.85 -20.27 14.74
C SER H 398 85.32 -19.11 15.57
N ASN H 399 86.16 -18.07 15.70
CA ASN H 399 85.81 -16.88 16.46
C ASN H 399 85.04 -15.85 15.63
N PHE H 400 84.75 -16.14 14.37
CA PHE H 400 84.05 -15.16 13.52
C PHE H 400 82.58 -15.07 13.92
N SER H 401 82.05 -13.86 13.83
CA SER H 401 80.66 -13.55 14.14
C SER H 401 80.01 -12.87 12.93
N LEU H 402 78.88 -13.42 12.50
CA LEU H 402 78.17 -12.97 11.30
C LEU H 402 76.78 -12.48 11.66
N ALA H 403 76.32 -11.48 10.91
CA ALA H 403 74.98 -10.92 11.02
C ALA H 403 74.34 -10.90 9.65
N ILE H 404 73.04 -11.19 9.61
CA ILE H 404 72.25 -11.20 8.38
C ILE H 404 71.09 -10.22 8.56
N LEU H 405 70.86 -9.42 7.52
CA LEU H 405 69.82 -8.40 7.52
C LEU H 405 68.89 -8.59 6.33
N ASN H 406 67.68 -8.06 6.48
CA ASN H 406 66.72 -7.93 5.39
C ASN H 406 66.43 -6.45 5.19
N VAL H 407 66.73 -5.95 3.99
CA VAL H 407 66.69 -4.53 3.68
C VAL H 407 65.92 -4.35 2.37
N GLY H 408 65.18 -3.25 2.29
CA GLY H 408 64.35 -2.98 1.13
C GLY H 408 62.97 -3.55 1.30
N ALA H 409 62.20 -3.52 0.21
CA ALA H 409 60.87 -4.10 0.23
C ALA H 409 60.99 -5.62 0.35
N PRO H 410 60.03 -6.28 1.00
CA PRO H 410 60.12 -7.74 1.13
C PRO H 410 59.94 -8.42 -0.22
N ALA H 411 60.74 -9.46 -0.45
CA ALA H 411 60.75 -10.21 -1.70
C ALA H 411 60.56 -11.68 -1.40
N ALA H 412 59.79 -12.35 -2.25
CA ALA H 412 59.45 -13.76 -2.05
C ALA H 412 60.69 -14.61 -2.26
N GLY H 413 61.33 -15.02 -1.16
CA GLY H 413 62.54 -15.83 -1.22
C GLY H 413 63.59 -15.44 -0.20
N MET H 414 63.43 -14.27 0.44
CA MET H 414 64.39 -13.83 1.46
C MET H 414 64.46 -14.81 2.62
N ASN H 415 63.34 -15.44 2.96
CA ASN H 415 63.33 -16.40 4.05
C ASN H 415 64.17 -17.64 3.73
N ALA H 416 64.10 -18.11 2.48
CA ALA H 416 64.88 -19.29 2.09
C ALA H 416 66.37 -18.97 2.12
N ALA H 417 66.76 -17.79 1.62
CA ALA H 417 68.17 -17.41 1.64
C ALA H 417 68.67 -17.25 3.07
N VAL H 418 67.83 -16.71 3.96
CA VAL H 418 68.21 -16.57 5.36
C VAL H 418 68.43 -17.94 5.98
N ARG H 419 67.55 -18.90 5.66
CA ARG H 419 67.69 -20.26 6.20
C ARG H 419 68.98 -20.90 5.74
N SER H 420 69.27 -20.82 4.44
CA SER H 420 70.48 -21.43 3.91
C SER H 420 71.73 -20.79 4.51
N ALA H 421 71.72 -19.46 4.66
CA ALA H 421 72.88 -18.77 5.20
C ALA H 421 73.10 -19.13 6.67
N VAL H 422 72.03 -19.19 7.45
CA VAL H 422 72.17 -19.48 8.88
C VAL H 422 72.68 -20.90 9.09
N ARG H 423 72.11 -21.87 8.37
CA ARG H 423 72.52 -23.26 8.55
C ARG H 423 73.95 -23.48 8.08
N THR H 424 74.33 -22.87 6.95
CA THR H 424 75.71 -23.01 6.49
C THR H 424 76.69 -22.36 7.47
N GLY H 425 76.31 -21.21 8.04
CA GLY H 425 77.17 -20.57 9.02
C GLY H 425 77.33 -21.39 10.28
N ILE H 426 76.25 -22.00 10.76
CA ILE H 426 76.35 -22.88 11.91
C ILE H 426 77.24 -24.09 11.59
N SER H 427 77.16 -24.58 10.36
CA SER H 427 77.99 -25.72 9.96
C SER H 427 79.46 -25.37 10.00
N HIS H 428 79.82 -24.16 9.57
CA HIS H 428 81.21 -23.70 9.57
C HIS H 428 81.66 -23.19 10.94
N GLY H 429 80.85 -23.34 11.99
CA GLY H 429 81.30 -23.02 13.33
C GLY H 429 81.33 -21.54 13.68
N HIS H 430 80.67 -20.70 12.89
CA HIS H 430 80.59 -19.28 13.18
C HIS H 430 79.31 -18.98 13.97
N THR H 431 79.40 -18.02 14.89
CA THR H 431 78.21 -17.52 15.57
C THR H 431 77.47 -16.60 14.60
N VAL H 432 76.21 -16.92 14.33
CA VAL H 432 75.40 -16.24 13.31
C VAL H 432 74.29 -15.49 14.02
N TYR H 433 74.08 -14.23 13.61
CA TYR H 433 73.03 -13.39 14.13
C TYR H 433 72.09 -13.00 13.01
N VAL H 434 70.85 -12.69 13.39
CA VAL H 434 69.85 -12.15 12.51
C VAL H 434 69.28 -10.91 13.18
N VAL H 435 69.06 -9.86 12.40
CA VAL H 435 68.59 -8.57 12.90
C VAL H 435 67.17 -8.35 12.40
N HIS H 436 66.30 -7.94 13.32
CA HIS H 436 64.93 -7.61 12.95
C HIS H 436 64.90 -6.20 12.38
N ASP H 437 64.05 -5.99 11.38
CA ASP H 437 63.80 -4.68 10.78
C ASP H 437 65.03 -4.07 10.12
N GLY H 438 66.04 -4.88 9.78
CA GLY H 438 67.16 -4.39 9.00
C GLY H 438 68.05 -3.41 9.74
N PHE H 439 68.60 -2.45 8.99
CA PHE H 439 69.56 -1.49 9.55
C PHE H 439 68.94 -0.67 10.68
N GLU H 440 67.66 -0.33 10.56
CA GLU H 440 66.99 0.42 11.62
C GLU H 440 66.99 -0.35 12.93
N GLY H 441 66.72 -1.65 12.86
CA GLY H 441 66.81 -2.46 14.06
C GLY H 441 68.23 -2.56 14.59
N LEU H 442 69.20 -2.75 13.68
CA LEU H 442 70.60 -2.85 14.09
C LEU H 442 71.05 -1.62 14.87
N ALA H 443 70.59 -0.45 14.46
CA ALA H 443 70.80 0.75 15.26
C ALA H 443 70.13 0.62 16.62
N LYS H 444 68.91 0.11 16.65
CA LYS H 444 68.19 -0.14 17.90
C LYS H 444 68.57 -1.47 18.56
N GLY H 445 69.66 -2.11 18.13
CA GLY H 445 70.01 -3.42 18.61
C GLY H 445 69.18 -4.48 17.92
N GLN H 446 68.30 -5.14 18.68
CA GLN H 446 67.38 -6.16 18.15
C GLN H 446 68.13 -7.26 17.40
N VAL H 447 69.35 -7.55 17.82
CA VAL H 447 70.21 -8.57 17.23
C VAL H 447 70.18 -9.78 18.15
N GLN H 448 69.92 -10.95 17.59
CA GLN H 448 69.85 -12.19 18.35
C GLN H 448 70.61 -13.29 17.63
N GLU H 449 71.33 -14.10 18.40
CA GLU H 449 71.90 -15.32 17.86
C GLU H 449 70.78 -16.31 17.54
N VAL H 450 71.03 -17.14 16.53
CA VAL H 450 70.03 -18.06 15.98
C VAL H 450 70.66 -19.45 15.93
N GLY H 451 69.88 -20.45 16.40
CA GLY H 451 70.27 -21.83 16.28
C GLY H 451 69.68 -22.47 15.04
N TRP H 452 70.09 -23.72 14.81
CA TRP H 452 69.61 -24.45 13.64
C TRP H 452 68.09 -24.65 13.70
N HIS H 453 67.56 -24.98 14.87
CA HIS H 453 66.13 -25.29 14.98
C HIS H 453 65.27 -24.07 14.75
N ASP H 454 65.78 -22.89 15.04
CA ASP H 454 64.97 -21.67 15.00
C ASP H 454 64.57 -21.25 13.59
N VAL H 455 65.16 -21.84 12.55
CA VAL H 455 64.98 -21.41 11.16
C VAL H 455 64.37 -22.52 10.29
N ALA H 456 63.87 -23.60 10.89
CA ALA H 456 63.28 -24.68 10.10
C ALA H 456 61.93 -24.26 9.54
N GLY H 457 61.63 -24.76 8.34
CA GLY H 457 60.35 -24.51 7.70
C GLY H 457 60.22 -23.17 7.00
N TRP H 458 61.20 -22.28 7.14
CA TRP H 458 61.13 -20.97 6.51
C TRP H 458 61.22 -21.03 4.99
N LEU H 459 61.71 -22.14 4.43
CA LEU H 459 61.99 -22.21 3.01
C LEU H 459 60.74 -21.98 2.16
N GLY H 460 59.56 -22.32 2.68
CA GLY H 460 58.32 -22.22 1.94
C GLY H 460 57.42 -21.07 2.31
N ARG H 461 57.98 -20.01 2.90
CA ARG H 461 57.23 -18.84 3.33
C ARG H 461 57.67 -17.64 2.50
N GLY H 462 56.70 -16.98 1.86
CA GLY H 462 56.97 -15.74 1.17
C GLY H 462 57.15 -14.59 2.14
N GLY H 463 57.37 -13.41 1.57
CA GLY H 463 57.64 -12.24 2.37
C GLY H 463 58.92 -12.40 3.17
N SER H 464 58.94 -11.80 4.36
CA SER H 464 60.07 -11.86 5.28
C SER H 464 59.58 -12.14 6.69
N MET H 465 60.30 -13.03 7.38
CA MET H 465 60.06 -13.29 8.79
C MET H 465 60.81 -12.32 9.69
N LEU H 466 61.95 -11.80 9.24
CA LEU H 466 62.74 -10.90 10.07
C LEU H 466 62.14 -9.50 10.12
N GLY H 467 61.58 -9.05 8.99
CA GLY H 467 61.12 -7.68 8.86
C GLY H 467 62.17 -6.83 8.18
N THR H 468 61.76 -6.12 7.13
CA THR H 468 62.63 -5.31 6.30
C THR H 468 62.13 -3.89 6.28
N LYS H 469 63.07 -2.93 6.34
CA LYS H 469 62.77 -1.51 6.35
C LYS H 469 63.65 -0.81 5.32
N ARG H 470 63.07 0.21 4.69
CA ARG H 470 63.76 0.98 3.67
C ARG H 470 64.80 1.95 4.24
N THR H 471 64.90 2.05 5.57
CA THR H 471 65.79 3.00 6.22
C THR H 471 67.24 2.74 5.83
N LEU H 472 67.96 3.83 5.54
CA LEU H 472 69.38 3.79 5.22
C LEU H 472 70.21 4.00 6.48
N PRO H 473 71.46 3.55 6.49
CA PRO H 473 72.20 3.49 7.77
C PRO H 473 72.85 4.79 8.20
N LYS H 474 73.12 5.72 7.29
CA LYS H 474 73.87 6.92 7.64
C LYS H 474 73.14 7.80 8.66
N GLY H 475 71.81 7.68 8.75
CA GLY H 475 71.08 8.42 9.76
C GLY H 475 71.25 7.90 11.17
N GLN H 476 71.74 6.67 11.33
CA GLN H 476 71.90 6.03 12.63
C GLN H 476 73.21 5.25 12.70
N LEU H 477 74.25 5.78 12.05
CA LEU H 477 75.54 5.08 12.03
C LEU H 477 76.12 4.95 13.44
N GLU H 478 75.92 5.96 14.29
CA GLU H 478 76.51 5.94 15.62
C GLU H 478 75.93 4.80 16.45
N SER H 479 74.60 4.66 16.45
CA SER H 479 73.99 3.55 17.18
C SER H 479 74.35 2.21 16.55
N ILE H 480 74.52 2.18 15.23
CA ILE H 480 74.97 0.95 14.55
C ILE H 480 76.35 0.56 15.05
N VAL H 481 77.27 1.54 15.14
CA VAL H 481 78.62 1.25 15.60
C VAL H 481 78.61 0.79 17.05
N GLU H 482 77.75 1.40 17.88
CA GLU H 482 77.67 1.02 19.28
C GLU H 482 77.22 -0.43 19.43
N ASN H 483 76.16 -0.81 18.71
CA ASN H 483 75.68 -2.19 18.81
C ASN H 483 76.66 -3.18 18.21
N ILE H 484 77.36 -2.79 17.13
CA ILE H 484 78.35 -3.67 16.52
C ILE H 484 79.44 -4.01 17.53
N ARG H 485 79.92 -3.00 18.26
CA ARG H 485 80.95 -3.25 19.27
C ARG H 485 80.41 -4.06 20.43
N ILE H 486 79.16 -3.83 20.81
CA ILE H 486 78.57 -4.55 21.95
C ILE H 486 78.47 -6.04 21.63
N TYR H 487 77.94 -6.38 20.45
CA TYR H 487 77.69 -7.76 20.06
C TYR H 487 78.87 -8.41 19.34
N GLY H 488 79.93 -7.66 19.05
CA GLY H 488 81.11 -8.25 18.43
C GLY H 488 80.86 -8.82 17.04
N ILE H 489 79.99 -8.17 16.26
CA ILE H 489 79.71 -8.65 14.91
C ILE H 489 80.93 -8.41 14.04
N HIS H 490 81.36 -9.45 13.33
CA HIS H 490 82.57 -9.43 12.52
C HIS H 490 82.30 -9.56 11.02
N ALA H 491 81.05 -9.67 10.59
CA ALA H 491 80.75 -9.68 9.17
C ALA H 491 79.26 -9.45 8.97
N LEU H 492 78.90 -8.71 7.92
CA LEU H 492 77.53 -8.43 7.57
C LEU H 492 77.19 -9.14 6.26
N LEU H 493 76.00 -9.74 6.20
CA LEU H 493 75.45 -10.32 4.97
C LEU H 493 74.06 -9.72 4.79
N VAL H 494 73.99 -8.59 4.09
CA VAL H 494 72.75 -7.85 3.92
C VAL H 494 72.08 -8.35 2.65
N VAL H 495 71.06 -9.19 2.81
CA VAL H 495 70.25 -9.65 1.68
C VAL H 495 69.08 -8.69 1.53
N GLY H 496 68.86 -8.22 0.31
CA GLY H 496 67.84 -7.20 0.10
C GLY H 496 67.93 -6.61 -1.29
N GLY H 497 67.36 -5.43 -1.44
CA GLY H 497 67.23 -4.75 -2.71
C GLY H 497 68.21 -3.60 -2.87
N PHE H 498 67.77 -2.56 -3.58
CA PHE H 498 68.63 -1.40 -3.83
C PHE H 498 68.99 -0.69 -2.54
N GLU H 499 68.08 -0.69 -1.56
CA GLU H 499 68.38 -0.04 -0.28
C GLU H 499 69.56 -0.72 0.42
N ALA H 500 69.70 -2.03 0.25
CA ALA H 500 70.84 -2.74 0.82
C ALA H 500 72.14 -2.29 0.18
N TYR H 501 72.17 -2.18 -1.15
CA TYR H 501 73.36 -1.75 -1.85
C TYR H 501 73.74 -0.33 -1.44
N GLU H 502 72.76 0.56 -1.36
CA GLU H 502 73.03 1.94 -0.96
C GLU H 502 73.57 1.99 0.46
N GLY H 503 72.99 1.19 1.37
CA GLY H 503 73.46 1.20 2.74
C GLY H 503 74.88 0.69 2.87
N VAL H 504 75.19 -0.43 2.20
CA VAL H 504 76.54 -0.98 2.25
C VAL H 504 77.53 -0.01 1.62
N LEU H 505 77.13 0.68 0.56
CA LEU H 505 78.02 1.66 -0.05
C LEU H 505 78.29 2.83 0.90
N GLN H 506 77.25 3.29 1.61
CA GLN H 506 77.45 4.35 2.58
C GLN H 506 78.35 3.91 3.72
N LEU H 507 78.19 2.67 4.19
CA LEU H 507 79.04 2.17 5.27
C LEU H 507 80.49 2.06 4.83
N VAL H 508 80.73 1.61 3.58
CA VAL H 508 82.10 1.52 3.08
C VAL H 508 82.71 2.91 2.97
N GLU H 509 81.96 3.87 2.44
CA GLU H 509 82.44 5.25 2.35
C GLU H 509 82.67 5.86 3.73
N ALA H 510 82.00 5.35 4.76
CA ALA H 510 82.17 5.82 6.13
C ALA H 510 83.28 5.08 6.88
N ARG H 511 84.05 4.22 6.20
CA ARG H 511 85.10 3.46 6.89
C ARG H 511 86.17 4.37 7.45
N GLY H 512 86.51 5.45 6.73
CA GLY H 512 87.50 6.38 7.24
C GLY H 512 87.08 7.06 8.53
N ARG H 513 85.77 7.31 8.68
CA ARG H 513 85.28 7.99 9.88
C ARG H 513 85.21 7.04 11.08
N TYR H 514 84.91 5.77 10.86
CA TYR H 514 84.74 4.78 11.93
C TYR H 514 85.59 3.56 11.63
N GLU H 515 86.47 3.20 12.57
CA GLU H 515 87.37 2.07 12.37
C GLU H 515 86.63 0.74 12.42
N GLU H 516 85.57 0.64 13.24
CA GLU H 516 84.84 -0.62 13.37
C GLU H 516 84.15 -1.02 12.08
N LEU H 517 83.89 -0.07 11.17
CA LEU H 517 83.33 -0.40 9.87
C LEU H 517 84.34 -1.09 8.94
N CYS H 518 85.59 -1.29 9.37
CA CYS H 518 86.51 -2.13 8.62
C CYS H 518 86.10 -3.60 8.78
N ILE H 519 85.00 -3.98 8.13
CA ILE H 519 84.33 -5.26 8.33
C ILE H 519 83.97 -5.83 6.97
N VAL H 520 83.84 -7.15 6.92
CA VAL H 520 83.52 -7.83 5.67
C VAL H 520 82.02 -7.75 5.44
N MET H 521 81.63 -7.42 4.21
CA MET H 521 80.23 -7.23 3.85
C MET H 521 79.96 -7.93 2.53
N CYS H 522 78.75 -8.48 2.40
CA CYS H 522 78.30 -9.05 1.14
C CYS H 522 76.82 -8.80 0.98
N VAL H 523 76.42 -8.45 -0.24
CA VAL H 523 75.05 -8.06 -0.57
C VAL H 523 74.46 -9.10 -1.51
N ILE H 524 73.27 -9.58 -1.19
CA ILE H 524 72.51 -10.52 -2.01
C ILE H 524 71.37 -9.74 -2.66
N PRO H 525 71.29 -9.63 -3.99
CA PRO H 525 70.21 -8.85 -4.58
C PRO H 525 68.86 -9.54 -4.40
N ALA H 526 67.91 -8.80 -3.83
CA ALA H 526 66.59 -9.36 -3.50
C ALA H 526 65.57 -8.23 -3.59
N THR H 527 64.90 -8.13 -4.73
CA THR H 527 63.84 -7.15 -4.94
C THR H 527 63.11 -7.52 -6.22
N ILE H 528 61.79 -7.34 -6.21
CA ILE H 528 60.97 -7.68 -7.37
C ILE H 528 61.35 -6.84 -8.59
N SER H 529 61.93 -5.65 -8.38
CA SER H 529 62.24 -4.76 -9.49
C SER H 529 63.36 -5.30 -10.36
N ASN H 530 64.28 -6.10 -9.80
CA ASN H 530 65.48 -6.54 -10.51
C ASN H 530 66.32 -5.34 -10.94
N ASN H 531 66.38 -4.34 -10.06
CA ASN H 531 67.10 -3.09 -10.30
C ASN H 531 68.41 -3.01 -9.54
N VAL H 532 68.88 -4.10 -8.94
CA VAL H 532 70.13 -4.10 -8.18
C VAL H 532 71.27 -4.29 -9.17
N PRO H 533 72.37 -3.55 -9.09
CA PRO H 533 73.47 -3.80 -10.03
C PRO H 533 74.20 -5.10 -9.70
N GLY H 534 74.92 -5.61 -10.70
CA GLY H 534 75.80 -6.74 -10.50
C GLY H 534 75.12 -8.10 -10.54
N THR H 535 73.88 -8.18 -11.00
CA THR H 535 73.17 -9.45 -11.12
C THR H 535 72.28 -9.39 -12.34
N ASP H 536 71.63 -10.52 -12.63
CA ASP H 536 70.68 -10.64 -13.73
C ASP H 536 69.27 -11.00 -13.27
N PHE H 537 69.13 -11.74 -12.17
CA PHE H 537 67.82 -12.04 -11.57
C PHE H 537 67.94 -11.83 -10.07
N SER H 538 67.36 -10.77 -9.56
CA SER H 538 67.34 -10.55 -8.13
C SER H 538 66.39 -11.55 -7.47
N LEU H 539 66.76 -11.97 -6.25
CA LEU H 539 65.98 -12.97 -5.53
C LEU H 539 64.56 -12.46 -5.27
N GLY H 540 63.58 -13.20 -5.78
CA GLY H 540 62.18 -12.85 -5.65
C GLY H 540 61.56 -12.23 -6.89
N SER H 541 62.33 -12.00 -7.95
CA SER H 541 61.76 -11.44 -9.16
C SER H 541 60.77 -12.41 -9.81
N ASP H 542 61.11 -13.71 -9.86
CA ASP H 542 60.30 -14.67 -10.59
C ASP H 542 58.92 -14.83 -9.96
N THR H 543 58.84 -14.75 -8.63
CA THR H 543 57.53 -14.81 -7.97
C THR H 543 56.65 -13.65 -8.41
N ALA H 544 57.23 -12.45 -8.50
CA ALA H 544 56.44 -11.29 -8.86
C ALA H 544 56.02 -11.33 -10.33
N VAL H 545 56.89 -11.82 -11.19
CA VAL H 545 56.54 -11.94 -12.60
C VAL H 545 55.40 -12.94 -12.76
N ASN H 546 55.44 -14.04 -12.00
CA ASN H 546 54.38 -15.05 -12.09
C ASN H 546 53.06 -14.51 -11.58
N ALA H 547 53.07 -13.79 -10.45
CA ALA H 547 51.84 -13.24 -9.89
C ALA H 547 51.24 -12.19 -10.83
N ALA H 548 52.07 -11.32 -11.39
CA ALA H 548 51.58 -10.34 -12.35
C ALA H 548 51.00 -11.02 -13.58
N MET H 549 51.60 -12.14 -13.99
CA MET H 549 51.10 -12.86 -15.15
C MET H 549 49.73 -13.45 -14.89
N GLU H 550 49.52 -14.00 -13.69
CA GLU H 550 48.23 -14.59 -13.35
C GLU H 550 47.13 -13.53 -13.35
N SER H 551 47.39 -12.39 -12.73
CA SER H 551 46.37 -11.33 -12.66
C SER H 551 46.07 -10.78 -14.05
N CYS H 552 47.09 -10.60 -14.88
CA CYS H 552 46.87 -10.07 -16.23
C CYS H 552 46.11 -11.06 -17.10
N ASP H 553 46.35 -12.36 -16.92
CA ASP H 553 45.58 -13.36 -17.64
C ASP H 553 44.11 -13.33 -17.23
N ARG H 554 43.84 -13.13 -15.94
CA ARG H 554 42.46 -12.98 -15.49
C ARG H 554 41.81 -11.76 -16.12
N ILE H 555 42.56 -10.65 -16.21
CA ILE H 555 41.99 -9.41 -16.76
C ILE H 555 41.77 -9.57 -18.26
N LYS H 556 42.64 -10.28 -18.96
CA LYS H 556 42.42 -10.54 -20.38
C LYS H 556 41.15 -11.35 -20.59
N GLN H 557 40.91 -12.34 -19.73
CA GLN H 557 39.69 -13.12 -19.82
C GLN H 557 38.46 -12.26 -19.55
N SER H 558 38.55 -11.38 -18.55
CA SER H 558 37.44 -10.48 -18.26
C SER H 558 37.19 -9.52 -19.42
N ALA H 559 38.26 -9.02 -20.04
CA ALA H 559 38.11 -8.16 -21.20
C ALA H 559 37.46 -8.89 -22.37
N SER H 560 37.88 -10.14 -22.59
CA SER H 560 37.29 -10.93 -23.67
C SER H 560 35.81 -11.19 -23.43
N GLY H 561 35.40 -11.29 -22.16
CA GLY H 561 33.98 -11.48 -21.86
C GLY H 561 33.13 -10.31 -22.33
N THR H 562 33.52 -9.09 -21.95
CA THR H 562 32.89 -7.86 -22.43
C THR H 562 33.66 -7.40 -23.65
N LYS H 563 33.21 -7.86 -24.83
CA LYS H 563 33.89 -7.56 -26.08
C LYS H 563 33.97 -6.05 -26.29
N ARG H 564 34.99 -5.64 -27.06
CA ARG H 564 35.30 -4.22 -27.28
C ARG H 564 35.64 -3.52 -25.97
N ARG H 565 36.78 -3.93 -25.39
CA ARG H 565 37.29 -3.31 -24.18
C ARG H 565 38.81 -3.35 -24.18
N VAL H 566 39.42 -2.30 -23.63
CA VAL H 566 40.86 -2.15 -23.53
C VAL H 566 41.20 -1.83 -22.08
N PHE H 567 42.19 -2.53 -21.53
CA PHE H 567 42.55 -2.42 -20.13
C PHE H 567 43.92 -1.76 -19.97
N ILE H 568 43.96 -0.74 -19.12
CA ILE H 568 45.21 -0.09 -18.71
C ILE H 568 45.58 -0.67 -17.35
N VAL H 569 46.71 -1.36 -17.29
CA VAL H 569 47.18 -2.02 -16.08
C VAL H 569 48.50 -1.39 -15.69
N GLU H 570 48.66 -1.13 -14.39
CA GLU H 570 49.88 -0.55 -13.82
C GLU H 570 50.59 -1.61 -13.00
N THR H 571 51.90 -1.76 -13.23
CA THR H 571 52.75 -2.69 -12.51
C THR H 571 53.86 -1.93 -11.79
N MET H 572 54.25 -2.47 -10.64
CA MET H 572 55.28 -1.85 -9.82
C MET H 572 56.66 -2.13 -10.41
N GLY H 573 57.69 -1.57 -9.77
CA GLY H 573 59.07 -1.77 -10.15
C GLY H 573 59.92 -0.52 -10.15
N GLY H 574 59.33 0.63 -9.82
CA GLY H 574 60.07 1.86 -9.93
C GLY H 574 60.36 2.18 -11.39
N TYR H 575 61.45 2.91 -11.61
CA TYR H 575 61.84 3.24 -12.97
C TYR H 575 62.29 2.04 -13.77
N CYS H 576 62.76 0.97 -13.11
CA CYS H 576 63.23 -0.21 -13.82
C CYS H 576 62.06 -0.93 -14.48
N GLY H 577 62.11 -1.06 -15.79
CA GLY H 577 61.02 -1.66 -16.54
C GLY H 577 61.14 -3.15 -16.79
N TYR H 578 62.01 -3.83 -16.03
CA TYR H 578 62.17 -5.28 -16.18
C TYR H 578 60.83 -5.99 -16.00
N LEU H 579 60.12 -5.65 -14.93
CA LEU H 579 58.85 -6.32 -14.66
C LEU H 579 57.81 -5.99 -15.74
N ALA H 580 57.79 -4.75 -16.20
CA ALA H 580 56.83 -4.37 -17.24
C ALA H 580 57.13 -5.09 -18.56
N THR H 581 58.41 -5.19 -18.91
CA THR H 581 58.79 -5.84 -20.17
C THR H 581 58.45 -7.33 -20.13
N VAL H 582 58.96 -8.04 -19.13
CA VAL H 582 58.79 -9.49 -19.09
C VAL H 582 57.32 -9.86 -18.92
N THR H 583 56.57 -9.08 -18.14
CA THR H 583 55.16 -9.36 -17.96
C THR H 583 54.39 -9.11 -19.25
N GLY H 584 54.72 -8.03 -19.96
CA GLY H 584 54.06 -7.75 -21.22
C GLY H 584 54.30 -8.83 -22.27
N ILE H 585 55.52 -9.39 -22.29
CA ILE H 585 55.80 -10.49 -23.19
C ILE H 585 55.03 -11.73 -22.76
N ALA H 586 55.02 -12.02 -21.46
CA ALA H 586 54.43 -13.26 -20.97
C ALA H 586 52.91 -13.29 -21.18
N VAL H 587 52.25 -12.14 -21.07
CA VAL H 587 50.79 -12.06 -21.09
C VAL H 587 50.25 -11.56 -22.43
N GLY H 588 51.09 -11.53 -23.47
CA GLY H 588 50.66 -11.07 -24.78
C GLY H 588 50.08 -9.68 -24.78
N ALA H 589 50.59 -8.79 -23.94
CA ALA H 589 50.05 -7.45 -23.85
C ALA H 589 50.35 -6.67 -25.13
N ASP H 590 49.37 -5.86 -25.56
CA ASP H 590 49.50 -5.14 -26.81
C ASP H 590 50.61 -4.09 -26.75
N ALA H 591 50.85 -3.51 -25.58
CA ALA H 591 51.89 -2.50 -25.42
C ALA H 591 52.34 -2.48 -23.98
N ALA H 592 53.56 -1.99 -23.76
CA ALA H 592 54.13 -1.90 -22.42
C ALA H 592 55.08 -0.69 -22.40
N TYR H 593 54.54 0.44 -21.96
CA TYR H 593 55.32 1.67 -21.93
C TYR H 593 56.31 1.64 -20.77
N VAL H 594 57.58 1.84 -21.08
CA VAL H 594 58.69 1.67 -20.14
C VAL H 594 59.56 2.91 -20.18
N PHE H 595 60.20 3.21 -19.04
CA PHE H 595 61.04 4.40 -18.92
C PHE H 595 62.18 4.41 -19.93
N GLU H 596 62.84 3.25 -20.09
CA GLU H 596 63.99 3.16 -20.99
C GLU H 596 63.64 3.36 -22.46
N ASP H 597 62.35 3.35 -22.82
CA ASP H 597 61.84 3.68 -24.15
C ASP H 597 61.06 4.98 -24.01
N PRO H 598 61.70 6.15 -24.12
CA PRO H 598 60.94 7.40 -24.05
C PRO H 598 59.91 7.50 -25.15
N PHE H 599 58.74 8.01 -24.79
CA PHE H 599 57.58 8.05 -25.68
C PHE H 599 56.89 9.40 -25.58
N ASN H 600 56.47 9.90 -26.74
CA ASN H 600 55.77 11.18 -26.88
C ASN H 600 54.31 10.91 -27.24
N ILE H 601 53.55 11.98 -27.45
CA ILE H 601 52.12 11.85 -27.76
C ILE H 601 51.92 11.11 -29.08
N HIS H 602 52.85 11.26 -30.03
CA HIS H 602 52.70 10.59 -31.32
C HIS H 602 52.73 9.08 -31.16
N ASP H 603 53.50 8.57 -30.20
CA ASP H 603 53.55 7.14 -29.98
C ASP H 603 52.24 6.64 -29.39
N LEU H 604 51.66 7.39 -28.46
CA LEU H 604 50.37 7.01 -27.89
C LEU H 604 49.28 6.99 -28.95
N LYS H 605 49.29 7.98 -29.84
CA LYS H 605 48.33 7.99 -30.94
C LYS H 605 48.51 6.76 -31.83
N VAL H 606 49.77 6.45 -32.17
CA VAL H 606 50.05 5.32 -33.06
C VAL H 606 49.58 4.02 -32.44
N ASN H 607 49.84 3.83 -31.15
CA ASN H 607 49.33 2.64 -30.47
C ASN H 607 47.81 2.64 -30.43
N VAL H 608 47.18 3.82 -30.39
CA VAL H 608 45.73 3.86 -30.35
C VAL H 608 45.14 3.39 -31.69
N GLU H 609 45.73 3.82 -32.81
CA GLU H 609 45.28 3.29 -34.09
C GLU H 609 45.53 1.79 -34.20
N HIS H 610 46.61 1.31 -33.57
CA HIS H 610 46.87 -0.14 -33.56
C HIS H 610 45.77 -0.89 -32.81
N MET H 611 45.33 -0.34 -31.68
CA MET H 611 44.24 -0.98 -30.95
C MET H 611 42.91 -0.82 -31.69
N THR H 612 42.72 0.31 -32.38
CA THR H 612 41.49 0.52 -33.13
C THR H 612 41.34 -0.50 -34.26
N GLU H 613 42.40 -0.66 -35.06
CA GLU H 613 42.34 -1.65 -36.14
C GLU H 613 42.22 -3.06 -35.60
N LYS H 614 42.85 -3.35 -34.46
CA LYS H 614 42.75 -4.67 -33.86
C LYS H 614 41.33 -4.98 -33.42
N MET H 615 40.58 -3.96 -33.01
CA MET H 615 39.21 -4.16 -32.56
C MET H 615 38.29 -4.62 -33.68
N LYS H 616 38.66 -4.38 -34.95
CA LYS H 616 37.85 -4.84 -36.06
C LYS H 616 37.99 -6.34 -36.33
N THR H 617 39.00 -6.99 -35.77
CA THR H 617 39.23 -8.41 -36.01
C THR H 617 38.28 -9.22 -35.12
N ASP H 618 38.47 -10.55 -35.09
CA ASP H 618 37.60 -11.40 -34.30
C ASP H 618 37.91 -11.27 -32.81
N ILE H 619 39.19 -11.15 -32.46
CA ILE H 619 39.61 -10.94 -31.08
C ILE H 619 39.36 -9.48 -30.73
N GLN H 620 38.19 -9.21 -30.13
CA GLN H 620 37.74 -7.86 -29.82
C GLN H 620 38.02 -7.59 -28.35
N ARG H 621 39.28 -7.30 -28.05
CA ARG H 621 39.71 -6.99 -26.69
C ARG H 621 41.01 -6.21 -26.78
N GLY H 622 41.71 -6.10 -25.65
CA GLY H 622 43.00 -5.44 -25.64
C GLY H 622 43.56 -5.39 -24.25
N LEU H 623 44.82 -4.94 -24.18
CA LEU H 623 45.53 -4.81 -22.92
C LEU H 623 46.81 -4.04 -23.17
N VAL H 624 47.12 -3.10 -22.28
CA VAL H 624 48.36 -2.34 -22.31
C VAL H 624 48.86 -2.18 -20.88
N LEU H 625 50.10 -2.57 -20.64
CA LEU H 625 50.74 -2.43 -19.35
C LEU H 625 51.50 -1.12 -19.28
N ARG H 626 51.78 -0.67 -18.06
CA ARG H 626 52.44 0.61 -17.85
C ARG H 626 53.21 0.55 -16.54
N ASN H 627 54.53 0.73 -16.60
CA ASN H 627 55.31 0.82 -15.38
C ASN H 627 54.84 2.03 -14.57
N GLU H 628 54.93 1.91 -13.24
CA GLU H 628 54.30 2.89 -12.35
C GLU H 628 54.89 4.29 -12.49
N LYS H 629 56.08 4.43 -13.05
CA LYS H 629 56.73 5.73 -13.25
C LYS H 629 57.47 5.75 -14.57
N CYS H 630 56.80 5.32 -15.64
CA CYS H 630 57.40 5.37 -16.98
C CYS H 630 57.45 6.77 -17.54
N HIS H 631 56.71 7.72 -16.97
CA HIS H 631 56.67 9.08 -17.49
C HIS H 631 56.30 10.03 -16.36
N ASP H 632 56.76 11.27 -16.48
CA ASP H 632 56.49 12.26 -15.44
C ASP H 632 55.07 12.81 -15.52
N TYR H 633 54.55 13.00 -16.73
CA TYR H 633 53.25 13.60 -16.97
C TYR H 633 52.20 12.60 -17.46
N TYR H 634 52.52 11.80 -18.49
CA TYR H 634 51.53 10.87 -19.03
C TYR H 634 51.27 9.73 -18.04
N THR H 635 50.56 10.04 -16.96
CA THR H 635 50.23 9.04 -15.96
C THR H 635 49.18 8.07 -16.51
N THR H 636 48.84 7.07 -15.71
CA THR H 636 47.89 6.04 -16.15
C THR H 636 46.51 6.65 -16.42
N GLU H 637 46.09 7.62 -15.60
CA GLU H 637 44.80 8.27 -15.81
C GLU H 637 44.78 9.03 -17.14
N PHE H 638 45.92 9.62 -17.51
CA PHE H 638 46.03 10.31 -18.79
C PHE H 638 45.82 9.32 -19.94
N LEU H 639 46.47 8.16 -19.86
CA LEU H 639 46.35 7.17 -20.94
C LEU H 639 44.94 6.64 -21.05
N TYR H 640 44.28 6.41 -19.91
CA TYR H 640 42.88 6.01 -19.92
C TYR H 640 42.02 7.04 -20.65
N ASN H 641 42.24 8.33 -20.34
CA ASN H 641 41.48 9.39 -20.99
C ASN H 641 41.75 9.44 -22.49
N LEU H 642 43.01 9.27 -22.89
CA LEU H 642 43.36 9.34 -24.30
C LEU H 642 42.73 8.20 -25.08
N TYR H 643 42.85 6.97 -24.58
CA TYR H 643 42.30 5.82 -25.27
C TYR H 643 40.78 5.89 -25.34
N SER H 644 40.13 6.28 -24.25
CA SER H 644 38.67 6.38 -24.23
C SER H 644 38.17 7.42 -25.22
N SER H 645 38.81 8.60 -25.23
CA SER H 645 38.37 9.65 -26.14
C SER H 645 38.61 9.27 -27.60
N GLU H 646 39.76 8.67 -27.88
CA GLU H 646 40.13 8.36 -29.26
C GLU H 646 39.41 7.13 -29.82
N GLY H 647 38.78 6.31 -28.97
CA GLY H 647 38.12 5.09 -29.39
C GLY H 647 36.62 5.11 -29.26
N LYS H 648 36.03 6.30 -29.13
CA LYS H 648 34.58 6.43 -29.01
C LYS H 648 33.89 5.84 -30.23
N GLY H 649 32.95 4.91 -29.99
CA GLY H 649 32.27 4.20 -31.03
C GLY H 649 32.90 2.88 -31.43
N VAL H 650 34.18 2.68 -31.12
CA VAL H 650 34.89 1.43 -31.41
C VAL H 650 35.06 0.60 -30.15
N PHE H 651 35.57 1.21 -29.08
CA PHE H 651 35.81 0.49 -27.83
C PHE H 651 35.75 1.47 -26.67
N ASP H 652 35.48 0.93 -25.50
CA ASP H 652 35.63 1.63 -24.24
C ASP H 652 36.92 1.18 -23.57
N CYS H 653 37.27 1.86 -22.47
CA CYS H 653 38.53 1.62 -21.77
C CYS H 653 38.27 1.54 -20.28
N ARG H 654 39.16 0.83 -19.59
CA ARG H 654 39.12 0.68 -18.13
C ARG H 654 40.55 0.64 -17.63
N THR H 655 40.71 0.91 -16.33
CA THR H 655 42.01 1.01 -15.70
C THR H 655 42.07 0.09 -14.49
N ASN H 656 43.27 -0.43 -14.22
CA ASN H 656 43.52 -1.23 -13.04
C ASN H 656 44.96 -0.97 -12.59
N VAL H 657 45.20 -1.21 -11.30
CA VAL H 657 46.49 -0.95 -10.67
C VAL H 657 46.82 -2.16 -9.81
N LEU H 658 47.69 -3.03 -10.32
CA LEU H 658 48.16 -4.19 -9.55
C LEU H 658 49.03 -3.68 -8.42
N GLY H 659 48.51 -3.75 -7.20
CA GLY H 659 49.17 -3.15 -6.05
C GLY H 659 50.40 -3.90 -5.57
N HIS H 660 50.53 -4.01 -4.24
CA HIS H 660 51.52 -4.90 -3.61
C HIS H 660 51.17 -6.37 -3.77
N LEU H 661 50.02 -6.67 -4.40
CA LEU H 661 49.75 -7.98 -4.98
C LEU H 661 50.90 -8.49 -5.86
N GLN H 662 51.67 -7.58 -6.48
CA GLN H 662 52.82 -7.98 -7.28
C GLN H 662 53.83 -8.81 -6.49
N GLN H 663 53.91 -8.64 -5.18
CA GLN H 663 54.91 -9.39 -4.42
C GLN H 663 54.58 -10.87 -4.28
N GLY H 664 53.39 -11.31 -4.69
CA GLY H 664 53.08 -12.72 -4.74
C GLY H 664 52.93 -13.35 -3.37
N GLY H 665 52.42 -14.59 -3.34
CA GLY H 665 52.22 -15.32 -2.10
C GLY H 665 53.42 -16.17 -1.74
N ALA H 666 53.28 -17.48 -1.90
CA ALA H 666 54.40 -18.37 -1.64
C ALA H 666 55.41 -18.30 -2.80
N PRO H 667 56.71 -18.43 -2.54
CA PRO H 667 57.67 -18.33 -3.65
C PRO H 667 57.63 -19.57 -4.54
N THR H 668 57.99 -19.35 -5.80
CA THR H 668 58.04 -20.41 -6.78
C THR H 668 59.28 -21.27 -6.52
N PRO H 669 59.38 -22.46 -7.14
CA PRO H 669 60.59 -23.29 -6.93
C PRO H 669 61.89 -22.62 -7.31
N PHE H 670 61.88 -21.81 -8.38
CA PHE H 670 63.12 -21.16 -8.80
C PHE H 670 63.64 -20.21 -7.72
N ASP H 671 62.76 -19.41 -7.14
CA ASP H 671 63.20 -18.49 -6.10
C ASP H 671 63.67 -19.23 -4.85
N ARG H 672 63.04 -20.36 -4.53
CA ARG H 672 63.50 -21.17 -3.42
C ARG H 672 64.92 -21.68 -3.64
N ASN H 673 65.16 -22.31 -4.80
CA ASN H 673 66.49 -22.84 -5.09
C ASN H 673 67.51 -21.73 -5.25
N TYR H 674 67.12 -20.63 -5.91
CA TYR H 674 68.04 -19.52 -6.10
C TYR H 674 68.42 -18.89 -4.76
N GLY H 675 67.45 -18.78 -3.85
CA GLY H 675 67.76 -18.28 -2.52
C GLY H 675 68.70 -19.20 -1.76
N THR H 676 68.47 -20.51 -1.86
CA THR H 676 69.34 -21.46 -1.16
C THR H 676 70.75 -21.42 -1.72
N LYS H 677 70.89 -21.41 -3.06
CA LYS H 677 72.21 -21.39 -3.67
C LYS H 677 72.96 -20.11 -3.36
N LEU H 678 72.27 -18.97 -3.39
CA LEU H 678 72.94 -17.71 -3.08
C LEU H 678 73.31 -17.62 -1.61
N GLY H 679 72.46 -18.18 -0.74
CA GLY H 679 72.79 -18.15 0.69
C GLY H 679 74.03 -18.96 1.00
N VAL H 680 74.13 -20.18 0.46
CA VAL H 680 75.28 -21.02 0.73
C VAL H 680 76.55 -20.42 0.10
N LYS H 681 76.45 -19.97 -1.15
CA LYS H 681 77.65 -19.49 -1.84
C LYS H 681 78.14 -18.19 -1.23
N ALA H 682 77.23 -17.31 -0.82
CA ALA H 682 77.64 -16.11 -0.10
C ALA H 682 78.31 -16.48 1.22
N MET H 683 77.77 -17.46 1.93
CA MET H 683 78.36 -17.89 3.19
C MET H 683 79.76 -18.45 3.00
N LEU H 684 79.96 -19.22 1.93
CA LEU H 684 81.29 -19.73 1.62
C LEU H 684 82.26 -18.59 1.31
N TRP H 685 81.81 -17.59 0.54
CA TRP H 685 82.68 -16.48 0.19
C TRP H 685 83.02 -15.64 1.42
N LEU H 686 82.05 -15.45 2.32
CA LEU H 686 82.32 -14.80 3.59
C LEU H 686 83.41 -15.55 4.34
N SER H 687 83.16 -16.82 4.64
CA SER H 687 84.08 -17.63 5.44
C SER H 687 85.48 -17.65 4.85
N GLU H 688 85.60 -17.66 3.52
CA GLU H 688 86.90 -17.59 2.87
C GLU H 688 87.57 -16.24 3.12
N LYS H 689 86.84 -15.14 2.90
CA LYS H 689 87.46 -13.83 3.08
C LYS H 689 87.74 -13.56 4.55
N LEU H 690 86.87 -14.00 5.45
CA LEU H 690 87.07 -13.76 6.87
C LEU H 690 88.32 -14.47 7.38
N ARG H 691 88.55 -15.72 6.96
CA ARG H 691 89.80 -16.37 7.33
C ARG H 691 90.99 -15.72 6.66
N GLU H 692 90.78 -15.09 5.50
CA GLU H 692 91.90 -14.42 4.83
C GLU H 692 92.35 -13.19 5.61
N VAL H 693 91.40 -12.40 6.12
CA VAL H 693 91.69 -11.10 6.72
C VAL H 693 91.75 -11.15 8.24
N TYR H 694 91.80 -12.34 8.84
CA TYR H 694 91.95 -12.48 10.29
C TYR H 694 93.44 -12.54 10.62
N ARG H 695 94.01 -11.39 10.97
CA ARG H 695 95.44 -11.26 11.26
C ARG H 695 95.63 -10.55 12.59
N LYS H 696 96.58 -11.06 13.38
CA LYS H 696 96.94 -10.49 14.67
C LYS H 696 95.74 -10.44 15.63
N GLY H 697 94.88 -11.45 15.54
CA GLY H 697 93.79 -11.59 16.47
C GLY H 697 92.57 -10.72 16.20
N ARG H 698 92.55 -9.97 15.11
CA ARG H 698 91.43 -9.09 14.78
C ARG H 698 91.21 -9.11 13.27
N VAL H 699 89.95 -8.89 12.89
CA VAL H 699 89.57 -8.74 11.49
C VAL H 699 89.79 -7.30 11.07
N PHE H 700 90.40 -7.11 9.89
CA PHE H 700 90.69 -5.78 9.35
C PHE H 700 90.37 -5.81 7.87
N ALA H 701 89.21 -5.25 7.52
CA ALA H 701 88.68 -5.25 6.16
C ALA H 701 88.64 -3.82 5.65
N ASN H 702 89.65 -3.44 4.86
CA ASN H 702 89.77 -2.11 4.29
C ASN H 702 89.78 -2.10 2.78
N ALA H 703 90.23 -3.19 2.14
CA ALA H 703 90.26 -3.24 0.70
C ALA H 703 88.84 -3.21 0.13
N PRO H 704 88.65 -2.72 -1.11
CA PRO H 704 87.29 -2.69 -1.66
C PRO H 704 86.70 -4.07 -1.89
N ASP H 705 87.52 -5.13 -1.99
CA ASP H 705 87.02 -6.48 -2.14
C ASP H 705 86.30 -7.00 -0.91
N SER H 706 86.39 -6.31 0.23
CA SER H 706 85.67 -6.72 1.42
C SER H 706 84.17 -6.45 1.35
N ALA H 707 83.71 -5.66 0.38
CA ALA H 707 82.29 -5.36 0.20
C ALA H 707 81.96 -5.65 -1.25
N CYS H 708 81.25 -6.75 -1.49
CA CYS H 708 80.89 -7.20 -2.83
C CYS H 708 79.42 -7.57 -2.89
N VAL H 709 78.88 -7.58 -4.11
CA VAL H 709 77.50 -7.97 -4.37
C VAL H 709 77.55 -9.33 -5.07
N ILE H 710 77.12 -10.38 -4.37
CA ILE H 710 77.07 -11.70 -4.99
C ILE H 710 75.92 -11.73 -5.98
N GLY H 711 76.21 -12.10 -7.21
CA GLY H 711 75.19 -12.10 -8.24
C GLY H 711 75.58 -13.01 -9.38
N LEU H 712 74.56 -13.44 -10.12
CA LEU H 712 74.74 -14.31 -11.27
C LEU H 712 74.98 -13.43 -12.48
N LYS H 713 76.22 -13.48 -12.99
CA LYS H 713 76.57 -12.75 -14.21
C LYS H 713 76.07 -13.54 -15.42
N LYS H 714 76.61 -13.27 -16.61
CA LYS H 714 76.17 -13.95 -17.81
C LYS H 714 76.26 -15.46 -17.66
N LYS H 715 77.41 -15.96 -17.21
CA LYS H 715 77.64 -17.40 -17.10
C LYS H 715 77.30 -17.93 -15.70
N ALA H 716 78.01 -17.45 -14.68
CA ALA H 716 77.90 -18.00 -13.33
C ALA H 716 78.14 -16.88 -12.32
N VAL H 717 78.33 -17.27 -11.05
CA VAL H 717 78.43 -16.29 -9.98
C VAL H 717 79.76 -15.55 -10.06
N ALA H 718 79.73 -14.28 -9.68
CA ALA H 718 80.93 -13.46 -9.52
C ALA H 718 80.69 -12.51 -8.37
N PHE H 719 81.79 -12.01 -7.80
CA PHE H 719 81.77 -11.14 -6.62
C PHE H 719 82.36 -9.79 -7.01
N SER H 720 81.49 -8.92 -7.49
CA SER H 720 81.90 -7.58 -7.89
C SER H 720 81.99 -6.68 -6.65
N PRO H 721 83.13 -5.99 -6.42
CA PRO H 721 83.19 -5.08 -5.26
C PRO H 721 82.14 -3.98 -5.34
N VAL H 722 81.68 -3.52 -4.17
CA VAL H 722 80.59 -2.55 -4.14
C VAL H 722 81.06 -1.20 -4.66
N THR H 723 82.32 -0.82 -4.36
CA THR H 723 82.78 0.52 -4.69
C THR H 723 82.89 0.72 -6.20
N GLU H 724 83.45 -0.27 -6.91
CA GLU H 724 83.61 -0.10 -8.35
C GLU H 724 82.26 -0.06 -9.06
N LEU H 725 81.23 -0.68 -8.49
CA LEU H 725 79.90 -0.65 -9.11
C LEU H 725 79.29 0.74 -9.17
N LYS H 726 79.82 1.70 -8.40
CA LYS H 726 79.23 3.03 -8.33
C LYS H 726 79.24 3.75 -9.68
N LYS H 727 80.14 3.38 -10.60
CA LYS H 727 80.19 4.04 -11.90
C LYS H 727 79.15 3.52 -12.89
N ASP H 728 78.39 2.47 -12.54
CA ASP H 728 77.37 1.90 -13.42
C ASP H 728 75.98 1.91 -12.77
N THR H 729 75.76 2.77 -11.78
CA THR H 729 74.51 2.84 -11.03
C THR H 729 73.88 4.21 -11.24
N ASP H 730 72.59 4.21 -11.59
CA ASP H 730 71.81 5.44 -11.77
C ASP H 730 71.12 5.73 -10.44
N PHE H 731 71.82 6.45 -9.57
CA PHE H 731 71.28 6.82 -8.27
C PHE H 731 70.08 7.75 -8.37
N GLU H 732 69.89 8.43 -9.52
CA GLU H 732 68.73 9.30 -9.67
C GLU H 732 67.46 8.48 -9.83
N HIS H 733 67.53 7.37 -10.57
CA HIS H 733 66.41 6.47 -10.79
C HIS H 733 66.54 5.15 -10.03
N ARG H 734 67.66 4.91 -9.36
CA ARG H 734 67.89 3.72 -8.55
C ARG H 734 67.79 2.45 -9.40
N MET H 735 68.76 2.33 -10.30
CA MET H 735 68.84 1.22 -11.22
C MET H 735 70.20 1.29 -11.94
N PRO H 736 70.70 0.17 -12.48
CA PRO H 736 72.01 0.22 -13.14
C PRO H 736 71.98 1.09 -14.40
N ARG H 737 73.17 1.43 -14.88
CA ARG H 737 73.28 2.22 -16.11
C ARG H 737 72.75 1.45 -17.30
N GLU H 738 73.17 0.20 -17.44
CA GLU H 738 72.78 -0.66 -18.55
C GLU H 738 72.07 -1.89 -18.01
N GLN H 739 71.11 -2.39 -18.79
CA GLN H 739 70.34 -3.57 -18.46
C GLN H 739 70.39 -4.53 -19.63
N TRP H 740 70.61 -5.81 -19.33
CA TRP H 740 70.66 -6.83 -20.38
C TRP H 740 69.29 -7.10 -20.99
N TRP H 741 68.21 -6.87 -20.24
CA TRP H 741 66.86 -7.28 -20.65
C TRP H 741 66.22 -6.32 -21.65
N LEU H 742 66.88 -5.25 -22.07
CA LEU H 742 66.29 -4.36 -23.07
C LEU H 742 66.09 -5.06 -24.40
N SER H 743 66.86 -6.10 -24.70
CA SER H 743 66.66 -6.86 -25.92
C SER H 743 65.27 -7.47 -26.00
N LEU H 744 64.71 -7.85 -24.86
CA LEU H 744 63.40 -8.50 -24.84
C LEU H 744 62.29 -7.56 -25.31
N ARG H 745 62.48 -6.24 -25.20
CA ARG H 745 61.47 -5.31 -25.69
C ARG H 745 61.29 -5.43 -27.20
N LEU H 746 62.35 -5.77 -27.93
CA LEU H 746 62.21 -5.98 -29.36
C LEU H 746 61.32 -7.18 -29.66
N MET H 747 61.44 -8.24 -28.86
CA MET H 747 60.52 -9.36 -28.98
C MET H 747 59.10 -8.91 -28.65
N LEU H 748 58.94 -8.07 -27.62
CA LEU H 748 57.62 -7.58 -27.22
C LEU H 748 56.94 -6.86 -28.38
N LYS H 749 57.66 -5.93 -29.01
CA LYS H 749 57.09 -5.20 -30.13
C LYS H 749 56.89 -6.09 -31.34
N MET H 750 57.76 -7.08 -31.54
CA MET H 750 57.63 -7.99 -32.67
C MET H 750 56.34 -8.79 -32.58
N LEU H 751 56.06 -9.35 -31.40
CA LEU H 751 54.95 -10.30 -31.26
C LEU H 751 53.58 -9.66 -31.49
N ALA H 752 53.48 -8.33 -31.44
CA ALA H 752 52.24 -7.63 -31.74
C ALA H 752 52.22 -7.22 -33.20
N GLN H 753 51.01 -7.24 -33.78
CA GLN H 753 50.76 -6.80 -35.15
C GLN H 753 51.30 -5.38 -35.37
#